data_7DQD
#
_entry.id   7DQD
#
_cell.length_a   117.570
_cell.length_b   123.380
_cell.length_c   230.280
_cell.angle_alpha   90.000
_cell.angle_beta   90.070
_cell.angle_gamma   90.000
#
_symmetry.space_group_name_H-M   'P 1 21 1'
#
loop_
_entity.id
_entity.type
_entity.pdbx_description
1 polymer 'V-type sodium ATPase catalytic subunit A'
2 polymer 'V-type sodium ATPase subunit B'
3 non-polymer GLYCEROL
4 non-polymer 'PHOSPHOAMINOPHOSPHONIC ACID-ADENYLATE ESTER'
5 non-polymer 'MAGNESIUM ION'
6 water water
#
loop_
_entity_poly.entity_id
_entity_poly.type
_entity_poly.pdbx_seq_one_letter_code
_entity_poly.pdbx_strand_id
1 'polypeptide(L)'
;GSSGSSGMQIGKIIKVSGPLVMAENMSEACIQDMCLVGDLGVIGEIIEMRQDVASIQVYEETSGIGPGEPVRSTGEALSV
ELGPGIISQMFDGIQRPLDTFMEVTQSNFLGRGVQLPALDHEKQWWFEATIEEGTEVSAGDIIGYVDETKIIQHKIMVPN
GIKGTVQKIESGSFTIDDPICVIETEQGLKELTMMQKWPVRRGRPIKQKLNPDVPMITGQRVIDTFFPVTKGGAAAVPGP
FGAGKTVVQHQIAKWSDVDLVVYVGCGERGNEMTDVVNEFPELIDPNTGESLMERTVLIANTSNMPVAAREASIYTGITI
AEYFRDMGYDVAIMADSTSRWAEALREMSGRLEEMPGDEGYPAYLGSRLAEYYERSGRVIALGSDQREGSITAISAVSPS
GGDISEPVTQNTLRVVKVFWGLDSSLAQKRHFPSINWIQSYSLYSTEVGRYMDQILQQDWSDMVTEGMRILQEEEQLNEI
VRLVGIDSLSDNDRLTLEVAKSIREDYLQQNAFDDVDTFTSREKQFNMLKVILTFGKEARKALSLGAYFNEIMEGTVAVR
ERISRSKYIPEEELAKISSINEEIKETIQLIVSEGGMTDD
;
A,B,C,I,J,K
2 'polypeptide(L)'
;GSSGSSGMIKEYRTIKEVVGPLMAVEKVSGVKYEELIEVRMQNGEIRRGQVLEVQEDKAMVQIFEGTSGICLKNSSVRFL
GHPLQLGVSEDMIGRVFDGLGRPKDNGPEILPEKYLDINGEVINPIARDYPDEFIQTGISAIDHLNTLVRGQKLPVFSGS
GLPHKELAAQIARQATVLDSSDDFAVVFAAIGITFEEAEFFMEDFRQTGAIDRSVMFMNLANDPAIERIATPRMALTAAE
YLAYEKGMHVLVIMTDMTNYAEALREISAARREVPGRRGYPGYLYTNLATLFERAGRIRGLKGSVTQIPILTMPEDDKTH
PIPDLTGYITEGQIILTRELYKSGIQPPIDVLPSLSRLKDKGTGAGKTREDHAATMNQLFAAYAQGKQAKELAVVLGESA
LSDIDKIYAKFAERFENEYVNQGFYTNRTITETLDLGWELLAMLPRTELKRIKDDLLDKYLPEGK
;
D,E,F,L,M,N
#
loop_
_chem_comp.id
_chem_comp.type
_chem_comp.name
_chem_comp.formula
ANP non-polymer 'PHOSPHOAMINOPHOSPHONIC ACID-ADENYLATE ESTER' 'C10 H17 N6 O12 P3'
GOL non-polymer GLYCEROL 'C3 H8 O3'
MG non-polymer 'MAGNESIUM ION' 'Mg 2'
#
# COMPACT_ATOMS: atom_id res chain seq x y z
N ILE A 10 -4.59 -2.10 -21.09
CA ILE A 10 -3.84 -3.11 -21.84
C ILE A 10 -2.65 -3.60 -21.03
N GLY A 11 -2.48 -4.92 -20.99
CA GLY A 11 -1.40 -5.52 -20.23
C GLY A 11 -0.33 -6.17 -21.09
N LYS A 12 0.93 -5.82 -20.84
CA LYS A 12 2.05 -6.40 -21.55
C LYS A 12 2.30 -7.82 -21.09
N ILE A 13 2.72 -8.68 -22.02
CA ILE A 13 2.97 -10.08 -21.70
C ILE A 13 4.30 -10.27 -20.97
N ILE A 14 4.21 -10.46 -19.66
CA ILE A 14 5.40 -10.68 -18.84
C ILE A 14 6.12 -11.95 -19.29
N LYS A 15 5.41 -13.08 -19.32
CA LYS A 15 5.99 -14.34 -19.75
C LYS A 15 4.98 -15.21 -20.47
N VAL A 16 5.46 -15.99 -21.43
CA VAL A 16 4.58 -16.83 -22.24
C VAL A 16 5.20 -18.19 -22.55
N SER A 17 4.65 -19.23 -21.93
CA SER A 17 5.10 -20.60 -22.17
C SER A 17 3.91 -21.52 -22.43
N GLY A 18 3.90 -22.18 -23.58
CA GLY A 18 2.81 -23.07 -23.92
C GLY A 18 1.47 -22.38 -23.85
N PRO A 19 0.48 -23.03 -23.20
CA PRO A 19 -0.85 -22.44 -23.09
C PRO A 19 -1.04 -21.48 -21.91
N LEU A 20 -0.03 -21.34 -21.06
CA LEU A 20 -0.12 -20.40 -19.94
C LEU A 20 0.40 -19.03 -20.36
N VAL A 21 -0.28 -17.97 -19.92
CA VAL A 21 0.18 -16.62 -20.18
C VAL A 21 -0.13 -15.71 -19.01
N MET A 22 0.88 -14.96 -18.57
CA MET A 22 0.71 -13.97 -17.53
C MET A 22 1.20 -12.63 -18.07
N ALA A 23 0.41 -11.59 -17.86
CA ALA A 23 0.73 -10.27 -18.38
C ALA A 23 0.67 -9.22 -17.29
N GLU A 24 1.50 -8.19 -17.41
CA GLU A 24 1.52 -7.11 -16.44
C GLU A 24 0.37 -6.14 -16.63
N ASN A 25 0.20 -5.24 -15.67
CA ASN A 25 -0.82 -4.20 -15.72
C ASN A 25 -2.19 -4.74 -16.11
N MET A 26 -2.60 -5.83 -15.47
CA MET A 26 -3.86 -6.48 -15.79
C MET A 26 -4.82 -6.42 -14.60
N SER A 27 -4.51 -5.52 -13.67
CA SER A 27 -5.28 -5.40 -12.43
C SER A 27 -6.76 -5.11 -12.66
N GLU A 28 -7.04 -4.28 -13.66
CA GLU A 28 -8.41 -3.86 -13.94
C GLU A 28 -9.28 -5.03 -14.41
N ALA A 29 -8.69 -5.94 -15.17
CA ALA A 29 -9.41 -7.09 -15.69
C ALA A 29 -9.86 -8.03 -14.58
N CYS A 30 -11.15 -8.33 -14.54
CA CYS A 30 -11.71 -9.22 -13.54
C CYS A 30 -11.30 -10.66 -13.81
N ILE A 31 -11.59 -11.55 -12.86
CA ILE A 31 -11.32 -12.97 -13.05
C ILE A 31 -12.32 -13.56 -14.04
N GLN A 32 -11.88 -14.58 -14.78
CA GLN A 32 -12.73 -15.32 -15.69
C GLN A 32 -13.14 -14.49 -16.93
N ASP A 33 -12.45 -13.38 -17.15
CA ASP A 33 -12.75 -12.52 -18.30
C ASP A 33 -12.03 -12.98 -19.56
N MET A 34 -12.73 -12.95 -20.69
CA MET A 34 -12.12 -13.25 -21.98
C MET A 34 -11.14 -12.15 -22.34
N CYS A 35 -10.06 -12.51 -23.05
CA CYS A 35 -9.03 -11.54 -23.40
C CYS A 35 -8.39 -11.82 -24.75
N LEU A 36 -7.84 -10.78 -25.37
CA LEU A 36 -7.13 -10.90 -26.64
C LEU A 36 -5.63 -10.78 -26.40
N VAL A 37 -4.90 -11.85 -26.70
CA VAL A 37 -3.47 -11.90 -26.40
C VAL A 37 -2.58 -11.80 -27.63
N GLY A 38 -1.67 -10.83 -27.61
CA GLY A 38 -0.72 -10.63 -28.69
C GLY A 38 -1.25 -9.74 -29.80
N ASP A 39 -0.46 -9.56 -30.85
CA ASP A 39 -0.91 -8.81 -32.01
C ASP A 39 -2.13 -9.51 -32.60
N LEU A 40 -2.04 -10.84 -32.67
CA LEU A 40 -3.17 -11.66 -33.10
C LEU A 40 -4.37 -11.42 -32.21
N GLY A 41 -4.12 -11.37 -30.90
CA GLY A 41 -5.18 -11.18 -29.94
C GLY A 41 -6.07 -12.40 -29.83
N VAL A 42 -5.43 -13.58 -29.81
CA VAL A 42 -6.15 -14.84 -29.69
C VAL A 42 -6.95 -14.89 -28.39
N ILE A 43 -8.15 -15.45 -28.47
CA ILE A 43 -9.06 -15.50 -27.32
C ILE A 43 -8.49 -16.34 -26.18
N GLY A 44 -8.41 -15.73 -25.00
CA GLY A 44 -7.91 -16.41 -23.82
C GLY A 44 -8.76 -16.17 -22.59
N GLU A 45 -8.60 -17.02 -21.58
CA GLU A 45 -9.38 -16.91 -20.35
C GLU A 45 -8.48 -16.71 -19.13
N ILE A 46 -8.86 -15.80 -18.25
CA ILE A 46 -8.06 -15.53 -17.06
C ILE A 46 -8.73 -16.02 -15.78
N ILE A 47 -8.07 -16.93 -15.08
CA ILE A 47 -8.60 -17.46 -13.83
C ILE A 47 -7.92 -16.81 -12.63
N GLU A 48 -6.80 -16.13 -12.87
CA GLU A 48 -5.99 -15.61 -11.76
C GLU A 48 -5.47 -14.20 -11.97
N MET A 49 -5.15 -13.54 -10.85
CA MET A 49 -4.57 -12.21 -10.84
C MET A 49 -3.40 -12.16 -9.85
N ARG A 50 -2.51 -11.19 -10.00
CA ARG A 50 -1.34 -11.11 -9.13
C ARG A 50 -1.65 -10.42 -7.80
N GLN A 51 -2.12 -9.18 -7.80
CA GLN A 51 -2.19 -8.33 -8.99
C GLN A 51 -0.89 -7.55 -9.09
N ASP A 52 -0.65 -6.87 -10.22
CA ASP A 52 -1.63 -6.72 -11.29
C ASP A 52 -1.50 -7.75 -12.41
N VAL A 53 -0.44 -8.55 -12.39
CA VAL A 53 -0.23 -9.54 -13.44
C VAL A 53 -1.27 -10.66 -13.37
N ALA A 54 -1.88 -10.97 -14.52
CA ALA A 54 -2.96 -11.94 -14.58
C ALA A 54 -2.55 -13.23 -15.28
N SER A 55 -2.85 -14.36 -14.66
CA SER A 55 -2.55 -15.66 -15.23
C SER A 55 -3.62 -16.09 -16.22
N ILE A 56 -3.62 -15.45 -17.38
CA ILE A 56 -4.58 -15.73 -18.44
C ILE A 56 -4.39 -17.15 -19.00
N GLN A 57 -5.40 -17.66 -19.69
CA GLN A 57 -5.35 -18.98 -20.30
C GLN A 57 -5.90 -18.92 -21.71
N VAL A 58 -5.12 -19.35 -22.69
CA VAL A 58 -5.53 -19.26 -24.09
C VAL A 58 -5.73 -20.63 -24.73
N TYR A 59 -6.85 -20.80 -25.43
CA TYR A 59 -7.16 -22.05 -26.10
C TYR A 59 -6.46 -22.11 -27.45
N GLU A 60 -6.47 -21.00 -28.17
CA GLU A 60 -5.78 -20.88 -29.45
C GLU A 60 -4.28 -21.10 -29.26
N GLU A 61 -3.62 -21.60 -30.30
CA GLU A 61 -2.18 -21.84 -30.26
C GLU A 61 -1.43 -20.53 -29.96
N THR A 62 -0.47 -20.60 -29.05
CA THR A 62 0.28 -19.42 -28.64
C THR A 62 1.61 -19.30 -29.38
N SER A 63 1.72 -20.00 -30.50
CA SER A 63 2.93 -19.93 -31.31
C SER A 63 3.05 -18.57 -31.99
N GLY A 64 4.25 -18.01 -31.98
CA GLY A 64 4.48 -16.71 -32.59
C GLY A 64 4.14 -15.56 -31.65
N ILE A 65 4.12 -15.85 -30.35
CA ILE A 65 3.85 -14.83 -29.34
C ILE A 65 5.04 -14.70 -28.40
N GLY A 66 5.38 -13.47 -28.03
CA GLY A 66 6.52 -13.21 -27.18
C GLY A 66 6.29 -12.15 -26.12
N PRO A 67 7.32 -11.87 -25.32
CA PRO A 67 7.28 -10.83 -24.29
C PRO A 67 7.21 -9.43 -24.90
N GLY A 68 6.23 -8.64 -24.48
CA GLY A 68 6.05 -7.30 -25.00
C GLY A 68 4.75 -7.15 -25.78
N GLU A 69 4.09 -8.28 -26.01
CA GLU A 69 2.83 -8.29 -26.74
C GLU A 69 1.75 -7.51 -25.99
N PRO A 70 0.87 -6.83 -26.74
CA PRO A 70 -0.28 -6.13 -26.17
C PRO A 70 -1.43 -7.09 -25.89
N VAL A 71 -2.17 -6.84 -24.81
CA VAL A 71 -3.29 -7.69 -24.46
C VAL A 71 -4.53 -6.85 -24.17
N ARG A 72 -5.66 -7.24 -24.76
CA ARG A 72 -6.93 -6.56 -24.53
C ARG A 72 -7.85 -7.42 -23.68
N SER A 73 -8.57 -6.77 -22.77
CA SER A 73 -9.53 -7.47 -21.92
C SER A 73 -10.96 -7.10 -22.32
N THR A 74 -11.80 -8.10 -22.47
CA THR A 74 -13.20 -7.87 -22.85
C THR A 74 -13.94 -7.17 -21.72
N GLY A 75 -13.48 -7.38 -20.49
CA GLY A 75 -14.06 -6.75 -19.32
C GLY A 75 -15.26 -7.49 -18.77
N GLU A 76 -15.49 -8.70 -19.28
CA GLU A 76 -16.63 -9.50 -18.86
C GLU A 76 -16.35 -10.99 -18.99
N ALA A 77 -16.96 -11.78 -18.11
CA ALA A 77 -16.83 -13.23 -18.18
C ALA A 77 -17.51 -13.76 -19.44
N LEU A 78 -17.23 -15.01 -19.78
CA LEU A 78 -17.82 -15.62 -20.96
C LEU A 78 -19.34 -15.60 -20.88
N SER A 79 -19.96 -14.87 -21.80
CA SER A 79 -21.41 -14.67 -21.76
C SER A 79 -22.03 -14.82 -23.15
N VAL A 80 -23.34 -15.01 -23.18
CA VAL A 80 -24.06 -15.19 -24.44
C VAL A 80 -24.76 -13.89 -24.87
N GLU A 81 -24.53 -13.48 -26.10
CA GLU A 81 -25.22 -12.31 -26.65
C GLU A 81 -26.64 -12.69 -27.05
N LEU A 82 -27.61 -12.20 -26.29
CA LEU A 82 -29.02 -12.48 -26.56
C LEU A 82 -29.66 -11.31 -27.30
N GLY A 83 -30.36 -11.61 -28.39
CA GLY A 83 -31.01 -10.57 -29.17
C GLY A 83 -31.49 -11.05 -30.52
N PRO A 84 -32.25 -10.19 -31.23
CA PRO A 84 -32.85 -10.46 -32.54
C PRO A 84 -31.85 -11.03 -33.54
N GLY A 85 -32.21 -12.14 -34.18
CA GLY A 85 -31.36 -12.76 -35.18
C GLY A 85 -30.50 -13.88 -34.62
N ILE A 86 -30.56 -14.08 -33.31
CA ILE A 86 -29.78 -15.12 -32.66
C ILE A 86 -30.24 -16.50 -33.12
N ILE A 87 -31.51 -16.63 -33.45
CA ILE A 87 -32.08 -17.91 -33.87
C ILE A 87 -31.72 -18.22 -35.31
N SER A 88 -31.87 -19.48 -35.69
CA SER A 88 -31.70 -19.92 -37.07
C SER A 88 -30.23 -19.91 -37.53
N GLN A 89 -29.34 -19.50 -36.64
CA GLN A 89 -27.91 -19.45 -36.97
C GLN A 89 -27.13 -20.44 -36.11
N MET A 90 -25.92 -20.76 -36.53
CA MET A 90 -25.09 -21.69 -35.77
C MET A 90 -23.87 -20.99 -35.17
N PHE A 91 -23.61 -21.30 -33.90
CA PHE A 91 -22.53 -20.66 -33.15
C PHE A 91 -21.68 -21.72 -32.47
N ASP A 92 -20.47 -21.37 -32.09
CA ASP A 92 -19.62 -22.28 -31.34
C ASP A 92 -20.01 -22.29 -29.87
N GLY A 93 -19.29 -23.06 -29.06
CA GLY A 93 -19.57 -23.15 -27.64
C GLY A 93 -19.41 -21.81 -26.95
N ILE A 94 -18.56 -20.96 -27.51
CA ILE A 94 -18.38 -19.61 -27.01
C ILE A 94 -19.35 -18.66 -27.70
N GLN A 95 -20.11 -19.21 -28.65
CA GLN A 95 -21.22 -18.54 -29.32
C GLN A 95 -20.80 -17.65 -30.50
N ARG A 96 -19.51 -17.67 -30.84
CA ARG A 96 -19.07 -17.02 -32.07
C ARG A 96 -19.64 -17.78 -33.26
N PRO A 97 -20.28 -17.07 -34.19
CA PRO A 97 -20.91 -17.74 -35.34
C PRO A 97 -19.90 -18.37 -36.29
N LEU A 98 -20.28 -19.44 -36.95
CA LEU A 98 -19.41 -20.10 -37.91
C LEU A 98 -19.70 -19.65 -39.34
N ASP A 99 -20.99 -19.54 -39.66
CA ASP A 99 -21.41 -19.10 -40.99
C ASP A 99 -20.96 -17.66 -41.24
N THR A 100 -21.07 -16.82 -40.21
CA THR A 100 -20.63 -15.43 -40.32
C THR A 100 -19.12 -15.36 -40.45
N PHE A 101 -18.44 -16.36 -39.90
CA PHE A 101 -16.98 -16.42 -39.92
C PHE A 101 -16.46 -16.58 -41.35
N MET A 102 -16.99 -17.58 -42.06
CA MET A 102 -16.56 -17.87 -43.42
C MET A 102 -16.64 -16.65 -44.35
N GLU A 103 -17.72 -15.89 -44.20
CA GLU A 103 -17.92 -14.69 -45.01
C GLU A 103 -16.85 -13.64 -44.71
N VAL A 104 -16.55 -13.47 -43.43
CA VAL A 104 -15.60 -12.47 -42.98
C VAL A 104 -14.16 -12.90 -43.22
N THR A 105 -13.87 -14.18 -42.99
CA THR A 105 -12.52 -14.69 -43.20
C THR A 105 -12.19 -14.85 -44.67
N GLN A 106 -13.21 -15.15 -45.48
CA GLN A 106 -13.02 -15.51 -46.88
C GLN A 106 -12.24 -16.80 -46.99
N SER A 107 -12.21 -17.56 -45.89
CA SER A 107 -11.52 -18.83 -45.85
C SER A 107 -12.29 -19.84 -45.01
N ASN A 108 -12.30 -21.09 -45.46
CA ASN A 108 -12.96 -22.17 -44.73
C ASN A 108 -12.32 -22.37 -43.37
N PHE A 109 -10.99 -22.47 -43.37
CA PHE A 109 -10.23 -22.71 -42.16
C PHE A 109 -10.41 -21.60 -41.14
N LEU A 110 -10.51 -21.98 -39.86
CA LEU A 110 -10.70 -21.01 -38.79
C LEU A 110 -9.43 -20.19 -38.58
N GLY A 111 -9.59 -18.89 -38.39
CA GLY A 111 -8.46 -17.99 -38.26
C GLY A 111 -8.23 -17.52 -36.83
N ARG A 112 -6.99 -17.64 -36.36
CA ARG A 112 -6.63 -17.21 -35.02
C ARG A 112 -6.62 -15.69 -34.94
N GLY A 113 -7.02 -15.16 -33.79
CA GLY A 113 -6.99 -13.72 -33.55
C GLY A 113 -8.06 -12.96 -34.30
N VAL A 114 -9.10 -13.67 -34.73
CA VAL A 114 -10.22 -13.03 -35.42
C VAL A 114 -11.47 -13.09 -34.57
N GLN A 115 -12.05 -11.92 -34.29
CA GLN A 115 -13.24 -11.83 -33.45
C GLN A 115 -14.47 -11.43 -34.25
N LEU A 116 -15.52 -12.23 -34.18
CA LEU A 116 -16.78 -11.91 -34.84
C LEU A 116 -17.91 -11.71 -33.84
N PRO A 117 -18.74 -10.68 -34.08
CA PRO A 117 -19.93 -10.41 -33.25
C PRO A 117 -20.88 -11.59 -33.24
N ALA A 118 -21.25 -12.06 -32.06
CA ALA A 118 -22.17 -13.18 -31.91
C ALA A 118 -23.48 -12.91 -32.66
N LEU A 119 -24.01 -11.70 -32.47
CA LEU A 119 -25.20 -11.27 -33.17
C LEU A 119 -24.83 -10.16 -34.15
N ASP A 120 -25.46 -10.16 -35.32
CA ASP A 120 -25.18 -9.12 -36.32
C ASP A 120 -25.84 -7.81 -35.94
N HIS A 121 -25.02 -6.83 -35.56
CA HIS A 121 -25.53 -5.52 -35.17
C HIS A 121 -26.13 -4.79 -36.37
N GLU A 122 -25.53 -4.99 -37.53
CA GLU A 122 -25.90 -4.26 -38.74
C GLU A 122 -27.29 -4.65 -39.25
N LYS A 123 -27.67 -5.91 -39.06
CA LYS A 123 -28.98 -6.39 -39.48
C LYS A 123 -30.08 -5.70 -38.67
N GLN A 124 -31.12 -5.25 -39.36
CA GLN A 124 -32.19 -4.51 -38.70
C GLN A 124 -33.49 -5.31 -38.65
N TRP A 125 -33.99 -5.52 -37.44
CA TRP A 125 -35.21 -6.30 -37.24
C TRP A 125 -36.35 -5.40 -36.78
N TRP A 126 -37.50 -5.53 -37.42
CA TRP A 126 -38.65 -4.69 -37.14
C TRP A 126 -39.13 -4.83 -35.70
N PHE A 127 -39.30 -3.70 -35.02
CA PHE A 127 -39.71 -3.69 -33.63
C PHE A 127 -41.16 -3.24 -33.47
N GLU A 128 -41.92 -3.98 -32.66
CA GLU A 128 -43.27 -3.60 -32.32
C GLU A 128 -43.42 -3.52 -30.80
N ALA A 129 -43.50 -2.31 -30.28
CA ALA A 129 -43.58 -2.09 -28.84
C ALA A 129 -45.02 -2.16 -28.34
N THR A 130 -45.33 -3.19 -27.56
CA THR A 130 -46.68 -3.40 -27.06
C THR A 130 -46.97 -2.51 -25.85
N ILE A 131 -45.97 -2.33 -24.99
CA ILE A 131 -46.14 -1.56 -23.76
C ILE A 131 -46.38 -0.08 -24.05
N GLU A 132 -47.12 0.56 -23.17
CA GLU A 132 -47.42 1.98 -23.32
C GLU A 132 -46.39 2.85 -22.62
N GLU A 133 -46.44 4.15 -22.88
CA GLU A 133 -45.48 5.07 -22.28
C GLU A 133 -45.86 5.39 -20.83
N GLY A 134 -44.83 5.53 -19.99
CA GLY A 134 -45.05 5.89 -18.60
C GLY A 134 -45.43 4.72 -17.71
N THR A 135 -45.52 3.53 -18.31
CA THR A 135 -45.85 2.32 -17.56
C THR A 135 -44.67 1.88 -16.70
N GLU A 136 -44.99 1.41 -15.50
CA GLU A 136 -43.98 0.89 -14.57
C GLU A 136 -43.22 -0.28 -15.18
N VAL A 137 -41.89 -0.27 -15.07
CA VAL A 137 -41.13 -1.44 -15.50
C VAL A 137 -40.55 -2.19 -14.32
N SER A 138 -40.67 -3.51 -14.40
CA SER A 138 -40.06 -4.41 -13.44
C SER A 138 -39.19 -5.41 -14.20
N ALA A 139 -38.28 -6.07 -13.50
CA ALA A 139 -37.41 -7.05 -14.13
C ALA A 139 -38.24 -8.17 -14.76
N GLY A 140 -37.92 -8.51 -16.01
CA GLY A 140 -38.62 -9.57 -16.69
C GLY A 140 -39.80 -9.09 -17.52
N ASP A 141 -40.08 -7.80 -17.46
CA ASP A 141 -41.17 -7.22 -18.24
C ASP A 141 -40.83 -7.18 -19.72
N ILE A 142 -41.87 -7.23 -20.56
CA ILE A 142 -41.69 -7.22 -22.00
C ILE A 142 -42.15 -5.91 -22.61
N ILE A 143 -41.20 -5.14 -23.14
CA ILE A 143 -41.49 -3.83 -23.71
C ILE A 143 -42.11 -3.93 -25.11
N GLY A 144 -41.71 -4.97 -25.85
CA GLY A 144 -42.22 -5.17 -27.20
C GLY A 144 -41.73 -6.47 -27.81
N TYR A 145 -42.26 -6.81 -28.98
CA TYR A 145 -41.89 -8.05 -29.64
C TYR A 145 -41.27 -7.81 -31.01
N VAL A 146 -40.21 -8.56 -31.31
CA VAL A 146 -39.59 -8.56 -32.63
C VAL A 146 -39.63 -9.98 -33.19
N ASP A 147 -39.71 -10.10 -34.51
CA ASP A 147 -39.79 -11.43 -35.12
C ASP A 147 -38.60 -11.70 -36.05
N GLU A 148 -37.67 -12.51 -35.58
CA GLU A 148 -36.49 -12.86 -36.36
C GLU A 148 -36.74 -14.12 -37.18
N THR A 149 -37.75 -14.90 -36.77
CA THR A 149 -38.13 -16.11 -37.47
C THR A 149 -39.64 -16.19 -37.64
N LYS A 150 -40.08 -16.88 -38.69
CA LYS A 150 -41.51 -17.01 -38.96
C LYS A 150 -42.18 -17.94 -37.95
N ILE A 151 -41.48 -19.01 -37.60
CA ILE A 151 -42.01 -20.02 -36.69
C ILE A 151 -42.09 -19.50 -35.25
N ILE A 152 -41.07 -18.76 -34.83
CA ILE A 152 -40.99 -18.29 -33.45
C ILE A 152 -40.94 -16.76 -33.36
N GLN A 153 -41.83 -16.22 -32.53
CA GLN A 153 -41.87 -14.78 -32.28
C GLN A 153 -40.94 -14.41 -31.13
N HIS A 154 -39.87 -13.68 -31.45
CA HIS A 154 -38.91 -13.25 -30.44
C HIS A 154 -39.55 -12.25 -29.49
N LYS A 155 -39.13 -12.26 -28.23
CA LYS A 155 -39.64 -11.32 -27.24
C LYS A 155 -38.51 -10.65 -26.48
N ILE A 156 -38.73 -9.39 -26.12
CA ILE A 156 -37.71 -8.59 -25.45
C ILE A 156 -38.07 -8.31 -24.00
N MET A 157 -37.25 -8.83 -23.09
CA MET A 157 -37.44 -8.60 -21.66
C MET A 157 -36.52 -7.51 -21.15
N VAL A 158 -36.91 -6.88 -20.05
CA VAL A 158 -36.09 -5.83 -19.44
C VAL A 158 -34.80 -6.41 -18.88
N PRO A 159 -33.67 -5.76 -19.20
CA PRO A 159 -32.35 -6.17 -18.70
C PRO A 159 -32.32 -6.24 -17.18
N ASN A 160 -31.64 -7.26 -16.64
CA ASN A 160 -31.57 -7.44 -15.19
C ASN A 160 -30.85 -6.31 -14.47
N GLY A 161 -31.35 -5.95 -13.30
CA GLY A 161 -30.72 -4.93 -12.47
C GLY A 161 -31.18 -3.52 -12.77
N ILE A 162 -32.13 -3.37 -13.69
CA ILE A 162 -32.62 -2.05 -14.08
C ILE A 162 -34.13 -1.93 -13.88
N LYS A 163 -34.54 -0.87 -13.17
CA LYS A 163 -35.95 -0.64 -12.86
C LYS A 163 -36.27 0.85 -12.91
N GLY A 164 -37.35 1.21 -13.59
CA GLY A 164 -37.75 2.60 -13.69
C GLY A 164 -39.02 2.86 -14.47
N THR A 165 -39.25 4.11 -14.84
CA THR A 165 -40.43 4.47 -15.61
C THR A 165 -40.03 4.94 -17.01
N VAL A 166 -40.58 4.30 -18.03
CA VAL A 166 -40.25 4.62 -19.41
C VAL A 166 -40.97 5.89 -19.87
N GLN A 167 -40.20 6.93 -20.17
CA GLN A 167 -40.79 8.19 -20.60
C GLN A 167 -41.26 8.13 -22.06
N LYS A 168 -40.51 7.42 -22.89
CA LYS A 168 -40.88 7.29 -24.30
C LYS A 168 -40.82 5.84 -24.78
N ILE A 169 -41.85 5.42 -25.49
CA ILE A 169 -41.84 4.11 -26.16
C ILE A 169 -42.21 4.31 -27.62
N GLU A 170 -41.51 3.62 -28.51
CA GLU A 170 -41.77 3.74 -29.94
C GLU A 170 -41.42 2.47 -30.70
N SER A 171 -42.18 2.18 -31.75
CA SER A 171 -41.93 1.02 -32.59
C SER A 171 -41.43 1.44 -33.96
N GLY A 172 -40.15 1.16 -34.22
CA GLY A 172 -39.56 1.49 -35.50
C GLY A 172 -38.50 0.48 -35.90
N SER A 173 -37.84 0.72 -37.03
CA SER A 173 -36.79 -0.17 -37.50
C SER A 173 -35.43 0.30 -37.02
N PHE A 174 -34.86 -0.43 -36.07
CA PHE A 174 -33.54 -0.10 -35.53
C PHE A 174 -32.64 -1.32 -35.51
N THR A 175 -31.33 -1.09 -35.58
CA THR A 175 -30.37 -2.16 -35.37
C THR A 175 -30.32 -2.45 -33.86
N ILE A 176 -29.85 -3.63 -33.50
CA ILE A 176 -29.86 -4.05 -32.10
C ILE A 176 -29.00 -3.16 -31.21
N ASP A 177 -28.02 -2.48 -31.80
CA ASP A 177 -27.14 -1.61 -31.03
C ASP A 177 -27.83 -0.33 -30.58
N ASP A 178 -28.67 0.23 -31.44
CA ASP A 178 -29.38 1.46 -31.10
C ASP A 178 -30.41 1.21 -30.00
N PRO A 179 -30.53 2.17 -29.06
CA PRO A 179 -31.53 2.08 -28.00
C PRO A 179 -32.94 2.35 -28.53
N ILE A 180 -33.80 1.34 -28.45
CA ILE A 180 -35.16 1.46 -28.96
C ILE A 180 -36.02 2.36 -28.06
N CYS A 181 -35.78 2.29 -26.76
CA CYS A 181 -36.51 3.14 -25.82
C CYS A 181 -35.61 3.54 -24.65
N VAL A 182 -36.02 4.56 -23.91
CA VAL A 182 -35.25 5.05 -22.77
C VAL A 182 -36.07 4.98 -21.50
N ILE A 183 -35.61 4.17 -20.54
CA ILE A 183 -36.30 4.03 -19.27
C ILE A 183 -35.54 4.73 -18.15
N GLU A 184 -36.27 5.52 -17.36
CA GLU A 184 -35.66 6.23 -16.24
C GLU A 184 -35.16 5.25 -15.18
N THR A 185 -34.15 5.66 -14.42
CA THR A 185 -33.65 4.84 -13.31
C THR A 185 -33.25 5.72 -12.15
N GLU A 186 -32.89 5.10 -11.03
CA GLU A 186 -32.50 5.84 -9.83
C GLU A 186 -31.21 6.61 -10.08
N GLN A 187 -30.28 5.97 -10.78
CA GLN A 187 -29.02 6.61 -11.14
C GLN A 187 -29.27 7.74 -12.14
N GLY A 188 -30.16 7.48 -13.10
CA GLY A 188 -30.49 8.46 -14.12
C GLY A 188 -31.26 7.80 -15.26
N LEU A 189 -31.38 8.51 -16.38
CA LEU A 189 -32.06 7.97 -17.55
C LEU A 189 -31.29 6.79 -18.11
N LYS A 190 -32.01 5.69 -18.38
CA LYS A 190 -31.37 4.48 -18.88
C LYS A 190 -31.91 4.09 -20.25
N GLU A 191 -30.99 3.81 -21.18
CA GLU A 191 -31.35 3.39 -22.52
C GLU A 191 -30.91 1.94 -22.74
N LEU A 192 -31.87 1.06 -22.99
CA LEU A 192 -31.56 -0.36 -23.13
C LEU A 192 -31.67 -0.85 -24.58
N THR A 193 -30.57 -1.42 -25.07
CA THR A 193 -30.52 -1.99 -26.40
C THR A 193 -31.34 -3.27 -26.49
N MET A 194 -31.72 -3.66 -27.71
CA MET A 194 -32.42 -4.92 -27.93
C MET A 194 -31.58 -6.09 -27.43
N MET A 195 -30.30 -6.08 -27.80
CA MET A 195 -29.38 -7.15 -27.45
C MET A 195 -29.18 -7.24 -25.94
N GLN A 196 -29.16 -8.47 -25.43
CA GLN A 196 -29.00 -8.72 -24.00
C GLN A 196 -27.81 -9.65 -23.75
N LYS A 197 -26.97 -9.28 -22.79
CA LYS A 197 -25.81 -10.10 -22.45
C LYS A 197 -25.88 -10.62 -21.02
N TRP A 198 -25.71 -11.94 -20.89
CA TRP A 198 -25.75 -12.60 -19.60
C TRP A 198 -24.74 -13.74 -19.54
N PRO A 199 -24.01 -13.86 -18.42
CA PRO A 199 -22.98 -14.89 -18.21
C PRO A 199 -23.49 -16.30 -18.46
N VAL A 200 -22.75 -17.08 -19.24
CA VAL A 200 -23.16 -18.43 -19.59
C VAL A 200 -23.18 -19.38 -18.39
N ARG A 201 -22.22 -19.19 -17.49
CA ARG A 201 -22.07 -20.07 -16.34
C ARG A 201 -23.13 -19.80 -15.27
N ARG A 202 -23.50 -18.54 -15.10
CA ARG A 202 -24.46 -18.18 -14.07
C ARG A 202 -25.90 -18.47 -14.53
N GLY A 203 -26.69 -19.06 -13.64
CA GLY A 203 -28.07 -19.37 -13.94
C GLY A 203 -28.92 -18.12 -14.01
N ARG A 204 -29.96 -18.15 -14.85
CA ARG A 204 -30.84 -17.00 -15.01
C ARG A 204 -31.81 -16.86 -13.84
N PRO A 205 -32.14 -15.61 -13.49
CA PRO A 205 -33.02 -15.27 -12.37
C PRO A 205 -34.48 -15.64 -12.65
N ILE A 206 -35.12 -16.28 -11.68
CA ILE A 206 -36.53 -16.64 -11.77
C ILE A 206 -37.26 -16.18 -10.52
N LYS A 207 -38.57 -16.00 -10.64
CA LYS A 207 -39.37 -15.55 -9.50
C LYS A 207 -39.72 -16.73 -8.60
N GLN A 208 -39.93 -17.89 -9.20
CA GLN A 208 -40.17 -19.11 -8.42
C GLN A 208 -39.94 -20.36 -9.26
N LYS A 209 -39.72 -21.48 -8.59
CA LYS A 209 -39.51 -22.75 -9.27
C LYS A 209 -40.64 -23.73 -8.94
N LEU A 210 -41.20 -24.35 -9.97
CA LEU A 210 -42.36 -25.21 -9.81
C LEU A 210 -42.04 -26.68 -10.14
N ASN A 211 -42.73 -27.59 -9.48
CA ASN A 211 -42.65 -29.00 -9.82
C ASN A 211 -43.36 -29.28 -11.14
N PRO A 212 -42.62 -29.73 -12.15
CA PRO A 212 -43.23 -30.05 -13.45
C PRO A 212 -44.06 -31.33 -13.39
N ASP A 213 -45.38 -31.17 -13.39
CA ASP A 213 -46.29 -32.31 -13.35
C ASP A 213 -46.95 -32.53 -14.71
N VAL A 214 -46.45 -31.82 -15.71
CA VAL A 214 -47.01 -31.91 -17.06
C VAL A 214 -46.13 -32.75 -17.97
N PRO A 215 -46.64 -33.93 -18.38
CA PRO A 215 -45.93 -34.84 -19.28
C PRO A 215 -45.66 -34.23 -20.65
N MET A 216 -44.48 -34.48 -21.21
CA MET A 216 -44.16 -34.02 -22.55
C MET A 216 -44.28 -35.15 -23.55
N ILE A 217 -44.91 -34.86 -24.69
CA ILE A 217 -45.14 -35.87 -25.72
C ILE A 217 -44.19 -35.71 -26.89
N THR A 218 -43.32 -36.68 -27.09
CA THR A 218 -42.36 -36.65 -28.19
C THR A 218 -42.91 -37.37 -29.41
N GLY A 219 -44.13 -37.91 -29.29
CA GLY A 219 -44.78 -38.60 -30.38
C GLY A 219 -44.37 -40.06 -30.47
N GLN A 220 -43.48 -40.48 -29.57
CA GLN A 220 -43.01 -41.86 -29.56
C GLN A 220 -43.74 -42.66 -28.48
N ARG A 221 -44.22 -43.84 -28.87
CA ARG A 221 -45.04 -44.67 -27.98
C ARG A 221 -44.29 -45.10 -26.71
N VAL A 222 -43.13 -45.71 -26.90
CA VAL A 222 -42.33 -46.17 -25.77
C VAL A 222 -41.96 -45.03 -24.83
N ILE A 223 -41.56 -43.90 -25.39
CA ILE A 223 -41.17 -42.75 -24.59
C ILE A 223 -42.36 -42.18 -23.83
N ASP A 224 -43.49 -42.00 -24.50
CA ASP A 224 -44.63 -41.35 -23.87
C ASP A 224 -45.35 -42.27 -22.87
N THR A 225 -45.30 -43.58 -23.12
CA THR A 225 -45.97 -44.52 -22.25
C THR A 225 -45.01 -45.23 -21.29
N PHE A 226 -43.94 -45.81 -21.84
CA PHE A 226 -42.99 -46.57 -21.02
C PHE A 226 -42.14 -45.66 -20.14
N PHE A 227 -41.69 -44.53 -20.67
CA PHE A 227 -40.83 -43.61 -19.91
C PHE A 227 -41.12 -42.16 -20.20
N PRO A 228 -42.32 -41.69 -19.82
CA PRO A 228 -42.70 -40.31 -20.18
C PRO A 228 -41.84 -39.27 -19.47
N VAL A 229 -41.45 -38.23 -20.22
CA VAL A 229 -40.66 -37.14 -19.65
C VAL A 229 -41.55 -35.93 -19.39
N THR A 230 -41.60 -35.49 -18.13
CA THR A 230 -42.35 -34.31 -17.77
C THR A 230 -41.67 -33.07 -18.32
N LYS A 231 -42.38 -31.95 -18.33
CA LYS A 231 -41.82 -30.68 -18.79
C LYS A 231 -40.56 -30.34 -17.99
N GLY A 232 -39.55 -29.83 -18.67
CA GLY A 232 -38.30 -29.46 -18.01
C GLY A 232 -37.58 -30.63 -17.36
N GLY A 233 -38.00 -31.84 -17.72
CA GLY A 233 -37.37 -33.04 -17.20
C GLY A 233 -36.03 -33.31 -17.85
N ALA A 234 -35.19 -34.08 -17.18
CA ALA A 234 -33.87 -34.41 -17.70
C ALA A 234 -33.77 -35.90 -18.03
N ALA A 235 -33.34 -36.21 -19.25
CA ALA A 235 -33.23 -37.61 -19.68
C ALA A 235 -31.83 -37.92 -20.20
N ALA A 236 -31.30 -39.07 -19.81
CA ALA A 236 -29.98 -39.50 -20.26
C ALA A 236 -30.10 -40.73 -21.15
N VAL A 237 -29.43 -40.70 -22.30
CA VAL A 237 -29.50 -41.78 -23.27
C VAL A 237 -28.10 -42.32 -23.59
N PRO A 238 -27.99 -43.63 -23.78
CA PRO A 238 -26.72 -44.28 -24.12
C PRO A 238 -26.20 -43.85 -25.49
N GLY A 239 -24.89 -43.94 -25.69
CA GLY A 239 -24.29 -43.56 -26.96
C GLY A 239 -23.66 -44.65 -27.81
N PRO A 240 -24.09 -45.92 -27.64
CA PRO A 240 -23.57 -46.93 -28.57
C PRO A 240 -24.01 -46.65 -30.00
N PHE A 241 -23.13 -46.84 -30.96
CA PHE A 241 -23.46 -46.54 -32.35
C PHE A 241 -24.41 -47.59 -32.94
N GLY A 242 -25.26 -47.16 -33.86
CA GLY A 242 -26.22 -48.04 -34.50
C GLY A 242 -27.53 -48.08 -33.74
N ALA A 243 -27.55 -47.43 -32.59
CA ALA A 243 -28.72 -47.42 -31.73
C ALA A 243 -29.83 -46.54 -32.31
N GLY A 244 -29.50 -45.77 -33.34
CA GLY A 244 -30.45 -44.87 -33.95
C GLY A 244 -30.78 -43.71 -33.04
N LYS A 245 -29.83 -43.35 -32.18
CA LYS A 245 -29.99 -42.24 -31.25
C LYS A 245 -30.26 -40.94 -32.00
N THR A 246 -29.52 -40.71 -33.07
CA THR A 246 -29.71 -39.53 -33.90
C THR A 246 -31.13 -39.50 -34.45
N VAL A 247 -31.62 -40.65 -34.88
CA VAL A 247 -32.99 -40.77 -35.36
C VAL A 247 -33.97 -40.46 -34.23
N VAL A 248 -33.69 -40.99 -33.05
CA VAL A 248 -34.52 -40.72 -31.87
C VAL A 248 -34.47 -39.24 -31.51
N GLN A 249 -33.29 -38.66 -31.57
CA GLN A 249 -33.10 -37.24 -31.28
C GLN A 249 -33.82 -36.38 -32.31
N HIS A 250 -33.78 -36.79 -33.56
CA HIS A 250 -34.48 -36.06 -34.62
C HIS A 250 -35.99 -36.11 -34.40
N GLN A 251 -36.49 -37.29 -34.02
CA GLN A 251 -37.92 -37.47 -33.79
C GLN A 251 -38.42 -36.65 -32.61
N ILE A 252 -37.61 -36.56 -31.55
CA ILE A 252 -37.95 -35.72 -30.43
C ILE A 252 -38.07 -34.27 -30.88
N ALA A 253 -37.02 -33.77 -31.51
CA ALA A 253 -36.95 -32.37 -31.93
C ALA A 253 -38.10 -31.98 -32.86
N LYS A 254 -38.36 -32.80 -33.87
CA LYS A 254 -39.38 -32.47 -34.86
C LYS A 254 -40.80 -32.69 -34.34
N TRP A 255 -40.95 -33.63 -33.42
CA TRP A 255 -42.28 -33.92 -32.87
C TRP A 255 -42.44 -33.36 -31.45
N SER A 256 -41.47 -32.58 -31.00
CA SER A 256 -41.53 -31.97 -29.69
C SER A 256 -42.65 -30.95 -29.59
N ASP A 257 -43.28 -30.88 -28.42
CA ASP A 257 -44.32 -29.89 -28.18
C ASP A 257 -43.71 -28.51 -27.98
N VAL A 258 -42.48 -28.49 -27.48
CA VAL A 258 -41.76 -27.24 -27.24
C VAL A 258 -41.58 -26.45 -28.54
N ASP A 259 -41.55 -25.13 -28.41
CA ASP A 259 -41.43 -24.27 -29.58
C ASP A 259 -39.97 -24.14 -30.01
N LEU A 260 -39.05 -24.46 -29.10
CA LEU A 260 -37.62 -24.36 -29.39
C LEU A 260 -36.88 -25.65 -29.07
N VAL A 261 -35.96 -26.02 -29.97
CA VAL A 261 -35.14 -27.21 -29.78
C VAL A 261 -33.65 -26.87 -29.88
N VAL A 262 -32.99 -26.77 -28.73
CA VAL A 262 -31.58 -26.41 -28.69
C VAL A 262 -30.68 -27.64 -28.80
N TYR A 263 -29.66 -27.55 -29.66
CA TYR A 263 -28.72 -28.64 -29.85
C TYR A 263 -27.32 -28.18 -29.49
N VAL A 264 -26.72 -28.81 -28.47
CA VAL A 264 -25.42 -28.39 -27.95
C VAL A 264 -24.52 -29.58 -27.69
N GLY A 265 -23.29 -29.32 -27.29
CA GLY A 265 -22.33 -30.37 -26.97
C GLY A 265 -21.17 -30.42 -27.95
N CYS A 266 -20.00 -30.81 -27.44
CA CYS A 266 -18.81 -30.88 -28.26
C CYS A 266 -17.75 -31.78 -27.64
N GLY A 267 -16.82 -32.27 -28.47
CA GLY A 267 -16.84 -31.96 -29.88
C GLY A 267 -16.96 -33.20 -30.74
N GLU A 268 -18.03 -33.27 -31.52
CA GLU A 268 -18.23 -34.40 -32.42
C GLU A 268 -17.14 -34.42 -33.49
N ARG A 269 -16.74 -35.62 -33.91
CA ARG A 269 -15.70 -35.78 -34.92
C ARG A 269 -16.13 -35.12 -36.24
N GLY A 270 -15.17 -34.58 -36.99
CA GLY A 270 -15.43 -33.75 -38.15
C GLY A 270 -16.44 -34.36 -39.11
N ASN A 271 -16.35 -35.67 -39.27
CA ASN A 271 -17.23 -36.47 -40.10
C ASN A 271 -18.52 -36.83 -39.34
N GLU A 272 -18.39 -36.90 -38.03
CA GLU A 272 -19.49 -37.17 -37.11
C GLU A 272 -20.29 -35.90 -36.83
N MET A 273 -19.58 -34.78 -36.73
CA MET A 273 -20.20 -33.50 -36.40
C MET A 273 -20.81 -32.85 -37.65
N THR A 274 -20.10 -32.99 -38.76
CA THR A 274 -20.55 -32.43 -40.04
C THR A 274 -21.96 -32.90 -40.39
N ASP A 275 -22.23 -34.17 -40.11
CA ASP A 275 -23.54 -34.76 -40.38
C ASP A 275 -24.67 -33.96 -39.75
N VAL A 276 -24.47 -33.55 -38.50
CA VAL A 276 -25.47 -32.79 -37.78
C VAL A 276 -25.73 -31.45 -38.45
N VAL A 277 -24.66 -30.69 -38.67
CA VAL A 277 -24.75 -29.37 -39.29
C VAL A 277 -25.45 -29.42 -40.66
N ASN A 278 -25.42 -30.59 -41.29
CA ASN A 278 -26.05 -30.75 -42.59
C ASN A 278 -27.40 -31.45 -42.52
N GLU A 279 -27.51 -32.46 -41.66
CA GLU A 279 -28.75 -33.21 -41.53
C GLU A 279 -29.81 -32.48 -40.71
N PHE A 280 -29.37 -31.80 -39.66
CA PHE A 280 -30.30 -31.11 -38.76
C PHE A 280 -31.13 -30.05 -39.48
N PRO A 281 -30.50 -29.26 -40.36
CA PRO A 281 -31.25 -28.28 -41.16
C PRO A 281 -32.27 -28.95 -42.10
N GLU A 282 -31.96 -30.17 -42.54
CA GLU A 282 -32.84 -30.89 -43.45
C GLU A 282 -34.19 -31.19 -42.80
N LEU A 283 -34.19 -31.29 -41.48
CA LEU A 283 -35.40 -31.56 -40.71
C LEU A 283 -36.42 -30.44 -40.90
N ILE A 284 -37.67 -30.81 -41.17
CA ILE A 284 -38.74 -29.82 -41.32
C ILE A 284 -39.85 -30.05 -40.31
N ASP A 285 -40.15 -29.02 -39.52
CA ASP A 285 -41.24 -29.10 -38.54
C ASP A 285 -42.59 -29.18 -39.26
N PRO A 286 -43.29 -30.31 -39.08
CA PRO A 286 -44.58 -30.60 -39.73
C PRO A 286 -45.62 -29.49 -39.57
N ASN A 287 -45.76 -28.98 -38.36
CA ASN A 287 -46.75 -27.94 -38.08
C ASN A 287 -46.45 -26.63 -38.80
N THR A 288 -45.22 -26.15 -38.64
CA THR A 288 -44.81 -24.87 -39.23
C THR A 288 -44.66 -24.96 -40.74
N GLY A 289 -44.21 -26.12 -41.22
CA GLY A 289 -43.94 -26.29 -42.64
C GLY A 289 -42.68 -25.56 -43.04
N GLU A 290 -41.88 -25.20 -42.05
CA GLU A 290 -40.61 -24.50 -42.27
C GLU A 290 -39.46 -25.31 -41.72
N SER A 291 -38.24 -24.93 -42.08
CA SER A 291 -37.04 -25.63 -41.62
C SER A 291 -36.94 -25.63 -40.10
N LEU A 292 -36.56 -26.77 -39.54
CA LEU A 292 -36.47 -26.94 -38.10
C LEU A 292 -35.39 -26.03 -37.50
N MET A 293 -34.47 -25.58 -38.35
CA MET A 293 -33.40 -24.69 -37.92
C MET A 293 -33.92 -23.33 -37.47
N GLU A 294 -34.96 -22.85 -38.14
CA GLU A 294 -35.49 -21.52 -37.87
C GLU A 294 -36.01 -21.38 -36.44
N ARG A 295 -36.52 -22.46 -35.88
CA ARG A 295 -37.13 -22.41 -34.56
C ARG A 295 -36.11 -22.22 -33.44
N THR A 296 -34.91 -22.77 -33.61
CA THR A 296 -33.92 -22.74 -32.53
C THR A 296 -32.46 -22.68 -32.99
N VAL A 297 -31.64 -22.06 -32.16
CA VAL A 297 -30.20 -21.97 -32.38
C VAL A 297 -29.54 -23.34 -32.31
N LEU A 298 -28.43 -23.51 -33.02
CA LEU A 298 -27.66 -24.74 -32.96
C LEU A 298 -26.19 -24.45 -32.67
N ILE A 299 -25.63 -25.15 -31.68
CA ILE A 299 -24.22 -25.00 -31.33
C ILE A 299 -23.42 -26.22 -31.78
N ALA A 300 -22.42 -25.99 -32.62
CA ALA A 300 -21.65 -27.08 -33.18
C ALA A 300 -20.14 -26.86 -33.02
N ASN A 301 -19.51 -27.70 -32.22
CA ASN A 301 -18.06 -27.64 -32.02
C ASN A 301 -17.39 -28.96 -32.38
N THR A 302 -16.29 -28.88 -33.13
CA THR A 302 -15.43 -30.03 -33.34
C THR A 302 -14.55 -30.21 -32.12
N SER A 303 -13.81 -31.32 -32.06
CA SER A 303 -12.93 -31.56 -30.91
C SER A 303 -11.68 -30.70 -31.02
N ASN A 304 -11.49 -30.09 -32.18
CA ASN A 304 -10.38 -29.16 -32.39
C ASN A 304 -10.67 -27.82 -31.71
N MET A 305 -11.96 -27.51 -31.57
CA MET A 305 -12.40 -26.27 -30.95
C MET A 305 -11.75 -26.04 -29.59
N PRO A 306 -11.64 -24.77 -29.19
CA PRO A 306 -11.14 -24.39 -27.87
C PRO A 306 -11.80 -25.19 -26.76
N VAL A 307 -11.03 -25.63 -25.78
CA VAL A 307 -11.54 -26.48 -24.71
C VAL A 307 -12.70 -25.84 -23.96
N ALA A 308 -12.59 -24.53 -23.71
CA ALA A 308 -13.64 -23.80 -23.02
C ALA A 308 -14.91 -23.74 -23.87
N ALA A 309 -14.74 -23.56 -25.18
CA ALA A 309 -15.86 -23.57 -26.11
C ALA A 309 -16.58 -24.91 -26.03
N ARG A 310 -15.81 -25.98 -25.87
CA ARG A 310 -16.37 -27.31 -25.74
C ARG A 310 -16.83 -27.56 -24.30
N GLU A 311 -16.12 -27.00 -23.34
CA GLU A 311 -16.44 -27.20 -21.93
C GLU A 311 -17.57 -26.28 -21.47
N ALA A 312 -17.69 -25.13 -22.11
CA ALA A 312 -18.74 -24.17 -21.76
C ALA A 312 -19.84 -24.14 -22.81
N SER A 313 -19.84 -25.15 -23.69
CA SER A 313 -20.85 -25.24 -24.73
C SER A 313 -22.23 -25.45 -24.13
N ILE A 314 -22.34 -26.42 -23.22
CA ILE A 314 -23.61 -26.72 -22.57
C ILE A 314 -24.10 -25.54 -21.73
N TYR A 315 -23.18 -24.81 -21.13
CA TYR A 315 -23.53 -23.63 -20.34
C TYR A 315 -23.95 -22.50 -21.26
N THR A 316 -23.40 -22.47 -22.46
CA THR A 316 -23.80 -21.50 -23.47
C THR A 316 -25.14 -21.89 -24.07
N GLY A 317 -25.30 -23.17 -24.39
CA GLY A 317 -26.52 -23.67 -24.98
C GLY A 317 -27.71 -23.55 -24.05
N ILE A 318 -27.49 -23.84 -22.77
CA ILE A 318 -28.56 -23.77 -21.78
C ILE A 318 -29.02 -22.33 -21.57
N THR A 319 -28.09 -21.39 -21.63
CA THR A 319 -28.38 -19.99 -21.39
C THR A 319 -29.27 -19.41 -22.48
N ILE A 320 -29.05 -19.86 -23.72
CA ILE A 320 -29.89 -19.45 -24.83
C ILE A 320 -31.32 -19.94 -24.62
N ALA A 321 -31.44 -21.18 -24.14
CA ALA A 321 -32.73 -21.78 -23.84
C ALA A 321 -33.42 -21.03 -22.71
N GLU A 322 -32.62 -20.53 -21.77
CA GLU A 322 -33.14 -19.80 -20.63
C GLU A 322 -33.85 -18.51 -21.06
N TYR A 323 -33.18 -17.74 -21.92
CA TYR A 323 -33.74 -16.49 -22.42
C TYR A 323 -35.11 -16.70 -23.06
N PHE A 324 -35.20 -17.69 -23.93
CA PHE A 324 -36.47 -18.02 -24.58
C PHE A 324 -37.42 -18.69 -23.60
N ARG A 325 -36.87 -19.31 -22.55
CA ARG A 325 -37.68 -19.87 -21.49
C ARG A 325 -38.23 -18.76 -20.61
N ASP A 326 -37.41 -17.75 -20.36
CA ASP A 326 -37.83 -16.58 -19.58
C ASP A 326 -38.93 -15.81 -20.30
N MET A 327 -39.05 -16.03 -21.60
CA MET A 327 -40.10 -15.41 -22.40
C MET A 327 -41.41 -16.17 -22.22
N GLY A 328 -41.36 -17.26 -21.47
CA GLY A 328 -42.54 -18.05 -21.18
C GLY A 328 -42.80 -19.15 -22.18
N TYR A 329 -41.82 -19.38 -23.04
CA TYR A 329 -41.94 -20.40 -24.09
C TYR A 329 -41.20 -21.68 -23.69
N ASP A 330 -41.82 -22.82 -23.94
CA ASP A 330 -41.21 -24.11 -23.64
C ASP A 330 -40.04 -24.39 -24.59
N VAL A 331 -38.86 -24.61 -24.03
CA VAL A 331 -37.67 -24.90 -24.83
C VAL A 331 -37.17 -26.30 -24.54
N ALA A 332 -36.36 -26.83 -25.45
CA ALA A 332 -35.78 -28.16 -25.28
C ALA A 332 -34.35 -28.19 -25.80
N ILE A 333 -33.39 -28.41 -24.90
CA ILE A 333 -31.98 -28.44 -25.28
C ILE A 333 -31.44 -29.87 -25.27
N MET A 334 -31.00 -30.34 -26.44
CA MET A 334 -30.46 -31.67 -26.59
C MET A 334 -28.95 -31.61 -26.82
N ALA A 335 -28.18 -32.15 -25.87
CA ALA A 335 -26.74 -32.06 -25.94
C ALA A 335 -26.08 -33.42 -26.22
N ASP A 336 -25.22 -33.44 -27.22
CA ASP A 336 -24.49 -34.65 -27.60
C ASP A 336 -23.07 -34.30 -28.06
N SER A 337 -22.06 -34.85 -27.38
CA SER A 337 -22.28 -35.75 -26.26
C SER A 337 -21.80 -35.13 -24.95
N THR A 338 -22.53 -35.42 -23.87
CA THR A 338 -22.19 -34.88 -22.55
C THR A 338 -20.86 -35.43 -22.03
N SER A 339 -20.53 -36.66 -22.43
CA SER A 339 -19.27 -37.27 -22.03
C SER A 339 -18.09 -36.54 -22.67
N ARG A 340 -18.29 -36.10 -23.91
CA ARG A 340 -17.29 -35.31 -24.61
C ARG A 340 -17.04 -34.00 -23.87
N TRP A 341 -18.12 -33.40 -23.38
CA TRP A 341 -18.04 -32.17 -22.59
C TRP A 341 -17.24 -32.40 -21.32
N ALA A 342 -17.55 -33.48 -20.61
CA ALA A 342 -16.85 -33.83 -19.38
C ALA A 342 -15.39 -34.16 -19.68
N GLU A 343 -15.15 -34.70 -20.88
CA GLU A 343 -13.80 -35.02 -21.30
C GLU A 343 -12.98 -33.74 -21.48
N ALA A 344 -13.65 -32.68 -21.91
CA ALA A 344 -13.02 -31.37 -22.03
C ALA A 344 -12.78 -30.78 -20.65
N LEU A 345 -13.65 -31.14 -19.70
CA LEU A 345 -13.52 -30.66 -18.33
C LEU A 345 -12.35 -31.33 -17.63
N ARG A 346 -12.23 -32.64 -17.84
CA ARG A 346 -11.10 -33.40 -17.30
C ARG A 346 -9.78 -32.82 -17.79
N GLU A 347 -9.74 -32.49 -19.07
CA GLU A 347 -8.57 -31.87 -19.68
C GLU A 347 -8.24 -30.53 -19.03
N MET A 348 -9.28 -29.72 -18.84
CA MET A 348 -9.11 -28.43 -18.18
C MET A 348 -8.59 -28.61 -16.75
N SER A 349 -9.01 -29.69 -16.11
CA SER A 349 -8.58 -29.98 -14.75
C SER A 349 -7.07 -30.24 -14.71
N GLY A 350 -6.58 -31.02 -15.66
CA GLY A 350 -5.16 -31.32 -15.75
C GLY A 350 -4.34 -30.07 -16.01
N ARG A 351 -4.88 -29.17 -16.83
CA ARG A 351 -4.22 -27.91 -17.15
C ARG A 351 -4.16 -27.01 -15.91
N LEU A 352 -5.23 -27.01 -15.12
CA LEU A 352 -5.30 -26.20 -13.92
C LEU A 352 -4.46 -26.80 -12.79
N GLU A 353 -3.98 -28.02 -13.00
CA GLU A 353 -3.13 -28.71 -12.04
C GLU A 353 -3.86 -29.00 -10.73
N GLU A 354 -5.18 -29.04 -10.79
CA GLU A 354 -6.00 -29.38 -9.63
C GLU A 354 -5.82 -30.84 -9.25
N MET A 355 -6.16 -31.18 -8.01
CA MET A 355 -6.09 -32.56 -7.55
C MET A 355 -7.09 -33.42 -8.32
N PRO A 356 -6.63 -34.57 -8.84
CA PRO A 356 -7.50 -35.46 -9.61
C PRO A 356 -8.56 -36.13 -8.75
N GLY A 357 -9.77 -36.28 -9.29
CA GLY A 357 -10.86 -36.90 -8.56
C GLY A 357 -11.00 -38.38 -8.91
N ASP A 358 -12.12 -38.73 -9.54
CA ASP A 358 -12.36 -40.10 -9.96
C ASP A 358 -12.33 -40.21 -11.48
N GLU A 359 -11.53 -41.15 -11.99
CA GLU A 359 -11.35 -41.31 -13.43
C GLU A 359 -10.82 -40.05 -14.07
N GLY A 360 -9.90 -39.38 -13.38
CA GLY A 360 -9.27 -38.18 -13.92
C GLY A 360 -10.21 -36.99 -14.04
N TYR A 361 -11.44 -37.15 -13.59
CA TYR A 361 -12.41 -36.06 -13.62
C TYR A 361 -12.25 -35.18 -12.38
N PRO A 362 -12.71 -33.92 -12.47
CA PRO A 362 -12.66 -33.02 -11.31
C PRO A 362 -13.54 -33.52 -10.18
N ALA A 363 -13.10 -33.32 -8.94
CA ALA A 363 -13.88 -33.74 -7.78
C ALA A 363 -15.21 -33.01 -7.71
N TYR A 364 -15.26 -31.84 -8.33
CA TYR A 364 -16.47 -31.02 -8.36
C TYR A 364 -17.25 -31.21 -9.66
N LEU A 365 -17.01 -32.33 -10.34
CA LEU A 365 -17.70 -32.64 -11.58
C LEU A 365 -19.21 -32.74 -11.36
N GLY A 366 -19.60 -33.35 -10.24
CA GLY A 366 -21.00 -33.49 -9.89
C GLY A 366 -21.66 -32.15 -9.65
N SER A 367 -20.91 -31.23 -9.06
CA SER A 367 -21.42 -29.88 -8.81
C SER A 367 -21.66 -29.15 -10.13
N ARG A 368 -20.79 -29.40 -11.10
CA ARG A 368 -20.93 -28.80 -12.43
C ARG A 368 -22.18 -29.32 -13.13
N LEU A 369 -22.42 -30.62 -13.01
CA LEU A 369 -23.59 -31.24 -13.62
C LEU A 369 -24.88 -30.71 -12.99
N ALA A 370 -24.84 -30.48 -11.68
CA ALA A 370 -26.00 -29.97 -10.96
C ALA A 370 -26.48 -28.65 -11.57
N GLU A 371 -25.58 -27.69 -11.65
CA GLU A 371 -25.89 -26.35 -12.16
C GLU A 371 -26.60 -26.40 -13.51
N TYR A 372 -25.99 -27.10 -14.47
CA TYR A 372 -26.55 -27.22 -15.81
C TYR A 372 -27.91 -27.92 -15.81
N TYR A 373 -27.99 -29.05 -15.10
CA TYR A 373 -29.22 -29.83 -15.06
C TYR A 373 -30.31 -29.19 -14.19
N GLU A 374 -29.89 -28.43 -13.17
CA GLU A 374 -30.85 -27.80 -12.27
C GLU A 374 -31.56 -26.61 -12.92
N ARG A 375 -30.86 -25.92 -13.81
CA ARG A 375 -31.44 -24.78 -14.50
C ARG A 375 -32.63 -25.21 -15.37
N SER A 376 -32.57 -26.43 -15.87
CA SER A 376 -33.66 -26.99 -16.66
C SER A 376 -34.83 -27.39 -15.76
N GLY A 377 -36.04 -27.06 -16.20
CA GLY A 377 -37.24 -27.37 -15.44
C GLY A 377 -38.33 -26.34 -15.66
N ARG A 378 -39.47 -26.54 -15.00
CA ARG A 378 -40.58 -25.60 -15.12
C ARG A 378 -40.50 -24.53 -14.03
N VAL A 379 -40.34 -23.28 -14.45
CA VAL A 379 -40.21 -22.17 -13.50
C VAL A 379 -40.96 -20.93 -13.97
N ILE A 380 -41.44 -20.16 -13.01
CA ILE A 380 -42.09 -18.89 -13.29
C ILE A 380 -41.05 -17.84 -13.69
N ALA A 381 -41.24 -17.23 -14.86
CA ALA A 381 -40.31 -16.23 -15.36
C ALA A 381 -40.52 -14.89 -14.66
N LEU A 382 -39.50 -14.04 -14.72
CA LEU A 382 -39.57 -12.72 -14.10
C LEU A 382 -40.53 -11.80 -14.83
N GLY A 383 -41.02 -10.78 -14.13
CA GLY A 383 -41.95 -9.83 -14.71
C GLY A 383 -43.27 -9.80 -13.95
N SER A 384 -44.05 -8.76 -14.19
CA SER A 384 -45.36 -8.63 -13.56
C SER A 384 -46.34 -9.65 -14.12
N ASP A 385 -46.09 -10.07 -15.35
CA ASP A 385 -46.93 -11.03 -16.04
C ASP A 385 -46.88 -12.40 -15.39
N GLN A 386 -45.70 -12.74 -14.86
CA GLN A 386 -45.49 -14.02 -14.19
C GLN A 386 -45.69 -15.20 -15.14
N ARG A 387 -45.43 -14.97 -16.42
CA ARG A 387 -45.48 -16.04 -17.41
C ARG A 387 -44.42 -17.08 -17.08
N GLU A 388 -44.63 -18.31 -17.53
CA GLU A 388 -43.71 -19.39 -17.20
C GLU A 388 -43.23 -20.16 -18.43
N GLY A 389 -41.94 -20.45 -18.46
CA GLY A 389 -41.36 -21.27 -19.52
C GLY A 389 -40.61 -22.44 -18.90
N SER A 390 -40.50 -23.53 -19.66
CA SER A 390 -39.85 -24.73 -19.15
C SER A 390 -38.92 -25.36 -20.19
N ILE A 391 -37.67 -25.57 -19.80
CA ILE A 391 -36.68 -26.16 -20.69
C ILE A 391 -36.49 -27.65 -20.39
N THR A 392 -36.85 -28.49 -21.35
CA THR A 392 -36.68 -29.93 -21.20
C THR A 392 -35.38 -30.37 -21.88
N ALA A 393 -34.39 -30.73 -21.07
CA ALA A 393 -33.06 -31.05 -21.58
C ALA A 393 -32.84 -32.56 -21.67
N ILE A 394 -32.37 -33.00 -22.85
CA ILE A 394 -32.03 -34.40 -23.06
C ILE A 394 -30.53 -34.52 -23.32
N SER A 395 -29.86 -35.35 -22.53
CA SER A 395 -28.41 -35.49 -22.64
C SER A 395 -28.01 -36.91 -23.01
N ALA A 396 -27.09 -37.04 -23.96
CA ALA A 396 -26.60 -38.34 -24.40
C ALA A 396 -25.16 -38.56 -23.93
N VAL A 397 -24.94 -39.63 -23.17
CA VAL A 397 -23.62 -39.94 -22.66
C VAL A 397 -22.94 -41.04 -23.46
N SER A 398 -21.66 -40.84 -23.78
CA SER A 398 -20.89 -41.83 -24.52
C SER A 398 -19.48 -41.95 -23.95
N PRO A 399 -19.36 -42.64 -22.80
CA PRO A 399 -18.10 -42.83 -22.09
C PRO A 399 -17.07 -43.62 -22.90
N SER A 400 -17.55 -44.59 -23.68
CA SER A 400 -16.68 -45.47 -24.46
C SER A 400 -15.82 -46.37 -23.57
N GLY A 401 -16.06 -46.28 -22.26
CA GLY A 401 -15.35 -47.13 -21.32
C GLY A 401 -15.91 -48.54 -21.32
N GLY A 402 -17.18 -48.65 -21.68
CA GLY A 402 -17.87 -49.93 -21.67
C GLY A 402 -18.46 -50.19 -20.29
N ASP A 403 -18.08 -49.36 -19.34
CA ASP A 403 -18.56 -49.49 -17.96
C ASP A 403 -19.73 -48.55 -17.71
N ILE A 404 -20.76 -49.05 -17.04
CA ILE A 404 -21.92 -48.23 -16.72
C ILE A 404 -21.64 -47.36 -15.50
N SER A 405 -20.46 -47.55 -14.91
CA SER A 405 -20.11 -46.86 -13.68
C SER A 405 -19.24 -45.64 -13.91
N GLU A 406 -19.29 -45.07 -15.11
CA GLU A 406 -18.56 -43.85 -15.41
C GLU A 406 -19.09 -42.69 -14.57
N PRO A 407 -18.19 -41.89 -14.00
CA PRO A 407 -18.53 -40.74 -13.15
C PRO A 407 -19.52 -39.79 -13.81
N VAL A 408 -19.36 -39.58 -15.12
CA VAL A 408 -20.25 -38.70 -15.86
C VAL A 408 -21.67 -39.27 -15.88
N THR A 409 -21.78 -40.56 -16.22
CA THR A 409 -23.07 -41.23 -16.30
C THR A 409 -23.75 -41.31 -14.93
N GLN A 410 -22.98 -41.69 -13.92
CA GLN A 410 -23.52 -41.86 -12.58
C GLN A 410 -23.97 -40.54 -11.96
N ASN A 411 -23.13 -39.52 -12.05
CA ASN A 411 -23.47 -38.21 -11.52
C ASN A 411 -24.63 -37.59 -12.28
N THR A 412 -24.73 -37.90 -13.56
CA THR A 412 -25.84 -37.43 -14.38
C THR A 412 -27.13 -38.17 -14.04
N LEU A 413 -27.01 -39.48 -13.85
CA LEU A 413 -28.17 -40.32 -13.56
C LEU A 413 -28.83 -39.96 -12.23
N ARG A 414 -28.05 -39.46 -11.29
CA ARG A 414 -28.58 -39.11 -9.98
C ARG A 414 -29.50 -37.90 -10.06
N VAL A 415 -29.03 -36.85 -10.72
CA VAL A 415 -29.79 -35.60 -10.82
C VAL A 415 -30.99 -35.74 -11.75
N VAL A 416 -30.82 -36.48 -12.84
CA VAL A 416 -31.91 -36.72 -13.78
C VAL A 416 -32.89 -37.75 -13.20
N LYS A 417 -34.17 -37.54 -13.43
CA LYS A 417 -35.19 -38.47 -12.95
C LYS A 417 -35.70 -39.37 -14.06
N VAL A 418 -35.01 -39.36 -15.20
CA VAL A 418 -35.41 -40.19 -16.33
C VAL A 418 -34.20 -40.90 -16.93
N PHE A 419 -34.31 -42.21 -17.08
CA PHE A 419 -33.25 -43.02 -17.67
C PHE A 419 -33.74 -43.72 -18.93
N TRP A 420 -33.15 -43.35 -20.06
CA TRP A 420 -33.42 -44.04 -21.33
C TRP A 420 -32.25 -44.95 -21.66
N GLY A 421 -32.55 -46.13 -22.19
CA GLY A 421 -31.53 -47.11 -22.48
C GLY A 421 -31.53 -47.61 -23.92
N LEU A 422 -30.51 -47.24 -24.66
CA LEU A 422 -30.32 -47.70 -26.03
C LEU A 422 -29.42 -48.94 -26.06
N ASP A 423 -29.94 -50.03 -26.62
CA ASP A 423 -29.17 -51.26 -26.71
C ASP A 423 -28.81 -51.59 -28.16
N SER A 424 -27.55 -51.91 -28.38
CA SER A 424 -27.07 -52.26 -29.71
C SER A 424 -27.69 -53.58 -30.17
N SER A 425 -27.98 -54.46 -29.21
CA SER A 425 -28.59 -55.75 -29.50
C SER A 425 -29.97 -55.57 -30.13
N LEU A 426 -30.77 -54.69 -29.53
CA LEU A 426 -32.09 -54.38 -30.08
C LEU A 426 -31.95 -53.66 -31.42
N ALA A 427 -30.87 -52.90 -31.56
CA ALA A 427 -30.60 -52.18 -32.80
C ALA A 427 -30.24 -53.13 -33.92
N GLN A 428 -29.50 -54.19 -33.58
CA GLN A 428 -29.12 -55.20 -34.56
C GLN A 428 -30.35 -55.97 -35.03
N LYS A 429 -31.35 -56.06 -34.16
CA LYS A 429 -32.61 -56.69 -34.52
C LYS A 429 -33.48 -55.72 -35.32
N ARG A 430 -32.94 -54.54 -35.59
CA ARG A 430 -33.64 -53.52 -36.34
C ARG A 430 -34.95 -53.12 -35.66
N HIS A 431 -34.94 -53.13 -34.33
CA HIS A 431 -36.12 -52.78 -33.55
C HIS A 431 -36.14 -51.29 -33.23
N PHE A 432 -36.96 -50.54 -33.97
CA PHE A 432 -37.06 -49.09 -33.80
C PHE A 432 -38.34 -48.73 -33.05
N PRO A 433 -38.23 -47.85 -32.05
CA PRO A 433 -36.98 -47.28 -31.55
C PRO A 433 -36.19 -48.29 -30.73
N SER A 434 -34.86 -48.20 -30.77
CA SER A 434 -34.00 -49.16 -30.08
C SER A 434 -33.79 -48.77 -28.62
N ILE A 435 -34.87 -48.79 -27.84
CA ILE A 435 -34.81 -48.48 -26.42
C ILE A 435 -35.15 -49.69 -25.57
N ASN A 436 -34.30 -49.98 -24.59
CA ASN A 436 -34.50 -51.13 -23.71
C ASN A 436 -35.39 -50.77 -22.52
N TRP A 437 -36.59 -51.33 -22.50
CA TRP A 437 -37.56 -51.05 -21.44
C TRP A 437 -37.10 -51.54 -20.08
N ILE A 438 -36.39 -52.67 -20.06
CA ILE A 438 -35.91 -53.25 -18.82
C ILE A 438 -34.75 -52.44 -18.26
N GLN A 439 -33.92 -51.89 -19.14
CA GLN A 439 -32.75 -51.13 -18.72
C GLN A 439 -33.07 -49.66 -18.51
N SER A 440 -34.27 -49.25 -18.92
CA SER A 440 -34.69 -47.87 -18.74
C SER A 440 -35.65 -47.76 -17.57
N TYR A 441 -35.50 -46.70 -16.77
CA TYR A 441 -36.45 -46.45 -15.69
C TYR A 441 -36.84 -44.97 -15.66
N SER A 442 -38.09 -44.73 -15.29
CA SER A 442 -38.61 -43.36 -15.20
C SER A 442 -39.38 -43.16 -13.92
N LEU A 443 -38.83 -42.33 -13.03
CA LEU A 443 -39.49 -42.05 -11.75
C LEU A 443 -40.74 -41.20 -11.96
N TYR A 444 -40.79 -40.48 -13.08
CA TYR A 444 -41.90 -39.60 -13.39
C TYR A 444 -43.20 -40.35 -13.71
N SER A 445 -43.06 -41.59 -14.18
CA SER A 445 -44.18 -42.37 -14.69
C SER A 445 -45.39 -42.41 -13.76
N THR A 446 -45.14 -42.42 -12.45
CA THR A 446 -46.22 -42.41 -11.48
C THR A 446 -46.91 -41.05 -11.44
N GLU A 447 -46.12 -39.98 -11.52
CA GLU A 447 -46.66 -38.63 -11.53
C GLU A 447 -47.43 -38.35 -12.82
N VAL A 448 -46.95 -38.93 -13.92
CA VAL A 448 -47.59 -38.76 -15.22
C VAL A 448 -48.97 -39.40 -15.24
N GLY A 449 -49.16 -40.42 -14.41
CA GLY A 449 -50.40 -41.16 -14.35
C GLY A 449 -51.62 -40.30 -14.08
N ARG A 450 -51.53 -39.44 -13.08
CA ARG A 450 -52.65 -38.57 -12.71
C ARG A 450 -53.05 -37.66 -13.86
N TYR A 451 -52.07 -37.06 -14.51
CA TYR A 451 -52.33 -36.15 -15.62
C TYR A 451 -53.01 -36.88 -16.78
N MET A 452 -52.57 -38.11 -17.03
CA MET A 452 -53.15 -38.93 -18.08
C MET A 452 -54.59 -39.33 -17.75
N ASP A 453 -54.79 -39.87 -16.56
CA ASP A 453 -56.10 -40.35 -16.13
C ASP A 453 -57.16 -39.25 -16.23
N GLN A 454 -56.80 -38.04 -15.81
CA GLN A 454 -57.72 -36.91 -15.86
C GLN A 454 -58.02 -36.51 -17.31
N ILE A 455 -56.97 -36.41 -18.12
CA ILE A 455 -57.10 -36.00 -19.51
C ILE A 455 -57.73 -37.10 -20.37
N LEU A 456 -57.30 -38.34 -20.15
CA LEU A 456 -57.77 -39.47 -20.94
C LEU A 456 -59.22 -39.83 -20.64
N GLN A 457 -59.67 -39.49 -19.43
CA GLN A 457 -60.99 -39.89 -18.94
C GLN A 457 -61.06 -41.40 -18.75
N GLN A 458 -59.94 -42.06 -19.02
CA GLN A 458 -59.79 -43.48 -18.77
C GLN A 458 -58.52 -43.69 -17.96
N ASP A 459 -58.50 -44.68 -17.08
CA ASP A 459 -57.33 -44.90 -16.24
C ASP A 459 -56.16 -45.43 -17.06
N TRP A 460 -55.19 -44.55 -17.30
CA TRP A 460 -54.02 -44.86 -18.13
C TRP A 460 -52.96 -45.60 -17.32
N SER A 461 -52.95 -45.39 -16.01
CA SER A 461 -51.96 -45.99 -15.13
C SER A 461 -52.11 -47.52 -15.05
N ASP A 462 -53.35 -47.99 -14.93
CA ASP A 462 -53.61 -49.42 -14.90
C ASP A 462 -53.05 -50.12 -16.14
N MET A 463 -53.19 -49.47 -17.28
CA MET A 463 -52.73 -50.02 -18.55
C MET A 463 -51.20 -50.05 -18.61
N VAL A 464 -50.58 -48.96 -18.22
CA VAL A 464 -49.12 -48.85 -18.26
C VAL A 464 -48.44 -49.78 -17.27
N THR A 465 -48.99 -49.84 -16.05
CA THR A 465 -48.46 -50.72 -15.02
C THR A 465 -48.65 -52.19 -15.38
N GLU A 466 -49.75 -52.48 -16.07
CA GLU A 466 -50.02 -53.84 -16.52
C GLU A 466 -49.13 -54.20 -17.69
N GLY A 467 -48.79 -53.20 -18.51
CA GLY A 467 -47.93 -53.39 -19.65
C GLY A 467 -46.53 -53.82 -19.25
N MET A 468 -46.04 -53.25 -18.15
CA MET A 468 -44.72 -53.60 -17.64
C MET A 468 -44.67 -55.03 -17.12
N ARG A 469 -45.74 -55.44 -16.44
CA ARG A 469 -45.81 -56.77 -15.85
C ARG A 469 -45.71 -57.84 -16.93
N ILE A 470 -46.31 -57.59 -18.09
CA ILE A 470 -46.23 -58.50 -19.21
C ILE A 470 -44.83 -58.51 -19.80
N LEU A 471 -44.24 -57.32 -19.93
CA LEU A 471 -42.87 -57.19 -20.42
C LEU A 471 -41.88 -57.77 -19.42
N GLN A 472 -42.10 -57.50 -18.14
CA GLN A 472 -41.24 -58.03 -17.08
C GLN A 472 -41.38 -59.54 -16.97
N GLU A 473 -42.58 -60.04 -17.23
CA GLU A 473 -42.85 -61.47 -17.13
C GLU A 473 -42.13 -62.23 -18.24
N GLU A 474 -42.00 -61.58 -19.40
CA GLU A 474 -41.31 -62.17 -20.54
C GLU A 474 -39.84 -62.45 -20.21
N GLU A 475 -39.19 -61.47 -19.57
CA GLU A 475 -37.80 -61.62 -19.15
C GLU A 475 -37.64 -62.82 -18.23
N GLN A 476 -38.59 -63.00 -17.31
CA GLN A 476 -38.59 -64.12 -16.40
C GLN A 476 -38.86 -65.42 -17.16
N LEU A 477 -39.73 -65.34 -18.15
CA LEU A 477 -40.11 -66.51 -18.95
C LEU A 477 -39.04 -66.90 -19.96
N ASN A 478 -38.27 -65.90 -20.41
CA ASN A 478 -37.21 -66.14 -21.39
C ASN A 478 -36.16 -67.12 -20.87
N GLU A 479 -35.86 -67.02 -19.58
CA GLU A 479 -34.90 -67.92 -18.95
C GLU A 479 -35.44 -69.34 -18.90
N ILE A 480 -36.77 -69.45 -18.77
CA ILE A 480 -37.43 -70.74 -18.72
C ILE A 480 -37.42 -71.43 -20.09
N VAL A 481 -37.53 -70.62 -21.14
CA VAL A 481 -37.55 -71.13 -22.50
C VAL A 481 -36.24 -71.83 -22.86
N ARG A 482 -35.12 -71.28 -22.37
CA ARG A 482 -33.82 -71.88 -22.61
C ARG A 482 -33.69 -73.21 -21.87
N LEU A 483 -34.23 -73.25 -20.66
CA LEU A 483 -34.19 -74.45 -19.84
C LEU A 483 -35.13 -75.53 -20.38
N VAL A 484 -36.38 -75.16 -20.58
CA VAL A 484 -37.39 -76.10 -21.09
C VAL A 484 -38.15 -75.50 -22.26
N GLY A 485 -38.64 -76.37 -23.14
CA GLY A 485 -39.38 -75.93 -24.31
C GLY A 485 -40.59 -75.08 -23.98
N ILE A 486 -40.97 -74.20 -24.90
CA ILE A 486 -42.09 -73.30 -24.68
C ILE A 486 -43.41 -74.05 -24.54
N ASP A 487 -43.51 -75.20 -25.19
CA ASP A 487 -44.72 -76.01 -25.14
C ASP A 487 -44.93 -76.61 -23.75
N SER A 488 -43.83 -76.84 -23.03
CA SER A 488 -43.89 -77.42 -21.70
C SER A 488 -44.56 -76.46 -20.72
N LEU A 489 -44.30 -75.17 -20.90
CA LEU A 489 -44.88 -74.15 -20.04
C LEU A 489 -46.40 -74.15 -20.14
N SER A 490 -47.06 -73.76 -19.05
CA SER A 490 -48.51 -73.72 -19.01
C SER A 490 -49.07 -72.73 -20.03
N ASP A 491 -50.30 -72.99 -20.49
CA ASP A 491 -50.96 -72.15 -21.48
C ASP A 491 -51.08 -70.71 -20.98
N ASN A 492 -51.22 -70.55 -19.67
CA ASN A 492 -51.24 -69.23 -19.06
C ASN A 492 -49.92 -68.51 -19.28
N ASP A 493 -48.82 -69.21 -18.99
CA ASP A 493 -47.48 -68.69 -19.22
C ASP A 493 -47.24 -68.49 -20.71
N ARG A 494 -47.81 -69.37 -21.53
CA ARG A 494 -47.64 -69.31 -22.97
C ARG A 494 -48.33 -68.07 -23.54
N LEU A 495 -49.39 -67.63 -22.89
CA LEU A 495 -50.13 -66.46 -23.33
C LEU A 495 -49.33 -65.17 -23.15
N THR A 496 -48.62 -65.08 -22.02
CA THR A 496 -47.83 -63.90 -21.69
C THR A 496 -46.79 -63.61 -22.77
N LEU A 497 -46.18 -64.67 -23.29
CA LEU A 497 -45.21 -64.56 -24.37
C LEU A 497 -45.86 -63.94 -25.59
N GLU A 498 -47.03 -64.45 -25.95
CA GLU A 498 -47.77 -63.94 -27.11
C GLU A 498 -48.29 -62.53 -26.88
N VAL A 499 -48.78 -62.26 -25.68
CA VAL A 499 -49.26 -60.93 -25.34
C VAL A 499 -48.10 -59.92 -25.33
N ALA A 500 -46.95 -60.36 -24.84
CA ALA A 500 -45.76 -59.53 -24.80
C ALA A 500 -45.28 -59.20 -26.21
N LYS A 501 -45.34 -60.19 -27.09
CA LYS A 501 -44.92 -60.01 -28.47
C LYS A 501 -45.70 -58.89 -29.17
N SER A 502 -47.00 -58.84 -28.91
CA SER A 502 -47.88 -57.87 -29.56
C SER A 502 -47.48 -56.44 -29.18
N ILE A 503 -47.20 -56.22 -27.91
CA ILE A 503 -46.74 -54.91 -27.45
C ILE A 503 -45.42 -54.55 -28.12
N ARG A 504 -44.55 -55.53 -28.23
CA ARG A 504 -43.24 -55.31 -28.86
C ARG A 504 -43.42 -55.04 -30.35
N GLU A 505 -44.07 -55.95 -31.05
CA GLU A 505 -44.29 -55.84 -32.49
C GLU A 505 -44.94 -54.53 -32.92
N ASP A 506 -45.90 -54.06 -32.11
CA ASP A 506 -46.68 -52.89 -32.48
C ASP A 506 -46.34 -51.66 -31.64
N TYR A 507 -46.41 -51.80 -30.32
CA TYR A 507 -46.22 -50.69 -29.40
C TYR A 507 -44.74 -50.34 -29.26
N LEU A 508 -43.89 -51.35 -29.37
CA LEU A 508 -42.44 -51.16 -29.27
C LEU A 508 -41.82 -50.84 -30.63
N GLN A 509 -42.11 -51.67 -31.62
CA GLN A 509 -41.60 -51.46 -32.97
C GLN A 509 -42.31 -50.29 -33.64
N GLN A 510 -41.56 -49.24 -33.94
CA GLN A 510 -42.12 -48.06 -34.58
C GLN A 510 -41.19 -47.53 -35.66
N ASN A 511 -41.70 -47.40 -36.88
CA ASN A 511 -40.91 -46.90 -37.99
C ASN A 511 -40.87 -45.37 -37.98
N ALA A 512 -39.66 -44.82 -37.89
CA ALA A 512 -39.48 -43.39 -37.75
C ALA A 512 -39.60 -42.65 -39.09
N PHE A 513 -39.71 -43.41 -40.17
CA PHE A 513 -39.79 -42.81 -41.51
C PHE A 513 -41.23 -42.45 -41.87
N ASP A 514 -42.16 -43.34 -41.53
CA ASP A 514 -43.57 -43.10 -41.83
C ASP A 514 -44.17 -42.09 -40.86
N ASP A 515 -44.76 -41.03 -41.42
CA ASP A 515 -45.32 -39.93 -40.63
C ASP A 515 -46.36 -40.42 -39.62
N VAL A 516 -47.29 -41.23 -40.11
CA VAL A 516 -48.37 -41.76 -39.26
C VAL A 516 -47.81 -42.72 -38.22
N ASP A 517 -46.79 -43.48 -38.60
CA ASP A 517 -46.17 -44.45 -37.71
C ASP A 517 -45.23 -43.76 -36.73
N THR A 518 -44.40 -42.86 -37.23
CA THR A 518 -43.37 -42.22 -36.42
C THR A 518 -43.96 -41.28 -35.36
N PHE A 519 -45.10 -40.69 -35.66
CA PHE A 519 -45.77 -39.81 -34.69
C PHE A 519 -47.14 -40.35 -34.32
N THR A 520 -47.36 -40.55 -33.03
CA THR A 520 -48.62 -41.07 -32.53
C THR A 520 -49.26 -40.11 -31.53
N SER A 521 -50.51 -39.72 -31.81
CA SER A 521 -51.25 -38.84 -30.92
C SER A 521 -51.52 -39.51 -29.58
N ARG A 522 -51.73 -38.70 -28.55
CA ARG A 522 -51.94 -39.21 -27.20
C ARG A 522 -53.18 -40.10 -27.10
N GLU A 523 -54.24 -39.73 -27.81
CA GLU A 523 -55.47 -40.50 -27.80
C GLU A 523 -55.29 -41.84 -28.51
N LYS A 524 -54.38 -41.86 -29.48
CA LYS A 524 -54.13 -43.05 -30.28
C LYS A 524 -53.27 -44.06 -29.53
N GLN A 525 -52.33 -43.56 -28.73
CA GLN A 525 -51.48 -44.41 -27.91
C GLN A 525 -52.33 -45.22 -26.94
N PHE A 526 -53.40 -44.61 -26.45
CA PHE A 526 -54.34 -45.28 -25.55
C PHE A 526 -55.04 -46.44 -26.23
N ASN A 527 -55.64 -46.18 -27.39
CA ASN A 527 -56.36 -47.19 -28.14
C ASN A 527 -55.48 -48.36 -28.56
N MET A 528 -54.25 -48.06 -28.97
CA MET A 528 -53.31 -49.10 -29.37
C MET A 528 -52.97 -50.03 -28.23
N LEU A 529 -52.81 -49.47 -27.04
CA LEU A 529 -52.46 -50.25 -25.86
C LEU A 529 -53.66 -51.07 -25.37
N LYS A 530 -54.84 -50.46 -25.45
CA LYS A 530 -56.07 -51.09 -24.99
C LYS A 530 -56.39 -52.38 -25.75
N VAL A 531 -56.28 -52.33 -27.07
CA VAL A 531 -56.59 -53.48 -27.91
C VAL A 531 -55.64 -54.64 -27.64
N ILE A 532 -54.42 -54.32 -27.21
CA ILE A 532 -53.45 -55.34 -26.84
C ILE A 532 -53.75 -55.88 -25.45
N LEU A 533 -54.16 -54.98 -24.56
CA LEU A 533 -54.50 -55.36 -23.18
C LEU A 533 -55.84 -56.07 -23.13
N THR A 534 -56.75 -55.68 -24.03
CA THR A 534 -58.05 -56.32 -24.13
C THR A 534 -57.89 -57.80 -24.49
N PHE A 535 -56.92 -58.08 -25.35
CA PHE A 535 -56.63 -59.45 -25.77
C PHE A 535 -56.22 -60.31 -24.58
N GLY A 536 -55.43 -59.73 -23.69
CA GLY A 536 -54.94 -60.43 -22.52
C GLY A 536 -56.06 -60.96 -21.63
N LYS A 537 -56.96 -60.07 -21.25
CA LYS A 537 -58.06 -60.45 -20.36
C LYS A 537 -59.05 -61.37 -21.08
N GLU A 538 -59.24 -61.13 -22.38
CA GLU A 538 -60.13 -61.96 -23.19
C GLU A 538 -59.55 -63.35 -23.41
N ALA A 539 -58.27 -63.41 -23.77
CA ALA A 539 -57.61 -64.68 -24.03
C ALA A 539 -57.41 -65.47 -22.75
N ARG A 540 -57.10 -64.77 -21.66
CA ARG A 540 -56.88 -65.42 -20.37
C ARG A 540 -58.14 -66.07 -19.84
N LYS A 541 -59.26 -65.36 -19.95
CA LYS A 541 -60.56 -65.91 -19.55
C LYS A 541 -60.91 -67.09 -20.44
N ALA A 542 -60.63 -66.94 -21.74
CA ALA A 542 -60.87 -68.02 -22.70
C ALA A 542 -59.84 -69.13 -22.53
N LEU A 543 -58.67 -68.79 -21.99
CA LEU A 543 -57.59 -69.76 -21.84
C LEU A 543 -57.77 -70.63 -20.59
N SER A 544 -58.23 -70.02 -19.51
CA SER A 544 -58.37 -70.73 -18.24
C SER A 544 -59.38 -71.88 -18.30
N LEU A 545 -60.51 -71.61 -18.94
CA LEU A 545 -61.56 -72.61 -19.13
C LEU A 545 -61.79 -72.79 -20.62
N GLY A 546 -62.49 -73.85 -20.99
CA GLY A 546 -62.82 -74.08 -22.38
C GLY A 546 -61.61 -74.22 -23.28
N ALA A 547 -61.51 -73.34 -24.28
CA ALA A 547 -60.55 -73.50 -25.37
C ALA A 547 -59.08 -73.54 -24.96
N TYR A 548 -58.35 -74.45 -25.61
CA TYR A 548 -56.90 -74.62 -25.46
C TYR A 548 -56.14 -73.38 -25.92
N PHE A 549 -54.84 -73.32 -25.61
CA PHE A 549 -54.01 -72.21 -26.06
C PHE A 549 -53.88 -72.19 -27.58
N ASN A 550 -53.72 -73.38 -28.17
CA ASN A 550 -53.62 -73.50 -29.62
C ASN A 550 -54.90 -73.03 -30.31
N GLU A 551 -56.05 -73.48 -29.81
CA GLU A 551 -57.33 -73.09 -30.37
C GLU A 551 -57.54 -71.59 -30.39
N ILE A 552 -57.12 -70.93 -29.31
CA ILE A 552 -57.28 -69.49 -29.20
C ILE A 552 -56.40 -68.73 -30.19
N MET A 553 -55.24 -69.30 -30.49
CA MET A 553 -54.31 -68.68 -31.44
C MET A 553 -54.79 -68.83 -32.87
N GLU A 554 -55.31 -70.00 -33.20
CA GLU A 554 -55.87 -70.24 -34.53
C GLU A 554 -57.19 -69.51 -34.70
N GLY A 555 -57.43 -68.98 -35.89
CA GLY A 555 -58.65 -68.25 -36.17
C GLY A 555 -58.59 -66.82 -35.67
N THR A 556 -57.51 -66.49 -34.96
CA THR A 556 -57.33 -65.15 -34.43
C THR A 556 -56.34 -64.35 -35.26
N VAL A 557 -55.90 -64.94 -36.37
CA VAL A 557 -54.92 -64.30 -37.24
C VAL A 557 -55.44 -63.00 -37.83
N ALA A 558 -56.69 -63.03 -38.30
CA ALA A 558 -57.30 -61.87 -38.93
C ALA A 558 -57.41 -60.69 -37.97
N VAL A 559 -57.89 -60.96 -36.77
CA VAL A 559 -58.07 -59.91 -35.76
C VAL A 559 -56.73 -59.42 -35.23
N ARG A 560 -55.81 -60.35 -34.97
CA ARG A 560 -54.49 -59.98 -34.46
C ARG A 560 -53.68 -59.21 -35.50
N GLU A 561 -53.86 -59.58 -36.76
CA GLU A 561 -53.14 -58.92 -37.86
C GLU A 561 -53.57 -57.46 -37.97
N ARG A 562 -54.84 -57.19 -37.72
CA ARG A 562 -55.35 -55.82 -37.77
C ARG A 562 -54.82 -55.02 -36.59
N ILE A 563 -54.70 -55.69 -35.44
CA ILE A 563 -54.10 -55.06 -34.27
C ILE A 563 -52.64 -54.72 -34.55
N SER A 564 -51.99 -55.60 -35.32
CA SER A 564 -50.59 -55.41 -35.68
C SER A 564 -50.40 -54.18 -36.54
N ARG A 565 -51.32 -53.97 -37.47
CA ARG A 565 -51.24 -52.86 -38.43
C ARG A 565 -52.11 -51.69 -38.00
N SER A 566 -52.60 -51.73 -36.77
CA SER A 566 -53.51 -50.72 -36.26
C SER A 566 -52.83 -49.37 -36.06
N LYS A 567 -51.52 -49.40 -35.87
CA LYS A 567 -50.75 -48.18 -35.63
C LYS A 567 -50.65 -47.31 -36.88
N TYR A 568 -50.89 -47.91 -38.03
CA TYR A 568 -50.80 -47.20 -39.31
C TYR A 568 -52.04 -46.37 -39.59
N ILE A 569 -53.10 -46.58 -38.80
CA ILE A 569 -54.34 -45.85 -38.98
C ILE A 569 -54.18 -44.36 -38.74
N PRO A 570 -54.69 -43.54 -39.68
CA PRO A 570 -54.64 -42.09 -39.61
C PRO A 570 -55.19 -41.53 -38.30
N GLU A 571 -54.66 -40.38 -37.86
CA GLU A 571 -55.07 -39.78 -36.60
C GLU A 571 -56.52 -39.31 -36.64
N GLU A 572 -56.95 -38.85 -37.81
CA GLU A 572 -58.32 -38.37 -37.99
C GLU A 572 -59.33 -39.50 -37.79
N GLU A 573 -59.04 -40.65 -38.39
CA GLU A 573 -59.89 -41.83 -38.23
C GLU A 573 -59.49 -42.60 -36.98
N LEU A 574 -59.64 -41.93 -35.84
CA LEU A 574 -59.19 -42.47 -34.56
C LEU A 574 -60.13 -43.56 -34.02
N ALA A 575 -61.40 -43.48 -34.40
CA ALA A 575 -62.40 -44.42 -33.93
C ALA A 575 -62.27 -45.79 -34.61
N LYS A 576 -61.73 -45.78 -35.83
CA LYS A 576 -61.57 -47.00 -36.61
C LYS A 576 -60.63 -47.99 -35.94
N ILE A 577 -59.55 -47.47 -35.35
CA ILE A 577 -58.55 -48.30 -34.71
C ILE A 577 -59.04 -48.83 -33.36
N SER A 578 -59.99 -48.13 -32.77
CA SER A 578 -60.55 -48.51 -31.48
C SER A 578 -61.65 -49.56 -31.64
N SER A 579 -61.92 -49.93 -32.88
CA SER A 579 -63.01 -50.86 -33.18
C SER A 579 -62.61 -52.31 -32.96
N ILE A 580 -61.37 -52.54 -32.56
CA ILE A 580 -60.86 -53.89 -32.38
C ILE A 580 -61.54 -54.60 -31.20
N ASN A 581 -61.88 -53.83 -30.17
CA ASN A 581 -62.51 -54.39 -28.98
C ASN A 581 -63.80 -55.12 -29.30
N GLU A 582 -64.53 -54.64 -30.30
CA GLU A 582 -65.76 -55.27 -30.74
C GLU A 582 -65.46 -56.66 -31.29
N GLU A 583 -64.44 -56.75 -32.14
CA GLU A 583 -64.08 -57.99 -32.79
C GLU A 583 -63.47 -59.00 -31.81
N ILE A 584 -62.60 -58.52 -30.94
CA ILE A 584 -61.97 -59.37 -29.94
C ILE A 584 -63.02 -59.97 -29.01
N LYS A 585 -63.95 -59.14 -28.55
CA LYS A 585 -65.05 -59.59 -27.71
C LYS A 585 -65.93 -60.60 -28.45
N GLU A 586 -66.18 -60.33 -29.72
CA GLU A 586 -67.01 -61.20 -30.55
C GLU A 586 -66.30 -62.52 -30.84
N THR A 587 -64.99 -62.45 -31.05
CA THR A 587 -64.20 -63.64 -31.36
C THR A 587 -64.18 -64.63 -30.19
N ILE A 588 -64.08 -64.11 -28.98
CA ILE A 588 -64.07 -64.93 -27.78
C ILE A 588 -65.38 -65.71 -27.65
N GLN A 589 -66.48 -65.07 -28.02
CA GLN A 589 -67.79 -65.69 -27.98
C GLN A 589 -67.91 -66.78 -29.03
N LEU A 590 -67.20 -66.58 -30.14
CA LEU A 590 -67.28 -67.49 -31.28
C LEU A 590 -66.52 -68.79 -31.02
N ILE A 591 -65.45 -68.70 -30.23
CA ILE A 591 -64.63 -69.87 -29.90
C ILE A 591 -65.44 -70.93 -29.16
N VAL A 592 -66.24 -70.50 -28.18
CA VAL A 592 -67.08 -71.40 -27.42
C VAL A 592 -68.20 -71.96 -28.30
N SER A 593 -68.26 -73.29 -28.39
CA SER A 593 -69.29 -73.95 -29.20
C SER A 593 -70.16 -74.85 -28.35
N MET B 8 9.25 -14.72 31.90
CA MET B 8 9.98 -15.43 30.86
C MET B 8 9.91 -14.67 29.54
N GLN B 9 9.59 -15.38 28.46
CA GLN B 9 9.49 -14.77 27.15
C GLN B 9 8.19 -15.11 26.43
N ILE B 10 7.69 -14.12 25.70
CA ILE B 10 6.42 -14.16 24.99
C ILE B 10 6.64 -13.97 23.51
N GLY B 11 6.05 -14.81 22.68
CA GLY B 11 6.20 -14.63 21.25
C GLY B 11 4.93 -14.30 20.51
N LYS B 12 4.96 -13.27 19.68
CA LYS B 12 3.79 -12.89 18.91
C LYS B 12 3.39 -13.97 17.92
N ILE B 13 2.09 -14.17 17.77
CA ILE B 13 1.57 -15.16 16.85
C ILE B 13 1.25 -14.57 15.49
N ILE B 14 1.83 -15.16 14.46
CA ILE B 14 1.62 -14.67 13.10
C ILE B 14 0.94 -15.71 12.22
N LYS B 15 0.93 -16.95 12.68
CA LYS B 15 0.26 -18.03 11.95
C LYS B 15 -1.01 -18.44 12.66
N VAL B 16 -2.14 -18.01 12.14
CA VAL B 16 -3.41 -18.40 12.70
C VAL B 16 -4.07 -19.48 11.87
N SER B 17 -3.27 -20.23 11.13
CA SER B 17 -3.78 -21.23 10.20
C SER B 17 -4.55 -22.36 10.85
N GLY B 18 -3.96 -22.99 11.83
CA GLY B 18 -4.65 -23.96 12.65
C GLY B 18 -3.87 -25.27 12.90
N PRO B 19 -3.36 -25.88 11.83
CA PRO B 19 -2.84 -27.25 11.88
C PRO B 19 -1.45 -27.28 12.50
N LEU B 20 -0.92 -26.09 12.73
CA LEU B 20 0.42 -25.92 13.23
C LEU B 20 0.47 -24.43 13.44
N VAL B 21 1.23 -23.99 14.42
CA VAL B 21 1.23 -22.58 14.76
C VAL B 21 2.65 -22.06 15.01
N MET B 22 3.15 -21.29 14.05
CA MET B 22 4.49 -20.71 14.15
C MET B 22 4.44 -19.34 14.83
N ALA B 23 5.23 -19.18 15.89
CA ALA B 23 5.24 -17.93 16.64
C ALA B 23 6.62 -17.28 16.61
N GLU B 24 6.65 -15.98 16.30
CA GLU B 24 7.91 -15.24 16.24
C GLU B 24 8.37 -14.84 17.63
N ASN B 25 9.68 -14.66 17.78
CA ASN B 25 10.29 -14.37 19.08
C ASN B 25 10.00 -15.45 20.10
N MET B 26 10.27 -16.70 19.71
CA MET B 26 10.09 -17.86 20.58
C MET B 26 11.40 -18.63 20.72
N SER B 27 12.50 -17.96 20.41
CA SER B 27 13.82 -18.58 20.43
C SER B 27 14.18 -19.18 21.78
N GLU B 28 13.61 -18.61 22.83
CA GLU B 28 13.86 -19.08 24.19
C GLU B 28 13.31 -20.49 24.41
N ALA B 29 12.20 -20.79 23.74
CA ALA B 29 11.53 -22.08 23.91
C ALA B 29 12.30 -23.23 23.26
N CYS B 30 12.05 -24.44 23.75
CA CYS B 30 12.72 -25.63 23.23
C CYS B 30 11.73 -26.54 22.53
N ILE B 31 12.25 -27.43 21.69
CA ILE B 31 11.40 -28.43 21.02
C ILE B 31 10.77 -29.37 22.04
N GLN B 32 9.57 -29.84 21.75
CA GLN B 32 8.85 -30.77 22.62
C GLN B 32 8.43 -30.11 23.94
N ASP B 33 8.46 -28.78 23.98
CA ASP B 33 8.02 -28.05 25.16
C ASP B 33 6.66 -27.38 24.91
N MET B 34 5.73 -27.58 25.83
CA MET B 34 4.39 -27.06 25.71
C MET B 34 4.34 -25.57 26.01
N CYS B 35 3.53 -24.83 25.27
CA CYS B 35 3.33 -23.40 25.52
C CYS B 35 1.92 -22.95 25.16
N LEU B 36 1.39 -22.02 25.93
CA LEU B 36 0.06 -21.48 25.66
C LEU B 36 0.08 -20.66 24.37
N VAL B 37 -1.04 -20.68 23.65
CA VAL B 37 -1.13 -19.98 22.37
C VAL B 37 -2.35 -19.06 22.32
N GLY B 38 -2.11 -17.78 22.07
CA GLY B 38 -3.19 -16.81 21.94
C GLY B 38 -3.66 -16.24 23.26
N ASP B 39 -4.68 -15.38 23.20
CA ASP B 39 -5.28 -14.80 24.39
C ASP B 39 -5.85 -15.89 25.29
N LEU B 40 -6.51 -16.87 24.67
CA LEU B 40 -7.08 -17.99 25.41
C LEU B 40 -5.97 -18.87 25.98
N GLY B 41 -4.78 -18.75 25.41
CA GLY B 41 -3.64 -19.53 25.84
C GLY B 41 -3.87 -21.02 25.62
N VAL B 42 -4.36 -21.37 24.44
CA VAL B 42 -4.63 -22.76 24.10
C VAL B 42 -3.34 -23.56 24.07
N ILE B 43 -3.35 -24.71 24.74
CA ILE B 43 -2.16 -25.55 24.86
C ILE B 43 -1.70 -26.06 23.50
N GLY B 44 -0.38 -26.25 23.35
CA GLY B 44 0.17 -26.70 22.08
C GLY B 44 1.58 -27.26 22.14
N GLU B 45 1.89 -28.14 21.19
CA GLU B 45 3.19 -28.79 21.10
C GLU B 45 4.07 -28.17 20.02
N ILE B 46 5.37 -28.10 20.28
CA ILE B 46 6.30 -27.61 19.27
C ILE B 46 7.22 -28.73 18.79
N ILE B 47 7.11 -29.09 17.52
CA ILE B 47 8.00 -30.08 16.93
C ILE B 47 8.97 -29.40 15.97
N GLU B 48 8.68 -28.14 15.65
CA GLU B 48 9.53 -27.38 14.74
C GLU B 48 9.89 -26.01 15.31
N MET B 49 11.19 -25.70 15.28
CA MET B 49 11.71 -24.45 15.83
C MET B 49 12.73 -23.83 14.87
N ARG B 50 12.51 -22.58 14.49
CA ARG B 50 13.35 -21.91 13.51
C ARG B 50 13.75 -20.49 13.95
N GLN B 51 14.95 -20.34 14.50
CA GLN B 51 15.42 -19.05 14.97
C GLN B 51 14.52 -18.52 16.09
N ASP B 52 14.00 -17.30 15.90
CA ASP B 52 13.09 -16.72 16.88
C ASP B 52 11.69 -17.28 16.70
N VAL B 53 11.38 -17.71 15.48
CA VAL B 53 10.06 -18.26 15.17
C VAL B 53 9.98 -19.73 15.55
N ALA B 54 8.86 -20.13 16.14
CA ALA B 54 8.67 -21.50 16.57
C ALA B 54 7.36 -22.07 16.03
N SER B 55 7.46 -23.17 15.30
CA SER B 55 6.31 -23.80 14.65
C SER B 55 5.59 -24.75 15.61
N ILE B 56 4.47 -24.30 16.16
CA ILE B 56 3.82 -25.00 17.26
C ILE B 56 2.50 -25.70 16.88
N GLN B 57 2.43 -27.00 17.16
CA GLN B 57 1.16 -27.71 17.13
C GLN B 57 0.22 -27.12 18.17
N VAL B 58 -1.07 -27.07 17.87
CA VAL B 58 -2.04 -26.53 18.82
C VAL B 58 -3.00 -27.62 19.28
N TYR B 59 -3.09 -27.80 20.60
CA TYR B 59 -3.93 -28.85 21.17
C TYR B 59 -5.41 -28.48 21.18
N GLU B 60 -5.72 -27.20 21.38
CA GLU B 60 -7.12 -26.77 21.48
C GLU B 60 -7.69 -26.38 20.12
N GLU B 61 -9.00 -26.18 20.08
CA GLU B 61 -9.66 -25.72 18.86
C GLU B 61 -9.07 -24.37 18.44
N THR B 62 -8.92 -24.17 17.13
CA THR B 62 -8.14 -23.05 16.63
C THR B 62 -8.97 -21.80 16.36
N SER B 63 -10.28 -21.98 16.23
CA SER B 63 -11.16 -20.87 15.85
C SER B 63 -11.09 -19.72 16.86
N GLY B 64 -11.02 -18.50 16.36
CA GLY B 64 -11.00 -17.33 17.21
C GLY B 64 -9.60 -16.82 17.54
N ILE B 65 -8.58 -17.41 16.92
CA ILE B 65 -7.20 -16.95 17.08
C ILE B 65 -6.78 -16.11 15.89
N GLY B 66 -5.84 -15.21 16.09
CA GLY B 66 -5.37 -14.34 15.02
C GLY B 66 -3.99 -13.75 15.26
N PRO B 67 -3.50 -12.96 14.30
CA PRO B 67 -2.19 -12.31 14.43
C PRO B 67 -2.18 -11.25 15.53
N GLY B 68 -1.17 -11.29 16.38
CA GLY B 68 -1.06 -10.34 17.47
C GLY B 68 -1.44 -10.95 18.81
N GLU B 69 -1.79 -12.23 18.79
CA GLU B 69 -2.20 -12.94 20.00
C GLU B 69 -1.02 -13.21 20.93
N PRO B 70 -1.26 -13.20 22.24
CA PRO B 70 -0.20 -13.45 23.22
C PRO B 70 0.17 -14.95 23.30
N VAL B 71 1.35 -15.29 23.79
CA VAL B 71 1.77 -16.68 23.87
C VAL B 71 2.46 -16.93 25.21
N ARG B 72 2.46 -18.16 25.69
CA ARG B 72 3.19 -18.40 26.93
C ARG B 72 3.79 -19.78 26.95
N SER B 73 5.10 -19.84 27.11
CA SER B 73 5.79 -21.13 27.08
C SER B 73 5.87 -21.73 28.48
N THR B 74 5.40 -22.97 28.61
CA THR B 74 5.46 -23.68 29.88
C THR B 74 6.91 -23.97 30.25
N GLY B 75 7.75 -24.09 29.23
CA GLY B 75 9.17 -24.33 29.43
C GLY B 75 9.49 -25.77 29.77
N GLU B 76 8.51 -26.65 29.59
CA GLU B 76 8.68 -28.06 29.90
C GLU B 76 7.81 -28.94 29.01
N ALA B 77 8.24 -30.17 28.79
CA ALA B 77 7.45 -31.12 28.02
C ALA B 77 6.16 -31.45 28.77
N LEU B 78 5.15 -31.92 28.03
CA LEU B 78 3.87 -32.24 28.63
C LEU B 78 4.04 -33.35 29.65
N SER B 79 3.55 -33.10 30.87
CA SER B 79 3.73 -34.05 31.96
C SER B 79 2.43 -34.29 32.72
N VAL B 80 2.34 -35.45 33.35
CA VAL B 80 1.18 -35.79 34.18
C VAL B 80 1.54 -35.69 35.66
N GLU B 81 0.65 -35.10 36.44
CA GLU B 81 0.85 -35.02 37.88
C GLU B 81 0.60 -36.38 38.52
N LEU B 82 1.55 -36.84 39.33
CA LEU B 82 1.46 -38.16 39.93
C LEU B 82 1.40 -38.07 41.45
N GLY B 83 0.20 -38.11 42.00
CA GLY B 83 0.00 -38.02 43.43
C GLY B 83 -1.38 -38.45 43.88
N PRO B 84 -1.60 -38.51 45.21
CA PRO B 84 -2.87 -38.91 45.82
C PRO B 84 -4.07 -38.18 45.24
N GLY B 85 -5.12 -38.93 44.89
CA GLY B 85 -6.32 -38.34 44.31
C GLY B 85 -6.37 -38.54 42.81
N ILE B 86 -5.22 -38.85 42.22
CA ILE B 86 -5.13 -39.13 40.79
C ILE B 86 -6.02 -40.29 40.40
N ILE B 87 -6.26 -41.18 41.35
CA ILE B 87 -6.95 -42.44 41.08
C ILE B 87 -8.46 -42.30 41.17
N SER B 88 -9.17 -43.11 40.38
CA SER B 88 -10.62 -43.03 40.26
C SER B 88 -11.04 -41.65 39.75
N GLN B 89 -10.21 -41.07 38.89
CA GLN B 89 -10.47 -39.76 38.33
C GLN B 89 -10.31 -39.77 36.81
N MET B 90 -11.24 -39.14 36.11
CA MET B 90 -11.18 -39.05 34.65
C MET B 90 -10.60 -37.71 34.20
N PHE B 91 -9.61 -37.77 33.31
CA PHE B 91 -8.98 -36.57 32.78
C PHE B 91 -9.08 -36.52 31.27
N ASP B 92 -8.77 -35.36 30.68
CA ASP B 92 -8.65 -35.24 29.25
C ASP B 92 -7.29 -35.76 28.80
N GLY B 93 -6.99 -35.63 27.51
CA GLY B 93 -5.69 -36.02 27.01
C GLY B 93 -4.59 -35.19 27.64
N ILE B 94 -4.95 -33.98 28.06
CA ILE B 94 -4.03 -33.08 28.73
C ILE B 94 -3.92 -33.46 30.21
N GLN B 95 -4.75 -34.41 30.62
CA GLN B 95 -4.82 -34.90 32.00
C GLN B 95 -5.46 -33.86 32.93
N ARG B 96 -6.41 -33.09 32.41
CA ARG B 96 -7.22 -32.22 33.24
C ARG B 96 -8.53 -32.92 33.57
N PRO B 97 -8.90 -32.95 34.87
CA PRO B 97 -10.11 -33.64 35.32
C PRO B 97 -11.37 -33.10 34.66
N LEU B 98 -12.24 -34.00 34.20
CA LEU B 98 -13.44 -33.60 33.47
C LEU B 98 -14.57 -33.16 34.40
N ASP B 99 -14.69 -33.82 35.55
CA ASP B 99 -15.74 -33.47 36.51
C ASP B 99 -15.45 -32.13 37.16
N THR B 100 -14.18 -31.89 37.46
CA THR B 100 -13.74 -30.62 38.03
C THR B 100 -13.91 -29.50 37.01
N PHE B 101 -13.78 -29.87 35.73
CA PHE B 101 -13.92 -28.93 34.63
C PHE B 101 -15.31 -28.30 34.59
N MET B 102 -16.32 -29.14 34.79
CA MET B 102 -17.71 -28.70 34.72
C MET B 102 -18.05 -27.69 35.82
N GLU B 103 -17.45 -27.87 36.99
CA GLU B 103 -17.70 -26.97 38.11
C GLU B 103 -17.10 -25.59 37.87
N VAL B 104 -15.87 -25.56 37.39
CA VAL B 104 -15.17 -24.31 37.12
C VAL B 104 -15.76 -23.59 35.90
N THR B 105 -16.20 -24.36 34.93
CA THR B 105 -16.72 -23.81 33.68
C THR B 105 -18.17 -23.36 33.83
N GLN B 106 -18.87 -23.94 34.80
CA GLN B 106 -20.28 -23.62 35.04
C GLN B 106 -21.15 -24.05 33.86
N SER B 107 -20.59 -24.87 32.97
CA SER B 107 -21.31 -25.36 31.81
C SER B 107 -20.93 -26.80 31.49
N ASN B 108 -21.91 -27.57 31.03
CA ASN B 108 -21.67 -28.96 30.64
C ASN B 108 -20.69 -29.06 29.47
N PHE B 109 -20.81 -28.11 28.54
CA PHE B 109 -19.99 -28.10 27.35
C PHE B 109 -18.54 -27.75 27.67
N LEU B 110 -17.61 -28.31 26.91
CA LEU B 110 -16.19 -28.03 27.09
C LEU B 110 -15.85 -26.60 26.67
N GLY B 111 -15.07 -25.92 27.51
CA GLY B 111 -14.63 -24.57 27.23
C GLY B 111 -13.13 -24.50 26.98
N ARG B 112 -12.74 -23.75 25.97
CA ARG B 112 -11.33 -23.62 25.61
C ARG B 112 -10.62 -22.58 26.46
N GLY B 113 -9.31 -22.77 26.65
CA GLY B 113 -8.51 -21.83 27.40
C GLY B 113 -8.61 -22.03 28.90
N VAL B 114 -9.37 -23.05 29.31
CA VAL B 114 -9.55 -23.35 30.72
C VAL B 114 -8.30 -24.00 31.32
N GLN B 115 -7.87 -23.50 32.47
CA GLN B 115 -6.70 -24.04 33.13
C GLN B 115 -7.06 -24.67 34.48
N LEU B 116 -6.70 -25.93 34.63
CA LEU B 116 -7.01 -26.68 35.85
C LEU B 116 -5.87 -27.60 36.27
N PRO B 117 -5.65 -27.72 37.58
CA PRO B 117 -4.67 -28.67 38.13
C PRO B 117 -5.05 -30.11 37.77
N ALA B 118 -4.08 -30.90 37.34
CA ALA B 118 -4.33 -32.30 37.01
C ALA B 118 -4.87 -33.05 38.21
N LEU B 119 -4.22 -32.87 39.35
CA LEU B 119 -4.65 -33.48 40.60
C LEU B 119 -4.94 -32.41 41.64
N ASP B 120 -5.97 -32.62 42.45
CA ASP B 120 -6.36 -31.65 43.46
C ASP B 120 -5.40 -31.65 44.64
N HIS B 121 -4.89 -30.47 44.98
CA HIS B 121 -3.96 -30.33 46.08
C HIS B 121 -4.69 -30.02 47.39
N GLU B 122 -5.95 -29.59 47.27
CA GLU B 122 -6.73 -29.19 48.42
C GLU B 122 -7.06 -30.36 49.35
N LYS B 123 -7.33 -31.53 48.77
CA LYS B 123 -7.62 -32.71 49.57
C LYS B 123 -6.39 -33.18 50.34
N GLN B 124 -6.58 -33.50 51.61
CA GLN B 124 -5.48 -33.93 52.47
C GLN B 124 -5.50 -35.45 52.66
N TRP B 125 -4.37 -36.09 52.35
CA TRP B 125 -4.24 -37.53 52.49
C TRP B 125 -3.24 -37.87 53.58
N TRP B 126 -3.55 -38.91 54.37
CA TRP B 126 -2.63 -39.38 55.40
C TRP B 126 -1.37 -39.97 54.77
N PHE B 127 -0.22 -39.65 55.35
CA PHE B 127 1.05 -40.21 54.90
C PHE B 127 1.74 -41.00 56.01
N GLU B 128 2.00 -42.28 55.74
CA GLU B 128 2.68 -43.13 56.71
C GLU B 128 4.11 -43.40 56.26
N ALA B 129 5.08 -42.95 57.07
CA ALA B 129 6.48 -43.13 56.74
C ALA B 129 7.01 -44.47 57.26
N THR B 130 7.50 -45.30 56.35
CA THR B 130 8.00 -46.63 56.71
C THR B 130 9.52 -46.68 56.74
N ILE B 131 10.17 -45.55 56.45
CA ILE B 131 11.62 -45.49 56.42
C ILE B 131 12.16 -44.64 57.57
N GLU B 132 13.23 -45.12 58.19
CA GLU B 132 13.83 -44.43 59.32
C GLU B 132 14.69 -43.26 58.88
N GLU B 133 14.93 -42.32 59.80
CA GLU B 133 15.72 -41.14 59.53
C GLU B 133 17.20 -41.48 59.42
N GLY B 134 17.93 -40.74 58.58
CA GLY B 134 19.36 -40.93 58.45
C GLY B 134 19.77 -42.08 57.57
N THR B 135 18.86 -42.53 56.70
CA THR B 135 19.16 -43.61 55.77
C THR B 135 19.22 -43.10 54.34
N GLU B 136 20.26 -43.51 53.61
CA GLU B 136 20.47 -43.06 52.24
C GLU B 136 19.53 -43.79 51.28
N VAL B 137 19.11 -43.09 50.24
CA VAL B 137 18.14 -43.64 49.29
C VAL B 137 18.57 -43.44 47.84
N SER B 138 17.98 -44.22 46.96
CA SER B 138 18.21 -44.10 45.53
C SER B 138 16.90 -43.77 44.82
N ALA B 139 16.97 -43.56 43.51
CA ALA B 139 15.76 -43.33 42.73
C ALA B 139 14.89 -44.58 42.73
N GLY B 140 13.60 -44.38 43.03
CA GLY B 140 12.66 -45.49 43.06
C GLY B 140 12.40 -45.99 44.47
N ASP B 141 13.19 -45.53 45.43
CA ASP B 141 12.99 -45.92 46.83
C ASP B 141 11.70 -45.33 47.38
N ILE B 142 11.01 -46.12 48.19
CA ILE B 142 9.72 -45.73 48.74
C ILE B 142 9.86 -45.24 50.19
N ILE B 143 9.58 -43.96 50.39
CA ILE B 143 9.70 -43.36 51.73
C ILE B 143 8.50 -43.71 52.61
N GLY B 144 7.32 -43.82 52.01
CA GLY B 144 6.12 -44.13 52.77
C GLY B 144 4.93 -44.50 51.91
N TYR B 145 3.90 -45.09 52.52
CA TYR B 145 2.72 -45.52 51.79
C TYR B 145 1.47 -44.75 52.22
N VAL B 146 0.56 -44.54 51.27
CA VAL B 146 -0.63 -43.72 51.51
C VAL B 146 -1.93 -44.45 51.15
N ASP B 147 -3.02 -44.07 51.82
CA ASP B 147 -4.32 -44.71 51.67
C ASP B 147 -5.20 -44.04 50.62
N GLU B 148 -4.89 -44.22 49.35
CA GLU B 148 -5.74 -43.65 48.30
C GLU B 148 -6.93 -44.58 48.03
N THR B 149 -6.78 -45.84 48.39
CA THR B 149 -7.85 -46.83 48.32
C THR B 149 -7.60 -47.96 49.30
N LYS B 150 -8.67 -48.68 49.68
CA LYS B 150 -8.54 -49.81 50.59
C LYS B 150 -7.80 -50.97 49.92
N ILE B 151 -8.06 -51.14 48.62
CA ILE B 151 -7.52 -52.27 47.87
C ILE B 151 -6.08 -52.04 47.43
N ILE B 152 -5.69 -50.79 47.24
CA ILE B 152 -4.33 -50.47 46.83
C ILE B 152 -3.76 -49.32 47.64
N GLN B 153 -2.61 -49.56 48.26
CA GLN B 153 -1.95 -48.56 49.10
C GLN B 153 -0.92 -47.77 48.29
N HIS B 154 -1.16 -46.47 48.14
CA HIS B 154 -0.26 -45.59 47.42
C HIS B 154 1.15 -45.65 48.01
N LYS B 155 2.16 -45.62 47.15
CA LYS B 155 3.55 -45.57 47.60
C LYS B 155 4.27 -44.35 47.06
N ILE B 156 5.07 -43.71 47.90
CA ILE B 156 5.78 -42.50 47.52
C ILE B 156 7.22 -42.79 47.12
N MET B 157 7.52 -42.59 45.85
CA MET B 157 8.85 -42.87 45.32
C MET B 157 9.65 -41.59 45.13
N VAL B 158 10.96 -41.68 45.36
CA VAL B 158 11.83 -40.52 45.21
C VAL B 158 11.97 -40.11 43.75
N PRO B 159 11.73 -38.82 43.46
CA PRO B 159 11.85 -38.27 42.10
C PRO B 159 13.21 -38.59 41.47
N ASN B 160 13.20 -38.95 40.19
CA ASN B 160 14.42 -39.33 39.49
C ASN B 160 15.41 -38.18 39.35
N GLY B 161 16.69 -38.52 39.31
CA GLY B 161 17.74 -37.53 39.19
C GLY B 161 18.14 -36.93 40.52
N ILE B 162 17.42 -37.31 41.57
CA ILE B 162 17.67 -36.80 42.91
C ILE B 162 17.92 -37.92 43.92
N LYS B 163 19.15 -37.97 44.45
CA LYS B 163 19.51 -38.97 45.44
C LYS B 163 20.28 -38.33 46.59
N GLY B 164 19.87 -38.65 47.81
CA GLY B 164 20.52 -38.09 48.99
C GLY B 164 19.97 -38.61 50.30
N THR B 165 20.68 -38.35 51.38
CA THR B 165 20.27 -38.80 52.71
C THR B 165 19.03 -38.04 53.20
N VAL B 166 18.16 -38.75 53.91
CA VAL B 166 16.94 -38.16 54.44
C VAL B 166 17.21 -37.37 55.72
N GLN B 167 17.09 -36.05 55.63
CA GLN B 167 17.36 -35.19 56.77
C GLN B 167 16.25 -35.25 57.80
N LYS B 168 15.03 -35.57 57.36
CA LYS B 168 13.89 -35.64 58.26
C LYS B 168 12.78 -36.52 57.71
N ILE B 169 12.07 -37.20 58.61
CA ILE B 169 10.95 -38.05 58.23
C ILE B 169 9.69 -37.64 59.00
N GLU B 170 8.65 -37.28 58.27
CA GLU B 170 7.41 -36.83 58.89
C GLU B 170 6.21 -37.64 58.43
N SER B 171 5.47 -38.19 59.39
CA SER B 171 4.27 -38.97 59.08
C SER B 171 3.02 -38.19 59.48
N GLY B 172 2.08 -38.05 58.55
CA GLY B 172 0.85 -37.34 58.82
C GLY B 172 0.00 -37.07 57.59
N SER B 173 -1.08 -36.31 57.80
CA SER B 173 -2.01 -35.98 56.72
C SER B 173 -1.91 -34.51 56.33
N PHE B 174 -1.34 -34.25 55.16
CA PHE B 174 -1.18 -32.88 54.67
C PHE B 174 -1.62 -32.78 53.21
N THR B 175 -1.71 -31.55 52.71
CA THR B 175 -1.95 -31.33 51.30
C THR B 175 -0.76 -31.89 50.52
N ILE B 176 -1.00 -32.38 49.31
CA ILE B 176 0.08 -32.94 48.51
C ILE B 176 1.09 -31.88 48.13
N ASP B 177 0.68 -30.61 48.19
CA ASP B 177 1.59 -29.50 47.95
C ASP B 177 2.58 -29.35 49.10
N ASP B 178 2.17 -29.77 50.29
CA ASP B 178 3.02 -29.65 51.47
C ASP B 178 4.08 -30.75 51.51
N PRO B 179 5.36 -30.35 51.48
CA PRO B 179 6.49 -31.28 51.58
C PRO B 179 6.80 -31.65 53.02
N ILE B 180 6.87 -32.95 53.30
CA ILE B 180 7.14 -33.41 54.66
C ILE B 180 8.42 -34.24 54.72
N CYS B 181 8.98 -34.56 53.56
CA CYS B 181 10.22 -35.32 53.49
C CYS B 181 11.36 -34.45 52.96
N VAL B 182 12.45 -34.41 53.72
CA VAL B 182 13.61 -33.61 53.35
C VAL B 182 14.78 -34.50 52.96
N ILE B 183 15.30 -34.30 51.75
CA ILE B 183 16.41 -35.10 51.24
C ILE B 183 17.64 -34.24 51.01
N GLU B 184 18.81 -34.77 51.37
CA GLU B 184 20.04 -33.99 51.30
C GLU B 184 20.97 -34.49 50.19
N THR B 185 21.07 -33.71 49.12
CA THR B 185 21.96 -34.04 48.01
C THR B 185 23.27 -33.29 48.16
N GLU B 186 24.26 -33.66 47.34
CA GLU B 186 25.57 -33.04 47.41
C GLU B 186 25.54 -31.58 46.96
N GLN B 187 24.62 -31.27 46.05
CA GLN B 187 24.53 -29.94 45.47
C GLN B 187 23.60 -29.03 46.29
N GLY B 188 22.53 -29.61 46.82
CA GLY B 188 21.58 -28.85 47.61
C GLY B 188 20.62 -29.69 48.41
N LEU B 189 20.00 -29.06 49.42
CA LEU B 189 18.99 -29.72 50.24
C LEU B 189 17.59 -29.31 49.80
N LYS B 190 16.79 -30.30 49.40
CA LYS B 190 15.44 -30.00 48.90
C LYS B 190 14.39 -30.92 49.49
N GLU B 191 13.19 -30.38 49.71
CA GLU B 191 12.07 -31.16 50.20
C GLU B 191 11.07 -31.39 49.06
N LEU B 192 10.57 -32.61 48.96
CA LEU B 192 9.74 -32.99 47.83
C LEU B 192 8.33 -33.43 48.23
N THR B 193 7.35 -32.98 47.45
CA THR B 193 5.96 -33.32 47.68
C THR B 193 5.69 -34.78 47.31
N MET B 194 4.54 -35.30 47.77
CA MET B 194 4.10 -36.64 47.38
C MET B 194 3.96 -36.71 45.87
N MET B 195 3.36 -35.67 45.31
CA MET B 195 3.12 -35.56 43.88
C MET B 195 4.43 -35.51 43.09
N GLN B 196 4.48 -36.27 42.00
CA GLN B 196 5.65 -36.28 41.13
C GLN B 196 5.27 -35.88 39.71
N LYS B 197 6.09 -35.06 39.08
CA LYS B 197 5.83 -34.61 37.72
C LYS B 197 6.86 -35.19 36.75
N TRP B 198 6.38 -35.91 35.75
CA TRP B 198 7.24 -36.56 34.77
C TRP B 198 6.70 -36.40 33.36
N PRO B 199 7.59 -36.12 32.39
CA PRO B 199 7.21 -35.93 30.98
C PRO B 199 6.49 -37.15 30.40
N VAL B 200 5.35 -36.90 29.77
CA VAL B 200 4.51 -37.98 29.26
C VAL B 200 5.16 -38.74 28.10
N ARG B 201 5.99 -38.05 27.34
CA ARG B 201 6.60 -38.66 26.16
C ARG B 201 7.80 -39.53 26.50
N ARG B 202 8.54 -39.13 27.54
CA ARG B 202 9.71 -39.89 27.93
C ARG B 202 9.32 -41.11 28.76
N GLY B 203 9.94 -42.24 28.46
CA GLY B 203 9.65 -43.48 29.17
C GLY B 203 10.21 -43.48 30.58
N ARG B 204 9.51 -44.15 31.49
CA ARG B 204 9.94 -44.22 32.88
C ARG B 204 11.19 -45.08 33.03
N PRO B 205 12.16 -44.60 33.82
CA PRO B 205 13.43 -45.28 34.08
C PRO B 205 13.23 -46.62 34.79
N ILE B 206 13.72 -47.70 34.19
CA ILE B 206 13.64 -49.01 34.80
C ILE B 206 15.02 -49.67 34.81
N LYS B 207 15.29 -50.46 35.85
CA LYS B 207 16.60 -51.10 35.99
C LYS B 207 16.80 -52.18 34.94
N GLN B 208 15.79 -52.99 34.71
CA GLN B 208 15.89 -54.10 33.77
C GLN B 208 14.55 -54.72 33.44
N LYS B 209 14.39 -55.16 32.20
CA LYS B 209 13.17 -55.82 31.77
C LYS B 209 13.26 -57.33 31.98
N LEU B 210 12.11 -57.96 32.23
CA LEU B 210 12.06 -59.41 32.40
C LEU B 210 11.10 -60.02 31.40
N ASN B 211 11.49 -61.15 30.82
CA ASN B 211 10.58 -61.92 29.98
C ASN B 211 9.40 -62.40 30.82
N PRO B 212 8.22 -61.81 30.60
CA PRO B 212 7.07 -62.15 31.43
C PRO B 212 6.59 -63.58 31.21
N ASP B 213 6.42 -64.32 32.30
CA ASP B 213 6.02 -65.72 32.24
C ASP B 213 4.59 -65.92 32.74
N VAL B 214 4.18 -65.07 33.68
CA VAL B 214 2.86 -65.19 34.30
C VAL B 214 1.76 -64.64 33.39
N PRO B 215 0.84 -65.53 32.97
CA PRO B 215 -0.31 -65.15 32.14
C PRO B 215 -1.45 -64.58 32.96
N MET B 216 -1.97 -63.42 32.54
CA MET B 216 -3.09 -62.79 33.22
C MET B 216 -4.41 -63.46 32.82
N ILE B 217 -5.31 -63.61 33.78
CA ILE B 217 -6.65 -64.09 33.49
C ILE B 217 -7.59 -62.92 33.29
N THR B 218 -8.28 -62.89 32.15
CA THR B 218 -9.16 -61.79 31.81
C THR B 218 -10.62 -62.14 32.07
N GLY B 219 -10.84 -63.33 32.63
CA GLY B 219 -12.19 -63.81 32.86
C GLY B 219 -12.83 -64.24 31.55
N GLN B 220 -12.06 -64.11 30.47
CA GLN B 220 -12.51 -64.48 29.14
C GLN B 220 -11.87 -65.79 28.70
N ARG B 221 -12.71 -66.71 28.23
CA ARG B 221 -12.25 -68.04 27.86
C ARG B 221 -11.39 -68.08 26.61
N VAL B 222 -11.94 -67.58 25.51
CA VAL B 222 -11.24 -67.55 24.22
C VAL B 222 -9.89 -66.85 24.35
N ILE B 223 -9.83 -65.87 25.25
CA ILE B 223 -8.60 -65.14 25.50
C ILE B 223 -7.62 -65.94 26.37
N ASP B 224 -8.14 -66.81 27.23
CA ASP B 224 -7.27 -67.57 28.11
C ASP B 224 -6.90 -68.93 27.54
N THR B 225 -7.88 -69.61 26.97
CA THR B 225 -7.69 -70.98 26.50
C THR B 225 -6.78 -71.06 25.28
N PHE B 226 -6.94 -70.12 24.36
CA PHE B 226 -6.27 -70.21 23.07
C PHE B 226 -5.22 -69.13 22.86
N PHE B 227 -5.55 -67.91 23.26
CA PHE B 227 -4.64 -66.77 23.05
C PHE B 227 -4.35 -66.05 24.35
N PRO B 228 -3.82 -66.79 25.34
CA PRO B 228 -3.56 -66.29 26.70
C PRO B 228 -2.56 -65.16 26.73
N VAL B 229 -2.98 -64.00 27.21
CA VAL B 229 -2.11 -62.85 27.31
C VAL B 229 -1.30 -62.88 28.60
N THR B 230 0.00 -63.14 28.47
CA THR B 230 0.90 -63.11 29.62
C THR B 230 0.97 -61.69 30.17
N LYS B 231 1.23 -61.57 31.47
CA LYS B 231 1.42 -60.26 32.09
C LYS B 231 2.49 -59.48 31.34
N GLY B 232 2.36 -58.15 31.30
CA GLY B 232 3.32 -57.32 30.61
C GLY B 232 3.51 -57.68 29.16
N GLY B 233 2.48 -58.28 28.56
CA GLY B 233 2.52 -58.67 27.16
C GLY B 233 1.47 -57.97 26.35
N ALA B 234 1.90 -57.19 25.36
CA ALA B 234 1.00 -56.40 24.54
C ALA B 234 0.04 -57.27 23.73
N ALA B 235 -1.16 -56.75 23.50
CA ALA B 235 -2.16 -57.45 22.71
C ALA B 235 -2.82 -56.49 21.72
N ALA B 236 -2.98 -56.94 20.48
CA ALA B 236 -3.55 -56.11 19.43
C ALA B 236 -4.66 -56.82 18.67
N VAL B 237 -5.76 -56.10 18.43
CA VAL B 237 -6.94 -56.67 17.78
C VAL B 237 -7.41 -55.79 16.62
N PRO B 238 -7.39 -56.34 15.39
CA PRO B 238 -7.98 -55.64 14.24
C PRO B 238 -9.36 -56.22 13.90
N GLY B 239 -10.36 -55.36 13.81
CA GLY B 239 -11.71 -55.81 13.52
C GLY B 239 -12.56 -54.76 12.86
N PRO B 240 -13.61 -55.21 12.16
CA PRO B 240 -14.58 -54.31 11.51
C PRO B 240 -15.43 -53.58 12.54
N PHE B 241 -16.26 -52.66 12.08
CA PHE B 241 -17.15 -51.93 12.98
C PHE B 241 -18.30 -52.81 13.44
N GLY B 242 -18.49 -52.88 14.75
CA GLY B 242 -19.51 -53.72 15.33
C GLY B 242 -18.96 -55.08 15.72
N ALA B 243 -17.63 -55.21 15.66
CA ALA B 243 -16.96 -56.46 15.96
C ALA B 243 -16.88 -56.71 17.47
N GLY B 244 -17.20 -55.70 18.26
CA GLY B 244 -17.18 -55.84 19.70
C GLY B 244 -15.82 -55.62 20.31
N LYS B 245 -14.93 -54.95 19.56
CA LYS B 245 -13.57 -54.69 20.02
C LYS B 245 -13.58 -53.91 21.33
N THR B 246 -14.42 -52.87 21.38
CA THR B 246 -14.54 -52.04 22.57
C THR B 246 -15.06 -52.86 23.74
N VAL B 247 -15.98 -53.78 23.46
CA VAL B 247 -16.54 -54.65 24.48
C VAL B 247 -15.46 -55.55 25.06
N VAL B 248 -14.56 -56.00 24.22
CA VAL B 248 -13.44 -56.82 24.66
C VAL B 248 -12.56 -56.05 25.64
N GLN B 249 -12.12 -54.87 25.23
CA GLN B 249 -11.28 -54.02 26.07
C GLN B 249 -11.93 -53.74 27.42
N HIS B 250 -13.23 -53.46 27.39
CA HIS B 250 -14.00 -53.27 28.61
C HIS B 250 -13.94 -54.52 29.49
N GLN B 251 -14.39 -55.64 28.94
CA GLN B 251 -14.41 -56.91 29.65
C GLN B 251 -13.05 -57.26 30.25
N ILE B 252 -12.00 -57.21 29.42
CA ILE B 252 -10.66 -57.52 29.88
C ILE B 252 -10.25 -56.60 31.03
N ALA B 253 -10.44 -55.30 30.84
CA ALA B 253 -10.08 -54.31 31.84
C ALA B 253 -10.80 -54.53 33.16
N LYS B 254 -12.13 -54.58 33.10
CA LYS B 254 -12.96 -54.70 34.29
C LYS B 254 -12.77 -56.04 35.01
N TRP B 255 -12.54 -57.11 34.24
CA TRP B 255 -12.41 -58.44 34.83
C TRP B 255 -10.97 -58.81 35.19
N SER B 256 -10.01 -58.11 34.58
CA SER B 256 -8.59 -58.39 34.83
C SER B 256 -8.30 -58.37 36.32
N ASP B 257 -7.41 -59.26 36.76
CA ASP B 257 -7.05 -59.35 38.17
C ASP B 257 -5.94 -58.36 38.50
N VAL B 258 -5.50 -57.60 37.50
CA VAL B 258 -4.44 -56.62 37.67
C VAL B 258 -4.86 -55.54 38.67
N ASP B 259 -3.89 -55.03 39.41
CA ASP B 259 -4.14 -53.98 40.38
C ASP B 259 -4.65 -52.73 39.69
N LEU B 260 -3.92 -52.28 38.68
CA LEU B 260 -4.30 -51.06 37.96
C LEU B 260 -4.74 -51.35 36.53
N VAL B 261 -5.88 -50.77 36.15
CA VAL B 261 -6.31 -50.81 34.77
C VAL B 261 -6.44 -49.40 34.21
N VAL B 262 -5.90 -49.19 33.02
CA VAL B 262 -5.92 -47.87 32.40
C VAL B 262 -6.73 -47.91 31.11
N TYR B 263 -7.95 -47.40 31.17
CA TYR B 263 -8.80 -47.33 29.98
C TYR B 263 -8.82 -45.92 29.44
N VAL B 264 -8.20 -45.72 28.28
CA VAL B 264 -8.11 -44.42 27.67
C VAL B 264 -9.19 -44.23 26.61
N GLY B 265 -10.07 -43.26 26.84
CA GLY B 265 -11.14 -42.96 25.90
C GLY B 265 -10.65 -42.08 24.78
N CYS B 266 -9.75 -42.61 23.95
CA CYS B 266 -9.18 -41.86 22.85
C CYS B 266 -9.87 -42.16 21.52
N GLY B 267 -10.54 -41.15 20.97
CA GLY B 267 -11.20 -41.28 19.69
C GLY B 267 -12.43 -42.15 19.73
N GLU B 268 -13.07 -42.22 20.90
CA GLU B 268 -14.28 -43.01 21.05
C GLU B 268 -15.50 -42.13 21.30
N ARG B 269 -16.68 -42.74 21.28
CA ARG B 269 -17.92 -42.02 21.53
C ARG B 269 -18.02 -41.63 22.99
N GLY B 270 -18.74 -40.55 23.26
CA GLY B 270 -18.94 -40.09 24.62
C GLY B 270 -19.74 -41.08 25.44
N ASN B 271 -20.63 -41.81 24.76
CA ASN B 271 -21.47 -42.81 25.42
C ASN B 271 -20.65 -43.94 26.03
N GLU B 272 -19.61 -44.35 25.32
CA GLU B 272 -18.74 -45.43 25.78
C GLU B 272 -18.02 -45.03 27.07
N MET B 273 -17.51 -43.80 27.11
CA MET B 273 -16.82 -43.31 28.29
C MET B 273 -17.80 -43.00 29.42
N THR B 274 -19.01 -42.60 29.05
CA THR B 274 -20.06 -42.33 30.04
C THR B 274 -20.50 -43.63 30.71
N ASP B 275 -20.56 -44.70 29.92
CA ASP B 275 -21.01 -45.99 30.41
C ASP B 275 -20.05 -46.57 31.45
N VAL B 276 -18.75 -46.41 31.20
CA VAL B 276 -17.72 -46.94 32.09
C VAL B 276 -17.74 -46.22 33.44
N VAL B 277 -17.90 -44.91 33.41
CA VAL B 277 -17.86 -44.09 34.61
C VAL B 277 -19.09 -44.30 35.49
N ASN B 278 -20.12 -44.93 34.94
CA ASN B 278 -21.35 -45.18 35.69
C ASN B 278 -21.47 -46.64 36.08
N GLU B 279 -20.91 -47.52 35.27
CA GLU B 279 -21.00 -48.95 35.52
C GLU B 279 -20.22 -49.37 36.76
N PHE B 280 -18.99 -48.89 36.87
CA PHE B 280 -18.11 -49.28 37.95
C PHE B 280 -18.68 -48.82 39.30
N PRO B 281 -19.18 -47.58 39.36
CA PRO B 281 -19.78 -47.07 40.60
C PRO B 281 -21.05 -47.79 40.97
N GLU B 282 -21.92 -48.04 39.99
CA GLU B 282 -23.21 -48.66 40.24
C GLU B 282 -23.08 -50.10 40.72
N LEU B 283 -22.20 -50.83 40.07
CA LEU B 283 -21.96 -52.22 40.42
C LEU B 283 -20.48 -52.52 40.59
N ILE B 284 -20.13 -53.02 41.78
CA ILE B 284 -18.77 -53.38 42.10
C ILE B 284 -18.62 -54.84 42.46
N ASP B 285 -17.59 -55.46 41.89
CA ASP B 285 -17.34 -56.88 42.11
C ASP B 285 -17.28 -57.26 43.59
N PRO B 286 -17.97 -58.36 43.90
CA PRO B 286 -18.16 -58.84 45.26
C PRO B 286 -17.11 -59.86 45.65
N ASN B 287 -16.60 -60.55 44.63
CA ASN B 287 -15.54 -61.53 44.79
C ASN B 287 -14.27 -60.89 45.33
N THR B 288 -13.94 -59.71 44.82
CA THR B 288 -12.70 -59.04 45.19
C THR B 288 -12.89 -57.56 45.51
N GLY B 289 -14.12 -57.06 45.48
CA GLY B 289 -14.37 -55.65 45.74
C GLY B 289 -14.31 -55.31 47.21
N GLU B 290 -14.72 -54.08 47.56
CA GLU B 290 -15.22 -53.09 46.61
C GLU B 290 -14.53 -51.75 46.83
N SER B 291 -14.67 -50.79 45.91
CA SER B 291 -15.45 -50.94 44.68
C SER B 291 -14.59 -50.59 43.46
N LEU B 292 -15.13 -50.85 42.27
CA LEU B 292 -14.31 -50.93 41.04
C LEU B 292 -13.51 -49.68 40.65
N MET B 293 -14.16 -48.53 40.51
CA MET B 293 -13.49 -47.32 40.04
C MET B 293 -12.20 -47.05 40.82
N GLU B 294 -12.14 -47.57 42.04
CA GLU B 294 -10.95 -47.51 42.86
C GLU B 294 -9.76 -48.16 42.19
N ARG B 295 -10.01 -49.16 41.36
CA ARG B 295 -8.94 -49.88 40.67
C ARG B 295 -8.54 -49.19 39.36
N THR B 296 -9.21 -48.10 39.02
CA THR B 296 -9.12 -47.57 37.65
C THR B 296 -8.77 -46.09 37.50
N VAL B 297 -8.11 -45.78 36.38
CA VAL B 297 -7.87 -44.41 35.94
C VAL B 297 -8.23 -44.32 34.47
N LEU B 298 -8.91 -43.25 34.08
CA LEU B 298 -9.65 -43.20 32.83
C LEU B 298 -9.45 -41.87 32.09
N ILE B 299 -8.64 -41.87 31.03
CA ILE B 299 -8.43 -40.66 30.23
C ILE B 299 -9.35 -40.65 29.01
N ALA B 300 -10.25 -39.67 28.95
CA ALA B 300 -11.27 -39.64 27.92
C ALA B 300 -11.11 -38.47 26.94
N ASN B 301 -10.85 -38.80 25.68
CA ASN B 301 -10.84 -37.80 24.61
C ASN B 301 -11.83 -38.15 23.52
N THR B 302 -13.01 -37.53 23.57
CA THR B 302 -14.04 -37.76 22.57
C THR B 302 -13.50 -37.43 21.18
N SER B 303 -14.00 -38.13 20.16
CA SER B 303 -13.55 -37.91 18.79
C SER B 303 -13.79 -36.48 18.34
N ASN B 304 -14.81 -35.85 18.92
CA ASN B 304 -15.12 -34.46 18.61
C ASN B 304 -14.18 -33.51 19.33
N MET B 305 -13.48 -34.01 20.35
CA MET B 305 -12.43 -33.24 20.99
C MET B 305 -11.27 -33.10 20.00
N PRO B 306 -10.30 -32.22 20.33
CA PRO B 306 -9.14 -31.98 19.46
C PRO B 306 -8.46 -33.25 18.97
N VAL B 307 -8.23 -33.32 17.66
CA VAL B 307 -7.61 -34.49 17.05
C VAL B 307 -6.17 -34.65 17.53
N ALA B 308 -5.48 -33.53 17.71
CA ALA B 308 -4.09 -33.56 18.15
C ALA B 308 -3.97 -34.05 19.59
N ALA B 309 -5.03 -33.88 20.37
CA ALA B 309 -5.03 -34.28 21.76
C ALA B 309 -5.03 -35.79 21.92
N ARG B 310 -5.46 -36.49 20.87
CA ARG B 310 -5.48 -37.95 20.87
C ARG B 310 -4.09 -38.52 21.10
N GLU B 311 -3.09 -37.87 20.49
CA GLU B 311 -1.70 -38.27 20.65
C GLU B 311 -1.25 -38.11 22.10
N ALA B 312 -1.66 -37.00 22.71
CA ALA B 312 -1.29 -36.71 24.10
C ALA B 312 -1.98 -37.67 25.08
N SER B 313 -3.18 -38.11 24.71
CA SER B 313 -3.95 -39.01 25.56
C SER B 313 -3.23 -40.35 25.75
N ILE B 314 -2.63 -40.85 24.68
CA ILE B 314 -1.91 -42.11 24.71
C ILE B 314 -0.67 -42.02 25.62
N TYR B 315 0.07 -40.92 25.49
CA TYR B 315 1.28 -40.72 26.27
C TYR B 315 0.98 -40.50 27.74
N THR B 316 -0.13 -39.83 28.03
CA THR B 316 -0.54 -39.56 29.41
C THR B 316 -1.05 -40.84 30.07
N GLY B 317 -1.78 -41.64 29.31
CA GLY B 317 -2.33 -42.89 29.83
C GLY B 317 -1.26 -43.90 30.18
N ILE B 318 -0.22 -43.96 29.35
CA ILE B 318 0.87 -44.90 29.56
C ILE B 318 1.80 -44.42 30.68
N THR B 319 1.85 -43.10 30.87
CA THR B 319 2.69 -42.52 31.91
C THR B 319 2.08 -42.74 33.28
N ILE B 320 0.76 -42.58 33.37
CA ILE B 320 0.05 -42.85 34.61
C ILE B 320 0.20 -44.30 35.01
N ALA B 321 0.07 -45.19 34.03
CA ALA B 321 0.17 -46.62 34.28
C ALA B 321 1.59 -47.03 34.71
N GLU B 322 2.59 -46.32 34.19
CA GLU B 322 3.98 -46.65 34.48
C GLU B 322 4.42 -46.18 35.86
N TYR B 323 3.85 -45.09 36.34
CA TYR B 323 4.16 -44.61 37.68
C TYR B 323 3.70 -45.61 38.73
N PHE B 324 2.53 -46.19 38.51
CA PHE B 324 1.98 -47.19 39.42
C PHE B 324 2.65 -48.55 39.19
N ARG B 325 3.08 -48.79 37.95
CA ARG B 325 3.83 -50.00 37.64
C ARG B 325 5.18 -50.00 38.37
N ASP B 326 5.80 -48.82 38.43
CA ASP B 326 7.06 -48.65 39.14
C ASP B 326 6.91 -48.98 40.62
N MET B 327 5.67 -48.95 41.11
CA MET B 327 5.38 -49.29 42.49
C MET B 327 5.46 -50.80 42.72
N GLY B 328 5.53 -51.55 41.63
CA GLY B 328 5.58 -53.00 41.71
C GLY B 328 4.19 -53.61 41.71
N TYR B 329 3.26 -52.91 41.06
CA TYR B 329 1.88 -53.39 40.96
C TYR B 329 1.52 -53.71 39.52
N ASP B 330 0.90 -54.86 39.30
CA ASP B 330 0.50 -55.28 37.96
C ASP B 330 -0.56 -54.35 37.38
N VAL B 331 -0.27 -53.79 36.21
CA VAL B 331 -1.17 -52.85 35.58
C VAL B 331 -1.61 -53.32 34.19
N ALA B 332 -2.84 -52.97 33.81
CA ALA B 332 -3.37 -53.31 32.50
C ALA B 332 -3.98 -52.08 31.84
N ILE B 333 -3.37 -51.64 30.74
CA ILE B 333 -3.85 -50.44 30.05
C ILE B 333 -4.50 -50.79 28.71
N MET B 334 -5.80 -50.52 28.60
CA MET B 334 -6.52 -50.74 27.35
C MET B 334 -6.92 -49.42 26.70
N ALA B 335 -6.37 -49.17 25.53
CA ALA B 335 -6.61 -47.91 24.82
C ALA B 335 -7.39 -48.13 23.52
N ASP B 336 -8.64 -47.67 23.51
CA ASP B 336 -9.46 -47.72 22.31
C ASP B 336 -9.83 -46.29 21.91
N SER B 337 -9.63 -45.96 20.65
CA SER B 337 -8.99 -46.85 19.69
C SER B 337 -7.60 -46.34 19.34
N THR B 338 -6.61 -47.23 19.42
CA THR B 338 -5.22 -46.87 19.14
C THR B 338 -5.02 -46.47 17.69
N SER B 339 -5.94 -46.88 16.83
CA SER B 339 -5.86 -46.55 15.41
C SER B 339 -6.21 -45.08 15.18
N ARG B 340 -7.03 -44.53 16.06
CA ARG B 340 -7.42 -43.12 15.95
C ARG B 340 -6.26 -42.21 16.28
N TRP B 341 -5.35 -42.69 17.11
CA TRP B 341 -4.11 -41.97 17.42
C TRP B 341 -3.30 -41.78 16.14
N ALA B 342 -3.17 -42.84 15.36
CA ALA B 342 -2.42 -42.81 14.12
C ALA B 342 -3.01 -41.80 13.13
N GLU B 343 -4.33 -41.66 13.16
CA GLU B 343 -5.00 -40.71 12.27
C GLU B 343 -4.67 -39.27 12.67
N ALA B 344 -4.43 -39.05 13.96
CA ALA B 344 -4.08 -37.72 14.45
C ALA B 344 -2.74 -37.27 13.88
N LEU B 345 -1.84 -38.24 13.68
CA LEU B 345 -0.52 -37.94 13.14
C LEU B 345 -0.59 -37.61 11.65
N ARG B 346 -1.51 -38.25 10.94
CA ARG B 346 -1.71 -37.99 9.51
C ARG B 346 -2.15 -36.55 9.28
N GLU B 347 -3.13 -36.12 10.06
CA GLU B 347 -3.63 -34.74 10.01
C GLU B 347 -2.49 -33.73 10.12
N MET B 348 -1.49 -34.06 10.92
CA MET B 348 -0.41 -33.13 11.20
C MET B 348 0.68 -33.17 10.14
N SER B 349 1.07 -34.38 9.73
CA SER B 349 2.08 -34.54 8.70
C SER B 349 1.66 -33.86 7.39
N GLY B 350 0.38 -33.98 7.06
CA GLY B 350 -0.15 -33.40 5.84
C GLY B 350 -0.14 -31.88 5.85
N ARG B 351 -0.45 -31.30 7.00
CA ARG B 351 -0.52 -29.85 7.14
C ARG B 351 0.87 -29.23 7.19
N LEU B 352 1.84 -29.99 7.70
CA LEU B 352 3.23 -29.56 7.69
C LEU B 352 3.80 -29.70 6.28
N GLU B 353 3.01 -30.28 5.39
CA GLU B 353 3.42 -30.54 4.01
C GLU B 353 4.54 -31.59 3.98
N GLU B 354 4.66 -32.35 5.05
CA GLU B 354 5.66 -33.39 5.15
C GLU B 354 5.26 -34.63 4.37
N MET B 355 6.24 -35.47 4.04
CA MET B 355 6.00 -36.67 3.24
C MET B 355 5.43 -37.81 4.08
N PRO B 356 4.34 -38.42 3.61
CA PRO B 356 3.79 -39.63 4.22
C PRO B 356 4.36 -40.89 3.57
N GLY B 357 4.72 -41.88 4.40
CA GLY B 357 5.30 -43.12 3.89
C GLY B 357 4.28 -44.00 3.20
N ASP B 358 3.22 -44.36 3.91
CA ASP B 358 2.20 -45.24 3.37
C ASP B 358 0.82 -44.94 3.96
N GLU B 359 -0.20 -44.96 3.11
CA GLU B 359 -1.57 -44.75 3.54
C GLU B 359 -1.79 -43.35 4.12
N GLY B 360 -0.93 -42.41 3.72
CA GLY B 360 -1.08 -41.03 4.14
C GLY B 360 -0.68 -40.76 5.58
N TYR B 361 -0.15 -41.78 6.25
CA TYR B 361 0.33 -41.60 7.61
C TYR B 361 1.81 -41.26 7.61
N PRO B 362 2.34 -40.78 8.75
CA PRO B 362 3.77 -40.48 8.86
C PRO B 362 4.61 -41.74 8.61
N ALA B 363 5.68 -41.60 7.84
CA ALA B 363 6.53 -42.74 7.50
C ALA B 363 7.13 -43.37 8.75
N TYR B 364 7.28 -42.59 9.81
CA TYR B 364 7.85 -43.08 11.06
C TYR B 364 6.77 -43.42 12.07
N LEU B 365 5.54 -43.59 11.58
CA LEU B 365 4.40 -43.95 12.44
C LEU B 365 4.67 -45.24 13.22
N GLY B 366 5.28 -46.20 12.55
CA GLY B 366 5.59 -47.48 13.17
C GLY B 366 6.52 -47.33 14.36
N SER B 367 7.38 -46.31 14.31
CA SER B 367 8.31 -46.04 15.39
C SER B 367 7.57 -45.59 16.66
N ARG B 368 6.65 -44.65 16.48
CA ARG B 368 5.83 -44.14 17.58
C ARG B 368 5.08 -45.29 18.25
N LEU B 369 4.48 -46.15 17.44
CA LEU B 369 3.75 -47.31 17.93
C LEU B 369 4.68 -48.24 18.71
N ALA B 370 5.80 -48.59 18.09
CA ALA B 370 6.78 -49.49 18.69
C ALA B 370 7.26 -48.97 20.04
N GLU B 371 7.59 -47.68 20.09
CA GLU B 371 8.09 -47.06 21.32
C GLU B 371 7.04 -47.07 22.42
N TYR B 372 5.79 -46.78 22.05
CA TYR B 372 4.70 -46.81 23.01
C TYR B 372 4.42 -48.23 23.49
N TYR B 373 4.42 -49.17 22.55
CA TYR B 373 4.21 -50.57 22.89
C TYR B 373 5.40 -51.13 23.67
N GLU B 374 6.59 -50.63 23.36
CA GLU B 374 7.81 -51.10 24.01
C GLU B 374 7.80 -50.87 25.51
N ARG B 375 7.30 -49.70 25.92
CA ARG B 375 7.26 -49.32 27.33
C ARG B 375 6.48 -50.34 28.15
N SER B 376 5.40 -50.86 27.56
CA SER B 376 4.57 -51.87 28.23
C SER B 376 5.33 -53.19 28.38
N GLY B 377 5.31 -53.75 29.58
CA GLY B 377 5.97 -55.01 29.85
C GLY B 377 6.25 -55.26 31.31
N ARG B 378 6.93 -56.36 31.61
CA ARG B 378 7.27 -56.71 32.98
C ARG B 378 8.69 -56.27 33.29
N VAL B 379 8.83 -55.26 34.14
CA VAL B 379 10.14 -54.68 34.42
C VAL B 379 10.42 -54.55 35.91
N ILE B 380 11.70 -54.58 36.27
CA ILE B 380 12.13 -54.33 37.64
C ILE B 380 12.20 -52.83 37.89
N ALA B 381 11.60 -52.38 38.98
CA ALA B 381 11.56 -50.96 39.30
C ALA B 381 12.89 -50.47 39.88
N LEU B 382 13.04 -49.15 39.97
CA LEU B 382 14.25 -48.55 40.51
C LEU B 382 14.26 -48.63 42.04
N GLY B 383 15.45 -48.44 42.62
CA GLY B 383 15.60 -48.48 44.07
C GLY B 383 16.28 -49.74 44.55
N SER B 384 16.59 -49.78 45.85
CA SER B 384 17.24 -50.93 46.45
C SER B 384 16.28 -52.12 46.53
N ASP B 385 15.00 -51.81 46.72
CA ASP B 385 13.97 -52.84 46.83
C ASP B 385 13.87 -53.65 45.55
N GLN B 386 14.02 -52.96 44.41
CA GLN B 386 13.98 -53.60 43.11
C GLN B 386 12.65 -54.32 42.88
N ARG B 387 11.57 -53.68 43.27
CA ARG B 387 10.23 -54.25 43.08
C ARG B 387 9.93 -54.41 41.60
N GLU B 388 8.90 -55.18 41.28
CA GLU B 388 8.61 -55.52 39.90
C GLU B 388 7.13 -55.36 39.55
N GLY B 389 6.86 -54.51 38.55
CA GLY B 389 5.51 -54.30 38.07
C GLY B 389 5.39 -54.62 36.60
N SER B 390 4.30 -55.28 36.21
CA SER B 390 4.08 -55.65 34.81
C SER B 390 2.86 -54.94 34.24
N ILE B 391 3.06 -54.25 33.12
CA ILE B 391 1.96 -53.55 32.45
C ILE B 391 1.51 -54.28 31.20
N THR B 392 0.25 -54.69 31.16
CA THR B 392 -0.31 -55.38 30.01
C THR B 392 -1.21 -54.42 29.22
N ALA B 393 -0.80 -54.09 28.00
CA ALA B 393 -1.52 -53.13 27.19
C ALA B 393 -2.37 -53.79 26.12
N ILE B 394 -3.67 -53.48 26.13
CA ILE B 394 -4.59 -53.97 25.11
C ILE B 394 -4.99 -52.84 24.18
N SER B 395 -4.55 -52.93 22.93
CA SER B 395 -4.83 -51.88 21.96
C SER B 395 -5.49 -52.46 20.71
N ALA B 396 -6.57 -51.81 20.25
CA ALA B 396 -7.33 -52.31 19.11
C ALA B 396 -7.21 -51.39 17.91
N VAL B 397 -6.45 -51.84 16.90
CA VAL B 397 -6.29 -51.09 15.66
C VAL B 397 -7.37 -51.50 14.66
N SER B 398 -8.36 -50.63 14.46
CA SER B 398 -9.43 -50.90 13.51
C SER B 398 -9.02 -50.48 12.11
N PRO B 399 -8.84 -51.47 11.22
CA PRO B 399 -8.40 -51.23 9.84
C PRO B 399 -9.54 -50.86 8.90
N SER B 400 -9.22 -50.11 7.85
CA SER B 400 -10.22 -49.65 6.90
C SER B 400 -10.89 -50.81 6.16
N GLY B 401 -12.20 -50.90 6.27
CA GLY B 401 -12.96 -51.94 5.61
C GLY B 401 -12.67 -53.32 6.17
N GLY B 402 -12.18 -53.36 7.40
CA GLY B 402 -11.82 -54.62 8.04
C GLY B 402 -10.74 -55.34 7.27
N ASP B 403 -9.74 -54.60 6.83
CA ASP B 403 -8.67 -55.15 6.00
C ASP B 403 -7.33 -55.06 6.72
N ILE B 404 -6.64 -56.20 6.84
CA ILE B 404 -5.33 -56.24 7.48
C ILE B 404 -4.30 -55.41 6.73
N SER B 405 -4.69 -54.86 5.58
CA SER B 405 -3.80 -54.06 4.76
C SER B 405 -3.43 -52.73 5.42
N GLU B 406 -4.16 -52.36 6.46
CA GLU B 406 -3.91 -51.10 7.17
C GLU B 406 -2.48 -51.04 7.69
N PRO B 407 -1.82 -49.89 7.51
CA PRO B 407 -0.42 -49.70 7.91
C PRO B 407 -0.24 -49.76 9.42
N VAL B 408 -1.24 -49.28 10.17
CA VAL B 408 -1.19 -49.30 11.62
C VAL B 408 -1.19 -50.72 12.16
N THR B 409 -2.05 -51.56 11.59
CA THR B 409 -2.17 -52.94 12.02
C THR B 409 -0.87 -53.71 11.84
N GLN B 410 -0.30 -53.61 10.65
CA GLN B 410 0.94 -54.31 10.32
C GLN B 410 2.11 -53.84 11.19
N ASN B 411 2.21 -52.53 11.38
CA ASN B 411 3.28 -51.96 12.18
C ASN B 411 3.14 -52.30 13.66
N THR B 412 1.90 -52.40 14.13
CA THR B 412 1.64 -52.70 15.53
C THR B 412 1.70 -54.20 15.81
N LEU B 413 1.45 -55.01 14.78
CA LEU B 413 1.41 -56.46 14.95
C LEU B 413 2.79 -57.08 15.14
N ARG B 414 3.81 -56.46 14.53
CA ARG B 414 5.16 -57.00 14.58
C ARG B 414 5.78 -56.89 15.97
N VAL B 415 5.43 -55.83 16.69
CA VAL B 415 5.97 -55.60 18.02
C VAL B 415 5.21 -56.39 19.09
N VAL B 416 3.89 -56.48 18.93
CA VAL B 416 3.07 -57.25 19.85
C VAL B 416 3.30 -58.74 19.65
N LYS B 417 3.24 -59.50 20.74
CA LYS B 417 3.46 -60.94 20.66
C LYS B 417 2.15 -61.71 20.76
N VAL B 418 1.05 -60.98 20.94
CA VAL B 418 -0.28 -61.58 20.98
C VAL B 418 -1.21 -60.90 20.00
N PHE B 419 -1.86 -61.70 19.16
CA PHE B 419 -2.73 -61.17 18.12
C PHE B 419 -4.16 -61.71 18.24
N TRP B 420 -5.12 -60.81 18.37
CA TRP B 420 -6.53 -61.17 18.42
C TRP B 420 -7.23 -60.65 17.17
N GLY B 421 -7.90 -61.53 16.43
CA GLY B 421 -8.52 -61.14 15.19
C GLY B 421 -10.02 -61.37 15.12
N LEU B 422 -10.80 -60.29 15.15
CA LEU B 422 -12.24 -60.39 15.05
C LEU B 422 -12.69 -60.51 13.59
N ASP B 423 -13.71 -61.30 13.35
CA ASP B 423 -14.24 -61.48 12.00
C ASP B 423 -15.58 -60.78 11.84
N SER B 424 -15.77 -60.13 10.70
CA SER B 424 -17.02 -59.43 10.42
C SER B 424 -18.17 -60.42 10.25
N SER B 425 -17.92 -61.49 9.50
CA SER B 425 -18.92 -62.52 9.26
C SER B 425 -19.35 -63.21 10.56
N LEU B 426 -18.39 -63.41 11.46
CA LEU B 426 -18.70 -63.95 12.78
C LEU B 426 -19.45 -62.92 13.61
N ALA B 427 -19.08 -61.66 13.46
CA ALA B 427 -19.77 -60.57 14.13
C ALA B 427 -21.18 -60.40 13.57
N GLN B 428 -21.30 -60.60 12.26
CA GLN B 428 -22.60 -60.54 11.59
C GLN B 428 -23.48 -61.69 12.06
N LYS B 429 -22.85 -62.79 12.46
CA LYS B 429 -23.58 -63.93 13.02
C LYS B 429 -24.02 -63.63 14.45
N ARG B 430 -23.68 -62.45 14.92
CA ARG B 430 -24.16 -61.95 16.21
C ARG B 430 -23.59 -62.68 17.42
N HIS B 431 -22.49 -63.42 17.24
CA HIS B 431 -21.93 -64.16 18.36
C HIS B 431 -20.47 -63.82 18.63
N PHE B 432 -20.17 -63.60 19.90
CA PHE B 432 -18.86 -63.14 20.32
C PHE B 432 -18.35 -63.91 21.55
N PRO B 433 -17.05 -63.80 21.84
CA PRO B 433 -16.07 -63.01 21.08
C PRO B 433 -15.92 -63.49 19.64
N SER B 434 -16.02 -62.56 18.69
CA SER B 434 -15.96 -62.89 17.28
C SER B 434 -14.53 -63.12 16.80
N ILE B 435 -13.60 -63.29 17.74
CA ILE B 435 -12.21 -63.55 17.41
C ILE B 435 -12.06 -64.86 16.65
N ASN B 436 -11.38 -64.82 15.51
CA ASN B 436 -11.12 -66.02 14.73
C ASN B 436 -9.87 -66.74 15.22
N TRP B 437 -10.06 -67.96 15.73
CA TRP B 437 -8.98 -68.74 16.30
C TRP B 437 -7.88 -69.09 15.29
N ILE B 438 -8.30 -69.47 14.09
CA ILE B 438 -7.35 -69.86 13.05
C ILE B 438 -6.50 -68.68 12.58
N GLN B 439 -7.15 -67.55 12.34
CA GLN B 439 -6.46 -66.37 11.82
C GLN B 439 -5.52 -65.73 12.84
N SER B 440 -6.04 -65.43 14.03
CA SER B 440 -5.24 -64.81 15.07
C SER B 440 -4.13 -65.74 15.55
N TYR B 441 -3.03 -65.15 16.01
CA TYR B 441 -1.89 -65.93 16.49
C TYR B 441 -1.41 -65.44 17.85
N SER B 442 -0.82 -66.35 18.63
CA SER B 442 -0.27 -66.00 19.94
C SER B 442 1.05 -66.72 20.17
N LEU B 443 2.12 -65.94 20.28
CA LEU B 443 3.45 -66.47 20.50
C LEU B 443 3.61 -66.96 21.94
N TYR B 444 2.84 -66.36 22.84
CA TYR B 444 2.92 -66.69 24.26
C TYR B 444 2.25 -68.01 24.60
N SER B 445 1.53 -68.57 23.64
CA SER B 445 0.82 -69.84 23.84
C SER B 445 1.76 -70.91 24.37
N THR B 446 3.00 -70.89 23.87
CA THR B 446 4.01 -71.84 24.30
C THR B 446 4.64 -71.40 25.62
N GLU B 447 4.29 -70.19 26.06
CA GLU B 447 4.79 -69.69 27.35
C GLU B 447 3.64 -69.46 28.33
N VAL B 448 2.54 -70.17 28.10
CA VAL B 448 1.39 -70.13 29.01
C VAL B 448 1.05 -71.55 29.49
N GLY B 449 1.48 -72.54 28.71
CA GLY B 449 1.17 -73.94 28.97
C GLY B 449 1.73 -74.53 30.26
N ARG B 450 3.04 -74.40 30.45
CA ARG B 450 3.69 -74.96 31.63
C ARG B 450 3.09 -74.43 32.92
N TYR B 451 2.90 -73.11 32.98
CA TYR B 451 2.33 -72.47 34.16
C TYR B 451 0.89 -72.91 34.37
N MET B 452 0.15 -73.10 33.28
CA MET B 452 -1.24 -73.49 33.37
C MET B 452 -1.39 -74.92 33.84
N ASP B 453 -0.70 -75.84 33.19
CA ASP B 453 -0.72 -77.25 33.57
C ASP B 453 -0.25 -77.44 35.00
N GLN B 454 0.75 -76.65 35.39
CA GLN B 454 1.38 -76.77 36.70
C GLN B 454 0.42 -76.35 37.82
N ILE B 455 -0.27 -75.24 37.61
CA ILE B 455 -1.17 -74.71 38.63
C ILE B 455 -2.53 -75.40 38.61
N LEU B 456 -2.85 -76.04 37.49
CA LEU B 456 -4.13 -76.72 37.34
C LEU B 456 -4.04 -78.20 37.70
N GLN B 457 -2.81 -78.68 37.90
CA GLN B 457 -2.59 -80.09 38.25
C GLN B 457 -3.06 -81.04 37.15
N GLN B 458 -3.18 -80.51 35.94
CA GLN B 458 -3.66 -81.30 34.81
C GLN B 458 -2.96 -80.87 33.52
N ASP B 459 -2.96 -81.76 32.52
CA ASP B 459 -2.37 -81.45 31.23
C ASP B 459 -3.32 -80.59 30.40
N TRP B 460 -3.53 -79.35 30.85
CA TRP B 460 -4.38 -78.39 30.17
C TRP B 460 -3.87 -78.08 28.77
N SER B 461 -2.55 -77.98 28.64
CA SER B 461 -1.92 -77.65 27.36
C SER B 461 -2.25 -78.70 26.29
N ASP B 462 -2.34 -79.96 26.72
CA ASP B 462 -2.74 -81.03 25.82
C ASP B 462 -4.20 -80.88 25.42
N MET B 463 -5.00 -80.34 26.34
CA MET B 463 -6.42 -80.12 26.10
C MET B 463 -6.65 -79.01 25.08
N VAL B 464 -5.86 -77.93 25.19
CA VAL B 464 -5.93 -76.82 24.25
C VAL B 464 -5.57 -77.28 22.85
N THR B 465 -4.53 -78.12 22.76
CA THR B 465 -4.06 -78.64 21.49
C THR B 465 -5.14 -79.50 20.84
N GLU B 466 -5.81 -80.31 21.64
CA GLU B 466 -6.86 -81.19 21.15
C GLU B 466 -8.07 -80.36 20.68
N GLY B 467 -8.42 -79.34 21.46
CA GLY B 467 -9.52 -78.47 21.10
C GLY B 467 -9.22 -77.65 19.85
N MET B 468 -7.95 -77.29 19.69
CA MET B 468 -7.52 -76.51 18.54
C MET B 468 -7.50 -77.38 17.28
N ARG B 469 -7.21 -78.66 17.45
CA ARG B 469 -7.18 -79.61 16.34
C ARG B 469 -8.57 -79.83 15.77
N ILE B 470 -9.56 -79.96 16.65
CA ILE B 470 -10.93 -80.17 16.22
C ILE B 470 -11.44 -78.99 15.41
N LEU B 471 -10.99 -77.79 15.78
CA LEU B 471 -11.34 -76.58 15.04
C LEU B 471 -10.63 -76.53 13.69
N GLN B 472 -9.34 -76.87 13.69
CA GLN B 472 -8.58 -76.94 12.45
C GLN B 472 -9.11 -78.06 11.57
N GLU B 473 -9.51 -79.15 12.20
CA GLU B 473 -10.05 -80.29 11.47
C GLU B 473 -11.44 -79.97 10.94
N GLU B 474 -12.21 -79.23 11.72
CA GLU B 474 -13.55 -78.80 11.32
C GLU B 474 -13.50 -77.96 10.05
N GLU B 475 -12.61 -76.98 10.03
CA GLU B 475 -12.47 -76.08 8.90
C GLU B 475 -12.05 -76.83 7.65
N GLN B 476 -11.25 -77.87 7.84
CA GLN B 476 -10.83 -78.73 6.74
C GLN B 476 -11.97 -79.68 6.35
N LEU B 477 -12.81 -79.99 7.34
CA LEU B 477 -13.97 -80.84 7.11
C LEU B 477 -15.09 -80.06 6.41
N ASN B 478 -15.20 -78.78 6.72
CA ASN B 478 -16.22 -77.93 6.12
C ASN B 478 -16.11 -77.86 4.60
N GLU B 479 -14.88 -77.87 4.11
CA GLU B 479 -14.65 -77.84 2.67
C GLU B 479 -15.16 -79.13 2.03
N ILE B 480 -14.96 -80.23 2.72
CA ILE B 480 -15.47 -81.53 2.27
C ILE B 480 -16.99 -81.55 2.32
N VAL B 481 -17.55 -80.96 3.36
CA VAL B 481 -19.00 -80.91 3.55
C VAL B 481 -19.71 -80.26 2.37
N ARG B 482 -19.20 -79.11 1.93
CA ARG B 482 -19.81 -78.36 0.86
C ARG B 482 -19.70 -79.07 -0.50
N LEU B 483 -18.61 -79.79 -0.69
CA LEU B 483 -18.31 -80.39 -1.99
C LEU B 483 -19.06 -81.71 -2.22
N VAL B 484 -19.15 -82.53 -1.18
CA VAL B 484 -19.77 -83.85 -1.32
C VAL B 484 -20.96 -84.05 -0.38
N GLY B 485 -21.29 -83.02 0.40
CA GLY B 485 -22.42 -83.10 1.30
C GLY B 485 -22.04 -83.41 2.73
N ILE B 486 -22.79 -82.85 3.68
CA ILE B 486 -22.55 -83.07 5.09
C ILE B 486 -22.89 -84.51 5.49
N ASP B 487 -23.80 -85.12 4.74
CA ASP B 487 -24.25 -86.47 5.02
C ASP B 487 -23.23 -87.50 4.56
N SER B 488 -22.32 -87.08 3.68
CA SER B 488 -21.33 -87.98 3.09
C SER B 488 -20.23 -88.36 4.07
N LEU B 489 -19.89 -87.44 4.97
CA LEU B 489 -18.82 -87.68 5.93
C LEU B 489 -19.09 -88.88 6.82
N SER B 490 -18.03 -89.59 7.19
CA SER B 490 -18.15 -90.74 8.07
C SER B 490 -18.60 -90.31 9.46
N ASP B 491 -19.01 -91.28 10.28
CA ASP B 491 -19.52 -91.00 11.62
C ASP B 491 -18.51 -90.26 12.48
N ASN B 492 -17.23 -90.63 12.34
CA ASN B 492 -16.17 -89.96 13.08
C ASN B 492 -15.95 -88.53 12.59
N ASP B 493 -16.09 -88.33 11.28
CA ASP B 493 -15.99 -87.01 10.69
C ASP B 493 -17.16 -86.14 11.14
N ARG B 494 -18.36 -86.71 11.10
CA ARG B 494 -19.56 -86.01 11.55
C ARG B 494 -19.47 -85.72 13.04
N LEU B 495 -18.74 -86.58 13.75
CA LEU B 495 -18.53 -86.40 15.19
C LEU B 495 -17.68 -85.16 15.46
N THR B 496 -16.58 -85.04 14.74
CA THR B 496 -15.65 -83.92 14.91
C THR B 496 -16.34 -82.58 14.69
N LEU B 497 -17.26 -82.55 13.73
CA LEU B 497 -18.05 -81.35 13.46
C LEU B 497 -18.94 -81.01 14.64
N GLU B 498 -19.53 -82.04 15.23
CA GLU B 498 -20.41 -81.87 16.39
C GLU B 498 -19.61 -81.44 17.62
N VAL B 499 -18.41 -81.99 17.76
CA VAL B 499 -17.53 -81.62 18.87
C VAL B 499 -17.04 -80.19 18.69
N ALA B 500 -16.76 -79.83 17.43
CA ALA B 500 -16.31 -78.49 17.11
C ALA B 500 -17.38 -77.47 17.47
N LYS B 501 -18.62 -77.75 17.05
CA LYS B 501 -19.73 -76.86 17.34
C LYS B 501 -19.89 -76.63 18.84
N SER B 502 -19.87 -77.70 19.62
CA SER B 502 -20.05 -77.60 21.06
C SER B 502 -19.07 -76.63 21.73
N ILE B 503 -17.79 -76.74 21.37
CA ILE B 503 -16.76 -75.90 21.98
C ILE B 503 -17.01 -74.42 21.70
N ARG B 504 -17.35 -74.12 20.44
CA ARG B 504 -17.64 -72.75 20.04
C ARG B 504 -18.81 -72.20 20.83
N GLU B 505 -19.90 -72.96 20.89
CA GLU B 505 -21.09 -72.51 21.60
C GLU B 505 -20.91 -72.58 23.11
N ASP B 506 -20.22 -73.60 23.58
CA ASP B 506 -20.04 -73.77 25.01
C ASP B 506 -19.07 -72.75 25.58
N TYR B 507 -17.88 -72.73 25.00
CA TYR B 507 -16.82 -71.88 25.53
C TYR B 507 -16.53 -70.67 24.64
N LEU B 508 -16.42 -70.91 23.34
CA LEU B 508 -16.13 -69.85 22.38
C LEU B 508 -17.25 -68.82 22.27
N GLN B 509 -18.49 -69.29 22.37
CA GLN B 509 -19.64 -68.40 22.26
C GLN B 509 -20.34 -68.24 23.59
N GLN B 510 -20.35 -67.02 24.09
CA GLN B 510 -20.97 -66.70 25.37
C GLN B 510 -21.43 -65.26 25.36
N ASN B 511 -22.31 -64.91 26.29
CA ASN B 511 -22.81 -63.54 26.37
C ASN B 511 -22.14 -62.79 27.51
N ALA B 512 -21.45 -61.70 27.16
CA ALA B 512 -20.70 -60.93 28.13
C ALA B 512 -21.60 -60.05 28.98
N PHE B 513 -22.86 -59.93 28.58
CA PHE B 513 -23.82 -59.13 29.35
C PHE B 513 -24.36 -59.92 30.53
N ASP B 514 -24.36 -61.24 30.42
CA ASP B 514 -24.80 -62.11 31.49
C ASP B 514 -23.71 -62.25 32.54
N ASP B 515 -24.07 -62.03 33.81
CA ASP B 515 -23.10 -62.02 34.90
C ASP B 515 -22.37 -63.34 35.08
N VAL B 516 -23.11 -64.45 35.04
CA VAL B 516 -22.50 -65.77 35.18
C VAL B 516 -21.71 -66.14 33.95
N ASP B 517 -22.07 -65.56 32.81
CA ASP B 517 -21.45 -65.91 31.54
C ASP B 517 -20.28 -64.97 31.22
N THR B 518 -20.35 -63.75 31.70
CA THR B 518 -19.32 -62.75 31.42
C THR B 518 -18.00 -63.06 32.12
N PHE B 519 -18.09 -63.54 33.35
CA PHE B 519 -16.89 -63.81 34.15
C PHE B 519 -16.74 -65.30 34.43
N THR B 520 -15.60 -65.86 34.01
CA THR B 520 -15.30 -67.26 34.23
C THR B 520 -13.99 -67.44 34.99
N SER B 521 -14.09 -68.03 36.17
CA SER B 521 -12.91 -68.29 36.99
C SER B 521 -12.00 -69.32 36.32
N ARG B 522 -10.69 -69.16 36.51
CA ARG B 522 -9.69 -70.03 35.91
C ARG B 522 -9.96 -71.51 36.18
N GLU B 523 -10.51 -71.80 37.35
CA GLU B 523 -10.80 -73.17 37.75
C GLU B 523 -12.02 -73.72 37.02
N LYS B 524 -13.04 -72.87 36.84
CA LYS B 524 -14.24 -73.27 36.11
C LYS B 524 -13.89 -73.52 34.66
N GLN B 525 -12.81 -72.89 34.21
CA GLN B 525 -12.35 -73.02 32.83
C GLN B 525 -12.00 -74.46 32.49
N PHE B 526 -11.28 -75.10 33.40
CA PHE B 526 -10.83 -76.48 33.19
C PHE B 526 -11.99 -77.47 33.22
N ASN B 527 -12.82 -77.40 34.26
CA ASN B 527 -13.94 -78.31 34.40
C ASN B 527 -14.90 -78.21 33.23
N MET B 528 -15.12 -76.99 32.76
CA MET B 528 -16.05 -76.73 31.67
C MET B 528 -15.47 -77.17 30.33
N LEU B 529 -14.17 -77.00 30.16
CA LEU B 529 -13.50 -77.41 28.93
C LEU B 529 -13.29 -78.92 28.88
N LYS B 530 -13.16 -79.53 30.06
CA LYS B 530 -12.96 -80.97 30.15
C LYS B 530 -14.22 -81.74 29.77
N VAL B 531 -15.38 -81.19 30.11
CA VAL B 531 -16.66 -81.82 29.77
C VAL B 531 -16.81 -81.97 28.26
N ILE B 532 -16.39 -80.95 27.54
CA ILE B 532 -16.44 -80.97 26.07
C ILE B 532 -15.53 -82.06 25.51
N LEU B 533 -14.31 -82.12 26.03
CA LEU B 533 -13.33 -83.10 25.59
C LEU B 533 -13.70 -84.51 26.02
N THR B 534 -14.32 -84.63 27.19
CA THR B 534 -14.71 -85.93 27.72
C THR B 534 -15.75 -86.60 26.83
N PHE B 535 -16.70 -85.81 26.34
CA PHE B 535 -17.74 -86.32 25.45
C PHE B 535 -17.13 -86.89 24.17
N GLY B 536 -16.27 -86.10 23.54
CA GLY B 536 -15.62 -86.52 22.30
C GLY B 536 -14.80 -87.78 22.47
N LYS B 537 -14.01 -87.83 23.54
CA LYS B 537 -13.18 -88.99 23.83
C LYS B 537 -14.03 -90.23 24.11
N GLU B 538 -15.06 -90.08 24.92
CA GLU B 538 -15.94 -91.19 25.26
C GLU B 538 -16.80 -91.61 24.07
N ALA B 539 -17.28 -90.63 23.32
CA ALA B 539 -18.12 -90.91 22.16
C ALA B 539 -17.32 -91.56 21.04
N ARG B 540 -16.08 -91.10 20.87
CA ARG B 540 -15.18 -91.66 19.87
C ARG B 540 -14.97 -93.15 20.11
N LYS B 541 -14.73 -93.48 21.37
CA LYS B 541 -14.53 -94.87 21.78
C LYS B 541 -15.77 -95.71 21.51
N ALA B 542 -16.92 -95.19 21.95
CA ALA B 542 -18.19 -95.87 21.75
C ALA B 542 -18.50 -96.01 20.25
N LEU B 543 -18.08 -95.02 19.48
CA LEU B 543 -18.26 -95.08 18.03
C LEU B 543 -17.38 -96.15 17.40
N SER B 544 -16.16 -96.29 17.94
CA SER B 544 -15.22 -97.27 17.42
C SER B 544 -15.74 -98.69 17.62
N LEU B 545 -16.56 -98.87 18.66
CA LEU B 545 -17.16 -100.17 18.94
C LEU B 545 -18.14 -100.58 17.83
N GLY B 546 -18.55 -99.61 17.02
CA GLY B 546 -19.45 -99.87 15.91
C GLY B 546 -20.80 -99.22 16.08
N ALA B 547 -21.06 -98.68 17.27
CA ALA B 547 -22.32 -98.01 17.55
C ALA B 547 -22.49 -96.79 16.65
N TYR B 548 -23.67 -96.68 16.03
CA TYR B 548 -23.97 -95.56 15.13
C TYR B 548 -23.80 -94.22 15.84
N PHE B 549 -23.18 -93.27 15.15
CA PHE B 549 -22.96 -91.94 15.69
C PHE B 549 -24.26 -91.18 15.91
N ASN B 550 -25.16 -91.27 14.93
CA ASN B 550 -26.43 -90.56 14.98
C ASN B 550 -27.28 -90.95 16.18
N GLU B 551 -27.13 -92.20 16.61
CA GLU B 551 -27.93 -92.73 17.72
C GLU B 551 -27.42 -92.27 19.08
N ILE B 552 -26.10 -92.19 19.23
CA ILE B 552 -25.50 -91.74 20.48
C ILE B 552 -25.88 -90.30 20.78
N MET B 553 -25.85 -89.46 19.75
CA MET B 553 -26.23 -88.06 19.88
C MET B 553 -27.66 -87.91 20.37
N GLU B 554 -28.57 -88.64 19.73
CA GLU B 554 -29.98 -88.59 20.10
C GLU B 554 -30.20 -89.13 21.51
N GLY B 555 -29.50 -90.20 21.86
CA GLY B 555 -29.59 -90.78 23.18
C GLY B 555 -29.01 -89.89 24.25
N THR B 556 -28.03 -89.07 23.86
CA THR B 556 -27.34 -88.19 24.80
C THR B 556 -27.70 -86.72 24.57
N VAL B 557 -28.87 -86.47 23.99
CA VAL B 557 -29.32 -85.10 23.76
C VAL B 557 -29.53 -84.35 25.07
N ALA B 558 -30.04 -85.06 26.07
CA ALA B 558 -30.32 -84.45 27.37
C ALA B 558 -29.04 -84.01 28.08
N VAL B 559 -28.01 -84.85 28.00
CA VAL B 559 -26.74 -84.54 28.65
C VAL B 559 -25.99 -83.46 27.87
N ARG B 560 -26.29 -83.35 26.57
CA ARG B 560 -25.68 -82.31 25.75
C ARG B 560 -26.29 -80.95 26.04
N GLU B 561 -27.57 -80.94 26.36
CA GLU B 561 -28.28 -79.71 26.69
C GLU B 561 -27.67 -79.03 27.91
N ARG B 562 -27.27 -79.84 28.90
CA ARG B 562 -26.71 -79.31 30.12
C ARG B 562 -25.34 -78.71 29.88
N ILE B 563 -24.61 -79.26 28.92
CA ILE B 563 -23.30 -78.73 28.56
C ILE B 563 -23.46 -77.29 28.06
N SER B 564 -24.36 -77.10 27.10
CA SER B 564 -24.61 -75.77 26.52
C SER B 564 -24.90 -74.67 27.56
N ARG B 565 -25.51 -75.05 28.68
CA ARG B 565 -25.80 -74.10 29.74
C ARG B 565 -24.91 -74.34 30.96
N SER B 566 -23.87 -75.16 30.78
CA SER B 566 -22.96 -75.50 31.87
C SER B 566 -22.16 -74.27 32.33
N LYS B 567 -21.94 -73.35 31.42
CA LYS B 567 -21.19 -72.12 31.71
C LYS B 567 -21.93 -71.23 32.70
N TYR B 568 -23.24 -71.28 32.67
CA TYR B 568 -24.07 -70.43 33.52
C TYR B 568 -24.01 -70.82 34.99
N ILE B 569 -23.55 -72.05 35.25
CA ILE B 569 -23.44 -72.54 36.63
C ILE B 569 -22.50 -71.67 37.44
N PRO B 570 -22.95 -71.26 38.64
CA PRO B 570 -22.20 -70.39 39.56
C PRO B 570 -20.76 -70.85 39.79
N GLU B 571 -19.88 -69.89 40.02
CA GLU B 571 -18.46 -70.17 40.21
C GLU B 571 -18.22 -71.01 41.46
N GLU B 572 -18.96 -70.70 42.52
CA GLU B 572 -18.88 -71.43 43.77
C GLU B 572 -19.21 -72.90 43.57
N GLU B 573 -20.21 -73.17 42.76
CA GLU B 573 -20.59 -74.55 42.44
C GLU B 573 -19.77 -75.05 41.26
N LEU B 574 -18.45 -75.00 41.41
CA LEU B 574 -17.54 -75.43 40.36
C LEU B 574 -17.64 -76.92 40.09
N ALA B 575 -17.90 -77.69 41.13
CA ALA B 575 -17.89 -79.15 41.04
C ALA B 575 -19.04 -79.72 40.21
N LYS B 576 -20.20 -79.08 40.29
CA LYS B 576 -21.39 -79.56 39.59
C LYS B 576 -21.13 -79.69 38.09
N ILE B 577 -20.28 -78.80 37.57
CA ILE B 577 -19.84 -78.88 36.19
C ILE B 577 -18.88 -80.05 36.02
N SER B 578 -18.13 -80.35 37.08
CA SER B 578 -17.14 -81.42 37.07
C SER B 578 -17.80 -82.79 37.14
N SER B 579 -18.97 -82.85 37.75
CA SER B 579 -19.69 -84.12 37.93
C SER B 579 -20.28 -84.60 36.61
N ILE B 580 -20.33 -83.72 35.62
CA ILE B 580 -20.89 -84.07 34.31
C ILE B 580 -20.08 -85.15 33.62
N ASN B 581 -18.77 -85.15 33.89
CA ASN B 581 -17.86 -86.13 33.29
C ASN B 581 -18.26 -87.57 33.60
N GLU B 582 -18.57 -87.83 34.87
CA GLU B 582 -19.01 -89.16 35.28
C GLU B 582 -20.33 -89.52 34.63
N GLU B 583 -21.22 -88.54 34.54
CA GLU B 583 -22.53 -88.74 33.93
C GLU B 583 -22.42 -89.10 32.46
N ILE B 584 -21.48 -88.47 31.76
CA ILE B 584 -21.25 -88.72 30.34
C ILE B 584 -20.92 -90.17 30.07
N LYS B 585 -20.06 -90.75 30.92
CA LYS B 585 -19.64 -92.13 30.77
C LYS B 585 -20.81 -93.09 30.89
N GLU B 586 -21.57 -92.95 31.98
CA GLU B 586 -22.66 -93.88 32.29
C GLU B 586 -23.74 -93.89 31.20
N THR B 587 -24.09 -92.72 30.70
CA THR B 587 -25.10 -92.61 29.66
C THR B 587 -24.60 -93.11 28.31
N ILE B 588 -23.33 -92.82 28.02
CA ILE B 588 -22.73 -93.25 26.75
C ILE B 588 -22.31 -94.71 26.78
N GLN B 589 -21.86 -95.17 27.95
CA GLN B 589 -21.46 -96.56 28.11
C GLN B 589 -22.62 -97.51 27.83
N LEU B 590 -23.81 -97.13 28.29
CA LEU B 590 -25.01 -97.92 28.07
C LEU B 590 -25.41 -97.86 26.60
N ILE B 591 -25.34 -99.00 25.92
CA ILE B 591 -25.66 -99.07 24.50
C ILE B 591 -26.66 -100.18 24.21
N MET C 8 44.96 -25.59 -15.65
CA MET C 8 43.79 -25.00 -16.29
C MET C 8 42.93 -24.27 -15.26
N GLN C 9 41.66 -24.07 -15.59
CA GLN C 9 40.76 -23.36 -14.68
C GLN C 9 40.45 -24.18 -13.44
N ILE C 10 40.40 -23.51 -12.29
CA ILE C 10 40.11 -24.17 -11.03
C ILE C 10 38.79 -23.68 -10.45
N GLY C 11 37.94 -24.62 -10.07
CA GLY C 11 36.66 -24.29 -9.45
C GLY C 11 36.64 -24.62 -7.98
N LYS C 12 35.83 -23.89 -7.23
CA LYS C 12 35.65 -24.17 -5.81
C LYS C 12 34.25 -24.70 -5.56
N ILE C 13 34.17 -25.81 -4.84
CA ILE C 13 32.87 -26.41 -4.53
C ILE C 13 32.19 -25.64 -3.41
N ILE C 14 30.98 -25.18 -3.67
CA ILE C 14 30.20 -24.51 -2.64
C ILE C 14 29.43 -25.53 -1.83
N LYS C 15 28.71 -26.42 -2.51
CA LYS C 15 27.94 -27.45 -1.81
C LYS C 15 28.37 -28.88 -2.20
N VAL C 16 28.59 -29.71 -1.19
CA VAL C 16 28.91 -31.12 -1.41
C VAL C 16 27.80 -32.02 -0.87
N SER C 17 27.19 -32.80 -1.75
CA SER C 17 25.99 -33.58 -1.39
C SER C 17 25.83 -34.87 -2.18
N GLY C 18 25.59 -35.97 -1.48
CA GLY C 18 25.41 -37.25 -2.13
C GLY C 18 26.53 -37.52 -3.11
N PRO C 19 26.19 -37.93 -4.33
CA PRO C 19 27.20 -38.10 -5.38
C PRO C 19 27.23 -36.92 -6.33
N LEU C 20 26.48 -35.87 -5.99
CA LEU C 20 26.37 -34.68 -6.82
C LEU C 20 27.16 -33.52 -6.24
N VAL C 21 27.87 -32.80 -7.09
CA VAL C 21 28.73 -31.73 -6.62
C VAL C 21 28.46 -30.43 -7.36
N MET C 22 28.73 -29.31 -6.71
CA MET C 22 28.51 -28.00 -7.32
C MET C 22 29.70 -27.08 -7.11
N ALA C 23 30.40 -26.76 -8.21
CA ALA C 23 31.57 -25.90 -8.16
C ALA C 23 31.19 -24.44 -8.39
N GLU C 24 31.74 -23.56 -7.56
CA GLU C 24 31.40 -22.14 -7.57
C GLU C 24 31.83 -21.45 -8.87
N ASN C 25 33.01 -21.79 -9.36
CA ASN C 25 33.56 -21.15 -10.55
C ASN C 25 33.98 -22.15 -11.62
N MET C 26 33.00 -22.65 -12.36
CA MET C 26 33.25 -23.53 -13.50
C MET C 26 32.46 -23.03 -14.70
N SER C 27 32.72 -21.80 -15.09
CA SER C 27 32.00 -21.19 -16.21
C SER C 27 32.48 -21.73 -17.55
N GLU C 28 33.78 -21.99 -17.64
CA GLU C 28 34.42 -22.31 -18.92
C GLU C 28 34.26 -23.75 -19.38
N ALA C 29 34.31 -24.69 -18.45
CA ALA C 29 34.28 -26.11 -18.79
C ALA C 29 33.02 -26.48 -19.58
N CYS C 30 33.14 -27.53 -20.40
CA CYS C 30 32.02 -27.98 -21.22
C CYS C 30 31.18 -29.01 -20.48
N ILE C 31 29.92 -29.15 -20.90
CA ILE C 31 29.02 -30.11 -20.31
C ILE C 31 29.44 -31.53 -20.69
N GLN C 32 29.05 -32.50 -19.86
CA GLN C 32 29.39 -33.91 -20.10
C GLN C 32 30.91 -34.13 -20.12
N ASP C 33 31.66 -33.21 -19.54
CA ASP C 33 33.10 -33.33 -19.47
C ASP C 33 33.54 -33.75 -18.07
N MET C 34 34.34 -34.81 -18.00
CA MET C 34 34.87 -35.30 -16.72
C MET C 34 35.69 -34.21 -16.03
N CYS C 35 35.76 -34.25 -14.71
CA CYS C 35 36.53 -33.27 -13.97
C CYS C 35 36.93 -33.80 -12.58
N LEU C 36 38.16 -33.49 -12.17
CA LEU C 36 38.64 -33.87 -10.85
C LEU C 36 37.99 -32.98 -9.80
N VAL C 37 37.48 -33.60 -8.74
CA VAL C 37 36.71 -32.87 -7.74
C VAL C 37 37.30 -33.00 -6.33
N GLY C 38 37.64 -31.85 -5.74
CA GLY C 38 38.11 -31.81 -4.36
C GLY C 38 39.59 -32.13 -4.20
N ASP C 39 40.04 -32.16 -2.95
CA ASP C 39 41.42 -32.49 -2.64
C ASP C 39 41.74 -33.91 -3.10
N LEU C 40 40.81 -34.83 -2.86
CA LEU C 40 40.97 -36.20 -3.33
C LEU C 40 40.94 -36.25 -4.85
N GLY C 41 40.24 -35.29 -5.45
CA GLY C 41 40.16 -35.19 -6.89
C GLY C 41 39.50 -36.40 -7.53
N VAL C 42 38.42 -36.88 -6.91
CA VAL C 42 37.68 -38.01 -7.44
C VAL C 42 37.06 -37.65 -8.80
N ILE C 43 37.05 -38.61 -9.71
CA ILE C 43 36.51 -38.38 -11.04
C ILE C 43 35.03 -38.05 -10.99
N GLY C 44 34.63 -37.02 -11.75
CA GLY C 44 33.24 -36.60 -11.78
C GLY C 44 32.82 -36.10 -13.14
N GLU C 45 31.55 -36.28 -13.47
CA GLU C 45 31.00 -35.80 -14.73
C GLU C 45 29.90 -34.80 -14.46
N ILE C 46 29.98 -33.65 -15.14
CA ILE C 46 29.00 -32.58 -14.94
C ILE C 46 27.88 -32.65 -15.97
N ILE C 47 26.71 -33.11 -15.54
CA ILE C 47 25.55 -33.22 -16.42
C ILE C 47 25.06 -31.87 -16.89
N GLU C 48 25.15 -30.87 -16.02
CA GLU C 48 24.66 -29.53 -16.36
C GLU C 48 25.50 -28.45 -15.69
N MET C 49 25.46 -27.26 -16.26
CA MET C 49 26.19 -26.12 -15.72
C MET C 49 25.32 -24.87 -15.75
N ARG C 50 25.25 -24.15 -14.63
CA ARG C 50 24.40 -22.97 -14.53
C ARG C 50 25.23 -21.72 -14.27
N GLN C 51 25.28 -20.83 -15.26
CA GLN C 51 26.05 -19.59 -15.14
C GLN C 51 27.52 -19.91 -14.86
N ASP C 52 28.11 -19.20 -13.92
CA ASP C 52 29.48 -19.48 -13.50
C ASP C 52 29.57 -20.82 -12.80
N VAL C 53 28.54 -21.14 -12.02
CA VAL C 53 28.51 -22.35 -11.22
C VAL C 53 28.29 -23.60 -12.08
N ALA C 54 28.75 -24.75 -11.61
CA ALA C 54 28.56 -26.01 -12.31
C ALA C 54 28.24 -27.14 -11.34
N SER C 55 27.37 -28.06 -11.77
CA SER C 55 26.94 -29.16 -10.91
C SER C 55 27.47 -30.51 -11.36
N ILE C 56 28.51 -30.98 -10.69
CA ILE C 56 29.20 -32.21 -11.07
C ILE C 56 28.68 -33.45 -10.36
N GLN C 57 28.55 -34.54 -11.11
CA GLN C 57 28.16 -35.83 -10.56
C GLN C 57 29.38 -36.74 -10.42
N VAL C 58 29.82 -36.97 -9.19
CA VAL C 58 31.03 -37.74 -8.94
C VAL C 58 30.84 -39.23 -9.22
N TYR C 59 31.95 -39.93 -9.42
CA TYR C 59 31.92 -41.37 -9.64
C TYR C 59 32.50 -42.13 -8.45
N GLU C 60 32.57 -41.44 -7.31
CA GLU C 60 33.06 -42.04 -6.07
C GLU C 60 32.39 -41.39 -4.86
N GLU C 61 32.47 -42.06 -3.72
CA GLU C 61 31.88 -41.53 -2.48
C GLU C 61 32.43 -40.14 -2.16
N THR C 62 31.55 -39.23 -1.79
CA THR C 62 31.96 -37.86 -1.46
C THR C 62 32.12 -37.69 0.04
N SER C 63 32.18 -38.79 0.77
CA SER C 63 32.45 -38.74 2.20
C SER C 63 33.83 -38.13 2.45
N GLY C 64 33.86 -37.03 3.18
CA GLY C 64 35.10 -36.34 3.47
C GLY C 64 35.38 -35.19 2.51
N ILE C 65 34.38 -34.84 1.71
CA ILE C 65 34.49 -33.73 0.78
C ILE C 65 33.69 -32.54 1.28
N GLY C 66 34.22 -31.34 1.12
CA GLY C 66 33.56 -30.14 1.63
C GLY C 66 33.62 -28.93 0.73
N PRO C 67 32.98 -27.84 1.16
CA PRO C 67 32.95 -26.56 0.44
C PRO C 67 34.33 -25.91 0.37
N GLY C 68 34.63 -25.28 -0.77
CA GLY C 68 35.91 -24.63 -0.94
C GLY C 68 36.98 -25.55 -1.50
N GLU C 69 36.64 -26.82 -1.66
CA GLU C 69 37.58 -27.78 -2.22
C GLU C 69 37.76 -27.55 -3.72
N PRO C 70 39.00 -27.69 -4.21
CA PRO C 70 39.38 -27.39 -5.59
C PRO C 70 38.78 -28.34 -6.61
N VAL C 71 38.39 -27.81 -7.76
CA VAL C 71 37.85 -28.62 -8.84
C VAL C 71 38.69 -28.46 -10.09
N ARG C 72 39.02 -29.57 -10.74
CA ARG C 72 39.82 -29.56 -11.95
C ARG C 72 39.07 -30.19 -13.12
N SER C 73 38.96 -29.44 -14.21
CA SER C 73 38.24 -29.91 -15.39
C SER C 73 39.16 -30.62 -16.38
N THR C 74 38.81 -31.85 -16.74
CA THR C 74 39.59 -32.62 -17.70
C THR C 74 39.45 -32.03 -19.09
N GLY C 75 38.26 -31.55 -19.41
CA GLY C 75 38.00 -30.90 -20.69
C GLY C 75 37.52 -31.86 -21.76
N GLU C 76 37.37 -33.13 -21.41
CA GLU C 76 36.92 -34.14 -22.35
C GLU C 76 35.78 -34.97 -21.78
N ALA C 77 34.93 -35.48 -22.67
CA ALA C 77 33.87 -36.40 -22.26
C ALA C 77 34.46 -37.76 -21.93
N LEU C 78 33.65 -38.63 -21.34
CA LEU C 78 34.10 -39.97 -20.98
C LEU C 78 34.56 -40.74 -22.21
N SER C 79 35.82 -41.17 -22.19
CA SER C 79 36.39 -41.88 -23.32
C SER C 79 37.04 -43.18 -22.88
N VAL C 80 36.96 -44.20 -23.74
CA VAL C 80 37.54 -45.51 -23.44
C VAL C 80 38.71 -45.80 -24.37
N GLU C 81 39.84 -46.19 -23.79
CA GLU C 81 41.04 -46.47 -24.58
C GLU C 81 40.88 -47.76 -25.38
N LEU C 82 41.12 -47.68 -26.69
CA LEU C 82 40.97 -48.84 -27.57
C LEU C 82 42.31 -49.24 -28.15
N GLY C 83 42.82 -50.39 -27.70
CA GLY C 83 44.11 -50.88 -28.18
C GLY C 83 44.38 -52.32 -27.79
N PRO C 84 45.58 -52.81 -28.10
CA PRO C 84 46.00 -54.19 -27.81
C PRO C 84 46.02 -54.49 -26.31
N GLY C 85 45.44 -55.62 -25.91
CA GLY C 85 45.42 -56.03 -24.52
C GLY C 85 44.13 -55.67 -23.81
N ILE C 86 43.19 -55.10 -24.57
CA ILE C 86 41.92 -54.67 -24.01
C ILE C 86 41.03 -55.85 -23.63
N ILE C 87 41.12 -56.93 -24.41
CA ILE C 87 40.29 -58.11 -24.19
C ILE C 87 40.85 -58.98 -23.06
N SER C 88 39.99 -59.76 -22.44
CA SER C 88 40.37 -60.66 -21.35
C SER C 88 40.84 -59.86 -20.13
N GLN C 89 40.48 -58.58 -20.09
CA GLN C 89 40.84 -57.70 -18.98
C GLN C 89 39.60 -57.10 -18.35
N MET C 90 39.48 -57.26 -17.03
CA MET C 90 38.39 -56.65 -16.28
C MET C 90 38.38 -55.13 -16.43
N PHE C 91 37.22 -54.56 -16.72
CA PHE C 91 37.08 -53.13 -16.88
C PHE C 91 36.05 -52.53 -15.93
N ASP C 92 35.83 -51.23 -16.05
CA ASP C 92 34.84 -50.54 -15.25
C ASP C 92 34.32 -49.30 -15.98
N GLY C 93 33.46 -48.53 -15.33
CA GLY C 93 32.94 -47.32 -15.92
C GLY C 93 34.02 -46.33 -16.28
N ILE C 94 35.00 -46.18 -15.39
CA ILE C 94 36.13 -45.29 -15.61
C ILE C 94 37.08 -45.92 -16.63
N GLN C 95 36.72 -47.11 -17.09
CA GLN C 95 37.47 -47.93 -18.05
C GLN C 95 38.87 -48.29 -17.57
N ARG C 96 39.06 -48.20 -16.25
CA ARG C 96 40.31 -48.63 -15.64
C ARG C 96 40.23 -50.06 -15.11
N PRO C 97 41.33 -50.79 -15.29
CA PRO C 97 41.41 -52.22 -15.01
C PRO C 97 41.43 -52.61 -13.51
N LEU C 98 40.70 -53.67 -13.15
CA LEU C 98 40.59 -54.08 -11.75
C LEU C 98 41.82 -54.83 -11.21
N ASP C 99 42.38 -55.72 -12.02
CA ASP C 99 43.57 -56.48 -11.61
C ASP C 99 44.76 -55.56 -11.44
N THR C 100 44.89 -54.59 -12.33
CA THR C 100 45.95 -53.59 -12.25
C THR C 100 45.72 -52.66 -11.07
N PHE C 101 44.45 -52.43 -10.75
CA PHE C 101 44.07 -51.56 -9.64
C PHE C 101 44.57 -52.11 -8.32
N MET C 102 44.30 -53.39 -8.07
CA MET C 102 44.67 -54.05 -6.83
C MET C 102 46.18 -54.01 -6.59
N GLU C 103 46.96 -54.15 -7.66
CA GLU C 103 48.41 -54.15 -7.56
C GLU C 103 48.96 -52.76 -7.28
N VAL C 104 48.40 -51.75 -7.94
CA VAL C 104 48.83 -50.37 -7.74
C VAL C 104 48.32 -49.84 -6.40
N THR C 105 47.09 -50.19 -6.06
CA THR C 105 46.48 -49.70 -4.83
C THR C 105 46.96 -50.48 -3.62
N GLN C 106 47.43 -51.70 -3.85
CA GLN C 106 47.93 -52.58 -2.80
C GLN C 106 46.85 -52.95 -1.79
N SER C 107 45.60 -52.69 -2.15
CA SER C 107 44.48 -53.04 -1.30
C SER C 107 43.36 -53.69 -2.12
N ASN C 108 42.84 -54.81 -1.63
CA ASN C 108 41.75 -55.50 -2.28
C ASN C 108 40.53 -54.58 -2.42
N PHE C 109 40.28 -53.82 -1.37
CA PHE C 109 39.14 -52.92 -1.31
C PHE C 109 39.31 -51.75 -2.28
N LEU C 110 38.21 -51.32 -2.89
CA LEU C 110 38.24 -50.22 -3.84
C LEU C 110 38.70 -48.92 -3.19
N GLY C 111 39.54 -48.18 -3.90
CA GLY C 111 40.07 -46.91 -3.40
C GLY C 111 39.50 -45.72 -4.14
N ARG C 112 39.12 -44.70 -3.38
CA ARG C 112 38.53 -43.49 -3.96
C ARG C 112 39.61 -42.52 -4.45
N GLY C 113 39.27 -41.73 -5.46
CA GLY C 113 40.19 -40.74 -6.00
C GLY C 113 41.41 -41.35 -6.67
N VAL C 114 41.19 -42.45 -7.39
CA VAL C 114 42.28 -43.14 -8.08
C VAL C 114 42.02 -43.26 -9.58
N GLN C 115 42.96 -42.76 -10.37
CA GLN C 115 42.88 -42.88 -11.82
C GLN C 115 43.99 -43.79 -12.35
N LEU C 116 43.64 -44.68 -13.26
CA LEU C 116 44.60 -45.61 -13.81
C LEU C 116 44.48 -45.72 -15.33
N PRO C 117 45.59 -46.03 -16.01
CA PRO C 117 45.59 -46.26 -17.45
C PRO C 117 44.64 -47.38 -17.84
N ALA C 118 43.66 -47.08 -18.69
CA ALA C 118 42.67 -48.06 -19.13
C ALA C 118 43.33 -49.25 -19.81
N LEU C 119 44.36 -48.99 -20.59
CA LEU C 119 45.11 -50.03 -21.26
C LEU C 119 46.61 -49.87 -21.02
N ASP C 120 47.28 -51.00 -20.78
CA ASP C 120 48.72 -50.99 -20.52
C ASP C 120 49.52 -50.85 -21.80
N HIS C 121 50.28 -49.77 -21.90
CA HIS C 121 51.12 -49.52 -23.07
C HIS C 121 52.43 -50.29 -22.96
N GLU C 122 52.82 -50.58 -21.71
CA GLU C 122 54.11 -51.19 -21.41
C GLU C 122 54.33 -52.51 -22.16
N LYS C 123 53.26 -53.27 -22.34
CA LYS C 123 53.36 -54.53 -23.05
C LYS C 123 53.49 -54.32 -24.55
N GLN C 124 54.39 -55.08 -25.18
CA GLN C 124 54.60 -54.97 -26.62
C GLN C 124 53.91 -56.10 -27.37
N TRP C 125 53.10 -55.73 -28.34
CA TRP C 125 52.39 -56.69 -29.17
C TRP C 125 52.93 -56.66 -30.59
N TRP C 126 53.31 -57.83 -31.12
CA TRP C 126 53.82 -57.91 -32.48
C TRP C 126 52.77 -57.45 -33.48
N PHE C 127 53.14 -56.47 -34.31
CA PHE C 127 52.22 -55.95 -35.31
C PHE C 127 52.82 -56.01 -36.71
N GLU C 128 52.04 -56.57 -37.64
CA GLU C 128 52.44 -56.66 -39.04
C GLU C 128 51.42 -55.95 -39.92
N ALA C 129 51.91 -55.07 -40.80
CA ALA C 129 51.03 -54.31 -41.68
C ALA C 129 50.82 -55.02 -43.02
N THR C 130 49.59 -55.01 -43.50
CA THR C 130 49.25 -55.71 -44.74
C THR C 130 48.98 -54.77 -45.90
N ILE C 131 49.25 -53.48 -45.69
CA ILE C 131 49.05 -52.49 -46.75
C ILE C 131 50.39 -51.99 -47.28
N GLU C 132 50.37 -51.39 -48.47
CA GLU C 132 51.55 -50.76 -49.02
C GLU C 132 51.42 -49.24 -48.93
N GLU C 133 52.57 -48.56 -48.96
CA GLU C 133 52.59 -47.11 -48.84
C GLU C 133 52.06 -46.45 -50.11
N GLY C 134 51.59 -45.21 -49.97
CA GLY C 134 51.07 -44.46 -51.09
C GLY C 134 49.61 -44.76 -51.38
N THR C 135 48.96 -45.48 -50.48
CA THR C 135 47.55 -45.81 -50.63
C THR C 135 46.68 -44.91 -49.77
N GLU C 136 45.67 -44.31 -50.38
CA GLU C 136 44.75 -43.43 -49.66
C GLU C 136 43.97 -44.20 -48.61
N VAL C 137 43.80 -43.60 -47.43
CA VAL C 137 43.07 -44.25 -46.35
C VAL C 137 41.85 -43.44 -45.95
N SER C 138 40.80 -44.15 -45.54
CA SER C 138 39.60 -43.52 -45.04
C SER C 138 39.30 -44.04 -43.64
N ALA C 139 38.30 -43.46 -42.98
CA ALA C 139 37.90 -43.91 -41.66
C ALA C 139 37.37 -45.34 -41.73
N GLY C 140 37.88 -46.20 -40.85
CA GLY C 140 37.44 -47.58 -40.80
C GLY C 140 38.16 -48.49 -41.79
N ASP C 141 39.00 -47.91 -42.62
CA ASP C 141 39.80 -48.69 -43.57
C ASP C 141 41.13 -49.05 -42.95
N ILE C 142 41.61 -50.26 -43.20
CA ILE C 142 42.70 -50.78 -42.38
C ILE C 142 43.88 -51.42 -43.10
N ILE C 143 45.06 -51.26 -42.49
CA ILE C 143 46.34 -51.56 -43.11
C ILE C 143 47.17 -52.59 -42.36
N GLY C 144 46.68 -53.05 -41.20
CA GLY C 144 47.44 -53.98 -40.39
C GLY C 144 46.63 -54.75 -39.35
N TYR C 145 47.26 -55.74 -38.74
CA TYR C 145 46.61 -56.58 -37.74
C TYR C 145 47.49 -56.81 -36.52
N VAL C 146 46.87 -56.75 -35.34
CA VAL C 146 47.56 -57.06 -34.09
C VAL C 146 47.05 -58.38 -33.53
N ASP C 147 47.97 -59.29 -33.23
CA ASP C 147 47.58 -60.60 -32.75
C ASP C 147 47.38 -60.62 -31.25
N GLU C 148 46.29 -60.00 -30.79
CA GLU C 148 45.96 -59.96 -29.37
C GLU C 148 45.60 -61.36 -28.87
N THR C 149 44.82 -62.08 -29.66
CA THR C 149 44.48 -63.47 -29.36
C THR C 149 44.56 -64.33 -30.61
N LYS C 150 44.77 -65.62 -30.42
CA LYS C 150 44.86 -66.56 -31.53
C LYS C 150 43.52 -66.69 -32.22
N ILE C 151 42.47 -66.85 -31.43
CA ILE C 151 41.11 -67.00 -31.95
C ILE C 151 40.61 -65.71 -32.60
N ILE C 152 40.94 -64.58 -31.99
CA ILE C 152 40.50 -63.28 -32.50
C ILE C 152 41.68 -62.35 -32.74
N GLN C 153 41.94 -62.06 -34.01
CA GLN C 153 43.02 -61.15 -34.39
C GLN C 153 42.59 -59.70 -34.24
N HIS C 154 43.22 -58.98 -33.33
CA HIS C 154 42.93 -57.57 -33.15
C HIS C 154 43.33 -56.82 -34.41
N LYS C 155 42.47 -55.92 -34.85
CA LYS C 155 42.79 -55.14 -36.04
C LYS C 155 42.87 -53.66 -35.71
N ILE C 156 44.00 -53.05 -36.04
CA ILE C 156 44.18 -51.61 -35.92
C ILE C 156 43.03 -50.94 -36.65
N MET C 157 42.70 -49.71 -36.27
CA MET C 157 41.65 -48.97 -36.94
C MET C 157 42.00 -47.50 -37.03
N VAL C 158 41.87 -46.93 -38.22
CA VAL C 158 42.16 -45.51 -38.42
C VAL C 158 41.21 -44.66 -37.57
N PRO C 159 41.76 -43.67 -36.85
CA PRO C 159 40.97 -42.76 -36.03
C PRO C 159 39.98 -41.95 -36.85
N ASN C 160 38.76 -41.83 -36.34
CA ASN C 160 37.70 -41.08 -37.03
C ASN C 160 38.06 -39.61 -37.20
N GLY C 161 37.70 -39.05 -38.35
CA GLY C 161 37.95 -37.65 -38.63
C GLY C 161 39.33 -37.41 -39.23
N ILE C 162 40.05 -38.49 -39.48
CA ILE C 162 41.39 -38.39 -40.04
C ILE C 162 41.50 -39.13 -41.38
N LYS C 163 41.79 -38.38 -42.43
CA LYS C 163 41.98 -38.93 -43.78
C LYS C 163 43.23 -38.33 -44.43
N GLY C 164 44.09 -39.19 -44.95
CA GLY C 164 45.31 -38.71 -45.59
C GLY C 164 46.16 -39.81 -46.21
N THR C 165 47.04 -39.40 -47.10
CA THR C 165 47.97 -40.33 -47.76
C THR C 165 49.01 -40.83 -46.77
N VAL C 166 49.42 -42.09 -46.92
CA VAL C 166 50.41 -42.69 -46.03
C VAL C 166 51.78 -42.71 -46.67
N GLN C 167 52.72 -41.98 -46.08
CA GLN C 167 54.06 -41.85 -46.63
C GLN C 167 54.86 -43.14 -46.46
N LYS C 168 54.80 -43.71 -45.25
CA LYS C 168 55.57 -44.92 -44.96
C LYS C 168 54.82 -45.88 -44.04
N ILE C 169 55.02 -47.17 -44.28
CA ILE C 169 54.45 -48.22 -43.44
C ILE C 169 55.58 -49.05 -42.85
N GLU C 170 55.34 -49.64 -41.68
CA GLU C 170 56.35 -50.48 -41.04
C GLU C 170 55.71 -51.56 -40.18
N SER C 171 56.43 -52.67 -40.00
CA SER C 171 55.93 -53.81 -39.25
C SER C 171 56.91 -54.25 -38.17
N GLY C 172 56.39 -54.53 -36.98
CA GLY C 172 57.22 -54.98 -35.88
C GLY C 172 56.52 -55.00 -34.54
N SER C 173 57.29 -55.22 -33.48
CA SER C 173 56.75 -55.27 -32.12
C SER C 173 57.21 -54.09 -31.29
N PHE C 174 56.28 -53.18 -31.02
CA PHE C 174 56.59 -51.99 -30.23
C PHE C 174 55.46 -51.68 -29.26
N THR C 175 55.69 -50.73 -28.35
CA THR C 175 54.67 -50.33 -27.39
C THR C 175 53.51 -49.63 -28.10
N ILE C 176 52.37 -49.55 -27.43
CA ILE C 176 51.19 -48.94 -28.02
C ILE C 176 51.38 -47.45 -28.26
N ASP C 177 52.18 -46.82 -27.40
CA ASP C 177 52.44 -45.39 -27.51
C ASP C 177 53.33 -45.07 -28.72
N ASP C 178 54.10 -46.06 -29.16
CA ASP C 178 54.96 -45.89 -30.33
C ASP C 178 54.14 -45.77 -31.60
N PRO C 179 54.21 -44.60 -32.26
CA PRO C 179 53.54 -44.39 -33.55
C PRO C 179 54.35 -45.01 -34.69
N ILE C 180 53.79 -46.01 -35.36
CA ILE C 180 54.51 -46.69 -36.43
C ILE C 180 53.81 -46.52 -37.77
N CYS C 181 52.65 -45.88 -37.76
CA CYS C 181 51.94 -45.52 -38.97
C CYS C 181 51.91 -44.00 -39.13
N VAL C 182 52.31 -43.53 -40.30
CA VAL C 182 52.35 -42.09 -40.56
C VAL C 182 51.38 -41.69 -41.67
N ILE C 183 50.38 -40.89 -41.30
CA ILE C 183 49.38 -40.42 -42.26
C ILE C 183 49.53 -38.92 -42.52
N GLU C 184 49.55 -38.55 -43.79
CA GLU C 184 49.68 -37.15 -44.17
C GLU C 184 48.37 -36.39 -43.96
N THR C 185 48.47 -35.08 -43.80
CA THR C 185 47.30 -34.24 -43.61
C THR C 185 47.34 -33.04 -44.55
N GLU C 186 46.25 -32.29 -44.59
CA GLU C 186 46.20 -31.07 -45.39
C GLU C 186 47.19 -30.05 -44.84
N GLN C 187 47.34 -30.05 -43.52
CA GLN C 187 48.28 -29.16 -42.84
C GLN C 187 49.06 -29.90 -41.77
N GLY C 188 50.37 -30.02 -41.96
CA GLY C 188 51.22 -30.72 -41.01
C GLY C 188 51.27 -32.21 -41.24
N LEU C 189 51.85 -32.94 -40.30
CA LEU C 189 51.95 -34.39 -40.38
C LEU C 189 51.28 -35.05 -39.18
N LYS C 190 50.62 -36.18 -39.42
CA LYS C 190 49.89 -36.86 -38.36
C LYS C 190 50.41 -38.26 -38.09
N GLU C 191 50.60 -38.57 -36.81
CA GLU C 191 50.97 -39.92 -36.38
C GLU C 191 49.88 -40.47 -35.48
N LEU C 192 49.62 -41.77 -35.59
CA LEU C 192 48.55 -42.39 -34.80
C LEU C 192 49.01 -43.65 -34.09
N THR C 193 48.79 -43.69 -32.77
CA THR C 193 49.14 -44.84 -31.96
C THR C 193 48.11 -45.95 -32.14
N MET C 194 48.47 -47.17 -31.73
CA MET C 194 47.55 -48.29 -31.80
C MET C 194 46.38 -48.07 -30.85
N MET C 195 46.62 -47.30 -29.80
CA MET C 195 45.57 -46.94 -28.84
C MET C 195 44.60 -45.95 -29.47
N GLN C 196 43.31 -46.16 -29.23
CA GLN C 196 42.29 -45.28 -29.78
C GLN C 196 41.33 -44.80 -28.69
N LYS C 197 41.18 -43.49 -28.61
CA LYS C 197 40.29 -42.88 -27.62
C LYS C 197 38.99 -42.42 -28.28
N TRP C 198 37.86 -42.92 -27.79
CA TRP C 198 36.56 -42.58 -28.35
C TRP C 198 35.55 -42.23 -27.27
N PRO C 199 34.82 -41.12 -27.46
CA PRO C 199 33.79 -40.66 -26.52
C PRO C 199 32.64 -41.66 -26.41
N VAL C 200 32.31 -42.05 -25.20
CA VAL C 200 31.27 -43.06 -24.97
C VAL C 200 29.88 -42.55 -25.30
N ARG C 201 29.66 -41.25 -25.11
CA ARG C 201 28.36 -40.65 -25.35
C ARG C 201 27.97 -40.68 -26.83
N ARG C 202 28.95 -40.44 -27.70
CA ARG C 202 28.71 -40.44 -29.14
C ARG C 202 28.90 -41.83 -29.74
N GLY C 203 27.91 -42.28 -30.51
CA GLY C 203 27.98 -43.59 -31.12
C GLY C 203 28.91 -43.64 -32.32
N ARG C 204 29.40 -44.83 -32.64
CA ARG C 204 30.30 -45.00 -33.78
C ARG C 204 29.57 -44.80 -35.10
N PRO C 205 30.24 -44.15 -36.06
CA PRO C 205 29.70 -43.88 -37.39
C PRO C 205 29.86 -45.05 -38.35
N ILE C 206 28.82 -45.35 -39.11
CA ILE C 206 28.87 -46.40 -40.12
C ILE C 206 28.33 -45.88 -41.45
N LYS C 207 28.72 -46.52 -42.54
CA LYS C 207 28.24 -46.15 -43.86
C LYS C 207 26.74 -46.37 -43.99
N GLN C 208 26.31 -47.60 -43.69
CA GLN C 208 24.90 -47.95 -43.81
C GLN C 208 24.53 -49.05 -42.82
N LYS C 209 23.26 -49.06 -42.41
CA LYS C 209 22.76 -50.06 -41.48
C LYS C 209 21.89 -51.08 -42.21
N LEU C 210 22.03 -52.35 -41.86
CA LEU C 210 21.33 -53.42 -42.57
C LEU C 210 20.42 -54.22 -41.65
N ASN C 211 19.21 -54.50 -42.14
CA ASN C 211 18.27 -55.34 -41.41
C ASN C 211 18.82 -56.75 -41.25
N PRO C 212 19.14 -57.13 -40.00
CA PRO C 212 19.75 -58.43 -39.72
C PRO C 212 18.73 -59.55 -39.61
N ASP C 213 18.85 -60.55 -40.48
CA ASP C 213 17.96 -61.70 -40.46
C ASP C 213 18.73 -62.96 -40.06
N VAL C 214 20.01 -62.79 -39.77
CA VAL C 214 20.88 -63.91 -39.39
C VAL C 214 20.68 -64.27 -37.91
N PRO C 215 20.05 -65.43 -37.65
CA PRO C 215 19.74 -65.88 -36.29
C PRO C 215 20.98 -66.23 -35.48
N MET C 216 21.07 -65.69 -34.27
CA MET C 216 22.17 -65.98 -33.37
C MET C 216 21.95 -67.28 -32.62
N ILE C 217 22.97 -68.12 -32.57
CA ILE C 217 22.89 -69.40 -31.86
C ILE C 217 22.96 -69.16 -30.36
N THR C 218 21.88 -69.51 -29.65
CA THR C 218 21.78 -69.23 -28.23
C THR C 218 22.35 -70.35 -27.37
N GLY C 219 22.29 -71.57 -27.88
CA GLY C 219 22.71 -72.73 -27.14
C GLY C 219 21.59 -73.23 -26.23
N GLN C 220 20.57 -72.39 -26.07
CA GLN C 220 19.40 -72.75 -25.29
C GLN C 220 18.23 -73.11 -26.20
N ARG C 221 17.40 -74.06 -25.77
CA ARG C 221 16.29 -74.55 -26.58
C ARG C 221 15.20 -73.51 -26.74
N VAL C 222 14.65 -73.04 -25.62
CA VAL C 222 13.50 -72.15 -25.62
C VAL C 222 13.70 -70.90 -26.48
N ILE C 223 14.93 -70.39 -26.51
CA ILE C 223 15.22 -69.20 -27.30
C ILE C 223 15.28 -69.53 -28.78
N ASP C 224 16.27 -70.33 -29.18
CA ASP C 224 16.46 -70.68 -30.58
C ASP C 224 15.22 -71.30 -31.21
N THR C 225 14.46 -72.06 -30.42
CA THR C 225 13.32 -72.80 -30.95
C THR C 225 12.06 -71.95 -31.03
N PHE C 226 11.85 -71.10 -30.02
CA PHE C 226 10.61 -70.35 -29.93
C PHE C 226 10.80 -68.86 -30.25
N PHE C 227 11.80 -68.24 -29.66
CA PHE C 227 12.05 -66.81 -29.87
C PHE C 227 13.46 -66.55 -30.37
N PRO C 228 13.81 -67.08 -31.55
CA PRO C 228 15.16 -66.95 -32.10
C PRO C 228 15.56 -65.51 -32.35
N VAL C 229 16.71 -65.11 -31.80
CA VAL C 229 17.19 -63.75 -31.96
C VAL C 229 18.26 -63.66 -33.05
N THR C 230 17.98 -62.84 -34.06
CA THR C 230 18.95 -62.60 -35.13
C THR C 230 20.10 -61.76 -34.60
N LYS C 231 21.26 -61.85 -35.24
CA LYS C 231 22.39 -60.99 -34.90
C LYS C 231 21.99 -59.53 -35.06
N GLY C 232 22.65 -58.64 -34.31
CA GLY C 232 22.34 -57.23 -34.38
C GLY C 232 20.94 -56.90 -33.88
N GLY C 233 20.34 -57.83 -33.15
CA GLY C 233 19.01 -57.64 -32.62
C GLY C 233 19.00 -57.62 -31.09
N ALA C 234 18.46 -56.54 -30.53
CA ALA C 234 18.42 -56.39 -29.08
C ALA C 234 17.33 -57.27 -28.46
N ALA C 235 17.57 -57.72 -27.24
CA ALA C 235 16.62 -58.58 -26.53
C ALA C 235 16.47 -58.14 -25.07
N ALA C 236 15.27 -58.35 -24.52
CA ALA C 236 15.00 -57.95 -23.14
C ALA C 236 14.49 -59.13 -22.31
N VAL C 237 14.88 -59.15 -21.03
CA VAL C 237 14.49 -60.24 -20.14
C VAL C 237 13.98 -59.74 -18.78
N PRO C 238 12.67 -59.47 -18.69
CA PRO C 238 11.99 -59.14 -17.43
C PRO C 238 11.55 -60.38 -16.61
N GLY C 239 12.04 -60.50 -15.38
CA GLY C 239 11.66 -61.58 -14.49
C GLY C 239 12.06 -61.27 -13.06
N PRO C 240 11.51 -62.03 -12.08
CA PRO C 240 11.89 -61.78 -10.69
C PRO C 240 13.19 -62.47 -10.31
N PHE C 241 13.64 -62.23 -9.09
CA PHE C 241 14.88 -62.81 -8.57
C PHE C 241 14.80 -64.33 -8.51
N GLY C 242 15.88 -64.98 -8.93
CA GLY C 242 15.94 -66.43 -8.98
C GLY C 242 15.29 -67.01 -10.23
N ALA C 243 14.91 -66.13 -11.15
CA ALA C 243 14.23 -66.55 -12.37
C ALA C 243 15.19 -67.21 -13.36
N GLY C 244 16.43 -66.72 -13.41
CA GLY C 244 17.43 -67.31 -14.28
C GLY C 244 17.89 -66.40 -15.41
N LYS C 245 17.45 -65.15 -15.38
CA LYS C 245 17.83 -64.18 -16.40
C LYS C 245 19.34 -64.03 -16.48
N THR C 246 19.97 -63.88 -15.33
CA THR C 246 21.42 -63.73 -15.26
C THR C 246 22.14 -65.00 -15.71
N VAL C 247 21.58 -66.15 -15.34
CA VAL C 247 22.13 -67.43 -15.77
C VAL C 247 21.99 -67.57 -17.29
N VAL C 248 20.85 -67.16 -17.82
CA VAL C 248 20.62 -67.19 -19.26
C VAL C 248 21.65 -66.35 -20.00
N GLN C 249 21.88 -65.13 -19.52
CA GLN C 249 22.86 -64.23 -20.12
C GLN C 249 24.25 -64.86 -20.14
N HIS C 250 24.62 -65.52 -19.05
CA HIS C 250 25.89 -66.23 -18.97
C HIS C 250 25.93 -67.36 -20.00
N GLN C 251 24.89 -68.20 -19.98
CA GLN C 251 24.80 -69.32 -20.89
C GLN C 251 24.91 -68.89 -22.35
N ILE C 252 24.13 -67.88 -22.72
CA ILE C 252 24.12 -67.38 -24.09
C ILE C 252 25.50 -66.91 -24.53
N ALA C 253 26.15 -66.12 -23.68
CA ALA C 253 27.43 -65.50 -24.01
C ALA C 253 28.54 -66.52 -24.26
N LYS C 254 28.64 -67.52 -23.40
CA LYS C 254 29.72 -68.49 -23.46
C LYS C 254 29.55 -69.46 -24.64
N TRP C 255 28.30 -69.78 -24.97
CA TRP C 255 28.02 -70.67 -26.09
C TRP C 255 27.64 -69.88 -27.34
N SER C 256 27.86 -68.57 -27.30
CA SER C 256 27.48 -67.69 -28.40
C SER C 256 28.27 -67.98 -29.67
N ASP C 257 27.64 -67.75 -30.81
CA ASP C 257 28.27 -67.94 -32.10
C ASP C 257 29.17 -66.75 -32.46
N VAL C 258 28.85 -65.59 -31.90
CA VAL C 258 29.62 -64.38 -32.14
C VAL C 258 31.07 -64.55 -31.69
N ASP C 259 32.00 -63.99 -32.48
CA ASP C 259 33.42 -64.12 -32.19
C ASP C 259 33.83 -63.20 -31.05
N LEU C 260 33.06 -62.14 -30.84
CA LEU C 260 33.35 -61.16 -29.80
C LEU C 260 32.18 -61.05 -28.83
N VAL C 261 32.47 -61.22 -27.53
CA VAL C 261 31.44 -61.09 -26.51
C VAL C 261 31.83 -60.04 -25.47
N VAL C 262 30.89 -59.16 -25.16
CA VAL C 262 31.14 -58.11 -24.17
C VAL C 262 30.14 -58.19 -23.03
N TYR C 263 30.58 -58.68 -21.88
CA TYR C 263 29.70 -58.80 -20.73
C TYR C 263 29.93 -57.65 -19.76
N VAL C 264 28.91 -56.83 -19.57
CA VAL C 264 29.00 -55.68 -18.67
C VAL C 264 28.07 -55.85 -17.48
N GLY C 265 28.62 -55.70 -16.28
CA GLY C 265 27.85 -55.87 -15.05
C GLY C 265 27.44 -54.56 -14.40
N CYS C 266 26.14 -54.28 -14.43
CA CYS C 266 25.60 -53.08 -13.82
C CYS C 266 24.79 -53.41 -12.57
N GLY C 267 25.30 -53.04 -11.41
CA GLY C 267 24.63 -53.30 -10.16
C GLY C 267 24.52 -54.78 -9.86
N GLU C 268 25.47 -55.55 -10.38
CA GLU C 268 25.48 -57.00 -10.19
C GLU C 268 26.24 -57.41 -8.94
N ARG C 269 25.94 -58.61 -8.46
CA ARG C 269 26.65 -59.19 -7.33
C ARG C 269 28.12 -59.40 -7.69
N GLY C 270 29.00 -59.12 -6.74
CA GLY C 270 30.43 -59.28 -6.96
C GLY C 270 30.81 -60.71 -7.27
N ASN C 271 30.09 -61.66 -6.68
CA ASN C 271 30.35 -63.08 -6.90
C ASN C 271 30.12 -63.50 -8.34
N GLU C 272 29.10 -62.91 -8.96
CA GLU C 272 28.77 -63.20 -10.36
C GLU C 272 29.93 -62.83 -11.27
N MET C 273 30.42 -61.60 -11.12
CA MET C 273 31.53 -61.11 -11.93
C MET C 273 32.83 -61.85 -11.58
N THR C 274 32.99 -62.16 -10.29
CA THR C 274 34.16 -62.90 -9.83
C THR C 274 34.20 -64.30 -10.43
N ASP C 275 33.03 -64.94 -10.48
CA ASP C 275 32.92 -66.29 -11.01
C ASP C 275 33.34 -66.36 -12.48
N VAL C 276 33.03 -65.30 -13.23
CA VAL C 276 33.34 -65.24 -14.65
C VAL C 276 34.84 -65.36 -14.91
N VAL C 277 35.62 -64.47 -14.30
CA VAL C 277 37.06 -64.41 -14.54
C VAL C 277 37.78 -65.70 -14.13
N ASN C 278 37.04 -66.61 -13.49
CA ASN C 278 37.60 -67.90 -13.10
C ASN C 278 36.94 -69.05 -13.87
N GLU C 279 35.64 -68.96 -14.05
CA GLU C 279 34.88 -70.00 -14.74
C GLU C 279 35.04 -69.89 -16.26
N PHE C 280 35.20 -68.67 -16.75
CA PHE C 280 35.36 -68.43 -18.17
C PHE C 280 36.65 -69.03 -18.72
N PRO C 281 37.79 -68.76 -18.08
CA PRO C 281 39.07 -69.33 -18.51
C PRO C 281 39.06 -70.85 -18.54
N GLU C 282 38.27 -71.47 -17.66
CA GLU C 282 38.15 -72.92 -17.62
C GLU C 282 37.38 -73.45 -18.82
N LEU C 283 36.39 -72.69 -19.27
CA LEU C 283 35.60 -73.07 -20.43
C LEU C 283 36.40 -73.00 -21.71
N ILE C 284 36.37 -74.08 -22.48
CA ILE C 284 37.10 -74.16 -23.74
C ILE C 284 36.17 -74.47 -24.91
N ASP C 285 36.42 -73.83 -26.04
CA ASP C 285 35.64 -74.08 -27.25
C ASP C 285 36.49 -74.89 -28.23
N PRO C 286 35.87 -75.88 -28.89
CA PRO C 286 36.58 -76.78 -29.81
C PRO C 286 37.23 -76.03 -30.98
N ASN C 287 38.49 -76.37 -31.25
CA ASN C 287 39.24 -75.80 -32.38
C ASN C 287 39.55 -74.32 -32.22
N THR C 288 39.27 -73.77 -31.05
CA THR C 288 39.59 -72.37 -30.78
C THR C 288 41.01 -72.24 -30.24
N GLY C 289 41.45 -73.23 -29.48
CA GLY C 289 42.81 -73.29 -28.99
C GLY C 289 43.07 -72.38 -27.79
N GLU C 290 42.03 -71.73 -27.29
CA GLU C 290 42.17 -70.84 -26.14
C GLU C 290 40.88 -70.72 -25.35
N SER C 291 41.00 -70.23 -24.12
CA SER C 291 39.84 -69.98 -23.28
C SER C 291 38.99 -68.86 -23.87
N LEU C 292 37.68 -68.94 -23.66
CA LEU C 292 36.76 -67.97 -24.24
C LEU C 292 36.81 -66.62 -23.52
N MET C 293 37.62 -66.54 -22.47
CA MET C 293 37.83 -65.27 -21.77
C MET C 293 38.74 -64.38 -22.59
N GLU C 294 39.55 -65.00 -23.43
CA GLU C 294 40.49 -64.30 -24.32
C GLU C 294 39.74 -63.44 -25.34
N ARG C 295 38.58 -63.93 -25.76
CA ARG C 295 37.77 -63.23 -26.76
C ARG C 295 36.74 -62.32 -26.11
N THR C 296 36.44 -62.59 -24.84
CA THR C 296 35.40 -61.86 -24.13
C THR C 296 35.95 -60.61 -23.46
N VAL C 297 35.22 -59.51 -23.59
CA VAL C 297 35.56 -58.27 -22.92
C VAL C 297 34.63 -58.07 -21.72
N LEU C 298 35.23 -57.90 -20.54
CA LEU C 298 34.44 -57.83 -19.32
C LEU C 298 34.53 -56.47 -18.62
N ILE C 299 33.37 -55.85 -18.39
CA ILE C 299 33.30 -54.65 -17.58
C ILE C 299 32.50 -54.94 -16.32
N ALA C 300 33.12 -54.73 -15.17
CA ALA C 300 32.49 -55.08 -13.90
C ALA C 300 32.21 -53.85 -13.04
N ASN C 301 30.95 -53.68 -12.67
CA ASN C 301 30.55 -52.62 -11.75
C ASN C 301 29.59 -53.17 -10.71
N THR C 302 30.10 -53.39 -9.50
CA THR C 302 29.30 -53.98 -8.43
C THR C 302 28.12 -53.08 -8.06
N SER C 303 27.11 -53.67 -7.42
CA SER C 303 25.91 -52.95 -7.03
C SER C 303 26.21 -51.89 -5.97
N ASN C 304 27.18 -52.20 -5.11
CA ASN C 304 27.56 -51.32 -4.01
C ASN C 304 28.29 -50.05 -4.45
N MET C 305 29.05 -50.15 -5.53
CA MET C 305 29.72 -48.99 -6.11
C MET C 305 28.71 -47.87 -6.35
N PRO C 306 29.16 -46.61 -6.32
CA PRO C 306 28.26 -45.48 -6.57
C PRO C 306 27.45 -45.67 -7.86
N VAL C 307 26.15 -45.44 -7.77
CA VAL C 307 25.23 -45.71 -8.87
C VAL C 307 25.55 -44.89 -10.12
N ALA C 308 26.03 -43.67 -9.91
CA ALA C 308 26.38 -42.78 -11.01
C ALA C 308 27.30 -43.45 -12.01
N ALA C 309 28.14 -44.37 -11.51
CA ALA C 309 29.07 -45.09 -12.35
C ALA C 309 28.39 -46.18 -13.16
N ARG C 310 27.16 -46.51 -12.81
CA ARG C 310 26.40 -47.54 -13.53
C ARG C 310 26.21 -47.13 -14.99
N GLU C 311 25.87 -45.85 -15.20
CA GLU C 311 25.64 -45.34 -16.54
C GLU C 311 26.92 -45.43 -17.39
N ALA C 312 28.06 -45.34 -16.73
CA ALA C 312 29.35 -45.40 -17.41
C ALA C 312 29.62 -46.81 -17.94
N SER C 313 29.34 -47.81 -17.11
CA SER C 313 29.56 -49.21 -17.48
C SER C 313 28.75 -49.59 -18.71
N ILE C 314 27.51 -49.11 -18.79
CA ILE C 314 26.66 -49.37 -19.94
C ILE C 314 27.24 -48.71 -21.19
N TYR C 315 27.74 -47.48 -21.02
CA TYR C 315 28.30 -46.71 -22.14
C TYR C 315 29.71 -47.17 -22.49
N THR C 316 30.45 -47.65 -21.50
CA THR C 316 31.80 -48.15 -21.72
C THR C 316 31.77 -49.47 -22.49
N GLY C 317 30.86 -50.36 -22.10
CA GLY C 317 30.74 -51.66 -22.72
C GLY C 317 30.28 -51.58 -24.16
N ILE C 318 29.31 -50.70 -24.43
CA ILE C 318 28.77 -50.55 -25.78
C ILE C 318 29.81 -49.95 -26.73
N THR C 319 30.70 -49.13 -26.18
CA THR C 319 31.75 -48.50 -26.99
C THR C 319 32.78 -49.52 -27.42
N ILE C 320 33.17 -50.39 -26.50
CA ILE C 320 34.11 -51.45 -26.80
C ILE C 320 33.50 -52.44 -27.78
N ALA C 321 32.20 -52.69 -27.64
CA ALA C 321 31.48 -53.59 -28.52
C ALA C 321 31.37 -52.99 -29.93
N GLU C 322 31.14 -51.68 -29.98
CA GLU C 322 31.02 -50.99 -31.26
C GLU C 322 32.35 -50.99 -32.02
N TYR C 323 33.44 -50.77 -31.30
CA TYR C 323 34.77 -50.77 -31.91
C TYR C 323 35.09 -52.14 -32.50
N PHE C 324 34.78 -53.19 -31.75
CA PHE C 324 34.98 -54.55 -32.22
C PHE C 324 33.99 -54.89 -33.32
N ARG C 325 32.84 -54.21 -33.31
CA ARG C 325 31.85 -54.37 -34.35
C ARG C 325 32.33 -53.75 -35.66
N ASP C 326 33.02 -52.62 -35.54
CA ASP C 326 33.56 -51.92 -36.71
C ASP C 326 34.55 -52.78 -37.47
N MET C 327 35.13 -53.77 -36.80
CA MET C 327 36.07 -54.68 -37.44
C MET C 327 35.34 -55.65 -38.37
N GLY C 328 34.01 -55.66 -38.28
CA GLY C 328 33.21 -56.57 -39.08
C GLY C 328 32.99 -57.89 -38.39
N TYR C 329 33.72 -58.11 -37.30
CA TYR C 329 33.57 -59.33 -36.51
C TYR C 329 32.28 -59.32 -35.71
N ASP C 330 31.65 -60.48 -35.59
CA ASP C 330 30.44 -60.61 -34.79
C ASP C 330 30.72 -60.28 -33.33
N VAL C 331 29.88 -59.41 -32.77
CA VAL C 331 30.06 -58.98 -31.38
C VAL C 331 28.80 -59.23 -30.57
N ALA C 332 28.97 -59.49 -29.28
CA ALA C 332 27.85 -59.65 -28.37
C ALA C 332 28.07 -58.80 -27.13
N ILE C 333 27.04 -58.06 -26.74
CA ILE C 333 27.12 -57.21 -25.55
C ILE C 333 26.04 -57.59 -24.53
N MET C 334 26.47 -58.10 -23.39
CA MET C 334 25.55 -58.53 -22.34
C MET C 334 25.53 -57.52 -21.21
N ALA C 335 24.40 -56.86 -21.02
CA ALA C 335 24.29 -55.81 -20.01
C ALA C 335 23.33 -56.19 -18.88
N ASP C 336 23.91 -56.52 -17.72
CA ASP C 336 23.14 -56.85 -16.54
C ASP C 336 23.62 -55.96 -15.38
N SER C 337 22.73 -55.18 -14.80
CA SER C 337 21.33 -55.10 -15.20
C SER C 337 20.96 -53.71 -15.70
N THR C 338 20.16 -53.65 -16.75
CA THR C 338 19.72 -52.37 -17.31
C THR C 338 18.76 -51.64 -16.36
N SER C 339 18.22 -52.38 -15.40
CA SER C 339 17.32 -51.81 -14.41
C SER C 339 18.08 -50.89 -13.45
N ARG C 340 19.30 -51.30 -13.12
CA ARG C 340 20.16 -50.52 -12.24
C ARG C 340 20.53 -49.19 -12.89
N TRP C 341 20.75 -49.21 -14.20
CA TRP C 341 21.03 -48.00 -14.96
C TRP C 341 19.86 -47.03 -14.87
N ALA C 342 18.65 -47.56 -15.00
CA ALA C 342 17.44 -46.75 -14.91
C ALA C 342 17.30 -46.14 -13.52
N GLU C 343 17.65 -46.91 -12.50
CA GLU C 343 17.60 -46.42 -11.13
C GLU C 343 18.64 -45.34 -10.90
N ALA C 344 19.76 -45.44 -11.62
CA ALA C 344 20.82 -44.46 -11.53
C ALA C 344 20.38 -43.12 -12.10
N LEU C 345 19.63 -43.16 -13.20
CA LEU C 345 19.11 -41.96 -13.83
C LEU C 345 18.09 -41.26 -12.93
N ARG C 346 17.33 -42.06 -12.19
CA ARG C 346 16.33 -41.52 -11.28
C ARG C 346 16.97 -40.76 -10.13
N GLU C 347 18.13 -41.25 -9.69
CA GLU C 347 18.89 -40.60 -8.62
C GLU C 347 19.28 -39.18 -9.01
N MET C 348 19.75 -39.03 -10.24
CA MET C 348 20.16 -37.72 -10.76
C MET C 348 18.97 -36.77 -10.83
N SER C 349 17.90 -37.19 -11.49
CA SER C 349 16.70 -36.39 -11.63
C SER C 349 16.14 -35.98 -10.27
N GLY C 350 16.18 -36.90 -9.32
CA GLY C 350 15.71 -36.65 -7.98
C GLY C 350 16.56 -35.62 -7.26
N ARG C 351 17.86 -35.76 -7.36
CA ARG C 351 18.79 -34.84 -6.69
C ARG C 351 18.94 -33.54 -7.48
N LEU C 352 18.70 -33.60 -8.78
CA LEU C 352 18.66 -32.40 -9.61
C LEU C 352 17.32 -31.68 -9.40
N GLU C 353 16.43 -32.34 -8.69
CA GLU C 353 15.08 -31.83 -8.45
C GLU C 353 14.34 -31.68 -9.76
N GLU C 354 14.73 -32.47 -10.76
CA GLU C 354 14.08 -32.49 -12.05
C GLU C 354 12.78 -33.30 -11.96
N MET C 355 11.92 -33.16 -12.96
CA MET C 355 10.64 -33.84 -12.96
C MET C 355 10.80 -35.33 -13.24
N PRO C 356 10.23 -36.18 -12.36
CA PRO C 356 10.29 -37.63 -12.50
C PRO C 356 9.08 -38.18 -13.25
N GLY C 357 9.30 -39.10 -14.17
CA GLY C 357 8.22 -39.81 -14.82
C GLY C 357 7.64 -40.84 -13.86
N ASP C 358 6.80 -41.73 -14.38
CA ASP C 358 6.15 -42.74 -13.56
C ASP C 358 7.17 -43.59 -12.82
N GLU C 359 6.91 -43.85 -11.53
CA GLU C 359 7.79 -44.63 -10.69
C GLU C 359 9.12 -43.92 -10.42
N GLY C 360 9.12 -42.59 -10.53
CA GLY C 360 10.27 -41.80 -10.18
C GLY C 360 11.31 -41.64 -11.28
N TYR C 361 11.28 -42.54 -12.26
CA TYR C 361 12.22 -42.48 -13.38
C TYR C 361 12.07 -41.16 -14.13
N PRO C 362 13.18 -40.62 -14.64
CA PRO C 362 13.14 -39.39 -15.41
C PRO C 362 12.35 -39.57 -16.71
N ALA C 363 11.73 -38.49 -17.20
CA ALA C 363 10.93 -38.56 -18.41
C ALA C 363 11.78 -38.86 -19.64
N TYR C 364 13.03 -38.37 -19.62
CA TYR C 364 13.94 -38.58 -20.73
C TYR C 364 14.58 -39.96 -20.68
N LEU C 365 14.29 -40.71 -19.63
CA LEU C 365 14.86 -42.04 -19.45
C LEU C 365 14.42 -43.00 -20.54
N GLY C 366 13.13 -42.97 -20.88
CA GLY C 366 12.59 -43.82 -21.93
C GLY C 366 13.26 -43.52 -23.27
N SER C 367 13.55 -42.25 -23.51
CA SER C 367 14.23 -41.83 -24.72
C SER C 367 15.70 -42.22 -24.69
N ARG C 368 16.27 -42.28 -23.49
CA ARG C 368 17.68 -42.58 -23.33
C ARG C 368 17.99 -44.04 -23.68
N LEU C 369 17.03 -44.92 -23.42
CA LEU C 369 17.21 -46.34 -23.72
C LEU C 369 17.34 -46.58 -25.21
N ALA C 370 16.66 -45.76 -26.00
CA ALA C 370 16.68 -45.88 -27.45
C ALA C 370 18.08 -45.66 -28.01
N GLU C 371 18.77 -44.65 -27.49
CA GLU C 371 20.10 -44.29 -27.98
C GLU C 371 21.10 -45.42 -27.79
N TYR C 372 21.13 -45.99 -26.59
CA TYR C 372 22.04 -47.09 -26.28
C TYR C 372 21.70 -48.34 -27.08
N TYR C 373 20.42 -48.67 -27.16
CA TYR C 373 19.97 -49.85 -27.88
C TYR C 373 20.17 -49.73 -29.39
N GLU C 374 20.00 -48.52 -29.91
CA GLU C 374 20.05 -48.30 -31.35
C GLU C 374 21.45 -48.51 -31.92
N ARG C 375 22.46 -48.28 -31.10
CA ARG C 375 23.85 -48.46 -31.52
C ARG C 375 24.12 -49.92 -31.86
N SER C 376 23.51 -50.83 -31.10
CA SER C 376 23.65 -52.26 -31.33
C SER C 376 22.87 -52.68 -32.58
N GLY C 377 23.53 -53.45 -33.44
CA GLY C 377 22.89 -53.95 -34.65
C GLY C 377 23.87 -54.37 -35.73
N ARG C 378 23.34 -54.94 -36.80
CA ARG C 378 24.15 -55.36 -37.94
C ARG C 378 24.35 -54.21 -38.92
N VAL C 379 25.57 -53.69 -38.99
CA VAL C 379 25.86 -52.54 -39.84
C VAL C 379 27.11 -52.74 -40.68
N ILE C 380 27.17 -52.05 -41.81
CA ILE C 380 28.37 -52.03 -42.64
C ILE C 380 29.38 -51.06 -42.04
N ALA C 381 30.58 -51.56 -41.74
CA ALA C 381 31.61 -50.74 -41.12
C ALA C 381 32.18 -49.72 -42.10
N LEU C 382 32.82 -48.69 -41.56
CA LEU C 382 33.45 -47.66 -42.38
C LEU C 382 34.65 -48.21 -43.14
N GLY C 383 35.10 -47.48 -44.14
CA GLY C 383 36.22 -47.90 -44.97
C GLY C 383 35.75 -48.36 -46.35
N SER C 384 36.71 -48.56 -47.24
CA SER C 384 36.40 -49.01 -48.60
C SER C 384 35.93 -50.46 -48.60
N ASP C 385 36.44 -51.24 -47.66
CA ASP C 385 36.12 -52.65 -47.55
C ASP C 385 34.64 -52.85 -47.24
N GLN C 386 34.09 -51.99 -46.39
CA GLN C 386 32.68 -52.03 -46.05
C GLN C 386 32.29 -53.33 -45.36
N ARG C 387 33.15 -53.82 -44.49
CA ARG C 387 32.89 -55.06 -43.75
C ARG C 387 31.67 -54.88 -42.84
N GLU C 388 31.04 -55.98 -42.47
CA GLU C 388 29.78 -55.93 -41.74
C GLU C 388 29.86 -56.58 -40.36
N GLY C 389 29.76 -55.77 -39.31
CA GLY C 389 29.77 -56.28 -37.95
C GLY C 389 28.40 -56.22 -37.31
N SER C 390 28.02 -57.29 -36.61
CA SER C 390 26.71 -57.38 -35.99
C SER C 390 26.82 -57.63 -34.49
N ILE C 391 26.19 -56.75 -33.70
CA ILE C 391 26.20 -56.87 -32.25
C ILE C 391 24.84 -57.27 -31.71
N THR C 392 24.77 -58.41 -31.03
CA THR C 392 23.54 -58.84 -30.39
C THR C 392 23.54 -58.39 -28.92
N ALA C 393 22.67 -57.44 -28.60
CA ALA C 393 22.64 -56.88 -27.25
C ALA C 393 21.55 -57.51 -26.39
N ILE C 394 21.94 -58.05 -25.26
CA ILE C 394 21.00 -58.66 -24.32
C ILE C 394 20.99 -57.88 -23.01
N SER C 395 19.83 -57.32 -22.66
CA SER C 395 19.69 -56.55 -21.43
C SER C 395 18.47 -57.00 -20.65
N ALA C 396 18.70 -57.45 -19.41
CA ALA C 396 17.62 -57.94 -18.57
C ALA C 396 17.21 -56.90 -17.53
N VAL C 397 16.01 -56.35 -17.68
CA VAL C 397 15.52 -55.33 -16.77
C VAL C 397 14.72 -55.95 -15.63
N SER C 398 15.09 -55.61 -14.39
CA SER C 398 14.41 -56.13 -13.22
C SER C 398 13.05 -55.49 -13.01
N PRO C 399 11.97 -56.28 -13.11
CA PRO C 399 10.61 -55.82 -12.86
C PRO C 399 10.27 -55.76 -11.38
N SER C 400 9.84 -54.60 -10.90
CA SER C 400 9.50 -54.43 -9.49
C SER C 400 8.27 -55.24 -9.13
N GLY C 401 8.43 -56.17 -8.20
CA GLY C 401 7.34 -57.04 -7.79
C GLY C 401 7.05 -58.10 -8.84
N GLY C 402 8.05 -58.38 -9.67
CA GLY C 402 7.90 -59.34 -10.76
C GLY C 402 6.81 -58.90 -11.72
N ASP C 403 6.76 -57.59 -11.97
CA ASP C 403 5.71 -57.01 -12.80
C ASP C 403 6.26 -56.40 -14.07
N ILE C 404 5.74 -56.86 -15.21
CA ILE C 404 6.12 -56.32 -16.51
C ILE C 404 5.65 -54.88 -16.68
N SER C 405 4.90 -54.39 -15.69
CA SER C 405 4.34 -53.05 -15.73
C SER C 405 5.37 -51.98 -15.40
N GLU C 406 6.58 -52.40 -15.02
CA GLU C 406 7.63 -51.46 -14.69
C GLU C 406 7.95 -50.55 -15.87
N PRO C 407 8.06 -49.23 -15.62
CA PRO C 407 8.28 -48.19 -16.62
C PRO C 407 9.43 -48.50 -17.57
N VAL C 408 10.48 -49.11 -17.04
CA VAL C 408 11.64 -49.48 -17.86
C VAL C 408 11.24 -50.56 -18.86
N THR C 409 10.56 -51.58 -18.37
CA THR C 409 10.13 -52.70 -19.20
C THR C 409 9.27 -52.23 -20.37
N GLN C 410 8.27 -51.40 -20.08
CA GLN C 410 7.40 -50.82 -21.10
C GLN C 410 8.21 -50.02 -22.11
N ASN C 411 9.10 -49.17 -21.62
CA ASN C 411 9.95 -48.36 -22.47
C ASN C 411 11.04 -49.18 -23.17
N THR C 412 11.48 -50.24 -22.52
CA THR C 412 12.54 -51.09 -23.08
C THR C 412 11.98 -52.05 -24.11
N LEU C 413 10.67 -52.26 -24.07
CA LEU C 413 10.03 -53.21 -24.97
C LEU C 413 9.76 -52.66 -26.37
N ARG C 414 9.73 -51.33 -26.49
CA ARG C 414 9.48 -50.71 -27.79
C ARG C 414 10.77 -50.62 -28.61
N VAL C 415 11.90 -50.46 -27.92
CA VAL C 415 13.18 -50.34 -28.60
C VAL C 415 13.74 -51.70 -29.01
N VAL C 416 13.27 -52.77 -28.38
CA VAL C 416 13.72 -54.11 -28.70
C VAL C 416 12.57 -54.95 -29.24
N LYS C 417 12.86 -55.77 -30.25
CA LYS C 417 11.83 -56.61 -30.87
C LYS C 417 11.76 -57.98 -30.22
N VAL C 418 12.84 -58.38 -29.55
CA VAL C 418 12.88 -59.67 -28.88
C VAL C 418 12.36 -59.56 -27.45
N PHE C 419 11.54 -60.54 -27.05
CA PHE C 419 10.98 -60.55 -25.71
C PHE C 419 11.29 -61.87 -25.00
N TRP C 420 11.86 -61.77 -23.81
CA TRP C 420 12.18 -62.95 -23.02
C TRP C 420 11.57 -62.84 -21.63
N GLY C 421 10.24 -62.86 -21.57
CA GLY C 421 9.53 -62.78 -20.32
C GLY C 421 9.74 -64.01 -19.45
N LEU C 422 9.91 -63.79 -18.15
CA LEU C 422 10.12 -64.90 -17.22
C LEU C 422 8.98 -64.99 -16.23
N ASP C 423 8.52 -66.22 -15.98
CA ASP C 423 7.46 -66.45 -15.01
C ASP C 423 8.07 -66.96 -13.70
N SER C 424 7.54 -66.47 -12.58
CA SER C 424 8.04 -66.87 -11.28
C SER C 424 7.66 -68.31 -10.96
N SER C 425 6.43 -68.69 -11.31
CA SER C 425 5.94 -70.04 -11.05
C SER C 425 6.78 -71.09 -11.76
N LEU C 426 6.94 -70.93 -13.07
CA LEU C 426 7.73 -71.85 -13.88
C LEU C 426 9.14 -71.96 -13.35
N ALA C 427 9.69 -70.83 -12.90
CA ALA C 427 11.01 -70.82 -12.29
C ALA C 427 10.98 -71.52 -10.93
N GLN C 428 9.90 -71.29 -10.19
CA GLN C 428 9.71 -71.93 -8.89
C GLN C 428 9.48 -73.43 -9.04
N LYS C 429 9.05 -73.85 -10.23
CA LYS C 429 8.86 -75.26 -10.51
C LYS C 429 10.17 -75.95 -10.88
N ARG C 430 11.28 -75.25 -10.68
CA ARG C 430 12.61 -75.78 -11.01
C ARG C 430 12.79 -75.98 -12.51
N HIS C 431 11.87 -75.44 -13.30
CA HIS C 431 11.93 -75.58 -14.75
C HIS C 431 12.72 -74.44 -15.38
N PHE C 432 13.73 -74.81 -16.17
CA PHE C 432 14.59 -73.82 -16.82
C PHE C 432 14.98 -74.26 -18.22
N PRO C 433 15.20 -73.29 -19.13
CA PRO C 433 15.11 -71.84 -18.88
C PRO C 433 13.69 -71.39 -18.50
N SER C 434 13.61 -70.44 -17.59
CA SER C 434 12.32 -69.97 -17.08
C SER C 434 11.68 -68.91 -17.98
N ILE C 435 11.35 -69.30 -19.20
CA ILE C 435 10.69 -68.38 -20.13
C ILE C 435 9.30 -68.87 -20.49
N ASN C 436 8.32 -67.96 -20.46
CA ASN C 436 6.95 -68.31 -20.79
C ASN C 436 6.66 -68.07 -22.27
N TRP C 437 6.42 -69.16 -23.00
CA TRP C 437 6.16 -69.09 -24.44
C TRP C 437 4.91 -68.30 -24.76
N ILE C 438 3.89 -68.44 -23.92
CA ILE C 438 2.62 -67.74 -24.12
C ILE C 438 2.78 -66.23 -23.92
N GLN C 439 3.53 -65.86 -22.89
CA GLN C 439 3.69 -64.46 -22.54
C GLN C 439 4.78 -63.77 -23.37
N SER C 440 5.82 -64.52 -23.71
CA SER C 440 6.93 -63.97 -24.48
C SER C 440 6.56 -63.85 -25.96
N TYR C 441 6.97 -62.74 -26.58
CA TYR C 441 6.73 -62.55 -28.01
C TYR C 441 8.04 -62.45 -28.77
N SER C 442 8.03 -62.85 -30.03
CA SER C 442 9.22 -62.80 -30.87
C SER C 442 8.87 -62.36 -32.28
N LEU C 443 9.59 -61.34 -32.77
CA LEU C 443 9.32 -60.78 -34.09
C LEU C 443 10.24 -61.36 -35.16
N TYR C 444 11.17 -62.21 -34.74
CA TYR C 444 12.14 -62.82 -35.66
C TYR C 444 11.71 -64.21 -36.10
N SER C 445 10.58 -64.68 -35.57
CA SER C 445 10.10 -66.03 -35.84
C SER C 445 9.85 -66.26 -37.33
N THR C 446 9.21 -65.30 -37.98
CA THR C 446 8.88 -65.41 -39.40
C THR C 446 10.14 -65.42 -40.27
N GLU C 447 11.10 -64.58 -39.91
CA GLU C 447 12.34 -64.47 -40.68
C GLU C 447 13.28 -65.63 -40.41
N VAL C 448 13.38 -66.03 -39.15
CA VAL C 448 14.28 -67.10 -38.75
C VAL C 448 13.81 -68.46 -39.27
N GLY C 449 12.50 -68.59 -39.47
CA GLY C 449 11.93 -69.83 -39.95
C GLY C 449 12.40 -70.19 -41.35
N ARG C 450 12.42 -69.20 -42.24
CA ARG C 450 12.82 -69.41 -43.62
C ARG C 450 14.32 -69.71 -43.72
N TYR C 451 15.12 -69.00 -42.95
CA TYR C 451 16.56 -69.18 -42.97
C TYR C 451 16.97 -70.58 -42.50
N MET C 452 16.35 -71.03 -41.41
CA MET C 452 16.63 -72.35 -40.87
C MET C 452 16.04 -73.43 -41.77
N ASP C 453 14.97 -73.10 -42.47
CA ASP C 453 14.32 -74.04 -43.39
C ASP C 453 15.13 -74.19 -44.68
N GLN C 454 16.18 -73.39 -44.81
CA GLN C 454 17.04 -73.44 -45.98
C GLN C 454 18.33 -74.19 -45.71
N ILE C 455 18.37 -74.91 -44.59
CA ILE C 455 19.58 -75.63 -44.19
C ILE C 455 19.40 -77.15 -44.13
N LEU C 456 18.20 -77.63 -43.83
CA LEU C 456 17.99 -79.05 -43.59
C LEU C 456 16.95 -79.72 -44.50
N GLN C 457 16.35 -78.93 -45.39
CA GLN C 457 15.30 -79.36 -46.32
C GLN C 457 13.97 -79.46 -45.61
N GLN C 458 13.98 -79.27 -44.30
CA GLN C 458 12.77 -79.28 -43.51
C GLN C 458 12.50 -77.89 -42.94
N ASP C 459 11.29 -77.39 -43.18
CA ASP C 459 10.91 -76.07 -42.71
C ASP C 459 10.88 -76.00 -41.19
N TRP C 460 11.38 -74.91 -40.64
CA TRP C 460 11.35 -74.70 -39.20
C TRP C 460 9.96 -74.23 -38.77
N SER C 461 9.27 -73.54 -39.68
CA SER C 461 7.94 -73.01 -39.41
C SER C 461 6.95 -74.12 -39.08
N ASP C 462 6.97 -75.18 -39.89
CA ASP C 462 6.07 -76.31 -39.70
C ASP C 462 6.21 -76.92 -38.31
N MET C 463 7.44 -77.16 -37.90
CA MET C 463 7.71 -77.73 -36.58
C MET C 463 7.45 -76.73 -35.47
N VAL C 464 7.81 -75.47 -35.72
CA VAL C 464 7.64 -74.41 -34.73
C VAL C 464 6.18 -74.02 -34.56
N THR C 465 5.48 -73.86 -35.67
CA THR C 465 4.07 -73.47 -35.64
C THR C 465 3.20 -74.57 -35.06
N GLU C 466 3.42 -75.80 -35.51
CA GLU C 466 2.68 -76.95 -35.02
C GLU C 466 3.00 -77.22 -33.55
N GLY C 467 4.26 -77.04 -33.19
CA GLY C 467 4.70 -77.21 -31.82
C GLY C 467 4.11 -76.14 -30.93
N MET C 468 3.96 -74.93 -31.48
CA MET C 468 3.37 -73.83 -30.75
C MET C 468 1.87 -74.07 -30.52
N ARG C 469 1.23 -74.70 -31.50
CA ARG C 469 -0.20 -75.00 -31.41
C ARG C 469 -0.51 -75.89 -30.21
N ILE C 470 0.34 -76.90 -30.00
CA ILE C 470 0.17 -77.83 -28.88
C ILE C 470 0.26 -77.10 -27.55
N LEU C 471 1.18 -76.14 -27.46
CA LEU C 471 1.36 -75.36 -26.25
C LEU C 471 0.19 -74.42 -26.03
N GLN C 472 -0.32 -73.85 -27.12
CA GLN C 472 -1.46 -72.94 -27.07
C GLN C 472 -2.73 -73.68 -26.69
N GLU C 473 -2.89 -74.89 -27.23
CA GLU C 473 -4.05 -75.73 -26.92
C GLU C 473 -4.00 -76.21 -25.48
N GLU C 474 -2.79 -76.42 -24.98
CA GLU C 474 -2.60 -76.91 -23.62
C GLU C 474 -3.12 -75.92 -22.58
N GLU C 475 -2.77 -74.65 -22.76
CA GLU C 475 -3.17 -73.60 -21.84
C GLU C 475 -4.69 -73.50 -21.74
N GLN C 476 -5.36 -73.54 -22.89
CA GLN C 476 -6.81 -73.49 -22.94
C GLN C 476 -7.41 -74.77 -22.36
N LEU C 477 -6.68 -75.88 -22.50
CA LEU C 477 -7.13 -77.16 -21.98
C LEU C 477 -7.03 -77.21 -20.46
N ASN C 478 -6.07 -76.48 -19.92
CA ASN C 478 -5.85 -76.46 -18.47
C ASN C 478 -7.04 -75.87 -17.72
N GLU C 479 -7.59 -74.77 -18.24
CA GLU C 479 -8.76 -74.14 -17.65
C GLU C 479 -9.95 -75.09 -17.69
N ILE C 480 -9.98 -75.93 -18.72
CA ILE C 480 -11.04 -76.92 -18.86
C ILE C 480 -10.87 -78.04 -17.85
N VAL C 481 -9.61 -78.38 -17.55
CA VAL C 481 -9.30 -79.44 -16.61
C VAL C 481 -9.54 -79.00 -15.17
N ARG C 482 -9.85 -77.71 -14.99
CA ARG C 482 -10.16 -77.18 -13.67
C ARG C 482 -11.64 -77.39 -13.35
N LEU C 483 -12.47 -77.30 -14.37
CA LEU C 483 -13.91 -77.47 -14.21
C LEU C 483 -14.27 -78.94 -14.03
N VAL C 484 -13.62 -79.81 -14.80
CA VAL C 484 -13.88 -81.24 -14.72
C VAL C 484 -12.58 -82.03 -14.57
N GLY C 485 -12.70 -83.28 -14.11
CA GLY C 485 -11.54 -84.13 -13.87
C GLY C 485 -10.62 -84.26 -15.07
N ILE C 486 -9.31 -84.22 -14.81
CA ILE C 486 -8.32 -84.29 -15.86
C ILE C 486 -8.35 -85.64 -16.56
N ASP C 487 -8.71 -86.69 -15.82
CA ASP C 487 -8.79 -88.04 -16.37
C ASP C 487 -9.89 -88.12 -17.43
N SER C 488 -10.99 -87.41 -17.19
CA SER C 488 -12.11 -87.39 -18.12
C SER C 488 -11.91 -86.32 -19.18
N LEU C 489 -11.37 -86.71 -20.33
CA LEU C 489 -11.15 -85.79 -21.44
C LEU C 489 -11.11 -86.55 -22.75
N SER C 490 -11.24 -85.83 -23.86
CA SER C 490 -11.18 -86.44 -25.18
C SER C 490 -9.82 -87.09 -25.40
N ASP C 491 -9.83 -88.30 -25.96
CA ASP C 491 -8.60 -89.02 -26.24
C ASP C 491 -7.67 -88.20 -27.14
N ASN C 492 -8.27 -87.41 -28.02
CA ASN C 492 -7.52 -86.50 -28.87
C ASN C 492 -6.92 -85.36 -28.07
N ASP C 493 -7.73 -84.77 -27.20
CA ASP C 493 -7.28 -83.66 -26.36
C ASP C 493 -6.32 -84.15 -25.28
N ARG C 494 -6.55 -85.35 -24.78
CA ARG C 494 -5.70 -85.93 -23.74
C ARG C 494 -4.30 -86.21 -24.26
N LEU C 495 -4.21 -86.60 -25.54
CA LEU C 495 -2.92 -86.89 -26.16
C LEU C 495 -2.11 -85.61 -26.33
N THR C 496 -2.80 -84.49 -26.50
CA THR C 496 -2.13 -83.21 -26.66
C THR C 496 -1.39 -82.80 -25.39
N LEU C 497 -2.00 -83.10 -24.25
CA LEU C 497 -1.39 -82.79 -22.96
C LEU C 497 -0.10 -83.57 -22.76
N GLU C 498 -0.13 -84.84 -23.13
CA GLU C 498 1.04 -85.71 -23.03
C GLU C 498 2.13 -85.25 -23.98
N VAL C 499 1.74 -84.83 -25.18
CA VAL C 499 2.67 -84.34 -26.17
C VAL C 499 3.25 -82.98 -25.75
N ALA C 500 2.40 -82.15 -25.18
CA ALA C 500 2.82 -80.84 -24.68
C ALA C 500 3.73 -80.99 -23.48
N LYS C 501 3.43 -81.98 -22.63
CA LYS C 501 4.25 -82.27 -21.47
C LYS C 501 5.59 -82.86 -21.88
N SER C 502 5.55 -83.76 -22.85
CA SER C 502 6.77 -84.38 -23.39
C SER C 502 7.67 -83.32 -24.00
N ILE C 503 7.07 -82.32 -24.65
CA ILE C 503 7.81 -81.21 -25.22
C ILE C 503 8.57 -80.47 -24.13
N ARG C 504 7.88 -80.18 -23.03
CA ARG C 504 8.48 -79.48 -21.90
C ARG C 504 9.59 -80.29 -21.24
N GLU C 505 9.42 -81.61 -21.21
CA GLU C 505 10.40 -82.49 -20.59
C GLU C 505 11.65 -82.65 -21.46
N ASP C 506 11.48 -82.50 -22.77
CA ASP C 506 12.59 -82.61 -23.70
C ASP C 506 13.06 -81.23 -24.15
N TYR C 507 12.12 -80.30 -24.29
CA TYR C 507 12.43 -78.92 -24.66
C TYR C 507 12.22 -77.98 -23.47
N LEU C 508 13.25 -77.18 -23.18
CA LEU C 508 13.22 -76.25 -22.05
C LEU C 508 13.27 -76.98 -20.72
N GLN C 509 13.76 -78.22 -20.76
CA GLN C 509 14.03 -78.98 -19.54
C GLN C 509 15.53 -79.15 -19.39
N GLN C 510 16.28 -78.38 -20.18
CA GLN C 510 17.73 -78.42 -20.14
C GLN C 510 18.25 -77.89 -18.82
N ASN C 511 19.33 -78.49 -18.34
CA ASN C 511 19.98 -78.03 -17.12
C ASN C 511 21.28 -77.31 -17.46
N ALA C 512 21.36 -76.03 -17.09
CA ALA C 512 22.57 -75.24 -17.31
C ALA C 512 23.74 -75.84 -16.55
N PHE C 513 23.44 -76.56 -15.48
CA PHE C 513 24.46 -77.21 -14.66
C PHE C 513 25.13 -78.36 -15.39
N ASP C 514 24.33 -79.14 -16.11
CA ASP C 514 24.84 -80.28 -16.87
C ASP C 514 25.54 -79.82 -18.13
N ASP C 515 26.77 -80.29 -18.35
CA ASP C 515 27.58 -79.89 -19.49
C ASP C 515 26.94 -80.29 -20.82
N VAL C 516 26.39 -81.50 -20.87
CA VAL C 516 25.77 -82.01 -22.08
C VAL C 516 24.40 -81.35 -22.31
N ASP C 517 23.74 -80.97 -21.24
CA ASP C 517 22.40 -80.40 -21.32
C ASP C 517 22.43 -78.88 -21.49
N THR C 518 23.52 -78.26 -21.04
CA THR C 518 23.64 -76.80 -21.11
C THR C 518 23.88 -76.32 -22.53
N PHE C 519 24.49 -77.17 -23.36
CA PHE C 519 24.78 -76.83 -24.73
C PHE C 519 24.10 -77.80 -25.69
N THR C 520 23.24 -77.28 -26.56
CA THR C 520 22.57 -78.09 -27.57
C THR C 520 22.85 -77.55 -28.96
N SER C 521 23.41 -78.40 -29.82
CA SER C 521 23.73 -78.02 -31.20
C SER C 521 22.45 -77.81 -32.00
N ARG C 522 22.55 -76.99 -33.04
CA ARG C 522 21.39 -76.68 -33.89
C ARG C 522 20.88 -77.94 -34.59
N GLU C 523 21.81 -78.82 -34.95
CA GLU C 523 21.46 -80.08 -35.59
C GLU C 523 20.65 -80.95 -34.62
N LYS C 524 21.10 -80.98 -33.37
CA LYS C 524 20.47 -81.77 -32.33
C LYS C 524 19.05 -81.30 -32.04
N GLN C 525 18.81 -80.01 -32.25
CA GLN C 525 17.48 -79.44 -32.03
C GLN C 525 16.46 -80.03 -33.00
N PHE C 526 16.86 -80.18 -34.25
CA PHE C 526 15.99 -80.77 -35.26
C PHE C 526 15.69 -82.23 -34.95
N ASN C 527 16.72 -82.97 -34.55
CA ASN C 527 16.55 -84.37 -34.18
C ASN C 527 15.62 -84.52 -32.99
N MET C 528 15.84 -83.71 -31.96
CA MET C 528 15.01 -83.72 -30.77
C MET C 528 13.58 -83.29 -31.08
N LEU C 529 13.45 -82.13 -31.71
CA LEU C 529 12.14 -81.56 -32.04
C LEU C 529 11.32 -82.51 -32.90
N LYS C 530 11.98 -83.09 -33.91
CA LYS C 530 11.29 -84.03 -34.80
C LYS C 530 10.82 -85.26 -34.05
N VAL C 531 11.68 -85.79 -33.18
CA VAL C 531 11.36 -86.96 -32.38
C VAL C 531 10.15 -86.71 -31.48
N ILE C 532 10.17 -85.60 -30.76
CA ILE C 532 9.06 -85.22 -29.89
C ILE C 532 7.81 -84.99 -30.71
N LEU C 533 7.98 -84.30 -31.84
CA LEU C 533 6.86 -83.97 -32.73
C LEU C 533 6.33 -85.22 -33.43
N THR C 534 7.23 -86.16 -33.70
CA THR C 534 6.87 -87.39 -34.40
C THR C 534 5.93 -88.26 -33.56
N PHE C 535 6.17 -88.29 -32.25
CA PHE C 535 5.34 -89.08 -31.34
C PHE C 535 3.89 -88.64 -31.42
N GLY C 536 3.68 -87.32 -31.49
CA GLY C 536 2.35 -86.77 -31.58
C GLY C 536 1.63 -87.25 -32.82
N LYS C 537 2.26 -87.06 -33.97
CA LYS C 537 1.68 -87.43 -35.27
C LYS C 537 1.43 -88.94 -35.35
N GLU C 538 2.43 -89.72 -34.94
CA GLU C 538 2.33 -91.17 -34.99
C GLU C 538 1.33 -91.73 -33.99
N ALA C 539 1.28 -91.15 -32.80
CA ALA C 539 0.30 -91.56 -31.80
C ALA C 539 -1.08 -91.04 -32.20
N ARG C 540 -1.09 -89.91 -32.91
CA ARG C 540 -2.33 -89.33 -33.41
C ARG C 540 -2.98 -90.27 -34.41
N LYS C 541 -2.14 -90.88 -35.25
CA LYS C 541 -2.61 -91.82 -36.27
C LYS C 541 -3.24 -93.05 -35.63
N ALA C 542 -2.78 -93.39 -34.43
CA ALA C 542 -3.29 -94.54 -33.71
C ALA C 542 -4.73 -94.30 -33.22
N LEU C 543 -4.99 -93.07 -32.78
CA LEU C 543 -6.31 -92.69 -32.31
C LEU C 543 -7.33 -92.77 -33.44
N SER C 544 -6.91 -92.32 -34.62
CA SER C 544 -7.76 -92.35 -35.80
C SER C 544 -8.15 -93.77 -36.17
N LEU C 545 -7.32 -94.73 -35.78
CA LEU C 545 -7.62 -96.14 -35.98
C LEU C 545 -8.64 -96.62 -34.96
N GLY C 546 -8.82 -95.82 -33.90
CA GLY C 546 -9.79 -96.14 -32.87
C GLY C 546 -9.16 -96.68 -31.61
N ALA C 547 -7.84 -96.70 -31.57
CA ALA C 547 -7.11 -97.20 -30.41
C ALA C 547 -7.32 -96.32 -29.19
N TYR C 548 -7.56 -96.95 -28.04
CA TYR C 548 -7.72 -96.21 -26.79
C TYR C 548 -6.44 -95.47 -26.42
N PHE C 549 -6.59 -94.27 -25.90
CA PHE C 549 -5.45 -93.44 -25.49
C PHE C 549 -4.54 -94.20 -24.52
N ASN C 550 -5.16 -94.98 -23.64
CA ASN C 550 -4.40 -95.80 -22.70
C ASN C 550 -3.52 -96.82 -23.43
N GLU C 551 -4.16 -97.68 -24.22
CA GLU C 551 -3.49 -98.79 -24.87
C GLU C 551 -2.28 -98.39 -25.72
N ILE C 552 -2.24 -97.13 -26.14
CA ILE C 552 -1.12 -96.62 -26.93
C ILE C 552 -0.03 -96.08 -26.02
N MET C 553 -0.41 -95.69 -24.81
CA MET C 553 0.49 -95.04 -23.88
C MET C 553 1.37 -96.02 -23.10
N GLU C 554 0.77 -97.09 -22.59
CA GLU C 554 1.54 -98.08 -21.84
C GLU C 554 2.41 -98.90 -22.78
N GLY C 555 3.57 -99.34 -22.29
CA GLY C 555 4.51 -100.09 -23.10
C GLY C 555 5.44 -99.18 -23.86
N THR C 556 5.14 -97.88 -23.84
CA THR C 556 5.97 -96.90 -24.54
C THR C 556 6.89 -96.16 -23.56
N VAL C 557 6.96 -96.66 -22.33
CA VAL C 557 7.84 -96.07 -21.33
C VAL C 557 9.31 -96.24 -21.72
N ALA C 558 9.64 -97.41 -22.25
CA ALA C 558 11.00 -97.70 -22.67
C ALA C 558 11.47 -96.79 -23.79
N VAL C 559 10.57 -96.48 -24.72
CA VAL C 559 10.90 -95.64 -25.86
C VAL C 559 10.78 -94.15 -25.53
N ARG C 560 9.84 -93.81 -24.65
CA ARG C 560 9.68 -92.42 -24.22
C ARG C 560 10.89 -91.94 -23.44
N GLU C 561 11.51 -92.84 -22.68
CA GLU C 561 12.60 -92.49 -21.79
C GLU C 561 13.86 -92.05 -22.55
N ARG C 562 14.02 -92.53 -23.77
CA ARG C 562 15.13 -92.08 -24.62
C ARG C 562 14.81 -90.70 -25.19
N ILE C 563 13.52 -90.43 -25.38
CA ILE C 563 13.08 -89.12 -25.85
C ILE C 563 13.34 -88.06 -24.78
N SER C 564 13.02 -88.40 -23.54
CA SER C 564 13.19 -87.49 -22.42
C SER C 564 14.66 -87.15 -22.20
N ARG C 565 15.51 -88.16 -22.31
CA ARG C 565 16.95 -87.98 -22.12
C ARG C 565 17.67 -87.75 -23.44
N SER C 566 16.90 -87.54 -24.50
CA SER C 566 17.47 -87.35 -25.84
C SER C 566 18.35 -86.12 -25.91
N LYS C 567 18.26 -85.26 -24.90
CA LYS C 567 19.07 -84.04 -24.84
C LYS C 567 20.37 -84.26 -24.09
N TYR C 568 20.52 -85.43 -23.48
CA TYR C 568 21.72 -85.74 -22.70
C TYR C 568 22.79 -86.45 -23.53
N ILE C 569 22.39 -87.06 -24.63
CA ILE C 569 23.33 -87.75 -25.51
C ILE C 569 24.21 -86.74 -26.24
N PRO C 570 25.50 -87.09 -26.41
CA PRO C 570 26.50 -86.27 -27.12
C PRO C 570 25.98 -85.76 -28.46
N GLU C 571 26.25 -84.48 -28.75
CA GLU C 571 25.76 -83.86 -29.98
C GLU C 571 26.47 -84.43 -31.21
N GLU C 572 27.73 -84.78 -31.06
CA GLU C 572 28.53 -85.32 -32.15
C GLU C 572 28.10 -86.75 -32.50
N GLU C 573 27.89 -87.56 -31.48
CA GLU C 573 27.52 -88.95 -31.68
C GLU C 573 26.11 -89.08 -32.22
N LEU C 574 25.21 -88.22 -31.75
CA LEU C 574 23.81 -88.27 -32.13
C LEU C 574 23.21 -89.63 -31.79
N ALA C 575 22.52 -90.22 -32.76
CA ALA C 575 21.82 -91.49 -32.54
C ALA C 575 20.88 -91.36 -31.36
N LYS C 576 20.42 -90.12 -31.11
CA LYS C 576 19.56 -89.83 -29.98
C LYS C 576 18.22 -89.24 -30.43
N ILE C 577 17.40 -90.08 -31.04
CA ILE C 577 17.79 -91.45 -31.28
C ILE C 577 17.24 -91.97 -32.60
N SER C 578 18.13 -92.59 -33.39
CA SER C 578 17.75 -93.18 -34.66
C SER C 578 16.66 -94.22 -34.44
N SER C 579 16.76 -94.92 -33.32
CA SER C 579 15.71 -95.85 -32.92
C SER C 579 14.39 -95.09 -32.89
N ILE C 580 14.31 -94.07 -32.04
CA ILE C 580 13.07 -93.32 -31.83
C ILE C 580 12.37 -92.94 -33.14
N ASN C 581 13.13 -92.51 -34.14
CA ASN C 581 12.55 -92.22 -35.43
C ASN C 581 11.85 -93.45 -36.02
N GLU C 582 12.45 -94.62 -35.78
CA GLU C 582 11.89 -95.88 -36.27
C GLU C 582 11.31 -96.72 -35.14
N GLU C 583 11.79 -96.50 -33.92
CA GLU C 583 11.35 -97.25 -32.75
C GLU C 583 9.92 -96.92 -32.37
N ILE C 584 9.58 -95.64 -32.46
CA ILE C 584 8.22 -95.21 -32.12
C ILE C 584 7.24 -95.92 -33.05
N LYS C 585 7.50 -95.88 -34.35
CA LYS C 585 6.63 -96.52 -35.34
C LYS C 585 6.38 -98.00 -35.04
N GLU C 586 7.44 -98.74 -34.77
CA GLU C 586 7.32 -100.16 -34.45
C GLU C 586 6.53 -100.38 -33.16
N THR C 587 6.81 -99.55 -32.16
CA THR C 587 6.12 -99.66 -30.88
C THR C 587 4.63 -99.31 -30.99
N ILE C 588 4.32 -98.28 -31.77
CA ILE C 588 2.93 -97.88 -31.96
C ILE C 588 2.21 -98.86 -32.89
N GLN C 589 2.88 -99.25 -33.97
CA GLN C 589 2.28 -100.13 -34.97
C GLN C 589 2.00 -101.51 -34.39
N LEU C 590 2.53 -101.77 -33.20
CA LEU C 590 2.28 -103.03 -32.50
C LEU C 590 0.81 -103.14 -32.14
N ILE C 591 0.20 -102.03 -31.76
CA ILE C 591 -1.21 -102.00 -31.41
C ILE C 591 -1.99 -101.10 -32.37
N TYR D 12 21.23 -16.74 -28.63
CA TYR D 12 22.30 -15.77 -28.40
C TYR D 12 23.59 -16.44 -27.97
N ARG D 13 24.72 -15.78 -28.21
CA ARG D 13 26.00 -16.25 -27.72
C ARG D 13 25.98 -16.16 -26.20
N THR D 14 25.13 -15.27 -25.69
CA THR D 14 24.90 -15.13 -24.26
C THR D 14 23.94 -16.18 -23.75
N ILE D 15 24.47 -17.16 -23.01
CA ILE D 15 23.65 -18.22 -22.44
C ILE D 15 23.67 -18.15 -20.92
N LYS D 16 22.52 -17.87 -20.32
CA LYS D 16 22.43 -17.72 -18.87
C LYS D 16 22.69 -19.05 -18.17
N GLU D 17 21.96 -20.08 -18.57
CA GLU D 17 22.11 -21.40 -17.97
C GLU D 17 21.94 -22.51 -19.03
N VAL D 18 22.72 -23.57 -18.88
CA VAL D 18 22.59 -24.73 -19.76
C VAL D 18 22.41 -26.00 -18.93
N VAL D 19 21.19 -26.54 -18.93
CA VAL D 19 20.85 -27.68 -18.10
C VAL D 19 20.21 -28.79 -18.90
N GLY D 20 20.95 -29.87 -19.11
CA GLY D 20 20.47 -30.96 -19.95
C GLY D 20 20.15 -30.45 -21.34
N PRO D 21 19.20 -31.09 -22.02
CA PRO D 21 18.78 -30.67 -23.36
C PRO D 21 18.29 -29.22 -23.38
N LEU D 22 17.86 -28.72 -22.24
CA LEU D 22 17.36 -27.36 -22.11
C LEU D 22 18.49 -26.34 -21.99
N MET D 23 18.21 -25.11 -22.41
CA MET D 23 19.17 -24.02 -22.30
C MET D 23 18.47 -22.71 -21.97
N ALA D 24 19.21 -21.79 -21.36
CA ALA D 24 18.65 -20.50 -20.98
C ALA D 24 19.40 -19.35 -21.65
N VAL D 25 18.66 -18.40 -22.20
CA VAL D 25 19.25 -17.27 -22.90
C VAL D 25 18.72 -15.95 -22.32
N GLU D 26 19.62 -15.06 -21.94
CA GLU D 26 19.23 -13.82 -21.27
C GLU D 26 19.33 -12.60 -22.17
N LYS D 27 18.66 -11.52 -21.78
CA LYS D 27 18.69 -10.25 -22.50
C LYS D 27 18.07 -10.38 -23.89
N VAL D 28 17.17 -11.34 -24.06
CA VAL D 28 16.53 -11.58 -25.35
C VAL D 28 15.34 -10.66 -25.57
N SER D 29 15.08 -10.31 -26.83
CA SER D 29 13.97 -9.43 -27.18
C SER D 29 13.27 -9.90 -28.44
N GLY D 30 11.94 -9.86 -28.42
CA GLY D 30 11.14 -10.24 -29.57
C GLY D 30 11.14 -11.73 -29.84
N VAL D 31 11.40 -12.52 -28.80
CA VAL D 31 11.41 -13.97 -28.92
C VAL D 31 9.99 -14.52 -28.87
N LYS D 32 9.65 -15.41 -29.79
CA LYS D 32 8.31 -15.97 -29.86
C LYS D 32 8.29 -17.43 -29.39
N TYR D 33 7.12 -17.89 -28.96
CA TYR D 33 6.96 -19.28 -28.55
C TYR D 33 6.95 -20.21 -29.75
N GLU D 34 7.59 -21.36 -29.60
CA GLU D 34 7.74 -22.34 -30.67
C GLU D 34 8.64 -21.82 -31.78
N GLU D 35 9.24 -20.65 -31.55
CA GLU D 35 10.27 -20.14 -32.45
C GLU D 35 11.54 -20.96 -32.28
N LEU D 36 11.97 -21.59 -33.37
CA LEU D 36 13.20 -22.38 -33.34
C LEU D 36 14.40 -21.51 -32.98
N ILE D 37 15.49 -22.15 -32.57
CA ILE D 37 16.73 -21.43 -32.31
C ILE D 37 17.91 -22.17 -32.91
N GLU D 38 18.94 -21.42 -33.30
CA GLU D 38 20.13 -21.99 -33.92
C GLU D 38 21.34 -21.82 -33.02
N VAL D 39 21.93 -22.94 -32.60
CA VAL D 39 23.06 -22.90 -31.68
C VAL D 39 24.37 -23.28 -32.36
N ARG D 40 25.37 -22.43 -32.20
CA ARG D 40 26.71 -22.69 -32.70
C ARG D 40 27.66 -22.99 -31.55
N MET D 41 28.33 -24.15 -31.62
CA MET D 41 29.24 -24.56 -30.56
C MET D 41 30.54 -23.77 -30.61
N GLN D 42 31.40 -24.01 -29.61
CA GLN D 42 32.70 -23.36 -29.56
C GLN D 42 33.61 -23.87 -30.67
N ASN D 43 33.51 -25.17 -30.96
CA ASN D 43 34.32 -25.77 -32.02
C ASN D 43 33.78 -25.43 -33.40
N GLY D 44 32.60 -24.83 -33.43
CA GLY D 44 31.98 -24.41 -34.68
C GLY D 44 30.81 -25.29 -35.09
N GLU D 45 30.48 -26.26 -34.26
CA GLU D 45 29.38 -27.18 -34.55
C GLU D 45 28.04 -26.46 -34.46
N ILE D 46 27.09 -26.87 -35.29
CA ILE D 46 25.78 -26.22 -35.33
C ILE D 46 24.67 -27.15 -34.83
N ARG D 47 23.80 -26.61 -33.99
CA ARG D 47 22.64 -27.35 -33.50
C ARG D 47 21.43 -26.43 -33.39
N ARG D 48 20.25 -26.99 -33.63
CA ARG D 48 19.02 -26.22 -33.59
C ARG D 48 18.09 -26.72 -32.49
N GLY D 49 17.23 -25.83 -32.00
CA GLY D 49 16.29 -26.19 -30.95
C GLY D 49 15.01 -25.37 -31.05
N GLN D 50 13.97 -25.80 -30.35
CA GLN D 50 12.71 -25.09 -30.34
C GLN D 50 12.39 -24.56 -28.95
N VAL D 51 12.01 -23.29 -28.88
CA VAL D 51 11.73 -22.64 -27.60
C VAL D 51 10.32 -22.96 -27.12
N LEU D 52 10.23 -23.56 -25.93
CA LEU D 52 8.94 -23.92 -25.35
C LEU D 52 8.46 -22.87 -24.36
N GLU D 53 9.36 -21.95 -24.01
CA GLU D 53 9.02 -20.87 -23.08
C GLU D 53 10.04 -19.74 -23.14
N VAL D 54 9.57 -18.51 -23.09
CA VAL D 54 10.45 -17.35 -23.05
C VAL D 54 10.08 -16.40 -21.91
N GLN D 55 11.07 -16.10 -21.07
CA GLN D 55 10.88 -15.16 -19.99
C GLN D 55 11.02 -13.74 -20.51
N GLU D 56 10.80 -12.75 -19.64
CA GLU D 56 10.96 -11.36 -20.01
C GLU D 56 12.42 -11.06 -20.33
N ASP D 57 13.30 -11.46 -19.42
CA ASP D 57 14.73 -11.22 -19.55
C ASP D 57 15.48 -12.48 -19.95
N LYS D 58 14.76 -13.60 -20.03
CA LYS D 58 15.39 -14.89 -20.34
C LYS D 58 14.63 -15.68 -21.40
N ALA D 59 15.34 -16.58 -22.08
CA ALA D 59 14.73 -17.45 -23.07
C ALA D 59 15.09 -18.91 -22.80
N MET D 60 14.08 -19.76 -22.77
CA MET D 60 14.26 -21.17 -22.44
C MET D 60 14.14 -22.07 -23.67
N VAL D 61 15.28 -22.57 -24.15
CA VAL D 61 15.30 -23.43 -25.33
C VAL D 61 15.72 -24.85 -24.99
N GLN D 62 15.26 -25.81 -25.78
CA GLN D 62 15.71 -27.19 -25.67
C GLN D 62 16.36 -27.64 -26.98
N ILE D 63 17.60 -28.11 -26.88
CA ILE D 63 18.34 -28.53 -28.07
C ILE D 63 17.97 -29.95 -28.49
N PHE D 64 17.52 -30.10 -29.73
CA PHE D 64 17.18 -31.40 -30.27
C PHE D 64 18.40 -32.33 -30.24
N GLU D 65 19.50 -31.83 -30.78
CA GLU D 65 20.72 -32.63 -30.95
C GLU D 65 21.37 -33.00 -29.62
N GLY D 66 21.15 -32.17 -28.60
CA GLY D 66 21.73 -32.44 -27.30
C GLY D 66 22.71 -31.38 -26.85
N THR D 67 23.01 -31.35 -25.56
CA THR D 67 23.87 -30.32 -24.98
C THR D 67 25.30 -30.80 -24.73
N SER D 68 25.63 -31.99 -25.20
CA SER D 68 26.96 -32.55 -25.01
C SER D 68 28.02 -31.72 -25.73
N GLY D 69 29.11 -31.44 -25.03
CA GLY D 69 30.24 -30.72 -25.60
C GLY D 69 29.91 -29.27 -25.95
N ILE D 70 29.12 -28.61 -25.10
CA ILE D 70 28.77 -27.22 -25.33
C ILE D 70 29.17 -26.33 -24.17
N CYS D 71 29.83 -25.22 -24.48
CA CYS D 71 30.27 -24.26 -23.47
C CYS D 71 29.52 -22.94 -23.64
N LEU D 72 28.75 -22.57 -22.62
CA LEU D 72 27.87 -21.40 -22.69
C LEU D 72 28.59 -20.10 -23.06
N LYS D 73 29.70 -19.81 -22.40
CA LYS D 73 30.42 -18.57 -22.65
C LYS D 73 31.02 -18.56 -24.06
N ASN D 74 31.36 -19.75 -24.56
CA ASN D 74 31.92 -19.90 -25.89
C ASN D 74 30.85 -20.07 -26.97
N SER D 75 29.83 -20.85 -26.65
CA SER D 75 28.79 -21.20 -27.62
C SER D 75 27.99 -19.99 -28.08
N SER D 76 27.51 -20.05 -29.32
CA SER D 76 26.71 -18.98 -29.89
C SER D 76 25.36 -19.51 -30.37
N VAL D 77 24.28 -18.93 -29.87
CA VAL D 77 22.94 -19.27 -30.33
C VAL D 77 22.40 -18.13 -31.18
N ARG D 78 21.45 -18.44 -32.06
CA ARG D 78 20.90 -17.42 -32.96
C ARG D 78 19.43 -17.66 -33.26
N PHE D 79 18.61 -16.63 -32.99
CA PHE D 79 17.20 -16.67 -33.34
C PHE D 79 17.05 -16.74 -34.86
N LEU D 80 16.22 -17.67 -35.32
CA LEU D 80 15.95 -17.78 -36.75
C LEU D 80 14.67 -17.02 -37.10
N GLY D 81 13.81 -16.82 -36.11
CA GLY D 81 12.68 -15.93 -36.24
C GLY D 81 11.43 -16.50 -36.90
N HIS D 82 11.21 -17.79 -36.73
CA HIS D 82 10.01 -18.42 -37.29
C HIS D 82 9.75 -19.80 -36.70
N PRO D 83 8.48 -20.17 -36.56
CA PRO D 83 8.09 -21.49 -36.07
C PRO D 83 8.50 -22.59 -37.05
N LEU D 84 8.47 -23.84 -36.59
CA LEU D 84 8.82 -24.97 -37.44
C LEU D 84 7.95 -25.00 -38.69
N GLN D 85 8.58 -25.06 -39.85
CA GLN D 85 7.86 -25.00 -41.12
C GLN D 85 8.43 -25.97 -42.15
N LEU D 86 7.58 -26.37 -43.10
CA LEU D 86 8.00 -27.25 -44.18
C LEU D 86 7.92 -26.55 -45.53
N GLY D 87 9.00 -26.65 -46.30
CA GLY D 87 8.99 -26.13 -47.65
C GLY D 87 8.12 -27.01 -48.53
N VAL D 88 6.97 -26.49 -48.93
CA VAL D 88 6.00 -27.27 -49.70
C VAL D 88 6.23 -27.16 -51.20
N SER D 89 6.49 -28.32 -51.82
CA SER D 89 6.65 -28.39 -53.27
C SER D 89 5.80 -29.52 -53.83
N GLU D 90 5.52 -29.46 -55.14
CA GLU D 90 4.71 -30.48 -55.78
C GLU D 90 5.56 -31.69 -56.15
N ASP D 91 6.86 -31.47 -56.34
CA ASP D 91 7.78 -32.54 -56.68
C ASP D 91 8.35 -33.21 -55.43
N MET D 92 7.84 -32.82 -54.27
CA MET D 92 8.30 -33.40 -53.01
C MET D 92 7.92 -34.87 -52.91
N ILE D 93 6.98 -35.27 -53.76
CA ILE D 93 6.49 -36.65 -53.77
C ILE D 93 7.55 -37.63 -54.26
N GLY D 94 7.66 -38.77 -53.58
CA GLY D 94 8.65 -39.77 -53.92
C GLY D 94 9.98 -39.48 -53.26
N ARG D 95 9.97 -38.53 -52.33
CA ARG D 95 11.18 -38.11 -51.63
C ARG D 95 11.02 -38.29 -50.13
N VAL D 96 12.02 -38.91 -49.51
CA VAL D 96 11.99 -39.15 -48.06
C VAL D 96 12.81 -38.11 -47.31
N PHE D 97 12.18 -37.48 -46.31
CA PHE D 97 12.87 -36.51 -45.48
C PHE D 97 12.90 -37.00 -44.03
N ASP D 98 13.63 -36.29 -43.18
CA ASP D 98 13.59 -36.56 -41.76
C ASP D 98 12.32 -35.95 -41.18
N GLY D 99 12.19 -35.95 -39.86
CA GLY D 99 11.05 -35.35 -39.21
C GLY D 99 10.92 -33.87 -39.50
N LEU D 100 12.06 -33.20 -39.61
CA LEU D 100 12.09 -31.75 -39.82
C LEU D 100 11.89 -31.38 -41.29
N GLY D 101 12.14 -32.32 -42.19
CA GLY D 101 12.00 -32.05 -43.62
C GLY D 101 13.33 -32.17 -44.34
N ARG D 102 14.39 -32.42 -43.60
CA ARG D 102 15.71 -32.63 -44.18
C ARG D 102 15.76 -34.00 -44.86
N PRO D 103 16.06 -34.01 -46.16
CA PRO D 103 16.04 -35.23 -46.98
C PRO D 103 17.09 -36.26 -46.56
N LYS D 104 16.65 -37.43 -46.14
CA LYS D 104 17.55 -38.52 -45.80
C LYS D 104 18.19 -39.11 -47.05
N ASP D 105 17.46 -39.03 -48.16
CA ASP D 105 17.94 -39.55 -49.43
C ASP D 105 18.95 -38.60 -50.05
N ASN D 106 19.09 -37.42 -49.46
CA ASN D 106 20.02 -36.40 -49.92
C ASN D 106 19.81 -36.02 -51.39
N GLY D 107 18.66 -36.36 -51.94
CA GLY D 107 18.33 -36.02 -53.31
C GLY D 107 18.17 -34.52 -53.49
N PRO D 108 18.65 -34.00 -54.61
CA PRO D 108 18.59 -32.57 -54.87
C PRO D 108 17.27 -32.14 -55.49
N GLU D 109 16.18 -32.12 -54.71
CA GLU D 109 14.90 -31.67 -55.21
C GLU D 109 14.96 -30.24 -55.68
N ILE D 110 15.58 -29.40 -54.87
CA ILE D 110 15.72 -27.98 -55.18
C ILE D 110 14.39 -27.30 -55.45
N LEU D 111 13.39 -27.61 -54.63
CA LEU D 111 12.07 -27.01 -54.76
C LEU D 111 12.10 -25.50 -54.55
N PRO D 112 11.36 -24.80 -55.40
CA PRO D 112 11.48 -23.35 -55.38
C PRO D 112 10.21 -22.64 -54.90
N GLU D 113 9.28 -23.41 -54.34
CA GLU D 113 8.01 -22.88 -53.89
C GLU D 113 8.03 -22.32 -52.47
N LYS D 114 6.90 -21.79 -52.03
CA LYS D 114 6.86 -21.06 -50.77
C LYS D 114 6.89 -21.97 -49.53
N TYR D 115 6.94 -21.35 -48.36
CA TYR D 115 6.95 -22.06 -47.08
C TYR D 115 5.54 -22.22 -46.46
N LEU D 116 5.48 -22.93 -45.34
CA LEU D 116 4.21 -23.15 -44.66
C LEU D 116 4.35 -23.59 -43.21
N ASP D 117 3.57 -22.99 -42.31
CA ASP D 117 3.58 -23.37 -40.90
C ASP D 117 3.04 -24.78 -40.72
N ILE D 118 3.61 -25.50 -39.76
CA ILE D 118 3.22 -26.89 -39.51
C ILE D 118 1.92 -26.98 -38.71
N ASN D 119 1.67 -26.00 -37.86
CA ASN D 119 0.49 -26.00 -37.01
C ASN D 119 -0.80 -25.85 -37.82
N GLY D 120 -0.72 -25.08 -38.90
CA GLY D 120 -1.88 -24.87 -39.77
C GLY D 120 -3.02 -24.19 -39.05
N GLU D 121 -4.21 -24.29 -39.62
CA GLU D 121 -5.40 -23.68 -39.03
C GLU D 121 -6.52 -24.69 -38.87
N VAL D 122 -7.33 -24.52 -37.83
CA VAL D 122 -8.46 -25.41 -37.56
C VAL D 122 -9.51 -25.29 -38.65
N ILE D 123 -10.00 -26.44 -39.12
CA ILE D 123 -11.01 -26.46 -40.17
C ILE D 123 -12.39 -26.13 -39.62
N ASN D 124 -13.19 -25.41 -40.42
CA ASN D 124 -14.53 -25.04 -40.02
C ASN D 124 -15.46 -26.24 -40.02
N PRO D 125 -16.14 -26.49 -38.89
CA PRO D 125 -17.09 -27.59 -38.75
C PRO D 125 -18.19 -27.58 -39.81
N ILE D 126 -18.72 -26.40 -40.12
CA ILE D 126 -19.81 -26.27 -41.08
C ILE D 126 -19.29 -26.35 -42.51
N ALA D 127 -18.03 -26.00 -42.70
CA ALA D 127 -17.44 -25.98 -44.04
C ALA D 127 -17.05 -27.38 -44.51
N ARG D 128 -16.79 -28.28 -43.57
CA ARG D 128 -16.32 -29.61 -43.92
C ARG D 128 -17.41 -30.47 -44.56
N ASP D 129 -16.99 -31.31 -45.50
CA ASP D 129 -17.87 -32.19 -46.24
C ASP D 129 -17.71 -33.63 -45.74
N TYR D 130 -18.84 -34.29 -45.49
CA TYR D 130 -18.86 -35.69 -45.11
C TYR D 130 -18.06 -36.56 -46.06
N PRO D 131 -17.40 -37.61 -45.52
CA PRO D 131 -16.82 -38.61 -46.41
C PRO D 131 -17.91 -39.25 -47.25
N ASP D 132 -17.73 -39.33 -48.56
CA ASP D 132 -18.76 -39.89 -49.41
C ASP D 132 -18.28 -41.13 -50.18
N GLU D 133 -17.10 -41.03 -50.80
CA GLU D 133 -16.56 -42.14 -51.58
C GLU D 133 -15.94 -43.22 -50.72
N PHE D 134 -16.31 -44.47 -50.98
CA PHE D 134 -15.71 -45.61 -50.28
C PHE D 134 -14.29 -45.87 -50.75
N ILE D 135 -13.42 -46.23 -49.81
CA ILE D 135 -12.05 -46.60 -50.14
C ILE D 135 -11.80 -48.06 -49.83
N GLN D 136 -11.23 -48.78 -50.78
CA GLN D 136 -10.71 -50.12 -50.49
C GLN D 136 -9.56 -49.98 -49.50
N THR D 137 -9.58 -50.78 -48.44
CA THR D 137 -8.50 -50.75 -47.46
C THR D 137 -7.55 -51.92 -47.69
N GLY D 138 -7.90 -52.79 -48.64
CA GLY D 138 -7.09 -53.94 -48.96
C GLY D 138 -7.32 -55.10 -48.02
N ILE D 139 -8.23 -54.93 -47.06
CA ILE D 139 -8.54 -55.98 -46.11
C ILE D 139 -10.04 -56.23 -46.01
N SER D 140 -10.43 -57.49 -46.11
CA SER D 140 -11.83 -57.89 -46.00
C SER D 140 -12.36 -57.59 -44.59
N ALA D 141 -11.48 -57.73 -43.60
CA ALA D 141 -11.84 -57.50 -42.21
C ALA D 141 -11.99 -56.01 -41.91
N ILE D 142 -11.56 -55.17 -42.85
CA ILE D 142 -11.63 -53.72 -42.68
C ILE D 142 -12.80 -53.12 -43.45
N ASP D 143 -13.39 -53.91 -44.35
CA ASP D 143 -14.42 -53.41 -45.25
C ASP D 143 -15.81 -53.97 -44.99
N HIS D 144 -15.89 -55.25 -44.63
CA HIS D 144 -17.18 -55.86 -44.36
C HIS D 144 -17.48 -55.70 -42.88
N LEU D 145 -16.45 -55.92 -42.08
CA LEU D 145 -16.55 -55.80 -40.63
C LEU D 145 -16.80 -54.34 -40.22
N ASN D 146 -15.98 -53.45 -40.76
CA ASN D 146 -16.16 -52.01 -40.59
C ASN D 146 -16.15 -51.39 -41.97
N THR D 147 -16.53 -50.14 -42.09
CA THR D 147 -16.48 -49.51 -43.40
C THR D 147 -15.74 -48.17 -43.34
N LEU D 148 -14.85 -47.98 -44.29
CA LEU D 148 -14.02 -46.78 -44.37
C LEU D 148 -14.42 -45.92 -45.56
N VAL D 149 -14.55 -44.62 -45.32
CA VAL D 149 -14.93 -43.69 -46.38
C VAL D 149 -13.88 -42.59 -46.53
N ARG D 150 -13.81 -42.00 -47.73
CA ARG D 150 -12.80 -41.00 -48.03
C ARG D 150 -12.97 -39.72 -47.21
N GLY D 151 -11.93 -39.36 -46.47
CA GLY D 151 -11.98 -38.16 -45.65
C GLY D 151 -12.39 -38.50 -44.23
N GLN D 152 -12.29 -39.78 -43.89
CA GLN D 152 -12.63 -40.23 -42.55
C GLN D 152 -11.41 -40.77 -41.83
N LYS D 153 -11.20 -40.30 -40.60
CA LYS D 153 -10.09 -40.77 -39.78
C LYS D 153 -10.28 -42.23 -39.39
N LEU D 154 -9.23 -43.02 -39.54
CA LEU D 154 -9.31 -44.44 -39.20
C LEU D 154 -8.21 -44.83 -38.22
N PRO D 155 -8.57 -44.99 -36.94
CA PRO D 155 -7.64 -45.29 -35.86
C PRO D 155 -7.27 -46.78 -35.83
N VAL D 156 -6.00 -47.09 -35.63
CA VAL D 156 -5.55 -48.47 -35.53
C VAL D 156 -4.77 -48.72 -34.24
N PHE D 157 -5.35 -49.49 -33.33
CA PHE D 157 -4.72 -49.75 -32.04
C PHE D 157 -4.05 -51.12 -32.04
N SER D 158 -2.79 -51.17 -31.62
CA SER D 158 -2.01 -52.40 -31.67
C SER D 158 -1.03 -52.51 -30.51
N GLY D 159 -1.17 -53.56 -29.71
CA GLY D 159 -0.28 -53.80 -28.58
C GLY D 159 1.16 -53.98 -29.02
N SER D 160 2.08 -53.85 -28.07
CA SER D 160 3.51 -53.99 -28.36
C SER D 160 3.86 -55.40 -28.80
N GLY D 161 4.47 -55.53 -29.96
CA GLY D 161 4.86 -56.83 -30.48
C GLY D 161 3.90 -57.34 -31.53
N LEU D 162 2.76 -56.66 -31.66
CA LEU D 162 1.79 -57.00 -32.70
C LEU D 162 2.29 -56.50 -34.06
N PRO D 163 1.78 -57.09 -35.14
CA PRO D 163 2.23 -56.75 -36.49
C PRO D 163 1.55 -55.51 -37.05
N HIS D 164 1.65 -54.40 -36.33
CA HIS D 164 1.05 -53.14 -36.76
C HIS D 164 1.73 -52.59 -38.01
N LYS D 165 3.03 -52.90 -38.14
CA LYS D 165 3.83 -52.38 -39.24
C LYS D 165 3.37 -52.92 -40.59
N GLU D 166 3.16 -54.23 -40.66
CA GLU D 166 2.74 -54.88 -41.89
C GLU D 166 1.39 -54.35 -42.37
N LEU D 167 0.48 -54.12 -41.42
CA LEU D 167 -0.86 -53.64 -41.74
C LEU D 167 -0.81 -52.18 -42.21
N ALA D 168 0.12 -51.41 -41.65
CA ALA D 168 0.29 -50.02 -42.03
C ALA D 168 0.74 -49.91 -43.49
N ALA D 169 1.81 -50.62 -43.81
CA ALA D 169 2.32 -50.66 -45.17
C ALA D 169 1.33 -51.36 -46.10
N GLN D 170 0.56 -52.28 -45.52
CA GLN D 170 -0.45 -53.03 -46.26
C GLN D 170 -1.46 -52.12 -46.93
N ILE D 171 -2.04 -51.22 -46.13
CA ILE D 171 -3.09 -50.33 -46.60
C ILE D 171 -2.63 -49.43 -47.75
N ALA D 172 -1.55 -48.68 -47.52
CA ALA D 172 -1.06 -47.70 -48.49
C ALA D 172 -0.90 -48.29 -49.90
N ARG D 173 -0.41 -49.52 -49.97
CA ARG D 173 -0.20 -50.17 -51.26
C ARG D 173 -1.49 -50.74 -51.82
N GLN D 174 -2.39 -51.15 -50.94
CA GLN D 174 -3.60 -51.86 -51.34
C GLN D 174 -4.86 -51.03 -51.18
N ALA D 175 -4.71 -49.82 -50.65
CA ALA D 175 -5.85 -48.92 -50.50
C ALA D 175 -5.92 -47.95 -51.67
N THR D 176 -6.92 -48.14 -52.52
CA THR D 176 -7.14 -47.25 -53.66
C THR D 176 -8.56 -46.71 -53.63
N VAL D 177 -8.72 -45.46 -54.05
CA VAL D 177 -10.03 -44.83 -54.09
C VAL D 177 -10.92 -45.48 -55.16
N LEU D 178 -12.21 -45.56 -54.89
CA LEU D 178 -13.14 -46.17 -55.82
C LEU D 178 -13.77 -45.12 -56.75
N ASP D 179 -13.65 -45.36 -58.05
CA ASP D 179 -14.25 -44.49 -59.06
C ASP D 179 -13.61 -43.11 -59.11
N SER D 180 -12.49 -42.94 -58.42
CA SER D 180 -11.78 -41.67 -58.40
C SER D 180 -10.93 -41.49 -59.65
N SER D 181 -10.46 -42.60 -60.19
CA SER D 181 -9.64 -42.60 -61.40
C SER D 181 -8.30 -41.88 -61.16
N ASP D 182 -7.94 -41.71 -59.90
CA ASP D 182 -6.68 -41.05 -59.54
C ASP D 182 -5.94 -41.85 -58.49
N ASP D 183 -4.64 -42.01 -58.68
CA ASP D 183 -3.80 -42.76 -57.74
C ASP D 183 -3.71 -42.04 -56.40
N PHE D 184 -3.86 -42.80 -55.32
CA PHE D 184 -3.87 -42.25 -53.97
C PHE D 184 -2.49 -41.77 -53.54
N ALA D 185 -2.32 -40.46 -53.42
CA ALA D 185 -1.07 -39.89 -52.92
C ALA D 185 -1.07 -39.90 -51.40
N VAL D 186 -0.04 -40.52 -50.82
CA VAL D 186 0.00 -40.71 -49.37
C VAL D 186 1.22 -40.08 -48.72
N VAL D 187 1.03 -39.50 -47.54
CA VAL D 187 2.12 -38.94 -46.77
C VAL D 187 2.35 -39.78 -45.51
N PHE D 188 3.36 -40.64 -45.57
CA PHE D 188 3.67 -41.53 -44.45
C PHE D 188 4.79 -40.97 -43.59
N ALA D 189 4.48 -40.68 -42.34
CA ALA D 189 5.47 -40.17 -41.40
C ALA D 189 5.84 -41.23 -40.36
N ALA D 190 7.12 -41.57 -40.29
CA ALA D 190 7.61 -42.54 -39.31
C ALA D 190 8.09 -41.82 -38.06
N ILE D 191 7.47 -42.13 -36.93
CA ILE D 191 7.74 -41.40 -35.70
C ILE D 191 8.22 -42.32 -34.55
N GLY D 192 9.43 -42.08 -34.08
CA GLY D 192 9.99 -42.82 -32.96
C GLY D 192 10.00 -44.33 -33.16
N ILE D 193 10.38 -44.77 -34.35
CA ILE D 193 10.41 -46.18 -34.66
C ILE D 193 11.84 -46.68 -34.83
N THR D 194 12.04 -47.98 -34.63
CA THR D 194 13.36 -48.58 -34.80
C THR D 194 13.79 -48.53 -36.26
N PHE D 195 15.10 -48.61 -36.48
CA PHE D 195 15.65 -48.56 -37.84
C PHE D 195 15.11 -49.70 -38.70
N GLU D 196 15.01 -50.89 -38.10
CA GLU D 196 14.53 -52.06 -38.80
C GLU D 196 13.08 -51.87 -39.23
N GLU D 197 12.31 -51.21 -38.38
CA GLU D 197 10.92 -50.89 -38.68
C GLU D 197 10.85 -49.76 -39.72
N ALA D 198 11.86 -48.90 -39.69
CA ALA D 198 11.94 -47.78 -40.62
C ALA D 198 12.38 -48.24 -42.01
N GLU D 199 13.29 -49.21 -42.04
CA GLU D 199 13.85 -49.70 -43.30
C GLU D 199 12.82 -50.51 -44.08
N PHE D 200 11.91 -51.16 -43.35
CA PHE D 200 10.85 -51.94 -43.97
C PHE D 200 9.92 -51.04 -44.79
N PHE D 201 9.51 -49.93 -44.19
CA PHE D 201 8.62 -48.98 -44.86
C PHE D 201 9.24 -48.45 -46.15
N MET D 202 10.53 -48.11 -46.08
CA MET D 202 11.25 -47.58 -47.23
C MET D 202 11.54 -48.66 -48.26
N GLU D 203 11.86 -49.86 -47.79
CA GLU D 203 12.12 -50.98 -48.68
C GLU D 203 10.85 -51.44 -49.38
N ASP D 204 9.76 -51.50 -48.63
CA ASP D 204 8.47 -51.93 -49.18
C ASP D 204 8.00 -50.97 -50.27
N PHE D 205 8.07 -49.67 -49.98
CA PHE D 205 7.66 -48.65 -50.93
C PHE D 205 8.52 -48.67 -52.19
N ARG D 206 9.83 -48.84 -52.00
CA ARG D 206 10.75 -48.89 -53.13
C ARG D 206 10.56 -50.16 -53.95
N GLN D 207 10.40 -51.28 -53.25
CA GLN D 207 10.20 -52.56 -53.92
C GLN D 207 8.90 -52.56 -54.73
N THR D 208 7.84 -52.03 -54.13
CA THR D 208 6.55 -51.93 -54.81
C THR D 208 6.63 -50.91 -55.94
N GLY D 209 7.50 -49.92 -55.79
CA GLY D 209 7.66 -48.87 -56.78
C GLY D 209 6.63 -47.77 -56.59
N ALA D 210 5.82 -47.90 -55.55
CA ALA D 210 4.79 -46.93 -55.25
C ALA D 210 5.31 -45.82 -54.33
N ILE D 211 6.61 -45.86 -54.05
CA ILE D 211 7.24 -44.86 -53.21
C ILE D 211 7.24 -43.49 -53.88
N ASP D 212 7.33 -43.50 -55.21
CA ASP D 212 7.40 -42.27 -55.98
C ASP D 212 6.09 -41.49 -55.95
N ARG D 213 5.03 -42.13 -55.48
CA ARG D 213 3.73 -41.47 -55.41
C ARG D 213 3.40 -41.06 -53.98
N SER D 214 4.28 -41.41 -53.05
CA SER D 214 4.06 -41.12 -51.64
C SER D 214 5.17 -40.28 -51.02
N VAL D 215 4.79 -39.33 -50.18
CA VAL D 215 5.75 -38.52 -49.45
C VAL D 215 6.04 -39.17 -48.09
N MET D 216 7.31 -39.24 -47.72
CA MET D 216 7.71 -39.96 -46.52
C MET D 216 8.58 -39.13 -45.59
N PHE D 217 8.18 -39.05 -44.32
CA PHE D 217 8.98 -38.40 -43.29
C PHE D 217 9.43 -39.45 -42.27
N MET D 218 10.72 -39.48 -41.97
CA MET D 218 11.28 -40.50 -41.09
C MET D 218 11.86 -39.91 -39.81
N ASN D 219 11.67 -40.62 -38.71
CA ASN D 219 12.17 -40.20 -37.40
C ASN D 219 12.59 -41.39 -36.56
N LEU D 220 13.90 -41.51 -36.32
CA LEU D 220 14.44 -42.63 -35.54
C LEU D 220 14.06 -42.51 -34.08
N ALA D 221 14.24 -43.61 -33.34
CA ALA D 221 14.00 -43.59 -31.90
C ALA D 221 15.00 -42.68 -31.21
N ASN D 222 16.21 -42.63 -31.75
CA ASN D 222 17.26 -41.77 -31.22
C ASN D 222 17.04 -40.30 -31.59
N ASP D 223 16.11 -40.07 -32.52
CA ASP D 223 15.77 -38.71 -32.92
C ASP D 223 15.19 -37.93 -31.74
N PRO D 224 15.43 -36.61 -31.71
CA PRO D 224 14.99 -35.71 -30.64
C PRO D 224 13.48 -35.80 -30.38
N ALA D 225 13.08 -35.54 -29.13
CA ALA D 225 11.69 -35.61 -28.74
C ALA D 225 10.87 -34.51 -29.41
N ILE D 226 11.43 -33.31 -29.46
CA ILE D 226 10.76 -32.18 -30.10
C ILE D 226 10.62 -32.42 -31.60
N GLU D 227 11.65 -33.03 -32.20
CA GLU D 227 11.59 -33.42 -33.60
C GLU D 227 10.49 -34.45 -33.80
N ARG D 228 10.43 -35.43 -32.90
CA ARG D 228 9.42 -36.47 -32.95
C ARG D 228 8.01 -35.88 -32.96
N ILE D 229 7.79 -34.90 -32.09
CA ILE D 229 6.50 -34.24 -31.99
C ILE D 229 6.21 -33.39 -33.22
N ALA D 230 7.28 -32.94 -33.88
CA ALA D 230 7.14 -32.10 -35.06
C ALA D 230 6.71 -32.91 -36.28
N THR D 231 7.12 -34.16 -36.33
CA THR D 231 6.89 -35.01 -37.51
C THR D 231 5.41 -35.14 -37.91
N PRO D 232 4.51 -35.26 -36.92
CA PRO D 232 3.10 -35.34 -37.31
C PRO D 232 2.61 -34.03 -37.92
N ARG D 233 2.94 -32.91 -37.27
CA ARG D 233 2.53 -31.60 -37.75
C ARG D 233 3.10 -31.31 -39.13
N MET D 234 4.35 -31.71 -39.35
CA MET D 234 5.02 -31.46 -40.61
C MET D 234 4.48 -32.37 -41.71
N ALA D 235 4.16 -33.61 -41.35
CA ALA D 235 3.60 -34.56 -42.30
C ALA D 235 2.20 -34.14 -42.75
N LEU D 236 1.44 -33.59 -41.82
CA LEU D 236 0.08 -33.14 -42.11
C LEU D 236 0.09 -31.93 -43.03
N THR D 237 1.06 -31.05 -42.85
CA THR D 237 1.19 -29.85 -43.67
C THR D 237 1.35 -30.24 -45.14
N ALA D 238 2.11 -31.30 -45.38
CA ALA D 238 2.29 -31.83 -46.73
C ALA D 238 0.98 -32.39 -47.26
N ALA D 239 0.30 -33.18 -46.43
CA ALA D 239 -0.98 -33.79 -46.80
C ALA D 239 -2.01 -32.72 -47.14
N GLU D 240 -2.03 -31.65 -46.36
CA GLU D 240 -2.96 -30.55 -46.60
C GLU D 240 -2.64 -29.83 -47.90
N TYR D 241 -1.38 -29.49 -48.09
CA TYR D 241 -0.93 -28.78 -49.29
C TYR D 241 -1.26 -29.56 -50.56
N LEU D 242 -1.17 -30.87 -50.48
CA LEU D 242 -1.47 -31.74 -51.61
C LEU D 242 -2.98 -31.76 -51.89
N ALA D 243 -3.77 -31.83 -50.83
CA ALA D 243 -5.22 -31.91 -50.97
C ALA D 243 -5.85 -30.54 -51.18
N TYR D 244 -5.38 -29.56 -50.41
CA TYR D 244 -5.99 -28.23 -50.43
C TYR D 244 -5.52 -27.40 -51.64
N GLU D 245 -4.29 -27.63 -52.09
CA GLU D 245 -3.72 -26.80 -53.14
C GLU D 245 -3.44 -27.59 -54.42
N LYS D 246 -2.86 -28.76 -54.29
CA LYS D 246 -2.61 -29.62 -55.44
C LYS D 246 -3.89 -30.29 -55.91
N GLY D 247 -4.79 -30.56 -54.97
CA GLY D 247 -6.07 -31.18 -55.27
C GLY D 247 -5.99 -32.70 -55.32
N MET D 248 -4.79 -33.22 -55.15
CA MET D 248 -4.55 -34.67 -55.17
C MET D 248 -5.25 -35.37 -54.01
N HIS D 249 -5.73 -36.59 -54.25
CA HIS D 249 -6.27 -37.41 -53.19
C HIS D 249 -5.16 -37.76 -52.20
N VAL D 250 -5.40 -37.51 -50.92
CA VAL D 250 -4.37 -37.68 -49.92
C VAL D 250 -4.76 -38.67 -48.83
N LEU D 251 -3.90 -39.68 -48.64
CA LEU D 251 -4.01 -40.60 -47.53
C LEU D 251 -2.88 -40.33 -46.55
N VAL D 252 -3.12 -40.58 -45.27
CA VAL D 252 -2.09 -40.33 -44.25
C VAL D 252 -2.01 -41.47 -43.24
N ILE D 253 -0.82 -42.04 -43.11
CA ILE D 253 -0.57 -43.10 -42.15
C ILE D 253 0.61 -42.73 -41.25
N MET D 254 0.35 -42.66 -39.94
CA MET D 254 1.38 -42.24 -39.00
C MET D 254 1.60 -43.27 -37.90
N THR D 255 2.86 -43.65 -37.71
CA THR D 255 3.24 -44.59 -36.66
C THR D 255 4.66 -44.29 -36.20
N ASP D 256 4.92 -44.40 -34.90
CA ASP D 256 3.91 -44.83 -33.94
C ASP D 256 3.41 -43.65 -33.10
N MET D 257 2.10 -43.59 -32.88
CA MET D 257 1.50 -42.48 -32.13
C MET D 257 1.84 -42.53 -30.65
N THR D 258 2.23 -43.71 -30.18
CA THR D 258 2.64 -43.87 -28.79
C THR D 258 3.88 -43.03 -28.51
N ASN D 259 4.78 -43.00 -29.49
CA ASN D 259 6.02 -42.25 -29.38
C ASN D 259 5.76 -40.75 -29.24
N TYR D 260 4.78 -40.25 -29.98
CA TYR D 260 4.41 -38.85 -29.91
C TYR D 260 3.95 -38.49 -28.50
N ALA D 261 3.05 -39.30 -27.96
CA ALA D 261 2.53 -39.10 -26.61
C ALA D 261 3.66 -39.20 -25.58
N GLU D 262 4.52 -40.20 -25.75
CA GLU D 262 5.66 -40.39 -24.86
C GLU D 262 6.68 -39.27 -25.02
N ALA D 263 6.81 -38.76 -26.24
CA ALA D 263 7.71 -37.65 -26.52
C ALA D 263 7.21 -36.38 -25.83
N LEU D 264 5.90 -36.14 -25.95
CA LEU D 264 5.27 -34.96 -25.35
C LEU D 264 5.53 -34.86 -23.86
N ARG D 265 5.55 -36.02 -23.19
CA ARG D 265 5.80 -36.07 -21.75
C ARG D 265 7.17 -35.53 -21.41
N GLU D 266 8.16 -35.87 -22.24
CA GLU D 266 9.54 -35.44 -22.03
C GLU D 266 9.68 -33.92 -22.08
N ILE D 267 9.04 -33.30 -23.07
CA ILE D 267 9.08 -31.85 -23.20
C ILE D 267 8.26 -31.18 -22.10
N SER D 268 7.11 -31.76 -21.79
CA SER D 268 6.24 -31.22 -20.74
C SER D 268 6.90 -31.34 -19.37
N ALA D 269 7.62 -32.45 -19.17
CA ALA D 269 8.37 -32.65 -17.93
C ALA D 269 9.60 -31.75 -17.90
N ALA D 270 10.15 -31.49 -19.08
CA ALA D 270 11.28 -30.58 -19.21
C ALA D 270 10.86 -29.17 -18.83
N ARG D 271 9.61 -28.83 -19.16
CA ARG D 271 9.05 -27.54 -18.78
C ARG D 271 8.61 -27.54 -17.32
N ARG D 272 8.77 -28.70 -16.68
CA ARG D 272 8.46 -28.85 -15.26
C ARG D 272 6.97 -28.67 -14.98
N GLU D 273 6.16 -28.83 -16.02
CA GLU D 273 4.71 -28.74 -15.88
C GLU D 273 4.17 -29.94 -15.11
N VAL D 274 2.99 -29.77 -14.52
CA VAL D 274 2.33 -30.88 -13.83
C VAL D 274 1.77 -31.88 -14.83
N PRO D 275 2.18 -33.15 -14.70
CA PRO D 275 1.66 -34.20 -15.58
C PRO D 275 0.18 -34.46 -15.34
N GLY D 276 -0.59 -34.60 -16.42
CA GLY D 276 -1.99 -34.93 -16.30
C GLY D 276 -2.16 -36.37 -15.86
N ARG D 277 -3.40 -36.86 -15.87
CA ARG D 277 -3.69 -38.22 -15.44
C ARG D 277 -2.87 -39.24 -16.23
N ARG D 278 -2.37 -40.26 -15.54
CA ARG D 278 -1.59 -41.34 -16.17
C ARG D 278 -0.26 -40.83 -16.72
N GLY D 279 0.19 -39.68 -16.23
CA GLY D 279 1.48 -39.14 -16.62
C GLY D 279 1.46 -38.35 -17.91
N TYR D 280 0.37 -38.47 -18.66
CA TYR D 280 0.22 -37.75 -19.92
C TYR D 280 -0.12 -36.30 -19.70
N PRO D 281 0.08 -35.46 -20.73
CA PRO D 281 -0.28 -34.04 -20.65
C PRO D 281 -1.77 -33.88 -20.36
N GLY D 282 -2.10 -32.90 -19.51
CA GLY D 282 -3.48 -32.63 -19.19
C GLY D 282 -4.24 -32.12 -20.39
N TYR D 283 -3.53 -31.42 -21.27
CA TYR D 283 -4.13 -30.87 -22.48
C TYR D 283 -3.85 -31.77 -23.70
N LEU D 284 -3.54 -33.03 -23.42
CA LEU D 284 -3.23 -33.99 -24.47
C LEU D 284 -4.37 -34.13 -25.48
N TYR D 285 -5.60 -33.98 -24.98
CA TYR D 285 -6.79 -34.08 -25.82
C TYR D 285 -6.74 -33.09 -26.98
N THR D 286 -6.53 -31.81 -26.66
CA THR D 286 -6.51 -30.76 -27.68
C THR D 286 -5.34 -30.97 -28.65
N ASN D 287 -4.18 -31.31 -28.10
CA ASN D 287 -2.99 -31.55 -28.91
C ASN D 287 -3.20 -32.74 -29.84
N LEU D 288 -3.75 -33.82 -29.29
CA LEU D 288 -4.07 -34.99 -30.08
C LEU D 288 -5.11 -34.66 -31.14
N ALA D 289 -6.16 -33.95 -30.73
CA ALA D 289 -7.21 -33.55 -31.64
C ALA D 289 -6.62 -32.85 -32.86
N THR D 290 -5.91 -31.75 -32.63
CA THR D 290 -5.33 -30.94 -33.69
C THR D 290 -4.58 -31.77 -34.73
N LEU D 291 -3.76 -32.71 -34.27
CA LEU D 291 -3.04 -33.59 -35.18
C LEU D 291 -4.00 -34.46 -35.97
N PHE D 292 -5.04 -34.94 -35.31
CA PHE D 292 -6.01 -35.79 -35.98
C PHE D 292 -7.24 -35.01 -36.46
N GLU D 293 -7.25 -33.70 -36.20
CA GLU D 293 -8.37 -32.87 -36.60
C GLU D 293 -8.37 -32.57 -38.10
N ARG D 294 -7.18 -32.36 -38.65
CA ARG D 294 -7.05 -31.99 -40.06
C ARG D 294 -7.23 -33.19 -40.98
N ALA D 295 -8.46 -33.68 -41.06
CA ALA D 295 -8.78 -34.81 -41.92
C ALA D 295 -10.17 -34.64 -42.52
N GLY D 296 -10.36 -35.19 -43.72
CA GLY D 296 -11.64 -35.10 -44.39
C GLY D 296 -11.64 -34.12 -45.54
N ARG D 297 -12.65 -34.22 -46.40
CA ARG D 297 -12.76 -33.33 -47.55
C ARG D 297 -13.19 -31.93 -47.12
N ILE D 298 -12.82 -30.93 -47.91
CA ILE D 298 -13.23 -29.56 -47.65
C ILE D 298 -14.12 -29.08 -48.79
N ARG D 299 -15.23 -28.44 -48.45
CA ARG D 299 -16.15 -27.92 -49.45
C ARG D 299 -15.46 -26.93 -50.39
N GLY D 300 -15.67 -27.12 -51.69
CA GLY D 300 -15.06 -26.27 -52.69
C GLY D 300 -13.66 -26.73 -53.06
N LEU D 301 -13.17 -27.76 -52.36
CA LEU D 301 -11.85 -28.30 -52.63
C LEU D 301 -11.94 -29.72 -53.16
N LYS D 302 -11.21 -29.98 -54.25
CA LYS D 302 -11.21 -31.29 -54.89
C LYS D 302 -10.44 -32.32 -54.07
N GLY D 303 -9.42 -31.86 -53.36
CA GLY D 303 -8.59 -32.73 -52.54
C GLY D 303 -9.36 -33.39 -51.41
N SER D 304 -8.93 -34.59 -51.04
CA SER D 304 -9.58 -35.33 -49.96
C SER D 304 -8.52 -36.01 -49.08
N VAL D 305 -8.68 -35.86 -47.76
CA VAL D 305 -7.69 -36.37 -46.82
C VAL D 305 -8.21 -37.51 -45.96
N THR D 306 -7.55 -38.67 -46.04
CA THR D 306 -7.89 -39.81 -45.19
C THR D 306 -6.77 -40.09 -44.21
N GLN D 307 -7.10 -40.11 -42.93
CA GLN D 307 -6.10 -40.35 -41.88
C GLN D 307 -6.25 -41.74 -41.26
N ILE D 308 -5.12 -42.44 -41.12
CA ILE D 308 -5.10 -43.72 -40.46
C ILE D 308 -4.02 -43.75 -39.37
N PRO D 309 -4.31 -43.13 -38.22
CA PRO D 309 -3.41 -43.09 -37.06
C PRO D 309 -3.17 -44.50 -36.49
N ILE D 310 -1.92 -44.79 -36.15
CA ILE D 310 -1.59 -46.08 -35.57
C ILE D 310 -0.78 -45.92 -34.28
N LEU D 311 -1.32 -46.47 -33.19
CA LEU D 311 -0.69 -46.33 -31.88
C LEU D 311 -0.54 -47.68 -31.19
N THR D 312 0.47 -47.79 -30.33
CA THR D 312 0.69 -49.02 -29.57
C THR D 312 0.14 -48.88 -28.16
N MET D 313 -0.75 -49.79 -27.79
CA MET D 313 -1.43 -49.73 -26.50
C MET D 313 -0.52 -50.11 -25.35
N PRO D 314 -0.24 -49.15 -24.46
CA PRO D 314 0.59 -49.37 -23.28
C PRO D 314 -0.11 -50.23 -22.24
N GLU D 315 0.57 -51.28 -21.78
CA GLU D 315 0.03 -52.18 -20.77
C GLU D 315 -1.20 -52.93 -21.29
N ASP D 316 -1.38 -52.93 -22.61
CA ASP D 316 -2.48 -53.63 -23.25
C ASP D 316 -3.84 -53.24 -22.67
N ASP D 317 -4.00 -51.97 -22.32
CA ASP D 317 -5.23 -51.50 -21.72
C ASP D 317 -5.97 -50.55 -22.65
N LYS D 318 -7.22 -50.89 -22.94
CA LYS D 318 -8.06 -50.06 -23.80
C LYS D 318 -8.30 -48.69 -23.18
N THR D 319 -8.14 -48.61 -21.86
CA THR D 319 -8.49 -47.42 -21.09
C THR D 319 -7.35 -46.41 -20.97
N HIS D 320 -6.19 -46.76 -21.53
CA HIS D 320 -5.06 -45.82 -21.53
C HIS D 320 -5.51 -44.55 -22.24
N PRO D 321 -4.93 -43.40 -21.87
CA PRO D 321 -5.36 -42.15 -22.50
C PRO D 321 -5.28 -42.16 -24.03
N ILE D 322 -4.16 -42.64 -24.57
CA ILE D 322 -3.94 -42.64 -26.01
C ILE D 322 -5.07 -43.33 -26.78
N PRO D 323 -5.33 -44.61 -26.48
CA PRO D 323 -6.46 -45.29 -27.11
C PRO D 323 -7.81 -44.70 -26.68
N ASP D 324 -7.88 -44.25 -25.43
CA ASP D 324 -9.12 -43.69 -24.89
C ASP D 324 -9.42 -42.33 -25.50
N LEU D 325 -8.41 -41.47 -25.57
CA LEU D 325 -8.58 -40.13 -26.12
C LEU D 325 -8.70 -40.15 -27.64
N THR D 326 -7.99 -41.09 -28.27
CA THR D 326 -8.04 -41.22 -29.72
C THR D 326 -9.41 -41.69 -30.17
N GLY D 327 -10.04 -42.53 -29.36
CA GLY D 327 -11.35 -43.06 -29.67
C GLY D 327 -12.42 -42.00 -29.79
N TYR D 328 -12.25 -40.91 -29.05
CA TYR D 328 -13.22 -39.81 -29.08
C TYR D 328 -12.96 -38.90 -30.28
N ILE D 329 -11.69 -38.62 -30.54
CA ILE D 329 -11.28 -37.75 -31.63
C ILE D 329 -11.47 -38.43 -32.99
N THR D 330 -10.90 -39.61 -33.12
CA THR D 330 -11.02 -40.40 -34.34
C THR D 330 -12.31 -41.22 -34.29
N GLU D 331 -12.76 -41.70 -35.45
CA GLU D 331 -14.05 -42.38 -35.57
C GLU D 331 -13.88 -43.78 -36.16
N GLY D 332 -14.62 -44.73 -35.61
CA GLY D 332 -14.41 -46.12 -35.92
C GLY D 332 -13.33 -46.59 -34.97
N GLN D 333 -13.41 -47.84 -34.56
CA GLN D 333 -12.35 -48.44 -33.79
C GLN D 333 -11.67 -49.48 -34.67
N ILE D 334 -10.35 -49.60 -34.51
CA ILE D 334 -9.60 -50.70 -35.07
C ILE D 334 -8.78 -51.29 -33.94
N ILE D 335 -9.04 -52.55 -33.59
CA ILE D 335 -8.39 -53.16 -32.44
C ILE D 335 -7.74 -54.51 -32.75
N LEU D 336 -6.47 -54.63 -32.40
CA LEU D 336 -5.74 -55.88 -32.58
C LEU D 336 -5.57 -56.62 -31.26
N THR D 337 -5.87 -57.91 -31.26
CA THR D 337 -5.66 -58.73 -30.07
C THR D 337 -4.42 -59.60 -30.23
N ARG D 338 -3.78 -59.92 -29.11
CA ARG D 338 -2.58 -60.74 -29.12
C ARG D 338 -2.90 -62.20 -29.47
N GLU D 339 -4.04 -62.67 -28.99
CA GLU D 339 -4.44 -64.06 -29.19
C GLU D 339 -4.56 -64.40 -30.67
N LEU D 340 -5.16 -63.50 -31.44
CA LEU D 340 -5.32 -63.73 -32.87
C LEU D 340 -3.98 -63.67 -33.60
N TYR D 341 -3.10 -62.77 -33.17
CA TYR D 341 -1.76 -62.72 -33.72
C TYR D 341 -0.97 -63.95 -33.26
N LYS D 342 -1.19 -64.34 -32.01
CA LYS D 342 -0.53 -65.50 -31.44
C LYS D 342 -0.90 -66.77 -32.19
N SER D 343 -2.08 -66.77 -32.79
CA SER D 343 -2.56 -67.91 -33.56
C SER D 343 -1.77 -68.09 -34.84
N GLY D 344 -0.96 -67.11 -35.20
CA GLY D 344 -0.20 -67.15 -36.43
C GLY D 344 -1.05 -66.71 -37.61
N ILE D 345 -2.22 -66.17 -37.29
CA ILE D 345 -3.15 -65.57 -38.25
C ILE D 345 -2.83 -64.07 -38.33
N GLN D 346 -2.92 -63.50 -39.53
CA GLN D 346 -2.47 -62.13 -39.79
C GLN D 346 -3.24 -61.48 -40.93
N PRO D 347 -3.97 -60.42 -40.60
CA PRO D 347 -4.24 -59.49 -39.50
C PRO D 347 -4.83 -60.16 -38.26
N PRO D 348 -4.34 -59.73 -37.10
CA PRO D 348 -4.74 -60.25 -35.80
C PRO D 348 -5.86 -59.44 -35.13
N ILE D 349 -6.36 -58.39 -35.78
CA ILE D 349 -7.39 -57.57 -35.19
C ILE D 349 -8.68 -58.35 -34.96
N ASP D 350 -9.36 -58.01 -33.87
CA ASP D 350 -10.64 -58.64 -33.56
C ASP D 350 -11.81 -57.78 -34.01
N VAL D 351 -12.78 -58.42 -34.63
CA VAL D 351 -13.83 -57.75 -35.34
C VAL D 351 -14.86 -57.15 -34.38
N LEU D 352 -15.12 -57.85 -33.29
CA LEU D 352 -16.12 -57.44 -32.29
C LEU D 352 -15.79 -56.12 -31.57
N PRO D 353 -14.53 -55.99 -31.11
CA PRO D 353 -14.19 -54.82 -30.30
C PRO D 353 -14.15 -53.53 -31.10
N SER D 354 -13.74 -53.62 -32.36
CA SER D 354 -13.50 -52.43 -33.15
C SER D 354 -14.62 -52.18 -34.18
N LEU D 355 -15.33 -51.07 -34.04
CA LEU D 355 -16.48 -50.76 -34.91
C LEU D 355 -16.38 -49.38 -35.57
N SER D 356 -16.57 -49.33 -36.89
CA SER D 356 -16.51 -48.07 -37.63
C SER D 356 -17.86 -47.35 -37.65
N ARG D 357 -17.85 -46.07 -37.30
CA ARG D 357 -19.07 -45.30 -37.10
C ARG D 357 -19.67 -44.72 -38.37
N LEU D 358 -18.83 -44.25 -39.29
CA LEU D 358 -19.32 -43.60 -40.51
C LEU D 358 -19.42 -44.57 -41.66
N LYS D 359 -19.43 -45.85 -41.33
CA LYS D 359 -19.31 -46.88 -42.33
C LYS D 359 -20.55 -46.97 -43.22
N ASP D 360 -21.71 -46.68 -42.64
CA ASP D 360 -22.97 -46.82 -43.36
C ASP D 360 -23.06 -45.91 -44.58
N LYS D 361 -22.34 -44.79 -44.54
CA LYS D 361 -22.33 -43.84 -45.66
C LYS D 361 -21.74 -44.48 -46.91
N GLY D 362 -20.52 -45.00 -46.77
CA GLY D 362 -19.82 -45.63 -47.87
C GLY D 362 -20.54 -46.87 -48.37
N THR D 363 -21.19 -47.59 -47.45
CA THR D 363 -21.95 -48.77 -47.82
C THR D 363 -23.28 -48.38 -48.48
N GLY D 364 -23.69 -49.17 -49.47
CA GLY D 364 -24.90 -48.87 -50.22
C GLY D 364 -24.70 -49.12 -51.71
N ALA D 365 -25.80 -49.18 -52.44
CA ALA D 365 -25.80 -49.54 -53.87
C ALA D 365 -24.75 -48.78 -54.67
N GLY D 366 -24.12 -49.48 -55.61
CA GLY D 366 -23.11 -48.89 -56.48
C GLY D 366 -21.73 -48.88 -55.86
N LYS D 367 -21.55 -48.05 -54.86
CA LYS D 367 -20.27 -47.94 -54.16
C LYS D 367 -19.90 -49.26 -53.50
N THR D 368 -20.90 -49.91 -52.92
CA THR D 368 -20.73 -51.19 -52.24
C THR D 368 -21.91 -52.09 -52.55
N ARG D 369 -21.78 -53.36 -52.23
CA ARG D 369 -22.89 -54.29 -52.41
C ARG D 369 -24.06 -53.84 -51.53
N GLU D 370 -25.26 -53.87 -52.09
CA GLU D 370 -26.45 -53.44 -51.36
C GLU D 370 -26.72 -54.32 -50.15
N ASP D 371 -26.45 -55.62 -50.31
CA ASP D 371 -26.67 -56.58 -49.23
C ASP D 371 -25.51 -56.60 -48.24
N HIS D 372 -24.64 -55.60 -48.35
CA HIS D 372 -23.47 -55.49 -47.49
C HIS D 372 -23.87 -55.37 -46.02
N ALA D 373 -24.87 -54.55 -45.75
CA ALA D 373 -25.34 -54.33 -44.38
C ALA D 373 -25.94 -55.60 -43.78
N ALA D 374 -26.65 -56.37 -44.60
CA ALA D 374 -27.29 -57.59 -44.14
C ALA D 374 -26.27 -58.66 -43.77
N THR D 375 -25.21 -58.76 -44.56
CA THR D 375 -24.18 -59.76 -44.34
C THR D 375 -23.29 -59.43 -43.14
N MET D 376 -23.10 -58.14 -42.87
CA MET D 376 -22.31 -57.71 -41.73
C MET D 376 -23.02 -58.08 -40.42
N ASN D 377 -24.33 -57.84 -40.38
CA ASN D 377 -25.13 -58.21 -39.22
C ASN D 377 -25.09 -59.72 -38.97
N GLN D 378 -25.12 -60.48 -40.06
CA GLN D 378 -25.17 -61.93 -39.97
C GLN D 378 -23.83 -62.50 -39.49
N LEU D 379 -22.74 -61.96 -40.02
CA LEU D 379 -21.40 -62.38 -39.61
C LEU D 379 -21.16 -62.05 -38.14
N PHE D 380 -21.39 -60.80 -37.78
CA PHE D 380 -21.14 -60.32 -36.43
C PHE D 380 -21.97 -61.09 -35.39
N ALA D 381 -23.23 -61.33 -35.72
CA ALA D 381 -24.13 -62.05 -34.82
C ALA D 381 -23.71 -63.51 -34.70
N ALA D 382 -23.42 -64.14 -35.83
CA ALA D 382 -23.05 -65.55 -35.86
C ALA D 382 -21.67 -65.77 -35.24
N TYR D 383 -20.75 -64.85 -35.49
CA TYR D 383 -19.39 -64.98 -34.99
C TYR D 383 -19.28 -64.63 -33.50
N ALA D 384 -20.03 -63.63 -33.08
CA ALA D 384 -20.03 -63.22 -31.68
C ALA D 384 -20.52 -64.35 -30.79
N GLN D 385 -21.45 -65.14 -31.33
CA GLN D 385 -21.98 -66.29 -30.60
C GLN D 385 -21.01 -67.46 -30.70
N GLY D 386 -20.18 -67.44 -31.73
CA GLY D 386 -19.14 -68.45 -31.90
C GLY D 386 -18.09 -68.29 -30.83
N LYS D 387 -17.84 -67.04 -30.44
CA LYS D 387 -16.90 -66.74 -29.36
C LYS D 387 -17.48 -67.19 -28.02
N GLN D 388 -18.78 -66.98 -27.85
CA GLN D 388 -19.47 -67.41 -26.63
C GLN D 388 -19.43 -68.93 -26.52
N ALA D 389 -19.56 -69.60 -27.66
CA ALA D 389 -19.49 -71.05 -27.70
C ALA D 389 -18.09 -71.54 -27.35
N LYS D 390 -17.09 -70.94 -27.99
CA LYS D 390 -15.69 -71.32 -27.79
C LYS D 390 -15.29 -71.26 -26.32
N GLU D 391 -15.53 -70.11 -25.69
CA GLU D 391 -15.18 -69.92 -24.29
C GLU D 391 -15.94 -70.88 -23.38
N LEU D 392 -17.21 -71.09 -23.69
CA LEU D 392 -18.07 -71.95 -22.88
C LEU D 392 -17.83 -73.43 -23.15
N ALA D 393 -17.65 -73.77 -24.43
CA ALA D 393 -17.48 -75.17 -24.83
C ALA D 393 -16.07 -75.68 -24.51
N VAL D 394 -15.11 -74.76 -24.48
CA VAL D 394 -13.72 -75.14 -24.19
C VAL D 394 -13.56 -75.62 -22.76
N VAL D 395 -14.32 -75.01 -21.86
CA VAL D 395 -14.20 -75.32 -20.43
C VAL D 395 -14.71 -76.71 -20.08
N LEU D 396 -15.71 -77.19 -20.82
CA LEU D 396 -16.33 -78.48 -20.52
C LEU D 396 -16.33 -79.43 -21.70
N GLY D 397 -15.88 -80.66 -21.46
CA GLY D 397 -15.87 -81.69 -22.47
C GLY D 397 -16.47 -82.99 -21.96
N GLU D 398 -17.35 -83.59 -22.76
CA GLU D 398 -17.72 -83.02 -24.05
C GLU D 398 -19.21 -83.15 -24.32
N SER D 399 -19.65 -82.58 -25.43
CA SER D 399 -21.05 -82.68 -25.88
C SER D 399 -22.00 -81.87 -25.02
N ALA D 400 -21.45 -81.04 -24.13
CA ALA D 400 -22.26 -80.18 -23.28
C ALA D 400 -22.96 -79.11 -24.12
N LEU D 401 -22.28 -78.65 -25.16
CA LEU D 401 -22.83 -77.63 -26.05
C LEU D 401 -24.01 -78.16 -26.84
N SER D 402 -24.87 -77.26 -27.30
CA SER D 402 -26.01 -77.63 -28.11
C SER D 402 -25.59 -77.93 -29.55
N ASP D 403 -26.46 -78.58 -30.30
CA ASP D 403 -26.17 -78.94 -31.69
C ASP D 403 -25.93 -77.69 -32.54
N ILE D 404 -26.71 -76.65 -32.29
CA ILE D 404 -26.59 -75.40 -33.02
C ILE D 404 -25.27 -74.68 -32.68
N ASP D 405 -24.84 -74.82 -31.43
CA ASP D 405 -23.64 -74.14 -30.95
C ASP D 405 -22.37 -74.67 -31.62
N LYS D 406 -22.38 -75.95 -31.94
CA LYS D 406 -21.21 -76.60 -32.54
C LYS D 406 -20.94 -76.08 -33.94
N ILE D 407 -22.00 -75.82 -34.69
CA ILE D 407 -21.89 -75.26 -36.02
C ILE D 407 -21.39 -73.81 -35.94
N TYR D 408 -21.84 -73.09 -34.93
CA TYR D 408 -21.41 -71.72 -34.69
C TYR D 408 -19.93 -71.66 -34.34
N ALA D 409 -19.48 -72.61 -33.53
CA ALA D 409 -18.08 -72.70 -33.13
C ALA D 409 -17.20 -73.00 -34.35
N LYS D 410 -17.72 -73.80 -35.26
CA LYS D 410 -17.00 -74.15 -36.47
C LYS D 410 -16.91 -72.94 -37.40
N PHE D 411 -17.97 -72.14 -37.41
CA PHE D 411 -18.01 -70.93 -38.22
C PHE D 411 -16.98 -69.91 -37.73
N ALA D 412 -16.83 -69.83 -36.41
CA ALA D 412 -15.91 -68.89 -35.80
C ALA D 412 -14.46 -69.16 -36.22
N GLU D 413 -14.11 -70.44 -36.31
CA GLU D 413 -12.75 -70.82 -36.69
C GLU D 413 -12.46 -70.53 -38.16
N ARG D 414 -13.39 -70.89 -39.04
CA ARG D 414 -13.22 -70.63 -40.47
C ARG D 414 -13.20 -69.13 -40.75
N PHE D 415 -14.02 -68.38 -40.01
CA PHE D 415 -14.04 -66.93 -40.11
C PHE D 415 -12.66 -66.37 -39.80
N GLU D 416 -12.08 -66.81 -38.69
CA GLU D 416 -10.79 -66.30 -38.23
C GLU D 416 -9.62 -66.82 -39.05
N ASN D 417 -9.74 -68.04 -39.57
CA ASN D 417 -8.64 -68.67 -40.30
C ASN D 417 -8.57 -68.21 -41.76
N GLU D 418 -9.72 -67.98 -42.39
CA GLU D 418 -9.76 -67.64 -43.80
C GLU D 418 -10.20 -66.21 -44.08
N TYR D 419 -11.24 -65.76 -43.37
CA TYR D 419 -11.82 -64.45 -43.63
C TYR D 419 -11.13 -63.33 -42.86
N VAL D 420 -10.96 -63.54 -41.55
CA VAL D 420 -10.38 -62.51 -40.69
C VAL D 420 -8.97 -62.14 -41.13
N ASN D 421 -8.17 -63.15 -41.46
CA ASN D 421 -6.84 -62.90 -42.02
C ASN D 421 -6.77 -63.34 -43.48
N GLN D 422 -6.14 -62.49 -44.30
CA GLN D 422 -5.96 -62.80 -45.71
C GLN D 422 -4.47 -62.80 -46.04
N GLY D 423 -3.66 -62.51 -45.03
CA GLY D 423 -2.23 -62.32 -45.24
C GLY D 423 -1.97 -60.87 -45.62
N PHE D 424 -0.81 -60.35 -45.25
CA PHE D 424 -0.50 -58.96 -45.53
C PHE D 424 -0.19 -58.74 -47.01
N TYR D 425 0.43 -59.73 -47.64
CA TYR D 425 0.81 -59.62 -49.05
C TYR D 425 -0.37 -59.81 -49.98
N THR D 426 -1.44 -60.43 -49.49
CA THR D 426 -2.61 -60.70 -50.31
C THR D 426 -3.54 -59.50 -50.39
N ASN D 427 -4.15 -59.31 -51.55
CA ASN D 427 -5.09 -58.22 -51.75
C ASN D 427 -6.42 -58.73 -52.30
N ARG D 428 -7.51 -58.28 -51.70
CA ARG D 428 -8.84 -58.77 -52.08
C ARG D 428 -9.76 -57.63 -52.52
N THR D 429 -10.43 -57.83 -53.65
CA THR D 429 -11.40 -56.86 -54.14
C THR D 429 -12.64 -56.87 -53.26
N ILE D 430 -13.51 -55.88 -53.44
CA ILE D 430 -14.72 -55.78 -52.65
C ILE D 430 -15.67 -56.95 -52.94
N THR D 431 -15.64 -57.43 -54.19
CA THR D 431 -16.47 -58.56 -54.58
C THR D 431 -16.02 -59.84 -53.90
N GLU D 432 -14.72 -60.10 -53.93
CA GLU D 432 -14.14 -61.29 -53.30
C GLU D 432 -14.47 -61.32 -51.82
N THR D 433 -14.44 -60.15 -51.19
CA THR D 433 -14.75 -60.01 -49.77
C THR D 433 -16.17 -60.46 -49.47
N LEU D 434 -17.12 -59.96 -50.25
CA LEU D 434 -18.53 -60.24 -50.05
C LEU D 434 -18.90 -61.62 -50.57
N ASP D 435 -18.23 -62.07 -51.62
CA ASP D 435 -18.46 -63.40 -52.17
C ASP D 435 -17.96 -64.48 -51.20
N LEU D 436 -16.79 -64.23 -50.61
CA LEU D 436 -16.22 -65.14 -49.63
C LEU D 436 -17.10 -65.22 -48.39
N GLY D 437 -17.70 -64.08 -48.03
CA GLY D 437 -18.55 -64.00 -46.87
C GLY D 437 -19.77 -64.90 -46.97
N TRP D 438 -20.33 -64.99 -48.17
CA TRP D 438 -21.51 -65.83 -48.40
C TRP D 438 -21.22 -67.30 -48.17
N GLU D 439 -20.07 -67.76 -48.63
CA GLU D 439 -19.72 -69.18 -48.56
C GLU D 439 -19.56 -69.64 -47.11
N LEU D 440 -18.89 -68.83 -46.30
CA LEU D 440 -18.71 -69.15 -44.89
C LEU D 440 -20.00 -68.94 -44.09
N LEU D 441 -20.85 -68.03 -44.58
CA LEU D 441 -22.09 -67.72 -43.90
C LEU D 441 -23.20 -68.71 -44.26
N ALA D 442 -23.01 -69.42 -45.37
CA ALA D 442 -24.03 -70.29 -45.92
C ALA D 442 -24.21 -71.59 -45.13
N MET D 443 -23.23 -71.92 -44.30
CA MET D 443 -23.28 -73.15 -43.50
C MET D 443 -24.53 -73.18 -42.64
N LEU D 444 -24.82 -72.05 -42.01
CA LEU D 444 -25.95 -71.91 -41.10
C LEU D 444 -27.27 -72.19 -41.82
N PRO D 445 -28.27 -72.66 -41.07
CA PRO D 445 -29.61 -72.96 -41.62
C PRO D 445 -30.24 -71.72 -42.26
N ARG D 446 -30.94 -71.94 -43.37
CA ARG D 446 -31.57 -70.86 -44.13
C ARG D 446 -32.59 -70.12 -43.28
N THR D 447 -33.27 -70.86 -42.40
CA THR D 447 -34.31 -70.28 -41.55
C THR D 447 -33.74 -69.32 -40.52
N GLU D 448 -32.67 -69.75 -39.85
CA GLU D 448 -32.06 -68.94 -38.80
C GLU D 448 -31.25 -67.78 -39.42
N LEU D 449 -31.70 -66.56 -39.13
CA LEU D 449 -31.06 -65.36 -39.68
C LEU D 449 -30.68 -64.40 -38.57
N ARG D 451 -31.27 -60.70 -41.22
CA ARG D 451 -30.98 -61.25 -42.54
C ARG D 451 -32.01 -60.80 -43.56
N ILE D 452 -31.54 -60.41 -44.74
CA ILE D 452 -32.43 -59.93 -45.81
C ILE D 452 -33.36 -61.04 -46.29
N LYS D 453 -34.56 -60.65 -46.71
CA LYS D 453 -35.54 -61.60 -47.23
C LYS D 453 -35.07 -62.19 -48.54
N ASP D 454 -34.40 -61.38 -49.36
CA ASP D 454 -33.86 -61.84 -50.63
C ASP D 454 -32.47 -62.44 -50.43
N ASP D 455 -32.40 -63.46 -49.58
CA ASP D 455 -31.14 -64.11 -49.26
C ASP D 455 -30.71 -65.10 -50.35
N LEU D 456 -31.67 -65.51 -51.18
CA LEU D 456 -31.41 -66.50 -52.22
C LEU D 456 -30.51 -65.97 -53.33
N LEU D 457 -30.48 -64.64 -53.48
CA LEU D 457 -29.68 -64.00 -54.53
C LEU D 457 -28.20 -64.33 -54.41
N ASP D 458 -27.62 -64.01 -53.27
CA ASP D 458 -26.20 -64.28 -53.02
C ASP D 458 -25.95 -65.77 -52.88
N LYS D 459 -26.83 -66.46 -52.17
CA LYS D 459 -26.71 -67.89 -51.97
C LYS D 459 -27.62 -68.37 -50.84
N ILE E 9 -16.65 -4.96 12.83
CA ILE E 9 -16.92 -4.89 11.40
C ILE E 9 -15.80 -4.14 10.67
N LYS E 10 -14.97 -4.89 9.96
CA LYS E 10 -13.85 -4.30 9.23
C LYS E 10 -13.96 -4.59 7.74
N GLU E 11 -13.93 -3.53 6.94
CA GLU E 11 -14.04 -3.69 5.49
C GLU E 11 -12.76 -3.26 4.77
N TYR E 12 -12.28 -4.13 3.90
CA TYR E 12 -11.07 -3.84 3.12
C TYR E 12 -11.40 -3.79 1.63
N ARG E 13 -11.03 -2.68 1.00
CA ARG E 13 -11.35 -2.47 -0.41
C ARG E 13 -10.17 -2.75 -1.33
N THR E 14 -9.11 -3.32 -0.76
CA THR E 14 -7.93 -3.68 -1.54
C THR E 14 -7.61 -5.16 -1.40
N ILE E 15 -7.37 -5.83 -2.53
CA ILE E 15 -7.02 -7.24 -2.52
C ILE E 15 -5.67 -7.48 -3.19
N LYS E 16 -4.80 -8.22 -2.50
CA LYS E 16 -3.46 -8.48 -3.00
C LYS E 16 -3.49 -9.44 -4.19
N GLU E 17 -4.13 -10.59 -4.01
CA GLU E 17 -4.15 -11.61 -5.04
C GLU E 17 -5.44 -12.42 -5.04
N VAL E 18 -5.82 -12.91 -6.22
CA VAL E 18 -6.98 -13.78 -6.35
C VAL E 18 -6.65 -14.96 -7.26
N VAL E 19 -6.60 -16.17 -6.69
CA VAL E 19 -6.27 -17.36 -7.44
C VAL E 19 -7.28 -18.47 -7.19
N GLY E 20 -7.98 -18.88 -8.23
CA GLY E 20 -9.01 -19.90 -8.11
C GLY E 20 -10.09 -19.47 -7.13
N PRO E 21 -10.56 -20.42 -6.31
CA PRO E 21 -11.58 -20.14 -5.30
C PRO E 21 -11.02 -19.45 -4.05
N LEU E 22 -9.77 -19.01 -4.12
CA LEU E 22 -9.09 -18.44 -2.97
C LEU E 22 -8.59 -17.02 -3.25
N MET E 23 -8.84 -16.11 -2.30
CA MET E 23 -8.39 -14.73 -2.44
C MET E 23 -7.46 -14.34 -1.30
N ALA E 24 -6.37 -13.67 -1.63
CA ALA E 24 -5.42 -13.21 -0.64
C ALA E 24 -5.47 -11.69 -0.50
N VAL E 25 -5.62 -11.20 0.73
CA VAL E 25 -5.72 -9.77 0.98
C VAL E 25 -4.61 -9.27 1.90
N GLU E 26 -3.91 -8.23 1.47
CA GLU E 26 -2.78 -7.69 2.20
C GLU E 26 -3.18 -6.56 3.15
N LYS E 27 -2.33 -6.29 4.13
CA LYS E 27 -2.56 -5.20 5.08
C LYS E 27 -3.84 -5.40 5.87
N VAL E 28 -3.98 -6.57 6.49
CA VAL E 28 -5.17 -6.88 7.29
C VAL E 28 -4.80 -7.31 8.70
N SER E 29 -5.60 -6.89 9.67
CA SER E 29 -5.33 -7.18 11.07
C SER E 29 -6.60 -7.51 11.84
N GLY E 30 -6.48 -8.37 12.84
CA GLY E 30 -7.60 -8.74 13.69
C GLY E 30 -8.36 -9.96 13.19
N VAL E 31 -7.81 -10.63 12.19
CA VAL E 31 -8.45 -11.80 11.60
C VAL E 31 -8.41 -12.99 12.56
N LYS E 32 -9.32 -13.94 12.37
CA LYS E 32 -9.39 -15.12 13.22
C LYS E 32 -9.68 -16.40 12.44
N TYR E 33 -9.42 -17.54 13.06
CA TYR E 33 -9.67 -18.84 12.42
C TYR E 33 -11.16 -19.08 12.23
N GLU E 34 -11.51 -19.62 11.07
CA GLU E 34 -12.91 -19.94 10.75
C GLU E 34 -13.81 -18.72 10.86
N GLU E 35 -13.26 -17.54 10.62
CA GLU E 35 -14.03 -16.31 10.67
C GLU E 35 -14.62 -15.97 9.30
N LEU E 36 -15.93 -16.09 9.19
CA LEU E 36 -16.64 -15.76 7.95
C LEU E 36 -16.20 -14.40 7.40
N ILE E 37 -16.11 -14.31 6.08
CA ILE E 37 -15.78 -13.04 5.45
C ILE E 37 -16.84 -12.70 4.41
N GLU E 38 -17.08 -11.40 4.22
CA GLU E 38 -18.10 -10.95 3.29
C GLU E 38 -17.50 -10.04 2.22
N VAL E 39 -17.63 -10.46 0.96
CA VAL E 39 -17.10 -9.69 -0.16
C VAL E 39 -18.22 -9.22 -1.08
N ARG E 40 -18.31 -7.92 -1.27
CA ARG E 40 -19.30 -7.36 -2.18
C ARG E 40 -18.64 -6.99 -3.50
N MET E 41 -19.17 -7.53 -4.60
CA MET E 41 -18.63 -7.29 -5.93
C MET E 41 -18.71 -5.80 -6.27
N GLN E 42 -17.99 -5.40 -7.32
CA GLN E 42 -18.04 -4.02 -7.80
C GLN E 42 -19.45 -3.68 -8.26
N ASN E 43 -20.16 -4.68 -8.76
CA ASN E 43 -21.53 -4.50 -9.24
C ASN E 43 -22.53 -4.44 -8.09
N GLY E 44 -22.11 -4.88 -6.91
CA GLY E 44 -22.96 -4.87 -5.74
C GLY E 44 -23.28 -6.25 -5.21
N GLU E 45 -23.03 -7.27 -6.03
CA GLU E 45 -23.28 -8.64 -5.65
C GLU E 45 -22.45 -9.04 -4.43
N ILE E 46 -23.02 -9.86 -3.56
CA ILE E 46 -22.35 -10.26 -2.33
C ILE E 46 -22.13 -11.77 -2.28
N ARG E 47 -20.91 -12.17 -1.93
CA ARG E 47 -20.56 -13.57 -1.85
C ARG E 47 -19.94 -13.92 -0.49
N ARG E 48 -20.50 -14.94 0.17
CA ARG E 48 -19.98 -15.38 1.45
C ARG E 48 -18.62 -16.04 1.27
N GLY E 49 -17.81 -16.02 2.32
CA GLY E 49 -16.45 -16.56 2.24
C GLY E 49 -15.92 -17.07 3.56
N GLN E 50 -15.04 -18.07 3.47
CA GLN E 50 -14.46 -18.68 4.66
C GLN E 50 -12.94 -18.54 4.67
N VAL E 51 -12.39 -18.01 5.75
CA VAL E 51 -10.95 -17.91 5.90
C VAL E 51 -10.42 -19.13 6.64
N LEU E 52 -9.45 -19.82 6.05
CA LEU E 52 -8.84 -20.95 6.71
C LEU E 52 -7.92 -20.39 7.78
N GLU E 53 -7.22 -19.31 7.44
CA GLU E 53 -6.00 -18.93 8.19
C GLU E 53 -5.65 -17.46 8.05
N VAL E 54 -5.30 -16.84 9.17
CA VAL E 54 -4.85 -15.46 9.12
C VAL E 54 -3.37 -15.28 9.49
N GLN E 55 -2.51 -15.23 8.47
CA GLN E 55 -1.12 -14.86 8.69
C GLN E 55 -1.04 -13.36 8.92
N GLU E 56 0.04 -12.89 9.50
CA GLU E 56 0.21 -11.45 9.75
C GLU E 56 0.31 -10.69 8.44
N ASP E 57 -0.37 -9.55 8.37
CA ASP E 57 -0.33 -8.69 7.18
C ASP E 57 -0.86 -9.40 5.94
N LYS E 58 -1.65 -10.45 6.15
CA LYS E 58 -2.17 -11.23 5.04
C LYS E 58 -3.51 -11.89 5.37
N ALA E 59 -4.45 -11.80 4.43
CA ALA E 59 -5.75 -12.44 4.59
C ALA E 59 -6.03 -13.38 3.41
N MET E 60 -6.34 -14.63 3.72
CA MET E 60 -6.66 -15.62 2.71
C MET E 60 -8.05 -16.20 2.95
N VAL E 61 -8.94 -16.04 1.97
CA VAL E 61 -10.33 -16.45 2.14
C VAL E 61 -10.82 -17.33 0.99
N GLN E 62 -11.63 -18.32 1.32
CA GLN E 62 -12.27 -19.16 0.33
C GLN E 62 -13.71 -18.74 0.11
N ILE E 63 -14.09 -18.52 -1.15
CA ILE E 63 -15.45 -18.12 -1.49
C ILE E 63 -16.30 -19.33 -1.86
N PHE E 64 -17.49 -19.40 -1.28
CA PHE E 64 -18.40 -20.52 -1.53
C PHE E 64 -18.95 -20.45 -2.95
N GLU E 65 -19.50 -19.30 -3.31
CA GLU E 65 -20.07 -19.10 -4.64
C GLU E 65 -18.99 -19.16 -5.73
N GLY E 66 -17.76 -18.80 -5.36
CA GLY E 66 -16.66 -18.78 -6.30
C GLY E 66 -16.14 -17.38 -6.53
N THR E 67 -15.00 -17.28 -7.21
CA THR E 67 -14.36 -15.98 -7.46
C THR E 67 -14.70 -15.45 -8.84
N SER E 68 -15.49 -16.21 -9.59
CA SER E 68 -15.83 -15.85 -10.96
C SER E 68 -16.48 -14.48 -11.06
N GLY E 69 -15.88 -13.60 -11.86
CA GLY E 69 -16.40 -12.26 -12.06
C GLY E 69 -16.11 -11.33 -10.89
N ILE E 70 -14.88 -11.36 -10.40
CA ILE E 70 -14.48 -10.50 -9.29
C ILE E 70 -13.28 -9.63 -9.67
N CYS E 71 -13.37 -8.35 -9.37
CA CYS E 71 -12.26 -7.41 -9.62
C CYS E 71 -11.63 -6.96 -8.31
N LEU E 72 -10.34 -7.23 -8.16
CA LEU E 72 -9.61 -6.94 -6.92
C LEU E 72 -9.72 -5.49 -6.49
N LYS E 73 -9.26 -4.58 -7.36
CA LYS E 73 -9.26 -3.15 -7.06
C LYS E 73 -10.66 -2.62 -6.74
N ASN E 74 -11.66 -3.13 -7.45
CA ASN E 74 -13.03 -2.67 -7.28
C ASN E 74 -13.73 -3.33 -6.10
N SER E 75 -13.38 -4.58 -5.83
CA SER E 75 -14.02 -5.36 -4.77
C SER E 75 -13.65 -4.85 -3.39
N SER E 76 -14.56 -5.04 -2.44
CA SER E 76 -14.32 -4.68 -1.05
C SER E 76 -14.64 -5.86 -0.14
N VAL E 77 -13.68 -6.22 0.71
CA VAL E 77 -13.83 -7.36 1.61
C VAL E 77 -14.12 -6.92 3.03
N ARG E 78 -15.28 -7.30 3.55
CA ARG E 78 -15.65 -6.94 4.92
C ARG E 78 -15.64 -8.15 5.85
N PHE E 79 -15.01 -7.99 7.01
CA PHE E 79 -15.03 -9.03 8.03
C PHE E 79 -16.30 -8.91 8.86
N LEU E 80 -16.72 -9.99 9.48
CA LEU E 80 -17.91 -9.99 10.32
C LEU E 80 -17.58 -10.41 11.75
N GLY E 81 -16.42 -11.05 11.91
CA GLY E 81 -15.88 -11.33 13.24
C GLY E 81 -16.51 -12.47 14.01
N HIS E 82 -17.01 -13.47 13.30
CA HIS E 82 -17.56 -14.65 13.96
C HIS E 82 -17.60 -15.87 13.04
N PRO E 83 -17.56 -17.07 13.63
CA PRO E 83 -17.73 -18.30 12.86
C PRO E 83 -19.15 -18.40 12.31
N LEU E 84 -19.39 -19.31 11.38
CA LEU E 84 -20.72 -19.49 10.80
C LEU E 84 -21.74 -19.83 11.89
N GLN E 85 -22.80 -19.04 11.95
CA GLN E 85 -23.80 -19.20 13.01
C GLN E 85 -25.23 -19.18 12.47
N LEU E 86 -26.12 -19.83 13.19
CA LEU E 86 -27.54 -19.83 12.84
C LEU E 86 -28.37 -19.24 13.97
N GLY E 87 -29.07 -18.15 13.68
CA GLY E 87 -29.98 -17.56 14.64
C GLY E 87 -31.08 -18.55 14.97
N VAL E 88 -31.27 -18.81 16.25
CA VAL E 88 -32.22 -19.83 16.68
C VAL E 88 -33.48 -19.23 17.28
N SER E 89 -34.63 -19.73 16.82
CA SER E 89 -35.92 -19.29 17.33
C SER E 89 -36.68 -20.47 17.91
N GLU E 90 -37.43 -20.22 18.98
CA GLU E 90 -38.27 -21.25 19.58
C GLU E 90 -39.42 -21.62 18.65
N ASP E 91 -39.87 -20.62 17.90
CA ASP E 91 -40.99 -20.79 16.98
C ASP E 91 -40.47 -21.18 15.59
N MET E 92 -39.22 -21.61 15.55
CA MET E 92 -38.56 -22.01 14.31
C MET E 92 -39.26 -23.18 13.65
N ILE E 93 -39.95 -23.98 14.47
CA ILE E 93 -40.64 -25.17 13.99
C ILE E 93 -41.76 -24.82 13.01
N GLY E 94 -41.88 -25.61 11.95
CA GLY E 94 -42.89 -25.38 10.94
C GLY E 94 -42.38 -24.48 9.84
N ARG E 95 -41.10 -24.13 9.91
CA ARG E 95 -40.47 -23.26 8.92
C ARG E 95 -39.29 -23.97 8.27
N VAL E 96 -39.05 -23.68 7.00
CA VAL E 96 -37.97 -24.32 6.26
C VAL E 96 -36.93 -23.29 5.82
N PHE E 97 -35.65 -23.61 6.06
CA PHE E 97 -34.57 -22.68 5.80
C PHE E 97 -33.50 -23.30 4.93
N ASP E 98 -32.78 -22.46 4.19
CA ASP E 98 -31.69 -22.91 3.34
C ASP E 98 -30.46 -23.26 4.18
N GLY E 99 -29.42 -23.76 3.51
CA GLY E 99 -28.16 -24.04 4.16
C GLY E 99 -27.57 -22.80 4.80
N LEU E 100 -27.74 -21.65 4.14
CA LEU E 100 -27.26 -20.38 4.69
C LEU E 100 -28.04 -19.98 5.93
N GLY E 101 -29.26 -20.49 6.06
CA GLY E 101 -30.08 -20.23 7.23
C GLY E 101 -31.26 -19.30 7.00
N ARG E 102 -31.46 -18.90 5.76
CA ARG E 102 -32.59 -18.05 5.39
C ARG E 102 -33.74 -18.88 4.83
N PRO E 103 -34.95 -18.68 5.38
CA PRO E 103 -36.11 -19.46 4.99
C PRO E 103 -36.43 -19.35 3.50
N LYS E 104 -36.51 -20.48 2.81
CA LYS E 104 -36.90 -20.46 1.41
C LYS E 104 -38.33 -19.97 1.26
N ASP E 105 -39.17 -20.28 2.25
CA ASP E 105 -40.58 -19.96 2.19
C ASP E 105 -40.82 -18.47 2.08
N ASN E 106 -39.87 -17.68 2.57
CA ASN E 106 -40.06 -16.25 2.67
C ASN E 106 -41.30 -15.96 3.50
N GLY E 107 -41.53 -16.81 4.49
CA GLY E 107 -42.55 -16.56 5.49
C GLY E 107 -42.06 -15.39 6.33
N PRO E 108 -42.79 -15.04 7.40
CA PRO E 108 -42.32 -13.90 8.20
C PRO E 108 -40.87 -14.06 8.63
N GLU E 109 -40.13 -12.97 8.60
CA GLU E 109 -38.71 -12.98 8.90
C GLU E 109 -38.49 -13.51 10.31
N ILE E 110 -37.53 -14.42 10.45
CA ILE E 110 -37.29 -15.10 11.72
C ILE E 110 -36.66 -14.15 12.74
N LEU E 111 -37.13 -14.23 13.98
CA LEU E 111 -36.61 -13.37 15.04
C LEU E 111 -35.79 -14.18 16.05
N PRO E 112 -34.46 -14.19 15.89
CA PRO E 112 -33.55 -14.96 16.73
C PRO E 112 -33.18 -14.24 18.02
N GLU E 113 -33.51 -14.85 19.16
CA GLU E 113 -33.13 -14.32 20.46
C GLU E 113 -31.61 -14.31 20.61
N LYS E 114 -30.97 -15.37 20.15
CA LYS E 114 -29.53 -15.51 20.28
C LYS E 114 -28.90 -16.10 19.01
N TYR E 115 -27.58 -15.97 18.91
CA TYR E 115 -26.82 -16.56 17.82
C TYR E 115 -25.69 -17.40 18.39
N LEU E 116 -25.56 -18.63 17.91
CA LEU E 116 -24.50 -19.52 18.39
C LEU E 116 -23.81 -20.25 17.24
N ASP E 117 -22.55 -20.62 17.48
CA ASP E 117 -21.73 -21.27 16.46
C ASP E 117 -22.32 -22.60 16.00
N ILE E 118 -22.25 -22.86 14.70
CA ILE E 118 -22.80 -24.08 14.12
C ILE E 118 -22.07 -25.32 14.61
N ASN E 119 -20.76 -25.19 14.84
CA ASN E 119 -19.96 -26.30 15.32
C ASN E 119 -20.38 -26.72 16.72
N GLY E 120 -20.84 -25.74 17.50
CA GLY E 120 -21.27 -26.00 18.87
C GLY E 120 -20.13 -26.41 19.77
N GLU E 121 -20.45 -26.77 21.01
CA GLU E 121 -19.45 -27.21 21.96
C GLU E 121 -19.65 -28.68 22.30
N VAL E 122 -18.54 -29.41 22.40
CA VAL E 122 -18.59 -30.83 22.73
C VAL E 122 -19.13 -31.06 24.14
N ILE E 123 -19.99 -32.06 24.27
CA ILE E 123 -20.58 -32.39 25.56
C ILE E 123 -19.56 -33.10 26.44
N ASN E 124 -19.55 -32.77 27.73
CA ASN E 124 -18.64 -33.41 28.67
C ASN E 124 -19.02 -34.86 28.89
N PRO E 125 -18.04 -35.77 28.74
CA PRO E 125 -18.25 -37.21 28.92
C PRO E 125 -18.88 -37.55 30.28
N ILE E 126 -18.44 -36.84 31.32
CA ILE E 126 -19.01 -37.03 32.65
C ILE E 126 -20.43 -36.49 32.73
N ALA E 127 -20.63 -35.31 32.15
CA ALA E 127 -21.93 -34.64 32.20
C ALA E 127 -22.95 -35.33 31.30
N ARG E 128 -22.48 -36.16 30.38
CA ARG E 128 -23.36 -36.88 29.47
C ARG E 128 -24.10 -37.99 30.19
N ASP E 129 -25.39 -38.13 29.89
CA ASP E 129 -26.19 -39.20 30.48
C ASP E 129 -26.50 -40.26 29.42
N TYR E 130 -26.71 -41.49 29.87
CA TYR E 130 -27.04 -42.58 28.96
C TYR E 130 -28.47 -42.43 28.45
N PRO E 131 -28.70 -42.75 27.17
CA PRO E 131 -30.02 -42.71 26.54
C PRO E 131 -31.00 -43.68 27.18
N ASP E 132 -32.23 -43.26 27.42
CA ASP E 132 -33.17 -44.14 28.11
C ASP E 132 -34.53 -44.31 27.45
N GLU E 133 -34.62 -44.09 26.15
CA GLU E 133 -35.90 -44.32 25.48
C GLU E 133 -35.83 -44.55 23.97
N PHE E 134 -36.97 -44.94 23.42
CA PHE E 134 -37.08 -45.40 22.04
C PHE E 134 -38.40 -44.96 21.42
N ILE E 135 -38.31 -44.19 20.34
CA ILE E 135 -39.49 -43.58 19.73
C ILE E 135 -40.39 -44.56 19.00
N GLN E 136 -39.94 -45.80 18.87
CA GLN E 136 -40.62 -46.85 18.11
C GLN E 136 -41.15 -46.34 16.76
N THR E 137 -40.36 -45.48 16.13
CA THR E 137 -40.77 -44.84 14.88
C THR E 137 -40.73 -45.81 13.70
N GLY E 138 -41.65 -45.60 12.75
CA GLY E 138 -41.65 -46.34 11.51
C GLY E 138 -41.92 -47.82 11.63
N ILE E 139 -41.05 -48.61 11.01
CA ILE E 139 -41.27 -50.04 10.86
C ILE E 139 -41.09 -50.82 12.15
N SER E 140 -42.03 -51.74 12.37
CA SER E 140 -42.01 -52.63 13.53
C SER E 140 -40.75 -53.50 13.56
N ALA E 141 -40.43 -54.08 12.40
CA ALA E 141 -39.30 -54.98 12.28
C ALA E 141 -37.97 -54.31 12.61
N ILE E 142 -37.79 -53.12 12.05
CA ILE E 142 -36.59 -52.35 12.32
C ILE E 142 -36.39 -52.26 13.81
N ASP E 143 -37.47 -51.93 14.52
CA ASP E 143 -37.46 -51.72 15.97
C ASP E 143 -37.29 -52.98 16.79
N HIS E 144 -37.77 -54.10 16.27
CA HIS E 144 -37.73 -55.36 17.00
C HIS E 144 -36.37 -56.04 16.84
N LEU E 145 -35.88 -56.07 15.60
CA LEU E 145 -34.54 -56.58 15.32
C LEU E 145 -33.50 -55.73 16.06
N ASN E 146 -33.71 -54.41 16.02
CA ASN E 146 -32.88 -53.47 16.73
C ASN E 146 -33.72 -52.28 17.20
N THR E 147 -33.53 -51.82 18.42
CA THR E 147 -34.37 -50.71 18.87
C THR E 147 -33.64 -49.38 18.72
N LEU E 148 -34.27 -48.45 18.01
CA LEU E 148 -33.78 -47.08 17.99
C LEU E 148 -33.64 -46.63 19.44
N VAL E 149 -32.60 -45.87 19.74
CA VAL E 149 -32.44 -45.42 21.11
C VAL E 149 -32.46 -43.90 21.16
N ARG E 150 -33.08 -43.34 22.19
CA ARG E 150 -33.07 -41.90 22.37
C ARG E 150 -31.62 -41.44 22.38
N GLY E 151 -31.37 -40.24 21.89
CA GLY E 151 -30.01 -39.69 21.86
C GLY E 151 -28.95 -40.65 21.39
N GLN E 152 -29.30 -41.51 20.43
CA GLN E 152 -28.37 -42.50 19.89
C GLN E 152 -28.23 -42.36 18.38
N LYS E 153 -26.99 -42.36 17.90
CA LYS E 153 -26.71 -42.29 16.48
C LYS E 153 -27.28 -43.50 15.75
N LEU E 154 -27.81 -43.29 14.55
CA LEU E 154 -28.44 -44.36 13.80
C LEU E 154 -28.08 -44.29 12.31
N PRO E 155 -27.16 -45.18 11.87
CA PRO E 155 -26.62 -45.19 10.52
C PRO E 155 -27.45 -46.00 9.53
N VAL E 156 -28.14 -45.32 8.63
CA VAL E 156 -28.91 -45.99 7.59
C VAL E 156 -28.13 -46.04 6.28
N PHE E 157 -27.98 -47.23 5.72
CA PHE E 157 -27.22 -47.42 4.49
C PHE E 157 -28.15 -47.44 3.30
N SER E 158 -27.83 -46.67 2.27
CA SER E 158 -28.67 -46.66 1.09
C SER E 158 -27.90 -46.76 -0.21
N GLY E 159 -28.61 -47.06 -1.29
CA GLY E 159 -28.01 -47.20 -2.60
C GLY E 159 -28.89 -46.60 -3.67
N SER E 160 -28.30 -46.27 -4.81
CA SER E 160 -29.04 -45.73 -5.93
C SER E 160 -30.10 -46.74 -6.36
N GLY E 161 -31.30 -46.25 -6.64
CA GLY E 161 -32.41 -47.12 -7.00
C GLY E 161 -33.12 -47.65 -5.79
N LEU E 162 -32.52 -47.46 -4.61
CA LEU E 162 -33.16 -47.85 -3.35
C LEU E 162 -34.01 -46.71 -2.83
N PRO E 163 -35.20 -47.04 -2.31
CA PRO E 163 -36.12 -46.04 -1.77
C PRO E 163 -35.74 -45.55 -0.38
N HIS E 164 -34.57 -44.93 -0.25
CA HIS E 164 -34.13 -44.39 1.04
C HIS E 164 -34.94 -43.18 1.46
N LYS E 165 -35.35 -42.39 0.47
CA LYS E 165 -36.10 -41.17 0.75
C LYS E 165 -37.47 -41.47 1.34
N GLU E 166 -38.13 -42.49 0.82
CA GLU E 166 -39.44 -42.91 1.33
C GLU E 166 -39.34 -43.28 2.81
N LEU E 167 -38.24 -43.90 3.20
CA LEU E 167 -38.03 -44.32 4.57
C LEU E 167 -37.90 -43.11 5.50
N ALA E 168 -37.08 -42.14 5.09
CA ALA E 168 -36.88 -40.93 5.86
C ALA E 168 -38.19 -40.18 6.05
N ALA E 169 -38.99 -40.10 4.99
CA ALA E 169 -40.28 -39.45 5.04
C ALA E 169 -41.24 -40.23 5.95
N GLN E 170 -41.17 -41.55 5.87
CA GLN E 170 -42.03 -42.41 6.68
C GLN E 170 -41.69 -42.31 8.16
N ILE E 171 -40.40 -42.39 8.48
CA ILE E 171 -39.93 -42.36 9.86
C ILE E 171 -40.37 -41.09 10.60
N ALA E 172 -40.25 -39.95 9.92
CA ALA E 172 -40.59 -38.67 10.51
C ALA E 172 -42.04 -38.62 10.97
N ARG E 173 -42.96 -38.92 10.06
CA ARG E 173 -44.38 -38.91 10.37
C ARG E 173 -44.73 -40.01 11.37
N GLN E 174 -44.06 -41.15 11.22
CA GLN E 174 -44.31 -42.31 12.08
C GLN E 174 -43.76 -42.13 13.48
N ALA E 175 -42.69 -41.34 13.60
CA ALA E 175 -42.02 -41.13 14.87
C ALA E 175 -42.92 -40.41 15.87
N THR E 176 -43.05 -40.99 17.07
CA THR E 176 -43.86 -40.41 18.13
C THR E 176 -43.39 -40.87 19.50
N VAL E 177 -43.63 -40.03 20.51
CA VAL E 177 -43.26 -40.37 21.88
C VAL E 177 -44.49 -40.74 22.69
N LEU E 178 -44.44 -41.90 23.35
CA LEU E 178 -45.60 -42.47 24.02
C LEU E 178 -45.96 -41.74 25.31
N ASP E 179 -44.94 -41.25 26.02
CA ASP E 179 -45.17 -40.60 27.32
C ASP E 179 -45.94 -39.30 27.17
N SER E 180 -45.59 -38.51 26.16
CA SER E 180 -46.21 -37.21 25.93
C SER E 180 -46.01 -36.73 24.50
N SER E 181 -47.02 -36.07 23.96
CA SER E 181 -46.94 -35.48 22.63
C SER E 181 -46.71 -33.97 22.73
N ASP E 182 -46.53 -33.49 23.96
CA ASP E 182 -46.40 -32.06 24.22
C ASP E 182 -45.10 -31.48 23.70
N ASP E 183 -43.98 -32.16 23.99
CA ASP E 183 -42.66 -31.65 23.61
C ASP E 183 -41.87 -32.64 22.77
N PHE E 184 -42.32 -32.87 21.54
CA PHE E 184 -41.58 -33.74 20.62
C PHE E 184 -41.07 -32.93 19.43
N ALA E 185 -39.77 -32.99 19.19
CA ALA E 185 -39.15 -32.23 18.12
C ALA E 185 -38.54 -33.15 17.06
N VAL E 186 -38.82 -32.85 15.80
CA VAL E 186 -38.23 -33.57 14.69
C VAL E 186 -37.50 -32.60 13.77
N VAL E 187 -36.29 -32.95 13.37
CA VAL E 187 -35.51 -32.10 12.48
C VAL E 187 -35.13 -32.84 11.19
N PHE E 188 -35.77 -32.47 10.09
CA PHE E 188 -35.43 -33.05 8.80
C PHE E 188 -34.35 -32.23 8.12
N ALA E 189 -33.13 -32.78 8.08
CA ALA E 189 -32.03 -32.14 7.39
C ALA E 189 -31.87 -32.73 6.00
N ALA E 190 -31.98 -31.89 4.98
CA ALA E 190 -31.83 -32.32 3.60
C ALA E 190 -30.48 -31.89 3.04
N ILE E 191 -29.78 -32.81 2.41
CA ILE E 191 -28.45 -32.53 1.88
C ILE E 191 -28.27 -33.02 0.45
N GLY E 192 -27.87 -32.12 -0.44
CA GLY E 192 -27.55 -32.47 -1.81
C GLY E 192 -28.64 -33.21 -2.56
N ILE E 193 -29.87 -32.73 -2.45
CA ILE E 193 -30.99 -33.35 -3.15
C ILE E 193 -31.56 -32.42 -4.21
N THR E 194 -32.14 -33.00 -5.25
CA THR E 194 -32.73 -32.23 -6.33
C THR E 194 -33.94 -31.43 -5.83
N PHE E 195 -34.32 -30.40 -6.57
CA PHE E 195 -35.48 -29.59 -6.22
C PHE E 195 -36.74 -30.45 -6.15
N GLU E 196 -36.86 -31.38 -7.10
CA GLU E 196 -38.01 -32.27 -7.14
C GLU E 196 -37.95 -33.25 -5.95
N GLU E 197 -36.75 -33.73 -5.66
CA GLU E 197 -36.55 -34.62 -4.54
C GLU E 197 -36.77 -33.86 -3.23
N ALA E 198 -36.34 -32.60 -3.20
CA ALA E 198 -36.51 -31.74 -2.04
C ALA E 198 -37.99 -31.41 -1.82
N GLU E 199 -38.74 -31.28 -2.91
CA GLU E 199 -40.15 -30.94 -2.83
C GLU E 199 -40.99 -32.11 -2.34
N PHE E 200 -40.52 -33.33 -2.57
CA PHE E 200 -41.20 -34.52 -2.08
C PHE E 200 -41.35 -34.47 -0.57
N PHE E 201 -40.25 -34.11 0.10
CA PHE E 201 -40.24 -33.99 1.55
C PHE E 201 -41.16 -32.85 1.99
N MET E 202 -40.96 -31.68 1.41
CA MET E 202 -41.77 -30.50 1.75
C MET E 202 -43.26 -30.79 1.56
N GLU E 203 -43.59 -31.53 0.50
CA GLU E 203 -44.97 -31.90 0.23
C GLU E 203 -45.46 -32.97 1.20
N ASP E 204 -44.63 -34.00 1.40
CA ASP E 204 -44.98 -35.12 2.26
C ASP E 204 -45.18 -34.66 3.70
N PHE E 205 -44.32 -33.75 4.15
CA PHE E 205 -44.42 -33.19 5.50
C PHE E 205 -45.66 -32.33 5.65
N ARG E 206 -45.97 -31.54 4.61
CA ARG E 206 -47.12 -30.65 4.64
C ARG E 206 -48.44 -31.42 4.54
N GLN E 207 -48.49 -32.38 3.63
CA GLN E 207 -49.68 -33.20 3.44
C GLN E 207 -50.05 -33.94 4.71
N THR E 208 -49.05 -34.50 5.38
CA THR E 208 -49.27 -35.22 6.63
C THR E 208 -49.50 -34.27 7.80
N GLY E 209 -49.02 -33.04 7.66
CA GLY E 209 -49.18 -32.03 8.69
C GLY E 209 -48.16 -32.18 9.80
N ALA E 210 -47.19 -33.07 9.59
CA ALA E 210 -46.13 -33.29 10.57
C ALA E 210 -45.00 -32.29 10.38
N ILE E 211 -45.19 -31.35 9.46
CA ILE E 211 -44.19 -30.33 9.17
C ILE E 211 -44.15 -29.24 10.23
N ASP E 212 -45.30 -28.97 10.83
CA ASP E 212 -45.40 -27.91 11.84
C ASP E 212 -44.61 -28.27 13.09
N ARG E 213 -44.50 -29.58 13.36
CA ARG E 213 -43.80 -30.07 14.54
C ARG E 213 -42.32 -30.30 14.25
N SER E 214 -41.92 -30.07 13.01
CA SER E 214 -40.55 -30.38 12.59
C SER E 214 -39.91 -29.25 11.78
N VAL E 215 -38.84 -28.69 12.33
CA VAL E 215 -38.05 -27.69 11.62
C VAL E 215 -37.35 -28.36 10.44
N MET E 216 -37.38 -27.71 9.28
CA MET E 216 -36.80 -28.29 8.08
C MET E 216 -35.65 -27.46 7.52
N PHE E 217 -34.60 -28.16 7.08
CA PHE E 217 -33.48 -27.52 6.41
C PHE E 217 -33.27 -28.17 5.04
N MET E 218 -33.35 -27.36 3.99
CA MET E 218 -33.26 -27.89 2.64
C MET E 218 -31.96 -27.48 1.95
N ASN E 219 -31.28 -28.44 1.37
CA ASN E 219 -30.07 -28.19 0.59
C ASN E 219 -30.26 -28.62 -0.85
N LEU E 220 -29.81 -27.80 -1.78
CA LEU E 220 -29.86 -28.17 -3.20
C LEU E 220 -28.48 -28.57 -3.69
N ALA E 221 -28.43 -29.51 -4.63
CA ALA E 221 -27.18 -29.97 -5.20
C ALA E 221 -26.46 -28.83 -5.91
N ASN E 222 -27.23 -27.88 -6.41
CA ASN E 222 -26.69 -26.71 -7.10
C ASN E 222 -26.09 -25.69 -6.14
N ASP E 223 -26.50 -25.76 -4.87
CA ASP E 223 -25.95 -24.89 -3.84
C ASP E 223 -24.45 -25.14 -3.68
N PRO E 224 -23.70 -24.10 -3.29
CA PRO E 224 -22.26 -24.22 -3.05
C PRO E 224 -21.95 -25.37 -2.09
N ALA E 225 -20.86 -26.08 -2.36
CA ALA E 225 -20.49 -27.25 -1.56
C ALA E 225 -20.37 -26.92 -0.08
N ILE E 226 -19.79 -25.77 0.22
CA ILE E 226 -19.65 -25.32 1.60
C ILE E 226 -21.02 -25.13 2.24
N GLU E 227 -21.97 -24.64 1.46
CA GLU E 227 -23.34 -24.48 1.94
C GLU E 227 -23.95 -25.84 2.24
N ARG E 228 -23.55 -26.85 1.48
CA ARG E 228 -24.05 -28.20 1.68
C ARG E 228 -23.37 -28.83 2.90
N ILE E 229 -22.15 -28.40 3.17
CA ILE E 229 -21.39 -28.90 4.32
C ILE E 229 -21.88 -28.26 5.62
N ALA E 230 -22.37 -27.03 5.52
CA ALA E 230 -22.77 -26.26 6.70
C ALA E 230 -24.13 -26.69 7.23
N THR E 231 -24.97 -27.23 6.36
CA THR E 231 -26.35 -27.56 6.71
C THR E 231 -26.46 -28.60 7.83
N PRO E 232 -25.68 -29.68 7.76
CA PRO E 232 -25.71 -30.70 8.82
C PRO E 232 -25.41 -30.11 10.19
N ARG E 233 -24.49 -29.16 10.24
CA ARG E 233 -24.10 -28.51 11.49
C ARG E 233 -25.18 -27.54 11.97
N MET E 234 -25.88 -26.93 11.02
CA MET E 234 -26.94 -25.99 11.36
C MET E 234 -28.19 -26.70 11.87
N ALA E 235 -28.51 -27.84 11.27
CA ALA E 235 -29.65 -28.64 11.72
C ALA E 235 -29.42 -29.17 13.13
N LEU E 236 -28.16 -29.45 13.44
CA LEU E 236 -27.80 -29.95 14.77
C LEU E 236 -27.85 -28.84 15.82
N THR E 237 -27.34 -27.67 15.45
CA THR E 237 -27.33 -26.53 16.37
C THR E 237 -28.75 -26.15 16.77
N ALA E 238 -29.66 -26.21 15.81
CA ALA E 238 -31.07 -25.95 16.07
C ALA E 238 -31.67 -27.08 16.90
N ALA E 239 -31.26 -28.31 16.60
CA ALA E 239 -31.74 -29.48 17.32
C ALA E 239 -31.24 -29.47 18.77
N GLU E 240 -30.00 -29.04 18.97
CA GLU E 240 -29.42 -28.95 20.29
C GLU E 240 -30.20 -27.95 21.16
N TYR E 241 -30.57 -26.82 20.55
CA TYR E 241 -31.31 -25.78 21.25
C TYR E 241 -32.63 -26.30 21.79
N LEU E 242 -33.37 -27.02 20.95
CA LEU E 242 -34.68 -27.53 21.31
C LEU E 242 -34.60 -28.53 22.45
N ALA E 243 -33.58 -29.39 22.42
CA ALA E 243 -33.42 -30.42 23.44
C ALA E 243 -32.82 -29.85 24.72
N TYR E 244 -31.76 -29.06 24.58
CA TYR E 244 -31.01 -28.56 25.73
C TYR E 244 -31.69 -27.36 26.39
N GLU E 245 -32.43 -26.58 25.61
CA GLU E 245 -33.01 -25.35 26.13
C GLU E 245 -34.54 -25.43 26.24
N LYS E 246 -35.18 -25.99 25.23
CA LYS E 246 -36.64 -26.12 25.23
C LYS E 246 -37.09 -27.36 26.00
N GLY E 247 -36.17 -28.31 26.15
CA GLY E 247 -36.46 -29.54 26.87
C GLY E 247 -37.27 -30.54 26.05
N MET E 248 -37.31 -30.31 24.74
CA MET E 248 -38.05 -31.17 23.83
C MET E 248 -37.14 -32.23 23.21
N HIS E 249 -37.63 -33.47 23.15
CA HIS E 249 -36.89 -34.54 22.49
C HIS E 249 -36.80 -34.27 20.99
N VAL E 250 -35.57 -34.17 20.49
CA VAL E 250 -35.36 -33.81 19.09
C VAL E 250 -34.82 -34.97 18.27
N LEU E 251 -35.45 -35.22 17.12
CA LEU E 251 -34.98 -36.25 16.19
C LEU E 251 -34.46 -35.60 14.91
N VAL E 252 -33.20 -35.87 14.59
CA VAL E 252 -32.57 -35.27 13.42
C VAL E 252 -32.27 -36.32 12.36
N ILE E 253 -32.70 -36.07 11.13
CA ILE E 253 -32.49 -37.00 10.03
C ILE E 253 -31.76 -36.33 8.87
N MET E 254 -30.69 -36.97 8.40
CA MET E 254 -29.93 -36.46 7.27
C MET E 254 -29.90 -37.47 6.13
N THR E 255 -30.12 -36.98 4.92
CA THR E 255 -30.18 -37.83 3.74
C THR E 255 -29.08 -37.48 2.73
N ASP E 256 -28.68 -38.48 1.95
CA ASP E 256 -27.64 -38.29 0.94
C ASP E 256 -26.34 -37.80 1.56
N MET E 257 -25.86 -38.53 2.57
CA MET E 257 -24.63 -38.18 3.26
C MET E 257 -23.43 -38.26 2.33
N THR E 258 -23.57 -39.03 1.25
CA THR E 258 -22.52 -39.13 0.24
C THR E 258 -22.24 -37.77 -0.37
N ASN E 259 -23.30 -37.00 -0.58
CA ASN E 259 -23.18 -35.65 -1.14
C ASN E 259 -22.40 -34.75 -0.19
N TYR E 260 -22.62 -34.91 1.11
CA TYR E 260 -21.86 -34.19 2.12
C TYR E 260 -20.38 -34.59 2.03
N ALA E 261 -20.15 -35.89 1.92
CA ALA E 261 -18.79 -36.42 1.80
C ALA E 261 -18.18 -36.03 0.46
N GLU E 262 -19.02 -35.96 -0.58
CA GLU E 262 -18.54 -35.61 -1.91
C GLU E 262 -18.35 -34.11 -2.04
N ALA E 263 -19.12 -33.35 -1.29
CA ALA E 263 -18.98 -31.89 -1.28
C ALA E 263 -17.75 -31.49 -0.51
N LEU E 264 -17.40 -32.29 0.49
CA LEU E 264 -16.23 -32.04 1.32
C LEU E 264 -14.94 -32.36 0.56
N ARG E 265 -14.98 -33.40 -0.26
CA ARG E 265 -13.82 -33.78 -1.06
C ARG E 265 -13.56 -32.72 -2.12
N GLU E 266 -14.62 -32.09 -2.60
CA GLU E 266 -14.51 -31.01 -3.57
C GLU E 266 -13.81 -29.81 -2.97
N ILE E 267 -14.22 -29.43 -1.77
CA ILE E 267 -13.62 -28.30 -1.07
C ILE E 267 -12.19 -28.60 -0.67
N SER E 268 -11.92 -29.84 -0.29
CA SER E 268 -10.58 -30.27 0.06
C SER E 268 -9.70 -30.32 -1.18
N ALA E 269 -10.27 -30.74 -2.31
CA ALA E 269 -9.54 -30.82 -3.56
C ALA E 269 -9.15 -29.43 -4.05
N ALA E 270 -10.05 -28.47 -3.89
CA ALA E 270 -9.78 -27.08 -4.28
C ALA E 270 -8.70 -26.48 -3.38
N ARG E 271 -8.67 -26.91 -2.12
CA ARG E 271 -7.65 -26.45 -1.19
C ARG E 271 -6.33 -27.16 -1.45
N ARG E 272 -6.33 -28.09 -2.42
CA ARG E 272 -5.14 -28.83 -2.79
C ARG E 272 -4.65 -29.72 -1.65
N GLU E 273 -5.55 -30.03 -0.72
CA GLU E 273 -5.22 -30.90 0.40
C GLU E 273 -5.08 -32.34 -0.04
N VAL E 274 -4.23 -33.09 0.66
CA VAL E 274 -3.98 -34.48 0.31
C VAL E 274 -5.24 -35.33 0.47
N PRO E 275 -5.62 -36.05 -0.60
CA PRO E 275 -6.77 -36.95 -0.54
C PRO E 275 -6.44 -38.23 0.20
N GLY E 276 -7.28 -38.62 1.15
CA GLY E 276 -7.10 -39.88 1.86
C GLY E 276 -7.49 -41.04 0.96
N ARG E 277 -7.63 -42.22 1.56
CA ARG E 277 -7.96 -43.43 0.82
C ARG E 277 -9.28 -43.28 0.06
N ARG E 278 -9.28 -43.73 -1.19
CA ARG E 278 -10.48 -43.73 -2.04
C ARG E 278 -10.96 -42.33 -2.40
N GLY E 279 -10.04 -41.37 -2.36
CA GLY E 279 -10.36 -40.01 -2.78
C GLY E 279 -11.14 -39.20 -1.77
N TYR E 280 -11.26 -39.73 -0.56
CA TYR E 280 -11.95 -39.02 0.52
C TYR E 280 -10.93 -38.47 1.51
N PRO E 281 -11.28 -37.37 2.20
CA PRO E 281 -10.41 -36.79 3.23
C PRO E 281 -10.01 -37.84 4.26
N GLY E 282 -8.71 -37.99 4.50
CA GLY E 282 -8.21 -38.98 5.43
C GLY E 282 -8.76 -38.79 6.83
N TYR E 283 -9.03 -37.54 7.18
CA TYR E 283 -9.55 -37.20 8.50
C TYR E 283 -11.09 -37.14 8.50
N LEU E 284 -11.70 -37.73 7.48
CA LEU E 284 -13.15 -37.68 7.33
C LEU E 284 -13.88 -38.22 8.56
N TYR E 285 -13.29 -39.23 9.19
CA TYR E 285 -13.83 -39.77 10.43
C TYR E 285 -13.98 -38.67 11.48
N THR E 286 -12.93 -37.89 11.64
CA THR E 286 -12.92 -36.82 12.64
C THR E 286 -13.92 -35.73 12.29
N ASN E 287 -14.00 -35.40 11.01
CA ASN E 287 -14.98 -34.43 10.53
C ASN E 287 -16.39 -34.99 10.66
N LEU E 288 -16.55 -36.26 10.32
CA LEU E 288 -17.82 -36.94 10.47
C LEU E 288 -18.07 -37.34 11.92
N ALA E 289 -17.07 -37.13 12.77
CA ALA E 289 -17.19 -37.45 14.18
C ALA E 289 -18.04 -36.40 14.89
N THR E 290 -17.67 -35.13 14.72
CA THR E 290 -18.32 -34.02 15.42
C THR E 290 -19.84 -34.02 15.30
N LEU E 291 -20.35 -34.01 14.08
CA LEU E 291 -21.80 -33.93 13.86
C LEU E 291 -22.54 -35.17 14.37
N PHE E 292 -21.93 -36.34 14.19
CA PHE E 292 -22.55 -37.58 14.65
C PHE E 292 -22.47 -37.69 16.18
N GLU E 293 -21.36 -37.25 16.76
CA GLU E 293 -21.13 -37.34 18.19
C GLU E 293 -22.03 -36.39 18.99
N ARG E 294 -22.62 -35.42 18.30
CA ARG E 294 -23.46 -34.41 18.95
C ARG E 294 -24.66 -35.04 19.65
N ALA E 295 -25.22 -36.08 19.04
CA ALA E 295 -26.40 -36.74 19.58
C ALA E 295 -26.09 -37.43 20.91
N GLY E 296 -26.96 -37.22 21.90
CA GLY E 296 -26.79 -37.81 23.21
C GLY E 296 -27.72 -37.23 24.26
N ARG E 297 -27.53 -37.66 25.50
CA ARG E 297 -28.33 -37.17 26.63
C ARG E 297 -27.45 -36.51 27.68
N ILE E 298 -27.89 -35.36 28.18
CA ILE E 298 -27.13 -34.63 29.18
C ILE E 298 -27.80 -34.70 30.55
N ARG E 299 -27.00 -34.98 31.58
CA ARG E 299 -27.50 -35.07 32.94
C ARG E 299 -28.03 -33.72 33.41
N GLY E 300 -29.21 -33.73 34.03
CA GLY E 300 -29.81 -32.52 34.54
C GLY E 300 -30.57 -31.73 33.49
N LEU E 301 -30.58 -32.25 32.26
CA LEU E 301 -31.29 -31.59 31.17
C LEU E 301 -32.39 -32.49 30.60
N LYS E 302 -33.57 -31.92 30.39
CA LYS E 302 -34.70 -32.66 29.86
C LYS E 302 -34.55 -32.89 28.36
N GLY E 303 -35.08 -34.01 27.88
CA GLY E 303 -35.06 -34.30 26.45
C GLY E 303 -33.79 -34.99 25.98
N SER E 304 -33.77 -35.35 24.71
CA SER E 304 -32.62 -36.03 24.12
C SER E 304 -32.53 -35.77 22.61
N VAL E 305 -31.38 -36.06 22.01
CA VAL E 305 -31.16 -35.81 20.60
C VAL E 305 -30.83 -37.08 19.83
N THR E 306 -31.80 -37.57 19.05
CA THR E 306 -31.60 -38.79 18.26
C THR E 306 -31.22 -38.45 16.82
N GLN E 307 -30.11 -39.01 16.35
CA GLN E 307 -29.64 -38.78 14.99
C GLN E 307 -29.73 -40.05 14.14
N ILE E 308 -30.26 -39.89 12.93
CA ILE E 308 -30.32 -41.01 11.98
C ILE E 308 -29.76 -40.59 10.63
N PRO E 309 -28.43 -40.44 10.56
CA PRO E 309 -27.74 -40.08 9.32
C PRO E 309 -27.91 -41.14 8.24
N ILE E 310 -28.39 -40.74 7.07
CA ILE E 310 -28.59 -41.67 5.96
C ILE E 310 -27.60 -41.41 4.84
N LEU E 311 -26.89 -42.46 4.42
CA LEU E 311 -25.86 -42.33 3.41
C LEU E 311 -26.06 -43.34 2.28
N THR E 312 -25.72 -42.94 1.05
CA THR E 312 -25.89 -43.80 -0.10
C THR E 312 -24.62 -44.60 -0.40
N MET E 313 -24.69 -45.90 -0.17
CA MET E 313 -23.60 -46.82 -0.48
C MET E 313 -23.37 -46.93 -1.98
N PRO E 314 -22.15 -46.63 -2.42
CA PRO E 314 -21.76 -46.68 -3.84
C PRO E 314 -21.34 -48.08 -4.28
N GLU E 315 -21.82 -48.51 -5.44
CA GLU E 315 -21.54 -49.85 -5.95
C GLU E 315 -21.98 -50.93 -4.98
N ASP E 316 -22.89 -50.56 -4.07
CA ASP E 316 -23.40 -51.48 -3.06
C ASP E 316 -22.26 -52.11 -2.26
N ASP E 317 -21.30 -51.27 -1.87
CA ASP E 317 -20.12 -51.75 -1.15
C ASP E 317 -20.06 -51.17 0.26
N LYS E 318 -19.89 -52.05 1.24
CA LYS E 318 -19.87 -51.65 2.64
C LYS E 318 -18.50 -51.09 3.05
N THR E 319 -17.49 -51.36 2.24
CA THR E 319 -16.12 -50.98 2.57
C THR E 319 -15.77 -49.56 2.11
N HIS E 320 -16.72 -48.88 1.50
CA HIS E 320 -16.53 -47.49 1.12
C HIS E 320 -16.26 -46.66 2.37
N PRO E 321 -15.46 -45.59 2.24
CA PRO E 321 -15.11 -44.77 3.41
C PRO E 321 -16.33 -44.28 4.19
N ILE E 322 -17.27 -43.65 3.49
CA ILE E 322 -18.45 -43.08 4.15
C ILE E 322 -19.23 -44.14 4.95
N PRO E 323 -19.61 -45.25 4.30
CA PRO E 323 -20.33 -46.30 5.03
C PRO E 323 -19.47 -46.96 6.09
N ASP E 324 -18.18 -47.12 5.80
CA ASP E 324 -17.27 -47.75 6.75
C ASP E 324 -16.93 -46.81 7.90
N LEU E 325 -16.56 -45.57 7.58
CA LEU E 325 -16.21 -44.60 8.60
C LEU E 325 -17.40 -44.27 9.49
N THR E 326 -18.57 -44.11 8.88
CA THR E 326 -19.79 -43.80 9.61
C THR E 326 -20.12 -44.88 10.64
N GLY E 327 -19.86 -46.13 10.26
CA GLY E 327 -20.11 -47.26 11.14
C GLY E 327 -19.34 -47.16 12.44
N TYR E 328 -18.13 -46.63 12.36
CA TYR E 328 -17.30 -46.45 13.56
C TYR E 328 -17.78 -45.27 14.39
N ILE E 329 -18.22 -44.21 13.71
CA ILE E 329 -18.70 -43.01 14.38
C ILE E 329 -20.10 -43.25 14.94
N THR E 330 -21.03 -43.62 14.06
CA THR E 330 -22.39 -43.92 14.47
C THR E 330 -22.44 -45.19 15.31
N GLU E 331 -23.57 -45.39 15.99
CA GLU E 331 -23.73 -46.56 16.86
C GLU E 331 -24.88 -47.44 16.38
N GLY E 332 -24.52 -48.55 15.71
CA GLY E 332 -25.49 -49.49 15.20
C GLY E 332 -25.29 -49.76 13.73
N GLN E 333 -26.15 -50.60 13.17
CA GLN E 333 -26.08 -50.91 11.74
C GLN E 333 -27.48 -50.94 11.12
N ILE E 334 -27.67 -50.20 10.05
CA ILE E 334 -28.91 -50.26 9.26
C ILE E 334 -28.55 -50.45 7.79
N ILE E 335 -28.82 -51.65 7.27
CA ILE E 335 -28.41 -51.99 5.91
C ILE E 335 -29.60 -52.36 5.04
N LEU E 336 -29.62 -51.83 3.82
CA LEU E 336 -30.63 -52.20 2.84
C LEU E 336 -30.03 -53.14 1.80
N THR E 337 -30.85 -54.04 1.27
CA THR E 337 -30.39 -54.97 0.25
C THR E 337 -31.22 -54.87 -1.02
N ARG E 338 -30.56 -55.02 -2.17
CA ARG E 338 -31.22 -54.95 -3.46
C ARG E 338 -32.23 -56.07 -3.66
N GLU E 339 -31.91 -57.25 -3.12
CA GLU E 339 -32.74 -58.44 -3.30
C GLU E 339 -34.12 -58.25 -2.66
N LEU E 340 -34.15 -57.67 -1.48
CA LEU E 340 -35.41 -57.43 -0.77
C LEU E 340 -36.20 -56.31 -1.45
N TYR E 341 -35.48 -55.37 -2.05
CA TYR E 341 -36.12 -54.29 -2.80
C TYR E 341 -36.64 -54.80 -4.13
N LYS E 342 -35.89 -55.71 -4.73
CA LYS E 342 -36.30 -56.34 -6.00
C LYS E 342 -37.60 -57.12 -5.79
N SER E 343 -37.84 -57.51 -4.54
CA SER E 343 -39.07 -58.21 -4.19
C SER E 343 -40.24 -57.23 -4.08
N GLY E 344 -39.93 -55.94 -4.09
CA GLY E 344 -40.94 -54.91 -3.97
C GLY E 344 -41.37 -54.71 -2.52
N ILE E 345 -40.61 -55.33 -1.62
CA ILE E 345 -40.91 -55.30 -0.20
C ILE E 345 -40.49 -53.98 0.45
N GLN E 346 -41.46 -53.14 0.79
CA GLN E 346 -41.19 -51.81 1.33
C GLN E 346 -41.71 -51.65 2.76
N PRO E 347 -40.83 -51.22 3.68
CA PRO E 347 -39.46 -50.79 3.42
C PRO E 347 -38.45 -51.93 3.32
N PRO E 348 -37.66 -51.95 2.24
CA PRO E 348 -36.65 -53.00 2.01
C PRO E 348 -35.44 -52.86 2.92
N ILE E 349 -35.43 -53.60 4.02
CA ILE E 349 -34.30 -53.59 4.94
C ILE E 349 -33.85 -55.02 5.27
N ASP E 350 -32.54 -55.24 5.30
CA ASP E 350 -31.99 -56.53 5.66
C ASP E 350 -31.54 -56.50 7.12
N VAL E 351 -31.98 -57.49 7.89
CA VAL E 351 -31.77 -57.49 9.34
C VAL E 351 -30.45 -58.15 9.77
N LEU E 352 -29.96 -59.07 8.95
CA LEU E 352 -28.72 -59.79 9.26
C LEU E 352 -27.53 -58.83 9.37
N PRO E 353 -27.31 -58.00 8.34
CA PRO E 353 -26.19 -57.06 8.35
C PRO E 353 -26.46 -55.82 9.21
N SER E 354 -27.71 -55.64 9.62
CA SER E 354 -28.10 -54.44 10.36
C SER E 354 -28.41 -54.73 11.82
N LEU E 355 -27.55 -54.25 12.72
CA LEU E 355 -27.77 -54.40 14.15
C LEU E 355 -27.48 -53.07 14.87
N SER E 356 -28.46 -52.61 15.65
CA SER E 356 -28.32 -51.33 16.34
C SER E 356 -27.68 -51.47 17.70
N ARG E 357 -26.71 -50.61 17.98
CA ARG E 357 -26.00 -50.66 19.26
C ARG E 357 -26.10 -49.36 20.03
N LEU E 358 -26.52 -49.46 21.28
CA LEU E 358 -26.92 -50.75 21.83
C LEU E 358 -28.42 -50.94 21.62
N LYS E 359 -28.79 -52.05 20.97
CA LYS E 359 -30.20 -52.34 20.81
C LYS E 359 -30.84 -52.49 22.17
N ASP E 360 -30.22 -53.31 23.02
CA ASP E 360 -30.71 -53.58 24.36
C ASP E 360 -30.84 -52.32 25.21
N LYS E 361 -29.89 -51.40 25.07
CA LYS E 361 -29.90 -50.17 25.85
C LYS E 361 -30.14 -48.95 24.98
N GLY E 362 -31.22 -48.23 25.27
CA GLY E 362 -32.02 -48.53 26.44
C GLY E 362 -33.39 -49.12 26.18
N THR E 363 -33.60 -49.69 25.00
CA THR E 363 -34.89 -50.26 24.63
C THR E 363 -34.84 -51.77 24.49
N GLY E 364 -35.73 -52.47 25.19
CA GLY E 364 -36.69 -51.83 26.08
C GLY E 364 -36.13 -51.25 27.36
N ALA E 365 -35.21 -51.95 28.04
CA ALA E 365 -34.82 -53.32 27.68
C ALA E 365 -36.04 -54.23 27.77
N GLY E 366 -36.84 -54.02 28.81
CA GLY E 366 -38.08 -54.75 28.98
C GLY E 366 -39.28 -53.82 28.92
N LYS E 367 -39.02 -52.54 28.69
CA LYS E 367 -40.07 -51.53 28.64
C LYS E 367 -40.98 -51.72 27.43
N THR E 368 -40.37 -52.06 26.29
CA THR E 368 -41.12 -52.24 25.05
C THR E 368 -42.11 -53.40 25.17
N ARG E 369 -41.67 -54.49 25.78
CA ARG E 369 -42.54 -55.63 26.05
C ARG E 369 -41.92 -56.51 27.12
N GLU E 370 -42.75 -57.29 27.80
CA GLU E 370 -42.27 -58.19 28.84
C GLU E 370 -41.28 -59.21 28.28
N ASP E 371 -41.59 -59.72 27.09
CA ASP E 371 -40.75 -60.72 26.45
C ASP E 371 -40.13 -60.20 25.15
N HIS E 372 -40.13 -58.88 24.99
CA HIS E 372 -39.64 -58.25 23.75
C HIS E 372 -38.16 -58.56 23.50
N ALA E 373 -37.35 -58.42 24.55
CA ALA E 373 -35.92 -58.69 24.44
C ALA E 373 -35.67 -60.13 24.04
N ALA E 374 -36.41 -61.05 24.66
CA ALA E 374 -36.29 -62.47 24.37
C ALA E 374 -36.83 -62.81 22.99
N THR E 375 -37.90 -62.11 22.60
CA THR E 375 -38.58 -62.39 21.34
C THR E 375 -37.73 -62.08 20.11
N MET E 376 -37.00 -60.97 20.17
CA MET E 376 -36.16 -60.55 19.05
C MET E 376 -35.05 -61.56 18.78
N ASN E 377 -34.49 -62.12 19.84
CA ASN E 377 -33.41 -63.08 19.73
C ASN E 377 -33.83 -64.37 19.03
N GLN E 378 -34.97 -64.91 19.43
CA GLN E 378 -35.50 -66.13 18.84
C GLN E 378 -35.90 -65.90 17.39
N LEU E 379 -36.33 -64.69 17.10
CA LEU E 379 -36.80 -64.33 15.77
C LEU E 379 -35.64 -64.23 14.78
N PHE E 380 -34.54 -63.64 15.23
CA PHE E 380 -33.35 -63.50 14.40
C PHE E 380 -32.71 -64.85 14.11
N ALA E 381 -32.65 -65.71 15.13
CA ALA E 381 -32.06 -67.03 14.98
C ALA E 381 -32.86 -67.88 13.99
N ALA E 382 -34.18 -67.73 14.03
CA ALA E 382 -35.05 -68.48 13.12
C ALA E 382 -34.91 -67.98 11.68
N TYR E 383 -34.80 -66.67 11.52
CA TYR E 383 -34.63 -66.05 10.22
C TYR E 383 -33.27 -66.42 9.63
N ALA E 384 -32.22 -66.27 10.43
CA ALA E 384 -30.86 -66.59 10.01
C ALA E 384 -30.77 -68.04 9.55
N GLN E 385 -31.57 -68.90 10.16
CA GLN E 385 -31.61 -70.31 9.79
C GLN E 385 -32.51 -70.51 8.57
N GLY E 386 -33.54 -69.66 8.46
CA GLY E 386 -34.44 -69.71 7.33
C GLY E 386 -33.75 -69.32 6.03
N LYS E 387 -32.86 -68.34 6.12
CA LYS E 387 -32.10 -67.88 4.97
C LYS E 387 -31.11 -68.95 4.53
N GLN E 388 -30.54 -69.67 5.50
CA GLN E 388 -29.61 -70.75 5.22
C GLN E 388 -30.33 -71.93 4.56
N ALA E 389 -31.55 -72.18 5.01
CA ALA E 389 -32.36 -73.25 4.45
C ALA E 389 -32.76 -72.94 3.02
N LYS E 390 -33.06 -71.67 2.75
CA LYS E 390 -33.44 -71.23 1.42
C LYS E 390 -32.26 -71.31 0.47
N GLU E 391 -31.08 -70.98 0.97
CA GLU E 391 -29.86 -71.03 0.16
C GLU E 391 -29.52 -72.47 -0.20
N LEU E 392 -29.78 -73.39 0.72
CA LEU E 392 -29.54 -74.81 0.48
C LEU E 392 -30.49 -75.34 -0.59
N ALA E 393 -31.66 -74.71 -0.69
CA ALA E 393 -32.66 -75.10 -1.67
C ALA E 393 -32.24 -74.75 -3.08
N VAL E 394 -31.30 -73.81 -3.19
CA VAL E 394 -30.79 -73.39 -4.49
C VAL E 394 -29.68 -74.32 -4.97
N VAL E 395 -28.86 -74.79 -4.04
CA VAL E 395 -27.74 -75.67 -4.36
C VAL E 395 -28.21 -77.08 -4.73
N LEU E 396 -29.11 -77.63 -3.91
CA LEU E 396 -29.64 -78.97 -4.16
C LEU E 396 -31.15 -78.93 -4.28
N GLY E 397 -31.74 -80.05 -4.69
CA GLY E 397 -33.17 -80.17 -4.82
C GLY E 397 -33.89 -79.78 -3.53
N GLU E 398 -34.92 -78.95 -3.66
CA GLU E 398 -35.63 -78.42 -2.50
C GLU E 398 -36.16 -79.52 -1.58
N SER E 399 -36.36 -80.70 -2.13
CA SER E 399 -36.85 -81.84 -1.35
C SER E 399 -35.78 -82.39 -0.42
N ALA E 400 -34.52 -82.06 -0.72
CA ALA E 400 -33.39 -82.57 0.06
C ALA E 400 -33.41 -82.07 1.50
N LEU E 401 -33.88 -80.84 1.69
CA LEU E 401 -33.94 -80.26 3.03
C LEU E 401 -34.90 -81.03 3.93
N SER E 402 -34.51 -81.21 5.18
CA SER E 402 -35.34 -81.92 6.15
C SER E 402 -36.65 -81.19 6.37
N ASP E 403 -37.69 -81.94 6.75
CA ASP E 403 -39.02 -81.37 6.96
C ASP E 403 -39.00 -80.22 7.95
N ILE E 404 -38.27 -80.40 9.05
CA ILE E 404 -38.15 -79.36 10.06
C ILE E 404 -37.48 -78.12 9.49
N ASP E 405 -36.53 -78.33 8.58
CA ASP E 405 -35.83 -77.22 7.94
C ASP E 405 -36.75 -76.46 6.98
N LYS E 406 -37.73 -77.16 6.42
CA LYS E 406 -38.64 -76.54 5.46
C LYS E 406 -39.55 -75.52 6.14
N ILE E 407 -39.90 -75.77 7.40
CA ILE E 407 -40.68 -74.82 8.18
C ILE E 407 -39.91 -73.52 8.37
N TYR E 408 -38.62 -73.64 8.61
CA TYR E 408 -37.74 -72.48 8.75
C TYR E 408 -37.72 -71.66 7.47
N ALA E 409 -37.65 -72.34 6.33
CA ALA E 409 -37.65 -71.67 5.04
C ALA E 409 -38.98 -70.96 4.80
N LYS E 410 -40.07 -71.59 5.24
CA LYS E 410 -41.39 -71.01 5.11
C LYS E 410 -41.54 -69.82 6.04
N PHE E 411 -40.94 -69.92 7.22
CA PHE E 411 -40.92 -68.84 8.19
C PHE E 411 -40.18 -67.63 7.64
N ALA E 412 -39.02 -67.88 7.05
CA ALA E 412 -38.17 -66.82 6.51
C ALA E 412 -38.91 -66.02 5.45
N GLU E 413 -39.69 -66.69 4.62
CA GLU E 413 -40.45 -66.01 3.58
C GLU E 413 -41.61 -65.23 4.18
N ARG E 414 -42.35 -65.87 5.09
CA ARG E 414 -43.50 -65.25 5.72
C ARG E 414 -43.07 -64.09 6.62
N PHE E 415 -41.88 -64.19 7.17
CA PHE E 415 -41.27 -63.09 7.91
C PHE E 415 -41.09 -61.90 6.97
N GLU E 416 -40.57 -62.17 5.78
CA GLU E 416 -40.26 -61.09 4.83
C GLU E 416 -41.50 -60.39 4.28
N ASN E 417 -42.57 -61.15 4.11
CA ASN E 417 -43.78 -60.62 3.46
C ASN E 417 -44.55 -59.60 4.30
N GLU E 418 -44.49 -59.73 5.61
CA GLU E 418 -45.20 -58.81 6.50
C GLU E 418 -44.23 -58.05 7.39
N TYR E 419 -43.27 -58.77 7.95
CA TYR E 419 -42.33 -58.18 8.90
C TYR E 419 -41.35 -57.26 8.20
N VAL E 420 -40.88 -57.65 7.01
CA VAL E 420 -39.90 -56.84 6.29
C VAL E 420 -40.55 -55.60 5.68
N ASN E 421 -41.79 -55.71 5.26
CA ASN E 421 -42.49 -54.54 4.70
C ASN E 421 -43.87 -54.31 5.32
N GLN E 422 -44.05 -53.11 5.87
CA GLN E 422 -45.36 -52.71 6.38
C GLN E 422 -45.86 -51.50 5.58
N GLY E 423 -45.25 -51.28 4.43
CA GLY E 423 -45.65 -50.19 3.55
C GLY E 423 -44.99 -48.87 3.90
N PHE E 424 -44.96 -47.96 2.93
CA PHE E 424 -44.38 -46.64 3.13
C PHE E 424 -45.32 -45.71 3.89
N TYR E 425 -46.61 -46.03 3.88
CA TYR E 425 -47.62 -45.14 4.43
C TYR E 425 -48.33 -45.69 5.65
N THR E 426 -47.90 -46.85 6.14
CA THR E 426 -48.57 -47.47 7.28
C THR E 426 -47.66 -47.53 8.51
N ASN E 427 -48.21 -47.15 9.65
CA ASN E 427 -47.49 -47.22 10.92
C ASN E 427 -47.98 -48.35 11.79
N ARG E 428 -47.06 -48.95 12.55
CA ARG E 428 -47.40 -50.05 13.45
C ARG E 428 -46.87 -49.77 14.86
N THR E 429 -47.76 -49.79 15.84
CA THR E 429 -47.37 -49.56 17.22
C THR E 429 -46.49 -50.70 17.73
N ILE E 430 -45.90 -50.51 18.91
CA ILE E 430 -45.05 -51.54 19.50
C ILE E 430 -45.83 -52.83 19.71
N THR E 431 -47.02 -52.71 20.28
CA THR E 431 -47.86 -53.87 20.59
C THR E 431 -48.22 -54.66 19.33
N GLU E 432 -48.65 -53.95 18.29
CA GLU E 432 -48.99 -54.59 17.01
C GLU E 432 -47.79 -55.32 16.44
N THR E 433 -46.62 -54.69 16.56
CA THR E 433 -45.35 -55.25 16.12
C THR E 433 -45.10 -56.66 16.66
N LEU E 434 -45.33 -56.81 17.96
CA LEU E 434 -44.96 -58.01 18.68
C LEU E 434 -46.03 -59.08 18.59
N ASP E 435 -47.29 -58.65 18.48
CA ASP E 435 -48.39 -59.58 18.26
C ASP E 435 -48.18 -60.28 16.92
N LEU E 436 -47.63 -59.53 15.96
CA LEU E 436 -47.29 -60.08 14.66
C LEU E 436 -46.07 -60.99 14.78
N GLY E 437 -45.11 -60.58 15.60
CA GLY E 437 -43.91 -61.37 15.81
C GLY E 437 -44.22 -62.70 16.47
N TRP E 438 -45.13 -62.69 17.43
CA TRP E 438 -45.53 -63.91 18.12
C TRP E 438 -46.34 -64.83 17.21
N GLU E 439 -47.24 -64.25 16.43
CA GLU E 439 -48.04 -65.02 15.48
C GLU E 439 -47.15 -65.66 14.42
N LEU E 440 -46.12 -64.94 14.01
CA LEU E 440 -45.18 -65.43 13.01
C LEU E 440 -44.21 -66.42 13.61
N LEU E 441 -43.93 -66.28 14.89
CA LEU E 441 -43.04 -67.18 15.60
C LEU E 441 -43.77 -68.45 16.03
N ALA E 442 -45.10 -68.42 15.91
CA ALA E 442 -45.94 -69.52 16.38
C ALA E 442 -45.79 -70.77 15.54
N MET E 443 -45.35 -70.61 14.29
CA MET E 443 -45.17 -71.73 13.37
C MET E 443 -44.22 -72.77 13.93
N LEU E 444 -43.05 -72.31 14.38
CA LEU E 444 -42.06 -73.18 15.00
C LEU E 444 -42.63 -73.81 16.25
N PRO E 445 -42.37 -75.12 16.44
CA PRO E 445 -42.80 -75.83 17.65
C PRO E 445 -42.31 -75.14 18.92
N ARG E 446 -43.09 -75.24 20.00
CA ARG E 446 -42.74 -74.59 21.25
C ARG E 446 -41.40 -75.07 21.77
N THR E 447 -41.09 -76.34 21.51
CA THR E 447 -39.80 -76.91 21.91
C THR E 447 -38.67 -76.33 21.07
N GLU E 448 -39.00 -75.91 19.85
CA GLU E 448 -38.01 -75.32 18.95
C GLU E 448 -37.53 -73.98 19.47
N LEU E 449 -38.47 -73.16 19.93
CA LEU E 449 -38.14 -71.84 20.47
C LEU E 449 -37.54 -71.98 21.87
N LYS E 450 -36.37 -72.59 21.94
CA LYS E 450 -35.73 -72.90 23.22
C LYS E 450 -35.23 -71.67 23.96
N ARG E 451 -34.74 -70.68 23.22
CA ARG E 451 -34.15 -69.48 23.82
C ARG E 451 -35.12 -68.76 24.73
N ILE E 452 -36.40 -68.74 24.35
CA ILE E 452 -37.42 -68.01 25.09
C ILE E 452 -37.81 -68.73 26.38
N LYS E 453 -38.10 -67.95 27.42
CA LYS E 453 -38.53 -68.48 28.70
C LYS E 453 -39.88 -69.18 28.58
N ASP E 454 -40.17 -70.07 29.53
CA ASP E 454 -41.43 -70.82 29.52
C ASP E 454 -42.63 -69.93 29.86
N ASP E 455 -42.45 -69.04 30.83
CA ASP E 455 -43.54 -68.17 31.25
C ASP E 455 -43.99 -67.24 30.13
N LEU E 456 -43.02 -66.71 29.38
CA LEU E 456 -43.32 -65.83 28.27
C LEU E 456 -43.98 -66.59 27.11
N LEU E 457 -43.46 -67.79 26.84
CA LEU E 457 -44.00 -68.61 25.76
C LEU E 457 -45.42 -69.06 26.02
N ASP E 458 -45.76 -69.30 27.29
CA ASP E 458 -47.11 -69.69 27.66
C ASP E 458 -48.10 -68.54 27.47
N LYS E 459 -47.67 -67.33 27.83
CA LYS E 459 -48.53 -66.16 27.77
C LYS E 459 -48.83 -65.74 26.33
N TYR E 460 -47.83 -65.83 25.46
CA TYR E 460 -47.98 -65.40 24.07
C TYR E 460 -47.87 -66.57 23.10
N LEU E 461 -48.86 -66.72 22.24
CA LEU E 461 -48.85 -67.78 21.24
C LEU E 461 -49.01 -67.20 19.83
N THR F 14 23.40 -19.35 18.08
CA THR F 14 24.60 -19.93 17.47
C THR F 14 24.22 -20.85 16.31
N ILE F 15 23.00 -21.38 16.35
CA ILE F 15 22.52 -22.28 15.31
C ILE F 15 21.32 -21.67 14.58
N LYS F 16 21.03 -22.17 13.38
CA LYS F 16 20.00 -21.58 12.53
C LYS F 16 18.59 -22.05 12.88
N GLU F 17 18.39 -23.36 13.01
CA GLU F 17 17.07 -23.89 13.33
C GLU F 17 17.15 -25.29 13.94
N VAL F 18 16.06 -25.74 14.56
CA VAL F 18 16.06 -27.01 15.26
C VAL F 18 14.96 -27.96 14.80
N VAL F 19 14.41 -27.70 13.61
CA VAL F 19 13.30 -28.51 13.10
C VAL F 19 13.62 -29.14 11.74
N GLY F 20 13.37 -30.43 11.62
CA GLY F 20 12.88 -31.23 12.72
C GLY F 20 14.03 -31.93 13.43
N PRO F 21 14.13 -33.25 13.26
CA PRO F 21 15.33 -33.95 13.74
C PRO F 21 16.55 -33.41 13.01
N LEU F 22 16.35 -33.07 11.74
CA LEU F 22 17.37 -32.42 10.93
C LEU F 22 17.81 -31.10 11.56
N MET F 23 19.11 -30.99 11.80
CA MET F 23 19.68 -29.75 12.34
C MET F 23 20.42 -28.98 11.26
N ALA F 24 20.23 -27.66 11.24
CA ALA F 24 20.86 -26.82 10.25
C ALA F 24 21.86 -25.86 10.89
N VAL F 25 23.10 -25.86 10.39
CA VAL F 25 24.13 -24.99 10.92
C VAL F 25 24.52 -23.94 9.88
N GLU F 26 24.87 -22.74 10.35
CA GLU F 26 25.24 -21.65 9.45
C GLU F 26 26.63 -21.10 9.77
N LYS F 27 27.28 -20.56 8.73
CA LYS F 27 28.61 -19.98 8.88
C LYS F 27 29.67 -21.00 9.26
N VAL F 28 29.48 -22.24 8.81
CA VAL F 28 30.43 -23.31 9.10
C VAL F 28 31.60 -23.30 8.13
N SER F 29 32.74 -23.83 8.59
CA SER F 29 33.95 -23.91 7.78
C SER F 29 34.65 -25.24 7.97
N GLY F 30 35.34 -25.70 6.92
CA GLY F 30 36.02 -26.99 6.96
C GLY F 30 35.04 -28.11 7.23
N VAL F 31 33.98 -28.18 6.42
CA VAL F 31 32.90 -29.12 6.65
C VAL F 31 32.85 -30.21 5.58
N LYS F 32 32.88 -31.47 6.01
CA LYS F 32 32.81 -32.59 5.09
C LYS F 32 31.47 -33.31 5.16
N TYR F 33 31.06 -33.89 4.04
CA TYR F 33 29.87 -34.73 4.00
C TYR F 33 30.16 -36.05 4.70
N GLU F 34 29.17 -36.55 5.45
CA GLU F 34 29.25 -37.82 6.16
C GLU F 34 30.04 -37.62 7.45
N GLU F 35 30.42 -36.37 7.69
CA GLU F 35 31.16 -36.01 8.89
C GLU F 35 30.31 -36.22 10.14
N LEU F 36 30.91 -36.76 11.18
CA LEU F 36 30.23 -36.97 12.45
C LEU F 36 30.13 -35.63 13.18
N ILE F 37 28.98 -35.39 13.81
CA ILE F 37 28.75 -34.13 14.50
C ILE F 37 28.33 -34.35 15.95
N GLU F 38 28.86 -33.51 16.84
CA GLU F 38 28.56 -33.60 18.26
C GLU F 38 27.66 -32.47 18.70
N VAL F 39 26.49 -32.82 19.25
CA VAL F 39 25.54 -31.83 19.73
C VAL F 39 25.58 -31.73 21.25
N ARG F 40 25.68 -30.50 21.75
CA ARG F 40 25.75 -30.26 23.19
C ARG F 40 24.54 -29.44 23.64
N MET F 41 23.76 -30.01 24.55
CA MET F 41 22.52 -29.37 25.00
C MET F 41 22.81 -28.20 25.93
N GLN F 42 21.81 -27.33 26.08
CA GLN F 42 21.90 -26.19 26.99
C GLN F 42 22.08 -26.67 28.43
N ASN F 43 21.46 -27.80 28.75
CA ASN F 43 21.56 -28.38 30.08
C ASN F 43 22.88 -29.11 30.27
N GLY F 44 23.56 -29.42 29.16
CA GLY F 44 24.84 -30.09 29.21
C GLY F 44 24.81 -31.46 28.55
N GLU F 45 23.64 -31.89 28.11
CA GLU F 45 23.50 -33.20 27.48
C GLU F 45 24.23 -33.22 26.14
N ILE F 46 24.73 -34.40 25.76
CA ILE F 46 25.50 -34.54 24.53
C ILE F 46 24.84 -35.51 23.56
N ARG F 47 24.77 -35.10 22.30
CA ARG F 47 24.21 -35.96 21.24
C ARG F 47 25.10 -35.98 20.00
N ARG F 48 24.96 -37.02 19.21
CA ARG F 48 25.76 -37.18 18.00
C ARG F 48 24.89 -37.45 16.78
N GLY F 49 25.39 -37.03 15.61
CA GLY F 49 24.70 -37.24 14.35
C GLY F 49 25.67 -37.18 13.19
N GLN F 50 25.14 -37.18 11.97
CA GLN F 50 25.98 -37.10 10.78
C GLN F 50 25.42 -36.13 9.75
N VAL F 51 26.30 -35.55 8.94
CA VAL F 51 25.91 -34.58 7.91
C VAL F 51 25.88 -35.23 6.53
N LEU F 52 24.69 -35.33 5.94
CA LEU F 52 24.53 -35.96 4.63
C LEU F 52 24.79 -35.00 3.48
N GLU F 53 24.93 -33.71 3.80
CA GLU F 53 25.25 -32.70 2.80
C GLU F 53 25.48 -31.36 3.47
N VAL F 54 26.41 -30.59 2.93
CA VAL F 54 26.71 -29.29 3.50
C VAL F 54 26.57 -28.18 2.46
N GLN F 55 25.82 -27.15 2.82
CA GLN F 55 25.68 -25.97 1.98
C GLN F 55 27.00 -25.22 1.99
N GLU F 56 27.22 -24.36 1.00
CA GLU F 56 28.44 -23.57 0.97
C GLU F 56 28.55 -22.73 2.23
N ASP F 57 27.41 -22.16 2.62
CA ASP F 57 27.35 -21.31 3.80
C ASP F 57 26.68 -22.02 4.98
N LYS F 58 26.26 -23.26 4.78
CA LYS F 58 25.53 -24.00 5.82
C LYS F 58 25.84 -25.49 5.87
N ALA F 59 25.69 -26.09 7.05
CA ALA F 59 25.89 -27.53 7.23
C ALA F 59 24.60 -28.19 7.74
N MET F 60 24.08 -29.14 6.96
CA MET F 60 22.81 -29.76 7.27
C MET F 60 22.96 -31.14 7.93
N VAL F 61 22.77 -31.20 9.24
CA VAL F 61 22.95 -32.44 9.98
C VAL F 61 21.63 -33.04 10.47
N GLN F 62 21.64 -34.36 10.71
CA GLN F 62 20.47 -35.04 11.26
C GLN F 62 20.86 -35.84 12.49
N ILE F 63 20.29 -35.49 13.63
CA ILE F 63 20.54 -36.22 14.87
C ILE F 63 19.68 -37.48 14.91
N PHE F 64 20.32 -38.62 15.12
CA PHE F 64 19.58 -39.88 15.25
C PHE F 64 18.65 -39.80 16.44
N GLU F 65 19.18 -39.31 17.57
CA GLU F 65 18.43 -39.21 18.81
C GLU F 65 17.24 -38.27 18.69
N GLY F 66 17.42 -37.15 18.00
CA GLY F 66 16.34 -36.20 17.81
C GLY F 66 16.66 -34.81 18.35
N THR F 67 15.78 -33.86 18.09
CA THR F 67 15.99 -32.48 18.52
C THR F 67 15.04 -32.08 19.66
N SER F 68 14.39 -33.07 20.26
CA SER F 68 13.47 -32.83 21.36
C SER F 68 14.21 -32.26 22.58
N GLY F 69 13.62 -31.23 23.19
CA GLY F 69 14.21 -30.61 24.37
C GLY F 69 15.53 -29.93 24.07
N ILE F 70 15.60 -29.23 22.95
CA ILE F 70 16.82 -28.54 22.54
C ILE F 70 16.55 -27.08 22.19
N CYS F 71 17.39 -26.18 22.69
CA CYS F 71 17.25 -24.76 22.43
C CYS F 71 18.38 -24.24 21.54
N LEU F 72 18.01 -23.41 20.55
CA LEU F 72 18.96 -22.95 19.54
C LEU F 72 20.06 -22.07 20.13
N LYS F 73 19.64 -20.97 20.75
CA LYS F 73 20.58 -19.98 21.29
C LYS F 73 21.58 -20.58 22.29
N ASN F 74 21.13 -21.56 23.06
CA ASN F 74 21.96 -22.12 24.11
C ASN F 74 22.64 -23.45 23.73
N SER F 75 22.34 -23.95 22.55
CA SER F 75 22.96 -25.19 22.08
C SER F 75 24.08 -24.91 21.10
N SER F 76 25.26 -25.47 21.37
CA SER F 76 26.41 -25.32 20.50
C SER F 76 26.88 -26.67 19.97
N VAL F 77 26.53 -26.96 18.72
CA VAL F 77 26.97 -28.18 18.07
C VAL F 77 28.47 -28.09 17.80
N ARG F 78 29.11 -29.24 17.68
CA ARG F 78 30.56 -29.28 17.42
C ARG F 78 30.95 -30.34 16.40
N PHE F 79 31.62 -29.91 15.35
CA PHE F 79 32.10 -30.82 14.32
C PHE F 79 33.21 -31.73 14.86
N LEU F 80 33.12 -33.01 14.52
CA LEU F 80 34.13 -33.97 14.95
C LEU F 80 35.27 -34.05 13.93
N GLY F 81 35.02 -33.53 12.74
CA GLY F 81 36.05 -33.46 11.71
C GLY F 81 36.33 -34.79 11.05
N HIS F 82 35.53 -35.80 11.37
CA HIS F 82 35.72 -37.13 10.80
C HIS F 82 34.38 -37.84 10.59
N PRO F 83 34.31 -38.74 9.60
CA PRO F 83 33.10 -39.52 9.36
C PRO F 83 32.82 -40.46 10.53
N LEU F 84 31.58 -40.95 10.64
CA LEU F 84 31.21 -41.87 11.71
C LEU F 84 32.08 -43.12 11.67
N GLN F 85 32.69 -43.44 12.81
CA GLN F 85 33.60 -44.58 12.88
C GLN F 85 33.36 -45.41 14.14
N LEU F 86 33.65 -46.70 14.05
CA LEU F 86 33.52 -47.60 15.19
C LEU F 86 34.89 -47.99 15.73
N GLY F 87 35.04 -47.91 17.05
CA GLY F 87 36.27 -48.35 17.69
C GLY F 87 36.42 -49.85 17.58
N VAL F 88 37.45 -50.29 16.87
CA VAL F 88 37.65 -51.72 16.63
C VAL F 88 38.84 -52.29 17.39
N SER F 89 38.56 -53.25 18.27
CA SER F 89 39.62 -54.03 18.91
C SER F 89 39.49 -55.47 18.44
N GLU F 90 40.56 -56.25 18.62
CA GLU F 90 40.53 -57.65 18.23
C GLU F 90 39.83 -58.48 19.31
N ASP F 91 39.75 -57.92 20.51
CA ASP F 91 39.07 -58.57 21.63
C ASP F 91 37.69 -57.97 21.81
N MET F 92 37.23 -57.24 20.79
CA MET F 92 35.93 -56.59 20.81
C MET F 92 34.81 -57.64 20.89
N ILE F 93 35.10 -58.83 20.41
CA ILE F 93 34.14 -59.93 20.44
C ILE F 93 33.83 -60.33 21.89
N GLY F 94 32.60 -60.77 22.12
CA GLY F 94 32.17 -61.14 23.46
C GLY F 94 31.68 -59.93 24.24
N ARG F 95 31.68 -58.78 23.58
CA ARG F 95 31.24 -57.53 24.21
C ARG F 95 30.09 -56.91 23.44
N VAL F 96 29.04 -56.53 24.17
CA VAL F 96 27.83 -56.01 23.54
C VAL F 96 27.78 -54.48 23.56
N PHE F 97 27.62 -53.88 22.39
CA PHE F 97 27.52 -52.43 22.27
C PHE F 97 26.18 -52.05 21.63
N ASP F 98 25.90 -50.75 21.61
CA ASP F 98 24.70 -50.26 20.94
C ASP F 98 24.96 -50.06 19.45
N GLY F 99 23.98 -49.49 18.75
CA GLY F 99 24.15 -49.16 17.35
C GLY F 99 25.29 -48.18 17.17
N LEU F 100 25.41 -47.24 18.11
CA LEU F 100 26.50 -46.27 18.09
C LEU F 100 27.84 -46.93 18.36
N GLY F 101 27.81 -48.14 18.92
CA GLY F 101 29.01 -48.86 19.24
C GLY F 101 29.40 -48.70 20.70
N ARG F 102 28.61 -47.94 21.44
CA ARG F 102 28.85 -47.74 22.86
C ARG F 102 28.40 -48.95 23.68
N PRO F 103 29.23 -49.39 24.61
CA PRO F 103 28.94 -50.53 25.49
C PRO F 103 27.94 -50.16 26.59
N LYS F 104 26.75 -50.73 26.54
CA LYS F 104 25.77 -50.51 27.60
C LYS F 104 25.82 -51.65 28.60
N ASP F 105 26.76 -52.57 28.37
CA ASP F 105 26.93 -53.73 29.25
C ASP F 105 27.64 -53.35 30.54
N ASN F 106 28.30 -52.18 30.52
CA ASN F 106 29.03 -51.68 31.68
C ASN F 106 30.25 -52.53 32.02
N GLY F 107 30.75 -53.27 31.03
CA GLY F 107 31.97 -54.04 31.21
C GLY F 107 33.18 -53.14 31.10
N PRO F 108 34.38 -53.73 31.16
CA PRO F 108 35.61 -52.94 31.02
C PRO F 108 35.69 -52.25 29.68
N GLU F 109 35.94 -50.94 29.68
CA GLU F 109 35.94 -50.16 28.44
C GLU F 109 36.94 -50.69 27.42
N ILE F 110 36.47 -50.88 26.19
CA ILE F 110 37.28 -51.43 25.12
C ILE F 110 38.36 -50.45 24.68
N LEU F 111 39.43 -50.97 24.10
CA LEU F 111 40.51 -50.13 23.59
C LEU F 111 40.74 -50.38 22.10
N PRO F 112 40.32 -49.42 21.26
CA PRO F 112 40.42 -49.51 19.80
C PRO F 112 41.82 -49.21 19.28
N GLU F 113 42.39 -50.14 18.52
CA GLU F 113 43.69 -49.94 17.91
C GLU F 113 43.63 -48.85 16.84
N LYS F 114 42.59 -48.91 16.01
CA LYS F 114 42.40 -47.94 14.95
C LYS F 114 40.93 -47.61 14.75
N TYR F 115 40.65 -46.58 13.95
CA TYR F 115 39.29 -46.23 13.58
C TYR F 115 39.10 -46.34 12.07
N LEU F 116 38.04 -47.05 11.67
CA LEU F 116 37.72 -47.20 10.26
C LEU F 116 36.32 -46.68 9.95
N ASP F 117 36.12 -46.21 8.73
CA ASP F 117 34.83 -45.64 8.32
C ASP F 117 33.74 -46.70 8.34
N ILE F 118 32.55 -46.30 8.81
CA ILE F 118 31.41 -47.21 8.93
C ILE F 118 30.97 -47.78 7.58
N ASN F 119 30.92 -46.92 6.57
CA ASN F 119 30.50 -47.33 5.23
C ASN F 119 31.42 -48.40 4.66
N GLY F 120 32.71 -48.30 4.95
CA GLY F 120 33.68 -49.26 4.48
C GLY F 120 33.99 -49.11 3.01
N GLU F 121 34.77 -50.05 2.49
CA GLU F 121 35.16 -50.02 1.08
C GLU F 121 34.68 -51.28 0.36
N VAL F 122 34.21 -51.11 -0.87
CA VAL F 122 33.71 -52.23 -1.66
C VAL F 122 34.83 -53.20 -2.04
N ILE F 123 34.58 -54.49 -1.83
CA ILE F 123 35.55 -55.52 -2.17
C ILE F 123 35.70 -55.65 -3.68
N ASN F 124 36.94 -55.84 -4.13
CA ASN F 124 37.23 -55.95 -5.56
C ASN F 124 36.67 -57.24 -6.14
N PRO F 125 35.94 -57.12 -7.26
CA PRO F 125 35.40 -58.29 -7.99
C PRO F 125 36.48 -59.29 -8.34
N ILE F 126 37.62 -58.79 -8.80
CA ILE F 126 38.77 -59.64 -9.11
C ILE F 126 39.34 -60.29 -7.85
N ALA F 127 39.54 -59.47 -6.82
CA ALA F 127 40.15 -59.94 -5.58
C ALA F 127 39.25 -60.88 -4.80
N ARG F 128 37.94 -60.82 -5.06
CA ARG F 128 37.00 -61.68 -4.37
C ARG F 128 37.20 -63.13 -4.79
N ASP F 129 36.88 -64.06 -3.89
CA ASP F 129 37.03 -65.48 -4.18
C ASP F 129 35.77 -66.25 -3.77
N TYR F 130 35.52 -67.36 -4.45
CA TYR F 130 34.32 -68.15 -4.22
C TYR F 130 34.37 -68.87 -2.88
N PRO F 131 33.22 -68.90 -2.17
CA PRO F 131 32.99 -69.58 -0.91
C PRO F 131 33.41 -71.05 -0.92
N ASP F 132 32.85 -71.81 -1.85
CA ASP F 132 33.16 -73.23 -2.01
C ASP F 132 32.89 -74.04 -0.74
N GLU F 133 31.77 -73.75 -0.07
CA GLU F 133 31.42 -74.44 1.17
C GLU F 133 30.09 -75.16 1.05
N PHE F 134 30.09 -76.46 1.34
CA PHE F 134 28.88 -77.27 1.30
C PHE F 134 28.27 -77.40 2.71
N ILE F 135 28.95 -76.81 3.69
CA ILE F 135 28.48 -76.85 5.07
C ILE F 135 28.60 -75.48 5.71
N GLN F 136 27.81 -75.24 6.75
CA GLN F 136 26.81 -76.20 7.21
C GLN F 136 25.47 -75.51 7.38
N THR F 137 24.39 -76.30 7.35
CA THR F 137 23.06 -75.74 7.55
C THR F 137 22.42 -76.30 8.81
N GLY F 138 21.79 -75.41 9.57
CA GLY F 138 21.13 -75.80 10.80
C GLY F 138 19.95 -76.72 10.56
N ILE F 139 19.28 -76.52 9.43
CA ILE F 139 18.11 -77.33 9.08
C ILE F 139 18.29 -78.08 7.77
N SER F 140 17.58 -79.19 7.63
CA SER F 140 17.62 -80.01 6.42
C SER F 140 17.23 -79.21 5.19
N ALA F 141 16.18 -78.40 5.32
CA ALA F 141 15.66 -77.60 4.22
C ALA F 141 16.71 -76.63 3.69
N ILE F 142 17.48 -76.04 4.60
CA ILE F 142 18.52 -75.09 4.22
C ILE F 142 19.80 -75.81 3.83
N ASP F 143 19.80 -77.13 4.04
CA ASP F 143 20.96 -77.98 3.75
C ASP F 143 20.84 -78.67 2.40
N HIS F 144 19.63 -79.16 2.11
CA HIS F 144 19.41 -80.07 1.00
C HIS F 144 18.66 -79.43 -0.16
N LEU F 145 17.56 -78.74 0.15
CA LEU F 145 16.82 -78.01 -0.87
C LEU F 145 17.73 -76.96 -1.47
N ASN F 146 18.44 -76.26 -0.59
CA ASN F 146 19.45 -75.29 -0.98
C ASN F 146 20.66 -75.49 -0.09
N THR F 147 21.74 -74.76 -0.33
CA THR F 147 22.93 -74.90 0.52
C THR F 147 23.67 -73.57 0.65
N LEU F 148 23.67 -73.02 1.87
CA LEU F 148 24.35 -71.77 2.12
C LEU F 148 25.86 -71.94 2.05
N VAL F 149 26.48 -71.21 1.14
CA VAL F 149 27.93 -71.24 1.00
C VAL F 149 28.55 -70.24 1.99
N ARG F 150 29.82 -70.42 2.30
CA ARG F 150 30.51 -69.54 3.24
C ARG F 150 30.63 -68.12 2.67
N GLY F 151 30.33 -67.12 3.48
CA GLY F 151 30.39 -65.76 3.01
C GLY F 151 29.36 -65.49 1.92
N GLN F 152 28.30 -66.28 1.93
CA GLN F 152 27.17 -66.08 1.02
C GLN F 152 26.04 -65.36 1.75
N LYS F 153 25.38 -64.45 1.04
CA LYS F 153 24.35 -63.60 1.64
C LYS F 153 22.96 -64.19 1.52
N LEU F 154 22.43 -64.75 2.60
CA LEU F 154 21.10 -65.35 2.59
C LEU F 154 20.12 -64.58 3.48
N PRO F 155 19.08 -64.00 2.88
CA PRO F 155 18.08 -63.21 3.61
C PRO F 155 16.88 -64.04 4.08
N VAL F 156 16.73 -64.21 5.39
CA VAL F 156 15.58 -64.93 5.93
C VAL F 156 14.31 -64.10 5.80
N PHE F 157 13.35 -64.60 5.03
CA PHE F 157 12.09 -63.91 4.81
C PHE F 157 11.00 -64.40 5.77
N SER F 158 10.61 -63.55 6.70
CA SER F 158 9.62 -63.92 7.71
C SER F 158 8.35 -63.10 7.61
N GLY F 159 7.25 -63.68 8.08
CA GLY F 159 6.00 -62.94 8.21
C GLY F 159 5.87 -62.48 9.65
N SER F 160 4.96 -61.54 9.89
CA SER F 160 4.75 -61.02 11.24
C SER F 160 4.18 -62.10 12.15
N GLY F 161 4.89 -62.38 13.24
CA GLY F 161 4.45 -63.40 14.18
C GLY F 161 5.03 -64.76 13.88
N LEU F 162 5.71 -64.89 12.73
CA LEU F 162 6.39 -66.14 12.40
C LEU F 162 7.60 -66.32 13.29
N PRO F 163 7.93 -67.59 13.60
CA PRO F 163 9.06 -67.90 14.49
C PRO F 163 10.41 -67.79 13.79
N HIS F 164 10.71 -66.61 13.28
CA HIS F 164 11.98 -66.40 12.58
C HIS F 164 13.16 -66.32 13.54
N LYS F 165 12.91 -65.84 14.75
CA LYS F 165 13.97 -65.70 15.74
C LYS F 165 14.52 -67.07 16.14
N GLU F 166 13.63 -68.05 16.24
CA GLU F 166 14.01 -69.40 16.62
C GLU F 166 14.89 -70.06 15.55
N LEU F 167 14.57 -69.79 14.29
CA LEU F 167 15.33 -70.35 13.17
C LEU F 167 16.73 -69.76 13.11
N ALA F 168 16.84 -68.47 13.37
CA ALA F 168 18.13 -67.79 13.33
C ALA F 168 19.07 -68.34 14.40
N ALA F 169 18.53 -68.58 15.59
CA ALA F 169 19.32 -69.09 16.70
C ALA F 169 19.83 -70.50 16.43
N GLN F 170 18.97 -71.33 15.84
CA GLN F 170 19.33 -72.73 15.59
C GLN F 170 20.45 -72.84 14.57
N ILE F 171 20.41 -72.01 13.54
CA ILE F 171 21.45 -72.00 12.52
C ILE F 171 22.80 -71.64 13.14
N ALA F 172 22.84 -70.46 13.75
CA ALA F 172 24.07 -69.95 14.36
C ALA F 172 24.68 -70.93 15.36
N ARG F 173 23.82 -71.59 16.13
CA ARG F 173 24.28 -72.51 17.17
C ARG F 173 24.72 -73.85 16.58
N GLN F 174 24.06 -74.28 15.51
CA GLN F 174 24.31 -75.61 14.96
C GLN F 174 24.97 -75.57 13.58
N ALA F 175 25.59 -74.44 13.24
CA ALA F 175 26.30 -74.33 11.97
C ALA F 175 27.81 -74.39 12.20
N THR F 176 28.45 -75.43 11.67
CA THR F 176 29.89 -75.61 11.81
C THR F 176 30.52 -76.05 10.50
N VAL F 177 31.81 -75.76 10.33
CA VAL F 177 32.52 -76.19 9.14
C VAL F 177 33.52 -77.29 9.50
N LEU F 178 33.45 -78.40 8.77
CA LEU F 178 34.24 -79.59 9.12
C LEU F 178 35.71 -79.46 8.74
N ASP F 179 35.98 -78.78 7.63
CA ASP F 179 37.34 -78.71 7.09
C ASP F 179 38.31 -77.94 7.97
N SER F 180 37.89 -76.78 8.48
CA SER F 180 38.79 -75.96 9.29
C SER F 180 38.08 -74.95 10.18
N SER F 181 38.77 -74.55 11.25
CA SER F 181 38.28 -73.53 12.18
C SER F 181 36.95 -73.89 12.83
N ASP F 182 36.06 -72.92 12.90
CA ASP F 182 34.74 -73.08 13.49
C ASP F 182 34.76 -73.57 14.95
N ASP F 183 35.44 -72.89 15.87
CA ASP F 183 36.20 -71.64 15.68
C ASP F 183 35.48 -70.59 14.84
N PHE F 184 34.26 -70.25 15.24
CA PHE F 184 33.45 -69.29 14.50
C PHE F 184 32.85 -68.22 15.40
N ALA F 185 33.06 -66.96 15.05
CA ALA F 185 32.47 -65.83 15.76
C ALA F 185 31.17 -65.37 15.09
N VAL F 186 30.12 -65.18 15.87
CA VAL F 186 28.80 -64.85 15.34
C VAL F 186 28.28 -63.49 15.82
N VAL F 187 28.47 -62.46 15.00
CA VAL F 187 28.01 -61.12 15.35
C VAL F 187 26.51 -60.95 15.12
N PHE F 188 25.75 -60.84 16.21
CA PHE F 188 24.31 -60.61 16.11
C PHE F 188 23.96 -59.16 16.41
N ALA F 189 23.46 -58.46 15.40
CA ALA F 189 23.02 -57.08 15.57
C ALA F 189 21.50 -57.00 15.68
N ALA F 190 21.01 -56.53 16.82
CA ALA F 190 19.58 -56.41 17.05
C ALA F 190 19.10 -55.01 16.71
N ILE F 191 18.37 -54.89 15.60
CA ILE F 191 17.94 -53.59 15.10
C ILE F 191 16.42 -53.44 15.07
N GLY F 192 15.91 -52.51 15.87
CA GLY F 192 14.49 -52.20 15.89
C GLY F 192 13.60 -53.40 16.19
N ILE F 193 13.96 -54.16 17.22
CA ILE F 193 13.19 -55.34 17.59
C ILE F 193 12.69 -55.23 19.02
N THR F 194 11.59 -55.92 19.31
CA THR F 194 11.02 -55.94 20.66
C THR F 194 12.05 -56.52 21.62
N PHE F 195 11.92 -56.17 22.90
CA PHE F 195 12.87 -56.63 23.91
C PHE F 195 12.88 -58.15 24.03
N GLU F 196 11.74 -58.78 23.78
CA GLU F 196 11.59 -60.21 23.99
C GLU F 196 12.32 -61.04 22.93
N GLU F 197 12.12 -60.72 21.66
CA GLU F 197 12.84 -61.42 20.60
C GLU F 197 14.30 -61.03 20.66
N ALA F 198 14.57 -59.87 21.22
CA ALA F 198 15.94 -59.44 21.47
C ALA F 198 16.51 -60.23 22.64
N GLU F 199 15.67 -60.49 23.64
CA GLU F 199 16.07 -61.27 24.80
C GLU F 199 16.23 -62.74 24.44
N PHE F 200 15.43 -63.21 23.48
CA PHE F 200 15.49 -64.59 23.02
C PHE F 200 16.91 -64.98 22.63
N PHE F 201 17.51 -64.16 21.77
CA PHE F 201 18.90 -64.37 21.38
C PHE F 201 19.83 -64.34 22.59
N MET F 202 19.63 -63.36 23.46
CA MET F 202 20.46 -63.20 24.65
C MET F 202 20.34 -64.39 25.60
N GLU F 203 19.12 -64.85 25.83
CA GLU F 203 18.90 -65.94 26.77
C GLU F 203 19.41 -67.26 26.22
N ASP F 204 19.20 -67.50 24.92
CA ASP F 204 19.71 -68.69 24.28
C ASP F 204 21.23 -68.68 24.24
N PHE F 205 21.79 -67.62 23.64
CA PHE F 205 23.23 -67.49 23.48
C PHE F 205 23.99 -67.59 24.80
N ARG F 206 23.44 -66.98 25.84
CA ARG F 206 24.07 -67.03 27.16
C ARG F 206 24.03 -68.43 27.75
N GLN F 207 22.86 -69.08 27.68
CA GLN F 207 22.71 -70.43 28.20
C GLN F 207 23.57 -71.42 27.40
N THR F 208 23.67 -71.20 26.09
CA THR F 208 24.50 -72.04 25.24
C THR F 208 25.98 -71.79 25.53
N GLY F 209 26.30 -70.55 25.90
CA GLY F 209 27.67 -70.17 26.16
C GLY F 209 28.39 -69.79 24.88
N ALA F 210 27.63 -69.67 23.80
CA ALA F 210 28.19 -69.33 22.50
C ALA F 210 28.27 -67.82 22.30
N ILE F 211 27.58 -67.08 23.16
CA ILE F 211 27.53 -65.62 23.05
C ILE F 211 28.79 -64.95 23.57
N ASP F 212 29.42 -65.57 24.57
CA ASP F 212 30.56 -64.97 25.26
C ASP F 212 31.75 -64.78 24.33
N ARG F 213 31.75 -65.47 23.19
CA ARG F 213 32.77 -65.28 22.18
C ARG F 213 32.33 -64.23 21.17
N SER F 214 31.05 -64.30 20.80
CA SER F 214 30.52 -63.49 19.70
C SER F 214 30.39 -62.01 20.06
N VAL F 215 30.54 -61.16 19.05
CA VAL F 215 30.32 -59.74 19.19
C VAL F 215 28.83 -59.45 19.03
N MET F 216 28.37 -58.33 19.59
CA MET F 216 26.96 -57.97 19.49
C MET F 216 26.71 -56.47 19.52
N PHE F 217 25.86 -56.01 18.61
CA PHE F 217 25.38 -54.64 18.63
C PHE F 217 23.88 -54.63 18.91
N MET F 218 23.50 -54.14 20.07
CA MET F 218 22.10 -54.18 20.52
C MET F 218 21.40 -52.84 20.35
N ASN F 219 20.29 -52.85 19.62
CA ASN F 219 19.49 -51.65 19.44
C ASN F 219 18.03 -51.94 19.78
N LEU F 220 17.57 -51.39 20.91
CA LEU F 220 16.21 -51.64 21.37
C LEU F 220 15.17 -51.05 20.42
N ALA F 221 13.93 -51.53 20.53
CA ALA F 221 12.86 -51.10 19.64
C ALA F 221 12.55 -49.62 19.78
N ASN F 222 12.72 -49.11 20.99
CA ASN F 222 12.43 -47.70 21.27
C ASN F 222 13.61 -46.78 20.94
N ASP F 223 14.61 -47.33 20.25
CA ASP F 223 15.78 -46.56 19.86
C ASP F 223 15.44 -45.49 18.82
N PRO F 224 16.28 -44.46 18.73
CA PRO F 224 16.21 -43.46 17.66
C PRO F 224 16.23 -44.14 16.29
N ALA F 225 15.30 -43.77 15.42
CA ALA F 225 15.13 -44.43 14.13
C ALA F 225 16.38 -44.30 13.26
N ILE F 226 17.03 -43.13 13.33
CA ILE F 226 18.23 -42.89 12.53
C ILE F 226 19.43 -43.63 13.11
N GLU F 227 19.35 -43.96 14.40
CA GLU F 227 20.38 -44.76 15.04
C GLU F 227 20.33 -46.18 14.52
N ARG F 228 19.16 -46.59 14.07
CA ARG F 228 18.95 -47.93 13.53
C ARG F 228 19.56 -48.07 12.14
N ILE F 229 19.88 -46.93 11.52
CA ILE F 229 20.48 -46.92 10.19
C ILE F 229 21.97 -47.18 10.26
N ALA F 230 22.61 -46.73 11.34
CA ALA F 230 24.05 -46.87 11.50
C ALA F 230 24.41 -48.25 12.06
N THR F 231 23.45 -48.90 12.70
CA THR F 231 23.69 -50.18 13.35
C THR F 231 24.16 -51.26 12.38
N PRO F 232 23.46 -51.44 11.25
CA PRO F 232 23.88 -52.42 10.24
C PRO F 232 25.28 -52.14 9.72
N ARG F 233 25.49 -50.90 9.28
CA ARG F 233 26.78 -50.48 8.74
C ARG F 233 27.91 -50.71 9.74
N MET F 234 27.63 -50.49 11.02
CA MET F 234 28.61 -50.74 12.08
C MET F 234 28.74 -52.22 12.39
N ALA F 235 27.63 -52.94 12.29
CA ALA F 235 27.60 -54.37 12.58
C ALA F 235 28.53 -55.14 11.64
N LEU F 236 28.50 -54.75 10.37
CA LEU F 236 29.31 -55.41 9.35
C LEU F 236 30.78 -55.05 9.51
N THR F 237 31.04 -53.76 9.77
CA THR F 237 32.40 -53.26 9.92
C THR F 237 33.15 -54.04 11.01
N ALA F 238 32.42 -54.46 12.03
CA ALA F 238 32.99 -55.29 13.09
C ALA F 238 33.34 -56.67 12.56
N ALA F 239 32.36 -57.31 11.91
CA ALA F 239 32.57 -58.60 11.27
C ALA F 239 33.59 -58.46 10.15
N GLU F 240 33.64 -57.27 9.55
CA GLU F 240 34.63 -56.97 8.53
C GLU F 240 36.02 -56.99 9.12
N TYR F 241 36.25 -56.12 10.10
CA TYR F 241 37.54 -56.00 10.76
C TYR F 241 38.10 -57.34 11.24
N LEU F 242 37.19 -58.23 11.68
CA LEU F 242 37.59 -59.53 12.19
C LEU F 242 38.06 -60.47 11.07
N ALA F 243 37.38 -60.41 9.94
CA ALA F 243 37.74 -61.26 8.80
C ALA F 243 38.99 -60.74 8.10
N TYR F 244 39.17 -59.42 8.13
CA TYR F 244 40.28 -58.79 7.42
C TYR F 244 41.54 -58.74 8.27
N GLU F 245 41.37 -58.46 9.56
CA GLU F 245 42.49 -58.29 10.47
C GLU F 245 42.67 -59.53 11.35
N LYS F 246 41.62 -59.89 12.08
CA LYS F 246 41.66 -61.07 12.94
C LYS F 246 41.69 -62.35 12.11
N GLY F 247 41.23 -62.24 10.86
CA GLY F 247 41.24 -63.36 9.94
C GLY F 247 40.34 -64.49 10.37
N MET F 248 39.35 -64.18 11.19
CA MET F 248 38.39 -65.17 11.66
C MET F 248 37.12 -65.13 10.84
N HIS F 249 36.57 -66.29 10.53
CA HIS F 249 35.28 -66.39 9.87
C HIS F 249 34.23 -65.76 10.79
N VAL F 250 33.31 -64.96 10.24
CA VAL F 250 32.30 -64.31 11.06
C VAL F 250 30.88 -64.41 10.47
N LEU F 251 29.94 -64.84 11.32
CA LEU F 251 28.55 -65.07 10.93
C LEU F 251 27.67 -63.97 11.49
N VAL F 252 26.89 -63.35 10.62
CA VAL F 252 26.11 -62.19 11.02
C VAL F 252 24.62 -62.39 10.81
N ILE F 253 23.88 -62.39 11.91
CA ILE F 253 22.42 -62.46 11.86
C ILE F 253 21.86 -61.10 12.25
N MET F 254 21.03 -60.54 11.38
CA MET F 254 20.53 -59.18 11.60
C MET F 254 19.01 -59.12 11.45
N THR F 255 18.34 -58.61 12.49
CA THR F 255 16.89 -58.47 12.47
C THR F 255 16.45 -57.15 13.10
N ASP F 256 15.57 -56.44 12.41
CA ASP F 256 15.06 -56.88 11.11
C ASP F 256 15.38 -55.84 10.03
N MET F 257 15.48 -56.29 8.79
CA MET F 257 15.85 -55.41 7.69
C MET F 257 14.69 -54.50 7.28
N THR F 258 13.46 -54.95 7.55
CA THR F 258 12.28 -54.16 7.22
C THR F 258 12.22 -52.89 8.06
N ASN F 259 12.66 -52.98 9.31
CA ASN F 259 12.70 -51.82 10.19
C ASN F 259 13.77 -50.83 9.78
N TYR F 260 14.86 -51.34 9.20
CA TYR F 260 15.92 -50.48 8.69
C TYR F 260 15.40 -49.60 7.57
N ALA F 261 14.72 -50.22 6.61
CA ALA F 261 14.16 -49.49 5.46
C ALA F 261 13.04 -48.57 5.91
N GLU F 262 12.27 -49.01 6.89
CA GLU F 262 11.20 -48.20 7.45
C GLU F 262 11.77 -46.98 8.17
N ALA F 263 12.94 -47.17 8.77
CA ALA F 263 13.65 -46.07 9.42
C ALA F 263 14.37 -45.23 8.37
N LEU F 264 14.77 -45.88 7.28
CA LEU F 264 15.43 -45.20 6.18
C LEU F 264 14.42 -44.42 5.34
N ARG F 265 13.19 -44.89 5.31
CA ARG F 265 12.13 -44.22 4.57
C ARG F 265 11.73 -42.93 5.27
N GLU F 266 11.85 -42.93 6.60
CA GLU F 266 11.57 -41.74 7.39
C GLU F 266 12.55 -40.62 7.04
N ILE F 267 13.79 -41.02 6.79
CA ILE F 267 14.84 -40.08 6.41
C ILE F 267 14.49 -39.38 5.10
N SER F 268 13.92 -40.15 4.18
CA SER F 268 13.50 -39.61 2.88
C SER F 268 12.42 -38.55 3.05
N ALA F 269 11.44 -38.85 3.89
CA ALA F 269 10.36 -37.91 4.17
C ALA F 269 10.90 -36.63 4.81
N ALA F 270 11.84 -36.79 5.73
CA ALA F 270 12.46 -35.65 6.40
C ALA F 270 13.36 -34.89 5.44
N ARG F 271 14.09 -35.63 4.62
CA ARG F 271 15.00 -35.02 3.65
C ARG F 271 14.22 -34.47 2.46
N ARG F 272 12.93 -34.80 2.41
CA ARG F 272 12.04 -34.33 1.35
C ARG F 272 12.50 -34.82 -0.02
N GLU F 273 13.07 -36.02 -0.04
CA GLU F 273 13.44 -36.67 -1.30
C GLU F 273 12.20 -37.14 -2.04
N VAL F 274 12.36 -37.48 -3.31
CA VAL F 274 11.27 -38.04 -4.09
C VAL F 274 10.94 -39.44 -3.58
N PRO F 275 9.71 -39.64 -3.07
CA PRO F 275 9.29 -40.95 -2.55
C PRO F 275 9.28 -42.02 -3.64
N GLY F 276 10.05 -43.07 -3.43
CA GLY F 276 10.07 -44.19 -4.36
C GLY F 276 8.79 -45.00 -4.26
N ARG F 277 8.70 -46.07 -5.03
CA ARG F 277 7.53 -46.93 -5.05
C ARG F 277 7.19 -47.46 -3.65
N ARG F 278 5.91 -47.42 -3.32
CA ARG F 278 5.41 -47.94 -2.04
C ARG F 278 5.90 -47.13 -0.84
N GLY F 279 6.55 -46.00 -1.10
CA GLY F 279 7.00 -45.12 -0.05
C GLY F 279 8.41 -45.43 0.45
N TYR F 280 9.17 -46.15 -0.35
CA TYR F 280 10.57 -46.44 -0.02
C TYR F 280 11.47 -45.83 -1.08
N PRO F 281 12.59 -45.21 -0.66
CA PRO F 281 13.52 -44.52 -1.56
C PRO F 281 13.83 -45.33 -2.81
N GLY F 282 13.78 -44.69 -3.97
CA GLY F 282 14.03 -45.37 -5.24
C GLY F 282 15.40 -46.03 -5.26
N TYR F 283 16.31 -45.51 -4.45
CA TYR F 283 17.66 -46.05 -4.36
C TYR F 283 17.82 -46.98 -3.16
N LEU F 284 16.71 -47.34 -2.54
CA LEU F 284 16.72 -48.23 -1.38
C LEU F 284 17.47 -49.52 -1.67
N TYR F 285 17.30 -50.03 -2.89
CA TYR F 285 18.01 -51.22 -3.32
C TYR F 285 19.52 -51.00 -3.26
N THR F 286 19.96 -49.84 -3.72
CA THR F 286 21.38 -49.52 -3.72
C THR F 286 21.91 -49.35 -2.30
N ASN F 287 21.11 -48.72 -1.45
CA ASN F 287 21.47 -48.57 -0.05
C ASN F 287 21.53 -49.93 0.65
N LEU F 288 20.45 -50.69 0.51
CA LEU F 288 20.39 -52.05 1.05
C LEU F 288 21.48 -52.93 0.45
N ALA F 289 21.89 -52.59 -0.77
CA ALA F 289 22.95 -53.33 -1.45
C ALA F 289 24.23 -53.30 -0.64
N THR F 290 24.74 -52.11 -0.40
CA THR F 290 25.99 -51.91 0.33
C THR F 290 26.05 -52.72 1.63
N LEU F 291 24.96 -52.69 2.39
CA LEU F 291 24.88 -53.46 3.62
C LEU F 291 24.89 -54.96 3.33
N PHE F 292 24.17 -55.35 2.29
CA PHE F 292 24.13 -56.75 1.87
C PHE F 292 25.38 -57.14 1.08
N GLU F 293 25.98 -56.17 0.42
CA GLU F 293 27.05 -56.44 -0.54
C GLU F 293 28.39 -56.83 0.08
N ARG F 294 28.68 -56.31 1.27
CA ARG F 294 29.98 -56.55 1.89
C ARG F 294 30.09 -57.97 2.44
N ALA F 295 30.16 -58.95 1.53
CA ALA F 295 30.27 -60.35 1.92
C ALA F 295 31.04 -61.16 0.89
N GLY F 296 31.68 -62.24 1.33
CA GLY F 296 32.46 -63.08 0.46
C GLY F 296 33.81 -63.45 1.05
N ARG F 297 34.66 -64.10 0.26
CA ARG F 297 35.99 -64.48 0.71
C ARG F 297 37.08 -63.73 -0.05
N ILE F 298 37.99 -63.13 0.71
CA ILE F 298 39.12 -62.40 0.13
C ILE F 298 40.17 -63.38 -0.39
N ARG F 299 40.75 -63.05 -1.54
CA ARG F 299 41.79 -63.89 -2.15
C ARG F 299 43.01 -64.00 -1.24
N GLY F 300 43.48 -65.21 -1.02
CA GLY F 300 44.67 -65.45 -0.24
C GLY F 300 44.57 -65.01 1.21
N LEU F 301 43.35 -64.98 1.74
CA LEU F 301 43.15 -64.61 3.13
C LEU F 301 42.42 -65.71 3.90
N LYS F 302 42.56 -65.67 5.22
CA LYS F 302 41.90 -66.63 6.09
C LYS F 302 40.66 -66.02 6.73
N GLY F 303 39.56 -66.77 6.73
CA GLY F 303 38.32 -66.31 7.31
C GLY F 303 37.32 -65.83 6.28
N SER F 304 36.04 -65.91 6.61
CA SER F 304 34.97 -65.48 5.70
C SER F 304 33.84 -64.80 6.47
N VAL F 305 33.11 -63.93 5.78
CA VAL F 305 31.99 -63.22 6.41
C VAL F 305 30.65 -63.70 5.86
N THR F 306 29.94 -64.48 6.66
CA THR F 306 28.63 -65.00 6.26
C THR F 306 27.51 -64.13 6.82
N GLN F 307 26.63 -63.67 5.93
CA GLN F 307 25.52 -62.81 6.33
C GLN F 307 24.17 -63.48 6.14
N ILE F 308 23.37 -63.49 7.19
CA ILE F 308 22.02 -64.05 7.13
C ILE F 308 21.00 -63.05 7.70
N PRO F 309 20.78 -61.94 6.99
CA PRO F 309 19.84 -60.90 7.40
C PRO F 309 18.39 -61.40 7.43
N ILE F 310 17.63 -60.98 8.44
CA ILE F 310 16.24 -61.38 8.56
C ILE F 310 15.31 -60.17 8.48
N LEU F 311 14.27 -60.29 7.66
CA LEU F 311 13.28 -59.23 7.52
C LEU F 311 11.87 -59.78 7.62
N THR F 312 10.94 -58.95 8.08
CA THR F 312 9.56 -59.37 8.27
C THR F 312 8.68 -58.92 7.10
N MET F 313 8.34 -59.87 6.23
CA MET F 313 7.49 -59.57 5.08
C MET F 313 6.11 -59.10 5.53
N PRO F 314 5.81 -57.81 5.28
CA PRO F 314 4.53 -57.21 5.68
C PRO F 314 3.37 -57.69 4.82
N GLU F 315 2.26 -58.03 5.46
CA GLU F 315 1.07 -58.53 4.76
C GLU F 315 1.36 -59.84 4.04
N ASP F 316 2.50 -60.45 4.38
CA ASP F 316 2.91 -61.72 3.78
C ASP F 316 2.96 -61.62 2.26
N ASP F 317 3.53 -60.53 1.76
CA ASP F 317 3.53 -60.25 0.33
C ASP F 317 4.94 -60.21 -0.25
N LYS F 318 5.19 -61.08 -1.24
CA LYS F 318 6.47 -61.13 -1.92
C LYS F 318 6.77 -59.84 -2.68
N THR F 319 5.72 -59.20 -3.18
CA THR F 319 5.86 -58.03 -4.04
C THR F 319 6.32 -56.79 -3.28
N HIS F 320 6.33 -56.88 -1.96
CA HIS F 320 6.76 -55.76 -1.13
C HIS F 320 8.22 -55.41 -1.43
N PRO F 321 8.53 -54.11 -1.46
CA PRO F 321 9.86 -53.59 -1.82
C PRO F 321 11.01 -54.19 -1.01
N ILE F 322 10.80 -54.44 0.28
CA ILE F 322 11.87 -54.97 1.12
C ILE F 322 12.30 -56.35 0.66
N PRO F 323 11.35 -57.31 0.61
CA PRO F 323 11.69 -58.66 0.13
C PRO F 323 12.03 -58.69 -1.35
N ASP F 324 11.37 -57.86 -2.15
CA ASP F 324 11.62 -57.83 -3.59
C ASP F 324 13.02 -57.31 -3.90
N LEU F 325 13.40 -56.23 -3.23
CA LEU F 325 14.75 -55.68 -3.40
C LEU F 325 15.79 -56.60 -2.78
N THR F 326 15.56 -56.99 -1.54
CA THR F 326 16.47 -57.85 -0.80
C THR F 326 16.77 -59.14 -1.54
N GLY F 327 15.75 -59.67 -2.23
CA GLY F 327 15.91 -60.88 -3.01
C GLY F 327 16.89 -60.68 -4.15
N TYR F 328 16.84 -59.50 -4.76
CA TYR F 328 17.74 -59.16 -5.85
C TYR F 328 19.16 -58.90 -5.35
N ILE F 329 19.27 -58.38 -4.14
CA ILE F 329 20.56 -58.02 -3.58
C ILE F 329 21.34 -59.24 -3.10
N THR F 330 20.69 -60.07 -2.29
CA THR F 330 21.33 -61.22 -1.69
C THR F 330 20.99 -62.52 -2.42
N GLU F 331 22.01 -63.35 -2.64
CA GLU F 331 21.82 -64.64 -3.29
C GLU F 331 20.85 -65.50 -2.48
N GLY F 332 19.78 -65.95 -3.13
CA GLY F 332 18.76 -66.72 -2.46
C GLY F 332 19.25 -68.03 -1.89
N GLN F 333 18.38 -68.69 -1.14
CA GLN F 333 17.06 -68.14 -0.83
C GLN F 333 16.57 -68.60 0.54
N ILE F 334 15.59 -67.88 1.07
CA ILE F 334 14.95 -68.26 2.31
C ILE F 334 13.44 -68.13 2.16
N ILE F 335 12.69 -68.99 2.85
CA ILE F 335 11.24 -68.95 2.76
C ILE F 335 10.60 -69.18 4.13
N LEU F 336 9.35 -68.74 4.26
CA LEU F 336 8.57 -68.94 5.46
C LEU F 336 7.09 -68.84 5.09
N THR F 337 6.25 -69.60 5.77
CA THR F 337 4.82 -69.60 5.48
C THR F 337 3.98 -69.73 6.73
N ARG F 338 2.84 -69.04 6.76
CA ARG F 338 1.93 -69.10 7.88
C ARG F 338 1.17 -70.42 7.93
N GLU F 339 0.90 -70.99 6.75
CA GLU F 339 0.16 -72.24 6.67
C GLU F 339 1.01 -73.38 7.22
N LEU F 340 2.32 -73.27 7.09
CA LEU F 340 3.23 -74.28 7.61
C LEU F 340 3.49 -74.06 9.09
N TYR F 341 3.33 -72.82 9.54
CA TYR F 341 3.54 -72.50 10.95
C TYR F 341 2.29 -72.81 11.76
N LYS F 342 1.13 -72.62 11.17
CA LYS F 342 -0.13 -72.97 11.82
C LYS F 342 -0.22 -74.48 11.98
N SER F 343 0.53 -75.20 11.16
CA SER F 343 0.63 -76.64 11.28
C SER F 343 1.44 -77.02 12.52
N GLY F 344 2.25 -76.08 12.99
CA GLY F 344 2.99 -76.25 14.22
C GLY F 344 4.34 -76.93 14.06
N ILE F 345 4.64 -77.42 12.86
CA ILE F 345 5.89 -78.10 12.60
C ILE F 345 7.02 -77.10 12.39
N GLN F 346 8.13 -77.30 13.09
CA GLN F 346 9.26 -76.38 13.01
C GLN F 346 10.57 -77.13 12.79
N PRO F 347 11.60 -76.45 12.28
CA PRO F 347 11.56 -75.04 11.86
C PRO F 347 10.76 -74.87 10.57
N PRO F 348 9.54 -74.29 10.68
CA PRO F 348 8.58 -74.22 9.59
C PRO F 348 9.04 -73.34 8.44
N ILE F 349 9.26 -73.93 7.26
CA ILE F 349 9.75 -73.18 6.11
C ILE F 349 9.19 -73.73 4.80
N ASP F 350 8.83 -72.84 3.90
CA ASP F 350 8.38 -73.25 2.57
C ASP F 350 9.60 -73.56 1.72
N VAL F 351 9.44 -74.45 0.74
CA VAL F 351 10.58 -74.93 -0.02
C VAL F 351 10.56 -74.45 -1.47
N LEU F 352 9.37 -74.18 -1.99
CA LEU F 352 9.22 -73.78 -3.38
C LEU F 352 9.69 -72.36 -3.67
N PRO F 353 9.26 -71.39 -2.84
CA PRO F 353 9.65 -70.00 -3.08
C PRO F 353 11.12 -69.71 -2.76
N SER F 354 11.83 -70.70 -2.22
CA SER F 354 13.22 -70.50 -1.83
C SER F 354 14.18 -71.46 -2.52
N LEU F 355 15.05 -70.92 -3.37
CA LEU F 355 16.11 -71.69 -4.00
C LEU F 355 17.43 -70.93 -3.92
N SER F 356 18.48 -71.62 -3.49
CA SER F 356 19.79 -70.99 -3.36
C SER F 356 20.50 -70.91 -4.70
N ARG F 357 21.23 -69.82 -4.93
CA ARG F 357 21.88 -69.62 -6.22
C ARG F 357 23.22 -70.33 -6.32
N LEU F 358 23.94 -70.41 -5.21
CA LEU F 358 25.28 -70.95 -5.21
C LEU F 358 25.36 -72.38 -4.66
N LYS F 359 24.21 -73.02 -4.49
CA LYS F 359 24.17 -74.37 -3.93
C LYS F 359 25.02 -75.35 -4.75
N ASP F 360 25.11 -75.11 -6.06
CA ASP F 360 25.89 -75.98 -6.94
C ASP F 360 27.39 -75.89 -6.68
N LYS F 361 27.90 -74.69 -6.45
CA LYS F 361 29.32 -74.50 -6.19
C LYS F 361 29.72 -75.03 -4.82
N GLY F 362 28.86 -74.84 -3.83
CA GLY F 362 29.11 -75.32 -2.49
C GLY F 362 29.18 -76.82 -2.43
N THR F 363 28.21 -77.48 -3.05
CA THR F 363 28.17 -78.94 -3.07
C THR F 363 29.23 -79.52 -3.98
N GLY F 364 29.77 -80.68 -3.61
CA GLY F 364 30.73 -81.39 -4.44
C GLY F 364 30.24 -82.80 -4.71
N ALA F 365 30.69 -83.39 -5.81
CA ALA F 365 30.20 -84.72 -6.18
C ALA F 365 31.24 -85.86 -6.25
N GLY F 366 32.32 -85.82 -5.46
CA GLY F 366 32.68 -84.72 -4.58
C GLY F 366 32.15 -84.83 -3.16
N LYS F 367 32.44 -83.80 -2.37
CA LYS F 367 31.96 -83.70 -1.00
C LYS F 367 31.18 -82.40 -0.81
N THR F 368 30.28 -82.37 0.16
CA THR F 368 30.11 -83.48 1.09
C THR F 368 29.28 -84.62 0.53
N ARG F 369 28.30 -84.31 -0.32
CA ARG F 369 27.38 -85.32 -0.82
C ARG F 369 27.42 -85.47 -2.34
N GLU F 370 27.74 -86.67 -2.80
CA GLU F 370 27.80 -86.96 -4.23
C GLU F 370 26.42 -87.01 -4.87
N ASP F 371 25.39 -87.18 -4.03
CA ASP F 371 24.03 -87.30 -4.54
C ASP F 371 23.18 -86.09 -4.21
N HIS F 372 23.79 -85.11 -3.54
CA HIS F 372 23.09 -83.91 -3.11
C HIS F 372 22.41 -83.18 -4.27
N ALA F 373 23.16 -82.95 -5.34
CA ALA F 373 22.64 -82.26 -6.51
C ALA F 373 21.47 -83.02 -7.13
N ALA F 374 21.67 -84.32 -7.32
CA ALA F 374 20.64 -85.16 -7.94
C ALA F 374 19.43 -85.36 -7.03
N THR F 375 19.70 -85.56 -5.74
CA THR F 375 18.63 -85.78 -4.76
C THR F 375 17.75 -84.55 -4.59
N MET F 376 18.36 -83.38 -4.74
CA MET F 376 17.64 -82.11 -4.62
C MET F 376 16.55 -81.97 -5.67
N ASN F 377 16.89 -82.30 -6.91
CA ASN F 377 15.96 -82.20 -8.03
C ASN F 377 14.70 -83.02 -7.81
N GLN F 378 14.88 -84.28 -7.42
CA GLN F 378 13.76 -85.19 -7.25
C GLN F 378 12.83 -84.74 -6.12
N LEU F 379 13.41 -84.33 -5.00
CA LEU F 379 12.65 -83.86 -3.86
C LEU F 379 11.83 -82.62 -4.19
N PHE F 380 12.49 -81.64 -4.83
CA PHE F 380 11.83 -80.40 -5.19
C PHE F 380 10.74 -80.64 -6.23
N ALA F 381 11.03 -81.52 -7.19
CA ALA F 381 10.08 -81.85 -8.24
C ALA F 381 8.93 -82.67 -7.70
N ALA F 382 9.22 -83.60 -6.80
CA ALA F 382 8.20 -84.45 -6.21
C ALA F 382 7.28 -83.66 -5.29
N TYR F 383 7.86 -82.70 -4.56
CA TYR F 383 7.07 -81.87 -3.64
C TYR F 383 6.13 -80.96 -4.41
N ALA F 384 6.63 -80.41 -5.53
CA ALA F 384 5.80 -79.59 -6.39
C ALA F 384 4.68 -80.43 -6.99
N GLN F 385 5.02 -81.65 -7.40
CA GLN F 385 4.02 -82.59 -7.90
C GLN F 385 3.12 -83.07 -6.77
N GLY F 386 3.72 -83.31 -5.61
CA GLY F 386 2.98 -83.76 -4.45
C GLY F 386 2.04 -82.71 -3.91
N LYS F 387 2.49 -81.46 -3.93
CA LYS F 387 1.67 -80.34 -3.47
C LYS F 387 0.47 -80.14 -4.38
N GLN F 388 0.68 -80.31 -5.68
CA GLN F 388 -0.40 -80.18 -6.65
C GLN F 388 -1.42 -81.30 -6.47
N ALA F 389 -0.93 -82.49 -6.13
CA ALA F 389 -1.80 -83.64 -5.90
C ALA F 389 -2.61 -83.45 -4.62
N LYS F 390 -1.97 -82.89 -3.61
CA LYS F 390 -2.63 -82.64 -2.33
C LYS F 390 -3.72 -81.57 -2.49
N GLU F 391 -3.44 -80.57 -3.32
CA GLU F 391 -4.40 -79.51 -3.58
C GLU F 391 -5.55 -80.01 -4.44
N LEU F 392 -5.25 -80.92 -5.37
CA LEU F 392 -6.25 -81.48 -6.25
C LEU F 392 -7.17 -82.44 -5.49
N ALA F 393 -6.61 -83.11 -4.49
CA ALA F 393 -7.36 -84.09 -3.71
C ALA F 393 -8.46 -83.45 -2.88
N VAL F 394 -8.17 -82.28 -2.30
CA VAL F 394 -9.15 -81.59 -1.48
C VAL F 394 -10.38 -81.17 -2.28
N VAL F 395 -10.13 -80.64 -3.47
CA VAL F 395 -11.21 -80.12 -4.32
C VAL F 395 -12.09 -81.24 -4.88
N LEU F 396 -11.48 -82.35 -5.28
CA LEU F 396 -12.21 -83.41 -5.95
C LEU F 396 -12.16 -84.74 -5.18
N GLY F 397 -11.65 -84.71 -3.96
CA GLY F 397 -11.53 -85.92 -3.17
C GLY F 397 -10.37 -86.76 -3.67
N GLU F 398 -10.33 -88.02 -3.25
CA GLU F 398 -9.29 -88.94 -3.70
C GLU F 398 -9.74 -89.66 -4.97
N SER F 399 -11.05 -89.78 -5.14
CA SER F 399 -11.63 -90.49 -6.28
C SER F 399 -11.23 -89.86 -7.62
N ALA F 400 -11.15 -88.53 -7.63
CA ALA F 400 -10.79 -87.81 -8.85
C ALA F 400 -9.28 -87.76 -9.05
N LEU F 401 -8.54 -87.90 -7.95
CA LEU F 401 -7.09 -87.87 -8.01
C LEU F 401 -6.54 -89.17 -8.56
N SER F 402 -5.46 -89.07 -9.35
CA SER F 402 -4.82 -90.25 -9.92
C SER F 402 -4.11 -91.06 -8.84
N ASP F 403 -3.97 -92.36 -9.07
CA ASP F 403 -3.32 -93.24 -8.10
C ASP F 403 -1.85 -92.86 -7.91
N ILE F 404 -1.20 -92.49 -9.01
CA ILE F 404 0.20 -92.09 -8.97
C ILE F 404 0.38 -90.76 -8.25
N ASP F 405 -0.62 -89.89 -8.38
CA ASP F 405 -0.58 -88.57 -7.76
C ASP F 405 -0.69 -88.67 -6.25
N LYS F 406 -1.52 -89.60 -5.78
CA LYS F 406 -1.74 -89.79 -4.35
C LYS F 406 -0.45 -90.19 -3.63
N ILE F 407 0.36 -91.00 -4.29
CA ILE F 407 1.64 -91.42 -3.74
C ILE F 407 2.55 -90.22 -3.52
N TYR F 408 2.51 -89.28 -4.46
CA TYR F 408 3.28 -88.05 -4.34
C TYR F 408 2.68 -87.14 -3.29
N ALA F 409 1.35 -87.12 -3.22
CA ALA F 409 0.63 -86.33 -2.23
C ALA F 409 0.93 -86.83 -0.82
N LYS F 410 0.99 -88.15 -0.67
CA LYS F 410 1.34 -88.75 0.61
C LYS F 410 2.80 -88.48 0.94
N PHE F 411 3.64 -88.47 -0.09
CA PHE F 411 5.06 -88.18 0.09
C PHE F 411 5.29 -86.71 0.41
N ALA F 412 4.48 -85.86 -0.20
CA ALA F 412 4.57 -84.41 0.03
C ALA F 412 4.27 -84.09 1.48
N GLU F 413 3.34 -84.85 2.06
CA GLU F 413 2.96 -84.66 3.47
C GLU F 413 4.09 -85.09 4.40
N ARG F 414 4.68 -86.24 4.13
CA ARG F 414 5.76 -86.77 4.95
C ARG F 414 6.98 -85.86 4.91
N PHE F 415 7.14 -85.13 3.82
CA PHE F 415 8.17 -84.11 3.73
C PHE F 415 7.91 -83.07 4.82
N GLU F 416 6.66 -82.60 4.90
CA GLU F 416 6.29 -81.59 5.87
C GLU F 416 6.39 -82.08 7.31
N ASN F 417 6.05 -83.35 7.53
CA ASN F 417 6.03 -83.90 8.88
C ASN F 417 7.41 -84.16 9.45
N GLU F 418 8.29 -84.75 8.65
CA GLU F 418 9.60 -85.18 9.14
C GLU F 418 10.75 -84.42 8.51
N TYR F 419 10.65 -84.14 7.22
CA TYR F 419 11.76 -83.63 6.43
C TYR F 419 11.75 -82.10 6.34
N VAL F 420 10.60 -81.52 6.02
CA VAL F 420 10.46 -80.08 5.98
C VAL F 420 10.85 -79.46 7.31
N ASN F 421 10.55 -80.18 8.39
CA ASN F 421 10.77 -79.65 9.73
C ASN F 421 11.42 -80.68 10.65
N GLN F 422 12.53 -80.28 11.28
CA GLN F 422 13.27 -81.16 12.15
C GLN F 422 13.24 -80.67 13.60
N GLY F 423 12.66 -79.50 13.82
CA GLY F 423 12.58 -78.94 15.17
C GLY F 423 13.56 -77.80 15.38
N PHE F 424 13.20 -76.87 16.26
CA PHE F 424 14.02 -75.69 16.53
C PHE F 424 15.28 -76.02 17.34
N TYR F 425 15.16 -76.96 18.27
CA TYR F 425 16.29 -77.33 19.12
C TYR F 425 16.98 -78.59 18.62
N THR F 426 16.43 -79.19 17.58
CA THR F 426 16.96 -80.44 17.04
C THR F 426 18.17 -80.22 16.15
N ASN F 427 19.13 -81.13 16.25
CA ASN F 427 20.35 -81.05 15.45
C ASN F 427 20.51 -82.27 14.55
N ARG F 428 20.71 -82.02 13.27
CA ARG F 428 20.93 -83.11 12.31
C ARG F 428 22.33 -83.08 11.73
N THR F 429 22.95 -84.25 11.66
CA THR F 429 24.27 -84.37 11.04
C THR F 429 24.12 -84.41 9.52
N ILE F 430 25.17 -84.04 8.81
CA ILE F 430 25.13 -83.99 7.35
C ILE F 430 24.87 -85.37 6.74
N THR F 431 25.47 -86.40 7.32
CA THR F 431 25.28 -87.77 6.84
C THR F 431 23.88 -88.29 7.14
N GLU F 432 23.36 -87.94 8.31
CA GLU F 432 22.00 -88.34 8.68
C GLU F 432 20.97 -87.60 7.85
N THR F 433 21.34 -86.41 7.41
CA THR F 433 20.48 -85.57 6.58
C THR F 433 20.18 -86.24 5.24
N LEU F 434 21.22 -86.80 4.64
CA LEU F 434 21.11 -87.47 3.34
C LEU F 434 20.26 -88.74 3.43
N ASP F 435 20.45 -89.51 4.49
CA ASP F 435 19.71 -90.75 4.69
C ASP F 435 18.22 -90.46 4.82
N LEU F 436 17.87 -89.53 5.69
CA LEU F 436 16.47 -89.16 5.92
C LEU F 436 15.83 -88.66 4.63
N GLY F 437 16.62 -88.01 3.79
CA GLY F 437 16.15 -87.56 2.49
C GLY F 437 15.89 -88.72 1.57
N TRP F 438 16.90 -89.58 1.39
CA TRP F 438 16.80 -90.72 0.49
C TRP F 438 15.64 -91.64 0.81
N GLU F 439 15.38 -91.85 2.09
CA GLU F 439 14.30 -92.75 2.52
C GLU F 439 12.93 -92.26 2.08
N LEU F 440 12.75 -90.94 2.05
CA LEU F 440 11.44 -90.34 1.82
C LEU F 440 10.94 -90.55 0.39
N LEU F 441 11.82 -90.41 -0.60
CA LEU F 441 11.42 -90.61 -1.98
C LEU F 441 11.73 -92.02 -2.47
N ALA F 442 12.41 -92.80 -1.64
CA ALA F 442 12.70 -94.20 -1.96
C ALA F 442 11.54 -95.09 -1.55
N MET F 443 10.59 -94.51 -0.83
CA MET F 443 9.37 -95.22 -0.46
C MET F 443 8.58 -95.55 -1.71
N LEU F 444 8.64 -94.65 -2.68
CA LEU F 444 8.08 -94.91 -4.00
C LEU F 444 8.93 -95.97 -4.69
N PRO F 445 8.38 -96.59 -5.75
CA PRO F 445 9.12 -97.61 -6.51
C PRO F 445 10.48 -97.09 -6.99
N ARG F 446 11.52 -97.91 -6.85
CA ARG F 446 12.87 -97.54 -7.26
C ARG F 446 12.90 -97.09 -8.73
N THR F 447 12.06 -97.72 -9.54
CA THR F 447 12.02 -97.44 -10.97
C THR F 447 11.24 -96.17 -11.27
N GLU F 448 10.43 -95.73 -10.32
CA GLU F 448 9.55 -94.58 -10.55
C GLU F 448 10.32 -93.27 -10.64
N LEU F 449 11.48 -93.21 -9.99
CA LEU F 449 12.31 -92.01 -10.03
C LEU F 449 13.49 -92.19 -10.98
N LYS F 450 13.49 -91.44 -12.06
CA LYS F 450 14.52 -91.57 -13.10
C LYS F 450 15.64 -90.55 -12.94
N ARG F 451 15.50 -89.67 -11.95
CA ARG F 451 16.47 -88.58 -11.76
C ARG F 451 17.84 -89.09 -11.30
N ILE F 452 17.83 -90.13 -10.46
CA ILE F 452 19.08 -90.67 -9.93
C ILE F 452 19.52 -91.93 -10.66
N LYS F 453 20.83 -92.09 -10.81
CA LYS F 453 21.42 -93.23 -11.52
C LYS F 453 21.12 -94.54 -10.79
N ASP F 454 20.96 -95.61 -11.56
CA ASP F 454 20.58 -96.91 -11.01
C ASP F 454 21.67 -97.50 -10.11
N ASP F 455 22.93 -97.25 -10.44
CA ASP F 455 24.03 -97.77 -9.64
C ASP F 455 24.07 -97.11 -8.27
N LEU F 456 23.61 -95.86 -8.21
CA LEU F 456 23.65 -95.08 -6.98
C LEU F 456 22.63 -95.61 -5.96
N LEU F 457 21.42 -95.86 -6.43
CA LEU F 457 20.34 -96.33 -5.55
C LEU F 457 20.62 -97.75 -5.03
N ASP F 458 21.45 -98.49 -5.75
CA ASP F 458 21.84 -99.83 -5.32
C ASP F 458 22.63 -99.78 -4.02
N MET G 8 19.99 8.98 37.32
CA MET G 8 18.57 8.90 37.04
C MET G 8 17.81 10.04 37.69
N GLN G 9 17.51 11.08 36.92
CA GLN G 9 16.80 12.23 37.45
C GLN G 9 15.43 12.42 36.80
N ILE G 10 14.38 12.09 37.53
CA ILE G 10 13.02 12.35 37.07
C ILE G 10 12.57 13.71 37.61
N GLY G 11 11.99 14.52 36.74
CA GLY G 11 11.59 15.87 37.10
C GLY G 11 10.16 16.00 37.57
N LYS G 12 9.72 17.24 37.79
CA LYS G 12 8.37 17.50 38.25
C LYS G 12 7.80 18.79 37.65
N ILE G 13 6.73 18.64 36.88
CA ILE G 13 6.05 19.80 36.29
C ILE G 13 5.21 20.49 37.35
N ILE G 14 5.30 21.82 37.40
CA ILE G 14 4.53 22.60 38.36
C ILE G 14 3.70 23.67 37.64
N LYS G 15 4.07 23.95 36.40
CA LYS G 15 3.36 24.91 35.57
C LYS G 15 2.84 24.22 34.31
N VAL G 16 1.54 24.35 34.05
CA VAL G 16 0.91 23.66 32.92
C VAL G 16 0.25 24.62 31.95
N SER G 17 0.38 24.32 30.66
CA SER G 17 -0.25 25.11 29.61
C SER G 17 -0.34 24.32 28.31
N GLY G 18 -1.25 24.74 27.44
CA GLY G 18 -1.47 24.05 26.17
C GLY G 18 -0.25 23.95 25.28
N PRO G 19 0.34 25.10 24.92
CA PRO G 19 1.51 25.13 24.04
C PRO G 19 2.79 24.71 24.74
N LEU G 20 2.94 25.08 26.01
CA LEU G 20 4.19 24.86 26.74
C LEU G 20 3.95 24.40 28.17
N VAL G 21 4.90 23.62 28.71
CA VAL G 21 4.84 23.20 30.10
C VAL G 21 6.15 23.49 30.80
N MET G 22 6.08 23.89 32.06
CA MET G 22 7.26 24.22 32.84
C MET G 22 7.45 23.25 34.01
N ALA G 23 8.60 22.58 34.04
CA ALA G 23 8.85 21.56 35.05
C ALA G 23 10.14 21.83 35.84
N GLU G 24 10.04 21.72 37.16
CA GLU G 24 11.19 21.89 38.03
C GLU G 24 11.96 20.58 38.17
N ASN G 25 13.14 20.64 38.76
CA ASN G 25 14.01 19.49 38.90
C ASN G 25 14.40 18.94 37.52
N MET G 26 14.56 19.85 36.56
CA MET G 26 14.89 19.47 35.19
C MET G 26 16.22 20.10 34.76
N SER G 27 17.06 20.42 35.75
CA SER G 27 18.32 21.09 35.50
C SER G 27 19.25 20.30 34.59
N GLU G 28 19.41 19.02 34.89
CA GLU G 28 20.41 18.18 34.23
C GLU G 28 20.11 17.97 32.75
N ALA G 29 18.85 18.16 32.36
CA ALA G 29 18.46 18.01 30.96
C ALA G 29 19.04 19.14 30.11
N CYS G 30 19.61 18.78 28.98
CA CYS G 30 20.22 19.76 28.08
C CYS G 30 19.15 20.52 27.31
N ILE G 31 19.57 21.56 26.58
CA ILE G 31 18.66 22.34 25.75
C ILE G 31 18.32 21.58 24.47
N GLN G 32 17.14 21.82 23.93
CA GLN G 32 16.69 21.16 22.71
C GLN G 32 16.51 19.65 22.94
N ASP G 33 16.48 19.26 24.21
CA ASP G 33 16.31 17.85 24.57
C ASP G 33 14.87 17.40 24.43
N MET G 34 14.67 16.23 23.82
CA MET G 34 13.35 15.63 23.76
C MET G 34 12.99 15.10 25.13
N CYS G 35 11.75 15.32 25.55
CA CYS G 35 11.34 14.93 26.90
C CYS G 35 9.91 14.38 26.95
N LEU G 36 9.67 13.52 27.93
CA LEU G 36 8.34 12.97 28.17
C LEU G 36 7.68 13.70 29.34
N VAL G 37 6.53 14.31 29.09
CA VAL G 37 5.88 15.15 30.09
C VAL G 37 4.59 14.55 30.63
N GLY G 38 4.56 14.29 31.93
CA GLY G 38 3.37 13.81 32.61
C GLY G 38 3.28 12.29 32.68
N ASP G 39 2.18 11.80 33.27
CA ASP G 39 1.92 10.37 33.34
C ASP G 39 1.89 9.79 31.93
N LEU G 40 1.25 10.52 31.02
CA LEU G 40 1.25 10.14 29.62
C LEU G 40 2.68 10.10 29.09
N GLY G 41 3.42 11.18 29.35
CA GLY G 41 4.78 11.29 28.88
C GLY G 41 4.84 11.70 27.41
N VAL G 42 3.93 12.60 27.02
CA VAL G 42 3.88 13.09 25.66
C VAL G 42 5.20 13.73 25.26
N ILE G 43 5.67 13.44 24.05
CA ILE G 43 6.96 13.93 23.58
C ILE G 43 6.97 15.46 23.51
N GLY G 44 7.92 16.06 24.22
CA GLY G 44 8.06 17.51 24.21
C GLY G 44 9.52 17.92 24.10
N GLU G 45 9.75 19.15 23.63
CA GLU G 45 11.09 19.65 23.45
C GLU G 45 11.35 20.86 24.36
N ILE G 46 12.51 20.87 25.00
CA ILE G 46 12.86 21.95 25.92
C ILE G 46 13.82 22.93 25.27
N ILE G 47 13.43 24.20 25.23
CA ILE G 47 14.25 25.24 24.60
C ILE G 47 14.87 26.16 25.64
N GLU G 48 14.42 26.06 26.89
CA GLU G 48 14.89 26.95 27.95
C GLU G 48 15.22 26.22 29.24
N MET G 49 16.15 26.80 30.00
CA MET G 49 16.53 26.27 31.32
C MET G 49 16.58 27.43 32.32
N ARG G 50 16.27 27.15 33.57
CA ARG G 50 16.08 28.23 34.55
C ARG G 50 17.40 28.83 35.04
N GLN G 51 18.27 28.05 35.68
CA GLN G 51 17.99 26.68 36.11
C GLN G 51 17.39 26.74 37.52
N ASP G 52 16.86 25.63 38.02
CA ASP G 52 16.99 24.33 37.37
C ASP G 52 15.79 23.94 36.50
N VAL G 53 14.67 24.63 36.69
CA VAL G 53 13.45 24.31 35.94
C VAL G 53 13.62 24.59 34.45
N ALA G 54 13.02 23.76 33.61
CA ALA G 54 13.16 23.89 32.17
C ALA G 54 11.82 24.09 31.48
N SER G 55 11.77 25.06 30.57
CA SER G 55 10.56 25.34 29.80
C SER G 55 10.37 24.30 28.69
N ILE G 56 9.34 23.48 28.83
CA ILE G 56 9.12 22.38 27.90
C ILE G 56 7.98 22.63 26.92
N GLN G 57 8.32 22.76 25.64
CA GLN G 57 7.33 22.85 24.58
C GLN G 57 6.89 21.46 24.15
N VAL G 58 5.60 21.18 24.27
CA VAL G 58 5.08 19.86 23.91
C VAL G 58 4.17 19.94 22.70
N TYR G 59 4.41 19.07 21.73
CA TYR G 59 3.67 19.07 20.47
C TYR G 59 2.31 18.41 20.62
N GLU G 60 2.26 17.28 21.32
CA GLU G 60 1.01 16.60 21.58
C GLU G 60 0.14 17.42 22.53
N GLU G 61 -1.17 17.17 22.47
CA GLU G 61 -2.12 17.89 23.32
C GLU G 61 -1.79 17.71 24.79
N THR G 62 -1.77 18.82 25.53
CA THR G 62 -1.44 18.78 26.95
C THR G 62 -2.69 18.70 27.81
N SER G 63 -3.79 18.25 27.21
CA SER G 63 -5.04 18.08 27.92
C SER G 63 -4.91 16.95 28.94
N GLY G 64 -5.36 17.21 30.17
CA GLY G 64 -5.29 16.22 31.22
C GLY G 64 -3.95 16.19 31.91
N ILE G 65 -3.21 17.29 31.80
CA ILE G 65 -1.92 17.41 32.47
C ILE G 65 -1.99 18.43 33.60
N GLY G 66 -1.44 18.06 34.75
CA GLY G 66 -1.48 18.91 35.92
C GLY G 66 -0.12 19.10 36.58
N PRO G 67 -0.07 19.93 37.64
CA PRO G 67 1.14 20.18 38.41
C PRO G 67 1.57 18.96 39.23
N GLY G 68 2.86 18.68 39.24
CA GLY G 68 3.39 17.56 40.01
C GLY G 68 3.54 16.29 39.21
N GLU G 69 3.15 16.34 37.94
CA GLU G 69 3.28 15.17 37.07
C GLU G 69 4.74 14.89 36.74
N PRO G 70 5.08 13.60 36.56
CA PRO G 70 6.46 13.17 36.31
C PRO G 70 6.98 13.63 34.96
N VAL G 71 8.28 13.95 34.90
CA VAL G 71 8.91 14.38 33.66
C VAL G 71 10.10 13.50 33.33
N ARG G 72 10.19 13.07 32.07
CA ARG G 72 11.30 12.23 31.65
C ARG G 72 12.09 12.89 30.52
N SER G 73 13.41 12.91 30.68
CA SER G 73 14.30 13.51 29.69
C SER G 73 15.06 12.44 28.92
N THR G 74 15.02 12.53 27.59
CA THR G 74 15.75 11.61 26.75
C THR G 74 17.26 11.77 26.95
N GLY G 75 17.68 13.00 27.22
CA GLY G 75 19.08 13.29 27.49
C GLY G 75 19.91 13.48 26.24
N GLU G 76 19.24 13.57 25.09
CA GLU G 76 19.92 13.74 23.81
C GLU G 76 19.08 14.55 22.85
N ALA G 77 19.74 15.43 22.10
CA ALA G 77 19.07 16.20 21.06
C ALA G 77 18.44 15.25 20.03
N LEU G 78 17.52 15.77 19.23
CA LEU G 78 16.82 14.94 18.25
C LEU G 78 17.79 14.14 17.41
N SER G 79 17.62 12.82 17.40
CA SER G 79 18.59 11.94 16.76
C SER G 79 17.93 10.73 16.10
N VAL G 80 18.60 10.19 15.08
CA VAL G 80 18.12 9.01 14.38
C VAL G 80 19.03 7.82 14.67
N GLU G 81 18.43 6.63 14.76
CA GLU G 81 19.21 5.42 15.01
C GLU G 81 19.80 4.88 13.72
N LEU G 82 20.99 4.29 13.82
CA LEU G 82 21.69 3.77 12.66
C LEU G 82 22.02 2.29 12.83
N GLY G 83 21.01 1.44 12.75
CA GLY G 83 21.21 0.01 12.85
C GLY G 83 20.55 -0.73 11.70
N PRO G 84 20.96 -1.98 11.47
CA PRO G 84 20.40 -2.80 10.39
C PRO G 84 18.88 -2.93 10.52
N GLY G 85 18.18 -2.80 9.39
CA GLY G 85 16.73 -2.86 9.39
C GLY G 85 16.11 -1.48 9.30
N ILE G 87 16.67 0.48 6.84
CA ILE G 87 16.14 0.58 5.48
C ILE G 87 14.80 -0.13 5.35
N SER G 88 14.13 0.10 4.22
CA SER G 88 12.81 -0.44 3.96
C SER G 88 11.83 -0.13 5.09
N GLN G 89 11.91 1.09 5.61
CA GLN G 89 11.08 1.47 6.74
C GLN G 89 10.42 2.84 6.55
N MET G 90 9.40 3.09 7.35
CA MET G 90 8.69 4.35 7.30
C MET G 90 8.71 4.99 8.68
N PHE G 91 8.99 6.28 8.71
CA PHE G 91 9.13 6.97 9.98
C PHE G 91 8.34 8.25 10.00
N ASP G 92 7.86 8.63 11.18
CA ASP G 92 7.51 10.01 11.45
C ASP G 92 8.83 10.73 11.30
N GLY G 93 8.80 12.05 11.19
CA GLY G 93 10.06 12.77 11.12
C GLY G 93 10.85 12.57 12.40
N ILE G 94 10.18 12.02 13.41
CA ILE G 94 10.61 12.08 14.80
C ILE G 94 11.83 11.26 15.26
N GLN G 95 12.03 10.02 14.80
CA GLN G 95 11.17 9.30 13.86
C GLN G 95 10.64 8.01 14.49
N ARG G 96 9.34 7.81 14.47
CA ARG G 96 8.76 6.56 14.93
C ARG G 96 8.43 5.69 13.73
N PRO G 97 8.39 4.37 13.91
CA PRO G 97 7.97 3.52 12.79
C PRO G 97 6.47 3.36 12.80
N LEU G 98 5.82 3.80 11.72
CA LEU G 98 4.37 3.76 11.65
C LEU G 98 3.90 2.32 11.47
N ASP G 99 4.73 1.51 10.85
CA ASP G 99 4.45 0.09 10.68
C ASP G 99 4.54 -0.66 12.00
N THR G 100 5.60 -0.39 12.76
CA THR G 100 5.80 -1.04 14.05
C THR G 100 4.75 -0.60 15.07
N PHE G 101 4.37 0.67 14.99
CA PHE G 101 3.40 1.25 15.90
C PHE G 101 2.05 0.54 15.84
N MET G 102 1.59 0.29 14.62
CA MET G 102 0.28 -0.31 14.37
C MET G 102 0.14 -1.67 15.07
N GLU G 103 1.19 -2.46 15.03
CA GLU G 103 1.20 -3.77 15.66
C GLU G 103 1.16 -3.65 17.19
N VAL G 104 1.96 -2.72 17.70
CA VAL G 104 2.12 -2.55 19.14
C VAL G 104 0.95 -1.80 19.78
N THR G 105 0.48 -0.77 19.09
CA THR G 105 -0.64 0.04 19.61
C THR G 105 -1.97 -0.68 19.44
N GLN G 106 -2.03 -1.61 18.49
CA GLN G 106 -3.25 -2.34 18.20
C GLN G 106 -4.35 -1.44 17.66
N SER G 107 -3.97 -0.21 17.31
CA SER G 107 -4.92 0.78 16.81
C SER G 107 -4.27 1.66 15.74
N ASN G 108 -5.06 2.07 14.76
CA ASN G 108 -4.56 2.89 13.67
C ASN G 108 -4.13 4.27 14.16
N PHE G 109 -4.94 4.86 15.02
CA PHE G 109 -4.66 6.20 15.54
C PHE G 109 -3.42 6.20 16.42
N LEU G 110 -2.64 7.28 16.34
CA LEU G 110 -1.45 7.43 17.16
C LEU G 110 -1.84 7.57 18.63
N GLY G 111 -1.13 6.85 19.50
CA GLY G 111 -1.40 6.88 20.92
C GLY G 111 -0.49 7.86 21.65
N ARG G 112 -1.09 8.84 22.30
CA ARG G 112 -0.34 9.84 23.06
C ARG G 112 0.33 9.21 24.28
N GLY G 113 1.59 9.56 24.50
CA GLY G 113 2.33 9.06 25.65
C GLY G 113 2.92 7.68 25.45
N VAL G 114 3.02 7.26 24.18
CA VAL G 114 3.59 5.97 23.86
C VAL G 114 4.86 6.14 23.03
N GLN G 115 5.95 5.54 23.51
CA GLN G 115 7.24 5.64 22.83
C GLN G 115 7.64 4.29 22.24
N LEU G 116 8.01 4.29 20.96
CA LEU G 116 8.48 3.07 20.31
C LEU G 116 9.87 3.26 19.70
N PRO G 117 10.75 2.27 19.93
CA PRO G 117 12.10 2.26 19.35
C PRO G 117 12.05 2.30 17.83
N ALA G 118 12.83 3.20 17.22
CA ALA G 118 12.84 3.34 15.77
C ALA G 118 13.25 2.04 15.09
N LEU G 119 14.29 1.40 15.63
CA LEU G 119 14.80 0.17 15.06
C LEU G 119 14.69 -0.99 16.06
N ASP G 120 14.05 -2.07 15.64
CA ASP G 120 13.84 -3.23 16.50
C ASP G 120 15.18 -3.85 16.93
N HIS G 121 15.41 -3.89 18.23
CA HIS G 121 16.65 -4.45 18.76
C HIS G 121 16.63 -5.98 18.75
N GLU G 122 15.46 -6.55 19.03
CA GLU G 122 15.33 -8.00 19.18
C GLU G 122 15.58 -8.79 17.91
N LYS G 123 15.31 -8.19 16.76
CA LYS G 123 15.49 -8.88 15.49
C LYS G 123 16.94 -9.27 15.25
N GLN G 124 17.17 -10.56 15.01
CA GLN G 124 18.51 -11.07 14.74
C GLN G 124 19.08 -10.44 13.47
N TRP G 125 20.35 -10.01 13.56
CA TRP G 125 21.00 -9.39 12.42
C TRP G 125 22.34 -10.06 12.11
N TRP G 126 22.48 -10.51 10.87
CA TRP G 126 23.66 -11.21 10.41
C TRP G 126 24.88 -10.30 10.42
N PHE G 127 26.01 -10.82 10.92
CA PHE G 127 27.22 -10.02 10.99
C PHE G 127 28.33 -10.59 10.11
N GLU G 128 28.95 -9.72 9.31
CA GLU G 128 30.02 -10.13 8.43
C GLU G 128 31.26 -9.25 8.61
N ALA G 129 32.00 -9.52 9.68
CA ALA G 129 33.21 -8.76 9.98
C ALA G 129 34.32 -9.10 9.00
N THR G 130 34.96 -8.06 8.45
CA THR G 130 36.00 -8.26 7.46
C THR G 130 37.36 -7.76 7.93
N ILE G 131 37.46 -7.36 9.20
CA ILE G 131 38.74 -6.89 9.71
C ILE G 131 39.28 -7.82 10.79
N GLU G 132 40.57 -8.13 10.67
CA GLU G 132 41.21 -9.07 11.56
C GLU G 132 41.52 -8.43 12.91
N GLU G 133 41.76 -9.25 13.92
CA GLU G 133 42.00 -8.75 15.26
C GLU G 133 43.25 -7.88 15.29
N GLY G 134 43.27 -6.93 16.21
CA GLY G 134 44.43 -6.08 16.39
C GLY G 134 44.64 -5.03 15.31
N THR G 135 43.61 -4.79 14.51
CA THR G 135 43.71 -3.78 13.46
C THR G 135 43.31 -2.42 13.98
N GLU G 136 44.31 -1.55 14.19
CA GLU G 136 44.06 -0.18 14.59
C GLU G 136 43.26 0.55 13.53
N VAL G 137 42.19 1.22 13.93
CA VAL G 137 41.37 1.94 12.96
C VAL G 137 40.81 3.25 13.48
N SER G 138 40.66 4.19 12.55
CA SER G 138 40.12 5.51 12.84
C SER G 138 38.61 5.47 12.91
N ALA G 139 38.01 6.56 13.38
CA ALA G 139 36.55 6.67 13.42
C ALA G 139 36.01 6.61 12.00
N GLY G 140 34.87 5.96 11.82
CA GLY G 140 34.26 5.85 10.52
C GLY G 140 34.92 4.81 9.63
N ASP G 141 35.74 3.96 10.23
CA ASP G 141 36.37 2.86 9.50
C ASP G 141 35.45 1.66 9.48
N ILE G 142 35.12 1.20 8.28
CA ILE G 142 34.32 -0.02 8.15
C ILE G 142 35.12 -1.18 8.70
N ILE G 143 34.46 -2.05 9.45
CA ILE G 143 35.12 -3.24 9.99
C ILE G 143 34.46 -4.48 9.41
N GLY G 144 33.13 -4.49 9.42
CA GLY G 144 32.37 -5.56 8.83
C GLY G 144 31.22 -4.97 8.05
N TYR G 145 30.58 -5.80 7.22
CA TYR G 145 29.39 -5.37 6.54
C TYR G 145 28.22 -6.21 7.02
N VAL G 146 27.02 -5.66 6.91
CA VAL G 146 25.83 -6.38 7.31
C VAL G 146 24.85 -6.32 6.15
N ASP G 147 24.09 -7.38 5.94
CA ASP G 147 23.11 -7.39 4.85
C ASP G 147 21.70 -7.36 5.41
N GLU G 148 21.11 -6.17 5.42
CA GLU G 148 19.75 -5.99 5.92
C GLU G 148 18.74 -6.11 4.78
N THR G 149 19.15 -5.69 3.59
CA THR G 149 18.29 -5.79 2.42
C THR G 149 19.01 -6.52 1.28
N LYS G 150 18.23 -7.11 0.38
CA LYS G 150 18.77 -7.79 -0.78
C LYS G 150 19.40 -6.80 -1.73
N ILE G 151 18.72 -5.68 -1.93
CA ILE G 151 19.16 -4.65 -2.86
C ILE G 151 20.43 -3.95 -2.41
N ILE G 152 20.49 -3.61 -1.12
CA ILE G 152 21.61 -2.84 -0.59
C ILE G 152 22.32 -3.57 0.56
N GLN G 153 23.63 -3.64 0.47
CA GLN G 153 24.45 -4.25 1.52
C GLN G 153 24.86 -3.21 2.55
N HIS G 154 24.35 -3.36 3.76
CA HIS G 154 24.64 -2.45 4.86
C HIS G 154 26.14 -2.46 5.19
N LYS G 155 26.63 -1.35 5.74
CA LYS G 155 28.03 -1.25 6.14
C LYS G 155 28.15 -0.61 7.52
N ILE G 156 29.03 -1.15 8.34
CA ILE G 156 29.19 -0.68 9.71
C ILE G 156 30.49 0.10 9.92
N MET G 157 30.37 1.40 10.12
CA MET G 157 31.52 2.25 10.39
C MET G 157 31.69 2.44 11.90
N VAL G 158 32.89 2.81 12.31
CA VAL G 158 33.17 3.05 13.73
C VAL G 158 32.44 4.30 14.21
N PRO G 159 31.70 4.17 15.32
CA PRO G 159 30.98 5.29 15.92
C PRO G 159 31.88 6.47 16.23
N ASN G 160 31.37 7.68 16.07
CA ASN G 160 32.15 8.89 16.34
C ASN G 160 32.47 9.03 17.83
N GLY G 161 33.65 9.56 18.12
CA GLY G 161 34.10 9.70 19.49
C GLY G 161 34.79 8.45 19.99
N ILE G 162 34.91 7.46 19.11
CA ILE G 162 35.56 6.20 19.45
C ILE G 162 36.80 5.96 18.59
N LYS G 163 37.94 5.78 19.23
CA LYS G 163 39.19 5.52 18.53
C LYS G 163 40.06 4.53 19.29
N GLY G 164 40.77 3.67 18.58
CA GLY G 164 41.65 2.71 19.19
C GLY G 164 41.84 1.44 18.39
N THR G 165 42.48 0.45 18.99
CA THR G 165 42.73 -0.83 18.34
C THR G 165 41.89 -1.94 18.95
N VAL G 166 41.19 -2.69 18.09
CA VAL G 166 40.34 -3.79 18.55
C VAL G 166 41.14 -5.07 18.72
N GLN G 167 41.21 -5.56 19.95
CA GLN G 167 41.96 -6.77 20.26
C GLN G 167 41.21 -8.03 19.83
N LYS G 168 39.88 -7.97 19.91
CA LYS G 168 39.05 -9.13 19.59
C LYS G 168 37.88 -8.78 18.68
N ILE G 169 37.77 -9.49 17.56
CA ILE G 169 36.64 -9.33 16.67
C ILE G 169 36.05 -10.70 16.32
N GLU G 170 34.73 -10.78 16.31
CA GLU G 170 34.04 -12.04 16.01
C GLU G 170 32.82 -11.80 15.13
N SER G 171 32.58 -12.73 14.21
CA SER G 171 31.45 -12.62 13.30
C SER G 171 30.38 -13.67 13.61
N GLY G 172 29.22 -13.22 14.03
CA GLY G 172 28.12 -14.11 14.36
C GLY G 172 26.80 -13.37 14.51
N SER G 173 25.70 -14.10 14.43
CA SER G 173 24.37 -13.52 14.54
C SER G 173 24.13 -12.94 15.95
N PHE G 174 23.76 -11.67 16.00
CA PHE G 174 23.51 -10.99 17.26
C PHE G 174 22.56 -9.81 17.10
N THR G 175 21.82 -9.50 18.15
CA THR G 175 20.99 -8.30 18.15
C THR G 175 21.89 -7.08 18.19
N ILE G 176 21.35 -5.92 17.80
CA ILE G 176 22.14 -4.71 17.72
C ILE G 176 22.63 -4.24 19.09
N ASP G 177 21.88 -4.56 20.14
CA ASP G 177 22.28 -4.21 21.50
C ASP G 177 23.57 -4.90 21.89
N ASP G 178 23.78 -6.10 21.35
CA ASP G 178 24.99 -6.87 21.62
C ASP G 178 26.21 -6.23 20.99
N PRO G 179 27.32 -6.17 21.73
CA PRO G 179 28.58 -5.66 21.19
C PRO G 179 29.26 -6.66 20.26
N ILE G 180 29.29 -6.36 18.96
CA ILE G 180 29.88 -7.25 17.98
C ILE G 180 31.39 -7.33 18.13
N CYS G 181 32.02 -6.21 18.40
CA CYS G 181 33.48 -6.15 18.56
C CYS G 181 33.89 -5.29 19.74
N VAL G 182 35.06 -5.57 20.30
CA VAL G 182 35.57 -4.81 21.44
C VAL G 182 36.88 -4.12 21.10
N ILE G 183 36.86 -2.79 21.13
CA ILE G 183 38.05 -1.99 20.90
C ILE G 183 38.42 -1.26 22.19
N GLU G 184 39.66 -1.40 22.65
CA GLU G 184 40.04 -0.74 23.90
C GLU G 184 40.54 0.68 23.66
N THR G 185 39.71 1.66 23.99
CA THR G 185 40.13 3.06 23.94
C THR G 185 41.22 3.28 24.98
N GLU G 186 41.97 4.37 24.82
CA GLU G 186 43.00 4.74 25.77
C GLU G 186 42.39 4.86 27.16
N GLN G 187 41.18 5.39 27.20
CA GLN G 187 40.43 5.55 28.44
C GLN G 187 40.10 4.19 29.04
N GLY G 188 39.75 3.23 28.18
CA GLY G 188 39.42 1.89 28.62
C GLY G 188 38.86 1.04 27.49
N LEU G 189 38.67 -0.24 27.76
CA LEU G 189 38.10 -1.17 26.77
C LEU G 189 36.72 -0.71 26.33
N LYS G 190 36.54 -0.57 25.01
CA LYS G 190 35.26 -0.11 24.46
C LYS G 190 34.53 -1.21 23.71
N GLU G 191 33.29 -1.44 24.10
CA GLU G 191 32.42 -2.37 23.40
C GLU G 191 31.35 -1.57 22.66
N LEU G 192 31.34 -1.66 21.34
CA LEU G 192 30.45 -0.84 20.53
C LEU G 192 29.34 -1.65 19.86
N THR G 193 28.10 -1.22 20.08
CA THR G 193 26.94 -1.83 19.46
C THR G 193 26.92 -1.55 17.96
N MET G 194 26.19 -2.38 17.21
CA MET G 194 26.05 -2.20 15.77
C MET G 194 25.35 -0.89 15.45
N MET G 195 24.30 -0.60 16.20
CA MET G 195 23.50 0.60 15.98
C MET G 195 24.28 1.86 16.39
N GLN G 196 24.14 2.91 15.59
CA GLN G 196 24.78 4.19 15.89
C GLN G 196 23.72 5.27 16.10
N LYS G 197 24.02 6.21 16.98
CA LYS G 197 23.10 7.30 17.27
C LYS G 197 23.79 8.66 17.08
N TRP G 198 23.26 9.46 16.15
CA TRP G 198 23.84 10.76 15.86
C TRP G 198 22.75 11.83 15.75
N PRO G 199 22.97 12.98 16.41
CA PRO G 199 22.01 14.09 16.43
C PRO G 199 21.70 14.62 15.03
N VAL G 200 20.43 14.87 14.76
CA VAL G 200 20.00 15.33 13.44
C VAL G 200 20.44 16.76 13.16
N ARG G 201 20.49 17.57 14.21
CA ARG G 201 20.89 18.97 14.07
C ARG G 201 22.36 19.08 13.67
N ARG G 202 23.19 18.23 14.26
CA ARG G 202 24.62 18.21 13.97
C ARG G 202 24.89 17.51 12.65
N GLY G 203 25.92 17.94 11.95
CA GLY G 203 26.32 17.33 10.69
C GLY G 203 27.39 16.28 10.90
N ARG G 204 27.29 15.16 10.17
CA ARG G 204 28.25 14.08 10.30
C ARG G 204 29.63 14.52 9.85
N PRO G 205 30.68 14.11 10.58
CA PRO G 205 32.06 14.47 10.29
C PRO G 205 32.57 13.88 8.97
N ILE G 206 33.24 14.70 8.18
CA ILE G 206 33.84 14.26 6.93
C ILE G 206 35.29 14.72 6.83
N LYS G 207 36.11 13.96 6.12
CA LYS G 207 37.52 14.31 5.98
C LYS G 207 37.69 15.51 5.05
N GLN G 208 36.98 15.50 3.93
CA GLN G 208 37.09 16.58 2.97
C GLN G 208 35.81 16.74 2.15
N LYS G 209 35.58 17.96 1.66
CA LYS G 209 34.44 18.25 0.82
C LYS G 209 34.89 18.50 -0.62
N LEU G 210 34.32 17.74 -1.55
CA LEU G 210 34.75 17.80 -2.95
C LEU G 210 33.72 18.49 -3.83
N ASN G 211 34.20 19.32 -4.75
CA ASN G 211 33.32 19.93 -5.74
C ASN G 211 32.80 18.87 -6.71
N PRO G 212 31.47 18.84 -6.90
CA PRO G 212 30.82 17.86 -7.76
C PRO G 212 30.75 18.27 -9.23
N ASP G 213 31.42 17.51 -10.09
CA ASP G 213 31.37 17.74 -11.53
C ASP G 213 30.82 16.51 -12.25
N VAL G 214 30.53 15.47 -11.48
CA VAL G 214 30.02 14.22 -12.04
C VAL G 214 28.50 14.26 -12.16
N PRO G 215 28.00 14.34 -13.40
CA PRO G 215 26.56 14.49 -13.69
C PRO G 215 25.74 13.26 -13.30
N MET G 216 24.72 13.48 -12.47
CA MET G 216 23.82 12.41 -12.08
C MET G 216 22.86 12.05 -13.21
N ILE G 217 22.70 10.75 -13.45
CA ILE G 217 21.78 10.26 -14.48
C ILE G 217 20.34 10.33 -13.97
N THR G 218 19.61 11.36 -14.38
CA THR G 218 18.24 11.54 -13.95
C THR G 218 17.30 10.56 -14.63
N GLY G 219 17.75 9.98 -15.73
CA GLY G 219 16.92 9.07 -16.52
C GLY G 219 15.93 9.86 -17.35
N GLN G 220 15.73 11.12 -16.97
CA GLN G 220 14.90 12.02 -17.74
C GLN G 220 15.76 12.76 -18.75
N ARG G 221 15.42 12.61 -20.02
CA ARG G 221 16.20 13.18 -21.12
C ARG G 221 16.33 14.69 -20.97
N VAL G 222 15.20 15.36 -20.81
CA VAL G 222 15.13 16.82 -20.82
C VAL G 222 15.99 17.46 -19.73
N ILE G 223 16.12 16.76 -18.60
CA ILE G 223 16.96 17.22 -17.51
C ILE G 223 18.39 16.79 -17.67
N ASP G 224 18.62 15.62 -18.26
CA ASP G 224 19.99 15.18 -18.48
C ASP G 224 20.65 15.86 -19.68
N THR G 225 20.05 16.93 -20.19
CA THR G 225 20.57 17.62 -21.36
C THR G 225 20.56 19.14 -21.20
N PHE G 226 19.53 19.67 -20.57
CA PHE G 226 19.38 21.11 -20.42
C PHE G 226 19.49 21.52 -18.95
N PHE G 227 19.17 20.59 -18.06
CA PHE G 227 19.16 20.86 -16.62
C PHE G 227 19.95 19.81 -15.84
N PRO G 228 21.22 19.62 -16.17
CA PRO G 228 21.97 18.50 -15.57
C PRO G 228 22.55 18.83 -14.20
N VAL G 229 22.17 18.05 -13.20
CA VAL G 229 22.70 18.23 -11.85
C VAL G 229 23.74 17.16 -11.52
N THR G 230 24.94 17.61 -11.17
CA THR G 230 26.01 16.69 -10.77
C THR G 230 25.70 16.08 -9.42
N LYS G 231 26.29 14.92 -9.15
CA LYS G 231 26.15 14.27 -7.85
C LYS G 231 26.60 15.18 -6.72
N GLY G 232 25.72 15.43 -5.75
CA GLY G 232 26.05 16.32 -4.66
C GLY G 232 25.48 17.70 -4.88
N GLY G 233 24.81 17.88 -6.01
CA GLY G 233 24.16 19.13 -6.32
C GLY G 233 22.70 19.10 -5.92
N ALA G 234 22.26 20.12 -5.19
CA ALA G 234 20.88 20.20 -4.74
C ALA G 234 19.98 20.83 -5.81
N ALA G 235 18.72 20.41 -5.85
CA ALA G 235 17.78 20.91 -6.84
C ALA G 235 16.53 21.49 -6.19
N ALA G 236 16.04 22.60 -6.75
CA ALA G 236 14.82 23.22 -6.25
C ALA G 236 13.71 23.12 -7.29
N VAL G 237 12.51 22.78 -6.84
CA VAL G 237 11.40 22.54 -7.75
C VAL G 237 10.09 23.19 -7.30
N PRO G 238 9.67 24.25 -8.00
CA PRO G 238 8.35 24.85 -7.82
C PRO G 238 7.36 24.28 -8.82
N GLY G 239 6.29 23.66 -8.33
CA GLY G 239 5.35 22.99 -9.21
C GLY G 239 3.89 23.13 -8.83
N PRO G 240 3.03 23.34 -9.84
CA PRO G 240 1.57 23.36 -9.66
C PRO G 240 1.01 21.96 -9.51
N PHE G 241 -0.25 21.84 -9.09
CA PHE G 241 -0.87 20.54 -8.93
C PHE G 241 -1.26 19.93 -10.27
N GLY G 242 -1.16 18.60 -10.36
CA GLY G 242 -1.54 17.89 -11.56
C GLY G 242 -0.52 18.00 -12.67
N ALA G 243 0.62 18.63 -12.36
CA ALA G 243 1.68 18.82 -13.34
C ALA G 243 2.51 17.55 -13.50
N GLY G 244 2.16 16.51 -12.75
CA GLY G 244 2.89 15.27 -12.79
C GLY G 244 4.22 15.37 -12.04
N LYS G 245 4.25 16.24 -11.04
CA LYS G 245 5.45 16.43 -10.23
C LYS G 245 5.83 15.14 -9.53
N THR G 246 4.84 14.47 -8.94
CA THR G 246 5.06 13.20 -8.25
C THR G 246 5.60 12.15 -9.20
N VAL G 247 5.19 12.21 -10.46
CA VAL G 247 5.68 11.29 -11.47
C VAL G 247 7.17 11.50 -11.72
N VAL G 248 7.57 12.77 -11.74
CA VAL G 248 8.97 13.13 -11.93
C VAL G 248 9.82 12.61 -10.77
N GLN G 249 9.27 12.73 -9.56
CA GLN G 249 9.98 12.29 -8.36
C GLN G 249 10.20 10.78 -8.37
N HIS G 250 9.15 10.04 -8.65
CA HIS G 250 9.22 8.58 -8.70
C HIS G 250 10.17 8.12 -9.81
N GLN G 251 10.08 8.77 -10.96
CA GLN G 251 10.94 8.47 -12.10
C GLN G 251 12.41 8.64 -11.77
N ILE G 252 12.77 9.85 -11.33
CA ILE G 252 14.15 10.17 -11.00
C ILE G 252 14.74 9.20 -9.99
N ALA G 253 14.00 8.96 -8.91
CA ALA G 253 14.47 8.07 -7.85
C ALA G 253 14.75 6.66 -8.37
N LYS G 254 13.83 6.12 -9.16
CA LYS G 254 13.99 4.76 -9.67
C LYS G 254 15.00 4.68 -10.80
N TRP G 255 15.12 5.77 -11.58
CA TRP G 255 16.03 5.78 -12.72
C TRP G 255 17.43 6.27 -12.35
N SER G 256 17.53 7.00 -11.25
CA SER G 256 18.82 7.56 -10.83
C SER G 256 19.85 6.48 -10.54
N ASP G 257 21.11 6.78 -10.85
CA ASP G 257 22.20 5.84 -10.63
C ASP G 257 22.48 5.64 -9.15
N VAL G 258 22.07 6.61 -8.34
CA VAL G 258 22.31 6.57 -6.90
C VAL G 258 21.71 5.33 -6.24
N ASP G 259 22.47 4.74 -5.33
CA ASP G 259 22.06 3.51 -4.66
C ASP G 259 20.88 3.75 -3.73
N LEU G 260 20.97 4.77 -2.89
CA LEU G 260 19.91 5.09 -1.94
C LEU G 260 19.21 6.39 -2.29
N VAL G 261 17.87 6.38 -2.19
CA VAL G 261 17.07 7.55 -2.46
C VAL G 261 16.08 7.81 -1.33
N VAL G 262 16.44 8.72 -0.42
CA VAL G 262 15.64 8.98 0.77
C VAL G 262 14.53 10.00 0.51
N TYR G 263 13.29 9.56 0.60
CA TYR G 263 12.14 10.45 0.51
C TYR G 263 11.69 10.85 1.90
N VAL G 264 11.69 12.15 2.17
CA VAL G 264 11.28 12.66 3.48
C VAL G 264 10.26 13.79 3.35
N GLY G 265 9.11 13.62 3.98
CA GLY G 265 8.05 14.61 3.93
C GLY G 265 7.89 15.34 5.24
N CYS G 266 8.04 16.66 5.20
CA CYS G 266 7.93 17.50 6.38
C CYS G 266 6.48 17.55 6.87
N GLY G 267 5.59 18.03 6.00
CA GLY G 267 4.17 18.05 6.29
C GLY G 267 3.41 17.81 4.99
N GLU G 268 2.24 17.21 5.08
CA GLU G 268 1.47 16.90 3.89
C GLU G 268 0.02 16.55 4.21
N ARG G 269 -0.87 16.79 3.24
CA ARG G 269 -2.28 16.45 3.39
C ARG G 269 -2.43 14.95 3.57
N GLY G 270 -3.28 14.55 4.52
CA GLY G 270 -3.50 13.14 4.82
C GLY G 270 -3.84 12.33 3.58
N ASN G 271 -4.72 12.86 2.75
CA ASN G 271 -5.10 12.19 1.51
C ASN G 271 -3.98 12.26 0.47
N GLU G 272 -3.29 13.39 0.42
CA GLU G 272 -2.21 13.57 -0.54
C GLU G 272 -0.94 12.87 -0.08
N MET G 273 -0.78 12.76 1.24
CA MET G 273 0.35 12.05 1.82
C MET G 273 0.20 10.55 1.57
N THR G 274 -1.04 10.07 1.65
CA THR G 274 -1.34 8.65 1.51
C THR G 274 -0.82 8.06 0.21
N ASP G 275 -0.84 8.87 -0.85
CA ASP G 275 -0.39 8.41 -2.16
C ASP G 275 1.08 7.98 -2.15
N VAL G 276 1.90 8.72 -1.41
CA VAL G 276 3.33 8.44 -1.33
C VAL G 276 3.60 7.07 -0.72
N VAL G 277 2.97 6.81 0.42
CA VAL G 277 3.17 5.55 1.13
C VAL G 277 2.59 4.37 0.36
N ASN G 278 1.78 4.65 -0.66
CA ASN G 278 1.18 3.61 -1.47
C ASN G 278 1.85 3.48 -2.83
N GLU G 279 2.28 4.60 -3.40
CA GLU G 279 2.86 4.62 -4.74
C GLU G 279 4.37 4.39 -4.70
N PHE G 280 5.04 4.89 -3.68
CA PHE G 280 6.49 4.76 -3.57
C PHE G 280 6.92 3.31 -3.40
N PRO G 281 6.23 2.56 -2.52
CA PRO G 281 6.51 1.12 -2.40
C PRO G 281 6.15 0.34 -3.67
N GLU G 282 5.17 0.82 -4.41
CA GLU G 282 4.73 0.16 -5.63
C GLU G 282 5.84 0.13 -6.68
N LEU G 283 6.72 1.11 -6.63
CA LEU G 283 7.83 1.19 -7.57
C LEU G 283 8.79 0.01 -7.42
N ILE G 284 9.24 -0.52 -8.56
CA ILE G 284 10.16 -1.65 -8.54
C ILE G 284 11.45 -1.29 -9.29
N ASP G 285 12.59 -1.52 -8.64
CA ASP G 285 13.88 -1.24 -9.26
C ASP G 285 14.15 -2.19 -10.41
N PRO G 286 14.25 -1.64 -11.63
CA PRO G 286 14.47 -2.40 -12.87
C PRO G 286 15.70 -3.32 -12.78
N ASN G 287 16.80 -2.78 -12.30
CA ASN G 287 18.04 -3.54 -12.18
C ASN G 287 17.92 -4.67 -11.15
N THR G 288 17.41 -4.34 -9.98
CA THR G 288 17.34 -5.27 -8.86
C THR G 288 16.21 -6.28 -9.04
N GLY G 289 15.08 -5.82 -9.58
CA GLY G 289 13.92 -6.67 -9.72
C GLY G 289 13.19 -6.83 -8.39
N GLU G 290 13.51 -5.95 -7.45
CA GLU G 290 12.89 -5.95 -6.14
C GLU G 290 12.20 -4.62 -5.86
N SER G 291 11.36 -4.59 -4.84
CA SER G 291 10.64 -3.38 -4.47
C SER G 291 11.59 -2.23 -4.15
N LEU G 292 11.29 -1.05 -4.67
CA LEU G 292 12.14 0.12 -4.51
C LEU G 292 12.23 0.54 -3.05
N MET G 293 11.20 0.22 -2.27
CA MET G 293 11.14 0.62 -0.86
C MET G 293 12.21 -0.07 -0.02
N GLU G 294 12.49 -1.33 -0.31
CA GLU G 294 13.52 -2.07 0.41
C GLU G 294 14.88 -1.39 0.27
N ARG G 295 15.08 -0.70 -0.84
CA ARG G 295 16.35 -0.05 -1.13
C ARG G 295 16.47 1.32 -0.45
N THR G 296 15.34 1.97 -0.24
CA THR G 296 15.36 3.36 0.23
C THR G 296 14.46 3.61 1.44
N VAL G 297 15.01 4.31 2.44
CA VAL G 297 14.26 4.67 3.63
C VAL G 297 13.27 5.80 3.33
N LEU G 298 12.05 5.67 3.82
CA LEU G 298 11.02 6.68 3.60
C LEU G 298 10.63 7.36 4.91
N ILE G 299 10.27 8.64 4.83
CA ILE G 299 9.83 9.40 5.99
C ILE G 299 8.54 10.15 5.67
N ALA G 300 7.47 9.85 6.40
CA ALA G 300 6.17 10.44 6.12
C ALA G 300 5.63 11.24 7.29
N ASN G 301 5.03 12.38 6.99
CA ASN G 301 4.42 13.23 8.01
C ASN G 301 3.11 13.86 7.53
N THR G 302 2.18 14.04 8.45
CA THR G 302 0.94 14.76 8.16
C THR G 302 0.90 16.04 8.98
N SER G 303 -0.10 16.88 8.72
CA SER G 303 -0.25 18.15 9.43
C SER G 303 -0.56 17.92 10.90
N ASN G 304 -1.13 16.77 11.22
CA ASN G 304 -1.46 16.42 12.59
C ASN G 304 -0.22 16.12 13.42
N MET G 305 0.79 15.58 12.76
CA MET G 305 2.04 15.19 13.41
C MET G 305 2.68 16.36 14.17
N PRO G 306 3.51 16.05 15.17
CA PRO G 306 4.26 17.06 15.93
C PRO G 306 5.05 17.99 15.01
N VAL G 307 5.08 19.27 15.36
CA VAL G 307 5.69 20.29 14.50
C VAL G 307 7.17 20.04 14.25
N ALA G 308 7.90 19.63 15.28
CA ALA G 308 9.33 19.35 15.16
C ALA G 308 9.55 18.17 14.22
N ALA G 309 8.74 17.13 14.38
CA ALA G 309 8.79 15.97 13.48
C ALA G 309 8.60 16.44 12.05
N ARG G 310 7.80 17.47 11.87
CA ARG G 310 7.57 18.09 10.57
C ARG G 310 8.70 19.06 10.24
N GLU G 311 9.14 19.80 11.26
CA GLU G 311 10.16 20.84 11.08
C GLU G 311 11.57 20.28 11.13
N ALA G 312 11.72 19.04 11.59
CA ALA G 312 13.02 18.40 11.65
C ALA G 312 13.02 17.12 10.81
N SER G 313 12.05 17.00 9.92
CA SER G 313 11.95 15.84 9.04
C SER G 313 13.17 15.73 8.13
N ILE G 314 13.47 16.82 7.44
CA ILE G 314 14.61 16.87 6.54
C ILE G 314 15.91 16.67 7.31
N TYR G 315 15.95 17.16 8.54
CA TYR G 315 17.10 16.97 9.41
C TYR G 315 17.22 15.50 9.80
N THR G 316 16.08 14.85 9.97
CA THR G 316 16.05 13.41 10.26
C THR G 316 16.44 12.61 9.03
N GLY G 317 15.91 13.01 7.87
CA GLY G 317 16.17 12.32 6.62
C GLY G 317 17.59 12.52 6.12
N ILE G 318 18.12 13.71 6.33
CA ILE G 318 19.48 14.03 5.88
C ILE G 318 20.52 13.25 6.67
N THR G 319 20.21 12.97 7.94
CA THR G 319 21.11 12.23 8.81
C THR G 319 21.21 10.78 8.36
N ILE G 320 20.06 10.19 8.03
CA ILE G 320 20.03 8.83 7.49
C ILE G 320 20.73 8.80 6.14
N ALA G 321 20.58 9.88 5.38
CA ALA G 321 21.22 10.01 4.08
C ALA G 321 22.73 10.16 4.22
N GLU G 322 23.15 10.85 5.27
CA GLU G 322 24.56 11.10 5.51
C GLU G 322 25.29 9.83 5.98
N TYR G 323 24.62 9.02 6.78
CA TYR G 323 25.21 7.77 7.26
C TYR G 323 25.47 6.83 6.08
N PHE G 324 24.50 6.70 5.19
CA PHE G 324 24.66 5.89 4.00
C PHE G 324 25.68 6.54 3.06
N ARG G 325 25.83 7.85 3.19
CA ARG G 325 26.82 8.59 2.42
C ARG G 325 28.19 8.43 3.04
N ASP G 326 28.24 8.34 4.37
CA ASP G 326 29.48 8.13 5.09
C ASP G 326 30.09 6.77 4.75
N MET G 327 29.30 5.90 4.16
CA MET G 327 29.77 4.60 3.68
C MET G 327 30.33 4.72 2.28
N GLY G 328 30.17 5.90 1.68
CA GLY G 328 30.65 6.15 0.33
C GLY G 328 29.61 5.84 -0.73
N TYR G 329 28.48 5.29 -0.29
CA TYR G 329 27.41 4.93 -1.23
C TYR G 329 26.70 6.16 -1.75
N ASP G 330 26.24 6.09 -3.00
CA ASP G 330 25.49 7.18 -3.60
C ASP G 330 24.14 7.34 -2.91
N VAL G 331 23.86 8.55 -2.44
CA VAL G 331 22.63 8.81 -1.70
C VAL G 331 21.83 9.94 -2.32
N ALA G 332 20.53 9.69 -2.51
CA ALA G 332 19.62 10.72 -2.99
C ALA G 332 18.59 11.03 -1.91
N ILE G 333 18.29 12.31 -1.72
CA ILE G 333 17.27 12.70 -0.76
C ILE G 333 16.23 13.60 -1.41
N MET G 334 14.98 13.16 -1.40
CA MET G 334 13.90 13.90 -2.01
C MET G 334 12.89 14.36 -0.97
N ALA G 335 12.78 15.67 -0.80
CA ALA G 335 11.92 16.23 0.24
C ALA G 335 10.74 17.02 -0.33
N ASP G 336 9.53 16.59 0.03
CA ASP G 336 8.32 17.29 -0.36
C ASP G 336 7.35 17.31 0.81
N SER G 337 6.92 18.51 1.20
CA SER G 337 7.37 19.74 0.55
C SER G 337 8.20 20.59 1.50
N THR G 338 9.24 21.24 0.96
CA THR G 338 10.12 22.07 1.75
C THR G 338 9.38 23.26 2.37
N SER G 339 8.26 23.63 1.76
CA SER G 339 7.45 24.75 2.26
C SER G 339 6.70 24.35 3.52
N ARG G 340 6.18 23.12 3.53
CA ARG G 340 5.51 22.58 4.71
C ARG G 340 6.48 22.58 5.88
N TRP G 341 7.75 22.38 5.58
CA TRP G 341 8.82 22.46 6.56
C TRP G 341 8.99 23.90 7.04
N ALA G 342 9.16 24.81 6.10
CA ALA G 342 9.30 26.23 6.41
C ALA G 342 8.05 26.73 7.13
N GLU G 343 6.91 26.15 6.80
CA GLU G 343 5.66 26.50 7.46
C GLU G 343 5.67 26.05 8.92
N ALA G 344 6.22 24.86 9.15
CA ALA G 344 6.36 24.33 10.50
C ALA G 344 7.39 25.15 11.28
N LEU G 345 8.39 25.66 10.56
CA LEU G 345 9.42 26.47 11.17
C LEU G 345 8.87 27.85 11.56
N ARG G 346 8.03 28.41 10.71
CA ARG G 346 7.35 29.67 10.99
C ARG G 346 6.48 29.52 12.23
N GLU G 347 5.85 28.36 12.35
CA GLU G 347 4.99 28.07 13.49
C GLU G 347 5.78 28.04 14.79
N MET G 348 6.90 27.31 14.77
CA MET G 348 7.77 27.20 15.94
C MET G 348 8.26 28.58 16.39
N SER G 349 8.49 29.46 15.43
CA SER G 349 8.93 30.82 15.74
C SER G 349 7.82 31.58 16.45
N GLY G 350 6.58 31.31 16.07
CA GLY G 350 5.44 31.94 16.69
C GLY G 350 5.26 31.48 18.13
N ARG G 351 5.50 30.19 18.35
CA ARG G 351 5.42 29.61 19.69
C ARG G 351 6.53 30.17 20.56
N LEU G 352 7.75 30.19 20.01
CA LEU G 352 8.90 30.72 20.73
C LEU G 352 8.82 32.24 20.82
N GLU G 353 7.85 32.83 20.11
CA GLU G 353 7.60 34.26 20.18
C GLU G 353 8.75 35.08 19.60
N GLU G 354 9.61 34.41 18.84
CA GLU G 354 10.77 35.06 18.24
C GLU G 354 10.37 36.21 17.31
N MET G 355 11.30 37.13 17.09
CA MET G 355 11.09 38.24 16.16
C MET G 355 11.03 37.71 14.74
N PRO G 356 10.02 38.15 13.97
CA PRO G 356 9.90 37.75 12.57
C PRO G 356 10.49 38.78 11.62
N GLY G 357 11.56 38.40 10.92
CA GLY G 357 12.19 39.29 9.96
C GLY G 357 11.22 39.67 8.85
N ASP G 358 10.71 38.66 8.15
CA ASP G 358 9.78 38.89 7.05
C ASP G 358 8.74 37.77 6.96
N GLU G 359 7.49 38.14 6.73
CA GLU G 359 6.42 37.18 6.47
C GLU G 359 6.13 36.27 7.65
N GLY G 360 6.57 36.66 8.84
CA GLY G 360 6.37 35.85 10.03
C GLY G 360 7.34 34.68 10.08
N TYR G 361 8.02 34.42 8.97
CA TYR G 361 9.07 33.41 8.92
C TYR G 361 10.23 33.85 9.81
N PRO G 362 10.99 32.87 10.34
CA PRO G 362 12.15 33.19 11.16
C PRO G 362 13.19 33.97 10.37
N ALA G 363 13.77 34.99 10.97
CA ALA G 363 14.78 35.81 10.30
C ALA G 363 16.01 34.98 9.96
N TYR G 364 16.21 33.89 10.70
CA TYR G 364 17.33 32.99 10.47
C TYR G 364 16.91 31.78 9.64
N LEU G 365 15.79 31.92 8.92
CA LEU G 365 15.28 30.84 8.08
C LEU G 365 16.30 30.43 7.02
N GLY G 366 16.97 31.41 6.44
CA GLY G 366 17.96 31.17 5.42
C GLY G 366 19.10 30.28 5.90
N SER G 367 19.44 30.42 7.18
CA SER G 367 20.49 29.61 7.78
C SER G 367 20.09 28.14 7.78
N ARG G 368 18.88 27.86 8.22
CA ARG G 368 18.35 26.49 8.26
C ARG G 368 18.36 25.85 6.88
N LEU G 369 17.93 26.63 5.88
CA LEU G 369 17.94 26.15 4.50
C LEU G 369 19.36 25.87 4.03
N ALA G 370 20.27 26.79 4.31
CA ALA G 370 21.67 26.64 3.92
C ALA G 370 22.27 25.36 4.50
N GLU G 371 22.13 25.19 5.82
CA GLU G 371 22.69 24.04 6.52
C GLU G 371 22.24 22.72 5.93
N TYR G 372 20.94 22.57 5.71
CA TYR G 372 20.39 21.34 5.16
C TYR G 372 20.91 21.09 3.74
N TYR G 373 20.94 22.14 2.92
CA TYR G 373 21.41 22.01 1.55
C TYR G 373 22.94 21.96 1.47
N GLU G 374 23.60 22.56 2.46
CA GLU G 374 25.07 22.55 2.50
C GLU G 374 25.61 21.16 2.87
N ARG G 375 24.90 20.47 3.75
CA ARG G 375 25.29 19.13 4.17
C ARG G 375 25.24 18.16 3.00
N SER G 376 24.31 18.39 2.08
CA SER G 376 24.20 17.57 0.88
C SER G 376 25.31 17.91 -0.11
N GLY G 377 26.01 16.89 -0.59
CA GLY G 377 27.08 17.09 -1.55
C GLY G 377 27.99 15.88 -1.68
N ARG G 378 29.02 16.01 -2.50
CA ARG G 378 29.99 14.95 -2.71
C ARG G 378 31.22 15.15 -1.83
N VAL G 379 31.36 14.33 -0.80
CA VAL G 379 32.46 14.47 0.14
C VAL G 379 33.18 13.13 0.39
N ILE G 380 34.43 13.22 0.81
CA ILE G 380 35.19 12.02 1.16
C ILE G 380 34.78 11.51 2.53
N ALA G 381 34.43 10.22 2.59
CA ALA G 381 34.01 9.61 3.85
C ALA G 381 35.20 9.47 4.81
N LEU G 382 34.90 9.54 6.11
CA LEU G 382 35.94 9.44 7.13
C LEU G 382 36.50 8.02 7.20
N GLY G 383 37.81 7.92 7.44
CA GLY G 383 38.47 6.63 7.53
C GLY G 383 39.79 6.62 6.79
N SER G 384 40.56 5.56 6.97
CA SER G 384 41.84 5.40 6.31
C SER G 384 41.66 5.22 4.80
N ASP G 385 40.54 4.62 4.43
CA ASP G 385 40.24 4.36 3.03
C ASP G 385 39.89 5.64 2.28
N GLN G 386 39.21 6.55 2.97
CA GLN G 386 38.84 7.84 2.40
C GLN G 386 37.92 7.69 1.20
N ARG G 387 37.00 6.73 1.27
CA ARG G 387 36.06 6.48 0.18
C ARG G 387 35.19 7.70 -0.07
N GLU G 388 34.76 7.85 -1.33
CA GLU G 388 33.98 9.02 -1.73
C GLU G 388 32.48 8.86 -1.47
N GLY G 389 31.93 9.76 -0.66
CA GLY G 389 30.51 9.75 -0.37
C GLY G 389 29.78 10.81 -1.17
N SER G 390 28.55 10.50 -1.60
CA SER G 390 27.79 11.42 -2.43
C SER G 390 26.33 11.53 -2.00
N ILE G 391 25.88 12.77 -1.81
CA ILE G 391 24.48 13.03 -1.46
C ILE G 391 23.78 13.82 -2.56
N THR G 392 22.71 13.26 -3.10
CA THR G 392 21.91 13.96 -4.10
C THR G 392 20.64 14.51 -3.48
N ALA G 393 20.45 15.83 -3.57
CA ALA G 393 19.33 16.49 -2.92
C ALA G 393 18.28 16.98 -3.93
N ILE G 394 17.06 16.47 -3.77
CA ILE G 394 15.94 16.92 -4.58
C ILE G 394 14.85 17.49 -3.67
N SER G 395 14.41 18.71 -3.95
CA SER G 395 13.44 19.37 -3.10
C SER G 395 12.38 20.13 -3.91
N ALA G 396 11.15 20.13 -3.40
CA ALA G 396 10.05 20.84 -4.06
C ALA G 396 9.54 21.97 -3.17
N VAL G 397 9.63 23.19 -3.67
CA VAL G 397 9.21 24.37 -2.92
C VAL G 397 7.89 24.93 -3.44
N SER G 398 7.00 25.27 -2.51
CA SER G 398 5.70 25.84 -2.87
C SER G 398 5.79 27.34 -3.12
N PRO G 399 5.15 27.80 -4.21
CA PRO G 399 5.14 29.22 -4.54
C PRO G 399 4.39 30.04 -3.51
N SER G 400 3.30 29.48 -2.99
CA SER G 400 2.50 30.13 -1.97
C SER G 400 1.71 31.32 -2.53
N GLY G 401 1.56 31.37 -3.85
CA GLY G 401 0.82 32.44 -4.47
C GLY G 401 1.37 32.77 -5.84
N GLY G 402 0.72 33.70 -6.52
CA GLY G 402 1.17 34.11 -7.84
C GLY G 402 2.51 34.82 -7.77
N ASP G 403 2.67 35.65 -6.74
CA ASP G 403 3.92 36.39 -6.54
C ASP G 403 5.06 35.46 -6.12
N ILE G 404 6.27 35.84 -6.49
CA ILE G 404 7.44 35.06 -6.11
C ILE G 404 8.16 35.67 -4.93
N SER G 405 7.48 36.56 -4.23
CA SER G 405 8.06 37.30 -3.12
C SER G 405 8.42 36.40 -1.93
N GLU G 406 7.63 35.35 -1.76
CA GLU G 406 7.85 34.40 -0.67
C GLU G 406 9.28 33.87 -0.57
N PRO G 407 9.79 33.94 0.65
CA PRO G 407 11.20 33.74 0.99
C PRO G 407 11.72 32.32 0.95
N VAL G 408 10.88 31.35 1.32
CA VAL G 408 11.29 29.97 1.37
C VAL G 408 11.86 29.52 0.03
N THR G 409 11.16 29.87 -1.04
CA THR G 409 11.59 29.53 -2.39
C THR G 409 12.81 30.34 -2.82
N GLN G 410 12.81 31.62 -2.47
CA GLN G 410 13.89 32.52 -2.85
C GLN G 410 15.22 32.10 -2.22
N ASN G 411 15.23 31.90 -0.92
CA ASN G 411 16.43 31.47 -0.20
C ASN G 411 16.91 30.11 -0.69
N THR G 412 15.97 29.27 -1.11
CA THR G 412 16.29 27.93 -1.60
C THR G 412 17.03 28.00 -2.93
N LEU G 413 16.71 29.01 -3.72
CA LEU G 413 17.28 29.17 -5.05
C LEU G 413 18.73 29.69 -5.01
N ARG G 414 19.07 30.37 -3.92
CA ARG G 414 20.41 30.92 -3.76
C ARG G 414 21.41 29.85 -3.36
N VAL G 415 20.99 28.97 -2.45
CA VAL G 415 21.87 27.92 -1.93
C VAL G 415 22.07 26.77 -2.91
N VAL G 416 21.08 26.55 -3.77
CA VAL G 416 21.18 25.47 -4.75
C VAL G 416 21.32 26.02 -6.17
N LYS G 417 22.19 25.40 -6.96
CA LYS G 417 22.49 25.89 -8.30
C LYS G 417 21.51 25.38 -9.34
N VAL G 418 20.80 24.30 -9.01
CA VAL G 418 19.89 23.67 -9.97
C VAL G 418 18.44 24.02 -9.72
N PHE G 419 17.78 24.50 -10.77
CA PHE G 419 16.36 24.85 -10.71
C PHE G 419 15.57 24.03 -11.71
N TRP G 420 14.53 23.36 -11.24
CA TRP G 420 13.67 22.56 -12.11
C TRP G 420 12.22 23.04 -12.04
N GLY G 421 11.96 24.18 -12.65
CA GLY G 421 10.64 24.79 -12.62
C GLY G 421 9.58 23.98 -13.33
N LEU G 422 8.40 23.91 -12.72
CA LEU G 422 7.27 23.21 -13.31
C LEU G 422 6.19 24.21 -13.73
N ASP G 423 5.61 23.99 -14.90
CA ASP G 423 4.62 24.92 -15.43
C ASP G 423 3.24 24.28 -15.51
N SER G 424 2.22 25.05 -15.12
CA SER G 424 0.84 24.57 -15.14
C SER G 424 0.31 24.48 -16.57
N SER G 425 0.61 25.52 -17.36
CA SER G 425 0.15 25.61 -18.73
C SER G 425 0.67 24.44 -19.58
N LEU G 426 1.94 24.12 -19.41
CA LEU G 426 2.54 22.99 -20.12
C LEU G 426 1.90 21.68 -19.70
N ALA G 427 1.54 21.58 -18.42
CA ALA G 427 0.90 20.38 -17.90
C ALA G 427 -0.51 20.23 -18.45
N GLN G 428 -1.19 21.36 -18.61
CA GLN G 428 -2.54 21.37 -19.17
C GLN G 428 -2.53 20.90 -20.62
N LYS G 429 -1.42 21.14 -21.31
CA LYS G 429 -1.28 20.70 -22.69
C LYS G 429 -0.91 19.23 -22.75
N ARG G 430 -0.83 18.61 -21.57
CA ARG G 430 -0.57 17.18 -21.45
C ARG G 430 0.83 16.79 -21.90
N HIS G 431 1.65 17.78 -22.24
CA HIS G 431 3.06 17.52 -22.53
C HIS G 431 3.78 17.24 -21.21
N PHE G 432 4.22 16.00 -21.04
CA PHE G 432 4.97 15.63 -19.84
C PHE G 432 6.32 15.05 -20.24
N PRO G 433 7.32 15.16 -19.35
CA PRO G 433 7.18 15.92 -18.11
C PRO G 433 7.03 17.41 -18.40
N SER G 434 6.06 18.05 -17.77
CA SER G 434 5.79 19.46 -18.02
C SER G 434 6.78 20.36 -17.30
N ILE G 435 8.01 20.41 -17.80
CA ILE G 435 9.05 21.25 -17.22
C ILE G 435 9.49 22.34 -18.18
N ASN G 436 9.43 23.58 -17.73
CA ASN G 436 9.80 24.73 -18.56
C ASN G 436 11.31 24.86 -18.71
N TRP G 437 11.73 25.33 -19.88
CA TRP G 437 13.16 25.48 -20.18
C TRP G 437 13.62 26.92 -19.96
N ILE G 438 12.80 27.87 -20.38
CA ILE G 438 13.11 29.29 -20.22
C ILE G 438 13.15 29.68 -18.74
N GLN G 439 12.19 29.15 -17.98
CA GLN G 439 12.04 29.51 -16.57
C GLN G 439 13.08 28.82 -15.69
N SER G 440 13.41 27.58 -16.02
CA SER G 440 14.37 26.81 -15.25
C SER G 440 15.81 27.22 -15.57
N TYR G 441 16.64 27.33 -14.54
CA TYR G 441 18.05 27.66 -14.72
C TYR G 441 18.95 26.55 -14.18
N SER G 442 20.06 26.31 -14.84
CA SER G 442 21.01 25.29 -14.42
C SER G 442 22.44 25.82 -14.49
N LEU G 443 23.15 25.76 -13.37
CA LEU G 443 24.51 26.30 -13.29
C LEU G 443 25.57 25.22 -13.49
N TYR G 444 25.13 23.98 -13.71
CA TYR G 444 26.05 22.88 -13.92
C TYR G 444 26.29 22.65 -15.42
N SER G 445 25.52 23.34 -16.24
CA SER G 445 25.59 23.18 -17.70
C SER G 445 27.01 23.36 -18.23
N THR G 446 27.71 24.36 -17.70
CA THR G 446 29.08 24.63 -18.12
C THR G 446 30.02 23.52 -17.66
N GLU G 447 29.79 23.02 -16.46
CA GLU G 447 30.64 21.98 -15.88
C GLU G 447 30.31 20.60 -16.45
N VAL G 448 29.04 20.35 -16.71
CA VAL G 448 28.60 19.06 -17.24
C VAL G 448 29.16 18.80 -18.64
N GLY G 449 29.36 19.87 -19.39
CA GLY G 449 29.85 19.77 -20.75
C GLY G 449 31.18 19.04 -20.85
N ARG G 450 32.14 19.46 -20.04
CA ARG G 450 33.48 18.87 -20.04
C ARG G 450 33.44 17.37 -19.76
N TYR G 451 32.55 16.96 -18.86
CA TYR G 451 32.43 15.55 -18.49
C TYR G 451 31.82 14.74 -19.62
N MET G 452 30.75 15.26 -20.22
CA MET G 452 30.03 14.56 -21.27
C MET G 452 30.83 14.51 -22.57
N ASP G 453 31.64 15.55 -22.82
CA ASP G 453 32.47 15.60 -24.00
C ASP G 453 33.50 14.48 -24.00
N GLN G 454 34.11 14.25 -22.84
CA GLN G 454 35.12 13.21 -22.68
C GLN G 454 34.50 11.81 -22.80
N ILE G 455 33.37 11.60 -22.14
CA ILE G 455 32.70 10.31 -22.14
C ILE G 455 32.18 9.95 -23.53
N LEU G 456 31.48 10.89 -24.16
CA LEU G 456 30.90 10.66 -25.48
C LEU G 456 31.94 10.71 -26.59
N GLN G 457 32.99 11.50 -26.38
CA GLN G 457 34.00 11.73 -27.40
C GLN G 457 33.44 12.50 -28.59
N GLN G 458 32.21 12.99 -28.42
CA GLN G 458 31.58 13.86 -29.39
C GLN G 458 31.17 15.15 -28.69
N ASP G 459 31.30 16.28 -29.39
CA ASP G 459 30.98 17.56 -28.77
C ASP G 459 29.48 17.68 -28.48
N TRP G 460 29.15 17.77 -27.20
CA TRP G 460 27.76 17.79 -26.76
C TRP G 460 27.34 19.18 -26.29
N SER G 461 28.32 19.96 -25.85
CA SER G 461 28.07 21.33 -25.39
C SER G 461 27.59 22.23 -26.52
N ASP G 462 28.16 22.05 -27.71
CA ASP G 462 27.73 22.79 -28.88
C ASP G 462 26.31 22.42 -29.28
N MET G 463 26.00 21.13 -29.18
CA MET G 463 24.68 20.63 -29.53
C MET G 463 23.62 21.13 -28.54
N VAL G 464 23.97 21.15 -27.27
CA VAL G 464 23.08 21.64 -26.22
C VAL G 464 22.81 23.13 -26.40
N THR G 465 23.88 23.90 -26.59
CA THR G 465 23.78 25.34 -26.77
C THR G 465 22.95 25.67 -28.01
N GLU G 466 23.10 24.85 -29.05
CA GLU G 466 22.34 25.01 -30.29
C GLU G 466 20.85 24.84 -30.04
N GLY G 467 20.50 23.81 -29.26
CA GLY G 467 19.11 23.54 -28.94
C GLY G 467 18.48 24.65 -28.14
N MET G 468 19.22 25.19 -27.17
CA MET G 468 18.70 26.26 -26.32
C MET G 468 18.45 27.53 -27.13
N ARG G 469 19.28 27.77 -28.14
CA ARG G 469 19.14 28.94 -29.00
C ARG G 469 17.82 28.88 -29.76
N ILE G 470 17.54 27.72 -30.34
CA ILE G 470 16.31 27.52 -31.11
C ILE G 470 15.07 27.68 -30.23
N LEU G 471 15.11 27.09 -29.04
CA LEU G 471 14.01 27.19 -28.11
C LEU G 471 13.82 28.61 -27.60
N GLN G 472 14.93 29.30 -27.33
CA GLN G 472 14.89 30.67 -26.87
C GLN G 472 14.47 31.61 -28.01
N GLU G 473 14.83 31.23 -29.24
CA GLU G 473 14.44 32.02 -30.40
C GLU G 473 12.99 31.73 -30.76
N GLU G 474 12.49 30.58 -30.32
CA GLU G 474 11.10 30.21 -30.53
C GLU G 474 10.16 31.19 -29.83
N GLU G 475 10.51 31.52 -28.58
CA GLU G 475 9.71 32.47 -27.79
C GLU G 475 9.67 33.83 -28.48
N GLN G 476 10.80 34.22 -29.08
CA GLN G 476 10.86 35.47 -29.81
C GLN G 476 10.00 35.39 -31.06
N LEU G 477 10.00 34.23 -31.71
CA LEU G 477 9.20 34.00 -32.90
C LEU G 477 7.71 33.92 -32.56
N ASN G 478 7.40 33.24 -31.46
CA ASN G 478 6.02 33.11 -31.01
C ASN G 478 5.38 34.47 -30.76
N GLU G 479 6.16 35.40 -30.21
CA GLU G 479 5.72 36.77 -30.02
C GLU G 479 5.44 37.43 -31.36
N ILE G 480 6.30 37.13 -32.34
CA ILE G 480 6.17 37.71 -33.67
C ILE G 480 4.98 37.12 -34.43
N VAL G 481 4.68 35.85 -34.15
CA VAL G 481 3.57 35.16 -34.81
C VAL G 481 2.23 35.79 -34.46
N ARG G 482 2.15 36.38 -33.27
CA ARG G 482 0.93 37.05 -32.84
C ARG G 482 0.66 38.29 -33.68
N LEU G 483 1.74 39.00 -34.02
CA LEU G 483 1.63 40.22 -34.81
C LEU G 483 1.22 39.90 -36.25
N VAL G 484 2.00 39.05 -36.90
CA VAL G 484 1.74 38.66 -38.28
C VAL G 484 1.87 37.14 -38.44
N GLY G 485 1.31 36.62 -39.52
CA GLY G 485 1.35 35.19 -39.78
C GLY G 485 2.75 34.66 -39.97
N ILE G 486 2.91 33.35 -39.78
CA ILE G 486 4.21 32.71 -39.96
C ILE G 486 4.71 32.89 -41.39
N ASP G 487 3.78 32.97 -42.33
CA ASP G 487 4.15 33.16 -43.72
C ASP G 487 4.84 34.51 -43.90
N SER G 488 4.40 35.49 -43.12
CA SER G 488 4.98 36.83 -43.17
C SER G 488 6.45 36.82 -42.78
N LEU G 489 6.79 36.07 -41.72
CA LEU G 489 8.17 35.96 -41.30
C LEU G 489 8.95 35.08 -42.28
N SER G 490 10.24 35.35 -42.42
CA SER G 490 11.07 34.70 -43.43
C SER G 490 11.09 33.18 -43.28
N ASP G 491 11.44 32.50 -44.37
CA ASP G 491 11.48 31.04 -44.40
C ASP G 491 12.47 30.46 -43.40
N ASN G 492 13.57 31.17 -43.17
CA ASN G 492 14.56 30.75 -42.18
C ASN G 492 13.96 30.78 -40.78
N ASP G 493 13.16 31.81 -40.51
CA ASP G 493 12.46 31.94 -39.24
C ASP G 493 11.41 30.84 -39.09
N ARG G 494 10.64 30.63 -40.16
CA ARG G 494 9.63 29.58 -40.18
C ARG G 494 10.27 28.22 -39.99
N LEU G 495 11.45 28.04 -40.59
CA LEU G 495 12.22 26.81 -40.43
C LEU G 495 12.62 26.60 -38.98
N THR G 496 13.11 27.67 -38.35
CA THR G 496 13.56 27.61 -36.97
C THR G 496 12.42 27.22 -36.03
N LEU G 497 11.22 27.73 -36.31
CA LEU G 497 10.05 27.40 -35.52
C LEU G 497 9.71 25.92 -35.61
N GLU G 498 9.84 25.36 -36.80
CA GLU G 498 9.60 23.94 -37.02
C GLU G 498 10.65 23.10 -36.32
N VAL G 499 11.90 23.57 -36.36
CA VAL G 499 12.98 22.90 -35.65
C VAL G 499 12.74 22.97 -34.15
N ALA G 500 12.33 24.14 -33.68
CA ALA G 500 11.98 24.33 -32.28
C ALA G 500 10.86 23.37 -31.88
N LYS G 501 9.85 23.31 -32.74
CA LYS G 501 8.75 22.36 -32.56
C LYS G 501 9.33 20.95 -32.52
N SER G 502 10.17 20.64 -33.50
CA SER G 502 10.80 19.33 -33.60
C SER G 502 11.58 18.98 -32.32
N ILE G 503 12.49 19.86 -31.92
CA ILE G 503 13.25 19.68 -30.68
C ILE G 503 12.30 19.39 -29.53
N ARG G 504 11.16 20.07 -29.53
CA ARG G 504 10.15 19.85 -28.52
C ARG G 504 9.50 18.47 -28.69
N GLU G 505 8.93 18.21 -29.87
CA GLU G 505 8.33 16.91 -30.13
C GLU G 505 9.30 15.76 -29.85
N ASP G 506 10.57 16.00 -30.15
CA ASP G 506 11.61 14.98 -29.96
C ASP G 506 12.01 14.87 -28.49
N TYR G 507 12.12 16.01 -27.82
CA TYR G 507 12.67 16.03 -26.47
C TYR G 507 11.73 16.66 -25.44
N LEU G 508 10.90 17.61 -25.87
CA LEU G 508 9.97 18.28 -24.96
C LEU G 508 8.99 17.26 -24.37
N GLN G 509 8.35 16.45 -25.21
CA GLN G 509 7.38 15.47 -24.71
C GLN G 509 7.96 14.06 -24.63
N GLN G 510 7.73 13.41 -23.48
CA GLN G 510 8.18 12.04 -23.23
C GLN G 510 7.20 11.34 -22.30
N ASN G 511 6.89 10.07 -22.57
CA ASN G 511 5.95 9.36 -21.73
C ASN G 511 6.64 8.47 -20.70
N ALA G 512 6.43 8.78 -19.43
CA ALA G 512 7.09 8.06 -18.34
C ALA G 512 6.52 6.67 -18.13
N PHE G 513 5.45 6.34 -18.83
CA PHE G 513 4.80 5.04 -18.69
C PHE G 513 5.43 4.00 -19.61
N ASP G 514 5.80 4.42 -20.82
CA ASP G 514 6.43 3.52 -21.77
C ASP G 514 7.85 3.17 -21.32
N ASP G 515 8.11 1.88 -21.17
CA ASP G 515 9.39 1.39 -20.64
C ASP G 515 10.58 1.87 -21.46
N VAL G 516 10.46 1.82 -22.78
CA VAL G 516 11.55 2.25 -23.66
C VAL G 516 11.62 3.77 -23.71
N ASP G 517 10.46 4.42 -23.65
CA ASP G 517 10.38 5.87 -23.75
C ASP G 517 10.73 6.57 -22.43
N THR G 518 10.45 5.89 -21.32
CA THR G 518 10.67 6.48 -20.00
C THR G 518 12.15 6.67 -19.70
N PHE G 519 12.97 5.68 -20.07
CA PHE G 519 14.41 5.76 -19.84
C PHE G 519 15.15 5.84 -21.17
N THR G 520 16.05 6.82 -21.27
CA THR G 520 16.84 7.00 -22.47
C THR G 520 18.33 7.00 -22.15
N SER G 521 19.08 6.13 -22.81
CA SER G 521 20.51 6.03 -22.58
C SER G 521 21.21 7.31 -22.98
N ARG G 522 22.38 7.56 -22.39
CA ARG G 522 23.14 8.76 -22.69
C ARG G 522 23.52 8.83 -24.17
N GLU G 523 23.83 7.67 -24.74
CA GLU G 523 24.20 7.60 -26.15
C GLU G 523 23.00 7.91 -27.05
N LYS G 524 21.82 7.42 -26.65
CA LYS G 524 20.61 7.64 -27.42
C LYS G 524 20.16 9.09 -27.34
N GLN G 525 20.31 9.69 -26.16
CA GLN G 525 19.92 11.08 -25.95
C GLN G 525 20.76 12.03 -26.81
N PHE G 526 22.06 11.75 -26.87
CA PHE G 526 22.97 12.54 -27.69
C PHE G 526 22.72 12.31 -29.17
N ASN G 527 22.49 11.05 -29.53
CA ASN G 527 22.20 10.69 -30.91
C ASN G 527 20.86 11.26 -31.38
N MET G 528 19.88 11.24 -30.49
CA MET G 528 18.55 11.78 -30.79
C MET G 528 18.63 13.28 -31.04
N LEU G 529 19.29 13.99 -30.12
CA LEU G 529 19.46 15.44 -30.24
C LEU G 529 20.23 15.80 -31.49
N LYS G 530 21.16 14.94 -31.89
CA LYS G 530 21.97 15.18 -33.07
C LYS G 530 21.14 15.10 -34.35
N VAL G 531 20.27 14.10 -34.41
CA VAL G 531 19.42 13.89 -35.58
C VAL G 531 18.54 15.10 -35.87
N ILE G 532 18.03 15.72 -34.81
CA ILE G 532 17.20 16.91 -34.95
C ILE G 532 18.05 18.09 -35.38
N LEU G 533 19.23 18.21 -34.77
CA LEU G 533 20.15 19.30 -35.07
C LEU G 533 20.67 19.19 -36.50
N THR G 534 20.86 17.96 -36.97
CA THR G 534 21.34 17.72 -38.32
C THR G 534 20.30 18.18 -39.34
N PHE G 535 19.03 17.95 -39.02
CA PHE G 535 17.93 18.35 -39.89
C PHE G 535 17.90 19.86 -40.08
N GLY G 536 18.09 20.58 -38.98
CA GLY G 536 18.11 22.03 -39.02
C GLY G 536 19.21 22.58 -39.90
N LYS G 537 20.43 22.12 -39.66
CA LYS G 537 21.59 22.56 -40.44
C LYS G 537 21.43 22.18 -41.91
N GLU G 538 20.92 20.97 -42.15
CA GLU G 538 20.71 20.50 -43.52
C GLU G 538 19.59 21.27 -44.21
N ALA G 539 18.53 21.57 -43.44
CA ALA G 539 17.41 22.33 -43.96
C ALA G 539 17.75 23.81 -44.08
N ARG G 540 18.62 24.28 -43.19
CA ARG G 540 19.08 25.67 -43.23
C ARG G 540 19.94 25.88 -44.46
N LYS G 541 20.66 24.84 -44.87
CA LYS G 541 21.46 24.88 -46.08
C LYS G 541 20.56 24.96 -47.30
N ALA G 542 19.39 24.35 -47.21
CA ALA G 542 18.39 24.39 -48.27
C ALA G 542 17.79 25.79 -48.37
N LEU G 543 17.74 26.48 -47.24
CA LEU G 543 17.23 27.85 -47.20
C LEU G 543 18.18 28.77 -47.96
N SER G 544 19.47 28.46 -47.93
CA SER G 544 20.47 29.22 -48.66
C SER G 544 20.26 29.05 -50.16
N LEU G 545 19.76 27.88 -50.55
CA LEU G 545 19.48 27.59 -51.96
C LEU G 545 18.29 28.42 -52.44
N GLY G 546 17.41 28.78 -51.51
CA GLY G 546 16.25 29.60 -51.84
C GLY G 546 15.03 28.77 -52.17
N ALA G 547 15.12 27.46 -51.93
CA ALA G 547 13.99 26.57 -52.20
C ALA G 547 12.81 26.89 -51.29
N TYR G 548 11.61 26.68 -51.80
CA TYR G 548 10.39 26.98 -51.05
C TYR G 548 10.31 26.18 -49.76
N PHE G 549 9.90 26.84 -48.68
CA PHE G 549 9.78 26.20 -47.38
C PHE G 549 8.70 25.12 -47.40
N ASN G 550 7.67 25.34 -48.21
CA ASN G 550 6.60 24.37 -48.36
C ASN G 550 7.09 23.07 -49.00
N GLU G 551 8.06 23.21 -49.91
CA GLU G 551 8.65 22.06 -50.57
C GLU G 551 9.51 21.27 -49.60
N ILE G 552 10.04 21.95 -48.59
CA ILE G 552 10.84 21.31 -47.56
C ILE G 552 9.97 20.54 -46.58
N MET G 553 8.83 21.12 -46.25
CA MET G 553 7.88 20.49 -45.34
C MET G 553 7.19 19.29 -46.00
N GLU G 554 6.90 19.43 -47.29
CA GLU G 554 6.26 18.36 -48.05
C GLU G 554 7.29 17.33 -48.51
N GLY G 555 6.95 16.05 -48.38
CA GLY G 555 7.84 14.97 -48.77
C GLY G 555 8.83 14.62 -47.68
N THR G 556 8.89 15.46 -46.64
CA THR G 556 9.78 15.21 -45.52
C THR G 556 9.01 14.58 -44.36
N VAL G 557 7.80 14.13 -44.64
CA VAL G 557 6.95 13.52 -43.62
C VAL G 557 7.53 12.19 -43.16
N ALA G 558 8.01 11.40 -44.10
CA ALA G 558 8.56 10.08 -43.80
C ALA G 558 9.78 10.17 -42.88
N VAL G 559 10.68 11.11 -43.19
CA VAL G 559 11.89 11.29 -42.40
C VAL G 559 11.59 11.96 -41.06
N ARG G 560 10.69 12.93 -41.07
CA ARG G 560 10.33 13.64 -39.84
C ARG G 560 9.55 12.74 -38.89
N GLU G 561 8.77 11.82 -39.44
CA GLU G 561 7.94 10.93 -38.62
C GLU G 561 8.78 9.89 -37.90
N ARG G 562 9.87 9.46 -38.53
CA ARG G 562 10.79 8.50 -37.92
C ARG G 562 11.57 9.14 -36.79
N ILE G 563 11.98 10.39 -36.99
CA ILE G 563 12.80 11.11 -36.01
C ILE G 563 12.01 11.40 -34.74
N SER G 564 10.75 11.75 -34.89
CA SER G 564 9.89 12.05 -33.74
C SER G 564 9.67 10.80 -32.89
N ARG G 565 9.62 9.64 -33.54
CA ARG G 565 9.46 8.38 -32.83
C ARG G 565 10.78 7.62 -32.74
N SER G 566 11.88 8.30 -33.01
CA SER G 566 13.20 7.69 -32.97
C SER G 566 13.57 7.27 -31.54
N LYS G 567 12.92 7.89 -30.57
CA LYS G 567 13.17 7.61 -29.16
C LYS G 567 12.64 6.24 -28.76
N TYR G 568 11.70 5.72 -29.54
CA TYR G 568 11.06 4.45 -29.22
C TYR G 568 11.95 3.25 -29.49
N ILE G 569 13.09 3.50 -30.13
CA ILE G 569 14.04 2.43 -30.44
C ILE G 569 14.70 1.89 -29.18
N PRO G 570 14.80 0.56 -29.07
CA PRO G 570 15.42 -0.10 -27.92
C PRO G 570 16.87 0.33 -27.71
N GLU G 571 17.37 0.22 -26.49
CA GLU G 571 18.73 0.62 -26.17
C GLU G 571 19.75 -0.25 -26.89
N GLU G 572 19.40 -1.53 -27.08
CA GLU G 572 20.27 -2.47 -27.77
C GLU G 572 20.46 -2.06 -29.23
N GLU G 573 19.37 -1.64 -29.87
CA GLU G 573 19.43 -1.16 -31.24
C GLU G 573 19.78 0.32 -31.29
N LEU G 574 20.98 0.66 -30.84
CA LEU G 574 21.42 2.04 -30.77
C LEU G 574 21.81 2.60 -32.13
N ALA G 575 22.06 1.70 -33.08
CA ALA G 575 22.50 2.10 -34.42
C ALA G 575 21.36 2.73 -35.23
N LYS G 576 20.12 2.44 -34.84
CA LYS G 576 18.96 2.93 -35.57
C LYS G 576 18.85 4.45 -35.53
N ILE G 577 19.15 5.03 -34.37
CA ILE G 577 19.07 6.47 -34.20
C ILE G 577 20.11 7.19 -35.04
N SER G 578 21.30 6.62 -35.13
CA SER G 578 22.39 7.21 -35.91
C SER G 578 22.15 7.05 -37.41
N SER G 579 21.50 5.96 -37.79
CA SER G 579 21.24 5.67 -39.20
C SER G 579 20.17 6.62 -39.75
N ILE G 580 19.24 7.02 -38.90
CA ILE G 580 18.15 7.90 -39.30
C ILE G 580 18.67 9.28 -39.71
N ASN G 581 19.75 9.71 -39.06
CA ASN G 581 20.35 11.00 -39.36
C ASN G 581 20.94 11.06 -40.76
N GLU G 582 21.45 9.92 -41.22
CA GLU G 582 22.05 9.83 -42.55
C GLU G 582 20.99 9.94 -43.64
N GLU G 583 19.78 9.48 -43.33
CA GLU G 583 18.67 9.53 -44.28
C GLU G 583 18.26 10.97 -44.56
N ILE G 584 18.46 11.84 -43.58
CA ILE G 584 18.12 13.25 -43.72
C ILE G 584 18.98 13.92 -44.78
N LYS G 585 20.28 13.64 -44.75
CA LYS G 585 21.22 14.21 -45.71
C LYS G 585 20.87 13.80 -47.13
N GLU G 586 20.39 12.57 -47.29
CA GLU G 586 19.97 12.08 -48.59
C GLU G 586 18.81 12.90 -49.14
N THR G 587 17.86 13.21 -48.25
CA THR G 587 16.69 13.96 -48.63
C THR G 587 17.04 15.33 -49.16
N ILE G 588 18.01 15.98 -48.53
CA ILE G 588 18.50 17.27 -48.97
C ILE G 588 19.11 17.18 -50.38
N GLN G 589 19.84 16.10 -50.62
CA GLN G 589 20.44 15.86 -51.92
C GLN G 589 19.36 15.69 -52.99
N LEU G 590 18.28 15.02 -52.62
CA LEU G 590 17.17 14.77 -53.53
C LEU G 590 16.50 16.08 -53.92
N ILE G 591 16.33 16.96 -52.94
CA ILE G 591 15.78 18.28 -53.18
C ILE G 591 16.84 19.15 -53.84
N MET H 8 34.53 65.39 46.18
CA MET H 8 33.79 64.71 45.12
C MET H 8 33.48 63.27 45.51
N GLN H 9 32.57 62.65 44.77
CA GLN H 9 32.22 61.25 45.00
C GLN H 9 32.36 60.41 43.74
N ILE H 10 32.94 59.22 43.88
CA ILE H 10 33.08 58.28 42.79
C ILE H 10 32.08 57.14 42.94
N GLY H 11 31.29 56.89 41.90
CA GLY H 11 30.30 55.84 41.94
C GLY H 11 30.66 54.66 41.06
N LYS H 12 30.62 53.46 41.65
CA LYS H 12 30.97 52.24 40.93
C LYS H 12 29.85 51.76 40.02
N ILE H 13 30.20 51.32 38.82
CA ILE H 13 29.23 50.79 37.86
C ILE H 13 29.22 49.27 37.85
N ILE H 14 28.05 48.69 38.06
CA ILE H 14 27.90 47.24 38.08
C ILE H 14 27.79 46.65 36.67
N LYS H 15 27.17 47.41 35.76
CA LYS H 15 27.02 46.95 34.38
C LYS H 15 27.38 48.02 33.36
N VAL H 16 28.26 47.66 32.43
CA VAL H 16 28.64 48.56 31.36
C VAL H 16 27.96 48.16 30.06
N SER H 17 27.15 47.11 30.13
CA SER H 17 26.44 46.59 28.97
C SER H 17 25.67 47.66 28.20
N GLY H 18 25.68 47.54 26.87
CA GLY H 18 24.99 48.50 26.03
C GLY H 18 25.71 49.83 25.98
N PRO H 19 25.10 50.82 25.29
CA PRO H 19 25.72 52.14 25.16
C PRO H 19 25.75 52.87 26.50
N LEU H 20 24.76 52.61 27.34
CA LEU H 20 24.62 53.33 28.60
C LEU H 20 25.06 52.49 29.80
N VAL H 21 25.56 53.18 30.83
CA VAL H 21 26.04 52.52 32.04
C VAL H 21 25.29 53.05 33.26
N MET H 22 25.07 52.20 34.26
CA MET H 22 24.40 52.62 35.48
C MET H 22 25.31 52.41 36.69
N ALA H 23 25.62 53.51 37.38
CA ALA H 23 26.57 53.47 38.48
C ALA H 23 25.92 53.71 39.84
N GLU H 24 26.13 52.78 40.77
CA GLU H 24 25.69 53.00 42.15
C GLU H 24 26.61 54.01 42.82
N ASN H 25 26.11 54.63 43.89
CA ASN H 25 26.81 55.74 44.53
C ASN H 25 26.95 56.93 43.59
N MET H 26 25.89 57.20 42.83
CA MET H 26 25.88 58.29 41.86
C MET H 26 24.77 59.29 42.19
N SER H 27 24.23 59.18 43.40
CA SER H 27 23.06 59.95 43.82
C SER H 27 23.19 61.46 43.66
N GLU H 28 24.41 61.97 43.85
CA GLU H 28 24.62 63.42 43.88
C GLU H 28 24.65 64.03 42.48
N ALA H 29 24.98 63.22 41.49
CA ALA H 29 25.02 63.69 40.10
C ALA H 29 23.63 64.13 39.65
N CYS H 30 23.59 65.19 38.83
CA CYS H 30 22.32 65.73 38.37
C CYS H 30 22.02 65.29 36.94
N ILE H 31 20.79 65.50 36.51
CA ILE H 31 20.40 65.25 35.13
C ILE H 31 21.14 66.21 34.21
N GLN H 32 21.50 65.75 33.02
CA GLN H 32 22.20 66.56 32.03
C GLN H 32 23.64 66.90 32.45
N ASP H 33 24.03 66.44 33.64
CA ASP H 33 25.41 66.57 34.07
C ASP H 33 26.26 65.44 33.49
N MET H 34 27.54 65.70 33.26
CA MET H 34 28.40 64.73 32.61
C MET H 34 29.49 64.19 33.54
N CYS H 35 29.80 62.91 33.39
CA CYS H 35 30.79 62.26 34.24
C CYS H 35 31.65 61.26 33.46
N LEU H 36 32.95 61.26 33.75
CA LEU H 36 33.87 60.29 33.16
C LEU H 36 33.58 58.89 33.69
N VAL H 37 33.45 57.92 32.79
CA VAL H 37 33.03 56.58 33.18
C VAL H 37 34.11 55.52 32.94
N GLY H 38 34.47 54.81 33.99
CA GLY H 38 35.41 53.70 33.88
C GLY H 38 36.86 54.09 34.08
N ASP H 39 37.74 53.11 33.98
CA ASP H 39 39.19 53.36 34.04
C ASP H 39 39.58 54.37 32.97
N LEU H 40 39.07 54.13 31.76
CA LEU H 40 39.28 55.06 30.65
C LEU H 40 38.62 56.39 30.97
N GLY H 41 37.53 56.34 31.73
CA GLY H 41 36.77 57.52 32.06
C GLY H 41 36.01 58.02 30.84
N VAL H 42 35.30 57.11 30.19
CA VAL H 42 34.60 57.41 28.96
C VAL H 42 33.42 58.36 29.21
N ILE H 43 33.37 59.42 28.43
CA ILE H 43 32.33 60.41 28.53
C ILE H 43 30.96 59.81 28.24
N GLY H 44 29.95 60.34 28.90
CA GLY H 44 28.60 59.83 28.71
C GLY H 44 27.49 60.78 29.06
N GLU H 45 26.26 60.39 28.74
CA GLU H 45 25.09 61.22 28.99
C GLU H 45 24.17 60.63 30.06
N ILE H 46 23.93 61.39 31.12
CA ILE H 46 22.99 60.98 32.14
C ILE H 46 21.59 61.50 31.81
N ILE H 47 20.78 60.64 31.20
CA ILE H 47 19.43 61.01 30.83
C ILE H 47 18.50 61.00 32.05
N GLU H 48 18.73 60.04 32.93
CA GLU H 48 17.86 59.85 34.08
C GLU H 48 18.65 59.61 35.36
N MET H 49 18.05 59.94 36.50
CA MET H 49 18.68 59.77 37.81
C MET H 49 17.76 59.02 38.77
N ARG H 50 18.17 57.84 39.19
CA ARG H 50 17.32 56.98 40.02
C ARG H 50 17.99 56.61 41.34
N GLN H 51 17.56 57.23 42.43
CA GLN H 51 18.12 56.93 43.75
C GLN H 51 19.63 57.08 43.76
N ASP H 52 20.32 56.01 44.12
CA ASP H 52 21.77 56.02 44.18
C ASP H 52 22.41 55.88 42.81
N VAL H 53 21.71 55.21 41.89
CA VAL H 53 22.29 54.88 40.59
C VAL H 53 21.64 55.62 39.42
N ALA H 54 22.45 56.35 38.66
CA ALA H 54 21.96 57.04 37.48
C ALA H 54 22.38 56.30 36.21
N SER H 55 21.41 55.99 35.37
CA SER H 55 21.69 55.36 34.08
C SER H 55 22.33 56.37 33.15
N ILE H 56 23.61 56.16 32.86
CA ILE H 56 24.38 57.12 32.09
C ILE H 56 24.72 56.62 30.70
N GLN H 57 24.26 57.34 29.67
CA GLN H 57 24.69 57.08 28.31
C GLN H 57 26.20 57.22 28.24
N VAL H 58 26.81 56.74 27.17
CA VAL H 58 28.25 56.84 27.03
C VAL H 58 28.66 57.40 25.69
N TYR H 59 29.39 58.52 25.72
CA TYR H 59 29.92 59.12 24.50
C TYR H 59 30.99 58.22 23.89
N GLU H 60 31.83 57.64 24.73
CA GLU H 60 32.92 56.77 24.26
C GLU H 60 32.44 55.36 23.97
N GLU H 61 33.27 54.58 23.30
CA GLU H 61 32.93 53.21 22.94
C GLU H 61 32.83 52.34 24.18
N THR H 62 31.82 51.47 24.21
CA THR H 62 31.51 50.65 25.38
C THR H 62 32.46 49.48 25.63
N SER H 63 32.92 48.83 24.57
CA SER H 63 33.77 47.64 24.69
C SER H 63 34.99 47.90 25.57
N GLY H 64 35.29 46.95 26.45
CA GLY H 64 36.46 47.05 27.30
C GLY H 64 36.16 47.51 28.72
N ILE H 65 34.90 47.79 29.00
CA ILE H 65 34.49 48.20 30.34
C ILE H 65 33.72 47.06 31.01
N GLY H 66 33.61 47.10 32.33
CA GLY H 66 32.92 46.04 33.05
C GLY H 66 32.42 46.43 34.43
N PRO H 67 31.87 45.46 35.17
CA PRO H 67 31.39 45.65 36.54
C PRO H 67 32.50 46.07 37.49
N GLY H 68 32.27 47.14 38.26
CA GLY H 68 33.22 47.58 39.25
C GLY H 68 34.04 48.79 38.83
N GLU H 69 33.90 49.20 37.57
CA GLU H 69 34.61 50.36 37.06
C GLU H 69 34.29 51.62 37.86
N PRO H 70 35.27 52.52 37.99
CA PRO H 70 35.09 53.80 38.69
C PRO H 70 34.44 54.86 37.80
N VAL H 71 33.76 55.82 38.41
CA VAL H 71 33.13 56.90 37.65
C VAL H 71 33.44 58.27 38.25
N ARG H 72 33.83 59.20 37.40
CA ARG H 72 34.14 60.57 37.83
C ARG H 72 33.17 61.57 37.23
N SER H 73 32.47 62.31 38.09
CA SER H 73 31.49 63.28 37.63
C SER H 73 32.01 64.71 37.70
N THR H 74 31.96 65.41 36.58
CA THR H 74 32.40 66.80 36.52
C THR H 74 31.50 67.69 37.37
N GLY H 75 30.21 67.40 37.34
CA GLY H 75 29.24 68.18 38.10
C GLY H 75 28.66 69.31 37.28
N GLU H 76 28.76 69.20 35.96
CA GLU H 76 28.25 70.21 35.05
C GLU H 76 27.88 69.59 33.70
N ALA H 77 26.92 70.20 33.01
CA ALA H 77 26.51 69.71 31.71
C ALA H 77 27.66 69.75 30.73
N LEU H 78 27.57 68.96 29.66
CA LEU H 78 28.58 68.95 28.62
C LEU H 78 28.75 70.37 28.07
N SER H 79 29.98 70.85 28.10
CA SER H 79 30.26 72.23 27.68
C SER H 79 31.51 72.33 26.83
N VAL H 80 31.53 73.32 25.94
CA VAL H 80 32.63 73.57 25.05
C VAL H 80 33.34 74.88 25.46
N GLU H 81 34.63 74.81 25.78
CA GLU H 81 35.38 76.00 26.17
C GLU H 81 35.50 76.98 25.00
N LEU H 82 35.52 78.27 25.31
CA LEU H 82 35.59 79.30 24.29
C LEU H 82 36.70 80.29 24.60
N GLY H 83 37.63 80.48 23.66
CA GLY H 83 38.74 81.39 23.86
C GLY H 83 39.66 81.50 22.65
N PRO H 84 40.79 82.20 22.84
CA PRO H 84 41.81 82.42 21.80
C PRO H 84 42.43 81.13 21.29
N GLY H 85 42.47 80.97 19.97
CA GLY H 85 43.08 79.80 19.35
C GLY H 85 42.06 78.78 18.91
N ILE H 86 40.78 79.09 19.14
CA ILE H 86 39.69 78.16 18.83
C ILE H 86 39.53 77.95 17.32
N ILE H 87 39.81 78.98 16.54
CA ILE H 87 39.68 78.90 15.10
C ILE H 87 40.89 78.21 14.49
N SER H 88 40.70 77.62 13.30
CA SER H 88 41.76 76.87 12.62
C SER H 88 42.06 75.56 13.36
N GLN H 89 41.25 75.26 14.37
CA GLN H 89 41.44 74.07 15.18
C GLN H 89 40.20 73.16 15.13
N MET H 90 40.43 71.90 14.80
CA MET H 90 39.34 70.92 14.73
C MET H 90 38.88 70.52 16.12
N PHE H 91 37.58 70.26 16.25
CA PHE H 91 36.99 69.86 17.52
C PHE H 91 36.25 68.55 17.37
N ASP H 92 36.56 67.60 18.23
CA ASP H 92 35.86 66.32 18.24
C ASP H 92 34.52 66.50 18.92
N GLY H 93 33.70 65.45 18.96
CA GLY H 93 32.42 65.52 19.64
C GLY H 93 32.66 65.92 21.09
N ILE H 94 33.83 65.52 21.58
CA ILE H 94 34.18 65.70 22.98
C ILE H 94 34.79 67.04 23.32
N GLN H 95 34.88 67.90 22.31
CA GLN H 95 35.43 69.23 22.38
C GLN H 95 36.91 69.30 22.70
N ARG H 96 37.61 68.23 22.39
CA ARG H 96 39.04 68.29 22.46
C ARG H 96 39.62 68.61 21.09
N PRO H 97 40.92 68.90 21.07
CA PRO H 97 41.65 69.08 19.82
C PRO H 97 42.29 67.83 19.16
N LEU H 98 42.06 67.67 17.85
CA LEU H 98 42.55 66.47 17.12
C LEU H 98 44.07 66.42 16.90
N ASP H 99 44.66 67.54 16.51
CA ASP H 99 46.11 67.58 16.30
C ASP H 99 46.85 67.38 17.61
N THR H 100 46.40 68.08 18.65
CA THR H 100 46.99 67.95 19.98
C THR H 100 46.85 66.53 20.50
N PHE H 101 45.72 65.91 20.17
CA PHE H 101 45.44 64.53 20.57
C PHE H 101 46.50 63.59 20.03
N MET H 102 46.70 63.61 18.72
CA MET H 102 47.64 62.72 18.06
C MET H 102 49.07 62.86 18.58
N GLU H 103 49.48 64.09 18.88
CA GLU H 103 50.82 64.35 19.40
C GLU H 103 51.01 63.65 20.74
N VAL H 104 50.05 63.83 21.64
CA VAL H 104 50.13 63.29 22.99
C VAL H 104 50.04 61.77 23.01
N THR H 105 49.12 61.22 22.21
CA THR H 105 48.91 59.79 22.17
C THR H 105 50.04 59.05 21.47
N GLN H 106 50.79 59.76 20.63
CA GLN H 106 51.87 59.16 19.86
C GLN H 106 51.34 58.14 18.85
N SER H 107 50.02 58.09 18.70
CA SER H 107 49.38 57.13 17.82
C SER H 107 48.34 57.82 16.93
N ASN H 108 48.32 57.42 15.66
CA ASN H 108 47.37 57.97 14.70
C ASN H 108 45.93 57.60 15.07
N PHE H 109 45.78 56.42 15.69
CA PHE H 109 44.47 55.94 16.11
C PHE H 109 43.97 56.70 17.34
N LEU H 110 42.66 56.90 17.41
CA LEU H 110 42.06 57.56 18.57
C LEU H 110 42.15 56.67 19.81
N GLY H 111 42.62 57.25 20.91
CA GLY H 111 42.74 56.53 22.16
C GLY H 111 41.59 56.84 23.09
N ARG H 112 40.94 55.79 23.59
CA ARG H 112 39.78 55.95 24.46
C ARG H 112 40.18 56.43 25.85
N GLY H 113 39.45 57.41 26.37
CA GLY H 113 39.65 57.88 27.73
C GLY H 113 40.73 58.94 27.90
N VAL H 114 41.12 59.57 26.79
CA VAL H 114 42.14 60.60 26.83
C VAL H 114 41.53 61.95 27.21
N GLN H 115 42.21 62.69 28.09
CA GLN H 115 41.67 63.97 28.53
C GLN H 115 42.57 65.11 28.06
N LEU H 116 42.01 66.04 27.29
CA LEU H 116 42.79 67.17 26.77
C LEU H 116 42.07 68.50 26.90
N PRO H 117 42.84 69.58 27.06
CA PRO H 117 42.32 70.95 27.11
C PRO H 117 41.63 71.33 25.81
N ALA H 118 40.42 71.84 25.95
CA ALA H 118 39.64 72.34 24.83
C ALA H 118 40.40 73.39 24.02
N LEU H 119 41.01 74.31 24.74
CA LEU H 119 41.82 75.36 24.15
C LEU H 119 43.15 75.46 24.89
N ASP H 120 44.21 75.72 24.14
CA ASP H 120 45.54 75.80 24.71
C ASP H 120 45.68 77.05 25.59
N HIS H 121 45.83 76.83 26.90
CA HIS H 121 46.03 77.91 27.84
C HIS H 121 47.43 78.50 27.70
N GLU H 122 48.38 77.65 27.33
CA GLU H 122 49.79 78.00 27.28
C GLU H 122 50.10 79.18 26.36
N LYS H 123 49.51 79.18 25.16
CA LYS H 123 49.81 80.20 24.17
C LYS H 123 49.32 81.59 24.60
N GLN H 124 50.17 82.59 24.40
CA GLN H 124 49.84 83.96 24.77
C GLN H 124 49.40 84.80 23.58
N TRP H 125 48.38 85.62 23.79
CA TRP H 125 47.87 86.51 22.76
C TRP H 125 47.87 87.95 23.28
N TRP H 126 48.29 88.88 22.44
CA TRP H 126 48.35 90.29 22.81
C TRP H 126 46.95 90.87 22.95
N PHE H 127 46.55 91.16 24.18
CA PHE H 127 45.21 91.68 24.47
C PHE H 127 45.24 93.16 24.81
N GLU H 128 44.39 93.93 24.13
CA GLU H 128 44.28 95.36 24.37
C GLU H 128 42.87 95.73 24.83
N ALA H 129 42.78 96.45 25.94
CA ALA H 129 41.48 96.83 26.51
C ALA H 129 40.75 97.81 25.60
N THR H 130 39.44 97.62 25.48
CA THR H 130 38.62 98.47 24.63
C THR H 130 37.65 99.32 25.44
N ILE H 131 37.64 99.12 26.75
CA ILE H 131 36.75 99.86 27.63
C ILE H 131 37.51 100.44 28.82
N GLU H 132 37.02 101.58 29.32
CA GLU H 132 37.69 102.26 30.42
C GLU H 132 37.27 101.70 31.77
N GLU H 133 38.10 101.93 32.79
CA GLU H 133 37.84 101.41 34.13
C GLU H 133 36.79 102.22 34.87
N GLY H 134 36.04 101.56 35.74
CA GLY H 134 35.03 102.22 36.56
C GLY H 134 33.74 102.51 35.84
N THR H 135 33.42 101.67 34.85
CA THR H 135 32.20 101.82 34.07
C THR H 135 31.35 100.56 34.13
N GLU H 136 30.20 100.64 34.80
CA GLU H 136 29.31 99.51 34.95
C GLU H 136 28.98 98.84 33.62
N VAL H 137 29.21 97.53 33.55
CA VAL H 137 29.03 96.78 32.31
C VAL H 137 27.96 95.70 32.46
N SER H 138 27.07 95.64 31.47
CA SER H 138 26.01 94.64 31.45
C SER H 138 26.53 93.31 30.92
N ALA H 139 25.66 92.30 30.91
CA ALA H 139 26.03 90.99 30.39
C ALA H 139 26.28 91.04 28.89
N GLY H 140 27.43 90.53 28.46
CA GLY H 140 27.76 90.48 27.05
C GLY H 140 28.56 91.69 26.58
N ASP H 141 28.91 92.57 27.51
CA ASP H 141 29.69 93.76 27.18
C ASP H 141 31.15 93.40 26.88
N ILE H 142 31.65 93.89 25.76
CA ILE H 142 33.01 93.60 25.33
C ILE H 142 34.03 94.43 26.11
N ILE H 143 34.83 93.78 26.94
CA ILE H 143 35.84 94.48 27.72
C ILE H 143 37.06 94.85 26.88
N GLY H 144 37.35 94.03 25.88
CA GLY H 144 38.49 94.26 25.00
C GLY H 144 38.52 93.26 23.86
N TYR H 145 39.44 93.46 22.93
CA TYR H 145 39.55 92.56 21.78
C TYR H 145 40.96 92.01 21.60
N VAL H 146 41.04 90.68 21.48
CA VAL H 146 42.27 90.02 21.09
C VAL H 146 42.16 89.71 19.60
N ASP H 147 43.27 89.35 18.97
CA ASP H 147 43.21 89.02 17.55
C ASP H 147 43.81 87.64 17.25
N GLU H 148 42.93 86.66 17.08
CA GLU H 148 43.35 85.34 16.62
C GLU H 148 43.90 85.44 15.20
N THR H 149 43.08 86.01 14.31
CA THR H 149 43.49 86.26 12.95
C THR H 149 43.37 87.75 12.63
N LYS H 150 43.96 88.17 11.52
CA LYS H 150 43.94 89.57 11.13
C LYS H 150 42.56 89.99 10.63
N ILE H 151 41.85 89.07 9.99
CA ILE H 151 40.53 89.36 9.45
C ILE H 151 39.48 89.45 10.54
N ILE H 152 39.55 88.54 11.51
CA ILE H 152 38.58 88.49 12.59
C ILE H 152 39.21 88.88 13.93
N GLN H 153 38.79 90.01 14.47
CA GLN H 153 39.26 90.44 15.77
C GLN H 153 38.51 89.71 16.88
N HIS H 154 39.23 88.82 17.56
CA HIS H 154 38.68 88.05 18.69
C HIS H 154 38.06 89.00 19.70
N LYS H 155 36.88 88.65 20.21
CA LYS H 155 36.19 89.56 21.11
C LYS H 155 35.94 88.96 22.49
N ILE H 156 36.18 89.78 23.50
CA ILE H 156 36.01 89.39 24.89
C ILE H 156 34.75 90.01 25.44
N MET H 157 33.76 89.19 25.83
CA MET H 157 32.53 89.73 26.40
C MET H 157 32.58 89.64 27.91
N VAL H 158 31.53 90.12 28.56
CA VAL H 158 31.43 89.98 30.00
C VAL H 158 30.59 88.75 30.35
N PRO H 159 31.29 87.64 30.66
CA PRO H 159 30.70 86.35 30.94
C PRO H 159 30.64 86.07 32.44
N ASN H 160 29.45 85.72 32.91
CA ASN H 160 28.30 85.62 32.04
C ASN H 160 27.11 86.40 32.56
N GLY H 161 26.80 86.22 33.84
CA GLY H 161 25.61 86.83 34.40
C GLY H 161 25.83 87.83 35.52
N ILE H 162 27.02 88.40 35.60
CA ILE H 162 27.29 89.35 36.67
C ILE H 162 27.25 90.82 36.24
N LYS H 163 26.79 91.64 37.17
CA LYS H 163 26.58 93.06 36.97
C LYS H 163 27.36 93.81 38.04
N GLY H 164 28.21 94.74 37.62
CA GLY H 164 29.04 95.49 38.54
C GLY H 164 29.91 96.50 37.85
N THR H 165 30.74 97.20 38.62
CA THR H 165 31.63 98.22 38.07
C THR H 165 32.67 97.59 37.15
N VAL H 166 33.15 98.37 36.20
CA VAL H 166 34.15 97.89 35.24
C VAL H 166 35.43 97.45 35.93
N GLN H 167 36.18 96.58 35.26
CA GLN H 167 37.41 96.06 35.82
C GLN H 167 38.60 96.96 35.47
N LYS H 168 39.65 96.87 36.29
CA LYS H 168 40.91 97.51 35.96
C LYS H 168 41.57 96.72 34.84
N ILE H 169 41.43 97.22 33.62
CA ILE H 169 41.92 96.50 32.44
C ILE H 169 43.37 96.87 32.11
N GLU H 170 44.28 95.93 32.36
CA GLU H 170 45.69 96.14 32.07
C GLU H 170 46.07 95.51 30.73
N SER H 171 46.79 96.28 29.91
CA SER H 171 47.19 95.80 28.58
C SER H 171 48.56 95.13 28.62
N GLY H 172 48.57 93.81 28.73
CA GLY H 172 49.79 93.04 28.72
C GLY H 172 49.56 91.70 28.04
N SER H 173 50.64 91.06 27.59
CA SER H 173 50.54 89.76 26.95
C SER H 173 50.38 88.66 27.99
N PHE H 174 49.22 88.02 28.00
CA PHE H 174 48.94 86.99 28.99
C PHE H 174 48.17 85.80 28.42
N THR H 175 48.30 84.66 29.08
CA THR H 175 47.57 83.45 28.69
C THR H 175 46.09 83.61 28.98
N ILE H 176 45.28 82.69 28.45
CA ILE H 176 43.84 82.76 28.62
C ILE H 176 43.44 82.46 30.07
N ASP H 177 44.30 81.75 30.78
CA ASP H 177 44.04 81.41 32.18
C ASP H 177 44.33 82.60 33.09
N ASP H 178 45.30 83.42 32.70
CA ASP H 178 45.66 84.60 33.48
C ASP H 178 44.61 85.70 33.37
N PRO H 179 44.02 86.08 34.51
CA PRO H 179 43.01 87.15 34.57
C PRO H 179 43.65 88.53 34.70
N ILE H 180 43.38 89.40 33.73
CA ILE H 180 43.88 90.77 33.77
C ILE H 180 42.73 91.76 33.99
N CYS H 181 41.52 91.21 34.15
CA CYS H 181 40.33 92.01 34.32
C CYS H 181 39.56 91.61 35.57
N VAL H 182 39.42 92.53 36.51
CA VAL H 182 38.77 92.24 37.79
C VAL H 182 37.38 92.87 37.88
N ILE H 183 36.35 92.06 37.60
CA ILE H 183 34.97 92.53 37.70
C ILE H 183 34.44 92.35 39.12
N GLU H 184 33.76 93.37 39.62
CA GLU H 184 33.25 93.33 41.00
C GLU H 184 31.73 93.22 41.04
N THR H 185 31.23 92.04 41.39
CA THR H 185 29.80 91.83 41.56
C THR H 185 29.34 92.48 42.86
N GLU H 186 28.02 92.68 42.99
CA GLU H 186 27.46 93.33 44.16
C GLU H 186 27.76 92.55 45.44
N GLN H 187 27.65 91.24 45.37
CA GLN H 187 27.92 90.39 46.52
C GLN H 187 29.42 90.30 46.81
N GLY H 188 30.21 90.13 45.76
CA GLY H 188 31.66 90.03 45.89
C GLY H 188 32.37 90.28 44.59
N LEU H 189 33.65 90.63 44.68
CA LEU H 189 34.47 90.89 43.49
C LEU H 189 35.21 89.64 43.05
N LYS H 190 35.10 89.32 41.77
CA LYS H 190 35.74 88.12 41.22
C LYS H 190 36.40 88.39 39.88
N GLU H 191 37.69 88.10 39.78
CA GLU H 191 38.42 88.26 38.52
C GLU H 191 37.89 87.30 37.47
N LEU H 192 37.92 87.73 36.21
CA LEU H 192 37.40 86.93 35.12
C LEU H 192 38.47 86.60 34.09
N THR H 193 38.60 85.31 33.76
CA THR H 193 39.56 84.87 32.76
C THR H 193 39.03 85.15 31.35
N MET H 194 39.94 85.19 30.39
CA MET H 194 39.58 85.41 29.00
C MET H 194 38.71 84.27 28.48
N MET H 195 39.06 83.06 28.88
CA MET H 195 38.32 81.86 28.50
C MET H 195 36.91 81.89 29.04
N GLN H 196 35.99 81.23 28.35
CA GLN H 196 34.60 81.15 28.77
C GLN H 196 34.05 79.74 28.67
N LYS H 197 33.33 79.31 29.70
CA LYS H 197 32.69 78.00 29.69
C LYS H 197 31.18 78.14 29.79
N TRP H 198 30.47 77.62 28.78
CA TRP H 198 29.02 77.68 28.75
C TRP H 198 28.44 76.36 28.22
N PRO H 199 27.42 75.83 28.89
CA PRO H 199 26.78 74.57 28.53
C PRO H 199 26.25 74.57 27.10
N VAL H 200 26.61 73.53 26.34
CA VAL H 200 26.25 73.44 24.93
C VAL H 200 24.74 73.29 24.73
N ARG H 201 24.08 72.63 25.68
CA ARG H 201 22.65 72.38 25.58
C ARG H 201 21.85 73.66 25.84
N ARG H 202 22.38 74.51 26.70
CA ARG H 202 21.73 75.78 27.01
C ARG H 202 21.95 76.77 25.88
N GLY H 203 20.96 77.62 25.63
CA GLY H 203 21.04 78.60 24.57
C GLY H 203 21.52 79.95 25.07
N ARG H 204 22.32 80.62 24.25
CA ARG H 204 22.83 81.94 24.61
C ARG H 204 21.69 82.94 24.70
N PRO H 205 21.64 83.71 25.79
CA PRO H 205 20.57 84.69 25.99
C PRO H 205 20.63 85.82 24.97
N ILE H 206 19.46 86.20 24.45
CA ILE H 206 19.37 87.27 23.47
C ILE H 206 18.27 88.25 23.84
N LYS H 207 18.57 89.53 23.74
CA LYS H 207 17.62 90.57 24.09
C LYS H 207 16.39 90.51 23.19
N GLN H 208 16.62 90.17 21.91
CA GLN H 208 15.54 90.07 20.96
C GLN H 208 16.00 89.40 19.66
N LYS H 209 15.07 88.74 18.98
CA LYS H 209 15.35 88.16 17.68
C LYS H 209 14.79 89.07 16.59
N LEU H 210 15.49 89.13 15.46
CA LEU H 210 15.04 89.97 14.35
C LEU H 210 14.92 89.15 13.06
N ASN H 211 13.83 89.34 12.34
CA ASN H 211 13.61 88.67 11.07
C ASN H 211 14.67 89.08 10.06
N PRO H 212 15.42 88.09 9.54
CA PRO H 212 16.48 88.34 8.58
C PRO H 212 15.95 88.86 7.25
N ASP H 213 16.36 90.06 6.85
CA ASP H 213 15.89 90.68 5.62
C ASP H 213 17.00 90.83 4.59
N VAL H 214 18.17 90.24 4.88
CA VAL H 214 19.31 90.33 3.98
C VAL H 214 19.82 88.96 3.58
N PRO H 215 19.72 88.63 2.28
CA PRO H 215 20.16 87.34 1.74
C PRO H 215 21.67 87.27 1.49
N MET H 216 22.31 86.25 2.02
CA MET H 216 23.73 86.02 1.82
C MET H 216 24.04 85.54 0.41
N ILE H 217 25.19 85.93 -0.13
CA ILE H 217 25.66 85.37 -1.39
C ILE H 217 26.02 83.90 -1.17
N THR H 218 25.38 83.01 -1.92
CA THR H 218 25.57 81.57 -1.72
C THR H 218 26.63 81.00 -2.66
N GLY H 219 27.17 81.85 -3.53
CA GLY H 219 28.23 81.43 -4.44
C GLY H 219 27.71 80.53 -5.55
N GLN H 220 26.45 80.14 -5.45
CA GLN H 220 25.84 79.29 -6.47
C GLN H 220 24.76 80.02 -7.27
N ARG H 221 24.78 79.88 -8.59
CA ARG H 221 23.92 80.69 -9.44
C ARG H 221 22.46 80.22 -9.51
N VAL H 222 22.26 78.92 -9.71
CA VAL H 222 20.93 78.36 -9.75
C VAL H 222 20.29 78.58 -8.39
N ILE H 223 21.08 78.46 -7.33
CA ILE H 223 20.60 78.70 -5.97
C ILE H 223 20.21 80.16 -5.75
N ASP H 224 21.06 81.08 -6.20
CA ASP H 224 20.91 82.50 -5.89
C ASP H 224 19.57 83.12 -6.33
N THR H 225 19.03 82.67 -7.45
CA THR H 225 17.86 83.33 -8.04
C THR H 225 16.53 82.75 -7.62
N PHE H 226 16.55 81.50 -7.20
CA PHE H 226 15.31 80.82 -6.86
C PHE H 226 15.36 80.30 -5.44
N PHE H 227 16.56 80.16 -4.89
CA PHE H 227 16.72 79.61 -3.55
C PHE H 227 17.58 80.51 -2.67
N PRO H 228 17.08 81.71 -2.32
CA PRO H 228 17.90 82.60 -1.50
C PRO H 228 17.56 82.52 -0.02
N VAL H 229 18.56 82.22 0.81
CA VAL H 229 18.36 82.19 2.25
C VAL H 229 18.98 83.42 2.90
N THR H 230 18.16 84.16 3.65
CA THR H 230 18.63 85.36 4.33
C THR H 230 19.61 85.01 5.44
N LYS H 231 20.45 85.97 5.81
CA LYS H 231 21.46 85.75 6.83
C LYS H 231 20.83 85.49 8.18
N GLY H 232 20.90 84.23 8.62
CA GLY H 232 20.25 83.81 9.86
C GLY H 232 19.13 82.84 9.58
N GLY H 233 18.82 82.66 8.30
CA GLY H 233 17.77 81.75 7.89
C GLY H 233 18.19 80.30 7.97
N ALA H 234 17.21 79.40 7.95
CA ALA H 234 17.49 77.98 8.04
C ALA H 234 17.12 77.25 6.75
N ALA H 235 18.03 76.43 6.25
CA ALA H 235 17.79 75.66 5.03
C ALA H 235 18.14 74.19 5.25
N ALA H 236 17.37 73.32 4.61
CA ALA H 236 17.59 71.88 4.73
C ALA H 236 17.94 71.30 3.36
N VAL H 237 19.00 70.50 3.32
CA VAL H 237 19.41 69.90 2.05
C VAL H 237 19.49 68.36 2.13
N PRO H 238 18.32 67.70 2.00
CA PRO H 238 18.13 66.24 1.98
C PRO H 238 18.59 65.48 0.75
N GLY H 239 19.76 65.81 0.23
CA GLY H 239 20.22 65.17 -0.99
C GLY H 239 20.43 63.66 -0.95
N PRO H 240 20.16 62.99 -2.09
CA PRO H 240 20.42 61.56 -2.28
C PRO H 240 21.90 61.27 -2.31
N PHE H 241 22.29 60.00 -2.20
CA PHE H 241 23.69 59.63 -2.30
C PHE H 241 24.25 60.11 -3.64
N GLY H 242 25.45 60.70 -3.59
CA GLY H 242 26.08 61.22 -4.78
C GLY H 242 25.41 62.47 -5.35
N ALA H 243 24.40 62.96 -4.65
CA ALA H 243 23.68 64.16 -5.10
C ALA H 243 24.51 65.42 -4.87
N GLY H 244 25.49 65.32 -3.97
CA GLY H 244 26.42 66.41 -3.73
C GLY H 244 25.95 67.47 -2.75
N LYS H 245 25.21 67.06 -1.72
CA LYS H 245 24.81 67.99 -0.67
C LYS H 245 26.04 68.47 0.07
N THR H 246 26.98 67.56 0.28
CA THR H 246 28.23 67.89 0.95
C THR H 246 28.99 68.91 0.12
N VAL H 247 28.96 68.73 -1.19
CA VAL H 247 29.58 69.68 -2.11
C VAL H 247 28.90 71.03 -2.01
N VAL H 248 27.57 71.01 -1.92
CA VAL H 248 26.80 72.24 -1.76
C VAL H 248 27.15 72.93 -0.45
N GLN H 249 27.21 72.15 0.63
CA GLN H 249 27.54 72.69 1.94
C GLN H 249 28.99 73.19 1.97
N HIS H 250 29.89 72.45 1.32
CA HIS H 250 31.27 72.88 1.21
C HIS H 250 31.38 74.14 0.36
N GLN H 251 30.62 74.17 -0.73
CA GLN H 251 30.60 75.32 -1.63
C GLN H 251 30.08 76.58 -0.92
N ILE H 252 28.98 76.43 -0.20
CA ILE H 252 28.42 77.54 0.56
C ILE H 252 29.43 78.05 1.59
N ALA H 253 29.96 77.13 2.38
CA ALA H 253 30.89 77.47 3.45
C ALA H 253 32.15 78.16 2.95
N LYS H 254 32.69 77.66 1.84
CA LYS H 254 33.95 78.20 1.32
C LYS H 254 33.73 79.53 0.61
N TRP H 255 32.58 79.72 0.00
CA TRP H 255 32.27 80.96 -0.70
C TRP H 255 31.24 81.78 0.05
N SER H 256 31.09 81.51 1.35
CA SER H 256 30.16 82.25 2.19
C SER H 256 30.59 83.70 2.37
N ASP H 257 29.61 84.60 2.48
CA ASP H 257 29.89 86.00 2.69
C ASP H 257 30.27 86.26 4.14
N VAL H 258 29.74 85.43 5.04
CA VAL H 258 29.95 85.60 6.47
C VAL H 258 31.43 85.51 6.83
N ASP H 259 31.81 86.20 7.90
CA ASP H 259 33.20 86.30 8.31
C ASP H 259 33.66 85.04 9.05
N LEU H 260 32.72 84.34 9.66
CA LEU H 260 33.04 83.12 10.39
C LEU H 260 32.11 81.98 9.99
N VAL H 261 32.69 80.84 9.65
CA VAL H 261 31.92 79.66 9.28
C VAL H 261 32.23 78.50 10.22
N VAL H 262 31.17 77.85 10.72
CA VAL H 262 31.33 76.70 11.61
C VAL H 262 30.87 75.41 10.94
N TYR H 263 31.82 74.63 10.45
CA TYR H 263 31.49 73.37 9.78
C TYR H 263 31.70 72.18 10.70
N VAL H 264 30.62 71.47 10.99
CA VAL H 264 30.69 70.27 11.82
C VAL H 264 30.43 69.03 10.98
N GLY H 265 31.49 68.30 10.65
CA GLY H 265 31.34 67.06 9.92
C GLY H 265 30.92 65.95 10.86
N CYS H 266 29.61 65.67 10.88
CA CYS H 266 29.06 64.68 11.80
C CYS H 266 28.46 63.48 11.08
N GLY H 267 28.91 62.28 11.45
CA GLY H 267 28.45 61.07 10.81
C GLY H 267 28.86 61.02 9.35
N GLU H 268 30.04 61.58 9.06
CA GLU H 268 30.56 61.61 7.70
C GLU H 268 31.93 60.95 7.62
N ARG H 269 32.42 60.79 6.40
CA ARG H 269 33.71 60.17 6.16
C ARG H 269 34.86 61.02 6.70
N GLY H 270 35.99 60.37 6.94
CA GLY H 270 37.19 61.07 7.35
C GLY H 270 37.75 61.89 6.20
N ASN H 271 37.58 61.39 4.98
CA ASN H 271 38.07 62.07 3.79
C ASN H 271 37.50 63.47 3.62
N GLU H 272 36.20 63.60 3.85
CA GLU H 272 35.52 64.90 3.71
C GLU H 272 36.10 65.93 4.68
N MET H 273 36.18 65.55 5.95
CA MET H 273 36.74 66.44 6.97
C MET H 273 38.23 66.65 6.75
N THR H 274 38.90 65.61 6.25
CA THR H 274 40.32 65.69 5.97
C THR H 274 40.59 66.58 4.76
N ASP H 275 39.72 66.48 3.76
CA ASP H 275 39.86 67.26 2.53
C ASP H 275 39.76 68.76 2.80
N VAL H 276 38.95 69.14 3.78
CA VAL H 276 38.74 70.55 4.11
C VAL H 276 40.01 71.17 4.69
N VAL H 277 40.71 70.43 5.53
CA VAL H 277 41.91 70.93 6.18
C VAL H 277 43.08 71.01 5.20
N ASN H 278 42.88 70.48 4.01
CA ASN H 278 43.90 70.53 2.97
C ASN H 278 43.54 71.59 1.91
N GLU H 279 42.25 71.74 1.67
CA GLU H 279 41.76 72.62 0.61
C GLU H 279 41.59 74.06 1.10
N PHE H 280 41.19 74.22 2.36
CA PHE H 280 40.97 75.55 2.93
C PHE H 280 42.27 76.34 3.09
N PRO H 281 43.30 75.72 3.67
CA PRO H 281 44.60 76.40 3.80
C PRO H 281 45.18 76.83 2.45
N GLU H 282 45.09 75.94 1.46
CA GLU H 282 45.56 76.26 0.11
C GLU H 282 44.75 77.38 -0.51
N LEU H 283 43.45 77.39 -0.24
CA LEU H 283 42.55 78.36 -0.84
C LEU H 283 42.73 79.74 -0.23
N ILE H 284 42.84 80.75 -1.09
CA ILE H 284 42.95 82.14 -0.66
C ILE H 284 41.92 83.01 -1.35
N ASP H 285 41.34 83.93 -0.59
CA ASP H 285 40.34 84.85 -1.10
C ASP H 285 40.98 86.20 -1.43
N PRO H 286 40.71 86.73 -2.63
CA PRO H 286 41.21 88.06 -2.98
C PRO H 286 40.74 89.14 -2.00
N ASN H 287 41.69 89.91 -1.47
CA ASN H 287 41.41 91.04 -0.59
C ASN H 287 40.92 90.64 0.80
N THR H 288 41.01 89.36 1.13
CA THR H 288 40.65 88.91 2.48
C THR H 288 41.85 89.07 3.42
N GLY H 289 43.03 88.71 2.94
CA GLY H 289 44.24 88.86 3.71
C GLY H 289 44.63 87.62 4.49
N GLU H 290 43.71 86.68 4.61
CA GLU H 290 43.95 85.46 5.38
C GLU H 290 43.39 84.22 4.69
N SER H 291 43.88 83.06 5.09
CA SER H 291 43.39 81.80 4.55
C SER H 291 41.96 81.54 5.04
N LEU H 292 41.20 80.80 4.24
CA LEU H 292 39.80 80.53 4.57
C LEU H 292 39.68 79.68 5.84
N MET H 293 40.62 78.78 6.03
CA MET H 293 40.61 77.88 7.18
C MET H 293 40.77 78.64 8.50
N GLU H 294 41.47 79.77 8.46
CA GLU H 294 41.77 80.52 9.67
C GLU H 294 40.55 81.26 10.23
N ARG H 295 39.48 81.33 9.44
CA ARG H 295 38.24 81.95 9.91
C ARG H 295 37.20 80.87 10.17
N THR H 296 37.45 79.67 9.66
CA THR H 296 36.51 78.57 9.79
C THR H 296 36.78 77.74 11.04
N VAL H 297 35.72 77.45 11.78
CA VAL H 297 35.82 76.59 12.96
C VAL H 297 35.23 75.23 12.65
N LEU H 298 36.05 74.19 12.70
CA LEU H 298 35.62 72.85 12.33
C LEU H 298 35.52 71.89 13.51
N ILE H 299 34.43 71.12 13.52
CA ILE H 299 34.24 70.07 14.50
C ILE H 299 34.15 68.72 13.79
N ALA H 300 35.06 67.81 14.10
CA ALA H 300 35.16 66.55 13.38
C ALA H 300 34.37 65.43 14.04
N ASN H 301 33.57 64.73 13.23
CA ASN H 301 32.86 63.54 13.66
C ASN H 301 32.91 62.49 12.55
N THR H 302 33.25 61.26 12.91
CA THR H 302 33.21 60.17 11.94
C THR H 302 32.09 59.20 12.26
N SER H 303 31.44 58.69 11.22
CA SER H 303 30.39 57.70 11.38
C SER H 303 30.92 56.50 12.16
N ASN H 304 32.23 56.26 12.01
CA ASN H 304 32.90 55.21 12.76
C ASN H 304 33.21 55.64 14.20
N MET H 305 33.31 56.96 14.42
CA MET H 305 33.40 57.49 15.77
C MET H 305 32.13 57.10 16.52
N PRO H 306 32.17 57.13 17.86
CA PRO H 306 31.00 56.73 18.65
C PRO H 306 29.74 57.50 18.25
N VAL H 307 28.62 56.78 18.15
CA VAL H 307 27.39 57.33 17.63
C VAL H 307 26.79 58.39 18.53
N ALA H 308 26.82 58.17 19.84
CA ALA H 308 26.26 59.11 20.79
C ALA H 308 27.02 60.43 20.77
N ALA H 309 28.30 60.36 20.40
CA ALA H 309 29.15 61.55 20.34
C ALA H 309 28.71 62.51 19.24
N ARG H 310 27.96 61.98 18.27
CA ARG H 310 27.44 62.78 17.16
C ARG H 310 26.56 63.92 17.69
N GLU H 311 25.72 63.59 18.66
CA GLU H 311 24.82 64.57 19.27
C GLU H 311 25.60 65.74 19.88
N ALA H 312 26.73 65.43 20.49
CA ALA H 312 27.55 66.44 21.16
C ALA H 312 28.16 67.42 20.16
N SER H 313 28.52 66.91 18.98
CA SER H 313 29.14 67.74 17.95
C SER H 313 28.19 68.82 17.46
N ILE H 314 26.93 68.45 17.26
CA ILE H 314 25.90 69.38 16.81
C ILE H 314 25.73 70.53 17.81
N TYR H 315 25.72 70.17 19.10
CA TYR H 315 25.60 71.16 20.16
C TYR H 315 26.91 71.92 20.34
N THR H 316 28.02 71.26 20.07
CA THR H 316 29.33 71.88 20.15
C THR H 316 29.51 72.98 19.11
N GLY H 317 29.24 72.62 17.85
CA GLY H 317 29.41 73.54 16.75
C GLY H 317 28.48 74.75 16.82
N ILE H 318 27.23 74.51 17.20
CA ILE H 318 26.24 75.58 17.28
C ILE H 318 26.55 76.53 18.44
N THR H 319 27.12 75.99 19.51
CA THR H 319 27.47 76.79 20.68
C THR H 319 28.66 77.70 20.38
N ILE H 320 29.66 77.15 19.68
CA ILE H 320 30.82 77.92 19.27
C ILE H 320 30.41 79.05 18.33
N ALA H 321 29.47 78.74 17.44
CA ALA H 321 28.96 79.72 16.49
C ALA H 321 28.20 80.85 17.20
N GLU H 322 27.47 80.48 18.25
CA GLU H 322 26.69 81.45 19.00
C GLU H 322 27.58 82.39 19.80
N TYR H 323 28.75 81.90 20.21
CA TYR H 323 29.71 82.74 20.91
C TYR H 323 30.21 83.85 19.98
N PHE H 324 30.54 83.48 18.76
CA PHE H 324 30.96 84.46 17.75
C PHE H 324 29.76 85.24 17.24
N ARG H 325 28.56 84.68 17.41
CA ARG H 325 27.34 85.37 17.06
C ARG H 325 27.09 86.53 18.01
N ASP H 326 27.35 86.29 19.29
CA ASP H 326 27.18 87.31 20.33
C ASP H 326 28.09 88.50 20.08
N MET H 327 29.10 88.32 19.22
CA MET H 327 30.01 89.39 18.86
C MET H 327 29.36 90.34 17.87
N GLY H 328 28.26 89.88 17.26
CA GLY H 328 27.58 90.66 16.24
C GLY H 328 28.10 90.33 14.86
N TYR H 329 29.13 89.49 14.80
CA TYR H 329 29.72 89.09 13.53
C TYR H 329 28.85 88.08 12.80
N ASP H 330 28.81 88.19 11.47
CA ASP H 330 28.07 87.25 10.65
C ASP H 330 28.66 85.84 10.77
N VAL H 331 27.82 84.88 11.13
CA VAL H 331 28.26 83.51 11.30
C VAL H 331 27.48 82.56 10.40
N ALA H 332 28.11 81.46 10.03
CA ALA H 332 27.45 80.43 9.24
C ALA H 332 27.86 79.05 9.77
N ILE H 333 26.88 78.19 10.00
CA ILE H 333 27.16 76.85 10.51
C ILE H 333 26.58 75.78 9.59
N MET H 334 27.45 74.87 9.15
CA MET H 334 27.03 73.77 8.29
C MET H 334 27.29 72.43 8.98
N ALA H 335 26.23 71.64 9.13
CA ALA H 335 26.35 70.34 9.79
C ALA H 335 25.98 69.20 8.85
N ASP H 336 26.96 68.35 8.55
CA ASP H 336 26.74 67.20 7.70
C ASP H 336 27.34 65.96 8.34
N SER H 337 26.50 64.94 8.56
CA SER H 337 25.09 65.00 8.19
C SER H 337 24.20 65.08 9.43
N THR H 338 23.16 65.90 9.35
CA THR H 338 22.25 66.08 10.49
C THR H 338 21.32 64.88 10.66
N SER H 339 21.31 63.99 9.67
CA SER H 339 20.52 62.77 9.76
C SER H 339 21.09 61.84 10.82
N ARG H 340 22.41 61.89 10.97
CA ARG H 340 23.13 60.97 11.85
C ARG H 340 22.85 61.28 13.32
N TRP H 341 22.58 62.54 13.62
CA TRP H 341 22.20 62.95 14.95
C TRP H 341 20.93 62.23 15.38
N ALA H 342 19.93 62.24 14.50
CA ALA H 342 18.66 61.58 14.76
C ALA H 342 18.85 60.07 14.94
N GLU H 343 19.77 59.51 14.16
CA GLU H 343 20.05 58.08 14.25
C GLU H 343 20.68 57.73 15.59
N ALA H 344 21.49 58.65 16.11
CA ALA H 344 22.12 58.45 17.41
C ALA H 344 21.08 58.45 18.53
N LEU H 345 20.06 59.29 18.39
CA LEU H 345 18.98 59.36 19.36
C LEU H 345 18.13 58.10 19.33
N ARG H 346 17.93 57.56 18.14
CA ARG H 346 17.15 56.34 17.96
C ARG H 346 17.82 55.15 18.65
N GLU H 347 19.13 55.04 18.44
CA GLU H 347 19.92 53.98 19.05
C GLU H 347 19.78 53.98 20.57
N MET H 348 19.76 55.16 21.16
CA MET H 348 19.71 55.31 22.61
C MET H 348 18.30 55.07 23.15
N SER H 349 17.32 55.77 22.56
CA SER H 349 15.93 55.61 22.99
C SER H 349 15.48 54.16 22.87
N GLY H 350 16.06 53.45 21.91
CA GLY H 350 15.77 52.03 21.74
C GLY H 350 16.46 51.19 22.80
N ARG H 351 17.70 51.54 23.12
CA ARG H 351 18.46 50.83 24.14
C ARG H 351 18.08 51.30 25.54
N LEU H 352 17.51 52.49 25.63
CA LEU H 352 16.89 52.95 26.86
C LEU H 352 15.55 52.24 27.03
N GLU H 353 15.12 51.57 25.97
CA GLU H 353 13.85 50.86 25.95
C GLU H 353 12.68 51.84 26.00
N GLU H 354 12.97 53.10 25.72
CA GLU H 354 11.94 54.12 25.63
C GLU H 354 11.15 53.96 24.33
N MET H 355 9.98 54.59 24.27
CA MET H 355 9.13 54.47 23.09
C MET H 355 9.69 55.24 21.90
N PRO H 356 9.78 54.59 20.75
CA PRO H 356 10.28 55.19 19.52
C PRO H 356 9.19 55.89 18.71
N GLY H 357 9.51 57.03 18.14
CA GLY H 357 8.61 57.70 17.21
C GLY H 357 8.62 56.98 15.89
N ASP H 358 8.05 57.60 14.86
CA ASP H 358 8.02 57.01 13.53
C ASP H 358 9.43 56.74 13.03
N GLU H 359 9.61 55.61 12.36
CA GLU H 359 10.90 55.20 11.81
C GLU H 359 11.86 54.77 12.92
N GLY H 360 11.35 54.61 14.13
CA GLY H 360 12.14 54.14 15.25
C GLY H 360 12.83 55.25 16.03
N TYR H 361 12.91 56.43 15.43
CA TYR H 361 13.51 57.58 16.10
C TYR H 361 12.72 57.98 17.35
N PRO H 362 13.31 58.83 18.19
CA PRO H 362 12.59 59.33 19.36
C PRO H 362 11.39 60.17 18.96
N ALA H 363 10.28 60.03 19.68
CA ALA H 363 9.07 60.78 19.36
C ALA H 363 9.29 62.28 19.56
N TYR H 364 10.25 62.62 20.41
CA TYR H 364 10.58 64.02 20.69
C TYR H 364 11.73 64.51 19.82
N LEU H 365 12.02 63.78 18.75
CA LEU H 365 13.10 64.15 17.84
C LEU H 365 12.87 65.54 17.23
N GLY H 366 11.64 65.82 16.87
CA GLY H 366 11.28 67.10 16.29
C GLY H 366 11.52 68.25 17.25
N SER H 367 11.39 67.96 18.54
CA SER H 367 11.61 68.96 19.58
C SER H 367 13.07 69.39 19.60
N ARG H 368 13.98 68.43 19.57
CA ARG H 368 15.41 68.70 19.64
C ARG H 368 15.89 69.41 18.37
N LEU H 369 15.29 69.05 17.23
CA LEU H 369 15.60 69.72 15.98
C LEU H 369 15.17 71.17 16.05
N ALA H 370 13.92 71.40 16.47
CA ALA H 370 13.37 72.74 16.59
C ALA H 370 14.20 73.62 17.51
N GLU H 371 14.64 73.05 18.64
CA GLU H 371 15.45 73.80 19.60
C GLU H 371 16.79 74.20 18.99
N TYR H 372 17.41 73.28 18.26
CA TYR H 372 18.68 73.55 17.60
C TYR H 372 18.54 74.64 16.54
N TYR H 373 17.49 74.54 15.74
CA TYR H 373 17.23 75.53 14.69
C TYR H 373 16.80 76.88 15.26
N GLU H 374 16.01 76.83 16.33
CA GLU H 374 15.50 78.06 16.95
C GLU H 374 16.63 78.91 17.50
N ARG H 375 17.66 78.25 18.02
CA ARG H 375 18.85 78.93 18.53
C ARG H 375 19.55 79.69 17.42
N SER H 376 19.69 79.05 16.26
CA SER H 376 20.35 79.66 15.12
C SER H 376 19.47 80.75 14.49
N GLY H 377 20.09 81.83 14.05
CA GLY H 377 19.37 82.91 13.40
C GLY H 377 20.00 84.28 13.61
N ARG H 378 19.34 85.30 13.07
CA ARG H 378 19.80 86.67 13.19
C ARG H 378 19.21 87.31 14.44
N VAL H 379 20.05 87.56 15.44
CA VAL H 379 19.58 88.06 16.73
C VAL H 379 20.46 89.17 17.30
N ILE H 380 19.83 90.08 18.04
CA ILE H 380 20.55 91.16 18.71
C ILE H 380 21.31 90.61 19.91
N ALA H 381 22.63 90.81 19.93
CA ALA H 381 23.46 90.32 21.02
C ALA H 381 23.25 91.14 22.29
N LEU H 382 23.50 90.52 23.44
CA LEU H 382 23.30 91.19 24.72
C LEU H 382 24.39 92.22 25.01
N GLY H 383 24.03 93.24 25.78
CA GLY H 383 24.94 94.32 26.11
C GLY H 383 24.30 95.68 25.88
N SER H 384 24.97 96.74 26.33
CA SER H 384 24.47 98.09 26.13
C SER H 384 24.52 98.45 24.65
N ASP H 385 25.53 97.96 23.96
CA ASP H 385 25.72 98.22 22.54
C ASP H 385 24.58 97.62 21.72
N GLN H 386 24.14 96.44 22.14
CA GLN H 386 23.07 95.72 21.44
C GLN H 386 23.47 95.39 20.01
N ARG H 387 24.71 94.93 19.85
CA ARG H 387 25.19 94.48 18.55
C ARG H 387 24.40 93.25 18.12
N GLU H 388 24.44 92.94 16.81
CA GLU H 388 23.60 91.88 16.28
C GLU H 388 24.36 90.93 15.36
N GLY H 389 24.36 89.65 15.70
CA GLY H 389 25.00 88.63 14.90
C GLY H 389 24.00 87.69 14.26
N SER H 390 24.27 87.28 13.03
CA SER H 390 23.37 86.38 12.30
C SER H 390 24.07 85.09 11.92
N ILE H 391 23.47 83.96 12.29
CA ILE H 391 24.03 82.66 11.95
C ILE H 391 23.15 81.92 10.94
N THR H 392 23.70 81.68 9.75
CA THR H 392 22.98 80.94 8.72
C THR H 392 23.28 79.45 8.86
N ALA H 393 22.25 78.67 9.19
CA ALA H 393 22.44 77.25 9.45
C ALA H 393 22.00 76.39 8.27
N ILE H 394 22.93 75.62 7.71
CA ILE H 394 22.63 74.70 6.63
C ILE H 394 22.86 73.26 7.09
N SER H 395 21.79 72.48 7.11
CA SER H 395 21.89 71.09 7.56
C SER H 395 21.39 70.12 6.51
N ALA H 396 22.17 69.09 6.24
CA ALA H 396 21.81 68.09 5.23
C ALA H 396 21.15 66.84 5.83
N VAL H 397 19.88 66.57 5.52
CA VAL H 397 19.18 65.44 6.08
C VAL H 397 18.94 64.35 5.11
N SER H 398 19.55 63.20 5.26
CA SER H 398 19.31 62.32 4.12
C SER H 398 18.45 61.06 4.34
N PRO H 399 17.21 61.10 3.82
CA PRO H 399 16.31 59.95 4.02
C PRO H 399 16.73 58.71 3.29
N SER H 400 16.52 57.53 3.87
CA SER H 400 16.89 56.29 3.21
C SER H 400 16.00 56.02 2.02
N GLY H 401 16.54 55.36 0.99
CA GLY H 401 15.80 55.06 -0.23
C GLY H 401 15.56 56.30 -1.05
N GLY H 402 15.82 57.48 -0.49
CA GLY H 402 15.61 58.73 -1.19
C GLY H 402 14.13 59.08 -1.29
N ASP H 403 13.47 59.16 -0.14
CA ASP H 403 12.04 59.49 -0.11
C ASP H 403 11.72 60.51 0.97
N ILE H 404 10.53 61.08 0.90
CA ILE H 404 10.15 62.09 1.87
C ILE H 404 9.52 61.48 3.12
N SER H 405 9.40 60.16 3.13
CA SER H 405 8.79 59.44 4.24
C SER H 405 9.59 59.58 5.54
N GLU H 406 10.91 59.64 5.36
CA GLU H 406 11.87 59.83 6.45
C GLU H 406 11.48 61.01 7.36
N PRO H 407 11.25 60.68 8.63
CA PRO H 407 10.70 61.57 9.65
C PRO H 407 11.55 62.77 10.02
N VAL H 408 12.87 62.63 10.01
CA VAL H 408 13.76 63.73 10.34
C VAL H 408 13.59 64.88 9.34
N THR H 409 13.41 64.50 8.07
CA THR H 409 13.29 65.48 7.00
C THR H 409 12.01 66.29 7.09
N GLN H 410 10.89 65.61 7.33
CA GLN H 410 9.60 66.28 7.48
C GLN H 410 9.61 67.21 8.68
N ASN H 411 10.24 66.76 9.77
CA ASN H 411 10.30 67.53 11.01
C ASN H 411 11.22 68.75 10.88
N THR H 412 12.31 68.61 10.13
CA THR H 412 13.23 69.71 9.92
C THR H 412 12.71 70.66 8.84
N LEU H 413 11.65 70.25 8.15
CA LEU H 413 11.12 71.03 7.04
C LEU H 413 10.19 72.15 7.49
N ARG H 414 9.34 71.87 8.48
CA ARG H 414 8.38 72.85 8.96
C ARG H 414 9.08 74.02 9.63
N VAL H 415 10.22 73.76 10.26
CA VAL H 415 10.96 74.80 10.98
C VAL H 415 11.81 75.65 10.04
N VAL H 416 12.45 75.02 9.06
CA VAL H 416 13.23 75.76 8.07
C VAL H 416 12.29 76.53 7.15
N LYS H 417 12.72 77.70 6.70
CA LYS H 417 11.88 78.54 5.84
C LYS H 417 12.13 78.26 4.36
N VAL H 418 13.26 77.64 4.05
CA VAL H 418 13.59 77.30 2.67
C VAL H 418 14.04 75.84 2.56
N PHE H 419 13.60 75.17 1.50
CA PHE H 419 13.89 73.75 1.32
C PHE H 419 14.55 73.46 -0.02
N TRP H 420 15.63 72.68 0.02
CA TRP H 420 16.39 72.33 -1.17
C TRP H 420 16.57 70.82 -1.32
N GLY H 421 15.80 70.21 -2.22
CA GLY H 421 15.93 68.79 -2.46
C GLY H 421 16.62 68.49 -3.78
N LEU H 422 17.78 67.84 -3.71
CA LEU H 422 18.49 67.44 -4.92
C LEU H 422 17.88 66.14 -5.45
N ASP H 423 17.53 66.12 -6.72
CA ASP H 423 16.83 64.98 -7.30
C ASP H 423 17.76 63.76 -7.45
N SER H 424 17.22 62.59 -7.14
CA SER H 424 17.98 61.34 -7.29
C SER H 424 18.37 61.10 -8.74
N SER H 425 17.41 61.29 -9.63
CA SER H 425 17.64 61.14 -11.07
C SER H 425 18.79 62.04 -11.52
N LEU H 426 18.74 63.31 -11.16
CA LEU H 426 19.79 64.26 -11.50
C LEU H 426 21.14 63.81 -10.98
N ALA H 427 21.16 63.23 -9.78
CA ALA H 427 22.38 62.71 -9.19
C ALA H 427 22.95 61.58 -10.04
N GLN H 428 22.07 60.69 -10.50
CA GLN H 428 22.46 59.64 -11.43
C GLN H 428 23.04 60.25 -12.69
N LYS H 429 22.41 61.32 -13.16
CA LYS H 429 22.90 62.08 -14.30
C LYS H 429 24.24 62.72 -13.95
N ARG H 430 24.46 62.91 -12.66
CA ARG H 430 25.66 63.56 -12.15
C ARG H 430 25.67 65.03 -12.54
N HIS H 431 24.48 65.59 -12.77
CA HIS H 431 24.38 66.99 -13.10
C HIS H 431 24.07 67.83 -11.87
N PHE H 432 24.77 68.95 -11.72
CA PHE H 432 24.62 69.78 -10.54
C PHE H 432 24.73 71.26 -10.86
N PRO H 433 24.11 72.10 -10.03
CA PRO H 433 23.35 71.70 -8.84
C PRO H 433 22.15 70.82 -9.18
N SER H 434 22.11 69.63 -8.56
CA SER H 434 21.08 68.65 -8.85
C SER H 434 19.80 68.94 -8.06
N ILE H 435 19.73 70.12 -7.46
CA ILE H 435 18.54 70.52 -6.71
C ILE H 435 17.39 70.84 -7.66
N ASN H 436 16.26 70.18 -7.46
CA ASN H 436 15.08 70.43 -8.29
C ASN H 436 14.43 71.76 -7.93
N TRP H 437 14.24 72.62 -8.93
CA TRP H 437 13.71 73.96 -8.71
C TRP H 437 12.20 73.95 -8.43
N ILE H 438 11.49 73.05 -9.10
CA ILE H 438 10.04 72.95 -8.92
C ILE H 438 9.69 72.43 -7.54
N GLN H 439 10.42 71.42 -7.09
CA GLN H 439 10.16 70.78 -5.81
C GLN H 439 10.64 71.62 -4.63
N SER H 440 11.81 72.25 -4.79
CA SER H 440 12.37 73.09 -3.74
C SER H 440 11.55 74.36 -3.55
N TYR H 441 11.16 74.65 -2.31
CA TYR H 441 10.39 75.86 -2.03
C TYR H 441 11.19 76.83 -1.17
N SER H 442 10.99 78.12 -1.43
CA SER H 442 11.67 79.17 -0.68
C SER H 442 10.70 80.28 -0.27
N LEU H 443 10.42 80.36 1.02
CA LEU H 443 9.50 81.37 1.54
C LEU H 443 10.14 82.75 1.58
N TYR H 444 11.47 82.78 1.55
CA TYR H 444 12.22 84.02 1.65
C TYR H 444 12.29 84.79 0.34
N SER H 445 11.84 84.18 -0.75
CA SER H 445 11.98 84.75 -2.08
C SER H 445 11.33 86.13 -2.20
N THR H 446 10.22 86.33 -1.50
CA THR H 446 9.50 87.59 -1.56
C THR H 446 10.28 88.72 -0.88
N GLU H 447 10.86 88.41 0.28
CA GLU H 447 11.65 89.37 1.03
C GLU H 447 12.95 89.70 0.29
N VAL H 448 13.54 88.69 -0.32
CA VAL H 448 14.79 88.85 -1.05
C VAL H 448 14.63 89.68 -2.31
N GLY H 449 13.49 89.49 -3.00
CA GLY H 449 13.23 90.16 -4.25
C GLY H 449 13.30 91.66 -4.18
N ARG H 450 12.70 92.23 -3.14
CA ARG H 450 12.68 93.69 -2.98
C ARG H 450 14.08 94.23 -2.70
N TYR H 451 14.83 93.53 -1.85
CA TYR H 451 16.19 93.91 -1.52
C TYR H 451 17.10 93.83 -2.74
N MET H 452 16.94 92.77 -3.53
CA MET H 452 17.79 92.54 -4.69
C MET H 452 17.61 93.60 -5.77
N ASP H 453 16.36 93.98 -6.04
CA ASP H 453 16.07 94.94 -7.10
C ASP H 453 16.62 96.33 -6.79
N GLN H 454 16.57 96.71 -5.51
CA GLN H 454 16.97 98.04 -5.08
C GLN H 454 18.47 98.28 -5.21
N ILE H 455 19.27 97.31 -4.79
CA ILE H 455 20.73 97.45 -4.80
C ILE H 455 21.30 97.35 -6.23
N LEU H 456 20.59 96.65 -7.10
CA LEU H 456 21.07 96.41 -8.46
C LEU H 456 20.61 97.49 -9.44
N GLN H 457 19.67 98.34 -8.99
CA GLN H 457 19.08 99.37 -9.84
C GLN H 457 18.22 98.76 -10.94
N GLN H 458 18.18 97.43 -10.99
CA GLN H 458 17.34 96.71 -11.93
C GLN H 458 16.51 95.66 -11.20
N ASP H 459 15.29 95.45 -11.67
CA ASP H 459 14.37 94.53 -11.01
C ASP H 459 14.81 93.08 -11.17
N TRP H 460 15.23 92.48 -10.06
CA TRP H 460 15.66 91.08 -10.07
C TRP H 460 14.44 90.16 -10.10
N SER H 461 13.41 90.53 -9.35
CA SER H 461 12.20 89.72 -9.25
C SER H 461 11.54 89.47 -10.60
N ASP H 462 11.49 90.50 -11.44
CA ASP H 462 10.87 90.39 -12.75
C ASP H 462 11.60 89.38 -13.63
N MET H 463 12.93 89.38 -13.55
CA MET H 463 13.74 88.45 -14.35
C MET H 463 13.76 87.07 -13.70
N VAL H 464 13.63 87.03 -12.38
CA VAL H 464 13.53 85.77 -11.65
C VAL H 464 12.20 85.09 -11.94
N THR H 465 11.13 85.87 -11.86
CA THR H 465 9.78 85.37 -12.07
C THR H 465 9.62 84.82 -13.49
N GLU H 466 10.17 85.53 -14.46
CA GLU H 466 10.11 85.09 -15.85
C GLU H 466 10.91 83.81 -16.07
N GLY H 467 12.12 83.78 -15.52
CA GLY H 467 12.97 82.61 -15.63
C GLY H 467 12.36 81.39 -14.97
N MET H 468 11.67 81.60 -13.86
CA MET H 468 11.01 80.52 -13.14
C MET H 468 9.81 79.98 -13.92
N ARG H 469 9.11 80.88 -14.60
CA ARG H 469 7.93 80.49 -15.37
C ARG H 469 8.28 79.63 -16.58
N ILE H 470 9.43 79.92 -17.18
CA ILE H 470 9.91 79.14 -18.31
C ILE H 470 10.21 77.71 -17.88
N LEU H 471 10.77 77.57 -16.68
CA LEU H 471 11.07 76.26 -16.12
C LEU H 471 9.80 75.51 -15.76
N GLN H 472 8.86 76.22 -15.14
CA GLN H 472 7.57 75.65 -14.79
C GLN H 472 6.79 75.28 -16.04
N GLU H 473 6.94 76.08 -17.09
CA GLU H 473 6.26 75.84 -18.35
C GLU H 473 6.87 74.68 -19.11
N GLU H 474 8.17 74.46 -18.90
CA GLU H 474 8.88 73.36 -19.55
C GLU H 474 8.33 72.01 -19.10
N GLU H 475 8.11 71.88 -17.80
CA GLU H 475 7.54 70.67 -17.22
C GLU H 475 6.19 70.36 -17.86
N GLN H 476 5.35 71.38 -17.99
CA GLN H 476 4.05 71.22 -18.61
C GLN H 476 4.18 71.01 -20.11
N LEU H 477 5.20 71.62 -20.70
CA LEU H 477 5.47 71.47 -22.12
C LEU H 477 6.01 70.07 -22.44
N ASN H 478 6.91 69.59 -21.59
CA ASN H 478 7.52 68.27 -21.79
C ASN H 478 6.51 67.15 -21.79
N GLU H 479 5.49 67.27 -20.94
CA GLU H 479 4.44 66.26 -20.87
C GLU H 479 3.70 66.15 -22.20
N ILE H 480 3.46 67.29 -22.83
CA ILE H 480 2.79 67.32 -24.13
C ILE H 480 3.63 66.66 -25.21
N VAL H 481 4.94 66.88 -25.14
CA VAL H 481 5.87 66.39 -26.15
C VAL H 481 5.84 64.86 -26.29
N ARG H 482 5.79 64.17 -25.16
CA ARG H 482 5.86 62.71 -25.15
C ARG H 482 4.67 62.06 -25.86
N LEU H 483 3.55 62.76 -25.94
CA LEU H 483 2.35 62.21 -26.55
C LEU H 483 2.22 62.53 -28.04
N VAL H 484 2.71 63.70 -28.44
CA VAL H 484 2.55 64.15 -29.83
C VAL H 484 3.88 64.37 -30.53
N GLY H 485 4.98 64.35 -29.78
CA GLY H 485 6.29 64.55 -30.35
C GLY H 485 6.73 66.00 -30.32
N ILE H 486 8.04 66.21 -30.31
CA ILE H 486 8.61 67.55 -30.23
C ILE H 486 8.31 68.37 -31.48
N ASP H 487 8.11 67.69 -32.60
CA ASP H 487 7.87 68.35 -33.88
C ASP H 487 6.44 68.92 -33.96
N SER H 488 5.53 68.30 -33.21
CA SER H 488 4.13 68.69 -33.24
C SER H 488 3.87 70.06 -32.59
N LEU H 489 4.67 70.38 -31.58
CA LEU H 489 4.52 71.65 -30.88
C LEU H 489 4.74 72.84 -31.80
N SER H 490 4.01 73.94 -31.55
CA SER H 490 4.16 75.15 -32.32
C SER H 490 5.52 75.80 -32.06
N ASP H 491 5.92 76.71 -32.94
CA ASP H 491 7.24 77.32 -32.88
C ASP H 491 7.46 78.13 -31.60
N ASN H 492 6.42 78.80 -31.12
CA ASN H 492 6.52 79.58 -29.89
C ASN H 492 6.69 78.68 -28.67
N ASP H 493 6.02 77.52 -28.71
CA ASP H 493 6.12 76.55 -27.63
C ASP H 493 7.48 75.85 -27.67
N ARG H 494 7.94 75.57 -28.89
CA ARG H 494 9.25 74.93 -29.08
C ARG H 494 10.37 75.91 -28.73
N LEU H 495 10.10 77.20 -28.86
CA LEU H 495 11.06 78.24 -28.53
C LEU H 495 11.28 78.31 -27.03
N THR H 496 10.22 78.07 -26.26
CA THR H 496 10.29 78.13 -24.81
C THR H 496 11.23 77.05 -24.26
N LEU H 497 11.24 75.90 -24.90
CA LEU H 497 12.11 74.79 -24.48
C LEU H 497 13.58 75.14 -24.64
N GLU H 498 13.91 75.81 -25.74
CA GLU H 498 15.28 76.23 -26.00
C GLU H 498 15.72 77.31 -25.00
N VAL H 499 14.79 78.18 -24.65
CA VAL H 499 15.04 79.20 -23.64
C VAL H 499 15.16 78.56 -22.26
N ALA H 500 14.29 77.58 -22.01
CA ALA H 500 14.33 76.84 -20.76
C ALA H 500 15.63 76.06 -20.64
N LYS H 501 16.10 75.54 -21.77
CA LYS H 501 17.37 74.81 -21.81
C LYS H 501 18.53 75.73 -21.48
N SER H 502 18.72 76.76 -22.30
CA SER H 502 19.81 77.71 -22.12
C SER H 502 19.83 78.28 -20.71
N ILE H 503 18.65 78.59 -20.18
CA ILE H 503 18.52 79.05 -18.81
C ILE H 503 19.00 77.96 -17.86
N ARG H 504 18.50 76.74 -18.07
CA ARG H 504 18.95 75.59 -17.31
C ARG H 504 20.44 75.40 -17.48
N GLU H 505 20.86 75.27 -18.75
CA GLU H 505 22.23 74.91 -19.11
C GLU H 505 23.33 75.72 -18.43
N ASP H 506 23.04 76.96 -18.06
CA ASP H 506 24.07 77.82 -17.47
C ASP H 506 23.72 78.25 -16.05
N TYR H 507 22.51 78.78 -15.88
CA TYR H 507 22.09 79.29 -14.58
C TYR H 507 21.94 78.18 -13.55
N LEU H 508 21.34 77.08 -13.97
CA LEU H 508 21.09 75.96 -13.08
C LEU H 508 22.20 74.91 -13.18
N GLN H 509 23.18 75.17 -14.03
CA GLN H 509 24.30 74.24 -14.22
C GLN H 509 25.62 74.89 -13.81
N GLN H 510 26.24 74.35 -12.76
CA GLN H 510 27.49 74.90 -12.26
C GLN H 510 28.38 73.82 -11.67
N ASN H 511 29.65 73.84 -12.08
CA ASN H 511 30.64 72.91 -11.54
C ASN H 511 31.42 73.54 -10.40
N ALA H 512 31.45 72.87 -9.26
CA ALA H 512 32.14 73.37 -8.09
C ALA H 512 33.65 73.20 -8.22
N PHE H 513 34.07 72.29 -9.08
CA PHE H 513 35.49 72.00 -9.28
C PHE H 513 36.16 73.06 -10.15
N ASP H 514 35.44 73.55 -11.15
CA ASP H 514 35.97 74.61 -12.01
C ASP H 514 36.10 75.91 -11.23
N ASP H 515 37.28 76.51 -11.30
CA ASP H 515 37.59 77.72 -10.52
C ASP H 515 36.70 78.90 -10.90
N VAL H 516 36.45 79.07 -12.20
CA VAL H 516 35.65 80.19 -12.68
C VAL H 516 34.17 79.89 -12.53
N ASP H 517 33.82 78.61 -12.62
CA ASP H 517 32.43 78.18 -12.54
C ASP H 517 31.93 78.15 -11.10
N THR H 518 32.81 77.76 -10.18
CA THR H 518 32.45 77.56 -8.79
C THR H 518 31.97 78.84 -8.10
N PHE H 519 32.58 79.97 -8.46
CA PHE H 519 32.22 81.24 -7.84
C PHE H 519 31.68 82.23 -8.88
N THR H 520 30.43 82.63 -8.68
CA THR H 520 29.81 83.62 -9.56
C THR H 520 29.37 84.85 -8.76
N SER H 521 29.78 86.02 -9.23
CA SER H 521 29.46 87.28 -8.55
C SER H 521 27.96 87.54 -8.57
N ARG H 522 27.48 88.30 -7.59
CA ARG H 522 26.09 88.70 -7.54
C ARG H 522 25.73 89.50 -8.78
N GLU H 523 26.67 90.35 -9.20
CA GLU H 523 26.48 91.16 -10.39
C GLU H 523 26.66 90.33 -11.66
N LYS H 524 27.46 89.28 -11.54
CA LYS H 524 27.75 88.39 -12.67
C LYS H 524 26.53 87.54 -13.03
N GLN H 525 25.75 87.17 -12.02
CA GLN H 525 24.53 86.41 -12.25
C GLN H 525 23.51 87.25 -13.02
N PHE H 526 23.49 88.55 -12.73
CA PHE H 526 22.61 89.47 -13.41
C PHE H 526 22.90 89.52 -14.91
N ASN H 527 24.17 89.70 -15.26
CA ASN H 527 24.58 89.75 -16.66
C ASN H 527 24.35 88.42 -17.38
N MET H 528 24.65 87.32 -16.70
CA MET H 528 24.47 86.00 -17.29
C MET H 528 23.00 85.71 -17.58
N LEU H 529 22.14 85.97 -16.59
CA LEU H 529 20.71 85.73 -16.74
C LEU H 529 20.10 86.66 -17.79
N LYS H 530 20.58 87.88 -17.83
CA LYS H 530 20.05 88.90 -18.74
C LYS H 530 20.30 88.51 -20.19
N VAL H 531 21.43 87.84 -20.44
CA VAL H 531 21.75 87.34 -21.78
C VAL H 531 20.76 86.28 -22.21
N ILE H 532 20.44 85.38 -21.28
CA ILE H 532 19.49 84.30 -21.56
C ILE H 532 18.09 84.84 -21.79
N LEU H 533 17.70 85.82 -20.98
CA LEU H 533 16.39 86.47 -21.09
C LEU H 533 16.26 87.22 -22.42
N THR H 534 17.26 88.05 -22.71
CA THR H 534 17.25 88.90 -23.90
C THR H 534 17.05 88.10 -25.19
N PHE H 535 17.70 86.94 -25.28
CA PHE H 535 17.51 86.06 -26.44
C PHE H 535 16.05 85.66 -26.53
N GLY H 536 15.50 85.19 -25.42
CA GLY H 536 14.10 84.78 -25.36
C GLY H 536 13.15 85.92 -25.68
N LYS H 537 13.44 87.10 -25.15
CA LYS H 537 12.59 88.26 -25.37
C LYS H 537 12.76 88.80 -26.79
N GLU H 538 14.00 88.78 -27.28
CA GLU H 538 14.29 89.16 -28.66
C GLU H 538 13.66 88.18 -29.62
N ALA H 539 13.71 86.89 -29.27
CA ALA H 539 13.16 85.84 -30.10
C ALA H 539 11.64 85.98 -30.24
N ARG H 540 10.97 86.28 -29.13
CA ARG H 540 9.52 86.46 -29.14
C ARG H 540 9.11 87.59 -30.06
N LYS H 541 9.85 88.70 -30.01
CA LYS H 541 9.62 89.80 -30.93
C LYS H 541 9.94 89.38 -32.36
N ALA H 542 10.99 88.59 -32.51
CA ALA H 542 11.39 88.08 -33.81
C ALA H 542 10.46 86.98 -34.29
N LEU H 543 9.95 86.20 -33.34
CA LEU H 543 9.02 85.12 -33.66
C LEU H 543 7.68 85.67 -34.10
N SER H 544 7.27 86.76 -33.48
CA SER H 544 5.99 87.41 -33.81
C SER H 544 6.01 88.01 -35.21
N LEU H 545 7.21 88.23 -35.73
CA LEU H 545 7.36 88.70 -37.11
C LEU H 545 6.95 87.61 -38.10
N GLY H 546 6.96 86.38 -37.64
CA GLY H 546 6.58 85.25 -38.47
C GLY H 546 7.79 84.48 -38.98
N ALA H 547 8.98 84.94 -38.61
CA ALA H 547 10.21 84.29 -39.01
C ALA H 547 10.29 82.86 -38.45
N TYR H 548 10.74 81.94 -39.28
CA TYR H 548 10.83 80.54 -38.89
C TYR H 548 11.74 80.33 -37.68
N PHE H 549 11.24 79.58 -36.70
CA PHE H 549 12.00 79.29 -35.49
C PHE H 549 13.28 78.52 -35.80
N ASN H 550 13.18 77.58 -36.73
CA ASN H 550 14.32 76.77 -37.11
C ASN H 550 15.45 77.60 -37.72
N GLU H 551 15.07 78.62 -38.49
CA GLU H 551 16.04 79.51 -39.12
C GLU H 551 16.75 80.38 -38.10
N ILE H 552 16.03 80.78 -37.06
CA ILE H 552 16.59 81.64 -36.02
C ILE H 552 17.69 80.92 -35.24
N MET H 553 17.48 79.62 -35.00
CA MET H 553 18.42 78.83 -34.21
C MET H 553 19.75 78.63 -34.94
N GLU H 554 19.67 78.38 -36.23
CA GLU H 554 20.86 78.13 -37.03
C GLU H 554 21.72 79.39 -37.18
N GLY H 555 21.06 80.52 -37.38
CA GLY H 555 21.76 81.78 -37.57
C GLY H 555 22.38 82.34 -36.31
N THR H 556 21.75 82.06 -35.17
CA THR H 556 22.23 82.57 -33.89
C THR H 556 23.02 81.52 -33.13
N VAL H 557 23.42 80.46 -33.81
CA VAL H 557 24.18 79.38 -33.19
C VAL H 557 25.54 79.85 -32.68
N ALA H 558 26.21 80.67 -33.48
CA ALA H 558 27.51 81.20 -33.11
C ALA H 558 27.41 82.14 -31.91
N VAL H 559 26.35 82.93 -31.89
CA VAL H 559 26.12 83.85 -30.78
C VAL H 559 25.64 83.11 -29.53
N ARG H 560 24.88 82.04 -29.74
CA ARG H 560 24.36 81.25 -28.63
C ARG H 560 25.48 80.44 -27.97
N GLU H 561 26.50 80.11 -28.73
CA GLU H 561 27.63 79.34 -28.22
C GLU H 561 28.42 80.14 -27.18
N ARG H 562 28.42 81.46 -27.33
CA ARG H 562 29.13 82.33 -26.40
C ARG H 562 28.49 82.30 -25.02
N ILE H 563 27.16 82.19 -24.99
CA ILE H 563 26.43 82.15 -23.73
C ILE H 563 26.86 80.95 -22.90
N SER H 564 27.04 79.81 -23.56
CA SER H 564 27.48 78.59 -22.91
C SER H 564 28.82 78.77 -22.21
N ARG H 565 29.70 79.53 -22.86
CA ARG H 565 31.04 79.78 -22.31
C ARG H 565 31.11 81.15 -21.64
N SER H 566 29.96 81.82 -21.56
CA SER H 566 29.90 83.16 -20.96
C SER H 566 30.09 83.10 -19.44
N LYS H 567 29.75 81.96 -18.85
CA LYS H 567 29.87 81.80 -17.41
C LYS H 567 31.33 81.67 -16.98
N TYR H 568 32.20 81.36 -17.93
CA TYR H 568 33.62 81.18 -17.65
C TYR H 568 34.39 82.49 -17.74
N ILE H 569 33.68 83.58 -18.01
CA ILE H 569 34.31 84.89 -18.11
C ILE H 569 34.63 85.46 -16.74
N PRO H 570 35.88 85.92 -16.54
CA PRO H 570 36.39 86.47 -15.28
C PRO H 570 35.47 87.55 -14.70
N GLU H 571 35.43 87.63 -13.38
CA GLU H 571 34.56 88.57 -12.67
C GLU H 571 34.99 90.01 -12.90
N GLU H 572 36.30 90.23 -12.97
CA GLU H 572 36.84 91.56 -13.24
C GLU H 572 36.32 92.07 -14.58
N GLU H 573 36.31 91.18 -15.57
CA GLU H 573 35.77 91.51 -16.89
C GLU H 573 34.27 91.26 -16.89
N LEU H 574 33.56 91.97 -16.03
CA LEU H 574 32.12 91.81 -15.88
C LEU H 574 31.36 92.30 -17.11
N ALA H 575 31.91 93.31 -17.78
CA ALA H 575 31.23 93.98 -18.88
C ALA H 575 31.09 93.12 -20.13
N LYS H 576 32.09 92.29 -20.40
CA LYS H 576 32.10 91.46 -21.62
C LYS H 576 30.84 90.61 -21.71
N ILE H 577 30.32 90.21 -20.56
CA ILE H 577 29.08 89.45 -20.50
C ILE H 577 27.88 90.37 -20.70
N SER H 578 27.98 91.59 -20.18
CA SER H 578 26.89 92.56 -20.27
C SER H 578 26.69 93.04 -21.70
N SER H 579 27.76 93.02 -22.47
CA SER H 579 27.72 93.54 -23.82
C SER H 579 27.04 92.59 -24.79
N ILE H 580 26.97 91.32 -24.42
CA ILE H 580 26.38 90.28 -25.27
C ILE H 580 24.98 90.63 -25.76
N ASN H 581 24.25 91.41 -24.97
CA ASN H 581 22.88 91.78 -25.29
C ASN H 581 22.76 92.53 -26.61
N GLU H 582 23.67 93.48 -26.84
CA GLU H 582 23.63 94.29 -28.05
C GLU H 582 23.90 93.46 -29.30
N GLU H 583 24.77 92.46 -29.17
CA GLU H 583 25.06 91.56 -30.28
C GLU H 583 23.84 90.70 -30.61
N ILE H 584 23.19 90.21 -29.57
CA ILE H 584 21.98 89.41 -29.72
C ILE H 584 20.91 90.17 -30.48
N LYS H 585 20.76 91.46 -30.15
CA LYS H 585 19.78 92.31 -30.81
C LYS H 585 20.09 92.47 -32.29
N GLU H 586 21.32 92.87 -32.59
CA GLU H 586 21.73 93.13 -33.97
C GLU H 586 21.70 91.86 -34.84
N THR H 587 22.18 90.75 -34.29
CA THR H 587 22.26 89.51 -35.04
C THR H 587 20.88 88.89 -35.27
N ILE H 588 20.01 89.00 -34.27
CA ILE H 588 18.67 88.45 -34.37
C ILE H 588 17.76 89.36 -35.20
N GLN H 589 17.96 90.67 -35.06
CA GLN H 589 17.18 91.64 -35.81
C GLN H 589 17.61 91.72 -37.26
N LEU H 590 18.67 90.98 -37.60
CA LEU H 590 19.15 90.91 -38.97
C LEU H 590 18.12 90.23 -39.86
N ILE H 591 17.37 89.30 -39.27
CA ILE H 591 16.35 88.55 -39.99
C ILE H 591 15.04 89.33 -40.04
N MET I 8 -22.34 48.53 55.98
CA MET I 8 -21.61 47.81 54.95
C MET I 8 -20.10 47.87 55.17
N GLN I 9 -19.35 47.80 54.08
CA GLN I 9 -17.90 47.84 54.15
C GLN I 9 -17.32 48.95 53.28
N ILE I 10 -16.33 49.65 53.82
CA ILE I 10 -15.72 50.77 53.11
C ILE I 10 -14.26 50.48 52.76
N GLY I 11 -13.88 50.83 51.53
CA GLY I 11 -12.54 50.55 51.06
C GLY I 11 -11.72 51.78 50.76
N LYS I 12 -10.71 52.02 51.59
CA LYS I 12 -9.74 53.09 51.35
C LYS I 12 -9.06 52.90 50.00
N ILE I 13 -8.74 53.99 49.32
CA ILE I 13 -8.08 53.89 48.02
C ILE I 13 -6.56 53.89 48.17
N ILE I 14 -5.91 52.88 47.59
CA ILE I 14 -4.46 52.85 47.55
C ILE I 14 -3.94 53.68 46.39
N LYS I 15 -4.63 53.60 45.25
CA LYS I 15 -4.20 54.33 44.06
C LYS I 15 -5.36 54.72 43.14
N VAL I 16 -5.20 55.87 42.49
CA VAL I 16 -6.12 56.32 41.46
C VAL I 16 -5.34 56.79 40.24
N SER I 17 -5.44 56.04 39.15
CA SER I 17 -4.73 56.39 37.91
C SER I 17 -5.69 56.61 36.77
N GLY I 18 -5.86 57.88 36.38
CA GLY I 18 -6.73 58.23 35.28
C GLY I 18 -8.16 57.77 35.49
N PRO I 19 -8.66 56.94 34.57
CA PRO I 19 -10.01 56.36 34.66
C PRO I 19 -10.05 55.11 35.53
N LEU I 20 -8.92 54.73 36.11
CA LEU I 20 -8.83 53.52 36.92
C LEU I 20 -8.59 53.85 38.39
N VAL I 21 -9.36 53.22 39.27
CA VAL I 21 -9.22 53.44 40.71
C VAL I 21 -9.05 52.12 41.45
N MET I 22 -8.16 52.09 42.43
CA MET I 22 -7.93 50.88 43.22
C MET I 22 -8.02 51.15 44.72
N ALA I 23 -9.00 50.53 45.36
CA ALA I 23 -9.20 50.68 46.81
C ALA I 23 -8.36 49.66 47.58
N GLU I 24 -7.97 50.02 48.80
CA GLU I 24 -7.09 49.18 49.61
C GLU I 24 -7.72 47.85 50.00
N ASN I 25 -9.00 47.87 50.34
CA ASN I 25 -9.73 46.66 50.68
C ASN I 25 -11.10 46.68 50.05
N MET I 26 -11.17 46.45 48.75
CA MET I 26 -12.43 46.44 48.03
C MET I 26 -13.32 45.33 48.60
N SER I 27 -12.71 44.17 48.81
CA SER I 27 -13.34 43.05 49.50
C SER I 27 -14.66 42.60 48.87
N GLU I 28 -15.75 42.73 49.61
CA GLU I 28 -16.97 41.99 49.32
C GLU I 28 -17.85 42.51 48.18
N ALA I 29 -17.72 43.79 47.82
CA ALA I 29 -18.52 44.39 46.75
C ALA I 29 -18.46 43.53 45.49
N CYS I 30 -19.59 43.21 44.89
CA CYS I 30 -19.61 42.24 43.79
C CYS I 30 -19.07 42.80 42.47
N ILE I 31 -18.55 41.91 41.62
CA ILE I 31 -18.13 42.28 40.27
C ILE I 31 -19.30 42.87 39.49
N GLN I 32 -19.03 43.92 38.71
CA GLN I 32 -20.04 44.57 37.89
C GLN I 32 -21.01 45.40 38.73
N ASP I 33 -20.61 45.72 39.95
CA ASP I 33 -21.43 46.54 40.84
C ASP I 33 -20.86 47.94 40.96
N MET I 34 -21.73 48.95 40.81
CA MET I 34 -21.33 50.35 40.93
C MET I 34 -20.82 50.64 42.33
N CYS I 35 -20.16 51.78 42.49
CA CYS I 35 -19.68 52.20 43.81
C CYS I 35 -19.30 53.67 43.81
N LEU I 36 -19.64 54.36 44.90
CA LEU I 36 -19.24 55.74 45.07
C LEU I 36 -17.77 55.79 45.49
N VAL I 37 -16.99 56.64 44.82
CA VAL I 37 -15.54 56.61 44.98
C VAL I 37 -14.98 57.90 45.56
N GLY I 38 -14.45 57.81 46.78
CA GLY I 38 -13.77 58.93 47.42
C GLY I 38 -14.68 59.82 48.24
N ASP I 39 -14.09 60.88 48.80
CA ASP I 39 -14.86 61.89 49.53
C ASP I 39 -15.90 62.50 48.62
N LEU I 40 -15.54 62.67 47.36
CA LEU I 40 -16.46 63.18 46.35
C LEU I 40 -17.56 62.16 46.11
N GLY I 41 -17.18 60.88 46.11
CA GLY I 41 -18.12 59.80 45.92
C GLY I 41 -18.59 59.68 44.48
N VAL I 42 -17.70 59.99 43.54
CA VAL I 42 -18.02 59.89 42.12
C VAL I 42 -18.37 58.45 41.76
N ILE I 43 -19.45 58.29 40.99
CA ILE I 43 -19.92 56.97 40.61
C ILE I 43 -18.92 56.26 39.70
N GLY I 44 -18.72 54.98 39.94
CA GLY I 44 -17.77 54.19 39.17
C GLY I 44 -18.19 52.75 38.98
N GLU I 45 -17.69 52.14 37.92
CA GLU I 45 -18.00 50.75 37.60
C GLU I 45 -16.79 49.85 37.83
N ILE I 46 -16.99 48.79 38.61
CA ILE I 46 -15.90 47.87 38.93
C ILE I 46 -15.97 46.61 38.07
N ILE I 47 -14.98 46.44 37.20
CA ILE I 47 -14.95 45.32 36.26
C ILE I 47 -14.60 44.00 36.94
N GLU I 48 -13.71 44.04 37.91
CA GLU I 48 -13.32 42.82 38.62
C GLU I 48 -12.61 43.10 39.94
N MET I 49 -12.45 42.04 40.73
CA MET I 49 -11.78 42.14 42.03
C MET I 49 -10.61 41.18 42.14
N ARG I 50 -9.49 41.70 42.60
CA ARG I 50 -8.29 40.90 42.73
C ARG I 50 -7.79 40.95 44.17
N GLN I 51 -7.71 39.79 44.81
CA GLN I 51 -7.25 39.73 46.19
C GLN I 51 -8.17 40.57 47.08
N ASP I 52 -7.59 41.51 47.81
CA ASP I 52 -8.38 42.40 48.66
C ASP I 52 -8.63 43.74 47.96
N VAL I 53 -8.18 43.87 46.72
CA VAL I 53 -8.27 45.14 46.00
C VAL I 53 -8.80 45.02 44.57
N ALA I 54 -9.89 45.73 44.28
CA ALA I 54 -10.43 45.73 42.93
C ALA I 54 -10.19 47.07 42.23
N SER I 55 -9.96 47.03 40.93
CA SER I 55 -9.75 48.24 40.14
C SER I 55 -11.09 48.84 39.70
N ILE I 56 -11.42 49.98 40.28
CA ILE I 56 -12.67 50.67 39.96
C ILE I 56 -12.52 51.54 38.72
N GLN I 57 -13.40 51.32 37.75
CA GLN I 57 -13.49 52.20 36.59
C GLN I 57 -14.54 53.28 36.85
N VAL I 58 -14.07 54.51 37.05
CA VAL I 58 -14.98 55.62 37.33
C VAL I 58 -15.20 56.46 36.08
N TYR I 59 -16.44 56.92 35.91
CA TYR I 59 -16.79 57.74 34.75
C TYR I 59 -16.37 59.19 34.96
N GLU I 60 -16.90 59.82 36.00
CA GLU I 60 -16.54 61.20 36.32
C GLU I 60 -15.02 61.38 36.43
N GLU I 61 -14.55 62.59 36.14
CA GLU I 61 -13.14 62.91 36.25
C GLU I 61 -12.61 62.58 37.65
N THR I 62 -11.35 62.17 37.72
CA THR I 62 -10.76 61.74 38.98
C THR I 62 -9.81 62.78 39.55
N SER I 63 -9.92 64.02 39.09
CA SER I 63 -9.10 65.11 39.60
C SER I 63 -9.44 65.41 41.04
N GLY I 64 -8.42 65.68 41.84
CA GLY I 64 -8.61 65.99 43.26
C GLY I 64 -8.92 64.75 44.08
N ILE I 65 -8.52 63.59 43.57
CA ILE I 65 -8.71 62.34 44.28
C ILE I 65 -7.39 61.87 44.91
N GLY I 66 -7.46 61.46 46.18
CA GLY I 66 -6.25 61.10 46.90
C GLY I 66 -6.31 59.78 47.63
N PRO I 67 -5.13 59.20 47.92
CA PRO I 67 -5.09 57.93 48.67
C PRO I 67 -5.66 58.10 50.06
N GLY I 68 -6.23 57.03 50.61
CA GLY I 68 -6.88 57.09 51.90
C GLY I 68 -8.33 57.49 51.76
N GLU I 69 -8.75 57.71 50.52
CA GLU I 69 -10.12 58.11 50.23
C GLU I 69 -11.06 56.91 50.31
N PRO I 70 -12.23 57.09 50.94
CA PRO I 70 -13.19 56.01 51.15
C PRO I 70 -14.01 55.68 49.91
N VAL I 71 -13.85 54.47 49.40
CA VAL I 71 -14.69 53.98 48.31
C VAL I 71 -15.84 53.18 48.90
N ARG I 72 -17.01 53.28 48.28
CA ARG I 72 -18.24 52.83 48.91
C ARG I 72 -19.20 52.16 47.92
N SER I 73 -19.31 50.84 48.02
CA SER I 73 -20.04 50.04 47.04
C SER I 73 -21.55 50.25 47.08
N THR I 74 -22.16 50.32 45.90
CA THR I 74 -23.60 50.48 45.77
C THR I 74 -24.31 49.15 46.00
N GLY I 75 -23.66 48.06 45.59
CA GLY I 75 -24.20 46.73 45.78
C GLY I 75 -25.08 46.25 44.65
N GLU I 76 -25.25 47.09 43.63
CA GLU I 76 -26.09 46.73 42.49
C GLU I 76 -25.38 47.05 41.17
N ALA I 77 -25.73 46.30 40.13
CA ALA I 77 -25.18 46.54 38.80
C ALA I 77 -25.84 47.75 38.16
N LEU I 78 -25.25 48.25 37.08
CA LEU I 78 -25.79 49.41 36.38
C LEU I 78 -27.15 49.08 35.76
N SER I 79 -28.14 49.92 36.06
CA SER I 79 -29.49 49.72 35.52
C SER I 79 -30.10 51.05 35.12
N VAL I 80 -30.84 51.03 34.01
CA VAL I 80 -31.54 52.23 33.55
C VAL I 80 -32.93 52.28 34.18
N GLU I 81 -33.25 53.39 34.83
CA GLU I 81 -34.59 53.59 35.37
C GLU I 81 -35.59 53.64 34.21
N LEU I 82 -36.73 53.00 34.39
CA LEU I 82 -37.72 52.91 33.32
C LEU I 82 -39.13 53.23 33.81
N GLY I 83 -39.60 54.43 33.49
CA GLY I 83 -40.93 54.85 33.86
C GLY I 83 -41.50 55.84 32.86
N PRO I 84 -42.77 56.22 33.04
CA PRO I 84 -43.44 57.21 32.19
C PRO I 84 -42.70 58.55 32.19
N GLY I 85 -42.30 59.00 31.01
CA GLY I 85 -41.57 60.25 30.88
C GLY I 85 -40.16 60.05 30.34
N ILE I 86 -39.82 58.79 30.07
CA ILE I 86 -38.50 58.46 29.55
C ILE I 86 -38.30 59.05 28.16
N ILE I 87 -39.32 58.98 27.33
CA ILE I 87 -39.24 59.54 25.98
C ILE I 87 -39.31 61.06 26.06
N SER I 88 -38.81 61.72 25.02
CA SER I 88 -38.76 63.18 24.96
C SER I 88 -37.71 63.74 25.93
N GLN I 89 -37.02 62.85 26.62
CA GLN I 89 -35.97 63.24 27.56
C GLN I 89 -34.60 62.83 27.03
N MET I 90 -33.60 63.66 27.29
CA MET I 90 -32.22 63.37 26.90
C MET I 90 -31.39 63.03 28.14
N PHE I 91 -30.63 61.93 28.06
CA PHE I 91 -29.87 61.46 29.20
C PHE I 91 -28.40 61.25 28.86
N ASP I 92 -27.55 61.30 29.86
CA ASP I 92 -26.14 60.91 29.72
C ASP I 92 -26.05 59.41 29.47
N GLY I 93 -24.82 58.92 29.29
CA GLY I 93 -24.59 57.51 29.05
C GLY I 93 -25.24 56.60 30.09
N ILE I 94 -25.14 57.01 31.35
CA ILE I 94 -25.71 56.25 32.46
C ILE I 94 -27.22 56.53 32.61
N GLN I 95 -27.77 57.29 31.66
CA GLN I 95 -29.20 57.56 31.58
C GLN I 95 -29.70 58.54 32.64
N ARG I 96 -28.89 59.54 32.96
CA ARG I 96 -29.34 60.66 33.79
C ARG I 96 -29.75 61.82 32.89
N PRO I 97 -30.94 62.40 33.16
CA PRO I 97 -31.46 63.50 32.36
C PRO I 97 -30.53 64.70 32.31
N LEU I 98 -30.42 65.35 31.16
CA LEU I 98 -29.56 66.51 31.02
C LEU I 98 -30.28 67.81 31.34
N ASP I 99 -31.58 67.87 31.03
CA ASP I 99 -32.38 69.04 31.30
C ASP I 99 -32.59 69.22 32.79
N THR I 100 -32.74 68.11 33.50
CA THR I 100 -32.92 68.12 34.95
C THR I 100 -31.64 68.50 35.66
N PHE I 101 -30.52 68.05 35.09
CA PHE I 101 -29.20 68.28 35.69
C PHE I 101 -28.86 69.77 35.73
N MET I 102 -29.18 70.48 34.65
CA MET I 102 -28.89 71.90 34.54
C MET I 102 -29.68 72.73 35.56
N GLU I 103 -30.94 72.37 35.76
CA GLU I 103 -31.81 73.09 36.69
C GLU I 103 -31.34 72.94 38.13
N VAL I 104 -30.96 71.72 38.49
CA VAL I 104 -30.50 71.44 39.85
C VAL I 104 -29.15 72.08 40.13
N THR I 105 -28.22 71.95 39.18
CA THR I 105 -26.88 72.50 39.34
C THR I 105 -26.87 74.02 39.21
N GLN I 106 -27.88 74.56 38.53
CA GLN I 106 -27.97 76.00 38.29
C GLN I 106 -26.80 76.50 37.45
N SER I 107 -26.09 75.56 36.82
CA SER I 107 -24.95 75.89 35.97
C SER I 107 -25.00 75.09 34.68
N ASN I 108 -24.78 75.77 33.56
CA ASN I 108 -24.78 75.12 32.25
C ASN I 108 -23.67 74.09 32.16
N PHE I 109 -22.54 74.39 32.78
CA PHE I 109 -21.38 73.49 32.77
C PHE I 109 -21.67 72.25 33.60
N LEU I 110 -21.23 71.09 33.10
CA LEU I 110 -21.47 69.82 33.78
C LEU I 110 -20.78 69.75 35.14
N GLY I 111 -21.49 69.19 36.12
CA GLY I 111 -20.95 69.05 37.46
C GLY I 111 -20.55 67.61 37.75
N ARG I 112 -19.42 67.45 38.45
CA ARG I 112 -18.89 66.12 38.76
C ARG I 112 -19.48 65.55 40.05
N GLY I 113 -19.48 64.23 40.15
CA GLY I 113 -19.92 63.55 41.35
C GLY I 113 -21.34 63.85 41.77
N VAL I 114 -22.23 63.97 40.79
CA VAL I 114 -23.63 64.27 41.07
C VAL I 114 -24.53 63.12 40.64
N GLN I 115 -25.34 62.62 41.57
CA GLN I 115 -26.25 61.52 41.29
C GLN I 115 -27.70 62.00 41.25
N LEU I 116 -28.36 61.77 40.13
CA LEU I 116 -29.76 62.18 39.96
C LEU I 116 -30.62 61.04 39.45
N PRO I 117 -31.88 60.99 39.89
CA PRO I 117 -32.85 60.02 39.39
C PRO I 117 -33.01 60.12 37.87
N ALA I 118 -32.87 59.00 37.19
CA ALA I 118 -32.97 58.96 35.73
C ALA I 118 -34.33 59.48 35.25
N LEU I 119 -35.37 59.13 35.99
CA LEU I 119 -36.73 59.54 35.64
C LEU I 119 -37.42 60.21 36.81
N ASP I 120 -38.04 61.36 36.54
CA ASP I 120 -38.72 62.13 37.57
C ASP I 120 -39.93 61.38 38.11
N HIS I 121 -39.95 61.20 39.43
CA HIS I 121 -41.06 60.51 40.09
C HIS I 121 -42.13 61.50 40.50
N GLU I 122 -41.75 62.78 40.53
CA GLU I 122 -42.64 63.85 40.95
C GLU I 122 -43.86 63.97 40.03
N LYS I 123 -43.62 63.94 38.72
CA LYS I 123 -44.70 64.10 37.75
C LYS I 123 -45.69 62.96 37.82
N GLN I 124 -46.97 63.28 37.71
CA GLN I 124 -48.03 62.29 37.80
C GLN I 124 -48.58 61.94 36.42
N TRP I 125 -48.41 60.67 36.04
CA TRP I 125 -48.88 60.18 34.75
C TRP I 125 -50.15 59.38 34.92
N TRP I 126 -51.18 59.71 34.14
CA TRP I 126 -52.47 59.03 34.24
C TRP I 126 -52.34 57.56 33.86
N PHE I 127 -52.51 56.69 34.84
CA PHE I 127 -52.44 55.25 34.60
C PHE I 127 -53.84 54.63 34.55
N GLU I 128 -54.08 53.83 33.52
CA GLU I 128 -55.33 53.10 33.38
C GLU I 128 -55.05 51.61 33.38
N ALA I 129 -55.74 50.87 34.25
CA ALA I 129 -55.49 49.45 34.40
C ALA I 129 -56.39 48.60 33.50
N THR I 130 -55.78 47.90 32.56
CA THR I 130 -56.51 47.04 31.64
C THR I 130 -56.83 45.69 32.26
N ILE I 131 -55.93 45.21 33.11
CA ILE I 131 -56.06 43.89 33.71
C ILE I 131 -57.07 43.88 34.85
N GLU I 132 -57.67 42.72 35.10
CA GLU I 132 -58.66 42.58 36.16
C GLU I 132 -58.16 41.63 37.24
N GLU I 133 -58.83 41.63 38.38
CA GLU I 133 -58.39 40.83 39.53
C GLU I 133 -58.64 39.34 39.33
N GLY I 134 -57.74 38.53 39.87
CA GLY I 134 -57.87 37.08 39.81
C GLY I 134 -57.27 36.47 38.56
N THR I 135 -56.40 37.21 37.88
CA THR I 135 -55.79 36.73 36.65
C THR I 135 -54.29 36.54 36.79
N GLU I 136 -53.80 35.39 36.33
CA GLU I 136 -52.37 35.09 36.37
C GLU I 136 -51.60 35.94 35.38
N VAL I 137 -50.35 36.23 35.69
CA VAL I 137 -49.51 37.02 34.81
C VAL I 137 -48.12 36.42 34.64
N SER I 138 -47.52 36.65 33.47
CA SER I 138 -46.17 36.20 33.19
C SER I 138 -45.29 37.40 32.86
N ALA I 139 -44.01 37.14 32.64
CA ALA I 139 -43.08 38.20 32.26
C ALA I 139 -43.45 38.78 30.91
N GLY I 140 -43.75 40.07 30.88
CA GLY I 140 -44.13 40.74 29.65
C GLY I 140 -45.59 41.11 29.60
N ASP I 141 -46.38 40.51 30.49
CA ASP I 141 -47.81 40.78 30.54
C ASP I 141 -48.09 42.20 31.02
N ILE I 142 -48.99 42.89 30.31
CA ILE I 142 -49.30 44.29 30.62
C ILE I 142 -50.28 44.41 31.77
N ILE I 143 -49.83 45.00 32.88
CA ILE I 143 -50.69 45.22 34.03
C ILE I 143 -51.56 46.46 33.83
N GLY I 144 -51.15 47.32 32.91
CA GLY I 144 -51.88 48.55 32.62
C GLY I 144 -51.12 49.43 31.65
N TYR I 145 -51.78 50.50 31.19
CA TYR I 145 -51.16 51.39 30.21
C TYR I 145 -51.13 52.85 30.66
N VAL I 146 -49.96 53.45 30.57
CA VAL I 146 -49.81 54.89 30.77
C VAL I 146 -49.55 55.53 29.42
N ASP I 147 -50.08 56.72 29.19
CA ASP I 147 -49.95 57.35 27.88
C ASP I 147 -48.88 58.45 27.87
N GLU I 148 -47.71 58.12 27.33
CA GLU I 148 -46.65 59.09 27.17
C GLU I 148 -46.95 60.06 26.04
N THR I 149 -47.41 59.51 24.90
CA THR I 149 -47.73 60.32 23.74
C THR I 149 -48.93 59.76 23.01
N LYS I 150 -49.60 60.60 22.22
CA LYS I 150 -50.77 60.17 21.47
C LYS I 150 -50.39 59.17 20.39
N ILE I 151 -49.24 59.40 19.74
CA ILE I 151 -48.78 58.54 18.67
C ILE I 151 -48.28 57.20 19.19
N ILE I 152 -47.75 57.20 20.40
CA ILE I 152 -47.22 55.99 21.01
C ILE I 152 -47.71 55.79 22.44
N GLN I 153 -48.57 54.80 22.63
CA GLN I 153 -49.11 54.50 23.95
C GLN I 153 -48.13 53.66 24.77
N HIS I 154 -47.58 54.26 25.82
CA HIS I 154 -46.68 53.56 26.72
C HIS I 154 -47.41 52.38 27.37
N LYS I 155 -46.68 51.31 27.64
CA LYS I 155 -47.28 50.12 28.23
C LYS I 155 -46.40 49.52 29.31
N ILE I 156 -47.02 49.12 30.41
CA ILE I 156 -46.29 48.61 31.57
C ILE I 156 -46.46 47.11 31.72
N MET I 157 -45.35 46.38 31.65
CA MET I 157 -45.38 44.93 31.75
C MET I 157 -44.92 44.46 33.13
N VAL I 158 -45.15 43.19 33.43
CA VAL I 158 -44.64 42.59 34.66
C VAL I 158 -43.14 42.40 34.57
N PRO I 159 -42.41 42.89 35.58
CA PRO I 159 -40.95 42.76 35.65
C PRO I 159 -40.49 41.31 35.51
N ASN I 160 -39.36 41.08 34.85
CA ASN I 160 -38.84 39.74 34.63
C ASN I 160 -38.52 39.03 35.94
N GLY I 161 -38.78 37.72 35.98
CA GLY I 161 -38.49 36.91 37.15
C GLY I 161 -39.62 36.93 38.16
N ILE I 162 -40.71 37.60 37.82
CA ILE I 162 -41.85 37.71 38.73
C ILE I 162 -43.14 37.20 38.09
N LYS I 163 -43.72 36.17 38.68
CA LYS I 163 -44.98 35.60 38.23
C LYS I 163 -45.90 35.34 39.42
N GLY I 164 -47.19 35.61 39.26
CA GLY I 164 -48.13 35.38 40.34
C GLY I 164 -49.53 35.91 40.12
N THR I 165 -50.40 35.67 41.10
CA THR I 165 -51.79 36.09 41.03
C THR I 165 -51.96 37.50 41.57
N VAL I 166 -52.67 38.34 40.81
CA VAL I 166 -52.93 39.71 41.23
C VAL I 166 -54.20 39.78 42.06
N GLN I 167 -54.04 40.16 43.34
CA GLN I 167 -55.17 40.16 44.27
C GLN I 167 -55.95 41.46 44.22
N LYS I 168 -55.32 42.52 43.71
CA LYS I 168 -55.98 43.83 43.61
C LYS I 168 -55.40 44.65 42.46
N ILE I 169 -56.27 45.44 41.83
CA ILE I 169 -55.86 46.31 40.73
C ILE I 169 -56.44 47.70 40.89
N GLU I 170 -55.59 48.72 40.78
CA GLU I 170 -56.02 50.10 40.95
C GLU I 170 -55.63 50.95 39.75
N SER I 171 -56.57 51.78 39.28
CA SER I 171 -56.30 52.68 38.16
C SER I 171 -56.62 54.12 38.56
N GLY I 172 -55.60 54.97 38.53
CA GLY I 172 -55.76 56.37 38.89
C GLY I 172 -54.48 57.16 38.71
N SER I 173 -54.54 58.45 39.02
CA SER I 173 -53.40 59.34 38.89
C SER I 173 -52.37 59.12 40.00
N PHE I 174 -51.36 58.31 39.73
CA PHE I 174 -50.32 58.03 40.70
C PHE I 174 -48.94 58.39 40.15
N THR I 175 -47.99 58.61 41.05
CA THR I 175 -46.60 58.80 40.65
C THR I 175 -46.00 57.43 40.33
N ILE I 176 -44.82 57.42 39.72
CA ILE I 176 -44.19 56.16 39.32
C ILE I 176 -43.67 55.40 40.54
N ASP I 177 -43.53 56.09 41.66
CA ASP I 177 -43.06 55.48 42.89
C ASP I 177 -44.21 54.79 43.63
N ASP I 178 -45.42 55.28 43.43
CA ASP I 178 -46.59 54.69 44.04
C ASP I 178 -46.90 53.33 43.41
N PRO I 179 -47.08 52.30 44.24
CA PRO I 179 -47.44 50.97 43.74
C PRO I 179 -48.87 50.92 43.21
N ILE I 180 -48.99 50.91 41.89
CA ILE I 180 -50.31 50.93 41.24
C ILE I 180 -51.07 49.63 41.48
N CYS I 181 -50.35 48.54 41.69
CA CYS I 181 -50.97 47.23 41.85
C CYS I 181 -50.08 46.26 42.61
N VAL I 182 -50.70 45.34 43.32
CA VAL I 182 -49.98 44.32 44.08
C VAL I 182 -50.19 42.93 43.47
N ILE I 183 -49.10 42.29 43.06
CA ILE I 183 -49.17 40.96 42.47
C ILE I 183 -48.45 39.95 43.34
N GLU I 184 -49.19 38.93 43.79
CA GLU I 184 -48.63 37.89 44.64
C GLU I 184 -47.53 37.11 43.92
N THR I 185 -46.66 36.47 44.70
CA THR I 185 -45.59 35.64 44.15
C THR I 185 -45.42 34.40 45.02
N GLU I 186 -44.63 33.45 44.51
CA GLU I 186 -44.39 32.20 45.24
C GLU I 186 -43.75 32.48 46.60
N GLN I 187 -42.77 33.38 46.62
CA GLN I 187 -42.09 33.75 47.86
C GLN I 187 -43.00 34.60 48.75
N GLY I 188 -43.66 35.59 48.14
CA GLY I 188 -44.55 36.47 48.87
C GLY I 188 -45.24 37.47 47.97
N LEU I 189 -46.30 38.09 48.50
CA LEU I 189 -47.04 39.10 47.75
C LEU I 189 -46.17 40.32 47.47
N LYS I 190 -46.25 40.83 46.25
CA LYS I 190 -45.40 41.95 45.85
C LYS I 190 -46.20 43.03 45.12
N GLU I 191 -45.79 44.28 45.33
CA GLU I 191 -46.39 45.42 44.63
C GLU I 191 -45.39 45.97 43.61
N LEU I 192 -45.82 46.09 42.37
CA LEU I 192 -44.94 46.53 41.30
C LEU I 192 -45.22 47.97 40.88
N THR I 193 -44.18 48.80 40.92
CA THR I 193 -44.29 50.18 40.45
C THR I 193 -44.33 50.22 38.93
N MET I 194 -44.77 51.36 38.39
CA MET I 194 -44.74 51.57 36.95
C MET I 194 -43.30 51.64 36.46
N MET I 195 -42.39 51.84 37.40
CA MET I 195 -40.98 52.02 37.09
C MET I 195 -40.14 50.84 37.59
N GLN I 196 -39.62 50.05 36.66
CA GLN I 196 -38.81 48.89 37.01
C GLN I 196 -37.42 48.98 36.36
N LYS I 197 -36.38 48.86 37.18
CA LYS I 197 -35.01 48.97 36.72
C LYS I 197 -34.55 47.73 35.97
N TRP I 198 -33.78 47.93 34.92
CA TRP I 198 -33.26 46.83 34.12
C TRP I 198 -31.78 47.05 33.78
N PRO I 199 -30.95 46.03 34.05
CA PRO I 199 -29.51 46.07 33.80
C PRO I 199 -29.17 46.32 32.33
N VAL I 200 -28.20 47.19 32.08
CA VAL I 200 -27.82 47.55 30.72
C VAL I 200 -26.92 46.49 30.08
N ARG I 201 -26.24 45.72 30.93
CA ARG I 201 -25.29 44.71 30.45
C ARG I 201 -25.99 43.49 29.88
N ARG I 202 -27.12 43.11 30.48
CA ARG I 202 -27.84 41.92 30.06
C ARG I 202 -29.06 42.28 29.20
N GLY I 203 -29.15 41.65 28.04
CA GLY I 203 -30.25 41.89 27.12
C GLY I 203 -31.58 41.41 27.65
N ARG I 204 -32.66 42.03 27.21
CA ARG I 204 -34.00 41.67 27.66
C ARG I 204 -34.42 40.31 27.12
N PRO I 205 -34.95 39.44 27.99
CA PRO I 205 -35.38 38.09 27.65
C PRO I 205 -36.48 38.08 26.57
N ILE I 206 -36.32 37.18 25.60
CA ILE I 206 -37.31 37.04 24.53
C ILE I 206 -37.71 35.57 24.39
N LYS I 207 -38.95 35.33 23.96
CA LYS I 207 -39.42 33.96 23.76
C LYS I 207 -38.76 33.35 22.53
N GLN I 208 -38.81 34.06 21.41
CA GLN I 208 -38.17 33.61 20.19
C GLN I 208 -37.71 34.79 19.35
N LYS I 209 -36.86 34.51 18.36
CA LYS I 209 -36.41 35.53 17.43
C LYS I 209 -36.81 35.19 16.01
N LEU I 210 -37.43 36.15 15.32
CA LEU I 210 -37.94 35.93 13.98
C LEU I 210 -37.04 36.53 12.91
N ASN I 211 -36.71 35.73 11.89
CA ASN I 211 -36.07 36.27 10.70
C ASN I 211 -36.98 37.29 10.04
N PRO I 212 -36.44 38.48 9.75
CA PRO I 212 -37.26 39.56 9.19
C PRO I 212 -37.23 39.65 7.67
N ASP I 213 -38.42 39.74 7.07
CA ASP I 213 -38.57 39.86 5.63
C ASP I 213 -39.20 41.20 5.24
N VAL I 214 -39.30 42.11 6.21
CA VAL I 214 -39.93 43.40 5.99
C VAL I 214 -38.89 44.52 5.92
N PRO I 215 -38.93 45.33 4.84
CA PRO I 215 -38.00 46.43 4.64
C PRO I 215 -38.39 47.71 5.38
N MET I 216 -37.39 48.48 5.78
CA MET I 216 -37.63 49.76 6.46
C MET I 216 -37.32 50.93 5.54
N ILE I 217 -38.31 51.79 5.31
CA ILE I 217 -38.08 53.02 4.56
C ILE I 217 -37.04 53.85 5.30
N THR I 218 -36.00 54.23 4.58
CA THR I 218 -34.87 54.89 5.19
C THR I 218 -34.84 56.37 4.77
N GLY I 219 -35.85 56.78 4.01
CA GLY I 219 -36.03 58.18 3.65
C GLY I 219 -35.16 58.65 2.51
N GLN I 220 -34.20 57.82 2.11
CA GLN I 220 -33.32 58.14 0.98
C GLN I 220 -33.45 57.07 -0.09
N ARG I 221 -33.06 57.44 -1.30
CA ARG I 221 -33.25 56.58 -2.47
C ARG I 221 -32.26 55.42 -2.50
N VAL I 222 -30.97 55.73 -2.34
CA VAL I 222 -29.93 54.72 -2.42
C VAL I 222 -30.14 53.60 -1.40
N ILE I 223 -30.34 53.99 -0.15
CA ILE I 223 -30.65 53.07 0.92
C ILE I 223 -31.92 52.27 0.61
N ASP I 224 -32.95 52.97 0.15
CA ASP I 224 -34.26 52.34 -0.05
C ASP I 224 -34.25 51.25 -1.11
N THR I 225 -33.67 51.51 -2.27
CA THR I 225 -33.83 50.60 -3.41
C THR I 225 -32.64 49.68 -3.70
N PHE I 226 -31.44 50.04 -3.25
CA PHE I 226 -30.28 49.20 -3.56
C PHE I 226 -29.63 48.61 -2.31
N PHE I 227 -29.70 49.32 -1.18
CA PHE I 227 -29.15 48.83 0.07
C PHE I 227 -30.13 49.02 1.22
N PRO I 228 -31.24 48.27 1.18
CA PRO I 228 -32.37 48.46 2.10
C PRO I 228 -32.13 47.85 3.47
N VAL I 229 -32.95 48.22 4.45
CA VAL I 229 -32.85 47.62 5.78
C VAL I 229 -34.16 46.99 6.19
N THR I 230 -34.07 45.75 6.68
CA THR I 230 -35.24 45.07 7.18
C THR I 230 -35.38 45.29 8.68
N LYS I 231 -36.60 45.20 9.18
CA LYS I 231 -36.86 45.32 10.61
C LYS I 231 -36.02 44.31 11.37
N GLY I 232 -35.40 44.72 12.46
CA GLY I 232 -34.53 43.83 13.20
C GLY I 232 -33.26 43.49 12.46
N GLY I 233 -32.93 44.31 11.47
CA GLY I 233 -31.71 44.15 10.71
C GLY I 233 -30.72 45.26 11.02
N ALA I 234 -29.47 44.88 11.26
CA ALA I 234 -28.44 45.86 11.58
C ALA I 234 -27.89 46.52 10.31
N ALA I 235 -27.53 47.79 10.43
CA ALA I 235 -26.99 48.53 9.29
C ALA I 235 -25.69 49.24 9.67
N ALA I 236 -24.73 49.23 8.76
CA ALA I 236 -23.43 49.83 9.02
C ALA I 236 -23.15 50.99 8.07
N VAL I 237 -22.76 52.13 8.62
CA VAL I 237 -22.40 53.29 7.82
C VAL I 237 -21.03 53.84 8.21
N PRO I 238 -19.96 53.15 7.78
CA PRO I 238 -18.64 53.66 8.13
C PRO I 238 -18.13 54.72 7.15
N GLY I 239 -18.78 55.87 7.13
CA GLY I 239 -18.41 56.93 6.23
C GLY I 239 -17.21 57.76 6.65
N PRO I 240 -16.48 58.31 5.65
CA PRO I 240 -15.34 59.20 5.89
C PRO I 240 -15.77 60.47 6.60
N PHE I 241 -14.83 61.25 7.11
CA PHE I 241 -15.16 62.54 7.71
C PHE I 241 -15.93 63.37 6.68
N GLY I 242 -17.00 64.01 7.14
CA GLY I 242 -17.86 64.78 6.25
C GLY I 242 -18.52 63.94 5.16
N ALA I 243 -18.58 62.63 5.37
CA ALA I 243 -19.23 61.74 4.41
C ALA I 243 -20.74 61.90 4.47
N GLY I 244 -21.22 62.51 5.54
CA GLY I 244 -22.64 62.73 5.71
C GLY I 244 -23.36 61.65 6.47
N LYS I 245 -22.59 60.81 7.16
CA LYS I 245 -23.17 59.72 7.94
C LYS I 245 -24.07 60.25 9.04
N THR I 246 -23.59 61.27 9.73
CA THR I 246 -24.39 61.91 10.78
C THR I 246 -25.67 62.44 10.17
N VAL I 247 -25.55 63.04 8.99
CA VAL I 247 -26.70 63.54 8.25
C VAL I 247 -27.60 62.38 7.82
N VAL I 248 -26.98 61.29 7.38
CA VAL I 248 -27.73 60.10 7.00
C VAL I 248 -28.53 59.58 8.18
N GLN I 249 -27.87 59.39 9.31
CA GLN I 249 -28.52 58.88 10.52
C GLN I 249 -29.65 59.80 10.97
N HIS I 250 -29.45 61.11 10.83
CA HIS I 250 -30.49 62.08 11.13
C HIS I 250 -31.69 61.89 10.20
N GLN I 251 -31.40 61.77 8.91
CA GLN I 251 -32.43 61.59 7.90
C GLN I 251 -33.21 60.30 8.14
N ILE I 252 -32.51 59.23 8.51
CA ILE I 252 -33.16 57.98 8.83
C ILE I 252 -34.13 58.18 9.99
N ALA I 253 -33.59 58.64 11.12
CA ALA I 253 -34.38 58.80 12.35
C ALA I 253 -35.64 59.63 12.17
N LYS I 254 -35.55 60.69 11.36
CA LYS I 254 -36.67 61.59 11.16
C LYS I 254 -37.71 61.01 10.20
N TRP I 255 -37.24 60.30 9.18
CA TRP I 255 -38.13 59.77 8.16
C TRP I 255 -38.26 58.25 8.22
N SER I 256 -37.71 57.64 9.28
CA SER I 256 -37.80 56.20 9.46
C SER I 256 -39.25 55.75 9.62
N ASP I 257 -39.60 54.64 8.99
CA ASP I 257 -40.93 54.05 9.15
C ASP I 257 -40.95 53.16 10.39
N VAL I 258 -40.65 53.75 11.54
CA VAL I 258 -40.65 53.02 12.80
C VAL I 258 -41.50 53.76 13.83
N ASP I 259 -42.08 53.00 14.75
CA ASP I 259 -42.90 53.59 15.81
C ASP I 259 -42.05 54.48 16.71
N LEU I 260 -41.02 53.90 17.30
CA LEU I 260 -40.18 54.62 18.27
C LEU I 260 -38.74 54.72 17.79
N VAL I 261 -38.16 55.91 17.92
CA VAL I 261 -36.77 56.14 17.52
C VAL I 261 -35.88 56.39 18.73
N VAL I 262 -34.69 55.81 18.71
CA VAL I 262 -33.72 56.01 19.77
C VAL I 262 -32.37 56.43 19.21
N TYR I 263 -31.99 57.68 19.46
CA TYR I 263 -30.71 58.20 18.97
C TYR I 263 -29.67 58.20 20.08
N VAL I 264 -28.61 57.43 19.88
CA VAL I 264 -27.52 57.38 20.86
C VAL I 264 -26.25 57.97 20.27
N GLY I 265 -25.65 58.91 21.01
CA GLY I 265 -24.46 59.60 20.54
C GLY I 265 -23.20 59.23 21.29
N CYS I 266 -22.29 58.53 20.61
CA CYS I 266 -21.00 58.18 21.19
C CYS I 266 -19.88 58.91 20.46
N GLY I 267 -19.07 59.64 21.22
CA GLY I 267 -17.97 60.39 20.67
C GLY I 267 -18.38 61.36 19.58
N GLU I 268 -19.44 62.12 19.85
CA GLU I 268 -20.03 63.00 18.86
C GLU I 268 -20.14 64.43 19.39
N ARG I 269 -20.18 65.40 18.48
CA ARG I 269 -20.21 66.81 18.86
C ARG I 269 -21.51 67.19 19.55
N GLY I 270 -21.44 68.15 20.46
CA GLY I 270 -22.60 68.62 21.18
C GLY I 270 -23.63 69.29 20.30
N ASN I 271 -23.16 69.92 19.22
CA ASN I 271 -24.05 70.62 18.29
C ASN I 271 -25.05 69.68 17.63
N GLU I 272 -24.58 68.48 17.27
CA GLU I 272 -25.44 67.48 16.64
C GLU I 272 -26.59 67.07 17.56
N MET I 273 -26.27 66.77 18.80
CA MET I 273 -27.28 66.42 19.80
C MET I 273 -28.13 67.63 20.13
N THR I 274 -27.50 68.80 20.16
CA THR I 274 -28.22 70.05 20.41
C THR I 274 -29.13 70.39 19.24
N ASP I 275 -28.67 70.13 18.03
CA ASP I 275 -29.44 70.41 16.83
C ASP I 275 -30.72 69.57 16.79
N VAL I 276 -30.65 68.36 17.33
CA VAL I 276 -31.78 67.45 17.33
C VAL I 276 -32.93 67.95 18.20
N VAL I 277 -32.62 68.27 19.45
CA VAL I 277 -33.64 68.72 20.39
C VAL I 277 -34.21 70.10 20.03
N ASN I 278 -33.67 70.69 18.96
CA ASN I 278 -34.20 71.95 18.45
C ASN I 278 -34.95 71.74 17.13
N GLU I 279 -34.41 70.85 16.30
CA GLU I 279 -35.00 70.55 15.00
C GLU I 279 -36.17 69.57 15.12
N PHE I 280 -36.00 68.54 15.95
CA PHE I 280 -37.01 67.50 16.11
C PHE I 280 -38.38 68.04 16.54
N PRO I 281 -38.40 68.89 17.57
CA PRO I 281 -39.67 69.47 18.03
C PRO I 281 -40.41 70.24 16.92
N GLU I 282 -39.67 70.99 16.12
CA GLU I 282 -40.25 71.74 15.02
C GLU I 282 -40.75 70.81 13.93
N LEU I 283 -39.99 69.75 13.66
CA LEU I 283 -40.38 68.76 12.66
C LEU I 283 -41.60 67.97 13.12
N ILE I 284 -42.58 67.85 12.23
CA ILE I 284 -43.80 67.11 12.54
C ILE I 284 -44.02 66.00 11.53
N ASP I 285 -44.70 64.94 11.95
CA ASP I 285 -45.05 63.84 11.06
C ASP I 285 -46.54 63.86 10.78
N PRO I 286 -46.93 63.59 9.52
CA PRO I 286 -48.34 63.65 9.10
C PRO I 286 -49.22 62.68 9.87
N ASN I 287 -50.39 63.16 10.30
CA ASN I 287 -51.38 62.34 10.98
C ASN I 287 -50.94 61.86 12.36
N THR I 288 -49.82 62.40 12.84
CA THR I 288 -49.32 62.04 14.17
C THR I 288 -49.90 62.96 15.24
N GLY I 289 -49.96 64.25 14.94
CA GLY I 289 -50.52 65.23 15.85
C GLY I 289 -49.58 65.63 16.95
N GLU I 290 -48.30 65.29 16.80
CA GLU I 290 -47.28 65.62 17.79
C GLU I 290 -45.90 65.72 17.16
N SER I 291 -44.99 66.42 17.84
CA SER I 291 -43.62 66.53 17.40
C SER I 291 -42.95 65.16 17.41
N LEU I 292 -42.05 64.93 16.46
CA LEU I 292 -41.39 63.63 16.33
C LEU I 292 -40.33 63.45 17.42
N MET I 293 -40.08 64.49 18.19
CA MET I 293 -39.15 64.41 19.31
C MET I 293 -39.77 63.63 20.46
N GLU I 294 -41.08 63.76 20.60
CA GLU I 294 -41.81 63.12 21.68
C GLU I 294 -41.77 61.59 21.61
N ARG I 295 -41.56 61.07 20.42
CA ARG I 295 -41.46 59.62 20.22
C ARG I 295 -40.02 59.16 20.35
N THR I 296 -39.10 60.13 20.28
CA THR I 296 -37.67 59.82 20.21
C THR I 296 -37.00 59.85 21.58
N VAL I 297 -36.19 58.83 21.83
CA VAL I 297 -35.39 58.77 23.05
C VAL I 297 -33.93 59.08 22.72
N LEU I 298 -33.36 60.06 23.41
CA LEU I 298 -31.98 60.48 23.13
C LEU I 298 -31.04 60.26 24.30
N ILE I 299 -29.86 59.73 24.00
CA ILE I 299 -28.78 59.62 24.98
C ILE I 299 -27.60 60.45 24.50
N ALA I 300 -27.28 61.50 25.25
CA ALA I 300 -26.25 62.44 24.84
C ALA I 300 -24.92 62.18 25.55
N ASN I 301 -23.90 61.84 24.77
CA ASN I 301 -22.54 61.71 25.29
C ASN I 301 -21.55 62.44 24.39
N THR I 302 -21.14 63.63 24.82
CA THR I 302 -20.21 64.44 24.06
C THR I 302 -18.90 63.70 23.84
N SER I 303 -18.14 64.10 22.83
CA SER I 303 -16.86 63.49 22.54
C SER I 303 -15.87 63.73 23.67
N ASN I 304 -16.05 64.83 24.39
CA ASN I 304 -15.14 65.23 25.45
C ASN I 304 -15.46 64.58 26.79
N MET I 305 -16.62 63.92 26.87
CA MET I 305 -17.03 63.24 28.10
C MET I 305 -16.06 62.11 28.43
N PRO I 306 -16.20 61.53 29.62
CA PRO I 306 -15.37 60.37 30.00
C PRO I 306 -15.51 59.24 28.97
N VAL I 307 -14.37 58.76 28.47
CA VAL I 307 -14.36 57.71 27.46
C VAL I 307 -15.07 56.47 27.98
N ALA I 308 -15.00 56.27 29.30
CA ALA I 308 -15.64 55.12 29.94
C ALA I 308 -17.16 55.20 29.85
N ALA I 309 -17.68 56.42 29.83
CA ALA I 309 -19.13 56.63 29.80
C ALA I 309 -19.72 56.25 28.45
N ARG I 310 -18.89 56.22 27.42
CA ARG I 310 -19.34 55.88 26.07
C ARG I 310 -19.89 54.45 26.02
N GLU I 311 -19.24 53.55 26.75
CA GLU I 311 -19.68 52.16 26.82
C GLU I 311 -21.07 52.05 27.42
N ALA I 312 -21.35 52.90 28.41
CA ALA I 312 -22.64 52.89 29.08
C ALA I 312 -23.75 53.40 28.16
N SER I 313 -23.43 54.41 27.37
CA SER I 313 -24.39 55.02 26.45
C SER I 313 -24.88 54.01 25.41
N ILE I 314 -23.95 53.21 24.90
CA ILE I 314 -24.29 52.17 23.92
C ILE I 314 -25.19 51.10 24.54
N TYR I 315 -24.88 50.72 25.77
CA TYR I 315 -25.65 49.71 26.48
C TYR I 315 -26.98 50.28 26.98
N THR I 316 -26.97 51.55 27.35
CA THR I 316 -28.19 52.22 27.81
C THR I 316 -29.19 52.38 26.67
N GLY I 317 -28.70 52.84 25.52
CA GLY I 317 -29.56 53.07 24.37
C GLY I 317 -30.21 51.80 23.85
N ILE I 318 -29.42 50.72 23.78
CA ILE I 318 -29.94 49.45 23.30
C ILE I 318 -30.92 48.85 24.30
N THR I 319 -30.72 49.17 25.58
CA THR I 319 -31.60 48.69 26.64
C THR I 319 -32.96 49.37 26.57
N ILE I 320 -32.95 50.69 26.43
CA ILE I 320 -34.18 51.46 26.29
C ILE I 320 -34.94 51.03 25.04
N ALA I 321 -34.20 50.72 23.99
CA ALA I 321 -34.80 50.28 22.72
C ALA I 321 -35.48 48.92 22.89
N GLU I 322 -34.88 48.04 23.68
CA GLU I 322 -35.41 46.70 23.89
C GLU I 322 -36.74 46.73 24.65
N TYR I 323 -36.82 47.58 25.66
CA TYR I 323 -38.05 47.71 26.45
C TYR I 323 -39.21 48.16 25.58
N PHE I 324 -38.95 49.14 24.73
CA PHE I 324 -39.96 49.63 23.79
C PHE I 324 -40.23 48.59 22.71
N ARG I 325 -39.20 47.79 22.41
CA ARG I 325 -39.35 46.70 21.46
C ARG I 325 -40.25 45.60 22.03
N ASP I 326 -40.06 45.29 23.30
CA ASP I 326 -40.82 44.25 23.97
C ASP I 326 -42.31 44.59 24.02
N MET I 327 -42.64 45.87 23.80
CA MET I 327 -44.03 46.30 23.75
C MET I 327 -44.68 45.88 22.43
N GLY I 328 -43.85 45.45 21.49
CA GLY I 328 -44.33 45.08 20.16
C GLY I 328 -44.23 46.24 19.19
N TYR I 329 -43.99 47.43 19.73
CA TYR I 329 -43.83 48.62 18.91
C TYR I 329 -42.51 48.60 18.14
N ASP I 330 -42.53 49.13 16.93
CA ASP I 330 -41.32 49.23 16.12
C ASP I 330 -40.29 50.13 16.79
N VAL I 331 -39.04 49.68 16.79
CA VAL I 331 -37.97 50.43 17.44
C VAL I 331 -36.77 50.61 16.52
N ALA I 332 -36.29 51.85 16.42
CA ALA I 332 -35.10 52.15 15.65
C ALA I 332 -34.04 52.77 16.55
N ILE I 333 -32.85 52.18 16.56
CA ILE I 333 -31.76 52.69 17.38
C ILE I 333 -30.60 53.17 16.52
N MET I 334 -30.29 54.46 16.65
CA MET I 334 -29.19 55.07 15.89
C MET I 334 -28.01 55.34 16.81
N ALA I 335 -26.87 54.72 16.51
CA ALA I 335 -25.68 54.89 17.33
C ALA I 335 -24.55 55.57 16.56
N ASP I 336 -24.09 56.70 17.08
CA ASP I 336 -23.03 57.46 16.45
C ASP I 336 -22.13 58.14 17.49
N SER I 337 -20.86 57.74 17.52
CA SER I 337 -20.34 56.74 16.59
C SER I 337 -19.93 55.47 17.33
N THR I 338 -20.15 54.33 16.69
CA THR I 338 -19.77 53.03 17.27
C THR I 338 -18.26 52.90 17.37
N SER I 339 -17.55 53.72 16.60
CA SER I 339 -16.09 53.74 16.62
C SER I 339 -15.59 54.20 17.98
N ARG I 340 -16.30 55.17 18.56
CA ARG I 340 -15.92 55.75 19.83
C ARG I 340 -16.01 54.73 20.97
N TRP I 341 -17.03 53.89 20.92
CA TRP I 341 -17.20 52.82 21.90
C TRP I 341 -15.98 51.90 21.88
N ALA I 342 -15.51 51.56 20.68
CA ALA I 342 -14.34 50.72 20.52
C ALA I 342 -13.09 51.39 21.08
N GLU I 343 -13.00 52.70 20.88
CA GLU I 343 -11.87 53.48 21.39
C GLU I 343 -11.86 53.48 22.91
N ALA I 344 -13.06 53.45 23.50
CA ALA I 344 -13.19 53.44 24.96
C ALA I 344 -12.65 52.15 25.55
N LEU I 345 -12.92 51.04 24.88
CA LEU I 345 -12.45 49.73 25.34
C LEU I 345 -10.93 49.64 25.29
N ARG I 346 -10.34 50.27 24.29
CA ARG I 346 -8.88 50.28 24.15
C ARG I 346 -8.22 51.07 25.27
N GLU I 347 -8.87 52.16 25.67
CA GLU I 347 -8.38 52.98 26.78
C GLU I 347 -8.31 52.15 28.05
N MET I 348 -9.36 51.37 28.30
CA MET I 348 -9.39 50.49 29.46
C MET I 348 -8.35 49.38 29.33
N SER I 349 -8.47 48.59 28.27
CA SER I 349 -7.56 47.48 28.01
C SER I 349 -6.10 47.92 28.05
N GLY I 350 -5.84 49.11 27.52
CA GLY I 350 -4.49 49.65 27.50
C GLY I 350 -3.99 50.03 28.89
N ARG I 351 -4.89 50.57 29.71
CA ARG I 351 -4.52 51.00 31.06
C ARG I 351 -4.45 49.82 32.03
N LEU I 352 -5.25 48.79 31.76
CA LEU I 352 -5.21 47.56 32.55
C LEU I 352 -3.97 46.76 32.18
N GLU I 353 -3.23 47.24 31.19
CA GLU I 353 -2.05 46.56 30.68
C GLU I 353 -2.43 45.23 30.04
N GLU I 354 -3.68 45.11 29.62
CA GLU I 354 -4.16 43.91 28.96
C GLU I 354 -3.64 43.82 27.54
N MET I 355 -3.74 42.63 26.95
CA MET I 355 -3.28 42.40 25.58
C MET I 355 -4.16 43.12 24.57
N PRO I 356 -3.55 43.96 23.72
CA PRO I 356 -4.27 44.69 22.68
C PRO I 356 -4.34 43.92 21.36
N GLY I 357 -5.52 43.88 20.75
CA GLY I 357 -5.65 43.30 19.43
C GLY I 357 -5.09 44.25 18.39
N ASP I 358 -5.39 44.00 17.12
CA ASP I 358 -4.88 44.83 16.04
C ASP I 358 -5.30 46.29 16.23
N GLU I 359 -4.34 47.19 16.07
CA GLU I 359 -4.57 48.63 16.24
C GLU I 359 -4.86 48.98 17.70
N GLY I 360 -4.38 48.16 18.62
CA GLY I 360 -4.48 48.45 20.04
C GLY I 360 -5.79 48.08 20.68
N TYR I 361 -6.81 47.83 19.86
CA TYR I 361 -8.13 47.46 20.36
C TYR I 361 -8.08 46.16 21.14
N PRO I 362 -9.07 45.93 22.01
CA PRO I 362 -9.15 44.66 22.73
C PRO I 362 -9.42 43.50 21.79
N ALA I 363 -8.87 42.32 22.11
CA ALA I 363 -9.04 41.15 21.26
C ALA I 363 -10.49 40.69 21.24
N TYR I 364 -11.21 40.99 22.32
CA TYR I 364 -12.62 40.61 22.42
C TYR I 364 -13.55 41.71 21.92
N LEU I 365 -12.98 42.68 21.21
CA LEU I 365 -13.75 43.78 20.65
C LEU I 365 -14.84 43.28 19.71
N GLY I 366 -14.47 42.33 18.85
CA GLY I 366 -15.41 41.74 17.91
C GLY I 366 -16.56 41.05 18.62
N SER I 367 -16.25 40.44 19.76
CA SER I 367 -17.26 39.77 20.56
C SER I 367 -18.23 40.77 21.18
N ARG I 368 -17.68 41.87 21.69
CA ARG I 368 -18.48 42.93 22.30
C ARG I 368 -19.47 43.52 21.31
N LEU I 369 -19.00 43.75 20.08
CA LEU I 369 -19.87 44.26 19.03
C LEU I 369 -20.98 43.26 18.73
N ALA I 370 -20.60 42.01 18.52
CA ALA I 370 -21.54 40.94 18.21
C ALA I 370 -22.69 40.88 19.22
N GLU I 371 -22.34 40.96 20.50
CA GLU I 371 -23.34 40.91 21.57
C GLU I 371 -24.33 42.07 21.46
N TYR I 372 -23.81 43.27 21.25
CA TYR I 372 -24.64 44.46 21.10
C TYR I 372 -25.49 44.39 19.84
N TYR I 373 -24.87 44.01 18.73
CA TYR I 373 -25.56 43.91 17.45
C TYR I 373 -26.60 42.79 17.45
N GLU I 374 -26.30 41.71 18.16
CA GLU I 374 -27.16 40.54 18.17
C GLU I 374 -28.50 40.81 18.83
N ARG I 375 -28.49 41.72 19.80
CA ARG I 375 -29.72 42.09 20.51
C ARG I 375 -30.71 42.74 19.56
N SER I 376 -30.20 43.50 18.61
CA SER I 376 -31.04 44.15 17.61
C SER I 376 -31.63 43.11 16.66
N GLY I 377 -32.94 43.18 16.46
CA GLY I 377 -33.63 42.24 15.60
C GLY I 377 -35.12 42.20 15.84
N ARG I 378 -35.86 41.56 14.93
CA ARG I 378 -37.29 41.35 15.13
C ARG I 378 -37.50 40.07 15.92
N VAL I 379 -37.98 40.22 17.15
CA VAL I 379 -38.17 39.09 18.04
C VAL I 379 -39.56 39.11 18.67
N ILE I 380 -40.04 37.94 19.07
CA ILE I 380 -41.30 37.85 19.80
C ILE I 380 -41.09 38.19 21.26
N ALA I 381 -41.88 39.13 21.77
CA ALA I 381 -41.73 39.59 23.14
C ALA I 381 -42.24 38.55 24.14
N LEU I 382 -41.78 38.66 25.38
CA LEU I 382 -42.23 37.78 26.44
C LEU I 382 -43.68 38.07 26.81
N GLY I 383 -44.37 37.04 27.30
CA GLY I 383 -45.76 37.20 27.71
C GLY I 383 -46.71 36.33 26.91
N SER I 384 -47.97 36.31 27.32
CA SER I 384 -49.00 35.52 26.66
C SER I 384 -49.31 36.09 25.28
N ASP I 385 -49.20 37.41 25.15
CA ASP I 385 -49.55 38.10 23.92
C ASP I 385 -48.59 37.76 22.79
N GLN I 386 -47.31 37.66 23.12
CA GLN I 386 -46.28 37.29 22.14
C GLN I 386 -46.22 38.29 20.99
N ARG I 387 -46.42 39.56 21.31
CA ARG I 387 -46.39 40.63 20.32
C ARG I 387 -45.01 40.78 19.68
N GLU I 388 -44.98 40.96 18.37
CA GLU I 388 -43.73 41.07 17.63
C GLU I 388 -42.96 42.35 17.97
N GLY I 389 -41.76 42.18 18.50
CA GLY I 389 -40.89 43.31 18.78
C GLY I 389 -39.83 43.45 17.69
N SER I 390 -39.55 44.70 17.30
CA SER I 390 -38.60 44.94 16.23
C SER I 390 -37.62 46.06 16.57
N ILE I 391 -36.33 45.76 16.48
CA ILE I 391 -35.28 46.75 16.76
C ILE I 391 -34.44 47.02 15.52
N THR I 392 -34.50 48.25 15.02
CA THR I 392 -33.72 48.64 13.85
C THR I 392 -32.42 49.32 14.30
N ALA I 393 -31.30 48.63 14.06
CA ALA I 393 -30.00 49.13 14.51
C ALA I 393 -29.22 49.78 13.38
N ILE I 394 -28.77 51.00 13.61
CA ILE I 394 -27.92 51.71 12.65
C ILE I 394 -26.59 52.08 13.31
N SER I 395 -25.48 51.67 12.67
CA SER I 395 -24.16 51.93 13.22
C SER I 395 -23.25 52.63 12.22
N ALA I 396 -22.54 53.66 12.70
CA ALA I 396 -21.64 54.44 11.87
C ALA I 396 -20.20 54.29 12.33
N VAL I 397 -19.41 53.52 11.59
CA VAL I 397 -18.01 53.28 11.91
C VAL I 397 -17.15 54.34 11.22
N SER I 398 -16.09 54.81 11.87
CA SER I 398 -15.25 55.82 11.24
C SER I 398 -13.85 55.30 10.98
N PRO I 399 -13.54 55.04 9.70
CA PRO I 399 -12.22 54.50 9.29
C PRO I 399 -11.08 55.46 9.58
N SER I 400 -9.95 54.91 10.02
CA SER I 400 -8.74 55.70 10.22
C SER I 400 -8.12 56.04 8.87
N GLY I 401 -8.23 57.31 8.48
CA GLY I 401 -7.71 57.75 7.19
C GLY I 401 -8.57 57.25 6.04
N GLY I 402 -9.87 57.10 6.31
CA GLY I 402 -10.81 56.63 5.30
C GLY I 402 -10.49 55.23 4.82
N ASP I 403 -9.92 54.42 5.70
CA ASP I 403 -9.54 53.06 5.35
C ASP I 403 -10.47 52.04 5.98
N ILE I 404 -11.15 51.27 5.13
CA ILE I 404 -12.11 50.26 5.59
C ILE I 404 -11.44 49.13 6.36
N SER I 405 -10.11 49.14 6.41
CA SER I 405 -9.36 48.08 7.06
C SER I 405 -9.36 48.20 8.58
N GLU I 406 -10.08 49.20 9.09
CA GLU I 406 -10.20 49.39 10.53
C GLU I 406 -10.86 48.18 11.19
N PRO I 407 -10.30 47.74 12.33
CA PRO I 407 -10.77 46.55 13.06
C PRO I 407 -12.26 46.58 13.38
N VAL I 408 -12.78 47.76 13.71
CA VAL I 408 -14.19 47.91 14.05
C VAL I 408 -15.07 47.53 12.86
N THR I 409 -14.73 48.06 11.69
CA THR I 409 -15.47 47.78 10.46
C THR I 409 -15.46 46.29 10.14
N GLN I 410 -14.27 45.71 10.13
CA GLN I 410 -14.10 44.29 9.78
C GLN I 410 -14.88 43.39 10.73
N ASN I 411 -14.83 43.71 12.02
CA ASN I 411 -15.57 42.95 13.03
C ASN I 411 -17.06 43.24 12.94
N THR I 412 -17.41 44.46 12.55
CA THR I 412 -18.80 44.87 12.43
C THR I 412 -19.47 44.29 11.19
N LEU I 413 -18.72 44.21 10.10
CA LEU I 413 -19.27 43.75 8.82
C LEU I 413 -19.75 42.30 8.86
N ARG I 414 -19.11 41.49 9.70
CA ARG I 414 -19.50 40.08 9.80
C ARG I 414 -20.88 39.92 10.42
N VAL I 415 -21.10 40.62 11.53
CA VAL I 415 -22.35 40.50 12.27
C VAL I 415 -23.51 41.24 11.61
N VAL I 416 -23.20 42.36 10.95
CA VAL I 416 -24.24 43.15 10.29
C VAL I 416 -24.67 42.49 8.98
N LYS I 417 -25.94 42.68 8.63
CA LYS I 417 -26.49 42.11 7.40
C LYS I 417 -26.56 43.15 6.29
N VAL I 418 -26.26 44.39 6.64
CA VAL I 418 -26.33 45.50 5.68
C VAL I 418 -25.03 46.32 5.69
N PHE I 419 -24.55 46.68 4.51
CA PHE I 419 -23.31 47.44 4.39
C PHE I 419 -23.50 48.70 3.54
N TRP I 420 -23.16 49.84 4.13
CA TRP I 420 -23.30 51.13 3.45
C TRP I 420 -21.98 51.89 3.42
N GLY I 421 -21.03 51.39 2.64
CA GLY I 421 -19.74 52.03 2.50
C GLY I 421 -19.84 53.41 1.88
N LEU I 422 -19.07 54.35 2.41
CA LEU I 422 -19.08 55.73 1.93
C LEU I 422 -17.77 56.08 1.22
N ASP I 423 -17.87 56.84 0.13
CA ASP I 423 -16.69 57.23 -0.63
C ASP I 423 -16.39 58.71 -0.43
N SER I 424 -15.13 59.01 -0.13
CA SER I 424 -14.72 60.39 0.11
C SER I 424 -14.80 61.24 -1.15
N SER I 425 -14.41 60.64 -2.28
CA SER I 425 -14.45 61.32 -3.57
C SER I 425 -15.85 61.77 -3.92
N LEU I 426 -16.81 60.84 -3.85
CA LEU I 426 -18.20 61.14 -4.12
C LEU I 426 -18.74 62.15 -3.12
N ALA I 427 -18.29 62.04 -1.88
CA ALA I 427 -18.74 62.93 -0.81
C ALA I 427 -18.18 64.35 -1.01
N GLN I 428 -16.88 64.42 -1.28
CA GLN I 428 -16.21 65.71 -1.48
C GLN I 428 -16.78 66.44 -2.69
N LYS I 429 -17.22 65.68 -3.69
CA LYS I 429 -17.84 66.24 -4.89
C LYS I 429 -19.15 66.96 -4.58
N ARG I 430 -19.60 66.86 -3.32
CA ARG I 430 -20.88 67.40 -2.87
C ARG I 430 -22.06 66.53 -3.34
N HIS I 431 -21.74 65.36 -3.87
CA HIS I 431 -22.78 64.44 -4.33
C HIS I 431 -23.20 63.48 -3.22
N PHE I 432 -24.45 63.60 -2.79
CA PHE I 432 -24.99 62.73 -1.75
C PHE I 432 -26.32 62.11 -2.20
N PRO I 433 -26.64 60.93 -1.66
CA PRO I 433 -25.82 60.18 -0.70
C PRO I 433 -24.50 59.70 -1.32
N SER I 434 -23.42 59.79 -0.55
CA SER I 434 -22.09 59.44 -1.04
C SER I 434 -21.82 57.94 -0.95
N ILE I 435 -22.85 57.17 -0.63
CA ILE I 435 -22.71 55.72 -0.53
C ILE I 435 -22.35 55.11 -1.87
N ASN I 436 -21.26 54.35 -1.91
CA ASN I 436 -20.81 53.72 -3.15
C ASN I 436 -21.49 52.38 -3.39
N TRP I 437 -22.20 52.28 -4.50
CA TRP I 437 -23.02 51.10 -4.81
C TRP I 437 -22.21 49.85 -5.07
N ILE I 438 -21.10 49.99 -5.79
CA ILE I 438 -20.26 48.85 -6.13
C ILE I 438 -19.64 48.23 -4.88
N GLN I 439 -19.16 49.07 -3.98
CA GLN I 439 -18.51 48.60 -2.77
C GLN I 439 -19.52 48.15 -1.71
N SER I 440 -20.66 48.83 -1.66
CA SER I 440 -21.70 48.50 -0.69
C SER I 440 -22.38 47.19 -1.05
N TYR I 441 -22.58 46.33 -0.04
CA TYR I 441 -23.31 45.09 -0.26
C TYR I 441 -24.52 45.01 0.67
N SER I 442 -25.61 44.47 0.16
CA SER I 442 -26.83 44.28 0.94
C SER I 442 -27.39 42.88 0.73
N LEU I 443 -27.38 42.07 1.78
CA LEU I 443 -27.81 40.68 1.69
C LEU I 443 -29.34 40.58 1.66
N TYR I 444 -30.02 41.58 2.20
CA TYR I 444 -31.48 41.59 2.24
C TYR I 444 -32.08 42.00 0.89
N SER I 445 -31.22 42.19 -0.11
CA SER I 445 -31.65 42.67 -1.42
C SER I 445 -32.69 41.75 -2.06
N THR I 446 -32.44 40.44 -2.01
CA THR I 446 -33.32 39.47 -2.62
C THR I 446 -34.67 39.39 -1.90
N GLU I 447 -34.63 39.47 -0.58
CA GLU I 447 -35.83 39.41 0.24
C GLU I 447 -36.74 40.61 0.01
N VAL I 448 -36.14 41.80 -0.04
CA VAL I 448 -36.90 43.04 -0.18
C VAL I 448 -37.55 43.16 -1.56
N GLY I 449 -36.91 42.53 -2.55
CA GLY I 449 -37.45 42.52 -3.90
C GLY I 449 -38.86 41.97 -3.92
N ARG I 450 -39.02 40.76 -3.37
CA ARG I 450 -40.32 40.10 -3.33
C ARG I 450 -41.39 40.97 -2.67
N TYR I 451 -41.01 41.70 -1.63
CA TYR I 451 -41.94 42.57 -0.92
C TYR I 451 -42.37 43.74 -1.79
N MET I 452 -41.40 44.41 -2.41
CA MET I 452 -41.66 45.58 -3.24
C MET I 452 -42.53 45.23 -4.43
N ASP I 453 -42.25 44.10 -5.08
CA ASP I 453 -43.02 43.64 -6.22
C ASP I 453 -44.48 43.40 -5.85
N GLN I 454 -44.70 42.77 -4.69
CA GLN I 454 -46.05 42.46 -4.23
C GLN I 454 -46.81 43.70 -3.79
N ILE I 455 -46.15 44.59 -3.05
CA ILE I 455 -46.82 45.74 -2.46
C ILE I 455 -47.08 46.84 -3.49
N LEU I 456 -46.23 46.95 -4.49
CA LEU I 456 -46.39 47.97 -5.51
C LEU I 456 -47.07 47.44 -6.77
N GLN I 457 -47.23 46.12 -6.84
CA GLN I 457 -47.80 45.47 -8.01
C GLN I 457 -47.01 45.81 -9.27
N GLN I 458 -45.70 45.98 -9.10
CA GLN I 458 -44.80 46.28 -10.20
C GLN I 458 -43.54 45.42 -10.09
N ASP I 459 -42.84 45.26 -11.21
CA ASP I 459 -41.62 44.47 -11.23
C ASP I 459 -40.44 45.30 -10.72
N TRP I 460 -40.42 45.53 -9.41
CA TRP I 460 -39.39 46.35 -8.78
C TRP I 460 -38.03 45.67 -8.81
N SER I 461 -38.01 44.36 -8.57
CA SER I 461 -36.76 43.60 -8.54
C SER I 461 -36.06 43.62 -9.89
N ASP I 462 -36.84 43.59 -10.97
CA ASP I 462 -36.28 43.66 -12.32
C ASP I 462 -35.69 45.04 -12.61
N MET I 463 -36.36 46.08 -12.14
CA MET I 463 -35.89 47.44 -12.35
C MET I 463 -34.61 47.72 -11.60
N VAL I 464 -34.52 47.21 -10.38
CA VAL I 464 -33.32 47.39 -9.56
C VAL I 464 -32.13 46.68 -10.17
N THR I 465 -32.36 45.46 -10.67
CA THR I 465 -31.32 44.68 -11.30
C THR I 465 -30.85 45.33 -12.60
N GLU I 466 -31.82 45.82 -13.38
CA GLU I 466 -31.53 46.52 -14.63
C GLU I 466 -30.77 47.82 -14.36
N GLY I 467 -31.19 48.53 -13.32
CA GLY I 467 -30.55 49.78 -12.95
C GLY I 467 -29.15 49.58 -12.42
N MET I 468 -28.93 48.47 -11.72
CA MET I 468 -27.62 48.16 -11.17
C MET I 468 -26.65 47.75 -12.27
N ARG I 469 -27.16 47.06 -13.28
CA ARG I 469 -26.35 46.62 -14.40
C ARG I 469 -25.70 47.80 -15.12
N ILE I 470 -26.46 48.86 -15.28
CA ILE I 470 -25.97 50.06 -15.96
C ILE I 470 -24.85 50.72 -15.18
N LEU I 471 -24.97 50.71 -13.85
CA LEU I 471 -23.92 51.27 -12.99
C LEU I 471 -22.69 50.38 -13.02
N GLN I 472 -22.89 49.07 -13.00
CA GLN I 472 -21.78 48.13 -13.08
C GLN I 472 -21.09 48.21 -14.45
N GLU I 473 -21.88 48.37 -15.50
CA GLU I 473 -21.33 48.51 -16.85
C GLU I 473 -20.54 49.80 -16.99
N GLU I 474 -20.98 50.84 -16.29
CA GLU I 474 -20.34 52.14 -16.36
C GLU I 474 -18.90 52.10 -15.84
N GLU I 475 -18.72 51.45 -14.70
CA GLU I 475 -17.40 51.32 -14.08
C GLU I 475 -16.38 50.74 -15.05
N GLN I 476 -16.75 49.62 -15.67
CA GLN I 476 -15.89 48.96 -16.63
C GLN I 476 -15.73 49.82 -17.89
N LEU I 477 -16.79 50.52 -18.25
CA LEU I 477 -16.77 51.42 -19.41
C LEU I 477 -15.98 52.69 -19.12
N ASN I 478 -16.09 53.20 -17.90
CA ASN I 478 -15.43 54.44 -17.53
C ASN I 478 -13.91 54.34 -17.61
N GLU I 479 -13.36 53.20 -17.18
CA GLU I 479 -11.92 52.97 -17.25
C GLU I 479 -11.45 52.92 -18.69
N ILE I 480 -12.29 52.39 -19.58
CA ILE I 480 -11.98 52.31 -21.00
C ILE I 480 -11.90 53.70 -21.62
N VAL I 481 -12.73 54.61 -21.11
CA VAL I 481 -12.80 55.97 -21.63
C VAL I 481 -11.51 56.73 -21.38
N ARG I 482 -10.76 56.33 -20.35
CA ARG I 482 -9.50 56.98 -20.05
C ARG I 482 -8.39 56.49 -20.98
N LEU I 483 -8.48 55.23 -21.37
CA LEU I 483 -7.45 54.61 -22.20
C LEU I 483 -7.54 55.08 -23.65
N VAL I 484 -8.76 55.22 -24.14
CA VAL I 484 -8.99 55.65 -25.52
C VAL I 484 -10.03 56.75 -25.58
N GLY I 485 -9.95 57.59 -26.61
CA GLY I 485 -10.89 58.68 -26.81
C GLY I 485 -12.33 58.23 -26.69
N ILE I 486 -13.14 59.01 -25.98
CA ILE I 486 -14.51 58.64 -25.67
C ILE I 486 -15.39 58.57 -26.93
N ASP I 487 -15.01 59.32 -27.96
CA ASP I 487 -15.77 59.35 -29.20
C ASP I 487 -15.76 57.98 -29.88
N SER I 488 -14.76 57.18 -29.55
CA SER I 488 -14.59 55.88 -30.16
C SER I 488 -15.62 54.86 -29.68
N LEU I 489 -16.09 55.04 -28.44
CA LEU I 489 -17.07 54.12 -27.86
C LEU I 489 -18.34 54.03 -28.69
N SER I 490 -18.95 52.85 -28.66
CA SER I 490 -20.22 52.63 -29.38
C SER I 490 -21.31 53.52 -28.81
N ASP I 491 -22.28 53.87 -29.64
CA ASP I 491 -23.40 54.70 -29.21
C ASP I 491 -24.17 54.04 -28.08
N ASN I 492 -24.23 52.71 -28.12
CA ASN I 492 -24.87 51.95 -27.05
C ASN I 492 -24.15 52.13 -25.72
N ASP I 493 -22.82 52.20 -25.78
CA ASP I 493 -22.02 52.41 -24.59
C ASP I 493 -22.15 53.84 -24.09
N ARG I 494 -22.22 54.78 -25.02
CA ARG I 494 -22.39 56.19 -24.68
C ARG I 494 -23.75 56.43 -24.02
N LEU I 495 -24.77 55.75 -24.53
CA LEU I 495 -26.11 55.85 -23.96
C LEU I 495 -26.13 55.30 -22.53
N THR I 496 -25.38 54.23 -22.33
CA THR I 496 -25.28 53.60 -21.01
C THR I 496 -24.69 54.56 -19.99
N LEU I 497 -23.68 55.33 -20.42
CA LEU I 497 -23.06 56.32 -19.56
C LEU I 497 -24.04 57.45 -19.24
N GLU I 498 -24.83 57.83 -20.24
CA GLU I 498 -25.82 58.89 -20.05
C GLU I 498 -26.96 58.41 -19.15
N VAL I 499 -27.42 57.19 -19.37
CA VAL I 499 -28.44 56.60 -18.51
C VAL I 499 -27.88 56.42 -17.10
N ALA I 500 -26.62 55.98 -17.02
CA ALA I 500 -25.94 55.84 -15.74
C ALA I 500 -25.92 57.18 -15.02
N LYS I 501 -25.47 58.21 -15.71
CA LYS I 501 -25.46 59.56 -15.15
C LYS I 501 -26.86 60.01 -14.77
N SER I 502 -27.83 59.67 -15.62
CA SER I 502 -29.23 60.03 -15.37
C SER I 502 -29.73 59.41 -14.07
N ILE I 503 -29.43 58.13 -13.88
CA ILE I 503 -29.73 57.47 -12.61
C ILE I 503 -28.97 58.17 -11.49
N ARG I 504 -27.74 58.57 -11.80
CA ARG I 504 -26.88 59.23 -10.83
C ARG I 504 -27.44 60.59 -10.41
N GLU I 505 -27.81 61.41 -11.38
CA GLU I 505 -28.27 62.79 -11.13
C GLU I 505 -29.44 62.86 -10.17
N ASP I 506 -30.41 61.96 -10.32
CA ASP I 506 -31.59 61.96 -9.47
C ASP I 506 -31.51 60.93 -8.37
N TYR I 507 -31.33 59.67 -8.77
CA TYR I 507 -31.34 58.56 -7.84
C TYR I 507 -30.14 58.58 -6.90
N LEU I 508 -28.99 58.99 -7.41
CA LEU I 508 -27.76 58.95 -6.63
C LEU I 508 -27.47 60.32 -6.02
N GLN I 509 -27.95 61.37 -6.68
CA GLN I 509 -27.76 62.73 -6.17
C GLN I 509 -29.03 63.22 -5.49
N GLN I 510 -28.97 63.35 -4.16
CA GLN I 510 -30.10 63.86 -3.39
C GLN I 510 -29.62 64.78 -2.26
N ASN I 511 -30.25 65.94 -2.16
CA ASN I 511 -29.91 66.89 -1.11
C ASN I 511 -30.85 66.76 0.08
N ALA I 512 -30.28 66.48 1.25
CA ALA I 512 -31.08 66.28 2.46
C ALA I 512 -31.51 67.59 3.08
N PHE I 513 -31.13 68.71 2.44
CA PHE I 513 -31.46 70.03 2.97
C PHE I 513 -32.70 70.59 2.29
N ASP I 514 -32.87 70.28 1.02
CA ASP I 514 -34.08 70.66 0.30
C ASP I 514 -35.27 69.92 0.93
N ASP I 515 -36.33 70.67 1.21
CA ASP I 515 -37.49 70.13 1.91
C ASP I 515 -38.18 69.03 1.09
N VAL I 516 -38.24 69.22 -0.22
CA VAL I 516 -38.88 68.25 -1.10
C VAL I 516 -37.93 67.10 -1.43
N ASP I 517 -36.64 67.39 -1.38
CA ASP I 517 -35.62 66.42 -1.76
C ASP I 517 -35.21 65.54 -0.59
N THR I 518 -35.31 66.08 0.63
CA THR I 518 -34.91 65.35 1.83
C THR I 518 -35.77 64.11 2.05
N PHE I 519 -37.05 64.20 1.69
CA PHE I 519 -37.97 63.07 1.85
C PHE I 519 -38.55 62.65 0.51
N THR I 520 -38.31 61.40 0.14
CA THR I 520 -38.88 60.82 -1.06
C THR I 520 -39.68 59.57 -0.72
N SER I 521 -40.97 59.59 -1.04
CA SER I 521 -41.85 58.47 -0.72
C SER I 521 -41.51 57.25 -1.57
N ARG I 522 -41.93 56.08 -1.11
CA ARG I 522 -41.68 54.82 -1.82
C ARG I 522 -42.30 54.82 -3.20
N GLU I 523 -43.55 55.27 -3.29
CA GLU I 523 -44.26 55.33 -4.56
C GLU I 523 -43.53 56.25 -5.53
N LYS I 524 -43.15 57.43 -5.03
CA LYS I 524 -42.45 58.43 -5.83
C LYS I 524 -41.10 57.90 -6.33
N GLN I 525 -40.48 57.03 -5.54
CA GLN I 525 -39.20 56.44 -5.92
C GLN I 525 -39.34 55.55 -7.15
N PHE I 526 -40.41 54.76 -7.20
CA PHE I 526 -40.68 53.90 -8.34
C PHE I 526 -40.82 54.72 -9.61
N ASN I 527 -41.59 55.80 -9.54
CA ASN I 527 -41.81 56.68 -10.67
C ASN I 527 -40.50 57.17 -11.27
N MET I 528 -39.64 57.71 -10.42
CA MET I 528 -38.36 58.26 -10.84
C MET I 528 -37.48 57.25 -11.55
N LEU I 529 -37.40 56.04 -10.99
CA LEU I 529 -36.61 54.97 -11.59
C LEU I 529 -37.17 54.60 -12.96
N LYS I 530 -38.49 54.64 -13.07
CA LYS I 530 -39.17 54.27 -14.30
C LYS I 530 -38.75 55.15 -15.46
N VAL I 531 -38.81 56.47 -15.27
CA VAL I 531 -38.46 57.42 -16.31
C VAL I 531 -37.02 57.25 -16.78
N ILE I 532 -36.09 57.33 -15.83
CA ILE I 532 -34.67 57.16 -16.12
C ILE I 532 -34.42 55.84 -16.83
N LEU I 533 -35.17 54.82 -16.43
CA LEU I 533 -35.08 53.51 -17.05
C LEU I 533 -35.83 53.49 -18.38
N THR I 534 -36.93 54.23 -18.42
CA THR I 534 -37.75 54.31 -19.63
C THR I 534 -36.98 54.98 -20.77
N PHE I 535 -36.27 56.06 -20.45
CA PHE I 535 -35.49 56.78 -21.43
C PHE I 535 -34.38 55.90 -21.99
N GLY I 536 -33.78 55.10 -21.13
CA GLY I 536 -32.74 54.17 -21.54
C GLY I 536 -33.27 53.14 -22.52
N LYS I 537 -34.41 52.55 -22.19
CA LYS I 537 -35.02 51.54 -23.05
C LYS I 537 -35.54 52.14 -24.34
N GLU I 538 -36.16 53.30 -24.26
CA GLU I 538 -36.70 53.98 -25.44
C GLU I 538 -35.59 54.48 -26.36
N ALA I 539 -34.53 55.00 -25.75
CA ALA I 539 -33.40 55.51 -26.53
C ALA I 539 -32.58 54.35 -27.11
N ARG I 540 -32.50 53.26 -26.36
CA ARG I 540 -31.80 52.06 -26.82
C ARG I 540 -32.51 51.47 -28.04
N LYS I 541 -33.84 51.55 -28.03
CA LYS I 541 -34.65 51.05 -29.13
C LYS I 541 -34.38 51.85 -30.41
N ALA I 542 -34.16 53.15 -30.25
CA ALA I 542 -33.87 54.01 -31.39
C ALA I 542 -32.50 53.70 -31.97
N LEU I 543 -31.58 53.26 -31.12
CA LEU I 543 -30.24 52.89 -31.56
C LEU I 543 -30.29 51.62 -32.41
N SER I 544 -31.19 50.70 -32.05
CA SER I 544 -31.40 49.49 -32.83
C SER I 544 -31.99 49.85 -34.20
N LEU I 545 -32.74 50.95 -34.22
CA LEU I 545 -33.30 51.47 -35.46
C LEU I 545 -32.21 52.06 -36.35
N GLY I 546 -31.08 52.39 -35.74
CA GLY I 546 -29.94 52.94 -36.46
C GLY I 546 -29.82 54.45 -36.28
N ALA I 547 -30.72 55.02 -35.50
CA ALA I 547 -30.71 56.46 -35.24
C ALA I 547 -29.44 56.86 -34.49
N TYR I 548 -28.88 58.02 -34.86
CA TYR I 548 -27.66 58.50 -34.24
C TYR I 548 -27.87 58.83 -32.76
N PHE I 549 -26.84 58.59 -31.96
CA PHE I 549 -26.90 58.87 -30.53
C PHE I 549 -27.06 60.35 -30.25
N ASN I 550 -26.29 61.18 -30.95
CA ASN I 550 -26.35 62.62 -30.79
C ASN I 550 -27.73 63.18 -31.12
N GLU I 551 -28.35 62.62 -32.15
CA GLU I 551 -29.69 63.05 -32.55
C GLU I 551 -30.72 62.73 -31.47
N ILE I 552 -30.49 61.64 -30.75
CA ILE I 552 -31.38 61.25 -29.66
C ILE I 552 -31.21 62.20 -28.48
N MET I 553 -29.96 62.58 -28.20
CA MET I 553 -29.66 63.52 -27.13
C MET I 553 -30.26 64.88 -27.43
N GLU I 554 -30.17 65.31 -28.69
CA GLU I 554 -30.73 66.58 -29.11
C GLU I 554 -32.25 66.49 -29.24
N GLY I 555 -32.94 67.54 -28.80
CA GLY I 555 -34.38 67.56 -28.83
C GLY I 555 -34.98 66.91 -27.60
N THR I 556 -34.17 66.10 -26.92
CA THR I 556 -34.60 65.45 -25.69
C THR I 556 -33.99 66.14 -24.47
N VAL I 557 -33.29 67.25 -24.73
CA VAL I 557 -32.70 68.03 -23.66
C VAL I 557 -33.78 68.56 -22.71
N ALA I 558 -34.92 68.91 -23.29
CA ALA I 558 -36.04 69.44 -22.52
C ALA I 558 -36.66 68.36 -21.63
N VAL I 559 -36.79 67.15 -22.17
CA VAL I 559 -37.42 66.06 -21.43
C VAL I 559 -36.44 65.43 -20.44
N ARG I 560 -35.17 65.35 -20.81
CA ARG I 560 -34.15 64.83 -19.90
C ARG I 560 -33.99 65.75 -18.70
N GLU I 561 -34.11 67.05 -18.95
CA GLU I 561 -33.96 68.06 -17.91
C GLU I 561 -35.15 68.00 -16.95
N ARG I 562 -36.33 67.69 -17.48
CA ARG I 562 -37.53 67.57 -16.66
C ARG I 562 -37.44 66.35 -15.75
N ILE I 563 -36.87 65.27 -16.28
CA ILE I 563 -36.69 64.05 -15.51
C ILE I 563 -35.76 64.30 -14.33
N SER I 564 -34.65 64.98 -14.60
CA SER I 564 -33.64 65.26 -13.58
C SER I 564 -34.20 66.05 -12.40
N ARG I 565 -35.09 66.99 -12.69
CA ARG I 565 -35.68 67.84 -11.66
C ARG I 565 -37.03 67.31 -11.20
N SER I 566 -37.35 66.08 -11.62
CA SER I 566 -38.65 65.49 -11.30
C SER I 566 -38.79 65.16 -9.81
N LYS I 567 -37.66 65.06 -9.12
CA LYS I 567 -37.68 64.70 -7.71
C LYS I 567 -38.04 65.87 -6.81
N TYR I 568 -37.97 67.08 -7.35
CA TYR I 568 -38.31 68.28 -6.59
C TYR I 568 -39.81 68.55 -6.56
N ILE I 569 -40.58 67.68 -7.20
CA ILE I 569 -42.01 67.91 -7.35
C ILE I 569 -42.79 67.33 -6.17
N PRO I 570 -43.69 68.14 -5.59
CA PRO I 570 -44.49 67.81 -4.40
C PRO I 570 -45.19 66.46 -4.49
N GLU I 571 -45.20 65.73 -3.39
CA GLU I 571 -45.73 64.37 -3.34
C GLU I 571 -47.17 64.24 -3.82
N GLU I 572 -47.93 65.33 -3.75
CA GLU I 572 -49.35 65.30 -4.09
C GLU I 572 -49.60 64.91 -5.56
N GLU I 573 -48.63 65.18 -6.42
CA GLU I 573 -48.75 64.82 -7.83
C GLU I 573 -48.90 63.30 -7.99
N LEU I 574 -47.97 62.58 -7.39
CA LEU I 574 -48.04 61.12 -7.29
C LEU I 574 -48.24 60.37 -8.60
N ALA I 575 -47.38 60.61 -9.60
CA ALA I 575 -46.30 61.58 -9.53
C ALA I 575 -45.93 61.99 -10.96
N LYS I 576 -45.23 63.11 -11.10
CA LYS I 576 -44.96 63.68 -12.42
C LYS I 576 -43.97 62.89 -13.26
N ILE I 577 -42.94 62.33 -12.61
CA ILE I 577 -41.86 61.66 -13.33
C ILE I 577 -42.34 60.45 -14.12
N SER I 578 -43.05 59.54 -13.47
CA SER I 578 -43.52 58.33 -14.12
C SER I 578 -44.56 58.64 -15.20
N SER I 579 -45.38 59.65 -14.96
CA SER I 579 -46.41 60.04 -15.92
C SER I 579 -45.79 60.70 -17.15
N ILE I 580 -44.59 61.26 -16.98
CA ILE I 580 -43.89 61.92 -18.07
C ILE I 580 -43.25 60.91 -19.02
N ASN I 581 -42.91 59.74 -18.50
CA ASN I 581 -42.27 58.70 -19.28
C ASN I 581 -43.12 58.26 -20.47
N GLU I 582 -44.42 58.10 -20.24
CA GLU I 582 -45.35 57.73 -21.31
C GLU I 582 -45.39 58.83 -22.37
N GLU I 583 -45.36 60.08 -21.93
CA GLU I 583 -45.34 61.21 -22.84
C GLU I 583 -43.96 61.39 -23.46
N ILE I 584 -42.94 60.99 -22.72
CA ILE I 584 -41.55 61.11 -23.18
C ILE I 584 -41.26 60.14 -24.32
N LYS I 585 -41.88 58.98 -24.27
CA LYS I 585 -41.67 57.95 -25.29
C LYS I 585 -42.12 58.45 -26.66
N GLU I 586 -43.23 59.17 -26.69
CA GLU I 586 -43.76 59.72 -27.93
C GLU I 586 -42.82 60.77 -28.52
N THR I 587 -42.27 61.60 -27.64
CA THR I 587 -41.35 62.66 -28.07
C THR I 587 -40.05 62.08 -28.61
N ILE I 588 -39.57 61.01 -27.97
CA ILE I 588 -38.33 60.37 -28.40
C ILE I 588 -38.55 59.51 -29.64
N GLN I 589 -39.81 59.13 -29.88
CA GLN I 589 -40.15 58.31 -31.03
C GLN I 589 -39.96 59.05 -32.34
N LEU I 590 -40.24 60.36 -32.32
CA LEU I 590 -40.11 61.18 -33.51
C LEU I 590 -38.64 61.37 -33.91
N ILE I 591 -37.76 61.27 -32.92
CA ILE I 591 -36.33 61.45 -33.16
C ILE I 591 -35.76 60.34 -34.04
N TYR J 12 -15.54 24.92 49.77
CA TYR J 12 -14.50 23.92 49.65
C TYR J 12 -13.40 24.37 48.69
N ARG J 13 -13.68 25.37 47.88
CA ARG J 13 -12.65 25.95 47.03
C ARG J 13 -12.37 27.39 47.42
N THR J 14 -11.21 27.88 47.05
CA THR J 14 -10.83 29.25 47.35
C THR J 14 -10.22 29.92 46.12
N ILE J 15 -10.68 31.13 45.85
CA ILE J 15 -10.33 31.87 44.65
C ILE J 15 -9.58 33.15 45.03
N LYS J 16 -8.35 33.29 44.55
CA LYS J 16 -7.57 34.50 44.79
C LYS J 16 -8.36 35.72 44.33
N GLU J 17 -8.52 35.83 43.01
CA GLU J 17 -9.23 36.94 42.41
C GLU J 17 -10.18 36.43 41.34
N VAL J 18 -11.07 37.31 40.89
CA VAL J 18 -11.96 36.99 39.79
C VAL J 18 -12.04 38.19 38.84
N VAL J 19 -11.52 38.01 37.63
CA VAL J 19 -11.39 39.11 36.68
C VAL J 19 -12.00 38.76 35.33
N GLY J 20 -13.13 39.39 35.00
CA GLY J 20 -13.84 39.11 33.77
C GLY J 20 -14.15 37.63 33.67
N PRO J 21 -14.13 37.08 32.44
CA PRO J 21 -14.36 35.65 32.28
C PRO J 21 -13.31 34.81 33.03
N LEU J 22 -12.15 35.41 33.27
CA LEU J 22 -11.06 34.72 33.96
C LEU J 22 -11.31 34.61 35.45
N MET J 23 -10.84 33.51 36.05
CA MET J 23 -10.94 33.29 37.48
C MET J 23 -9.65 32.70 38.03
N ALA J 24 -9.44 32.84 39.34
CA ALA J 24 -8.18 32.43 39.96
C ALA J 24 -8.37 31.42 41.08
N VAL J 25 -8.00 30.17 40.85
CA VAL J 25 -8.20 29.14 41.86
C VAL J 25 -6.93 28.87 42.66
N GLU J 26 -7.05 28.86 43.99
CA GLU J 26 -5.90 28.67 44.86
C GLU J 26 -5.99 27.39 45.69
N LYS J 27 -4.83 26.84 46.04
CA LYS J 27 -4.75 25.65 46.89
C LYS J 27 -5.44 24.46 46.25
N VAL J 28 -5.21 24.28 44.95
CA VAL J 28 -5.82 23.18 44.22
C VAL J 28 -4.78 22.19 43.74
N SER J 29 -5.02 20.91 44.01
CA SER J 29 -4.08 19.86 43.64
C SER J 29 -4.75 18.84 42.71
N GLY J 30 -4.06 18.51 41.62
CA GLY J 30 -4.56 17.54 40.67
C GLY J 30 -5.32 18.17 39.51
N VAL J 31 -5.25 19.50 39.44
CA VAL J 31 -5.93 20.23 38.37
C VAL J 31 -5.25 20.02 37.03
N LYS J 32 -6.03 19.70 36.01
CA LYS J 32 -5.50 19.45 34.67
C LYS J 32 -5.82 20.61 33.73
N TYR J 33 -5.05 20.73 32.65
CA TYR J 33 -5.32 21.74 31.64
C TYR J 33 -6.56 21.36 30.83
N GLU J 34 -7.34 22.37 30.44
CA GLU J 34 -8.56 22.17 29.68
C GLU J 34 -9.62 21.41 30.49
N GLU J 35 -9.36 21.25 31.79
CA GLU J 35 -10.31 20.60 32.67
C GLU J 35 -11.48 21.53 32.98
N LEU J 36 -12.69 21.01 32.88
CA LEU J 36 -13.89 21.77 33.17
C LEU J 36 -13.95 22.18 34.64
N ILE J 37 -14.50 23.36 34.89
CA ILE J 37 -14.69 23.84 36.26
C ILE J 37 -16.13 24.27 36.48
N GLU J 38 -16.63 24.07 37.69
CA GLU J 38 -18.00 24.44 38.04
C GLU J 38 -18.01 25.51 39.11
N VAL J 39 -18.59 26.67 38.79
CA VAL J 39 -18.60 27.79 39.72
C VAL J 39 -19.99 28.04 40.31
N ARG J 40 -20.06 28.03 41.63
CA ARG J 40 -21.32 28.30 42.34
C ARG J 40 -21.31 29.73 42.88
N MET J 41 -22.34 30.49 42.53
CA MET J 41 -22.43 31.88 42.95
C MET J 41 -22.85 32.00 44.42
N GLN J 42 -22.82 33.22 44.94
CA GLN J 42 -23.26 33.48 46.31
C GLN J 42 -24.76 33.30 46.43
N ASN J 43 -25.49 33.74 45.41
CA ASN J 43 -26.94 33.60 45.38
C ASN J 43 -27.37 32.16 45.09
N GLY J 44 -26.43 31.37 44.56
CA GLY J 44 -26.71 29.98 44.25
C GLY J 44 -26.64 29.68 42.77
N GLU J 45 -26.33 30.70 41.97
CA GLU J 45 -26.21 30.53 40.53
C GLU J 45 -25.04 29.60 40.18
N ILE J 46 -25.22 28.82 39.12
CA ILE J 46 -24.18 27.91 38.67
C ILE J 46 -23.60 28.34 37.33
N ARG J 47 -22.28 28.28 37.21
CA ARG J 47 -21.60 28.64 35.98
C ARG J 47 -20.52 27.64 35.63
N ARG J 48 -20.34 27.40 34.34
CA ARG J 48 -19.37 26.43 33.84
C ARG J 48 -18.32 27.10 32.96
N GLY J 49 -17.07 26.67 33.09
CA GLY J 49 -15.99 27.24 32.33
C GLY J 49 -14.89 26.26 32.00
N GLN J 50 -13.89 26.71 31.25
CA GLN J 50 -12.77 25.86 30.86
C GLN J 50 -11.45 26.47 31.32
N VAL J 51 -10.57 25.62 31.85
CA VAL J 51 -9.29 26.08 32.37
C VAL J 51 -8.21 26.05 31.30
N LEU J 52 -7.66 27.23 30.99
CA LEU J 52 -6.64 27.36 29.95
C LEU J 52 -5.23 27.40 30.52
N GLU J 53 -5.13 27.47 31.85
CA GLU J 53 -3.83 27.50 32.51
C GLU J 53 -3.97 27.19 34.00
N VAL J 54 -3.01 26.44 34.53
CA VAL J 54 -3.00 26.11 35.95
C VAL J 54 -1.61 26.25 36.55
N GLN J 55 -1.56 26.34 37.87
CA GLN J 55 -0.30 26.43 38.60
C GLN J 55 -0.40 25.62 39.88
N GLU J 56 0.69 25.56 40.63
CA GLU J 56 0.70 24.81 41.88
C GLU J 56 -0.15 25.50 42.93
N ASP J 57 0.14 26.77 43.16
CA ASP J 57 -0.58 27.55 44.18
C ASP J 57 -1.79 28.28 43.60
N LYS J 58 -1.95 28.25 42.28
CA LYS J 58 -3.07 28.94 41.65
C LYS J 58 -3.58 28.23 40.40
N ALA J 59 -4.86 28.43 40.11
CA ALA J 59 -5.50 27.83 38.94
C ALA J 59 -6.32 28.87 38.18
N MET J 60 -5.98 29.05 36.90
CA MET J 60 -6.61 30.08 36.08
C MET J 60 -7.73 29.51 35.20
N VAL J 61 -8.97 29.84 35.54
CA VAL J 61 -10.12 29.36 34.78
C VAL J 61 -10.84 30.52 34.10
N GLN J 62 -11.51 30.23 32.98
CA GLN J 62 -12.31 31.24 32.30
C GLN J 62 -13.77 30.81 32.25
N ILE J 63 -14.67 31.72 32.62
CA ILE J 63 -16.09 31.42 32.66
C ILE J 63 -16.77 31.72 31.32
N PHE J 64 -17.56 30.77 30.84
CA PHE J 64 -18.24 30.93 29.55
C PHE J 64 -19.21 32.10 29.57
N GLU J 65 -20.16 32.07 30.49
CA GLU J 65 -21.23 33.05 30.53
C GLU J 65 -20.78 34.41 31.06
N GLY J 66 -19.61 34.45 31.70
CA GLY J 66 -19.09 35.69 32.24
C GLY J 66 -19.02 35.67 33.76
N THR J 67 -18.61 36.80 34.34
CA THR J 67 -18.43 36.88 35.78
C THR J 67 -19.28 37.98 36.42
N SER J 68 -20.17 38.57 35.63
CA SER J 68 -21.02 39.65 36.13
C SER J 68 -21.83 39.22 37.35
N GLY J 69 -21.60 39.90 38.47
CA GLY J 69 -22.33 39.62 39.69
C GLY J 69 -21.82 38.41 40.45
N ILE J 70 -20.51 38.23 40.46
CA ILE J 70 -19.90 37.12 41.19
C ILE J 70 -18.94 37.64 42.27
N CYS J 71 -19.01 37.04 43.45
CA CYS J 71 -18.19 37.45 44.58
C CYS J 71 -17.32 36.30 45.05
N LEU J 72 -16.01 36.41 44.85
CA LEU J 72 -15.07 35.35 45.18
C LEU J 72 -15.18 34.88 46.63
N LYS J 73 -15.30 35.82 47.56
CA LYS J 73 -15.42 35.49 48.98
C LYS J 73 -16.71 34.73 49.26
N ASN J 74 -17.64 34.77 48.31
CA ASN J 74 -18.94 34.12 48.49
C ASN J 74 -19.30 33.13 47.38
N SER J 75 -18.40 32.94 46.41
CA SER J 75 -18.68 32.08 45.26
C SER J 75 -17.81 30.83 45.25
N SER J 76 -18.40 29.66 44.97
CA SER J 76 -17.66 28.42 45.06
C SER J 76 -17.48 27.64 43.73
N VAL J 77 -16.23 27.35 43.41
CA VAL J 77 -15.85 26.62 42.19
C VAL J 77 -15.36 25.22 42.48
N ARG J 78 -16.07 24.21 42.01
CA ARG J 78 -15.63 22.82 42.16
C ARG J 78 -15.17 22.28 40.81
N PHE J 79 -13.97 21.69 40.78
CA PHE J 79 -13.43 21.14 39.53
C PHE J 79 -14.28 19.97 39.03
N LEU J 80 -14.60 19.99 37.75
CA LEU J 80 -15.38 18.93 37.14
C LEU J 80 -14.55 17.66 37.01
N GLY J 81 -13.24 17.83 36.79
CA GLY J 81 -12.32 16.71 36.78
C GLY J 81 -12.11 16.05 35.43
N HIS J 82 -12.66 16.65 34.38
CA HIS J 82 -12.55 16.08 33.05
C HIS J 82 -12.59 17.15 31.96
N PRO J 83 -11.90 16.90 30.84
CA PRO J 83 -11.96 17.81 29.69
C PRO J 83 -13.35 17.77 29.05
N LEU J 84 -13.61 18.69 28.13
CA LEU J 84 -14.90 18.70 27.44
C LEU J 84 -15.14 17.39 26.71
N GLN J 85 -16.30 16.79 26.94
CA GLN J 85 -16.64 15.50 26.34
C GLN J 85 -18.04 15.53 25.74
N LEU J 86 -18.14 15.18 24.47
CA LEU J 86 -19.44 15.10 23.81
C LEU J 86 -20.05 13.71 23.99
N GLY J 87 -21.36 13.68 24.19
CA GLY J 87 -22.08 12.42 24.27
C GLY J 87 -22.33 11.86 22.89
N VAL J 88 -21.90 10.62 22.67
CA VAL J 88 -22.05 9.99 21.36
C VAL J 88 -23.21 9.00 21.35
N SER J 89 -24.37 9.47 20.87
CA SER J 89 -25.55 8.62 20.76
C SER J 89 -25.88 8.40 19.29
N GLU J 90 -26.33 7.20 18.95
CA GLU J 90 -26.66 6.88 17.57
C GLU J 90 -27.93 7.61 17.13
N ASP J 91 -28.79 7.92 18.09
CA ASP J 91 -30.06 8.59 17.80
C ASP J 91 -29.91 10.11 17.87
N MET J 92 -28.68 10.58 18.02
CA MET J 92 -28.42 12.02 18.10
C MET J 92 -28.75 12.70 16.78
N ILE J 93 -28.75 11.92 15.69
CA ILE J 93 -28.96 12.45 14.36
C ILE J 93 -30.38 12.98 14.18
N GLY J 94 -30.48 14.17 13.60
CA GLY J 94 -31.78 14.80 13.38
C GLY J 94 -32.18 15.70 14.52
N ARG J 95 -31.26 15.93 15.45
CA ARG J 95 -31.55 16.76 16.62
C ARG J 95 -30.53 17.88 16.79
N VAL J 96 -31.04 19.11 16.90
CA VAL J 96 -30.18 20.28 17.07
C VAL J 96 -29.55 20.31 18.45
N PHE J 97 -28.23 20.45 18.49
CA PHE J 97 -27.48 20.48 19.74
C PHE J 97 -26.51 21.66 19.75
N ASP J 98 -26.21 22.19 20.93
CA ASP J 98 -25.28 23.31 21.03
C ASP J 98 -23.84 22.83 20.94
N GLY J 99 -22.91 23.77 20.86
CA GLY J 99 -21.50 23.44 20.87
C GLY J 99 -21.14 22.64 22.09
N LEU J 100 -21.77 22.98 23.22
CA LEU J 100 -21.60 22.22 24.44
C LEU J 100 -22.19 20.82 24.30
N GLY J 101 -23.10 20.66 23.34
CA GLY J 101 -23.74 19.38 23.09
C GLY J 101 -25.14 19.29 23.67
N ARG J 102 -25.51 20.28 24.48
CA ARG J 102 -26.83 20.32 25.10
C ARG J 102 -27.92 20.65 24.08
N PRO J 103 -29.09 20.03 24.23
CA PRO J 103 -30.24 20.24 23.35
C PRO J 103 -30.91 21.59 23.51
N LYS J 104 -30.82 22.43 22.49
CA LYS J 104 -31.55 23.68 22.45
C LYS J 104 -32.99 23.43 22.02
N ASP J 105 -33.18 22.40 21.19
CA ASP J 105 -34.49 22.06 20.66
C ASP J 105 -35.36 21.38 21.72
N ASN J 106 -34.73 20.93 22.80
CA ASN J 106 -35.43 20.32 23.92
C ASN J 106 -36.13 19.00 23.56
N GLY J 107 -35.64 18.34 22.52
CA GLY J 107 -36.13 17.02 22.17
C GLY J 107 -35.63 16.00 23.17
N PRO J 108 -36.05 14.73 23.01
CA PRO J 108 -35.58 13.66 23.88
C PRO J 108 -34.05 13.62 23.96
N GLU J 109 -33.51 13.67 25.17
CA GLU J 109 -32.06 13.76 25.37
C GLU J 109 -31.31 12.66 24.62
N ILE J 110 -31.79 11.43 24.73
CA ILE J 110 -31.14 10.29 24.10
C ILE J 110 -29.68 10.21 24.55
N LEU J 111 -29.49 10.20 25.87
CA LEU J 111 -28.16 10.19 26.47
C LEU J 111 -27.31 9.06 25.91
N PRO J 112 -26.05 9.38 25.55
CA PRO J 112 -25.13 8.44 24.91
C PRO J 112 -24.73 7.28 25.81
N GLU J 113 -24.38 6.16 25.20
CA GLU J 113 -23.92 4.99 25.93
C GLU J 113 -22.60 5.27 26.63
N LYS J 114 -21.75 6.06 26.00
CA LYS J 114 -20.41 6.30 26.52
C LYS J 114 -19.92 7.72 26.24
N TYR J 115 -18.87 8.12 26.94
CA TYR J 115 -18.25 9.43 26.76
C TYR J 115 -16.79 9.30 26.32
N LEU J 116 -16.39 10.08 25.34
CA LEU J 116 -15.01 10.08 24.86
C LEU J 116 -14.49 11.51 24.68
N ASP J 117 -13.17 11.66 24.68
CA ASP J 117 -12.54 12.97 24.55
C ASP J 117 -12.85 13.61 23.20
N ILE J 118 -13.07 14.92 23.22
CA ILE J 118 -13.43 15.66 22.02
C ILE J 118 -12.26 15.83 21.06
N ASN J 119 -11.06 15.95 21.61
CA ASN J 119 -9.86 16.18 20.82
C ASN J 119 -9.54 15.02 19.88
N GLY J 120 -9.84 13.80 20.32
CA GLY J 120 -9.56 12.62 19.52
C GLY J 120 -8.08 12.31 19.47
N GLU J 121 -7.69 11.41 18.57
CA GLU J 121 -6.30 11.01 18.44
C GLU J 121 -5.80 11.15 17.01
N VAL J 122 -4.51 11.40 16.86
CA VAL J 122 -3.91 11.56 15.54
C VAL J 122 -3.95 10.26 14.76
N ILE J 123 -4.38 10.34 13.50
CA ILE J 123 -4.48 9.16 12.65
C ILE J 123 -3.17 8.88 11.92
N ASN J 124 -2.76 7.62 11.91
CA ASN J 124 -1.53 7.22 11.23
C ASN J 124 -1.63 7.43 9.74
N PRO J 125 -0.68 8.18 9.17
CA PRO J 125 -0.61 8.49 7.73
C PRO J 125 -0.73 7.25 6.85
N ILE J 126 -0.14 6.16 7.32
CA ILE J 126 -0.05 4.94 6.54
C ILE J 126 -1.32 4.10 6.67
N ALA J 127 -2.01 4.29 7.80
CA ALA J 127 -3.27 3.59 8.05
C ALA J 127 -4.37 4.09 7.13
N ARG J 128 -4.31 5.36 6.78
CA ARG J 128 -5.32 5.98 5.92
C ARG J 128 -5.37 5.36 4.54
N ASP J 129 -6.57 5.26 3.98
CA ASP J 129 -6.75 4.78 2.62
C ASP J 129 -7.06 5.92 1.68
N TYR J 130 -6.49 5.88 0.48
CA TYR J 130 -6.78 6.89 -0.54
C TYR J 130 -8.22 6.80 -0.98
N PRO J 131 -8.93 7.94 -0.96
CA PRO J 131 -10.35 8.05 -1.34
C PRO J 131 -10.65 7.37 -2.67
N ASP J 132 -11.65 6.51 -2.69
CA ASP J 132 -12.01 5.77 -3.90
C ASP J 132 -13.46 6.01 -4.32
N GLU J 133 -14.11 6.97 -3.68
CA GLU J 133 -15.50 7.28 -3.98
C GLU J 133 -15.72 8.77 -4.24
N PHE J 134 -16.62 9.08 -5.17
CA PHE J 134 -16.97 10.45 -5.48
C PHE J 134 -18.41 10.75 -5.10
N ILE J 135 -18.61 11.87 -4.42
CA ILE J 135 -19.94 12.29 -4.00
C ILE J 135 -20.35 13.57 -4.72
N GLN J 136 -21.49 13.53 -5.40
CA GLN J 136 -22.03 14.73 -6.03
C GLN J 136 -22.35 15.79 -4.98
N THR J 137 -21.87 17.01 -5.20
CA THR J 137 -22.20 18.13 -4.33
C THR J 137 -23.43 18.85 -4.87
N GLY J 138 -23.98 18.33 -5.96
CA GLY J 138 -25.15 18.92 -6.59
C GLY J 138 -24.83 20.23 -7.28
N ILE J 139 -23.54 20.52 -7.43
CA ILE J 139 -23.09 21.76 -8.03
C ILE J 139 -22.17 21.50 -9.21
N SER J 140 -22.39 22.21 -10.31
CA SER J 140 -21.61 22.02 -11.52
C SER J 140 -20.13 22.35 -11.32
N ALA J 141 -19.86 23.58 -10.90
CA ALA J 141 -18.49 24.06 -10.70
C ALA J 141 -17.67 23.10 -9.86
N ILE J 142 -18.24 22.63 -8.75
CA ILE J 142 -17.57 21.66 -7.92
C ILE J 142 -17.54 20.30 -8.63
N ASP J 143 -18.71 19.71 -8.82
CA ASP J 143 -18.79 18.33 -9.34
C ASP J 143 -18.26 18.12 -10.76
N HIS J 144 -18.00 19.20 -11.50
CA HIS J 144 -17.60 19.04 -12.90
C HIS J 144 -16.28 19.74 -13.21
N LEU J 145 -15.83 20.60 -12.31
CA LEU J 145 -14.53 21.27 -12.48
C LEU J 145 -13.55 20.85 -11.40
N ASN J 146 -14.01 20.87 -10.15
CA ASN J 146 -13.17 20.47 -9.01
C ASN J 146 -13.91 19.48 -8.12
N THR J 147 -14.22 18.31 -8.69
CA THR J 147 -15.10 17.34 -8.05
C THR J 147 -14.66 16.97 -6.64
N LEU J 148 -15.63 16.89 -5.72
CA LEU J 148 -15.34 16.53 -4.34
C LEU J 148 -15.25 15.01 -4.18
N VAL J 149 -14.18 14.57 -3.53
CA VAL J 149 -13.96 13.14 -3.31
C VAL J 149 -14.33 12.75 -1.89
N ARG J 150 -14.88 11.54 -1.72
CA ARG J 150 -15.21 11.03 -0.40
C ARG J 150 -13.97 10.91 0.46
N GLY J 151 -14.04 11.43 1.68
CA GLY J 151 -12.90 11.39 2.58
C GLY J 151 -11.84 12.41 2.19
N GLN J 152 -12.24 13.40 1.40
CA GLN J 152 -11.33 14.45 0.97
C GLN J 152 -11.76 15.79 1.53
N LYS J 153 -10.86 16.43 2.28
CA LYS J 153 -11.09 17.78 2.77
C LYS J 153 -11.35 18.72 1.60
N LEU J 154 -12.29 19.64 1.77
CA LEU J 154 -12.61 20.60 0.72
C LEU J 154 -12.85 21.98 1.31
N PRO J 155 -11.82 22.84 1.24
CA PRO J 155 -11.88 24.18 1.84
C PRO J 155 -12.66 25.17 0.99
N VAL J 156 -13.68 25.78 1.57
CA VAL J 156 -14.44 26.81 0.89
C VAL J 156 -14.07 28.18 1.43
N PHE J 157 -13.62 29.05 0.52
CA PHE J 157 -13.28 30.42 0.88
C PHE J 157 -14.29 31.38 0.26
N SER J 158 -14.86 32.25 1.08
CA SER J 158 -15.89 33.17 0.60
C SER J 158 -15.49 34.63 0.76
N GLY J 159 -15.57 35.38 -0.33
CA GLY J 159 -15.36 36.82 -0.29
C GLY J 159 -16.43 37.47 0.57
N SER J 160 -16.14 38.65 1.09
CA SER J 160 -17.09 39.34 1.96
C SER J 160 -18.33 39.71 1.17
N GLY J 161 -19.48 39.66 1.83
CA GLY J 161 -20.74 39.97 1.18
C GLY J 161 -21.26 38.81 0.34
N LEU J 162 -20.43 37.80 0.13
CA LEU J 162 -20.82 36.64 -0.66
C LEU J 162 -21.75 35.72 0.14
N PRO J 163 -22.62 34.99 -0.56
CA PRO J 163 -23.57 34.07 0.10
C PRO J 163 -22.94 32.72 0.41
N HIS J 164 -21.97 32.71 1.32
CA HIS J 164 -21.33 31.47 1.74
C HIS J 164 -22.33 30.55 2.42
N LYS J 165 -23.21 31.15 3.23
CA LYS J 165 -24.24 30.43 3.95
C LYS J 165 -25.13 29.59 3.03
N GLU J 166 -25.51 30.18 1.90
CA GLU J 166 -26.39 29.51 0.95
C GLU J 166 -25.72 28.28 0.33
N LEU J 167 -24.40 28.37 0.13
CA LEU J 167 -23.66 27.29 -0.51
C LEU J 167 -23.54 26.09 0.41
N ALA J 168 -23.33 26.35 1.70
CA ALA J 168 -23.20 25.28 2.69
C ALA J 168 -24.50 24.52 2.86
N ALA J 169 -25.61 25.26 2.86
CA ALA J 169 -26.93 24.66 3.04
C ALA J 169 -27.32 23.78 1.85
N GLN J 170 -26.97 24.24 0.65
CA GLN J 170 -27.31 23.51 -0.57
C GLN J 170 -26.60 22.17 -0.64
N ILE J 171 -25.31 22.16 -0.30
CA ILE J 171 -24.50 20.95 -0.38
C ILE J 171 -25.05 19.81 0.45
N ALA J 172 -25.24 20.05 1.74
CA ALA J 172 -25.69 19.03 2.69
C ALA J 172 -26.93 18.28 2.20
N ARG J 173 -27.91 19.02 1.71
CA ARG J 173 -29.17 18.43 1.26
C ARG J 173 -29.04 17.80 -0.12
N GLN J 174 -28.44 18.54 -1.04
CA GLN J 174 -28.30 18.09 -2.43
C GLN J 174 -27.29 16.96 -2.57
N ALA J 175 -26.16 17.09 -1.87
CA ALA J 175 -25.10 16.08 -1.95
C ALA J 175 -25.59 14.73 -1.43
N THR J 176 -25.77 13.80 -2.37
CA THR J 176 -26.17 12.44 -2.02
C THR J 176 -25.15 11.46 -2.57
N VAL J 177 -25.00 10.32 -1.90
CA VAL J 177 -24.06 9.30 -2.34
C VAL J 177 -24.59 8.61 -3.59
N LEU J 178 -23.69 8.21 -4.47
CA LEU J 178 -24.07 7.57 -5.73
C LEU J 178 -23.79 6.07 -5.71
N ASP J 179 -24.85 5.28 -5.80
CA ASP J 179 -24.74 3.82 -5.89
C ASP J 179 -24.23 3.16 -4.61
N SER J 180 -24.11 3.93 -3.54
CA SER J 180 -23.65 3.40 -2.27
C SER J 180 -24.73 2.61 -1.55
N SER J 181 -25.98 2.97 -1.81
CA SER J 181 -27.12 2.33 -1.17
C SER J 181 -27.22 2.64 0.32
N ASP J 182 -26.38 3.58 0.77
CA ASP J 182 -26.41 3.99 2.18
C ASP J 182 -26.53 5.50 2.28
N ASP J 183 -27.42 5.94 3.17
CA ASP J 183 -27.65 7.38 3.36
C ASP J 183 -26.42 8.07 3.93
N PHE J 184 -26.10 9.24 3.39
CA PHE J 184 -24.96 10.02 3.85
C PHE J 184 -25.26 10.67 5.20
N ALA J 185 -24.51 10.27 6.23
CA ALA J 185 -24.60 10.92 7.52
C ALA J 185 -23.84 12.25 7.44
N VAL J 186 -24.36 13.27 8.10
CA VAL J 186 -23.70 14.57 8.06
C VAL J 186 -23.90 15.35 9.36
N VAL J 187 -22.79 15.76 9.97
CA VAL J 187 -22.83 16.60 11.16
C VAL J 187 -22.53 18.04 10.76
N PHE J 188 -23.45 18.94 11.07
CA PHE J 188 -23.29 20.34 10.71
C PHE J 188 -23.02 21.21 11.94
N ALA J 189 -21.85 21.82 11.99
CA ALA J 189 -21.49 22.71 13.09
C ALA J 189 -21.44 24.16 12.62
N ALA J 190 -22.23 25.01 13.26
CA ALA J 190 -22.25 26.43 12.94
C ALA J 190 -21.59 27.22 14.07
N ILE J 191 -20.57 28.00 13.74
CA ILE J 191 -19.75 28.67 14.75
C ILE J 191 -19.75 30.19 14.61
N GLY J 192 -20.11 30.87 15.69
CA GLY J 192 -20.09 32.33 15.74
C GLY J 192 -20.88 33.01 14.65
N ILE J 193 -22.06 32.47 14.35
CA ILE J 193 -22.90 33.02 13.29
C ILE J 193 -24.06 33.84 13.85
N THR J 194 -24.59 34.73 13.02
CA THR J 194 -25.74 35.53 13.40
C THR J 194 -26.97 34.64 13.58
N PHE J 195 -27.99 35.15 14.26
CA PHE J 195 -29.19 34.37 14.53
C PHE J 195 -29.90 33.99 13.24
N GLU J 196 -29.91 34.90 12.27
CA GLU J 196 -30.58 34.67 11.00
C GLU J 196 -29.94 33.52 10.23
N GLU J 197 -28.61 33.45 10.27
CA GLU J 197 -27.90 32.35 9.64
C GLU J 197 -28.19 31.05 10.37
N ALA J 198 -28.27 31.12 11.69
CA ALA J 198 -28.58 29.96 12.51
C ALA J 198 -30.01 29.49 12.28
N GLU J 199 -30.93 30.44 12.16
CA GLU J 199 -32.33 30.12 11.95
C GLU J 199 -32.57 29.57 10.55
N PHE J 200 -31.79 30.06 9.59
CA PHE J 200 -31.87 29.60 8.21
C PHE J 200 -31.53 28.11 8.12
N PHE J 201 -30.38 27.74 8.68
CA PHE J 201 -29.90 26.36 8.64
C PHE J 201 -30.90 25.38 9.26
N MET J 202 -31.44 25.74 10.41
CA MET J 202 -32.41 24.89 11.10
C MET J 202 -33.74 24.84 10.34
N GLU J 203 -34.22 26.00 9.91
CA GLU J 203 -35.44 26.07 9.11
C GLU J 203 -35.29 25.34 7.78
N ASP J 204 -34.15 25.57 7.12
CA ASP J 204 -33.90 24.98 5.81
C ASP J 204 -33.76 23.47 5.88
N PHE J 205 -33.12 22.98 6.93
CA PHE J 205 -32.95 21.54 7.12
C PHE J 205 -34.29 20.88 7.45
N ARG J 206 -35.10 21.54 8.26
CA ARG J 206 -36.39 21.01 8.66
C ARG J 206 -37.38 21.00 7.49
N GLN J 207 -37.34 22.06 6.69
CA GLN J 207 -38.22 22.15 5.53
C GLN J 207 -37.93 21.04 4.52
N THR J 208 -36.64 20.84 4.24
CA THR J 208 -36.20 19.78 3.33
C THR J 208 -36.46 18.40 3.92
N GLY J 209 -36.49 18.33 5.24
CA GLY J 209 -36.71 17.07 5.93
C GLY J 209 -35.47 16.22 6.00
N ALA J 210 -34.35 16.77 5.51
CA ALA J 210 -33.08 16.06 5.53
C ALA J 210 -32.36 16.28 6.85
N ILE J 211 -33.01 17.02 7.75
CA ILE J 211 -32.44 17.30 9.07
C ILE J 211 -32.32 16.02 9.90
N ASP J 212 -33.30 15.14 9.77
CA ASP J 212 -33.33 13.90 10.55
C ASP J 212 -32.11 13.04 10.27
N ARG J 213 -31.58 13.16 9.06
CA ARG J 213 -30.42 12.38 8.63
C ARG J 213 -29.12 13.12 8.95
N SER J 214 -29.26 14.33 9.46
CA SER J 214 -28.10 15.17 9.76
C SER J 214 -27.97 15.46 11.25
N VAL J 215 -26.76 15.75 11.69
CA VAL J 215 -26.52 16.18 13.06
C VAL J 215 -26.12 17.65 13.06
N MET J 216 -26.62 18.42 14.01
CA MET J 216 -26.37 19.86 14.00
C MET J 216 -25.86 20.40 15.33
N PHE J 217 -24.71 21.06 15.29
CA PHE J 217 -24.18 21.79 16.43
C PHE J 217 -24.21 23.28 16.12
N MET J 218 -24.71 24.07 17.07
CA MET J 218 -24.92 25.49 16.82
C MET J 218 -24.17 26.41 17.78
N ASN J 219 -23.47 27.38 17.20
CA ASN J 219 -22.81 28.43 17.98
C ASN J 219 -23.28 29.82 17.53
N LEU J 220 -23.56 30.68 18.49
CA LEU J 220 -23.90 32.06 18.19
C LEU J 220 -22.66 32.93 18.30
N ALA J 221 -22.70 34.11 17.68
CA ALA J 221 -21.59 35.06 17.81
C ALA J 221 -21.48 35.52 19.26
N ASN J 222 -22.62 35.62 19.92
CA ASN J 222 -22.68 36.04 21.31
C ASN J 222 -22.28 34.91 22.27
N ASP J 223 -22.16 33.71 21.75
CA ASP J 223 -21.72 32.57 22.56
C ASP J 223 -20.31 32.80 23.10
N PRO J 224 -20.00 32.17 24.24
CA PRO J 224 -18.67 32.24 24.85
C PRO J 224 -17.59 31.84 23.85
N ALA J 225 -16.42 32.47 23.96
CA ALA J 225 -15.32 32.20 23.05
C ALA J 225 -14.92 30.72 23.05
N ILE J 226 -14.78 30.17 24.25
CA ILE J 226 -14.33 28.79 24.41
C ILE J 226 -15.32 27.80 23.82
N GLU J 227 -16.61 28.13 23.87
CA GLU J 227 -17.64 27.28 23.28
C GLU J 227 -17.55 27.27 21.77
N ARG J 228 -17.28 28.44 21.19
CA ARG J 228 -17.11 28.56 19.75
C ARG J 228 -15.94 27.74 19.25
N ILE J 229 -14.89 27.68 20.07
CA ILE J 229 -13.67 26.95 19.73
C ILE J 229 -13.85 25.44 19.89
N ALA J 230 -14.66 25.05 20.88
CA ALA J 230 -14.82 23.64 21.23
C ALA J 230 -15.75 22.91 20.28
N THR J 231 -16.68 23.63 19.67
CA THR J 231 -17.71 23.03 18.82
C THR J 231 -17.13 22.26 17.63
N PRO J 232 -16.09 22.80 16.98
CA PRO J 232 -15.41 22.04 15.93
C PRO J 232 -14.95 20.67 16.43
N ARG J 233 -14.24 20.65 17.56
CA ARG J 233 -13.82 19.40 18.18
C ARG J 233 -15.03 18.55 18.57
N MET J 234 -16.05 19.21 19.09
CA MET J 234 -17.28 18.53 19.50
C MET J 234 -17.99 17.88 18.32
N ALA J 235 -18.19 18.66 17.26
CA ALA J 235 -18.91 18.17 16.08
C ALA J 235 -18.15 17.04 15.39
N LEU J 236 -16.83 17.15 15.34
CA LEU J 236 -16.00 16.13 14.73
C LEU J 236 -16.06 14.82 15.50
N THR J 237 -16.22 14.93 16.82
CA THR J 237 -16.31 13.76 17.67
C THR J 237 -17.52 12.92 17.29
N ALA J 238 -18.60 13.58 16.92
CA ALA J 238 -19.80 12.90 16.44
C ALA J 238 -19.52 12.17 15.14
N ALA J 239 -19.01 12.92 14.15
CA ALA J 239 -18.71 12.37 12.84
C ALA J 239 -17.75 11.18 12.92
N GLU J 240 -16.72 11.32 13.76
CA GLU J 240 -15.77 10.23 13.96
C GLU J 240 -16.47 9.00 14.53
N TYR J 241 -17.19 9.20 15.64
CA TYR J 241 -17.92 8.12 16.28
C TYR J 241 -18.92 7.47 15.34
N LEU J 242 -19.50 8.27 14.45
CA LEU J 242 -20.46 7.77 13.47
C LEU J 242 -19.76 6.92 12.42
N ALA J 243 -18.61 7.41 11.95
CA ALA J 243 -17.87 6.72 10.90
C ALA J 243 -17.03 5.57 11.47
N TYR J 244 -16.40 5.82 12.61
CA TYR J 244 -15.49 4.84 13.20
C TYR J 244 -16.24 3.68 13.85
N GLU J 245 -17.38 3.97 14.47
CA GLU J 245 -18.10 2.96 15.23
C GLU J 245 -19.47 2.62 14.65
N LYS J 246 -20.27 3.66 14.38
CA LYS J 246 -21.61 3.44 13.85
C LYS J 246 -21.57 2.85 12.44
N GLY J 247 -20.61 3.29 11.64
CA GLY J 247 -20.45 2.77 10.30
C GLY J 247 -21.31 3.49 9.27
N MET J 248 -21.49 4.79 9.47
CA MET J 248 -22.19 5.62 8.50
C MET J 248 -21.29 6.74 8.02
N HIS J 249 -21.19 6.88 6.70
CA HIS J 249 -20.26 7.83 6.09
C HIS J 249 -20.72 9.27 6.29
N VAL J 250 -19.76 10.16 6.57
CA VAL J 250 -20.09 11.52 6.97
C VAL J 250 -19.39 12.59 6.14
N LEU J 251 -20.11 13.69 5.90
CA LEU J 251 -19.57 14.85 5.19
C LEU J 251 -19.84 16.13 5.97
N VAL J 252 -19.06 16.35 7.02
CA VAL J 252 -19.28 17.48 7.93
C VAL J 252 -18.97 18.83 7.30
N ILE J 253 -19.83 19.81 7.57
CA ILE J 253 -19.62 21.17 7.11
C ILE J 253 -19.50 22.11 8.31
N MET J 254 -18.52 23.01 8.27
CA MET J 254 -18.22 23.87 9.40
C MET J 254 -18.10 25.34 9.01
N THR J 255 -18.89 26.18 9.66
CA THR J 255 -18.87 27.63 9.40
C THR J 255 -19.34 28.38 10.64
N ASP J 256 -18.68 29.50 10.94
CA ASP J 256 -17.57 30.01 10.15
C ASP J 256 -16.23 29.56 10.73
N MET J 257 -15.33 29.12 9.85
CA MET J 257 -14.01 28.68 10.29
C MET J 257 -13.13 29.85 10.72
N THR J 258 -13.43 31.03 10.19
CA THR J 258 -12.72 32.24 10.58
C THR J 258 -12.98 32.55 12.04
N ASN J 259 -14.23 32.38 12.45
CA ASN J 259 -14.65 32.65 13.82
C ASN J 259 -13.89 31.78 14.83
N TYR J 260 -13.53 30.58 14.41
CA TYR J 260 -12.72 29.70 15.26
C TYR J 260 -11.35 30.31 15.49
N ALA J 261 -10.73 30.80 14.41
CA ALA J 261 -9.43 31.43 14.49
C ALA J 261 -9.49 32.74 15.27
N GLU J 262 -10.55 33.51 15.03
CA GLU J 262 -10.76 34.77 15.73
C GLU J 262 -10.96 34.52 17.22
N ALA J 263 -11.71 33.47 17.54
CA ALA J 263 -11.96 33.11 18.93
C ALA J 263 -10.70 32.56 19.58
N LEU J 264 -9.86 31.91 18.78
CA LEU J 264 -8.60 31.36 19.28
C LEU J 264 -7.65 32.47 19.73
N ARG J 265 -7.78 33.64 19.11
CA ARG J 265 -6.98 34.79 19.46
C ARG J 265 -7.35 35.35 20.84
N GLU J 266 -8.62 35.22 21.18
CA GLU J 266 -9.14 35.81 22.41
C GLU J 266 -8.59 35.14 23.66
N ILE J 267 -8.58 33.82 23.68
CA ILE J 267 -8.02 33.09 24.82
C ILE J 267 -6.51 33.24 24.85
N SER J 268 -5.90 33.25 23.67
CA SER J 268 -4.46 33.46 23.54
C SER J 268 -4.11 34.86 24.03
N ALA J 269 -5.03 35.80 23.83
CA ALA J 269 -4.88 37.15 24.35
C ALA J 269 -5.13 37.13 25.86
N ALA J 270 -6.08 36.31 26.28
CA ALA J 270 -6.38 36.12 27.69
C ALA J 270 -5.20 35.45 28.39
N ARG J 271 -4.54 34.55 27.68
CA ARG J 271 -3.33 33.90 28.19
C ARG J 271 -2.14 34.84 28.11
N ARG J 272 -2.32 35.97 27.46
CA ARG J 272 -1.28 36.99 27.34
C ARG J 272 -0.10 36.50 26.52
N GLU J 273 -0.29 35.42 25.78
CA GLU J 273 0.73 34.91 24.89
C GLU J 273 0.94 35.88 23.73
N VAL J 274 2.17 35.98 23.24
CA VAL J 274 2.47 36.85 22.11
C VAL J 274 2.01 36.20 20.81
N PRO J 275 1.08 36.88 20.11
CA PRO J 275 0.50 36.27 18.90
C PRO J 275 1.49 36.20 17.76
N GLY J 276 1.24 35.31 16.81
CA GLY J 276 2.12 35.14 15.66
C GLY J 276 1.82 36.14 14.57
N ARG J 277 2.12 35.78 13.33
CA ARG J 277 1.89 36.66 12.19
C ARG J 277 0.42 37.04 12.09
N ARG J 278 0.16 38.29 11.71
CA ARG J 278 -1.20 38.78 11.55
C ARG J 278 -2.09 38.53 12.76
N GLY J 279 -1.50 38.68 13.95
CA GLY J 279 -2.26 38.59 15.18
C GLY J 279 -2.73 37.20 15.57
N TYR J 280 -2.65 36.25 14.64
CA TYR J 280 -3.07 34.88 14.92
C TYR J 280 -2.06 34.14 15.78
N PRO J 281 -2.48 32.99 16.35
CA PRO J 281 -1.58 32.12 17.10
C PRO J 281 -0.44 31.61 16.20
N GLY J 282 0.77 31.62 16.73
CA GLY J 282 1.93 31.16 15.97
C GLY J 282 1.84 29.67 15.68
N TYR J 283 1.20 28.93 16.59
CA TYR J 283 1.07 27.48 16.46
C TYR J 283 -0.29 27.09 15.88
N LEU J 284 -0.95 28.03 15.22
CA LEU J 284 -2.30 27.81 14.70
C LEU J 284 -2.37 26.66 13.71
N TYR J 285 -1.30 26.46 12.95
CA TYR J 285 -1.24 25.41 11.94
C TYR J 285 -1.57 24.05 12.54
N THR J 286 -0.89 23.71 13.63
CA THR J 286 -1.11 22.43 14.31
C THR J 286 -2.55 22.34 14.81
N ASN J 287 -3.05 23.43 15.37
CA ASN J 287 -4.40 23.46 15.92
C ASN J 287 -5.45 23.35 14.81
N LEU J 288 -5.22 24.06 13.71
CA LEU J 288 -6.10 23.96 12.55
C LEU J 288 -6.05 22.57 11.94
N ALA J 289 -4.87 21.97 11.99
CA ALA J 289 -4.66 20.63 11.45
C ALA J 289 -5.65 19.64 12.06
N THR J 290 -5.55 19.46 13.38
CA THR J 290 -6.38 18.51 14.12
C THR J 290 -7.86 18.59 13.75
N LEU J 291 -8.39 19.81 13.66
CA LEU J 291 -9.78 20.01 13.28
C LEU J 291 -10.02 19.51 11.85
N PHE J 292 -9.07 19.80 10.98
CA PHE J 292 -9.16 19.37 9.59
C PHE J 292 -8.49 18.02 9.38
N GLU J 293 -7.79 17.55 10.41
CA GLU J 293 -7.00 16.32 10.31
C GLU J 293 -7.86 15.06 10.33
N ARG J 294 -8.95 15.11 11.08
CA ARG J 294 -9.82 13.95 11.24
C ARG J 294 -10.74 13.79 10.03
N ALA J 295 -10.14 13.49 8.88
CA ALA J 295 -10.89 13.31 7.65
C ALA J 295 -10.25 12.25 6.77
N GLY J 296 -11.08 11.57 5.97
CA GLY J 296 -10.58 10.54 5.08
C GLY J 296 -10.90 9.14 5.56
N ARG J 297 -10.77 8.18 4.66
CA ARG J 297 -11.05 6.78 4.98
C ARG J 297 -9.92 6.17 5.80
N ILE J 298 -10.27 5.22 6.68
CA ILE J 298 -9.28 4.52 7.47
C ILE J 298 -9.29 3.03 7.15
N ARG J 299 -8.09 2.46 7.02
CA ARG J 299 -7.94 1.06 6.68
C ARG J 299 -8.55 0.16 7.75
N GLY J 300 -9.45 -0.72 7.35
CA GLY J 300 -10.12 -1.62 8.27
C GLY J 300 -11.39 -1.03 8.85
N LEU J 301 -11.68 0.22 8.48
CA LEU J 301 -12.89 0.89 8.94
C LEU J 301 -13.83 1.17 7.78
N LYS J 302 -15.10 0.83 7.98
CA LYS J 302 -16.11 0.96 6.92
C LYS J 302 -16.53 2.41 6.70
N GLY J 303 -16.57 3.18 7.78
CA GLY J 303 -17.01 4.56 7.71
C GLY J 303 -16.03 5.47 6.98
N SER J 304 -16.57 6.51 6.34
CA SER J 304 -15.75 7.48 5.63
C SER J 304 -16.14 8.90 6.02
N VAL J 305 -15.14 9.75 6.24
CA VAL J 305 -15.41 11.12 6.67
C VAL J 305 -14.86 12.16 5.68
N THR J 306 -15.77 12.91 5.08
CA THR J 306 -15.38 14.03 4.23
C THR J 306 -15.60 15.33 4.99
N GLN J 307 -14.55 16.15 5.07
CA GLN J 307 -14.63 17.39 5.83
C GLN J 307 -14.53 18.62 4.92
N ILE J 308 -15.46 19.55 5.09
CA ILE J 308 -15.49 20.76 4.27
C ILE J 308 -15.37 22.02 5.12
N PRO J 309 -14.16 22.59 5.19
CA PRO J 309 -13.93 23.87 5.88
C PRO J 309 -14.43 25.06 5.07
N ILE J 310 -15.35 25.84 5.63
CA ILE J 310 -15.84 27.05 4.99
C ILE J 310 -15.52 28.26 5.87
N LEU J 311 -14.79 29.21 5.31
CA LEU J 311 -14.34 30.37 6.08
C LEU J 311 -14.47 31.67 5.29
N THR J 312 -14.43 32.78 6.00
CA THR J 312 -14.52 34.10 5.38
C THR J 312 -13.15 34.77 5.31
N MET J 313 -12.66 34.96 4.09
CA MET J 313 -11.39 35.64 3.88
C MET J 313 -11.44 37.09 4.34
N PRO J 314 -10.71 37.40 5.43
CA PRO J 314 -10.67 38.76 5.98
C PRO J 314 -10.02 39.74 5.00
N GLU J 315 -10.67 40.88 4.78
CA GLU J 315 -10.18 41.89 3.86
C GLU J 315 -10.08 41.34 2.44
N ASP J 316 -10.88 40.32 2.16
CA ASP J 316 -10.94 39.70 0.84
C ASP J 316 -9.56 39.27 0.34
N ASP J 317 -8.70 38.85 1.27
CA ASP J 317 -7.34 38.49 0.90
C ASP J 317 -7.08 37.01 1.09
N LYS J 318 -6.56 36.36 0.05
CA LYS J 318 -6.26 34.93 0.11
C LYS J 318 -5.02 34.65 0.95
N THR J 319 -4.22 35.69 1.18
CA THR J 319 -2.97 35.53 1.92
C THR J 319 -3.17 35.66 3.42
N HIS J 320 -4.42 35.85 3.84
CA HIS J 320 -4.73 35.88 5.27
C HIS J 320 -4.41 34.51 5.87
N PRO J 321 -3.96 34.50 7.13
CA PRO J 321 -3.51 33.28 7.82
C PRO J 321 -4.49 32.09 7.73
N ILE J 322 -5.80 32.35 7.81
CA ILE J 322 -6.77 31.25 7.75
C ILE J 322 -6.77 30.60 6.37
N PRO J 323 -7.13 31.36 5.33
CA PRO J 323 -7.20 30.80 3.97
C PRO J 323 -5.85 30.30 3.47
N ASP J 324 -4.76 30.87 3.99
CA ASP J 324 -3.43 30.45 3.58
C ASP J 324 -3.05 29.14 4.27
N LEU J 325 -3.26 29.07 5.58
CA LEU J 325 -2.97 27.86 6.34
C LEU J 325 -3.93 26.73 5.98
N THR J 326 -5.19 27.10 5.73
CA THR J 326 -6.22 26.12 5.40
C THR J 326 -5.90 25.40 4.10
N GLY J 327 -5.41 26.15 3.12
CA GLY J 327 -5.10 25.59 1.81
C GLY J 327 -4.06 24.50 1.84
N TYR J 328 -3.16 24.55 2.82
CA TYR J 328 -2.09 23.57 2.93
C TYR J 328 -2.57 22.28 3.59
N ILE J 329 -3.32 22.42 4.69
CA ILE J 329 -3.86 21.25 5.38
C ILE J 329 -4.92 20.57 4.52
N THR J 330 -5.85 21.36 4.00
CA THR J 330 -6.94 20.86 3.20
C THR J 330 -6.50 20.51 1.78
N GLU J 331 -7.24 19.62 1.13
CA GLU J 331 -6.94 19.22 -0.24
C GLU J 331 -7.82 19.95 -1.25
N GLY J 332 -7.21 20.76 -2.10
CA GLY J 332 -7.95 21.58 -3.05
C GLY J 332 -8.41 22.85 -2.37
N GLN J 333 -9.28 23.60 -3.03
CA GLN J 333 -9.84 24.81 -2.45
C GLN J 333 -11.08 25.30 -3.19
N ILE J 334 -11.99 25.94 -2.45
CA ILE J 334 -13.19 26.51 -3.02
C ILE J 334 -13.13 28.04 -2.95
N ILE J 335 -13.30 28.70 -4.09
CA ILE J 335 -13.16 30.15 -4.15
C ILE J 335 -14.41 30.85 -4.67
N LEU J 336 -14.86 31.85 -3.93
CA LEU J 336 -15.98 32.68 -4.35
C LEU J 336 -15.51 34.12 -4.56
N THR J 337 -15.89 34.70 -5.70
CA THR J 337 -15.48 36.06 -6.03
C THR J 337 -16.65 37.05 -5.93
N ARG J 338 -16.32 38.30 -5.66
CA ARG J 338 -17.33 39.35 -5.51
C ARG J 338 -18.07 39.61 -6.82
N GLU J 339 -17.31 39.75 -7.90
CA GLU J 339 -17.85 40.13 -9.19
C GLU J 339 -18.97 39.21 -9.66
N LEU J 340 -18.76 37.91 -9.51
CA LEU J 340 -19.76 36.92 -9.91
C LEU J 340 -21.04 37.06 -9.09
N TYR J 341 -20.88 37.23 -7.78
CA TYR J 341 -22.03 37.37 -6.90
C TYR J 341 -22.68 38.75 -7.06
N LYS J 342 -21.86 39.78 -7.21
CA LYS J 342 -22.34 41.13 -7.42
C LYS J 342 -23.19 41.21 -8.69
N SER J 343 -22.88 40.36 -9.66
CA SER J 343 -23.63 40.31 -10.91
C SER J 343 -24.96 39.59 -10.73
N GLY J 344 -25.17 39.03 -9.54
CA GLY J 344 -26.41 38.34 -9.23
C GLY J 344 -26.33 36.85 -9.49
N ILE J 345 -25.13 36.37 -9.83
CA ILE J 345 -24.90 34.97 -10.14
C ILE J 345 -24.77 34.13 -8.87
N GLN J 346 -25.68 33.17 -8.70
CA GLN J 346 -25.72 32.34 -7.50
C GLN J 346 -26.03 30.88 -7.83
N PRO J 347 -25.16 29.95 -7.39
CA PRO J 347 -23.98 30.20 -6.56
C PRO J 347 -22.81 30.80 -7.35
N PRO J 348 -22.24 31.89 -6.84
CA PRO J 348 -21.09 32.58 -7.46
C PRO J 348 -19.76 31.90 -7.15
N ILE J 349 -19.29 31.06 -8.06
CA ILE J 349 -18.00 30.38 -7.88
C ILE J 349 -17.08 30.62 -9.07
N ASP J 350 -15.89 31.14 -8.80
CA ASP J 350 -14.90 31.36 -9.84
C ASP J 350 -14.10 30.08 -10.05
N VAL J 351 -13.88 29.72 -11.32
CA VAL J 351 -13.33 28.42 -11.66
C VAL J 351 -11.79 28.41 -11.73
N LEU J 352 -11.21 29.56 -12.03
CA LEU J 352 -9.76 29.68 -12.12
C LEU J 352 -9.08 29.47 -10.77
N PRO J 353 -9.44 30.30 -9.77
CA PRO J 353 -8.83 30.22 -8.45
C PRO J 353 -9.21 28.93 -7.72
N SER J 354 -10.35 28.35 -8.08
CA SER J 354 -10.82 27.13 -7.44
C SER J 354 -10.08 25.91 -7.96
N LEU J 355 -9.01 25.54 -7.27
CA LEU J 355 -8.26 24.32 -7.57
C LEU J 355 -8.66 23.22 -6.59
N SER J 356 -8.44 21.98 -6.97
CA SER J 356 -8.72 20.86 -6.08
C SER J 356 -7.57 19.84 -6.13
N ARG J 357 -7.59 18.88 -5.21
CA ARG J 357 -6.42 18.03 -5.00
C ARG J 357 -6.61 16.53 -5.25
N LEU J 358 -7.85 16.04 -5.18
CA LEU J 358 -8.06 14.59 -5.24
C LEU J 358 -9.04 14.11 -6.32
N LYS J 359 -9.60 15.04 -7.09
CA LYS J 359 -10.67 14.73 -8.02
C LYS J 359 -10.28 13.73 -9.10
N ASP J 360 -8.97 13.58 -9.34
CA ASP J 360 -8.50 12.67 -10.38
C ASP J 360 -8.93 11.23 -10.08
N LYS J 361 -8.89 10.85 -8.81
CA LYS J 361 -9.37 9.53 -8.40
C LYS J 361 -10.88 9.48 -8.52
N GLY J 362 -11.52 10.61 -8.28
CA GLY J 362 -12.95 10.73 -8.45
C GLY J 362 -13.36 10.49 -9.88
N THR J 363 -12.56 11.02 -10.81
CA THR J 363 -12.76 10.76 -12.23
C THR J 363 -12.35 9.33 -12.56
N GLY J 364 -13.13 8.67 -13.40
CA GLY J 364 -12.89 7.28 -13.74
C GLY J 364 -14.20 6.52 -13.88
N ALA J 365 -14.10 5.26 -14.31
CA ALA J 365 -15.29 4.46 -14.56
C ALA J 365 -16.11 4.24 -13.28
N GLY J 366 -17.40 4.53 -13.36
CA GLY J 366 -18.31 4.28 -12.26
C GLY J 366 -18.52 5.47 -11.34
N LYS J 367 -17.62 6.46 -11.44
CA LYS J 367 -17.71 7.65 -10.60
C LYS J 367 -17.86 8.91 -11.45
N THR J 368 -17.41 8.82 -12.70
CA THR J 368 -17.51 9.93 -13.63
C THR J 368 -17.46 9.41 -15.07
N ARG J 369 -17.83 10.27 -16.02
CA ARG J 369 -17.79 9.88 -17.43
C ARG J 369 -16.40 10.14 -18.00
N GLU J 370 -16.00 9.30 -18.96
CA GLU J 370 -14.69 9.44 -19.58
C GLU J 370 -14.58 10.76 -20.34
N ASP J 371 -15.66 11.14 -21.03
CA ASP J 371 -15.69 12.40 -21.76
C ASP J 371 -15.70 13.58 -20.79
N HIS J 372 -16.22 13.34 -19.59
CA HIS J 372 -16.32 14.36 -18.56
C HIS J 372 -14.95 14.90 -18.14
N ALA J 373 -14.07 13.98 -17.76
CA ALA J 373 -12.72 14.35 -17.33
C ALA J 373 -11.97 15.09 -18.44
N ALA J 374 -12.29 14.75 -19.69
CA ALA J 374 -11.67 15.39 -20.83
C ALA J 374 -12.23 16.79 -21.06
N THR J 375 -13.52 16.96 -20.80
CA THR J 375 -14.18 18.24 -21.03
C THR J 375 -13.78 19.30 -20.01
N MET J 376 -13.41 18.88 -18.81
CA MET J 376 -12.95 19.80 -17.78
C MET J 376 -11.76 20.61 -18.29
N ASN J 377 -10.87 19.95 -19.03
CA ASN J 377 -9.71 20.60 -19.61
C ASN J 377 -10.12 21.58 -20.71
N GLN J 378 -11.13 21.19 -21.48
CA GLN J 378 -11.59 22.01 -22.59
C GLN J 378 -12.41 23.20 -22.12
N LEU J 379 -13.17 23.00 -21.05
CA LEU J 379 -13.98 24.06 -20.47
C LEU J 379 -13.10 25.11 -19.81
N PHE J 380 -12.07 24.65 -19.11
CA PHE J 380 -11.13 25.55 -18.44
C PHE J 380 -10.34 26.36 -19.46
N ALA J 381 -9.80 25.67 -20.46
CA ALA J 381 -8.99 26.33 -21.50
C ALA J 381 -9.82 27.33 -22.28
N ALA J 382 -11.06 27.00 -22.56
CA ALA J 382 -11.95 27.88 -23.31
C ALA J 382 -12.36 29.08 -22.48
N TYR J 383 -12.64 28.85 -21.20
CA TYR J 383 -13.06 29.92 -20.31
C TYR J 383 -11.92 30.88 -19.98
N ALA J 384 -10.76 30.33 -19.65
CA ALA J 384 -9.60 31.13 -19.27
C ALA J 384 -9.22 32.11 -20.36
N GLN J 385 -9.30 31.67 -21.61
CA GLN J 385 -9.00 32.52 -22.75
C GLN J 385 -10.16 33.50 -22.99
N GLY J 386 -11.37 33.08 -22.60
CA GLY J 386 -12.54 33.93 -22.70
C GLY J 386 -12.42 35.13 -21.78
N LYS J 387 -11.90 34.90 -20.58
CA LYS J 387 -11.64 35.97 -19.63
C LYS J 387 -10.64 36.97 -20.22
N GLN J 388 -9.59 36.43 -20.84
CA GLN J 388 -8.57 37.24 -21.50
C GLN J 388 -9.19 38.18 -22.53
N ALA J 389 -9.94 37.60 -23.47
CA ALA J 389 -10.57 38.36 -24.54
C ALA J 389 -11.47 39.46 -24.00
N LYS J 390 -12.26 39.14 -22.98
CA LYS J 390 -13.13 40.14 -22.35
C LYS J 390 -12.29 41.15 -21.58
N GLU J 391 -11.26 40.67 -20.89
CA GLU J 391 -10.34 41.54 -20.17
C GLU J 391 -9.54 42.38 -21.15
N LEU J 392 -9.16 41.77 -22.27
CA LEU J 392 -8.39 42.45 -23.31
C LEU J 392 -9.24 43.49 -24.03
N ALA J 393 -10.55 43.31 -23.98
CA ALA J 393 -11.47 44.23 -24.64
C ALA J 393 -11.50 45.59 -23.95
N VAL J 394 -10.98 45.63 -22.73
CA VAL J 394 -10.95 46.87 -21.95
C VAL J 394 -10.09 47.94 -22.63
N VAL J 395 -8.97 47.51 -23.21
CA VAL J 395 -8.08 48.43 -23.91
C VAL J 395 -8.78 49.07 -25.10
N LEU J 396 -9.44 48.25 -25.90
CA LEU J 396 -10.23 48.73 -27.03
C LEU J 396 -11.17 47.64 -27.55
N GLY J 397 -12.22 48.06 -28.24
CA GLY J 397 -13.19 47.12 -28.79
C GLY J 397 -14.01 47.73 -29.90
N GLU J 398 -14.48 46.88 -30.82
CA GLU J 398 -14.20 45.45 -30.74
C GLU J 398 -13.24 45.04 -31.85
N SER J 399 -12.41 45.98 -32.28
CA SER J 399 -11.48 45.75 -33.39
C SER J 399 -10.31 44.85 -32.99
N ALA J 400 -9.81 45.06 -31.77
CA ALA J 400 -8.65 44.33 -31.29
C ALA J 400 -8.89 42.83 -31.21
N LEU J 401 -9.99 42.44 -30.58
CA LEU J 401 -10.35 41.02 -30.46
C LEU J 401 -10.58 40.41 -31.83
N SER J 402 -9.79 39.39 -32.16
CA SER J 402 -9.94 38.70 -33.44
C SER J 402 -11.30 38.02 -33.51
N ASP J 403 -11.74 37.70 -34.73
CA ASP J 403 -13.05 37.10 -34.93
C ASP J 403 -13.20 35.79 -34.15
N ILE J 404 -12.08 35.10 -33.92
CA ILE J 404 -12.11 33.85 -33.19
C ILE J 404 -12.16 34.11 -31.68
N ASP J 405 -11.75 35.32 -31.27
CA ASP J 405 -11.75 35.69 -29.87
C ASP J 405 -13.16 36.09 -29.40
N LYS J 406 -13.97 36.57 -30.34
CA LYS J 406 -15.33 37.00 -30.03
C LYS J 406 -16.15 35.87 -29.44
N ILE J 407 -16.04 34.69 -30.04
CA ILE J 407 -16.77 33.52 -29.58
C ILE J 407 -16.32 33.12 -28.18
N TYR J 408 -15.03 33.28 -27.91
CA TYR J 408 -14.47 32.95 -26.60
C TYR J 408 -15.06 33.83 -25.51
N ALA J 409 -15.22 35.12 -25.80
CA ALA J 409 -15.84 36.04 -24.87
C ALA J 409 -17.31 35.69 -24.69
N LYS J 410 -17.94 35.28 -25.78
CA LYS J 410 -19.34 34.83 -25.75
C LYS J 410 -19.47 33.56 -24.91
N PHE J 411 -18.51 32.66 -25.06
CA PHE J 411 -18.49 31.40 -24.32
C PHE J 411 -18.31 31.64 -22.82
N ALA J 412 -17.31 32.45 -22.47
CA ALA J 412 -16.99 32.76 -21.09
C ALA J 412 -18.21 33.30 -20.35
N GLU J 413 -18.97 34.16 -21.03
CA GLU J 413 -20.18 34.75 -20.44
C GLU J 413 -21.27 33.71 -20.25
N ARG J 414 -21.54 32.92 -21.28
CA ARG J 414 -22.57 31.89 -21.21
C ARG J 414 -22.24 30.84 -20.15
N PHE J 415 -20.96 30.49 -20.05
CA PHE J 415 -20.51 29.53 -19.05
C PHE J 415 -20.76 30.06 -17.65
N GLU J 416 -20.66 31.38 -17.49
CA GLU J 416 -20.86 32.01 -16.19
C GLU J 416 -22.34 32.17 -15.83
N ASN J 417 -23.19 32.30 -16.84
CA ASN J 417 -24.61 32.54 -16.61
C ASN J 417 -25.44 31.26 -16.49
N GLU J 418 -25.14 30.26 -17.32
CA GLU J 418 -25.93 29.03 -17.35
C GLU J 418 -25.27 27.86 -16.63
N TYR J 419 -23.95 27.74 -16.79
CA TYR J 419 -23.20 26.60 -16.27
C TYR J 419 -22.64 26.91 -14.89
N VAL J 420 -21.86 27.98 -14.80
CA VAL J 420 -21.29 28.43 -13.53
C VAL J 420 -22.41 28.65 -12.51
N ASN J 421 -23.62 28.87 -13.02
CA ASN J 421 -24.77 29.12 -12.17
C ASN J 421 -25.89 28.10 -12.34
N GLN J 422 -26.18 27.38 -11.26
CA GLN J 422 -27.28 26.42 -11.26
C GLN J 422 -28.39 26.89 -10.34
N GLY J 423 -28.01 27.52 -9.24
CA GLY J 423 -28.97 28.00 -8.25
C GLY J 423 -28.81 27.28 -6.93
N PHE J 424 -29.14 27.97 -5.84
CA PHE J 424 -29.02 27.39 -4.50
C PHE J 424 -29.98 26.23 -4.29
N TYR J 425 -31.16 26.32 -4.89
CA TYR J 425 -32.21 25.34 -4.68
C TYR J 425 -32.17 24.21 -5.72
N THR J 426 -31.69 24.53 -6.92
CA THR J 426 -31.68 23.58 -8.01
C THR J 426 -30.58 22.53 -7.86
N ASN J 427 -30.90 21.29 -8.21
CA ASN J 427 -29.94 20.20 -8.14
C ASN J 427 -29.71 19.58 -9.52
N ARG J 428 -28.46 19.31 -9.84
CA ARG J 428 -28.10 18.74 -11.13
C ARG J 428 -27.41 17.39 -10.98
N THR J 429 -27.92 16.38 -11.68
CA THR J 429 -27.27 15.08 -11.71
C THR J 429 -25.98 15.20 -12.51
N ILE J 430 -25.13 14.18 -12.43
CA ILE J 430 -23.85 14.20 -13.14
C ILE J 430 -24.07 14.21 -14.66
N THR J 431 -25.04 13.43 -15.12
CA THR J 431 -25.34 13.34 -16.55
C THR J 431 -25.72 14.70 -17.14
N GLU J 432 -26.64 15.39 -16.47
CA GLU J 432 -27.09 16.70 -16.93
C GLU J 432 -25.96 17.72 -16.90
N THR J 433 -24.99 17.50 -16.01
CA THR J 433 -23.88 18.43 -15.85
C THR J 433 -22.91 18.36 -17.02
N LEU J 434 -22.51 17.15 -17.39
CA LEU J 434 -21.59 16.96 -18.50
C LEU J 434 -22.31 17.09 -19.84
N ASP J 435 -23.60 16.80 -19.85
CA ASP J 435 -24.42 17.01 -21.04
C ASP J 435 -24.50 18.50 -21.36
N LEU J 436 -24.69 19.31 -20.33
CA LEU J 436 -24.72 20.76 -20.48
C LEU J 436 -23.35 21.29 -20.85
N GLY J 437 -22.31 20.65 -20.33
CA GLY J 437 -20.94 21.04 -20.61
C GLY J 437 -20.56 20.86 -22.07
N TRP J 438 -21.23 19.93 -22.74
CA TRP J 438 -20.98 19.67 -24.15
C TRP J 438 -21.70 20.67 -25.06
N GLU J 439 -22.89 21.08 -24.65
CA GLU J 439 -23.73 21.93 -25.49
C GLU J 439 -23.17 23.34 -25.64
N LEU J 440 -22.72 23.92 -24.53
CA LEU J 440 -22.17 25.27 -24.56
C LEU J 440 -20.75 25.28 -25.11
N LEU J 441 -20.07 24.14 -25.00
CA LEU J 441 -18.73 23.99 -25.55
C LEU J 441 -18.77 23.59 -27.01
N ALA J 442 -19.98 23.49 -27.56
CA ALA J 442 -20.16 23.05 -28.93
C ALA J 442 -19.87 24.17 -29.94
N MET J 443 -19.86 25.41 -29.45
CA MET J 443 -19.62 26.57 -30.31
C MET J 443 -18.25 26.52 -30.95
N LEU J 444 -17.25 26.14 -30.16
CA LEU J 444 -15.86 26.14 -30.60
C LEU J 444 -15.64 25.26 -31.82
N PRO J 445 -14.73 25.69 -32.71
CA PRO J 445 -14.40 24.95 -33.93
C PRO J 445 -13.84 23.56 -33.62
N ARG J 446 -14.09 22.61 -34.52
CA ARG J 446 -13.66 21.24 -34.30
C ARG J 446 -12.15 21.09 -34.45
N THR J 447 -11.56 21.89 -35.32
CA THR J 447 -10.12 21.85 -35.55
C THR J 447 -9.35 22.25 -34.29
N GLU J 448 -9.65 23.43 -33.76
CA GLU J 448 -9.02 23.90 -32.54
C GLU J 448 -9.58 23.14 -31.34
N LEU J 449 -8.71 22.46 -30.61
CA LEU J 449 -9.15 21.59 -29.52
C LEU J 449 -8.29 21.79 -28.27
N ARG J 451 -9.45 17.92 -25.82
CA ARG J 451 -10.50 16.92 -25.99
C ARG J 451 -10.00 15.71 -26.78
N ILE J 452 -10.78 14.64 -26.78
CA ILE J 452 -10.42 13.43 -27.52
C ILE J 452 -10.72 13.58 -29.00
N LYS J 453 -10.00 12.83 -29.83
CA LYS J 453 -10.23 12.85 -31.26
C LYS J 453 -11.63 12.37 -31.60
N ASP J 454 -12.06 11.31 -30.92
CA ASP J 454 -13.38 10.75 -31.12
C ASP J 454 -14.41 11.42 -30.22
N ASP J 455 -14.63 12.70 -30.43
CA ASP J 455 -15.61 13.46 -29.66
C ASP J 455 -16.89 13.65 -30.46
N LEU J 456 -16.96 13.01 -31.62
CA LEU J 456 -18.11 13.13 -32.51
C LEU J 456 -19.36 12.51 -31.90
N LEU J 457 -19.17 11.47 -31.10
CA LEU J 457 -20.29 10.79 -30.47
C LEU J 457 -21.05 11.70 -29.51
N ASP J 458 -20.31 12.41 -28.67
CA ASP J 458 -20.91 13.32 -27.70
C ASP J 458 -21.54 14.52 -28.39
N LYS J 459 -20.84 15.05 -29.40
CA LYS J 459 -21.34 16.21 -30.14
C LYS J 459 -20.18 17.06 -30.65
N ILE K 9 42.14 36.06 32.69
CA ILE K 9 41.43 34.93 32.10
C ILE K 9 40.81 34.05 33.18
N LYS K 10 39.56 34.35 33.52
CA LYS K 10 38.85 33.62 34.56
C LYS K 10 37.68 32.83 33.97
N GLU K 11 37.55 31.57 34.37
CA GLU K 11 36.50 30.70 33.82
C GLU K 11 35.48 30.28 34.89
N TYR K 12 34.21 30.27 34.49
CA TYR K 12 33.12 29.93 35.40
C TYR K 12 32.20 28.90 34.75
N ARG K 13 31.80 27.89 35.51
CA ARG K 13 31.02 26.79 34.94
C ARG K 13 29.66 26.60 35.61
N THR K 14 29.18 27.64 36.29
CA THR K 14 27.90 27.55 37.00
C THR K 14 26.73 27.33 36.05
N ILE K 15 26.65 28.14 35.00
CA ILE K 15 25.59 28.02 34.01
C ILE K 15 24.21 28.03 34.66
N LYS K 16 23.97 29.05 35.48
CA LYS K 16 22.71 29.16 36.22
C LYS K 16 21.49 29.13 35.30
N GLU K 17 21.65 29.63 34.09
CA GLU K 17 20.52 29.71 33.16
C GLU K 17 20.93 29.59 31.70
N VAL K 18 20.00 29.10 30.87
CA VAL K 18 20.18 29.03 29.43
C VAL K 18 18.85 29.25 28.72
N VAL K 19 18.78 30.30 27.90
CA VAL K 19 17.56 30.65 27.18
C VAL K 19 17.83 31.06 25.74
N GLY K 20 17.21 30.37 24.78
CA GLY K 20 17.47 30.64 23.38
C GLY K 20 18.95 30.43 23.12
N PRO K 21 19.51 31.12 22.12
CA PRO K 21 20.95 31.01 21.88
C PRO K 21 21.78 31.57 23.03
N LEU K 22 21.29 32.65 23.64
CA LEU K 22 22.05 33.37 24.65
C LEU K 22 22.07 32.64 26.00
N MET K 23 23.11 32.89 26.78
CA MET K 23 23.24 32.28 28.10
C MET K 23 23.82 33.27 29.10
N ALA K 24 23.37 33.18 30.35
CA ALA K 24 23.86 34.07 31.40
C ALA K 24 24.60 33.31 32.48
N VAL K 25 25.62 33.93 33.07
CA VAL K 25 26.45 33.28 34.09
C VAL K 25 26.58 34.15 35.33
N GLU K 26 26.02 33.68 36.44
CA GLU K 26 25.97 34.45 37.68
C GLU K 26 27.29 34.41 38.47
N LYS K 27 27.42 35.33 39.42
CA LYS K 27 28.62 35.43 40.25
C LYS K 27 29.87 35.66 39.40
N VAL K 28 29.67 36.29 38.25
CA VAL K 28 30.76 36.53 37.30
C VAL K 28 31.51 37.82 37.64
N SER K 29 32.76 37.91 37.21
CA SER K 29 33.59 39.06 37.53
C SER K 29 34.64 39.35 36.46
N GLY K 30 35.04 40.61 36.37
CA GLY K 30 36.06 41.02 35.41
C GLY K 30 35.63 40.80 33.98
N VAL K 31 34.40 41.17 33.67
CA VAL K 31 33.83 40.92 32.34
C VAL K 31 33.55 42.23 31.60
N LYS K 32 34.08 42.34 30.38
CA LYS K 32 33.86 43.53 29.58
C LYS K 32 32.80 43.28 28.51
N TYR K 33 32.08 44.33 28.13
CA TYR K 33 31.10 44.23 27.05
C TYR K 33 31.80 44.04 25.72
N GLU K 34 31.16 43.32 24.81
CA GLU K 34 31.73 43.03 23.50
C GLU K 34 32.93 42.09 23.60
N GLU K 35 33.16 41.54 24.79
CA GLU K 35 34.26 40.63 25.02
C GLU K 35 34.02 39.27 24.38
N LEU K 36 35.06 38.73 23.75
CA LEU K 36 35.01 37.37 23.22
C LEU K 36 34.80 36.38 24.36
N ILE K 37 33.96 35.38 24.12
CA ILE K 37 33.74 34.34 25.11
C ILE K 37 33.70 32.97 24.46
N GLU K 38 34.22 31.97 25.16
CA GLU K 38 34.21 30.60 24.68
C GLU K 38 33.37 29.72 25.59
N VAL K 39 32.62 28.79 25.01
CA VAL K 39 31.82 27.86 25.78
C VAL K 39 32.13 26.42 25.40
N ARG K 40 32.61 25.66 26.38
CA ARG K 40 32.99 24.28 26.16
C ARG K 40 31.90 23.35 26.69
N MET K 41 31.33 22.53 25.81
CA MET K 41 30.24 21.64 26.19
C MET K 41 30.77 20.45 26.97
N GLN K 42 29.85 19.63 27.50
CA GLN K 42 30.24 18.47 28.30
C GLN K 42 31.05 17.47 27.49
N ASN K 43 30.67 17.28 26.22
CA ASN K 43 31.37 16.37 25.33
C ASN K 43 32.66 16.97 24.79
N GLY K 44 32.87 18.25 25.07
CA GLY K 44 34.10 18.92 24.69
C GLY K 44 33.96 19.89 23.52
N GLU K 45 32.75 20.00 22.99
CA GLU K 45 32.50 20.91 21.87
C GLU K 45 32.72 22.36 22.29
N ILE K 46 33.56 23.07 21.54
CA ILE K 46 33.90 24.45 21.87
C ILE K 46 33.04 25.44 21.10
N ARG K 47 32.63 26.51 21.77
CA ARG K 47 31.70 27.47 21.20
C ARG K 47 32.18 28.92 21.32
N ARG K 48 32.36 29.58 20.18
CA ARG K 48 32.67 31.00 20.17
C ARG K 48 31.42 31.80 20.53
N GLY K 49 31.61 32.87 21.30
CA GLY K 49 30.48 33.66 21.77
C GLY K 49 30.72 35.15 21.84
N GLN K 50 29.65 35.89 22.10
CA GLN K 50 29.69 37.34 22.22
C GLN K 50 28.83 37.82 23.39
N VAL K 51 29.30 38.83 24.09
CA VAL K 51 28.55 39.39 25.21
C VAL K 51 27.79 40.64 24.79
N LEU K 52 26.49 40.68 25.07
CA LEU K 52 25.70 41.87 24.84
C LEU K 52 25.53 42.65 26.13
N GLU K 53 25.73 41.96 27.25
CA GLU K 53 25.52 42.57 28.55
C GLU K 53 26.25 41.86 29.69
N VAL K 54 26.65 42.63 30.68
CA VAL K 54 27.29 42.08 31.88
C VAL K 54 26.64 42.66 33.14
N GLN K 55 25.45 42.15 33.47
CA GLN K 55 24.70 42.67 34.61
C GLN K 55 23.68 41.68 35.17
N GLU K 56 23.28 41.89 36.41
CA GLU K 56 23.82 42.98 37.23
C GLU K 56 25.28 42.67 37.59
N ASP K 57 25.52 41.41 37.92
CA ASP K 57 26.86 40.93 38.23
C ASP K 57 27.20 39.77 37.29
N LYS K 58 26.22 39.39 36.48
CA LYS K 58 26.35 38.25 35.58
C LYS K 58 26.34 38.65 34.12
N ALA K 59 27.31 38.16 33.35
CA ALA K 59 27.40 38.47 31.94
C ALA K 59 26.62 37.48 31.08
N MET K 60 25.57 37.96 30.42
CA MET K 60 24.77 37.13 29.53
C MET K 60 25.41 37.10 28.14
N VAL K 61 25.63 35.90 27.62
CA VAL K 61 26.35 35.74 26.36
C VAL K 61 25.60 34.90 25.34
N GLN K 62 25.57 35.37 24.10
CA GLN K 62 24.99 34.61 23.01
C GLN K 62 26.07 33.90 22.20
N ILE K 63 25.90 32.59 21.99
CA ILE K 63 26.82 31.83 21.17
C ILE K 63 26.50 32.04 19.69
N PHE K 64 27.55 32.15 18.89
CA PHE K 64 27.38 32.30 17.44
C PHE K 64 26.66 31.09 16.88
N GLU K 65 27.23 29.92 17.16
CA GLU K 65 26.68 28.65 16.69
C GLU K 65 25.36 28.33 17.37
N GLY K 66 25.22 28.80 18.61
CA GLY K 66 24.02 28.55 19.39
C GLY K 66 24.33 27.73 20.64
N THR K 67 23.40 27.75 21.59
CA THR K 67 23.58 26.99 22.83
C THR K 67 22.74 25.72 22.81
N SER K 68 22.40 25.26 21.61
CA SER K 68 21.60 24.05 21.45
C SER K 68 22.34 22.82 21.98
N GLY K 69 21.61 21.95 22.65
CA GLY K 69 22.15 20.69 23.14
C GLY K 69 23.22 20.85 24.21
N ILE K 70 23.17 21.96 24.94
CA ILE K 70 24.16 22.25 25.97
C ILE K 70 23.62 22.00 27.38
N CYS K 71 24.36 21.21 28.16
CA CYS K 71 24.04 21.02 29.56
C CYS K 71 24.75 22.06 30.41
N LEU K 72 23.98 22.83 31.17
CA LEU K 72 24.52 23.95 31.95
C LEU K 72 25.57 23.50 32.96
N LYS K 73 25.15 22.70 33.93
CA LYS K 73 26.04 22.22 35.00
C LYS K 73 27.34 21.62 34.47
N ASN K 74 27.24 20.92 33.33
CA ASN K 74 28.41 20.28 32.74
C ASN K 74 29.25 21.24 31.90
N SER K 75 28.59 22.13 31.18
CA SER K 75 29.29 23.06 30.29
C SER K 75 30.06 24.12 31.07
N SER K 76 31.17 24.57 30.50
CA SER K 76 32.00 25.58 31.12
C SER K 76 32.14 26.81 30.22
N VAL K 77 31.87 27.98 30.79
CA VAL K 77 31.97 29.23 30.04
C VAL K 77 33.36 29.85 30.20
N ARG K 78 33.97 30.22 29.08
CA ARG K 78 35.31 30.77 29.11
C ARG K 78 35.37 32.24 28.68
N PHE K 79 36.02 33.05 29.50
CA PHE K 79 36.35 34.42 29.10
C PHE K 79 37.55 34.40 28.17
N LEU K 80 37.47 35.14 27.07
CA LEU K 80 38.61 35.28 26.18
C LEU K 80 39.41 36.53 26.54
N GLY K 81 38.73 37.51 27.15
CA GLY K 81 39.38 38.67 27.70
C GLY K 81 39.69 39.77 26.69
N HIS K 82 39.15 39.64 25.50
CA HIS K 82 39.38 40.64 24.45
C HIS K 82 38.29 40.58 23.38
N PRO K 83 38.06 41.70 22.70
CA PRO K 83 37.12 41.73 21.57
C PRO K 83 37.54 40.75 20.48
N LEU K 84 36.64 40.41 19.56
CA LEU K 84 36.91 39.42 18.52
C LEU K 84 38.26 39.67 17.86
N GLN K 85 39.04 38.61 17.69
CA GLN K 85 40.45 38.78 17.34
C GLN K 85 41.01 37.78 16.34
N LEU K 86 41.97 38.26 15.55
CA LEU K 86 42.75 37.45 14.62
C LEU K 86 44.23 37.75 14.81
N GLY K 87 45.05 36.70 14.83
CA GLY K 87 46.50 36.86 14.90
C GLY K 87 47.03 37.30 13.55
N VAL K 88 47.95 38.26 13.56
CA VAL K 88 48.48 38.80 12.31
C VAL K 88 49.93 38.38 12.06
N SER K 89 50.22 38.04 10.80
CA SER K 89 51.59 37.74 10.40
C SER K 89 51.87 38.35 9.02
N GLU K 90 53.16 38.56 8.75
CA GLU K 90 53.58 39.18 7.49
C GLU K 90 53.55 38.16 6.37
N ASP K 91 53.63 36.88 6.74
CA ASP K 91 53.68 35.80 5.76
C ASP K 91 52.32 35.14 5.58
N MET K 92 51.26 35.83 6.01
CA MET K 92 49.90 35.32 5.89
C MET K 92 49.54 35.02 4.44
N ILE K 93 50.13 35.77 3.52
CA ILE K 93 49.80 35.69 2.10
C ILE K 93 50.04 34.28 1.55
N GLY K 94 49.10 33.80 0.74
CA GLY K 94 49.19 32.47 0.16
C GLY K 94 48.49 31.44 1.02
N ARG K 95 47.85 31.91 2.09
CA ARG K 95 47.16 31.03 3.02
C ARG K 95 45.69 31.43 3.16
N VAL K 96 44.81 30.43 3.24
CA VAL K 96 43.37 30.69 3.31
C VAL K 96 42.82 30.37 4.70
N PHE K 97 42.03 31.29 5.24
CA PHE K 97 41.50 31.14 6.59
C PHE K 97 40.00 31.43 6.61
N ASP K 98 39.29 30.83 7.57
CA ASP K 98 37.87 31.10 7.72
C ASP K 98 37.69 32.49 8.34
N GLY K 99 36.43 32.88 8.55
CA GLY K 99 36.14 34.14 9.22
C GLY K 99 36.83 34.19 10.57
N LEU K 100 36.82 33.04 11.25
CA LEU K 100 37.50 32.91 12.54
C LEU K 100 39.00 33.18 12.41
N GLY K 101 39.52 33.06 11.20
CA GLY K 101 40.92 33.32 10.96
C GLY K 101 41.77 32.06 11.10
N ARG K 102 41.14 30.95 11.41
CA ARG K 102 41.83 29.67 11.47
C ARG K 102 42.07 29.17 10.05
N PRO K 103 43.14 28.38 9.85
CA PRO K 103 43.50 27.92 8.52
C PRO K 103 42.61 26.79 8.02
N LYS K 104 41.69 27.10 7.12
CA LYS K 104 40.87 26.09 6.46
C LYS K 104 41.78 25.18 5.64
N ASP K 105 42.80 25.79 5.04
CA ASP K 105 43.78 25.09 4.22
C ASP K 105 44.61 24.12 5.05
N ASN K 106 44.92 24.51 6.28
CA ASN K 106 45.66 23.70 7.23
C ASN K 106 47.16 23.64 6.97
N GLY K 107 47.68 24.63 6.25
CA GLY K 107 49.11 24.86 6.23
C GLY K 107 49.49 25.11 7.68
N PRO K 108 50.76 24.89 8.05
CA PRO K 108 51.09 24.99 9.48
C PRO K 108 50.56 26.29 10.07
N GLU K 109 49.90 26.21 11.22
CA GLU K 109 49.27 27.36 11.85
C GLU K 109 50.22 28.53 11.84
N ILE K 110 49.74 29.63 11.26
CA ILE K 110 50.57 30.81 11.06
C ILE K 110 51.02 31.40 12.40
N LEU K 111 52.32 31.66 12.51
CA LEU K 111 52.87 32.25 13.72
C LEU K 111 52.65 33.75 13.72
N PRO K 112 51.77 34.22 14.63
CA PRO K 112 51.39 35.63 14.70
C PRO K 112 52.30 36.44 15.61
N GLU K 113 52.85 37.53 15.08
CA GLU K 113 53.71 38.42 15.85
C GLU K 113 52.95 39.08 16.99
N LYS K 114 51.78 39.62 16.67
CA LYS K 114 50.97 40.34 17.66
C LYS K 114 49.48 40.12 17.43
N TYR K 115 48.67 40.55 18.41
CA TYR K 115 47.22 40.50 18.29
C TYR K 115 46.64 41.90 18.12
N LEU K 116 45.89 42.10 17.04
CA LEU K 116 45.27 43.39 16.77
C LEU K 116 43.78 43.24 16.56
N ASP K 117 42.98 43.91 17.39
CA ASP K 117 41.53 43.74 17.43
C ASP K 117 40.85 43.79 16.06
N ILE K 118 39.85 42.94 15.87
CA ILE K 118 39.11 42.87 14.62
C ILE K 118 38.38 44.18 14.35
N ASN K 119 37.83 44.78 15.41
CA ASN K 119 37.16 46.06 15.29
C ASN K 119 38.14 47.17 14.90
N GLY K 120 39.40 46.99 15.32
CA GLY K 120 40.45 47.94 14.99
C GLY K 120 40.23 49.29 15.64
N GLU K 121 41.01 50.27 15.22
CA GLU K 121 40.89 51.62 15.77
C GLU K 121 40.81 52.66 14.65
N VAL K 122 39.84 53.56 14.75
CA VAL K 122 39.58 54.55 13.72
C VAL K 122 40.75 55.52 13.56
N ILE K 123 41.10 55.78 12.30
CA ILE K 123 42.18 56.71 11.99
C ILE K 123 41.76 58.15 12.30
N ASN K 124 42.71 58.97 12.75
CA ASN K 124 42.44 60.37 13.02
C ASN K 124 42.22 61.15 11.72
N PRO K 125 41.15 61.96 11.68
CA PRO K 125 40.80 62.76 10.52
C PRO K 125 41.96 63.63 10.03
N ILE K 126 42.65 64.28 10.97
CA ILE K 126 43.79 65.11 10.64
C ILE K 126 44.97 64.25 10.17
N ALA K 127 45.14 63.10 10.82
CA ALA K 127 46.23 62.19 10.48
C ALA K 127 45.98 61.50 9.14
N ARG K 128 44.71 61.30 8.81
CA ARG K 128 44.33 60.63 7.58
C ARG K 128 44.75 61.45 6.36
N ASP K 129 45.06 60.74 5.27
CA ASP K 129 45.44 61.39 4.02
C ASP K 129 44.40 61.16 2.93
N TYR K 130 44.28 62.12 2.02
CA TYR K 130 43.44 61.96 0.85
C TYR K 130 44.11 60.99 -0.11
N PRO K 131 43.32 60.21 -0.86
CA PRO K 131 43.90 59.26 -1.82
C PRO K 131 44.72 59.98 -2.88
N ASP K 132 45.93 59.49 -3.14
CA ASP K 132 46.84 60.19 -4.05
C ASP K 132 47.37 59.32 -5.19
N GLU K 133 46.81 58.12 -5.35
CA GLU K 133 47.31 57.20 -6.36
C GLU K 133 46.18 56.42 -7.05
N PHE K 134 46.44 56.01 -8.30
CA PHE K 134 45.44 55.31 -9.10
C PHE K 134 45.76 53.82 -9.24
N ILE K 135 44.81 52.98 -8.83
CA ILE K 135 44.94 51.54 -8.99
C ILE K 135 44.23 51.06 -10.25
N GLN K 136 44.97 50.36 -11.11
CA GLN K 136 44.40 49.85 -12.35
C GLN K 136 43.46 48.69 -12.09
N THR K 137 42.27 48.76 -12.67
CA THR K 137 41.22 47.79 -12.42
C THR K 137 41.08 46.79 -13.57
N GLY K 138 41.97 46.91 -14.55
CA GLY K 138 41.96 46.00 -15.68
C GLY K 138 40.87 46.33 -16.69
N ILE K 139 39.62 46.19 -16.28
CA ILE K 139 38.49 46.46 -17.16
C ILE K 139 38.49 47.91 -17.62
N SER K 140 38.22 48.12 -18.91
CA SER K 140 38.31 49.44 -19.51
C SER K 140 37.16 50.36 -19.09
N ALA K 141 36.25 49.84 -18.27
CA ALA K 141 35.20 50.68 -17.73
C ALA K 141 35.65 51.28 -16.40
N ILE K 142 36.42 50.52 -15.63
CA ILE K 142 36.81 50.98 -14.31
C ILE K 142 38.00 51.94 -14.31
N ASP K 143 38.84 51.88 -15.33
CA ASP K 143 39.96 52.83 -15.38
C ASP K 143 39.44 54.23 -15.68
N HIS K 144 38.44 54.32 -16.55
CA HIS K 144 37.93 55.62 -16.97
C HIS K 144 36.49 55.85 -16.57
N LEU K 145 35.60 54.94 -16.94
CA LEU K 145 34.20 55.09 -16.60
C LEU K 145 34.01 55.01 -15.09
N ASN K 146 34.76 54.16 -14.42
CA ASN K 146 34.67 54.01 -12.97
C ASN K 146 36.01 54.04 -12.26
N THR K 147 36.78 55.10 -12.49
CA THR K 147 38.15 55.20 -11.96
C THR K 147 38.25 54.90 -10.46
N LEU K 148 39.28 54.16 -10.08
CA LEU K 148 39.50 53.78 -8.69
C LEU K 148 40.80 54.36 -8.15
N VAL K 149 40.71 55.02 -7.00
CA VAL K 149 41.88 55.62 -6.36
C VAL K 149 42.19 54.92 -5.04
N ARG K 150 43.47 54.61 -4.82
CA ARG K 150 43.88 53.92 -3.60
C ARG K 150 43.59 54.76 -2.37
N GLY K 151 42.89 54.17 -1.41
CA GLY K 151 42.46 54.89 -0.22
C GLY K 151 40.98 55.23 -0.35
N GLN K 152 40.47 55.08 -1.56
CA GLN K 152 39.06 55.30 -1.85
C GLN K 152 38.33 53.97 -1.96
N LYS K 153 37.21 53.85 -1.27
CA LYS K 153 36.40 52.64 -1.35
C LYS K 153 35.62 52.63 -2.68
N LEU K 154 35.28 51.45 -3.15
CA LEU K 154 34.64 51.31 -4.46
C LEU K 154 33.55 50.23 -4.46
N PRO K 155 32.28 50.66 -4.53
CA PRO K 155 31.16 49.72 -4.44
C PRO K 155 30.76 49.10 -5.78
N VAL K 156 30.25 47.88 -5.73
CA VAL K 156 29.74 47.18 -6.91
C VAL K 156 28.38 46.56 -6.64
N PHE K 157 27.39 46.93 -7.44
CA PHE K 157 26.03 46.42 -7.26
C PHE K 157 25.61 45.52 -8.41
N SER K 158 24.80 44.51 -8.11
CA SER K 158 24.29 43.60 -9.13
C SER K 158 23.17 42.73 -8.57
N GLY K 159 22.16 42.48 -9.39
CA GLY K 159 21.06 41.62 -9.00
C GLY K 159 21.48 40.17 -8.89
N SER K 160 20.57 39.32 -8.42
CA SER K 160 20.85 37.90 -8.25
C SER K 160 20.95 37.20 -9.60
N GLY K 161 21.99 36.39 -9.77
CA GLY K 161 22.19 35.68 -11.02
C GLY K 161 23.17 36.39 -11.93
N LEU K 162 23.37 37.68 -11.68
CA LEU K 162 24.37 38.45 -12.42
C LEU K 162 25.76 37.93 -12.07
N PRO K 163 26.71 38.02 -13.01
CA PRO K 163 28.06 37.54 -12.72
C PRO K 163 28.85 38.55 -11.91
N HIS K 164 28.30 38.98 -10.78
CA HIS K 164 28.97 39.92 -9.90
C HIS K 164 30.26 39.31 -9.36
N LYS K 165 30.20 38.03 -9.01
CA LYS K 165 31.36 37.31 -8.49
C LYS K 165 32.47 37.19 -9.55
N GLU K 166 32.07 36.96 -10.80
CA GLU K 166 33.02 36.82 -11.89
C GLU K 166 33.88 38.07 -12.03
N LEU K 167 33.29 39.22 -11.74
CA LEU K 167 34.01 40.49 -11.80
C LEU K 167 35.00 40.62 -10.65
N ALA K 168 34.59 40.14 -9.48
CA ALA K 168 35.44 40.19 -8.29
C ALA K 168 36.70 39.35 -8.47
N ALA K 169 36.53 38.18 -9.09
CA ALA K 169 37.65 37.29 -9.35
C ALA K 169 38.63 37.92 -10.34
N GLN K 170 38.08 38.60 -11.34
CA GLN K 170 38.89 39.27 -12.36
C GLN K 170 39.70 40.43 -11.78
N ILE K 171 39.02 41.29 -11.04
CA ILE K 171 39.63 42.49 -10.48
C ILE K 171 40.87 42.17 -9.65
N ALA K 172 40.76 41.19 -8.76
CA ALA K 172 41.87 40.81 -7.90
C ALA K 172 43.07 40.34 -8.70
N ARG K 173 42.81 39.65 -9.80
CA ARG K 173 43.88 39.13 -10.65
C ARG K 173 44.46 40.21 -11.55
N GLN K 174 43.59 41.03 -12.11
CA GLN K 174 44.00 42.03 -13.11
C GLN K 174 44.53 43.31 -12.47
N ALA K 175 44.17 43.54 -11.21
CA ALA K 175 44.63 44.74 -10.50
C ALA K 175 46.14 44.72 -10.33
N THR K 176 46.78 45.84 -10.65
CA THR K 176 48.21 45.99 -10.47
C THR K 176 48.56 47.47 -10.34
N VAL K 177 49.68 47.76 -9.69
CA VAL K 177 50.12 49.13 -9.50
C VAL K 177 51.38 49.43 -10.30
N LEU K 178 51.34 50.52 -11.05
CA LEU K 178 52.39 50.84 -12.01
C LEU K 178 53.65 51.42 -11.37
N ASP K 179 53.47 52.24 -10.35
CA ASP K 179 54.59 52.90 -9.68
C ASP K 179 55.43 51.88 -8.91
N SER K 180 54.77 50.91 -8.31
CA SER K 180 55.44 49.87 -7.53
C SER K 180 54.63 48.58 -7.56
N SER K 181 55.31 47.47 -7.85
CA SER K 181 54.62 46.18 -8.01
C SER K 181 54.98 45.20 -6.90
N ASP K 182 56.14 45.40 -6.29
CA ASP K 182 56.62 44.49 -5.25
C ASP K 182 55.74 44.53 -4.01
N ASP K 183 55.28 45.73 -3.65
CA ASP K 183 54.53 45.91 -2.42
C ASP K 183 53.02 45.74 -2.60
N PHE K 184 52.59 45.33 -3.78
CA PHE K 184 51.16 45.16 -4.01
C PHE K 184 50.64 43.91 -3.32
N ALA K 185 49.59 44.08 -2.53
CA ALA K 185 48.97 42.96 -1.84
C ALA K 185 47.46 42.98 -2.05
N VAL K 186 46.88 41.82 -2.34
CA VAL K 186 45.45 41.69 -2.51
C VAL K 186 44.86 40.94 -1.32
N VAL K 187 43.56 41.13 -1.08
CA VAL K 187 42.87 40.43 -0.01
C VAL K 187 41.45 40.04 -0.42
N PHE K 188 41.15 38.75 -0.38
CA PHE K 188 39.83 38.28 -0.76
C PHE K 188 39.00 37.94 0.47
N ALA K 189 37.91 38.68 0.65
CA ALA K 189 36.96 38.40 1.71
C ALA K 189 35.73 37.71 1.13
N ALA K 190 35.36 36.57 1.71
CA ALA K 190 34.23 35.79 1.21
C ALA K 190 33.17 35.59 2.31
N ILE K 191 31.96 36.06 2.05
CA ILE K 191 30.89 36.00 3.04
C ILE K 191 29.63 35.33 2.51
N GLY K 192 29.11 34.37 3.26
CA GLY K 192 27.85 33.71 2.94
C GLY K 192 27.79 33.09 1.56
N ILE K 193 28.84 32.37 1.18
CA ILE K 193 28.88 31.72 -0.12
C ILE K 193 28.86 30.20 0.01
N THR K 194 28.24 29.54 -0.96
CA THR K 194 28.21 28.08 -0.98
C THR K 194 29.61 27.54 -1.26
N PHE K 195 29.80 26.25 -0.98
CA PHE K 195 31.11 25.62 -1.14
C PHE K 195 31.57 25.65 -2.58
N GLU K 196 30.63 25.55 -3.52
CA GLU K 196 30.96 25.60 -4.93
C GLU K 196 31.36 27.01 -5.34
N GLU K 197 30.64 28.00 -4.84
CA GLU K 197 30.98 29.40 -5.08
C GLU K 197 32.31 29.74 -4.43
N ALA K 198 32.52 29.19 -3.23
CA ALA K 198 33.75 29.43 -2.49
C ALA K 198 34.95 28.77 -3.17
N GLU K 199 34.72 27.62 -3.79
CA GLU K 199 35.78 26.87 -4.44
C GLU K 199 36.20 27.48 -5.77
N PHE K 200 35.30 28.24 -6.39
CA PHE K 200 35.64 28.95 -7.62
C PHE K 200 36.72 29.98 -7.34
N PHE K 201 36.53 30.74 -6.27
CA PHE K 201 37.51 31.73 -5.84
C PHE K 201 38.84 31.05 -5.51
N MET K 202 38.77 29.94 -4.80
CA MET K 202 39.95 29.17 -4.43
C MET K 202 40.67 28.64 -5.66
N GLU K 203 39.93 27.93 -6.50
CA GLU K 203 40.49 27.31 -7.71
C GLU K 203 41.00 28.36 -8.70
N ASP K 204 40.23 29.44 -8.86
CA ASP K 204 40.60 30.50 -9.80
C ASP K 204 41.90 31.17 -9.38
N PHE K 205 42.03 31.48 -8.09
CA PHE K 205 43.23 32.12 -7.58
C PHE K 205 44.44 31.19 -7.67
N ARG K 206 44.26 29.93 -7.27
CA ARG K 206 45.34 28.97 -7.28
C ARG K 206 45.78 28.62 -8.71
N GLN K 207 44.83 28.61 -9.63
CA GLN K 207 45.13 28.29 -11.03
C GLN K 207 45.78 29.48 -11.73
N THR K 208 45.32 30.69 -11.41
CA THR K 208 45.88 31.90 -11.99
C THR K 208 47.23 32.25 -11.35
N GLY K 209 47.46 31.73 -10.14
CA GLY K 209 48.69 31.98 -9.43
C GLY K 209 48.73 33.34 -8.76
N ALA K 210 47.59 34.02 -8.77
CA ALA K 210 47.48 35.32 -8.13
C ALA K 210 47.08 35.18 -6.67
N ILE K 211 47.12 33.96 -6.17
CA ILE K 211 46.72 33.66 -4.80
C ILE K 211 47.85 33.96 -3.82
N ASP K 212 49.09 33.79 -4.26
CA ASP K 212 50.24 33.97 -3.39
C ASP K 212 50.38 35.41 -2.90
N ARG K 213 49.80 36.35 -3.65
CA ARG K 213 49.87 37.76 -3.31
C ARG K 213 48.63 38.23 -2.57
N SER K 214 47.76 37.29 -2.23
CA SER K 214 46.49 37.64 -1.60
C SER K 214 46.06 36.63 -0.53
N VAL K 215 45.95 37.11 0.70
CA VAL K 215 45.40 36.29 1.78
C VAL K 215 43.90 36.16 1.60
N MET K 216 43.42 34.91 1.52
CA MET K 216 42.00 34.68 1.30
C MET K 216 41.29 34.29 2.59
N PHE K 217 40.13 34.90 2.82
CA PHE K 217 39.30 34.56 3.98
C PHE K 217 37.94 34.07 3.50
N MET K 218 37.72 32.77 3.58
CA MET K 218 36.50 32.16 3.07
C MET K 218 35.56 31.77 4.21
N ASN K 219 34.32 32.26 4.15
CA ASN K 219 33.32 31.95 5.16
C ASN K 219 32.08 31.33 4.53
N LEU K 220 31.80 30.08 4.91
CA LEU K 220 30.65 29.36 4.39
C LEU K 220 29.34 30.04 4.79
N ALA K 221 28.31 29.84 3.99
CA ALA K 221 26.99 30.39 4.29
C ALA K 221 26.40 29.72 5.53
N ASN K 222 26.77 28.47 5.73
CA ASN K 222 26.30 27.70 6.88
C ASN K 222 27.04 28.05 8.16
N ASP K 223 28.11 28.85 8.04
CA ASP K 223 28.85 29.31 9.20
C ASP K 223 27.95 30.17 10.08
N PRO K 224 28.26 30.21 11.40
CA PRO K 224 27.53 31.03 12.37
C PRO K 224 27.39 32.47 11.89
N ALA K 225 26.20 33.04 12.06
CA ALA K 225 25.89 34.37 11.54
C ALA K 225 26.88 35.42 11.99
N ILE K 226 27.36 35.31 13.22
CA ILE K 226 28.34 36.26 13.74
C ILE K 226 29.70 36.05 13.09
N GLU K 227 30.04 34.78 12.82
CA GLU K 227 31.26 34.47 12.10
C GLU K 227 31.26 35.12 10.72
N ARG K 228 30.09 35.13 10.09
CA ARG K 228 29.91 35.78 8.81
C ARG K 228 30.02 37.29 8.98
N ILE K 229 29.57 37.78 10.13
CA ILE K 229 29.67 39.19 10.47
C ILE K 229 31.09 39.52 10.91
N ALA K 230 31.78 38.53 11.48
CA ALA K 230 33.14 38.71 11.95
C ALA K 230 34.13 38.75 10.79
N THR K 231 33.86 37.95 9.76
CA THR K 231 34.76 37.78 8.63
C THR K 231 35.29 39.08 8.03
N PRO K 232 34.39 40.05 7.79
CA PRO K 232 34.83 41.36 7.27
C PRO K 232 35.85 42.04 8.17
N ARG K 233 35.57 42.08 9.47
CA ARG K 233 36.46 42.71 10.45
C ARG K 233 37.83 42.05 10.45
N MET K 234 37.85 40.74 10.21
CA MET K 234 39.07 39.96 10.25
C MET K 234 39.98 40.29 9.06
N ALA K 235 39.41 40.27 7.86
CA ALA K 235 40.14 40.66 6.66
C ALA K 235 40.52 42.12 6.74
N LEU K 236 39.71 42.90 7.45
CA LEU K 236 39.99 44.31 7.68
C LEU K 236 41.28 44.51 8.45
N THR K 237 41.47 43.72 9.51
CA THR K 237 42.64 43.84 10.36
C THR K 237 43.91 43.50 9.60
N ALA K 238 43.82 42.53 8.70
CA ALA K 238 44.96 42.14 7.88
C ALA K 238 45.39 43.28 6.97
N ALA K 239 44.41 43.89 6.30
CA ALA K 239 44.67 45.00 5.39
C ALA K 239 45.35 46.16 6.12
N GLU K 240 44.89 46.44 7.33
CA GLU K 240 45.47 47.50 8.14
C GLU K 240 46.89 47.16 8.54
N TYR K 241 47.08 45.95 9.09
CA TYR K 241 48.41 45.50 9.51
C TYR K 241 49.40 45.54 8.36
N LEU K 242 48.97 45.10 7.18
CA LEU K 242 49.83 45.10 6.00
C LEU K 242 50.13 46.52 5.54
N ALA K 243 49.14 47.40 5.68
CA ALA K 243 49.28 48.78 5.24
C ALA K 243 50.03 49.62 6.28
N TYR K 244 49.81 49.32 7.55
CA TYR K 244 50.40 50.10 8.64
C TYR K 244 51.80 49.59 9.01
N GLU K 245 51.98 48.28 8.95
CA GLU K 245 53.23 47.67 9.41
C GLU K 245 54.12 47.25 8.25
N LYS K 246 53.53 46.62 7.24
CA LYS K 246 54.29 46.16 6.07
C LYS K 246 54.54 47.31 5.10
N GLY K 247 53.78 48.38 5.26
CA GLY K 247 53.92 49.56 4.40
C GLY K 247 53.58 49.25 2.96
N MET K 248 52.68 48.30 2.74
CA MET K 248 52.30 47.88 1.40
C MET K 248 50.81 48.10 1.14
N HIS K 249 50.50 48.63 -0.04
CA HIS K 249 49.12 48.89 -0.43
C HIS K 249 48.33 47.58 -0.51
N VAL K 250 47.14 47.56 0.08
CA VAL K 250 46.33 46.36 0.11
C VAL K 250 44.91 46.60 -0.41
N LEU K 251 44.48 45.78 -1.36
CA LEU K 251 43.14 45.87 -1.90
C LEU K 251 42.25 44.75 -1.36
N VAL K 252 41.18 45.13 -0.69
CA VAL K 252 40.26 44.15 -0.12
C VAL K 252 38.93 44.14 -0.87
N ILE K 253 38.49 42.94 -1.29
CA ILE K 253 37.26 42.80 -2.04
C ILE K 253 36.30 41.85 -1.33
N MET K 254 35.07 42.30 -1.12
CA MET K 254 34.06 41.52 -0.42
C MET K 254 32.86 41.23 -1.33
N THR K 255 32.46 39.97 -1.37
CA THR K 255 31.31 39.56 -2.18
C THR K 255 30.15 39.12 -1.31
N ASP K 256 28.94 39.21 -1.86
CA ASP K 256 27.73 38.83 -1.14
C ASP K 256 27.56 39.64 0.13
N MET K 257 27.82 40.94 0.05
CA MET K 257 27.63 41.84 1.18
C MET K 257 26.18 41.85 1.62
N THR K 258 25.30 41.43 0.71
CA THR K 258 23.87 41.34 1.01
C THR K 258 23.64 40.34 2.14
N ASN K 259 24.42 39.27 2.14
CA ASN K 259 24.31 38.23 3.17
C ASN K 259 24.69 38.74 4.54
N TYR K 260 25.64 39.68 4.58
CA TYR K 260 26.09 40.27 5.84
C TYR K 260 24.93 40.97 6.55
N ALA K 261 24.21 41.81 5.81
CA ALA K 261 23.06 42.52 6.35
C ALA K 261 21.95 41.53 6.71
N GLU K 262 21.81 40.49 5.89
CA GLU K 262 20.85 39.43 6.16
C GLU K 262 21.24 38.66 7.42
N ALA K 263 22.53 38.41 7.57
CA ALA K 263 23.05 37.72 8.74
C ALA K 263 23.01 38.64 9.95
N LEU K 264 23.16 39.93 9.71
CA LEU K 264 23.14 40.93 10.78
C LEU K 264 21.73 41.10 11.34
N ARG K 265 20.73 41.04 10.47
CA ARG K 265 19.34 41.19 10.89
C ARG K 265 18.90 39.98 11.70
N GLU K 266 19.49 38.83 11.41
CA GLU K 266 19.23 37.61 12.19
C GLU K 266 19.66 37.79 13.63
N ILE K 267 20.86 38.35 13.82
CA ILE K 267 21.41 38.56 15.14
C ILE K 267 20.58 39.58 15.92
N SER K 268 20.11 40.61 15.21
CA SER K 268 19.26 41.62 15.82
C SER K 268 17.90 41.02 16.19
N ALA K 269 17.35 40.23 15.28
CA ALA K 269 16.07 39.58 15.49
C ALA K 269 16.16 38.53 16.59
N ALA K 270 17.26 37.80 16.63
CA ALA K 270 17.48 36.78 17.64
C ALA K 270 17.64 37.43 19.02
N ARG K 271 18.21 38.62 19.04
CA ARG K 271 18.39 39.37 20.28
C ARG K 271 17.12 40.09 20.69
N ARG K 272 16.04 39.85 19.93
CA ARG K 272 14.73 40.43 20.21
C ARG K 272 14.76 41.95 20.06
N GLU K 273 15.77 42.46 19.37
CA GLU K 273 15.90 43.89 19.13
C GLU K 273 14.87 44.36 18.11
N VAL K 274 14.52 45.64 18.16
CA VAL K 274 13.55 46.21 17.23
C VAL K 274 14.13 46.29 15.82
N PRO K 275 13.33 45.91 14.82
CA PRO K 275 13.74 46.00 13.42
C PRO K 275 13.36 47.33 12.79
N GLY K 276 14.33 47.98 12.13
CA GLY K 276 14.04 49.19 11.39
C GLY K 276 13.25 48.86 10.15
N ARG K 277 12.83 49.89 9.41
CA ARG K 277 12.08 49.69 8.18
C ARG K 277 12.83 48.77 7.22
N ARG K 278 12.07 47.98 6.46
CA ARG K 278 12.63 46.98 5.55
C ARG K 278 13.22 45.79 6.32
N GLY K 279 12.89 45.70 7.60
CA GLY K 279 13.38 44.61 8.43
C GLY K 279 14.89 44.65 8.63
N TYR K 280 15.43 45.86 8.70
CA TYR K 280 16.87 46.04 8.88
C TYR K 280 17.16 46.94 10.07
N PRO K 281 18.10 46.52 10.93
CA PRO K 281 18.50 47.26 12.13
C PRO K 281 19.02 48.66 11.81
N GLY K 282 18.79 49.60 12.72
CA GLY K 282 19.18 50.98 12.52
C GLY K 282 20.66 51.24 12.68
N TYR K 283 21.36 50.34 13.38
CA TYR K 283 22.78 50.51 13.63
C TYR K 283 23.61 50.27 12.38
N LEU K 284 22.96 49.86 11.30
CA LEU K 284 23.65 49.52 10.05
C LEU K 284 24.48 50.67 9.52
N TYR K 285 23.94 51.89 9.57
CA TYR K 285 24.67 53.06 9.09
C TYR K 285 25.95 53.24 9.89
N THR K 286 25.90 52.94 11.18
CA THR K 286 27.07 52.99 12.04
C THR K 286 27.82 51.67 11.99
N ASN K 287 27.07 50.56 12.03
CA ASN K 287 27.66 49.23 12.01
C ASN K 287 28.43 48.95 10.72
N LEU K 288 27.87 49.39 9.59
CA LEU K 288 28.49 49.13 8.29
C LEU K 288 29.59 50.15 7.98
N ALA K 289 29.42 51.38 8.47
CA ALA K 289 30.36 52.45 8.20
C ALA K 289 31.77 52.12 8.70
N THR K 290 31.83 51.51 9.88
CA THR K 290 33.11 51.14 10.49
C THR K 290 33.94 50.28 9.55
N LEU K 291 33.30 49.29 8.94
CA LEU K 291 33.97 48.40 8.01
C LEU K 291 34.48 49.15 6.79
N PHE K 292 33.61 49.95 6.19
CA PHE K 292 33.95 50.70 4.99
C PHE K 292 34.93 51.84 5.27
N GLU K 293 34.76 52.51 6.40
CA GLU K 293 35.59 53.66 6.75
C GLU K 293 37.04 53.29 7.04
N ARG K 294 37.31 51.99 7.12
CA ARG K 294 38.67 51.51 7.37
C ARG K 294 39.63 51.95 6.25
N ALA K 295 39.15 51.92 5.03
CA ALA K 295 39.97 52.26 3.86
C ALA K 295 40.33 53.74 3.85
N GLY K 296 41.59 54.03 3.55
CA GLY K 296 42.08 55.40 3.49
C GLY K 296 43.59 55.45 3.50
N ARG K 297 44.14 56.67 3.51
CA ARG K 297 45.58 56.85 3.56
C ARG K 297 46.01 57.52 4.87
N ILE K 298 47.20 57.15 5.35
CA ILE K 298 47.74 57.72 6.58
C ILE K 298 48.95 58.60 6.28
N ARG K 299 49.03 59.72 6.99
CA ARG K 299 50.10 60.69 6.80
C ARG K 299 51.46 60.10 7.15
N GLY K 300 52.42 60.24 6.24
CA GLY K 300 53.77 59.74 6.45
C GLY K 300 53.95 58.29 6.10
N LEU K 301 53.12 57.43 6.68
CA LEU K 301 53.21 55.98 6.44
C LEU K 301 52.96 55.63 4.98
N LYS K 302 53.75 54.68 4.47
CA LYS K 302 53.62 54.25 3.09
C LYS K 302 52.48 53.25 2.94
N GLY K 303 51.95 53.14 1.72
CA GLY K 303 50.86 52.22 1.45
C GLY K 303 49.51 52.88 1.52
N SER K 304 48.50 52.22 0.95
CA SER K 304 47.14 52.74 0.94
C SER K 304 46.13 51.62 0.96
N VAL K 305 44.98 51.86 1.60
CA VAL K 305 43.96 50.84 1.75
C VAL K 305 42.76 51.09 0.84
N THR K 306 42.57 50.20 -0.13
CA THR K 306 41.44 50.30 -1.05
C THR K 306 40.41 49.22 -0.73
N GLN K 307 39.14 49.63 -0.63
CA GLN K 307 38.07 48.69 -0.31
C GLN K 307 36.98 48.66 -1.36
N ILE K 308 36.48 47.46 -1.65
CA ILE K 308 35.41 47.29 -2.63
C ILE K 308 34.25 46.48 -2.06
N PRO K 309 33.15 47.17 -1.71
CA PRO K 309 31.93 46.49 -1.26
C PRO K 309 31.07 46.01 -2.43
N ILE K 310 30.87 44.70 -2.53
CA ILE K 310 30.03 44.13 -3.58
C ILE K 310 28.85 43.39 -2.97
N LEU K 311 27.65 43.84 -3.32
CA LEU K 311 26.44 43.23 -2.77
C LEU K 311 25.37 43.00 -3.84
N THR K 312 24.47 42.08 -3.58
CA THR K 312 23.43 41.71 -4.54
C THR K 312 22.15 42.52 -4.32
N MET K 313 21.82 43.36 -5.29
CA MET K 313 20.60 44.16 -5.23
C MET K 313 19.36 43.27 -5.34
N PRO K 314 18.52 43.28 -4.31
CA PRO K 314 17.32 42.43 -4.23
C PRO K 314 16.15 43.01 -5.03
N GLU K 315 15.55 42.17 -5.88
CA GLU K 315 14.44 42.60 -6.72
C GLU K 315 14.83 43.76 -7.62
N ASP K 316 16.13 43.84 -7.94
CA ASP K 316 16.68 44.90 -8.78
C ASP K 316 16.28 46.28 -8.28
N ASP K 317 16.35 46.48 -6.97
CA ASP K 317 15.96 47.74 -6.37
C ASP K 317 17.14 48.44 -5.70
N LYS K 318 17.38 49.68 -6.12
CA LYS K 318 18.49 50.47 -5.58
C LYS K 318 18.13 51.06 -4.23
N THR K 319 16.84 51.29 -4.01
CA THR K 319 16.37 51.93 -2.78
C THR K 319 16.39 50.96 -1.60
N HIS K 320 16.77 49.72 -1.85
CA HIS K 320 16.95 48.75 -0.77
C HIS K 320 18.04 49.26 0.16
N PRO K 321 17.83 49.14 1.48
CA PRO K 321 18.72 49.70 2.50
C PRO K 321 20.19 49.34 2.30
N ILE K 322 20.48 48.09 1.96
CA ILE K 322 21.86 47.64 1.79
C ILE K 322 22.56 48.40 0.66
N PRO K 323 21.98 48.36 -0.56
CA PRO K 323 22.55 49.15 -1.65
C PRO K 323 22.36 50.65 -1.46
N ASP K 324 21.34 51.03 -0.69
CA ASP K 324 21.09 52.44 -0.41
C ASP K 324 22.14 53.00 0.54
N LEU K 325 22.53 52.20 1.52
CA LEU K 325 23.56 52.60 2.47
C LEU K 325 24.95 52.53 1.85
N THR K 326 25.16 51.54 0.98
CA THR K 326 26.42 51.38 0.30
C THR K 326 26.61 52.51 -0.70
N GLY K 327 25.49 52.98 -1.25
CA GLY K 327 25.50 54.14 -2.13
C GLY K 327 25.89 55.36 -1.33
N TYR K 328 25.42 55.41 -0.09
CA TYR K 328 25.79 56.48 0.83
C TYR K 328 27.29 56.61 0.95
N ILE K 329 27.97 55.47 1.08
CA ILE K 329 29.42 55.46 1.23
C ILE K 329 29.97 54.06 0.96
N THR K 330 31.08 53.97 0.25
CA THR K 330 31.76 55.14 -0.31
C THR K 330 32.77 54.66 -1.34
N GLU K 331 33.17 55.54 -2.25
CA GLU K 331 32.51 56.82 -2.43
C GLU K 331 31.57 56.70 -3.62
N GLY K 332 32.05 56.00 -4.65
CA GLY K 332 31.25 55.72 -5.82
C GLY K 332 30.88 54.25 -5.92
N GLN K 333 29.75 53.97 -6.58
CA GLN K 333 29.30 52.60 -6.75
C GLN K 333 29.04 52.28 -8.22
N ILE K 334 29.69 51.22 -8.69
CA ILE K 334 29.45 50.71 -10.04
C ILE K 334 28.12 49.98 -10.09
N ILE K 335 27.21 50.45 -10.94
CA ILE K 335 25.89 49.83 -11.04
C ILE K 335 25.74 48.99 -12.30
N LEU K 336 25.37 47.72 -12.12
CA LEU K 336 25.20 46.81 -13.24
C LEU K 336 23.74 46.71 -13.67
N THR K 337 23.50 46.81 -14.97
CA THR K 337 22.16 46.69 -15.52
C THR K 337 21.89 45.29 -16.03
N ARG K 338 20.66 44.82 -15.86
CA ARG K 338 20.27 43.48 -16.27
C ARG K 338 20.13 43.39 -17.78
N GLU K 339 19.82 44.52 -18.41
CA GLU K 339 19.63 44.57 -19.86
C GLU K 339 20.94 44.31 -20.60
N LEU K 340 22.04 44.81 -20.05
CA LEU K 340 23.35 44.62 -20.66
C LEU K 340 23.81 43.17 -20.56
N TYR K 341 23.46 42.51 -19.46
CA TYR K 341 23.82 41.11 -19.27
C TYR K 341 23.01 40.23 -20.22
N LYS K 342 21.79 40.67 -20.52
CA LYS K 342 20.94 39.97 -21.48
C LYS K 342 21.56 40.02 -22.87
N SER K 343 22.18 41.15 -23.19
CA SER K 343 22.82 41.33 -24.48
C SER K 343 24.03 40.42 -24.65
N GLY K 344 24.56 39.94 -23.54
CA GLY K 344 25.70 39.03 -23.56
C GLY K 344 27.03 39.73 -23.46
N ILE K 345 27.00 41.03 -23.15
CA ILE K 345 28.22 41.81 -23.02
C ILE K 345 28.71 41.82 -21.57
N GLN K 346 29.88 41.25 -21.33
CA GLN K 346 30.43 41.14 -19.99
C GLN K 346 31.80 41.81 -19.88
N PRO K 347 32.09 42.41 -18.71
CA PRO K 347 31.16 42.41 -17.58
C PRO K 347 30.04 43.42 -17.80
N PRO K 348 28.79 43.00 -17.53
CA PRO K 348 27.63 43.85 -17.79
C PRO K 348 27.44 44.91 -16.71
N ILE K 349 27.98 46.10 -16.96
CA ILE K 349 27.86 47.22 -16.02
C ILE K 349 27.41 48.47 -16.77
N ASP K 350 26.44 49.19 -16.20
CA ASP K 350 25.97 50.43 -16.81
C ASP K 350 26.74 51.62 -16.25
N VAL K 351 27.30 52.43 -17.13
CA VAL K 351 28.16 53.53 -16.72
C VAL K 351 27.39 54.77 -16.27
N LEU K 352 26.12 54.86 -16.66
CA LEU K 352 25.30 56.02 -16.31
C LEU K 352 25.01 56.10 -14.82
N PRO K 353 24.48 55.03 -14.23
CA PRO K 353 24.20 55.04 -12.79
C PRO K 353 25.48 54.96 -11.95
N SER K 354 26.55 54.46 -12.57
CA SER K 354 27.83 54.35 -11.89
C SER K 354 28.44 55.72 -11.66
N LEU K 355 28.85 55.98 -10.42
CA LEU K 355 29.43 57.27 -10.08
C LEU K 355 30.74 57.08 -9.32
N SER K 356 31.62 58.07 -9.41
CA SER K 356 32.90 58.02 -8.72
C SER K 356 33.19 59.38 -8.11
N ARG K 357 33.45 59.42 -6.81
CA ARG K 357 33.69 60.69 -6.14
C ARG K 357 35.13 61.16 -6.32
N LEU K 358 36.08 60.24 -6.34
CA LEU K 358 37.49 60.61 -6.41
C LEU K 358 38.17 60.22 -7.73
N LYS K 359 37.37 60.04 -8.78
CA LYS K 359 37.91 59.69 -10.09
C LYS K 359 38.99 60.65 -10.56
N ASP K 360 38.79 61.94 -10.33
CA ASP K 360 39.68 62.98 -10.84
C ASP K 360 41.09 62.91 -10.28
N LYS K 361 41.20 62.66 -8.97
CA LYS K 361 42.51 62.58 -8.32
C LYS K 361 43.43 61.59 -9.03
N GLY K 362 42.85 60.49 -9.50
CA GLY K 362 43.62 59.48 -10.21
C GLY K 362 43.95 59.88 -11.64
N THR K 363 43.08 60.69 -12.24
CA THR K 363 43.28 61.13 -13.62
C THR K 363 44.46 62.10 -13.73
N GLY K 364 45.17 62.03 -14.84
CA GLY K 364 46.31 62.91 -15.09
C GLY K 364 47.64 62.22 -14.88
N ALA K 365 48.71 62.86 -15.33
CA ALA K 365 50.05 62.30 -15.21
C ALA K 365 50.45 62.17 -13.74
N GLY K 366 51.30 61.19 -13.46
CA GLY K 366 51.84 60.32 -14.49
C GLY K 366 51.23 58.92 -14.46
N LYS K 367 50.32 58.69 -13.52
CA LYS K 367 49.66 57.40 -13.39
C LYS K 367 48.79 57.11 -14.60
N THR K 368 48.08 58.12 -15.07
CA THR K 368 47.22 58.00 -16.24
C THR K 368 47.50 59.12 -17.24
N ARG K 369 46.88 59.04 -18.41
CA ARG K 369 47.01 60.09 -19.41
C ARG K 369 46.36 61.37 -18.92
N GLU K 370 47.03 62.50 -19.15
CA GLU K 370 46.50 63.79 -18.71
C GLU K 370 45.22 64.15 -19.44
N ASP K 371 45.05 63.57 -20.63
CA ASP K 371 43.87 63.84 -21.44
C ASP K 371 42.75 62.85 -21.15
N HIS K 372 42.99 61.96 -20.20
CA HIS K 372 41.99 60.97 -19.81
C HIS K 372 40.70 61.65 -19.38
N ALA K 373 40.79 62.54 -18.39
CA ALA K 373 39.63 63.23 -17.85
C ALA K 373 38.75 63.83 -18.95
N ALA K 374 39.39 64.40 -19.98
CA ALA K 374 38.69 65.04 -21.07
C ALA K 374 37.90 64.05 -21.92
N THR K 375 38.46 62.86 -22.11
CA THR K 375 37.82 61.84 -22.91
C THR K 375 36.61 61.23 -22.20
N MET K 376 36.61 61.32 -20.88
CA MET K 376 35.48 60.82 -20.09
C MET K 376 34.21 61.61 -20.34
N ASN K 377 34.30 62.92 -20.14
CA ASN K 377 33.15 63.82 -20.27
C ASN K 377 32.51 63.75 -21.66
N GLN K 378 33.34 63.58 -22.68
CA GLN K 378 32.84 63.55 -24.05
C GLN K 378 32.30 62.16 -24.40
N LEU K 379 33.00 61.13 -23.95
CA LEU K 379 32.62 59.75 -24.23
C LEU K 379 31.28 59.42 -23.57
N PHE K 380 30.96 60.13 -22.50
CA PHE K 380 29.73 59.88 -21.78
C PHE K 380 28.57 60.69 -22.35
N ALA K 381 28.82 61.96 -22.61
CA ALA K 381 27.81 62.85 -23.18
C ALA K 381 27.31 62.30 -24.51
N ALA K 382 28.18 61.59 -25.21
CA ALA K 382 27.82 60.95 -26.48
C ALA K 382 27.00 59.69 -26.23
N TYR K 383 27.41 58.90 -25.24
CA TYR K 383 26.72 57.66 -24.92
C TYR K 383 25.38 57.90 -24.25
N ALA K 384 25.30 58.96 -23.45
CA ALA K 384 24.06 59.31 -22.77
C ALA K 384 22.97 59.65 -23.78
N GLN K 385 23.34 60.41 -24.81
CA GLN K 385 22.42 60.76 -25.88
C GLN K 385 22.22 59.56 -26.81
N GLY K 386 23.28 58.78 -26.98
CA GLY K 386 23.22 57.57 -27.79
C GLY K 386 22.19 56.60 -27.26
N LYS K 387 22.15 56.44 -25.95
CA LYS K 387 21.15 55.60 -25.31
C LYS K 387 19.76 56.18 -25.49
N GLN K 388 19.67 57.51 -25.37
CA GLN K 388 18.40 58.19 -25.58
C GLN K 388 17.93 58.04 -27.02
N ALA K 389 18.83 58.29 -27.96
CA ALA K 389 18.52 58.19 -29.39
C ALA K 389 18.02 56.81 -29.76
N LYS K 390 18.67 55.78 -29.22
CA LYS K 390 18.28 54.40 -29.48
C LYS K 390 16.90 54.10 -28.88
N GLU K 391 16.67 54.61 -27.67
CA GLU K 391 15.39 54.44 -27.01
C GLU K 391 14.33 55.37 -27.60
N LEU K 392 14.74 56.58 -27.93
CA LEU K 392 13.84 57.56 -28.54
C LEU K 392 13.38 57.10 -29.92
N ALA K 393 14.20 56.26 -30.54
CA ALA K 393 13.91 55.77 -31.88
C ALA K 393 12.66 54.89 -31.92
N VAL K 394 12.63 53.88 -31.06
CA VAL K 394 11.56 52.87 -31.09
C VAL K 394 10.16 53.46 -30.92
N VAL K 395 10.05 54.55 -30.18
CA VAL K 395 8.75 55.18 -29.93
C VAL K 395 8.34 56.09 -31.09
N LEU K 396 9.34 56.63 -31.78
CA LEU K 396 9.09 57.53 -32.90
C LEU K 396 9.36 56.83 -34.23
N GLY K 397 9.95 55.64 -34.16
CA GLY K 397 10.36 54.92 -35.35
C GLY K 397 11.81 55.21 -35.66
N GLU K 398 12.49 54.27 -36.30
CA GLU K 398 13.90 54.41 -36.61
C GLU K 398 14.13 55.53 -37.64
N SER K 399 13.06 55.90 -38.34
CA SER K 399 13.13 56.91 -39.39
C SER K 399 12.95 58.33 -38.86
N ALA K 400 12.34 58.45 -37.68
CA ALA K 400 12.02 59.75 -37.11
C ALA K 400 13.28 60.53 -36.73
N LEU K 401 14.27 59.82 -36.17
CA LEU K 401 15.52 60.45 -35.78
C LEU K 401 16.27 60.98 -37.00
N SER K 402 16.95 62.11 -36.83
CA SER K 402 17.73 62.69 -37.92
C SER K 402 19.11 62.04 -38.01
N ASP K 403 19.75 62.18 -39.17
CA ASP K 403 21.01 61.51 -39.45
C ASP K 403 22.09 61.76 -38.39
N ILE K 404 22.07 62.95 -37.80
CA ILE K 404 23.07 63.33 -36.82
C ILE K 404 22.86 62.58 -35.50
N ASP K 405 21.61 62.24 -35.20
CA ASP K 405 21.27 61.51 -33.99
C ASP K 405 21.58 60.02 -34.13
N LYS K 406 21.61 59.56 -35.38
CA LYS K 406 21.80 58.14 -35.66
C LYS K 406 23.21 57.68 -35.34
N ILE K 407 24.17 58.59 -35.52
CA ILE K 407 25.58 58.29 -35.24
C ILE K 407 25.79 58.00 -33.75
N TYR K 408 25.13 58.79 -32.91
CA TYR K 408 25.20 58.59 -31.46
C TYR K 408 24.59 57.25 -31.06
N ALA K 409 23.47 56.91 -31.69
CA ALA K 409 22.81 55.63 -31.44
C ALA K 409 23.71 54.49 -31.89
N LYS K 410 24.44 54.72 -32.99
CA LYS K 410 25.38 53.73 -33.50
C LYS K 410 26.58 53.62 -32.58
N PHE K 411 26.99 54.75 -32.02
CA PHE K 411 28.11 54.80 -31.09
C PHE K 411 27.80 54.10 -29.78
N ALA K 412 26.56 54.27 -29.31
CA ALA K 412 26.13 53.67 -28.06
C ALA K 412 26.25 52.15 -28.10
N GLU K 413 25.90 51.57 -29.24
CA GLU K 413 25.97 50.13 -29.41
C GLU K 413 27.43 49.66 -29.52
N ARG K 414 28.24 50.43 -30.24
CA ARG K 414 29.65 50.10 -30.40
C ARG K 414 30.42 50.26 -29.09
N PHE K 415 30.13 51.34 -28.37
CA PHE K 415 30.71 51.58 -27.05
C PHE K 415 30.56 50.33 -26.18
N GLU K 416 29.33 49.83 -26.08
CA GLU K 416 29.03 48.71 -25.20
C GLU K 416 29.69 47.40 -25.63
N ASN K 417 29.81 47.20 -26.95
CA ASN K 417 30.31 45.92 -27.48
C ASN K 417 31.79 45.67 -27.20
N GLU K 418 32.63 46.69 -27.35
CA GLU K 418 34.07 46.52 -27.17
C GLU K 418 34.60 47.22 -25.92
N TYR K 419 34.38 48.53 -25.85
CA TYR K 419 34.91 49.34 -24.75
C TYR K 419 34.36 48.89 -23.40
N VAL K 420 33.04 48.71 -23.33
CA VAL K 420 32.40 48.32 -22.08
C VAL K 420 32.73 46.89 -21.67
N ASN K 421 32.68 45.97 -22.63
CA ASN K 421 32.97 44.57 -22.36
C ASN K 421 34.43 44.36 -21.96
N GLN K 422 34.69 43.31 -21.19
CA GLN K 422 36.04 43.01 -20.74
C GLN K 422 36.74 42.03 -21.67
N GLY K 423 36.03 41.57 -22.71
CA GLY K 423 36.58 40.60 -23.63
C GLY K 423 37.05 39.35 -22.90
N PHE K 424 36.24 38.93 -21.92
CA PHE K 424 36.55 37.75 -21.11
C PHE K 424 37.83 37.93 -20.31
N TYR K 425 38.73 36.96 -20.41
CA TYR K 425 39.96 36.95 -19.64
C TYR K 425 40.92 38.09 -20.03
N THR K 426 40.95 38.41 -21.32
CA THR K 426 41.88 39.42 -21.83
C THR K 426 41.58 40.80 -21.23
N ASN K 427 42.63 41.58 -20.99
CA ASN K 427 42.47 42.93 -20.48
C ASN K 427 43.40 43.90 -21.18
N ARG K 428 43.05 45.19 -21.14
CA ARG K 428 43.85 46.22 -21.80
C ARG K 428 44.41 47.22 -20.80
N THR K 429 45.68 47.58 -20.99
CA THR K 429 46.34 48.53 -20.12
C THR K 429 45.66 49.90 -20.17
N ILE K 430 45.99 50.76 -19.22
CA ILE K 430 45.40 52.09 -19.15
C ILE K 430 45.66 52.88 -20.42
N THR K 431 46.88 52.77 -20.95
CA THR K 431 47.23 53.42 -22.21
C THR K 431 46.52 52.74 -23.38
N GLU K 432 46.38 51.41 -23.28
CA GLU K 432 45.70 50.64 -24.31
C GLU K 432 44.19 50.89 -24.27
N THR K 433 43.67 51.10 -23.06
CA THR K 433 42.25 51.38 -22.88
C THR K 433 41.88 52.74 -23.46
N LEU K 434 42.82 53.68 -23.38
CA LEU K 434 42.61 55.01 -23.92
C LEU K 434 42.57 54.98 -25.45
N ASP K 435 43.33 54.07 -26.03
CA ASP K 435 43.36 53.92 -27.48
C ASP K 435 42.02 53.40 -28.01
N LEU K 436 41.44 52.46 -27.27
CA LEU K 436 40.15 51.90 -27.64
C LEU K 436 39.06 52.97 -27.61
N GLY K 437 39.13 53.85 -26.62
CA GLY K 437 38.20 54.94 -26.49
C GLY K 437 38.38 55.98 -27.57
N TRP K 438 39.63 56.36 -27.82
CA TRP K 438 39.96 57.36 -28.83
C TRP K 438 39.52 56.93 -30.22
N GLU K 439 39.76 55.67 -30.56
CA GLU K 439 39.40 55.14 -31.86
C GLU K 439 37.88 55.04 -32.02
N LEU K 440 37.21 54.60 -30.95
CA LEU K 440 35.76 54.44 -30.97
C LEU K 440 35.05 55.79 -30.93
N LEU K 441 35.65 56.75 -30.24
CA LEU K 441 35.06 58.08 -30.10
C LEU K 441 35.30 58.92 -31.35
N ALA K 442 36.23 58.49 -32.19
CA ALA K 442 36.60 59.24 -33.38
C ALA K 442 35.50 59.24 -34.44
N MET K 443 34.51 58.37 -34.25
CA MET K 443 33.41 58.25 -35.20
C MET K 443 32.64 59.55 -35.34
N LEU K 444 32.43 60.23 -34.21
CA LEU K 444 31.72 61.51 -34.19
C LEU K 444 32.55 62.61 -34.85
N PRO K 445 31.87 63.55 -35.53
CA PRO K 445 32.54 64.67 -36.18
C PRO K 445 33.39 65.49 -35.21
N ARG K 446 34.45 66.09 -35.71
CA ARG K 446 35.33 66.91 -34.88
C ARG K 446 34.57 68.06 -34.23
N THR K 447 33.65 68.64 -34.98
CA THR K 447 32.82 69.73 -34.48
C THR K 447 31.87 69.25 -33.38
N GLU K 448 31.47 67.99 -33.47
CA GLU K 448 30.57 67.40 -32.47
C GLU K 448 31.30 67.18 -31.15
N LEU K 449 32.57 66.82 -31.22
CA LEU K 449 33.39 66.62 -30.03
C LEU K 449 33.83 67.97 -29.48
N LYS K 450 32.86 68.78 -29.06
CA LYS K 450 33.09 70.16 -28.69
C LYS K 450 33.82 70.33 -27.35
N ARG K 451 33.48 69.49 -26.38
CA ARG K 451 34.03 69.65 -25.03
C ARG K 451 35.53 69.43 -24.97
N ILE K 452 36.03 68.43 -25.70
CA ILE K 452 37.45 68.13 -25.70
C ILE K 452 38.25 69.20 -26.42
N LYS K 453 39.53 69.34 -26.06
CA LYS K 453 40.38 70.36 -26.65
C LYS K 453 40.79 70.02 -28.07
N ASP K 454 40.79 71.03 -28.94
CA ASP K 454 41.15 70.85 -30.35
C ASP K 454 42.56 70.30 -30.51
N ASP K 455 43.49 70.79 -29.70
CA ASP K 455 44.88 70.35 -29.76
C ASP K 455 45.00 68.87 -29.42
N LEU K 456 44.20 68.42 -28.45
CA LEU K 456 44.17 67.01 -28.07
C LEU K 456 43.63 66.16 -29.21
N LEU K 457 42.63 66.69 -29.92
CA LEU K 457 42.04 65.99 -31.05
C LEU K 457 43.00 65.99 -32.23
N ASP K 458 43.88 66.98 -32.27
CA ASP K 458 44.93 67.03 -33.29
C ASP K 458 45.96 65.94 -33.04
N LYS K 459 46.24 65.68 -31.77
CA LYS K 459 47.25 64.72 -31.36
C LYS K 459 46.74 63.29 -31.46
N TYR K 460 45.49 63.08 -31.08
CA TYR K 460 44.92 61.74 -31.03
C TYR K 460 43.85 61.53 -32.11
N LEU K 461 43.74 60.29 -32.58
CA LEU K 461 42.77 59.93 -33.60
C LEU K 461 42.99 60.71 -34.89
N GLU L 11 9.56 71.45 50.34
CA GLU L 11 8.81 71.09 51.53
C GLU L 11 8.71 69.58 51.70
N TYR L 12 8.66 68.86 50.58
CA TYR L 12 8.56 67.42 50.60
C TYR L 12 9.62 66.76 49.73
N ARG L 13 10.86 66.78 50.18
CA ARG L 13 11.95 66.10 49.48
C ARG L 13 11.87 64.60 49.70
N THR L 14 10.74 64.02 49.34
CA THR L 14 10.50 62.61 49.53
C THR L 14 10.64 61.87 48.20
N ILE L 15 11.15 62.58 47.20
CA ILE L 15 11.34 62.00 45.87
C ILE L 15 12.34 60.85 45.91
N LYS L 16 12.06 59.81 45.14
CA LYS L 16 12.92 58.64 45.10
C LYS L 16 13.86 58.70 43.91
N GLU L 17 13.31 58.97 42.73
CA GLU L 17 14.10 59.02 41.52
C GLU L 17 13.46 59.92 40.46
N VAL L 18 14.27 60.34 39.48
CA VAL L 18 13.79 61.17 38.39
C VAL L 18 14.15 60.56 37.03
N VAL L 19 13.14 60.29 36.21
CA VAL L 19 13.35 59.69 34.91
C VAL L 19 12.74 60.53 33.80
N GLY L 20 13.60 61.13 32.98
CA GLY L 20 13.13 62.02 31.93
C GLY L 20 12.36 63.19 32.52
N PRO L 21 11.30 63.62 31.82
CA PRO L 21 10.44 64.69 32.34
C PRO L 21 9.67 64.26 33.58
N LEU L 22 9.54 62.95 33.78
CA LEU L 22 8.79 62.42 34.92
C LEU L 22 9.61 62.47 36.21
N MET L 23 8.91 62.52 37.32
CA MET L 23 9.54 62.53 38.64
C MET L 23 8.78 61.62 39.60
N ALA L 24 9.51 60.92 40.46
CA ALA L 24 8.89 59.98 41.39
C ALA L 24 9.15 60.36 42.85
N VAL L 25 8.07 60.57 43.59
CA VAL L 25 8.16 60.86 45.01
C VAL L 25 7.61 59.68 45.80
N GLU L 26 7.88 59.63 47.10
CA GLU L 26 7.38 58.55 47.94
C GLU L 26 7.05 59.07 49.35
N LYS L 27 6.37 58.24 50.13
CA LYS L 27 6.03 58.58 51.51
C LYS L 27 5.17 59.84 51.60
N VAL L 28 4.51 60.19 50.51
CA VAL L 28 3.65 61.37 50.48
C VAL L 28 2.27 61.05 51.06
N SER L 29 1.58 62.07 51.54
CA SER L 29 0.29 61.88 52.18
C SER L 29 -0.74 62.93 51.75
N GLY L 30 -1.97 62.49 51.52
CA GLY L 30 -3.05 63.39 51.17
C GLY L 30 -2.94 63.96 49.75
N VAL L 31 -2.15 63.30 48.93
CA VAL L 31 -1.93 63.73 47.54
C VAL L 31 -3.17 63.51 46.69
N LYS L 32 -3.39 64.36 45.69
CA LYS L 32 -4.57 64.27 44.83
C LYS L 32 -4.21 64.18 43.35
N TYR L 33 -5.13 63.63 42.56
CA TYR L 33 -5.01 63.57 41.10
C TYR L 33 -5.14 64.99 40.53
N GLU L 34 -4.27 65.30 39.57
CA GLU L 34 -4.29 66.59 38.86
C GLU L 34 -3.74 67.69 39.74
N GLU L 35 -3.24 67.32 40.91
CA GLU L 35 -2.69 68.30 41.84
C GLU L 35 -1.38 68.87 41.31
N LEU L 36 -1.31 70.19 41.23
CA LEU L 36 -0.10 70.87 40.79
C LEU L 36 0.99 70.72 41.85
N ILE L 37 2.22 70.52 41.40
CA ILE L 37 3.34 70.37 42.34
C ILE L 37 4.42 71.40 42.08
N GLU L 38 5.28 71.61 43.07
CA GLU L 38 6.31 72.65 42.99
C GLU L 38 7.70 72.07 43.22
N VAL L 39 8.51 72.05 42.17
CA VAL L 39 9.86 71.51 42.25
C VAL L 39 10.88 72.61 42.53
N ARG L 40 11.62 72.46 43.61
CA ARG L 40 12.63 73.43 44.00
C ARG L 40 14.02 72.84 43.85
N MET L 41 14.88 73.52 43.08
CA MET L 41 16.22 73.02 42.80
C MET L 41 17.13 73.14 44.02
N GLN L 42 18.27 72.46 43.94
CA GLN L 42 19.27 72.55 44.99
C GLN L 42 19.89 73.94 45.02
N ASN L 43 19.97 74.58 43.86
CA ASN L 43 20.51 75.93 43.77
C ASN L 43 19.45 76.97 44.15
N GLY L 44 18.19 76.54 44.16
CA GLY L 44 17.09 77.43 44.55
C GLY L 44 16.11 77.69 43.43
N GLU L 45 16.41 77.18 42.23
CA GLU L 45 15.53 77.39 41.09
C GLU L 45 14.20 76.67 41.28
N ILE L 46 13.11 77.34 40.92
CA ILE L 46 11.77 76.80 41.13
C ILE L 46 11.16 76.26 39.85
N ARG L 47 10.45 75.14 39.97
CA ARG L 47 9.83 74.49 38.81
C ARG L 47 8.47 73.91 39.18
N ARG L 48 7.57 73.84 38.21
CA ARG L 48 6.21 73.35 38.46
C ARG L 48 5.91 72.11 37.63
N GLY L 49 4.90 71.34 38.08
CA GLY L 49 4.51 70.12 37.38
C GLY L 49 3.16 69.59 37.87
N GLN L 50 2.65 68.57 37.19
CA GLN L 50 1.37 67.97 37.56
C GLN L 50 1.40 66.45 37.46
N VAL L 51 0.49 65.81 38.20
CA VAL L 51 0.45 64.35 38.28
C VAL L 51 -0.84 63.77 37.70
N LEU L 52 -0.72 62.90 36.71
CA LEU L 52 -1.87 62.20 36.18
C LEU L 52 -2.45 61.22 37.19
N GLU L 53 -1.58 60.56 37.95
CA GLU L 53 -2.04 59.55 38.89
C GLU L 53 -1.10 59.37 40.07
N VAL L 54 -1.67 59.11 41.24
CA VAL L 54 -0.89 58.91 42.45
C VAL L 54 -1.42 57.74 43.29
N GLN L 55 -0.50 57.09 43.98
CA GLN L 55 -0.83 55.98 44.87
C GLN L 55 -0.05 56.11 46.17
N GLU L 56 -0.64 55.64 47.26
CA GLU L 56 0.11 55.53 48.50
C GLU L 56 1.24 54.55 48.23
N ASP L 57 2.47 54.90 48.61
CA ASP L 57 2.76 56.16 49.27
C ASP L 57 3.47 57.12 48.32
N LYS L 58 3.25 56.94 47.02
CA LYS L 58 4.07 57.59 46.01
C LYS L 58 3.29 58.28 44.90
N ALA L 59 3.52 59.57 44.74
CA ALA L 59 2.90 60.34 43.67
C ALA L 59 3.94 60.72 42.61
N MET L 60 3.61 60.48 41.35
CA MET L 60 4.55 60.72 40.25
C MET L 60 4.19 62.00 39.48
N VAL L 61 5.01 63.03 39.61
CA VAL L 61 4.75 64.31 38.96
C VAL L 61 5.62 64.50 37.71
N GLN L 62 5.01 64.87 36.59
CA GLN L 62 5.76 65.19 35.38
C GLN L 62 6.05 66.69 35.33
N ILE L 63 7.33 67.04 35.20
CA ILE L 63 7.73 68.45 35.20
C ILE L 63 7.56 69.10 33.83
N PHE L 64 6.93 70.26 33.81
CA PHE L 64 6.71 70.99 32.56
C PHE L 64 8.03 71.41 31.93
N GLU L 65 8.78 72.25 32.63
CA GLU L 65 10.05 72.77 32.12
C GLU L 65 11.06 71.65 31.84
N GLY L 66 10.90 70.52 32.52
CA GLY L 66 11.81 69.41 32.36
C GLY L 66 12.56 69.10 33.65
N THR L 67 13.38 68.05 33.62
CA THR L 67 14.11 67.63 34.81
C THR L 67 15.62 67.75 34.64
N SER L 68 16.05 68.57 33.70
CA SER L 68 17.47 68.79 33.47
C SER L 68 18.09 69.57 34.62
N GLY L 69 19.26 69.10 35.08
CA GLY L 69 19.98 69.76 36.15
C GLY L 69 19.28 69.65 37.50
N ILE L 70 18.79 68.46 37.82
CA ILE L 70 18.11 68.23 39.09
C ILE L 70 18.84 67.20 39.95
N CYS L 71 19.04 67.54 41.22
CA CYS L 71 19.60 66.60 42.18
C CYS L 71 18.52 66.13 43.13
N LEU L 72 18.21 64.84 43.08
CA LEU L 72 17.11 64.27 43.86
C LEU L 72 17.32 64.47 45.36
N LYS L 73 18.55 64.26 45.81
CA LYS L 73 18.86 64.30 47.23
C LYS L 73 18.72 65.72 47.81
N ASN L 74 18.93 66.72 46.96
CA ASN L 74 18.93 68.10 47.41
C ASN L 74 17.69 68.88 46.95
N SER L 75 16.75 68.17 46.33
CA SER L 75 15.55 68.81 45.80
C SER L 75 14.30 68.47 46.61
N SER L 76 13.57 69.50 47.03
CA SER L 76 12.33 69.30 47.78
C SER L 76 11.14 69.76 46.95
N VAL L 77 10.10 68.93 46.89
CA VAL L 77 8.91 69.24 46.10
C VAL L 77 7.67 69.33 46.97
N ARG L 78 7.11 70.54 47.10
CA ARG L 78 5.90 70.73 47.88
C ARG L 78 4.65 70.62 47.01
N PHE L 79 3.66 69.88 47.51
CA PHE L 79 2.39 69.74 46.81
C PHE L 79 1.53 70.98 47.01
N LEU L 80 1.00 71.52 45.91
CA LEU L 80 0.25 72.76 45.95
C LEU L 80 -1.16 72.58 46.49
N GLY L 81 -1.66 71.35 46.42
CA GLY L 81 -2.99 71.04 46.95
C GLY L 81 -4.12 71.56 46.08
N HIS L 82 -3.79 72.12 44.93
CA HIS L 82 -4.78 72.63 44.00
C HIS L 82 -4.40 72.31 42.56
N PRO L 83 -5.41 72.17 41.69
CA PRO L 83 -5.17 71.93 40.26
C PRO L 83 -4.53 73.14 39.60
N LEU L 84 -3.77 72.91 38.53
CA LEU L 84 -3.10 74.00 37.83
C LEU L 84 -4.12 74.92 37.16
N GLN L 85 -3.92 76.22 37.32
CA GLN L 85 -4.86 77.20 36.79
C GLN L 85 -4.15 78.46 36.32
N LEU L 86 -4.77 79.15 35.36
CA LEU L 86 -4.23 80.40 34.85
C LEU L 86 -5.03 81.59 35.36
N GLY L 87 -4.35 82.57 35.95
CA GLY L 87 -5.00 83.75 36.46
C GLY L 87 -5.65 84.56 35.35
N VAL L 88 -6.96 84.74 35.44
CA VAL L 88 -7.70 85.47 34.42
C VAL L 88 -8.30 86.75 34.98
N SER L 89 -8.25 87.81 34.18
CA SER L 89 -8.79 89.11 34.58
C SER L 89 -9.37 89.86 33.38
N GLU L 90 -9.99 91.00 33.64
CA GLU L 90 -10.61 91.80 32.59
C GLU L 90 -9.57 92.55 31.76
N ASP L 91 -8.43 92.86 32.39
CA ASP L 91 -7.37 93.59 31.70
C ASP L 91 -6.44 92.64 30.94
N MET L 92 -6.91 91.42 30.74
CA MET L 92 -6.15 90.41 30.00
C MET L 92 -5.96 90.83 28.55
N ILE L 93 -6.91 91.61 28.05
CA ILE L 93 -6.89 92.08 26.67
C ILE L 93 -5.70 93.01 26.40
N GLY L 94 -4.96 92.71 25.34
CA GLY L 94 -3.79 93.50 24.99
C GLY L 94 -2.56 93.08 25.76
N ARG L 95 -2.65 91.93 26.42
CA ARG L 95 -1.55 91.43 27.24
C ARG L 95 -1.11 90.04 26.78
N VAL L 96 0.20 89.82 26.75
CA VAL L 96 0.77 88.54 26.33
C VAL L 96 1.36 87.80 27.52
N PHE L 97 1.24 86.47 27.51
CA PHE L 97 1.49 85.67 28.70
C PHE L 97 2.57 84.59 28.48
N ASP L 98 3.06 84.03 29.57
CA ASP L 98 4.13 83.03 29.54
C ASP L 98 3.57 81.63 29.31
N GLY L 99 4.46 80.65 29.33
CA GLY L 99 4.05 79.27 29.22
C GLY L 99 3.10 78.90 30.34
N LEU L 100 3.40 79.39 31.55
CA LEU L 100 2.59 79.07 32.72
C LEU L 100 2.12 80.31 33.48
N GLY L 101 1.19 81.05 32.88
CA GLY L 101 0.51 82.15 33.54
C GLY L 101 1.37 83.33 33.97
N ARG L 102 2.33 83.72 33.14
CA ARG L 102 3.23 84.81 33.47
C ARG L 102 3.37 85.77 32.29
N PRO L 103 3.55 87.06 32.56
CA PRO L 103 3.77 88.00 31.45
C PRO L 103 5.16 87.84 30.83
N LYS L 104 5.22 87.63 29.52
CA LYS L 104 6.51 87.49 28.84
C LYS L 104 6.90 88.77 28.09
N ASP L 105 5.97 89.72 28.01
CA ASP L 105 6.18 90.86 27.11
C ASP L 105 7.19 91.91 27.63
N ASN L 106 7.20 92.24 28.91
CA ASN L 106 6.24 91.80 29.93
C ASN L 106 5.70 93.01 30.69
N GLY L 107 4.39 93.22 30.62
CA GLY L 107 3.77 94.40 31.20
C GLY L 107 3.52 94.27 32.70
N PRO L 108 2.82 95.26 33.26
CA PRO L 108 2.47 95.26 34.69
C PRO L 108 1.64 94.04 35.05
N GLU L 109 1.95 93.41 36.18
CA GLU L 109 1.29 92.16 36.58
C GLU L 109 -0.23 92.29 36.61
N ILE L 110 -0.89 91.29 36.04
CA ILE L 110 -2.35 91.29 35.95
C ILE L 110 -2.98 90.86 37.27
N LEU L 111 -4.16 91.42 37.56
CA LEU L 111 -4.85 91.15 38.81
C LEU L 111 -6.03 90.21 38.61
N PRO L 112 -5.83 88.90 38.86
CA PRO L 112 -6.89 87.91 38.68
C PRO L 112 -7.88 87.87 39.83
N GLU L 113 -9.16 88.06 39.52
CA GLU L 113 -10.21 87.99 40.53
C GLU L 113 -10.39 86.56 41.03
N LYS L 114 -10.55 85.63 40.10
CA LYS L 114 -10.73 84.22 40.44
C LYS L 114 -9.84 83.34 39.58
N TYR L 115 -9.68 82.09 40.00
CA TYR L 115 -8.92 81.11 39.23
C TYR L 115 -9.81 79.95 38.82
N LEU L 116 -9.71 79.55 37.56
CA LEU L 116 -10.51 78.44 37.05
C LEU L 116 -9.62 77.36 36.46
N ASP L 117 -10.13 76.13 36.45
CA ASP L 117 -9.37 74.99 35.93
C ASP L 117 -9.16 75.15 34.42
N ILE L 118 -7.97 74.77 33.96
CA ILE L 118 -7.63 74.89 32.54
C ILE L 118 -8.44 73.93 31.69
N ASN L 119 -8.76 72.77 32.25
CA ASN L 119 -9.57 71.78 31.55
C ASN L 119 -11.00 72.25 31.39
N GLY L 120 -11.46 73.04 32.37
CA GLY L 120 -12.81 73.56 32.36
C GLY L 120 -13.86 72.48 32.50
N GLU L 121 -15.12 72.88 32.45
CA GLU L 121 -16.23 71.93 32.51
C GLU L 121 -16.96 71.86 31.18
N VAL L 122 -17.49 70.69 30.86
CA VAL L 122 -18.16 70.48 29.58
C VAL L 122 -19.47 71.27 29.50
N ILE L 123 -19.70 71.89 28.35
CA ILE L 123 -20.95 72.60 28.11
C ILE L 123 -22.09 71.61 27.90
N ASN L 124 -23.20 71.82 28.59
CA ASN L 124 -24.35 70.93 28.48
C ASN L 124 -24.97 71.01 27.09
N PRO L 125 -25.13 69.84 26.44
CA PRO L 125 -25.73 69.72 25.11
C PRO L 125 -27.09 70.41 25.03
N ILE L 126 -27.91 70.25 26.06
CA ILE L 126 -29.21 70.92 26.11
C ILE L 126 -29.04 72.42 26.30
N ALA L 127 -28.16 72.79 27.23
CA ALA L 127 -27.91 74.20 27.53
C ALA L 127 -27.30 74.93 26.33
N ARG L 128 -26.43 74.24 25.61
CA ARG L 128 -25.83 74.81 24.42
C ARG L 128 -26.88 75.14 23.38
N ASP L 129 -26.71 76.28 22.71
CA ASP L 129 -27.63 76.70 21.67
C ASP L 129 -26.98 76.50 20.31
N TYR L 130 -27.71 75.90 19.37
CA TYR L 130 -27.20 75.71 18.02
C TYR L 130 -26.69 77.04 17.49
N PRO L 131 -25.43 77.07 17.03
CA PRO L 131 -24.91 78.37 16.62
C PRO L 131 -25.37 78.75 15.21
N ASP L 132 -26.37 79.62 15.15
CA ASP L 132 -26.83 80.17 13.88
C ASP L 132 -26.41 81.63 13.76
N GLU L 133 -25.43 81.89 12.90
CA GLU L 133 -24.91 83.24 12.79
C GLU L 133 -24.10 83.42 11.50
N PHE L 134 -23.91 84.67 11.12
CA PHE L 134 -23.14 84.99 9.92
C PHE L 134 -21.85 85.71 10.30
N ILE L 135 -20.72 85.17 9.88
CA ILE L 135 -19.44 85.82 10.09
C ILE L 135 -18.78 86.13 8.75
N GLN L 136 -18.11 87.27 8.67
CA GLN L 136 -17.39 87.63 7.46
C GLN L 136 -16.08 86.87 7.39
N THR L 137 -16.05 85.86 6.54
CA THR L 137 -14.86 85.04 6.39
C THR L 137 -13.73 85.88 5.80
N GLY L 138 -14.10 86.83 4.94
CA GLY L 138 -13.11 87.70 4.32
C GLY L 138 -12.42 87.03 3.15
N ILE L 139 -12.76 85.77 2.93
CA ILE L 139 -12.23 85.01 1.81
C ILE L 139 -13.37 84.38 1.01
N SER L 140 -13.34 84.57 -0.30
CA SER L 140 -14.40 84.09 -1.19
C SER L 140 -14.64 82.60 -1.04
N ALA L 141 -13.56 81.85 -0.77
CA ALA L 141 -13.68 80.41 -0.58
C ALA L 141 -14.38 80.07 0.73
N ILE L 142 -14.31 80.99 1.70
CA ILE L 142 -14.91 80.74 3.00
C ILE L 142 -16.24 81.46 3.16
N ASP L 143 -16.48 82.49 2.34
CA ASP L 143 -17.77 83.15 2.36
C ASP L 143 -18.83 82.30 1.67
N HIS L 144 -18.48 81.80 0.48
CA HIS L 144 -19.41 81.03 -0.32
C HIS L 144 -19.12 79.53 -0.26
N LEU L 145 -17.87 79.16 -0.47
CA LEU L 145 -17.52 77.74 -0.53
C LEU L 145 -17.46 77.10 0.87
N ASN L 146 -16.97 77.84 1.85
CA ASN L 146 -16.84 77.30 3.21
C ASN L 146 -17.48 78.17 4.30
N THR L 147 -18.80 78.26 4.30
CA THR L 147 -19.52 79.10 5.26
C THR L 147 -19.12 78.82 6.71
N LEU L 148 -18.98 79.89 7.49
CA LEU L 148 -18.57 79.79 8.89
C LEU L 148 -19.54 80.52 9.81
N VAL L 149 -20.40 79.77 10.49
CA VAL L 149 -21.31 80.37 11.46
C VAL L 149 -20.59 80.55 12.79
N ARG L 150 -21.25 81.17 13.75
CA ARG L 150 -20.62 81.49 15.02
C ARG L 150 -20.38 80.25 15.87
N GLY L 151 -19.40 80.34 16.77
CA GLY L 151 -19.09 79.25 17.66
C GLY L 151 -18.60 77.99 16.97
N GLN L 152 -18.45 78.04 15.65
CA GLN L 152 -18.00 76.89 14.88
C GLN L 152 -16.52 76.62 15.09
N LYS L 153 -16.15 75.35 15.16
CA LYS L 153 -14.75 74.95 15.20
C LYS L 153 -14.29 74.66 13.78
N LEU L 154 -13.46 75.52 13.21
CA LEU L 154 -12.98 75.31 11.85
C LEU L 154 -11.46 75.27 11.80
N PRO L 155 -10.89 74.08 11.52
CA PRO L 155 -9.43 74.02 11.42
C PRO L 155 -8.92 74.33 10.03
N VAL L 156 -7.69 74.80 9.94
CA VAL L 156 -7.00 74.96 8.67
C VAL L 156 -5.95 73.87 8.58
N PHE L 157 -6.04 73.04 7.56
CA PHE L 157 -5.03 72.01 7.34
C PHE L 157 -4.05 72.54 6.31
N SER L 158 -2.78 72.49 6.64
CA SER L 158 -1.75 73.03 5.76
C SER L 158 -0.59 72.05 5.61
N GLY L 159 0.17 72.23 4.53
CA GLY L 159 1.40 71.48 4.35
C GLY L 159 2.56 72.33 4.84
N SER L 160 3.70 71.70 5.07
CA SER L 160 4.88 72.41 5.53
C SER L 160 5.35 73.41 4.48
N GLY L 161 5.44 74.68 4.87
CA GLY L 161 5.90 75.72 3.98
C GLY L 161 4.78 76.47 3.28
N LEU L 162 3.56 75.96 3.38
CA LEU L 162 2.40 76.66 2.85
C LEU L 162 2.17 77.92 3.67
N PRO L 163 1.63 78.97 3.03
CA PRO L 163 1.42 80.22 3.76
C PRO L 163 0.15 80.19 4.60
N HIS L 164 0.05 79.20 5.49
CA HIS L 164 -1.10 79.08 6.38
C HIS L 164 -1.15 80.25 7.36
N LYS L 165 0.02 80.68 7.81
CA LYS L 165 0.13 81.80 8.75
C LYS L 165 -0.56 83.04 8.23
N GLU L 166 -0.28 83.39 6.98
CA GLU L 166 -0.86 84.57 6.36
C GLU L 166 -2.37 84.49 6.27
N LEU L 167 -2.88 83.28 6.05
CA LEU L 167 -4.32 83.06 5.94
C LEU L 167 -5.02 83.30 7.29
N ALA L 168 -4.42 82.78 8.35
CA ALA L 168 -4.98 82.93 9.69
C ALA L 168 -5.01 84.39 10.12
N ALA L 169 -3.97 85.14 9.75
CA ALA L 169 -3.88 86.55 10.10
C ALA L 169 -4.96 87.37 9.39
N GLN L 170 -5.26 86.99 8.15
CA GLN L 170 -6.26 87.69 7.35
C GLN L 170 -7.66 87.55 7.96
N ILE L 171 -8.06 86.31 8.21
CA ILE L 171 -9.40 86.01 8.71
C ILE L 171 -9.72 86.74 10.01
N ALA L 172 -8.80 86.65 10.97
CA ALA L 172 -9.00 87.26 12.28
C ALA L 172 -9.10 88.78 12.20
N ARG L 173 -8.19 89.38 11.44
CA ARG L 173 -8.15 90.84 11.31
C ARG L 173 -9.30 91.36 10.45
N GLN L 174 -9.76 90.53 9.52
CA GLN L 174 -10.79 90.93 8.57
C GLN L 174 -12.14 90.29 8.87
N ALA L 175 -12.26 89.67 10.04
CA ALA L 175 -13.49 89.00 10.44
C ALA L 175 -14.62 90.02 10.65
N THR L 176 -15.76 89.77 10.02
CA THR L 176 -16.93 90.61 10.23
C THR L 176 -18.19 89.76 10.44
N VAL L 177 -18.34 89.26 11.66
CA VAL L 177 -19.50 88.46 12.02
C VAL L 177 -20.77 89.30 12.07
N LEU L 178 -21.92 88.65 11.92
CA LEU L 178 -23.21 89.32 11.98
C LEU L 178 -23.58 89.61 13.43
N ASP L 179 -22.76 90.43 14.07
CA ASP L 179 -23.03 90.95 15.40
C ASP L 179 -22.23 92.23 15.53
N SER L 180 -22.31 92.88 16.68
CA SER L 180 -21.52 94.09 16.91
C SER L 180 -20.05 93.79 16.66
N SER L 181 -19.41 94.59 15.81
CA SER L 181 -18.02 94.36 15.45
C SER L 181 -17.10 94.49 16.66
N ASP L 182 -17.45 95.41 17.55
CA ASP L 182 -16.63 95.71 18.72
C ASP L 182 -16.55 94.55 19.70
N ASP L 183 -17.67 93.83 19.86
CA ASP L 183 -17.74 92.73 20.81
C ASP L 183 -16.69 91.66 20.51
N PHE L 184 -16.54 91.33 19.24
CA PHE L 184 -15.60 90.30 18.82
C PHE L 184 -14.17 90.62 19.25
N ALA L 185 -13.53 89.66 19.90
CA ALA L 185 -12.16 89.80 20.36
C ALA L 185 -11.28 88.67 19.83
N VAL L 186 -10.04 88.98 19.51
CA VAL L 186 -9.13 88.00 18.94
C VAL L 186 -8.15 87.46 19.99
N VAL L 187 -8.07 86.14 20.10
CA VAL L 187 -7.15 85.52 21.06
C VAL L 187 -6.16 84.61 20.33
N PHE L 188 -4.87 84.92 20.47
CA PHE L 188 -3.84 84.12 19.82
C PHE L 188 -3.01 83.34 20.83
N ALA L 189 -2.99 82.03 20.69
CA ALA L 189 -2.14 81.17 21.49
C ALA L 189 -1.05 80.57 20.62
N ALA L 190 0.20 80.72 21.05
CA ALA L 190 1.32 80.15 20.33
C ALA L 190 1.74 78.82 20.96
N ILE L 191 2.07 77.85 20.13
CA ILE L 191 2.48 76.54 20.63
C ILE L 191 3.66 75.98 19.84
N GLY L 192 4.85 76.51 20.10
CA GLY L 192 6.06 76.00 19.49
C GLY L 192 6.29 76.49 18.08
N ILE L 193 5.52 77.49 17.65
CA ILE L 193 5.71 78.09 16.34
C ILE L 193 7.06 78.79 16.27
N THR L 194 7.73 78.66 15.12
CA THR L 194 9.03 79.29 14.91
C THR L 194 8.94 80.79 15.16
N PHE L 195 10.05 81.40 15.58
CA PHE L 195 10.06 82.81 15.92
C PHE L 195 9.55 83.68 14.77
N GLU L 196 10.18 83.53 13.60
CA GLU L 196 9.82 84.30 12.43
C GLU L 196 8.35 84.14 12.08
N GLU L 197 7.86 82.91 12.21
CA GLU L 197 6.44 82.63 11.97
C GLU L 197 5.58 83.20 13.10
N ALA L 198 6.12 83.14 14.32
CA ALA L 198 5.43 83.70 15.47
C ALA L 198 5.57 85.21 15.51
N GLU L 199 6.64 85.71 14.91
CA GLU L 199 6.91 87.15 14.88
C GLU L 199 5.92 87.88 13.98
N PHE L 200 5.60 87.27 12.84
CA PHE L 200 4.67 87.85 11.88
C PHE L 200 3.38 88.27 12.56
N PHE L 201 2.77 87.35 13.31
CA PHE L 201 1.56 87.63 14.05
C PHE L 201 1.78 88.79 15.02
N MET L 202 2.73 88.61 15.93
CA MET L 202 3.07 89.64 16.91
C MET L 202 3.35 90.99 16.27
N GLU L 203 3.96 90.97 15.09
CA GLU L 203 4.32 92.20 14.40
C GLU L 203 3.15 92.75 13.57
N ASP L 204 2.40 91.86 12.93
CA ASP L 204 1.27 92.27 12.11
C ASP L 204 0.12 92.81 12.94
N PHE L 205 -0.12 92.19 14.09
CA PHE L 205 -1.19 92.63 14.97
C PHE L 205 -0.95 94.04 15.51
N ARG L 206 0.32 94.36 15.75
CA ARG L 206 0.69 95.70 16.21
C ARG L 206 0.62 96.72 15.08
N GLN L 207 1.12 96.33 13.91
CA GLN L 207 1.05 97.19 12.72
C GLN L 207 -0.40 97.51 12.37
N THR L 208 -1.23 96.48 12.35
CA THR L 208 -2.65 96.64 12.04
C THR L 208 -3.37 97.38 13.16
N GLY L 209 -2.83 97.28 14.37
CA GLY L 209 -3.40 97.98 15.51
C GLY L 209 -4.49 97.20 16.23
N ALA L 210 -4.75 95.99 15.76
CA ALA L 210 -5.76 95.13 16.37
C ALA L 210 -5.16 94.33 17.53
N ILE L 211 -3.91 94.65 17.87
CA ILE L 211 -3.18 93.94 18.92
C ILE L 211 -3.70 94.28 20.31
N ASP L 212 -4.10 95.52 20.50
CA ASP L 212 -4.53 96.02 21.81
C ASP L 212 -5.79 95.32 22.31
N ARG L 213 -6.75 95.12 21.41
CA ARG L 213 -8.01 94.48 21.77
C ARG L 213 -7.94 92.97 21.59
N SER L 214 -6.97 92.34 22.24
CA SER L 214 -6.76 90.91 22.08
C SER L 214 -6.04 90.25 23.26
N VAL L 215 -6.25 88.95 23.41
CA VAL L 215 -5.56 88.16 24.43
C VAL L 215 -4.51 87.27 23.76
N MET L 216 -3.30 87.26 24.31
CA MET L 216 -2.18 86.57 23.66
C MET L 216 -1.45 85.60 24.57
N PHE L 217 -1.32 84.36 24.10
CA PHE L 217 -0.47 83.37 24.74
C PHE L 217 0.67 82.99 23.80
N MET L 218 1.90 83.23 24.21
CA MET L 218 3.05 82.96 23.35
C MET L 218 3.94 81.85 23.92
N ASN L 219 4.33 80.93 23.04
CA ASN L 219 5.16 79.80 23.40
C ASN L 219 6.27 79.59 22.37
N LEU L 220 7.51 79.74 22.80
CA LEU L 220 8.66 79.58 21.90
C LEU L 220 8.69 78.17 21.33
N ALA L 221 9.25 78.05 20.13
CA ALA L 221 9.34 76.75 19.45
C ALA L 221 10.15 75.75 20.25
N ASN L 222 11.07 76.26 21.06
CA ASN L 222 11.97 75.41 21.85
C ASN L 222 11.50 75.23 23.29
N ASP L 223 10.23 75.50 23.54
CA ASP L 223 9.69 75.47 24.89
C ASP L 223 9.53 74.07 25.46
N PRO L 224 9.35 73.98 26.79
CA PRO L 224 8.98 72.75 27.47
C PRO L 224 7.76 72.12 26.82
N ALA L 225 7.89 70.85 26.41
CA ALA L 225 6.86 70.18 25.62
C ALA L 225 5.52 70.12 26.34
N ILE L 226 5.53 70.30 27.65
CA ILE L 226 4.30 70.20 28.44
C ILE L 226 3.60 71.56 28.51
N GLU L 227 4.34 72.63 28.26
CA GLU L 227 3.74 73.95 28.11
C GLU L 227 2.85 73.94 26.87
N ARG L 228 3.33 73.25 25.85
CA ARG L 228 2.63 73.13 24.57
C ARG L 228 1.33 72.37 24.74
N ILE L 229 1.25 71.58 25.81
CA ILE L 229 0.06 70.80 26.12
C ILE L 229 -0.92 71.61 26.96
N ALA L 230 -0.38 72.45 27.85
CA ALA L 230 -1.19 73.22 28.76
C ALA L 230 -1.62 74.57 28.18
N THR L 231 -0.85 75.06 27.22
CA THR L 231 -1.11 76.36 26.61
C THR L 231 -2.49 76.45 25.95
N PRO L 232 -2.86 75.42 25.15
CA PRO L 232 -4.19 75.41 24.52
C PRO L 232 -5.31 75.48 25.56
N ARG L 233 -5.16 74.76 26.65
CA ARG L 233 -6.17 74.75 27.71
C ARG L 233 -6.28 76.12 28.38
N MET L 234 -5.15 76.78 28.59
CA MET L 234 -5.14 78.10 29.19
C MET L 234 -5.74 79.14 28.25
N ALA L 235 -5.51 78.96 26.95
CA ALA L 235 -6.05 79.87 25.95
C ALA L 235 -7.57 79.73 25.86
N LEU L 236 -8.05 78.50 25.98
CA LEU L 236 -9.48 78.22 25.94
C LEU L 236 -10.19 78.73 27.18
N THR L 237 -9.48 78.66 28.32
CA THR L 237 -10.04 79.13 29.58
C THR L 237 -10.32 80.62 29.53
N ALA L 238 -9.43 81.36 28.87
CA ALA L 238 -9.62 82.80 28.68
C ALA L 238 -10.81 83.05 27.76
N ALA L 239 -10.91 82.27 26.70
CA ALA L 239 -12.01 82.38 25.76
C ALA L 239 -13.34 82.08 26.43
N GLU L 240 -13.34 81.09 27.32
CA GLU L 240 -14.54 80.73 28.07
C GLU L 240 -14.92 81.82 29.05
N TYR L 241 -13.93 82.35 29.76
CA TYR L 241 -14.17 83.42 30.74
C TYR L 241 -14.80 84.63 30.06
N LEU L 242 -14.21 85.05 28.95
CA LEU L 242 -14.72 86.19 28.19
C LEU L 242 -16.13 85.93 27.67
N ALA L 243 -16.41 84.65 27.37
CA ALA L 243 -17.70 84.26 26.84
C ALA L 243 -18.70 83.98 27.96
N TYR L 244 -18.25 83.28 29.00
CA TYR L 244 -19.12 82.90 30.10
C TYR L 244 -19.32 84.03 31.10
N GLU L 245 -18.25 84.76 31.39
CA GLU L 245 -18.29 85.83 32.38
C GLU L 245 -18.53 87.20 31.73
N LYS L 246 -17.65 87.56 30.80
CA LYS L 246 -17.73 88.86 30.15
C LYS L 246 -18.86 88.93 29.14
N GLY L 247 -19.37 87.76 28.73
CA GLY L 247 -20.43 87.68 27.76
C GLY L 247 -20.04 88.39 26.47
N MET L 248 -18.89 88.03 25.93
CA MET L 248 -18.31 88.73 24.80
C MET L 248 -17.81 87.75 23.74
N HIS L 249 -17.95 88.14 22.47
CA HIS L 249 -17.52 87.31 21.35
C HIS L 249 -16.01 87.13 21.36
N VAL L 250 -15.56 85.89 21.25
CA VAL L 250 -14.14 85.58 21.31
C VAL L 250 -13.66 84.77 20.12
N LEU L 251 -12.56 85.21 19.51
CA LEU L 251 -11.94 84.49 18.40
C LEU L 251 -10.57 83.96 18.81
N VAL L 252 -10.42 82.63 18.77
CA VAL L 252 -9.18 82.00 19.18
C VAL L 252 -8.45 81.37 17.98
N ILE L 253 -7.22 81.79 17.76
CA ILE L 253 -6.40 81.27 16.67
C ILE L 253 -5.23 80.46 17.22
N MET L 254 -5.11 79.22 16.78
CA MET L 254 -4.12 78.31 17.34
C MET L 254 -3.27 77.62 16.28
N THR L 255 -1.95 77.84 16.35
CA THR L 255 -1.01 77.19 15.44
C THR L 255 0.31 76.90 16.16
N ASP L 256 0.85 75.71 15.97
CA ASP L 256 0.19 74.69 15.15
C ASP L 256 -0.22 73.49 16.01
N MET L 257 -1.31 72.84 15.61
CA MET L 257 -1.86 71.73 16.38
C MET L 257 -1.05 70.45 16.22
N THR L 258 -0.22 70.39 15.19
CA THR L 258 0.60 69.22 14.94
C THR L 258 1.68 69.08 16.00
N ASN L 259 2.23 70.22 16.44
CA ASN L 259 3.23 70.23 17.49
C ASN L 259 2.67 69.79 18.83
N TYR L 260 1.40 70.14 19.07
CA TYR L 260 0.72 69.75 20.29
C TYR L 260 0.59 68.23 20.40
N ALA L 261 0.24 67.60 19.28
CA ALA L 261 0.10 66.16 19.24
C ALA L 261 1.47 65.48 19.32
N GLU L 262 2.46 66.10 18.70
CA GLU L 262 3.83 65.59 18.75
C GLU L 262 4.38 65.70 20.17
N ALA L 263 3.91 66.70 20.91
CA ALA L 263 4.30 66.86 22.30
C ALA L 263 3.47 65.94 23.18
N LEU L 264 2.24 65.68 22.76
CA LEU L 264 1.34 64.80 23.50
C LEU L 264 1.73 63.33 23.33
N ARG L 265 2.15 62.97 22.13
CA ARG L 265 2.61 61.61 21.85
C ARG L 265 3.88 61.32 22.64
N GLU L 266 4.69 62.36 22.83
CA GLU L 266 5.92 62.25 23.60
C GLU L 266 5.61 61.94 25.06
N ILE L 267 4.50 62.50 25.55
CA ILE L 267 4.06 62.25 26.92
C ILE L 267 3.75 60.76 27.10
N SER L 268 2.93 60.23 26.20
CA SER L 268 2.59 58.81 26.21
C SER L 268 3.83 57.94 26.02
N ALA L 269 4.77 58.45 25.22
CA ALA L 269 6.02 57.73 24.97
C ALA L 269 6.83 57.58 26.24
N ALA L 270 7.04 58.70 26.93
CA ALA L 270 7.76 58.69 28.19
C ALA L 270 6.95 58.01 29.29
N ARG L 271 5.63 58.05 29.13
CA ARG L 271 4.72 57.43 30.10
C ARG L 271 4.66 55.92 29.89
N ARG L 272 5.22 55.47 28.78
CA ARG L 272 5.26 54.04 28.45
C ARG L 272 3.86 53.50 28.16
N GLU L 273 2.95 54.41 27.81
CA GLU L 273 1.59 54.02 27.44
C GLU L 273 1.57 53.41 26.04
N VAL L 274 0.56 52.59 25.77
CA VAL L 274 0.45 51.91 24.49
C VAL L 274 0.21 52.88 23.33
N PRO L 275 1.04 52.80 22.29
CA PRO L 275 0.89 53.61 21.07
C PRO L 275 -0.41 53.28 20.33
N GLY L 276 -1.01 54.28 19.69
CA GLY L 276 -2.22 54.06 18.92
C GLY L 276 -1.90 53.79 17.47
N ARG L 277 -2.19 54.77 16.60
CA ARG L 277 -1.88 54.64 15.19
C ARG L 277 -0.70 55.52 14.81
N ARG L 278 0.30 54.93 14.17
CA ARG L 278 1.51 55.64 13.75
C ARG L 278 2.39 56.02 14.94
N GLY L 279 2.11 55.42 16.09
CA GLY L 279 2.88 55.70 17.29
C GLY L 279 2.21 56.71 18.19
N TYR L 280 1.21 57.41 17.66
CA TYR L 280 0.47 58.39 18.43
C TYR L 280 -0.44 57.72 19.44
N PRO L 281 -0.87 58.45 20.48
CA PRO L 281 -1.82 57.92 21.46
C PRO L 281 -3.13 57.50 20.81
N GLY L 282 -3.59 56.29 21.11
CA GLY L 282 -4.83 55.79 20.54
C GLY L 282 -6.02 56.63 20.94
N TYR L 283 -5.92 57.28 22.09
CA TYR L 283 -6.98 58.14 22.59
C TYR L 283 -6.73 59.61 22.29
N LEU L 284 -5.85 59.86 21.33
CA LEU L 284 -5.51 61.22 20.91
C LEU L 284 -6.76 62.01 20.53
N TYR L 285 -7.77 61.30 20.06
CA TYR L 285 -9.06 61.90 19.71
C TYR L 285 -9.65 62.62 20.91
N THR L 286 -9.79 61.90 22.02
CA THR L 286 -10.43 62.42 23.22
C THR L 286 -9.73 63.68 23.75
N ASN L 287 -8.40 63.63 23.84
CA ASN L 287 -7.63 64.76 24.30
C ASN L 287 -7.77 65.97 23.37
N LEU L 288 -7.74 65.71 22.07
CA LEU L 288 -7.95 66.76 21.07
C LEU L 288 -9.41 67.19 21.05
N ALA L 289 -10.29 66.29 21.45
CA ALA L 289 -11.73 66.54 21.41
C ALA L 289 -12.14 67.61 22.44
N THR L 290 -11.62 67.49 23.65
CA THR L 290 -11.97 68.40 24.73
C THR L 290 -11.63 69.85 24.41
N LEU L 291 -10.45 70.05 23.81
CA LEU L 291 -9.95 71.40 23.55
C LEU L 291 -10.75 72.12 22.46
N PHE L 292 -10.94 71.45 21.32
CA PHE L 292 -11.63 72.06 20.19
C PHE L 292 -13.11 72.30 20.50
N GLU L 293 -13.73 71.36 21.21
CA GLU L 293 -15.16 71.45 21.51
C GLU L 293 -15.50 72.52 22.55
N ARG L 294 -14.48 73.18 23.08
CA ARG L 294 -14.67 74.20 24.10
C ARG L 294 -15.49 75.39 23.58
N ALA L 295 -15.21 75.80 22.35
CA ALA L 295 -15.92 76.93 21.74
C ALA L 295 -17.36 76.56 21.42
N GLY L 296 -18.30 77.37 21.91
CA GLY L 296 -19.71 77.12 21.68
C GLY L 296 -20.60 78.29 22.05
N ARG L 297 -21.84 78.26 21.57
CA ARG L 297 -22.82 79.29 21.88
C ARG L 297 -23.92 78.73 22.79
N ILE L 298 -24.17 79.42 23.89
CA ILE L 298 -25.16 78.96 24.86
C ILE L 298 -26.30 79.98 25.02
N ARG L 299 -27.52 79.47 25.12
CA ARG L 299 -28.69 80.32 25.30
C ARG L 299 -28.68 80.97 26.67
N GLY L 300 -29.10 82.24 26.73
CA GLY L 300 -29.12 82.98 27.98
C GLY L 300 -27.75 83.50 28.35
N LEU L 301 -26.76 83.20 27.51
CA LEU L 301 -25.40 83.64 27.76
C LEU L 301 -24.90 84.53 26.61
N LYS L 302 -24.49 85.74 26.96
CA LYS L 302 -24.00 86.69 25.96
C LYS L 302 -22.66 86.26 25.38
N GLY L 303 -22.37 86.74 24.18
CA GLY L 303 -21.09 86.45 23.54
C GLY L 303 -21.03 85.07 22.91
N SER L 304 -20.01 84.85 22.09
CA SER L 304 -19.80 83.56 21.45
C SER L 304 -18.31 83.24 21.38
N VAL L 305 -18.00 81.94 21.26
CA VAL L 305 -16.61 81.50 21.20
C VAL L 305 -16.30 80.82 19.88
N THR L 306 -15.43 81.44 19.09
CA THR L 306 -15.04 80.89 17.79
C THR L 306 -13.62 80.31 17.85
N GLN L 307 -13.44 79.13 17.27
CA GLN L 307 -12.15 78.46 17.28
C GLN L 307 -11.67 78.14 15.87
N ILE L 308 -10.47 78.64 15.54
CA ILE L 308 -9.86 78.35 14.25
C ILE L 308 -8.46 77.80 14.43
N PRO L 309 -8.35 76.54 14.87
CA PRO L 309 -7.05 75.87 15.05
C PRO L 309 -6.35 75.63 13.72
N ILE L 310 -5.06 75.94 13.65
CA ILE L 310 -4.27 75.68 12.45
C ILE L 310 -3.22 74.61 12.70
N LEU L 311 -3.14 73.64 11.79
CA LEU L 311 -2.17 72.57 11.91
C LEU L 311 -1.53 72.26 10.55
N THR L 312 -0.29 71.78 10.59
CA THR L 312 0.42 71.42 9.36
C THR L 312 0.34 69.92 9.11
N MET L 313 -0.41 69.54 8.09
CA MET L 313 -0.54 68.14 7.69
C MET L 313 0.80 67.53 7.35
N PRO L 314 1.28 66.59 8.18
CA PRO L 314 2.55 65.90 7.96
C PRO L 314 2.58 65.15 6.64
N GLU L 315 3.60 65.40 5.83
CA GLU L 315 3.74 64.76 4.53
C GLU L 315 2.58 65.15 3.60
N ASP L 316 1.92 66.25 3.95
CA ASP L 316 0.82 66.78 3.16
C ASP L 316 -0.28 65.75 2.95
N ASP L 317 -0.47 64.89 3.95
CA ASP L 317 -1.43 63.80 3.83
C ASP L 317 -2.63 64.00 4.75
N LYS L 318 -3.82 63.88 4.18
CA LYS L 318 -5.07 64.06 4.92
C LYS L 318 -5.31 62.87 5.85
N THR L 319 -4.67 61.74 5.55
CA THR L 319 -4.89 60.51 6.29
C THR L 319 -4.06 60.45 7.57
N HIS L 320 -3.17 61.42 7.74
CA HIS L 320 -2.32 61.48 8.93
C HIS L 320 -3.18 61.63 10.19
N PRO L 321 -2.74 61.05 11.31
CA PRO L 321 -3.46 61.08 12.59
C PRO L 321 -3.93 62.47 13.01
N ILE L 322 -3.14 63.51 12.71
CA ILE L 322 -3.53 64.86 13.08
C ILE L 322 -4.77 65.29 12.29
N PRO L 323 -4.65 65.43 10.97
CA PRO L 323 -5.79 65.87 10.16
C PRO L 323 -6.98 64.92 10.20
N ASP L 324 -6.71 63.62 10.34
CA ASP L 324 -7.78 62.62 10.37
C ASP L 324 -8.58 62.71 11.67
N LEU L 325 -7.89 62.90 12.79
CA LEU L 325 -8.55 63.00 14.08
C LEU L 325 -9.16 64.39 14.29
N THR L 326 -8.55 65.40 13.69
CA THR L 326 -9.09 66.76 13.79
C THR L 326 -10.39 66.86 13.01
N GLY L 327 -10.37 66.34 11.78
CA GLY L 327 -11.51 66.39 10.89
C GLY L 327 -12.78 65.84 11.51
N TYR L 328 -12.65 64.76 12.26
CA TYR L 328 -13.80 64.15 12.94
C TYR L 328 -14.29 65.01 14.09
N ILE L 329 -13.39 65.42 14.98
CA ILE L 329 -13.79 66.22 16.12
C ILE L 329 -14.27 67.61 15.66
N THR L 330 -13.41 68.30 14.92
CA THR L 330 -13.71 69.64 14.43
C THR L 330 -14.88 69.66 13.46
N GLU L 331 -15.49 70.83 13.31
CA GLU L 331 -16.66 70.98 12.44
C GLU L 331 -16.29 71.63 11.10
N GLY L 332 -16.49 70.90 10.02
CA GLY L 332 -16.05 71.36 8.72
C GLY L 332 -14.54 71.21 8.63
N GLN L 333 -13.94 71.65 7.53
CA GLN L 333 -12.49 71.50 7.39
C GLN L 333 -11.91 72.35 6.27
N ILE L 334 -10.69 72.82 6.50
CA ILE L 334 -9.98 73.68 5.55
C ILE L 334 -8.70 73.00 5.08
N ILE L 335 -8.35 73.20 3.80
CA ILE L 335 -7.18 72.55 3.25
C ILE L 335 -6.37 73.47 2.35
N LEU L 336 -5.05 73.34 2.42
CA LEU L 336 -4.14 74.06 1.53
C LEU L 336 -3.41 73.06 0.63
N THR L 337 -3.11 73.46 -0.60
CA THR L 337 -2.44 72.57 -1.53
C THR L 337 -1.16 73.19 -2.08
N ARG L 338 -0.21 72.33 -2.46
CA ARG L 338 1.07 72.75 -3.00
C ARG L 338 0.93 73.30 -4.41
N GLU L 339 0.08 72.67 -5.20
CA GLU L 339 -0.08 73.04 -6.62
C GLU L 339 -0.68 74.43 -6.78
N LEU L 340 -1.68 74.74 -5.97
CA LEU L 340 -2.35 76.04 -6.05
C LEU L 340 -1.47 77.14 -5.46
N TYR L 341 -0.55 76.76 -4.59
CA TYR L 341 0.36 77.71 -3.97
C TYR L 341 1.57 77.99 -4.85
N LYS L 342 2.02 76.96 -5.58
CA LYS L 342 3.20 77.10 -6.42
C LYS L 342 2.91 77.90 -7.69
N SER L 343 1.63 77.99 -8.04
CA SER L 343 1.22 78.66 -9.26
C SER L 343 1.69 80.13 -9.35
N GLY L 344 1.35 80.94 -8.36
CA GLY L 344 0.55 80.53 -7.23
C GLY L 344 -0.57 81.52 -6.94
N ILE L 345 -1.67 81.02 -6.39
CA ILE L 345 -2.80 81.87 -6.06
C ILE L 345 -2.93 81.99 -4.54
N GLN L 346 -3.30 83.19 -4.08
CA GLN L 346 -3.39 83.46 -2.64
C GLN L 346 -4.68 84.19 -2.30
N PRO L 347 -5.29 83.87 -1.15
CA PRO L 347 -4.88 82.91 -0.11
C PRO L 347 -5.16 81.45 -0.51
N PRO L 348 -4.11 80.70 -0.88
CA PRO L 348 -4.25 79.39 -1.51
C PRO L 348 -5.05 78.39 -0.70
N ILE L 349 -6.21 78.02 -1.22
CA ILE L 349 -7.05 77.00 -0.59
C ILE L 349 -7.66 76.10 -1.66
N ASP L 350 -7.78 74.82 -1.34
CA ASP L 350 -8.40 73.88 -2.26
C ASP L 350 -9.80 73.51 -1.77
N VAL L 351 -10.76 73.60 -2.67
CA VAL L 351 -12.18 73.47 -2.30
C VAL L 351 -12.66 72.02 -2.35
N LEU L 352 -11.77 71.12 -2.74
CA LEU L 352 -12.11 69.70 -2.82
C LEU L 352 -12.61 69.09 -1.51
N PRO L 353 -12.06 69.53 -0.37
CA PRO L 353 -12.45 68.88 0.89
C PRO L 353 -13.96 68.98 1.18
N SER L 354 -14.59 70.15 1.20
CA SER L 354 -13.98 71.45 0.95
C SER L 354 -13.22 72.05 2.15
N LEU L 355 -13.81 72.00 3.35
CA LEU L 355 -15.15 71.45 3.56
C LEU L 355 -15.91 72.28 4.58
N SER L 356 -17.19 72.46 4.33
CA SER L 356 -18.05 73.21 5.24
C SER L 356 -19.29 72.38 5.57
N ARG L 357 -19.71 72.40 6.82
CA ARG L 357 -20.83 71.57 7.26
C ARG L 357 -21.99 72.35 7.86
N LEU L 358 -21.72 73.55 8.35
CA LEU L 358 -22.77 74.34 9.00
C LEU L 358 -23.42 75.33 8.04
N LYS L 359 -23.12 75.17 6.75
CA LYS L 359 -23.50 76.15 5.75
C LYS L 359 -25.00 76.42 5.63
N ASP L 360 -25.83 75.39 5.72
CA ASP L 360 -27.27 75.56 5.55
C ASP L 360 -27.85 76.52 6.59
N LYS L 361 -27.35 76.43 7.81
CA LYS L 361 -27.74 77.37 8.84
C LYS L 361 -27.20 78.75 8.51
N GLY L 362 -25.98 78.78 7.98
CA GLY L 362 -25.33 80.02 7.60
C GLY L 362 -25.55 80.38 6.13
N THR L 363 -26.37 79.58 5.45
CA THR L 363 -26.73 79.88 4.05
C THR L 363 -28.24 79.94 3.90
N GLY L 364 -28.71 80.39 2.75
CA GLY L 364 -30.13 80.56 2.53
C GLY L 364 -30.64 81.83 3.19
N ALA L 365 -31.93 82.10 3.03
CA ALA L 365 -32.53 83.34 3.52
C ALA L 365 -32.32 83.54 5.02
N GLY L 366 -31.90 84.74 5.40
CA GLY L 366 -31.74 85.09 6.80
C GLY L 366 -30.32 84.92 7.31
N LYS L 367 -29.50 84.18 6.58
CA LYS L 367 -28.13 83.91 7.00
C LYS L 367 -27.13 84.25 5.91
N THR L 368 -27.56 84.10 4.65
CA THR L 368 -26.73 84.41 3.51
C THR L 368 -27.61 84.72 2.31
N ARG L 369 -27.01 85.14 1.21
CA ARG L 369 -27.77 85.40 -0.01
C ARG L 369 -28.40 84.10 -0.50
N GLU L 370 -29.67 84.16 -0.88
CA GLU L 370 -30.43 82.98 -1.30
C GLU L 370 -29.68 82.18 -2.37
N ASP L 371 -29.01 82.91 -3.25
CA ASP L 371 -28.21 82.32 -4.32
C ASP L 371 -27.03 81.51 -3.76
N HIS L 372 -26.44 81.99 -2.66
CA HIS L 372 -25.34 81.29 -2.01
C HIS L 372 -25.71 79.85 -1.70
N ALA L 373 -26.95 79.64 -1.28
CA ALA L 373 -27.47 78.30 -1.03
C ALA L 373 -27.55 77.51 -2.32
N ALA L 374 -27.74 78.21 -3.43
CA ALA L 374 -27.88 77.57 -4.74
C ALA L 374 -26.58 77.64 -5.53
N THR L 375 -25.86 78.74 -5.40
CA THR L 375 -24.63 78.95 -6.15
C THR L 375 -23.49 78.09 -5.62
N MET L 376 -23.60 77.65 -4.37
CA MET L 376 -22.58 76.81 -3.77
C MET L 376 -22.56 75.46 -4.46
N ASN L 377 -23.74 74.87 -4.58
CA ASN L 377 -23.90 73.58 -5.25
C ASN L 377 -23.39 73.63 -6.68
N GLN L 378 -23.75 74.70 -7.40
CA GLN L 378 -23.39 74.83 -8.81
C GLN L 378 -21.89 75.08 -8.98
N LEU L 379 -21.34 76.00 -8.20
CA LEU L 379 -19.91 76.32 -8.30
C LEU L 379 -19.04 75.16 -7.81
N PHE L 380 -19.50 74.49 -6.75
CA PHE L 380 -18.77 73.35 -6.21
C PHE L 380 -18.80 72.19 -7.20
N ALA L 381 -19.98 71.93 -7.76
CA ALA L 381 -20.15 70.86 -8.74
C ALA L 381 -19.42 71.20 -10.04
N ALA L 382 -19.46 72.48 -10.42
CA ALA L 382 -18.82 72.92 -11.65
C ALA L 382 -17.29 72.85 -11.52
N TYR L 383 -16.78 73.14 -10.33
CA TYR L 383 -15.36 73.06 -10.08
C TYR L 383 -14.92 71.61 -9.94
N ALA L 384 -15.79 70.79 -9.36
CA ALA L 384 -15.52 69.37 -9.23
C ALA L 384 -15.37 68.73 -10.61
N GLN L 385 -16.05 69.31 -11.58
CA GLN L 385 -16.02 68.83 -12.96
C GLN L 385 -15.07 69.68 -13.79
N GLY L 386 -14.32 70.56 -13.13
CA GLY L 386 -13.41 71.45 -13.81
C GLY L 386 -11.97 70.99 -13.80
N LYS L 387 -11.64 70.11 -12.85
CA LYS L 387 -10.28 69.61 -12.70
C LYS L 387 -9.93 68.49 -13.68
N GLN L 388 -10.85 67.55 -13.85
CA GLN L 388 -10.63 66.39 -14.68
C GLN L 388 -10.54 66.77 -16.16
N ALA L 389 -11.24 67.84 -16.52
CA ALA L 389 -11.23 68.32 -17.89
C ALA L 389 -9.79 68.68 -18.30
N LYS L 390 -9.13 69.48 -17.50
CA LYS L 390 -7.76 69.90 -17.82
C LYS L 390 -6.78 68.72 -17.83
N GLU L 391 -6.91 67.82 -16.86
CA GLU L 391 -5.94 66.73 -16.73
C GLU L 391 -6.18 65.61 -17.74
N LEU L 392 -7.40 65.09 -17.80
CA LEU L 392 -7.70 64.02 -18.74
C LEU L 392 -7.56 64.50 -20.17
N ALA L 393 -7.90 65.75 -20.45
CA ALA L 393 -7.79 66.27 -21.81
C ALA L 393 -6.36 66.32 -22.29
N VAL L 394 -5.45 66.62 -21.39
CA VAL L 394 -4.04 66.70 -21.72
C VAL L 394 -3.55 65.36 -22.23
N VAL L 395 -4.04 64.30 -21.61
CA VAL L 395 -3.63 62.97 -21.98
C VAL L 395 -4.14 62.51 -23.34
N LEU L 396 -5.33 62.95 -23.71
CA LEU L 396 -5.93 62.47 -24.95
C LEU L 396 -6.07 63.59 -25.97
N GLY L 397 -5.63 64.79 -25.62
CA GLY L 397 -5.73 65.90 -26.54
C GLY L 397 -7.00 66.70 -26.40
N GLU L 398 -7.00 67.89 -26.97
CA GLU L 398 -8.16 68.75 -26.87
C GLU L 398 -9.37 68.20 -27.62
N SER L 399 -9.10 67.55 -28.74
CA SER L 399 -10.14 67.02 -29.60
C SER L 399 -10.92 65.92 -28.90
N ALA L 400 -10.24 65.18 -28.03
CA ALA L 400 -10.86 64.06 -27.32
C ALA L 400 -11.87 64.53 -26.27
N LEU L 401 -12.84 63.66 -25.97
CA LEU L 401 -13.88 63.96 -24.98
C LEU L 401 -14.72 65.17 -25.39
N SER L 402 -15.01 65.31 -26.68
CA SER L 402 -15.78 66.41 -27.23
C SER L 402 -15.20 67.76 -26.83
N ASP L 403 -16.08 68.70 -26.50
CA ASP L 403 -15.64 70.03 -26.13
C ASP L 403 -16.08 70.42 -24.75
N ILE L 404 -16.93 69.61 -24.14
CA ILE L 404 -17.43 69.86 -22.80
C ILE L 404 -16.31 70.06 -21.79
N ASP L 405 -15.25 69.28 -21.96
CA ASP L 405 -14.07 69.41 -21.13
C ASP L 405 -13.45 70.79 -21.29
N LYS L 406 -13.38 71.25 -22.53
CA LYS L 406 -12.85 72.56 -22.83
C LYS L 406 -13.72 73.65 -22.24
N ILE L 407 -15.02 73.46 -22.29
CA ILE L 407 -15.97 74.43 -21.76
C ILE L 407 -15.75 74.69 -20.28
N TYR L 408 -15.95 73.67 -19.46
CA TYR L 408 -15.72 73.75 -18.03
C TYR L 408 -14.35 74.35 -17.72
N ALA L 409 -13.36 73.98 -18.52
CA ALA L 409 -12.00 74.49 -18.36
C ALA L 409 -11.96 76.01 -18.29
N LYS L 410 -12.80 76.65 -19.09
CA LYS L 410 -12.91 78.09 -19.07
C LYS L 410 -13.40 78.60 -17.73
N PHE L 411 -14.36 77.89 -17.14
CA PHE L 411 -14.92 78.22 -15.83
C PHE L 411 -13.96 77.84 -14.71
N ALA L 412 -13.06 76.91 -14.99
CA ALA L 412 -12.12 76.42 -13.98
C ALA L 412 -10.99 77.40 -13.75
N GLU L 413 -10.46 77.97 -14.84
CA GLU L 413 -9.37 78.93 -14.74
C GLU L 413 -9.82 80.18 -14.00
N ARG L 414 -11.04 80.63 -14.29
CA ARG L 414 -11.58 81.83 -13.68
C ARG L 414 -11.84 81.61 -12.19
N PHE L 415 -12.30 80.41 -11.83
CA PHE L 415 -12.58 80.08 -10.45
C PHE L 415 -11.31 80.10 -9.61
N GLU L 416 -10.19 79.72 -10.23
CA GLU L 416 -8.90 79.69 -9.54
C GLU L 416 -8.25 81.07 -9.47
N ASN L 417 -8.17 81.74 -10.61
CA ASN L 417 -7.50 83.03 -10.70
C ASN L 417 -8.23 84.14 -9.95
N GLU L 418 -9.55 84.23 -10.14
CA GLU L 418 -10.33 85.31 -9.57
C GLU L 418 -11.11 84.87 -8.34
N TYR L 419 -11.89 83.80 -8.47
CA TYR L 419 -12.74 83.34 -7.39
C TYR L 419 -11.95 82.72 -6.25
N VAL L 420 -11.22 81.65 -6.57
CA VAL L 420 -10.46 80.90 -5.57
C VAL L 420 -9.66 81.82 -4.67
N ASN L 421 -9.15 82.91 -5.23
CA ASN L 421 -8.26 83.77 -4.47
C ASN L 421 -8.37 85.27 -4.73
N GLN L 422 -8.20 86.01 -3.64
CA GLN L 422 -8.41 87.45 -3.59
C GLN L 422 -7.14 88.14 -3.12
N GLY L 423 -6.35 87.41 -2.34
CA GLY L 423 -5.17 87.96 -1.71
C GLY L 423 -5.32 87.94 -0.19
N PHE L 424 -4.21 87.70 0.51
CA PHE L 424 -4.23 87.67 1.97
C PHE L 424 -4.61 89.03 2.55
N TYR L 425 -4.20 90.09 1.87
CA TYR L 425 -4.44 91.44 2.34
C TYR L 425 -5.86 91.91 2.02
N THR L 426 -6.45 91.33 0.97
CA THR L 426 -7.78 91.75 0.51
C THR L 426 -8.88 91.37 1.51
N ASN L 427 -9.85 92.26 1.65
CA ASN L 427 -10.98 92.04 2.55
C ASN L 427 -12.30 92.40 1.89
N ARG L 428 -12.77 91.57 0.97
CA ARG L 428 -14.00 91.83 0.23
C ARG L 428 -15.23 91.66 1.12
N THR L 429 -16.27 92.44 0.84
CA THR L 429 -17.52 92.35 1.58
C THR L 429 -18.33 91.14 1.12
N ILE L 430 -19.27 90.71 1.95
CA ILE L 430 -20.13 89.58 1.63
C ILE L 430 -20.94 89.84 0.36
N THR L 431 -21.45 91.07 0.24
CA THR L 431 -22.19 91.46 -0.95
C THR L 431 -21.31 91.33 -2.18
N GLU L 432 -20.07 91.80 -2.06
CA GLU L 432 -19.11 91.75 -3.16
C GLU L 432 -18.76 90.32 -3.55
N THR L 433 -18.59 89.46 -2.54
CA THR L 433 -18.24 88.07 -2.78
C THR L 433 -19.32 87.36 -3.58
N LEU L 434 -20.57 87.66 -3.23
CA LEU L 434 -21.72 87.06 -3.88
C LEU L 434 -21.79 87.48 -5.34
N ASP L 435 -21.44 88.74 -5.59
CA ASP L 435 -21.41 89.28 -6.95
C ASP L 435 -20.30 88.66 -7.79
N LEU L 436 -19.20 88.32 -7.14
CA LEU L 436 -18.02 87.83 -7.84
C LEU L 436 -18.22 86.46 -8.48
N GLY L 437 -18.58 85.48 -7.67
CA GLY L 437 -18.80 84.13 -8.17
C GLY L 437 -20.05 84.03 -9.03
N TRP L 438 -20.80 85.13 -9.11
CA TRP L 438 -22.01 85.18 -9.91
C TRP L 438 -21.74 84.88 -11.37
N GLU L 439 -20.61 85.39 -11.87
CA GLU L 439 -20.22 85.15 -13.26
C GLU L 439 -19.85 83.70 -13.49
C1 GOL M . -28.45 -44.60 -37.09
O1 GOL M . -28.04 -44.54 -35.75
C2 GOL M . -29.08 -45.96 -37.37
O2 GOL M . -28.06 -46.92 -37.59
C3 GOL M . -30.01 -45.90 -38.59
O3 GOL M . -31.25 -46.49 -38.27
H11 GOL M . -29.18 -43.82 -37.29
H12 GOL M . -27.60 -44.45 -37.75
HO1 GOL M . -27.58 -43.69 -35.59
H2 GOL M . -29.68 -46.26 -36.50
HO2 GOL M . -28.48 -47.79 -37.75
H31 GOL M . -30.15 -44.85 -38.88
H32 GOL M . -29.55 -46.42 -39.42
HO3 GOL M . -31.59 -46.96 -39.06
PG ANP N . -16.44 -49.62 17.24
O1G ANP N . -15.68 -50.10 16.04
O2G ANP N . -15.43 -49.17 18.37
O3G ANP N . -17.34 -48.38 16.83
PB ANP N . -16.68 -52.33 17.96
O1B ANP N . -15.47 -52.19 18.82
O2B ANP N . -16.28 -52.87 16.57
N3B ANP N . -17.46 -50.84 17.81
PA ANP N . -18.61 -52.81 19.83
O1A ANP N . -19.05 -51.42 19.62
O2A ANP N . -17.79 -53.00 21.10
O3A ANP N . -17.68 -53.31 18.63
O5' ANP N . -19.88 -53.76 19.81
C5' ANP N . -20.89 -53.66 18.78
C4' ANP N . -22.19 -54.17 19.35
O4' ANP N . -22.18 -55.61 19.30
C3' ANP N . -22.46 -53.74 20.79
O3' ANP N . -23.59 -52.88 20.86
C2' ANP N . -22.74 -55.04 21.55
O2' ANP N . -24.09 -55.09 22.02
C1' ANP N . -22.46 -56.17 20.57
N9 ANP N . -21.33 -57.00 20.97
C8 ANP N . -20.09 -57.05 20.39
N7 ANP N . -19.26 -57.89 20.97
C5 ANP N . -20.02 -58.43 22.00
C6 ANP N . -19.73 -59.40 22.99
N6 ANP N . -18.55 -60.01 23.10
N1 ANP N . -20.71 -59.72 23.86
C2 ANP N . -21.89 -59.11 23.74
N3 ANP N . -22.28 -58.19 22.86
C4 ANP N . -21.30 -57.90 22.01
MG MG O . -16.47 -49.85 19.91
PG ANP P . 19.05 -62.17 -9.90
O1G ANP P . 18.14 -61.08 -10.37
O2G ANP P . 20.40 -62.12 -10.73
O3G ANP P . 19.37 -61.95 -8.36
PB ANP P . 18.28 -64.15 -11.70
O1B ANP P . 19.49 -63.62 -12.39
O2B ANP P . 17.01 -63.56 -12.39
N3B ANP P . 18.30 -63.68 -10.09
PA ANP P . 19.61 -66.52 -11.83
O1A ANP P . 20.63 -65.93 -10.93
O2A ANP P . 20.06 -66.53 -13.30
O3A ANP P . 18.25 -65.70 -11.80
O5' ANP P . 19.25 -67.97 -11.31
C5' ANP P . 18.72 -68.19 -9.99
C4' ANP P . 18.87 -69.65 -9.64
O4' ANP P . 18.11 -70.43 -10.57
C3' ANP P . 20.32 -70.17 -9.66
O3' ANP P . 20.68 -70.65 -8.37
C2' ANP P . 20.31 -71.36 -10.63
O2' ANP P . 20.71 -72.55 -9.98
C1' ANP P . 18.87 -71.48 -11.14
N9 ANP P . 18.78 -71.36 -12.59
C8 ANP P . 18.66 -70.21 -13.32
N7 ANP P . 18.60 -70.41 -14.62
C5 ANP P . 18.72 -71.78 -14.74
C6 ANP P . 18.73 -72.63 -15.87
N6 ANP P . 18.64 -72.20 -17.12
N1 ANP P . 18.84 -73.96 -15.65
C2 ANP P . 18.95 -74.40 -14.39
N3 ANP P . 18.94 -73.69 -13.26
C4 ANP P . 18.82 -72.39 -13.50
MG MG Q . 22.22 -61.29 -11.23
PG ANP R . 26.75 61.21 0.86
O1G ANP R . 27.26 62.22 1.84
O2G ANP R . 27.61 59.90 1.05
O3G ANP R . 25.24 60.87 1.17
PB ANP R . 26.51 63.32 -1.08
O1B ANP R . 26.87 64.22 0.06
O2B ANP R . 24.99 63.43 -1.36
N3B ANP R . 26.95 61.72 -0.75
PA ANP R . 28.80 64.17 -2.31
O1A ANP R . 29.53 63.33 -1.33
O2A ANP R . 28.87 65.68 -2.02
O3A ANP R . 27.26 63.81 -2.35
O5' ANP R . 29.32 63.83 -3.77
C5' ANP R . 28.44 63.99 -4.90
C4' ANP R . 29.23 63.75 -6.16
O4' ANP R . 28.62 64.45 -7.26
C3' ANP R . 30.71 64.18 -6.09
O3' ANP R . 31.56 63.07 -6.32
C2' ANP R . 30.87 65.26 -7.18
O2' ANP R . 31.80 64.84 -8.18
C1' ANP R . 29.48 65.42 -7.80
N9 ANP R . 28.89 66.74 -7.58
C8 ANP R . 27.87 67.07 -6.73
N7 ANP R . 27.54 68.34 -6.74
C5 ANP R . 28.42 68.89 -7.66
C6 ANP R . 28.58 70.21 -8.13
N6 ANP R . 27.85 71.24 -7.72
N1 ANP R . 29.55 70.42 -9.06
C2 ANP R . 30.28 69.38 -9.47
N3 ANP R . 30.21 68.11 -9.10
C4 ANP R . 29.25 67.92 -8.19
MG MG S . 27.38 64.03 2.02
PG ANP T . -18.64 63.20 11.00
O1G ANP T . -18.68 61.72 11.14
O2G ANP T . -19.84 63.84 11.81
O3G ANP T . -17.27 63.75 11.57
PB ANP T . -20.03 62.80 8.66
O1B ANP T . -20.99 62.30 9.70
O2B ANP T . -19.45 61.59 7.87
N3B ANP T . -18.78 63.65 9.37
PA ANP T . -21.87 64.76 8.23
O1A ANP T . -21.37 65.43 9.46
O2A ANP T . -23.17 63.98 8.45
O3A ANP T . -20.81 63.73 7.68
O5' ANP T . -22.00 65.85 7.08
C5' ANP T . -20.88 66.68 6.78
C4' ANP T . -21.11 67.45 5.50
O4' ANP T . -21.77 66.61 4.54
C3' ANP T . -21.96 68.72 5.63
O3' ANP T . -21.39 69.79 4.89
C2' ANP T . -23.32 68.30 5.06
O2' ANP T . -23.93 69.40 4.41
C1' ANP T . -22.93 67.25 4.03
N9 ANP T . -23.93 66.23 3.79
C8 ANP T . -23.93 64.95 4.27
N7 ANP T . -24.96 64.22 3.91
C5 ANP T . -25.71 65.10 3.14
C6 ANP T . -26.94 64.94 2.46
N6 ANP T . -27.64 63.82 2.45
N1 ANP T . -27.41 66.01 1.78
C2 ANP T . -26.70 67.15 1.79
N3 ANP T . -25.54 67.41 2.39
C4 ANP T . -25.09 66.33 3.06
MG MG U . -20.30 62.33 12.97
#